data_2KB1
#
_entry.id   2KB1
#
_entity_poly.entity_id   1
_entity_poly.type   'polypeptide(L)'
_entity_poly.pdbx_seq_one_letter_code
;SADHEREAQKAEEELQKVLEEASKKAVEAERGAPGAALISYPDAIWWSVETATTVGYGDRYPVTEEGRKVAEQVMKAGIE
VFALVTAALATDFVRREEERRGH
;
_entity_poly.pdbx_strand_id   A,B,C,D
#
# COMPACT_ATOMS: atom_id res chain seq x y z
N SER A 1 19.24 -21.90 -6.64
CA SER A 1 18.21 -20.98 -6.09
C SER A 1 16.85 -21.69 -6.09
N ALA A 2 15.94 -21.21 -5.25
CA ALA A 2 14.62 -21.80 -5.16
C ALA A 2 13.82 -21.53 -6.43
N ASP A 3 12.92 -22.45 -6.77
CA ASP A 3 12.10 -22.31 -7.96
C ASP A 3 11.13 -21.15 -7.81
N HIS A 4 10.98 -20.65 -6.58
CA HIS A 4 10.08 -19.53 -6.33
C HIS A 4 10.78 -18.21 -6.61
N GLU A 5 12.08 -18.17 -6.32
CA GLU A 5 12.85 -16.94 -6.54
C GLU A 5 12.94 -16.61 -8.03
N ARG A 6 13.20 -17.63 -8.84
CA ARG A 6 13.29 -17.45 -10.28
C ARG A 6 11.93 -17.06 -10.85
N GLU A 7 10.88 -17.68 -10.31
CA GLU A 7 9.53 -17.41 -10.78
C GLU A 7 9.12 -15.99 -10.41
N ALA A 8 9.44 -15.58 -9.19
CA ALA A 8 9.11 -14.25 -8.72
C ALA A 8 9.93 -13.21 -9.49
N GLN A 9 11.18 -13.55 -9.79
CA GLN A 9 12.06 -12.64 -10.52
C GLN A 9 11.49 -12.35 -11.90
N LYS A 10 10.95 -13.39 -12.54
CA LYS A 10 10.37 -13.23 -13.87
C LYS A 10 9.20 -12.26 -13.83
N ALA A 11 8.41 -12.32 -12.77
CA ALA A 11 7.25 -11.45 -12.62
C ALA A 11 7.67 -9.98 -12.62
N GLU A 12 8.84 -9.70 -12.04
CA GLU A 12 9.33 -8.32 -11.99
C GLU A 12 9.51 -7.75 -13.39
N GLU A 13 10.00 -8.59 -14.30
CA GLU A 13 10.21 -8.15 -15.67
C GLU A 13 8.88 -7.81 -16.34
N GLU A 14 7.84 -8.54 -15.96
CA GLU A 14 6.51 -8.30 -16.52
C GLU A 14 6.02 -6.91 -16.16
N LEU A 15 6.33 -6.46 -14.95
CA LEU A 15 5.90 -5.14 -14.49
C LEU A 15 6.48 -4.06 -15.38
N GLN A 16 7.75 -4.23 -15.74
CA GLN A 16 8.43 -3.24 -16.59
C GLN A 16 7.77 -3.15 -17.96
N LYS A 17 7.25 -4.26 -18.46
CA LYS A 17 6.61 -4.28 -19.77
C LYS A 17 5.41 -3.32 -19.80
N VAL A 18 4.61 -3.34 -18.75
CA VAL A 18 3.44 -2.49 -18.67
C VAL A 18 3.85 -1.02 -18.69
N LEU A 19 4.91 -0.70 -17.95
CA LEU A 19 5.37 0.68 -17.88
C LEU A 19 5.74 1.18 -19.27
N GLU A 20 6.39 0.34 -20.06
CA GLU A 20 6.77 0.71 -21.40
C GLU A 20 5.54 1.08 -22.22
N GLU A 21 4.54 0.20 -22.18
CA GLU A 21 3.29 0.45 -22.91
C GLU A 21 2.56 1.64 -22.30
N ALA A 22 2.61 1.75 -20.98
CA ALA A 22 1.95 2.85 -20.29
C ALA A 22 2.60 4.18 -20.65
N SER A 23 3.92 4.18 -20.73
CA SER A 23 4.65 5.40 -21.06
C SER A 23 4.10 5.98 -22.36
N LYS A 24 3.73 5.10 -23.29
CA LYS A 24 3.18 5.54 -24.57
C LYS A 24 1.72 5.98 -24.42
N LYS A 25 0.82 5.02 -24.34
CA LYS A 25 -0.62 5.31 -24.22
C LYS A 25 -0.86 6.53 -23.35
N ALA A 26 -0.03 6.71 -22.32
CA ALA A 26 -0.19 7.86 -21.43
C ALA A 26 -0.06 9.18 -22.19
N VAL A 27 0.89 9.25 -23.13
CA VAL A 27 1.09 10.48 -23.89
C VAL A 27 -0.16 10.82 -24.70
N GLU A 28 -0.67 9.81 -25.40
CA GLU A 28 -1.87 9.99 -26.22
C GLU A 28 -3.10 10.18 -25.36
N ALA A 29 -3.22 9.39 -24.30
CA ALA A 29 -4.36 9.49 -23.41
C ALA A 29 -4.43 10.89 -22.80
N GLU A 30 -3.27 11.52 -22.62
CA GLU A 30 -3.20 12.87 -22.06
C GLU A 30 -3.09 13.94 -23.17
N ARG A 31 -2.42 13.61 -24.25
CA ARG A 31 -2.25 14.54 -25.34
C ARG A 31 -3.53 14.65 -26.16
N GLY A 32 -4.33 15.67 -25.87
CA GLY A 32 -5.59 15.89 -26.59
C GLY A 32 -6.78 15.93 -25.64
N ALA A 33 -6.57 15.49 -24.41
CA ALA A 33 -7.65 15.50 -23.42
C ALA A 33 -7.64 16.81 -22.63
N PRO A 34 -8.78 17.26 -22.14
CA PRO A 34 -8.86 18.54 -21.37
C PRO A 34 -8.31 18.39 -19.96
N GLY A 35 -7.64 19.44 -19.48
CA GLY A 35 -7.08 19.42 -18.13
C GLY A 35 -5.81 18.57 -18.08
N ALA A 36 -5.35 18.14 -19.25
CA ALA A 36 -4.14 17.32 -19.32
C ALA A 36 -2.91 18.14 -18.97
N ALA A 37 -1.93 17.49 -18.35
CA ALA A 37 -0.70 18.18 -17.96
C ALA A 37 0.50 17.23 -18.06
N LEU A 38 0.28 16.07 -18.67
CA LEU A 38 1.34 15.09 -18.83
C LEU A 38 2.18 15.41 -20.05
N ILE A 39 1.60 15.19 -21.23
CA ILE A 39 2.30 15.46 -22.48
C ILE A 39 3.78 15.09 -22.38
N SER A 40 4.60 15.59 -23.30
CA SER A 40 6.03 15.30 -23.29
C SER A 40 6.29 13.79 -23.31
N TYR A 41 7.12 13.35 -24.23
CA TYR A 41 7.45 11.93 -24.34
C TYR A 41 8.46 11.49 -23.28
N PRO A 42 9.63 12.12 -23.19
CA PRO A 42 10.65 11.73 -22.17
C PRO A 42 10.14 11.86 -20.73
N ASP A 43 9.09 12.67 -20.55
CA ASP A 43 8.51 12.87 -19.22
C ASP A 43 7.44 11.82 -18.92
N ALA A 44 6.84 11.28 -19.97
CA ALA A 44 5.79 10.27 -19.81
C ALA A 44 6.38 8.99 -19.22
N ILE A 45 7.58 8.64 -19.66
CA ILE A 45 8.26 7.43 -19.17
C ILE A 45 8.52 7.55 -17.68
N TRP A 46 9.01 8.70 -17.25
CA TRP A 46 9.31 8.91 -15.84
C TRP A 46 8.03 8.74 -15.01
N TRP A 47 6.93 9.27 -15.51
CA TRP A 47 5.66 9.13 -14.80
C TRP A 47 5.31 7.65 -14.66
N SER A 48 5.53 6.89 -15.74
CA SER A 48 5.23 5.46 -15.73
C SER A 48 6.32 4.70 -14.96
N VAL A 49 6.36 4.90 -13.64
CA VAL A 49 7.36 4.21 -12.81
C VAL A 49 6.83 4.03 -11.39
N GLU A 50 6.91 5.09 -10.60
CA GLU A 50 6.44 5.04 -9.22
C GLU A 50 4.94 4.72 -9.18
N THR A 51 4.27 4.97 -10.30
CA THR A 51 2.84 4.68 -10.36
C THR A 51 2.59 3.19 -10.23
N ALA A 52 3.39 2.38 -10.94
CA ALA A 52 3.24 0.94 -10.89
C ALA A 52 3.33 0.43 -9.45
N THR A 53 4.37 0.84 -8.73
CA THR A 53 4.52 0.43 -7.34
C THR A 53 3.60 1.27 -6.46
N THR A 54 2.41 1.56 -6.98
CA THR A 54 1.43 2.34 -6.23
C THR A 54 1.97 3.74 -5.92
N VAL A 55 2.09 4.04 -4.62
CA VAL A 55 2.60 5.32 -4.16
C VAL A 55 1.60 6.44 -4.46
N GLY A 56 1.20 6.58 -5.72
CA GLY A 56 0.25 7.61 -6.12
C GLY A 56 0.95 8.94 -6.37
N TYR A 57 2.27 8.97 -6.17
CA TYR A 57 3.04 10.20 -6.38
C TYR A 57 3.56 10.24 -7.81
N GLY A 58 2.76 9.72 -8.73
CA GLY A 58 3.14 9.71 -10.14
C GLY A 58 3.65 11.08 -10.58
N ASP A 59 3.48 12.08 -9.71
CA ASP A 59 3.95 13.43 -10.02
C ASP A 59 3.02 14.08 -11.04
N ARG A 60 1.89 13.42 -11.32
CA ARG A 60 0.91 13.94 -12.27
C ARG A 60 -0.50 13.58 -11.83
N TYR A 61 -1.45 13.65 -12.75
CA TYR A 61 -2.84 13.32 -12.42
C TYR A 61 -3.69 13.18 -13.69
N PRO A 62 -3.94 11.98 -14.18
CA PRO A 62 -4.78 11.80 -15.42
C PRO A 62 -6.24 12.18 -15.19
N VAL A 63 -6.92 12.64 -16.25
CA VAL A 63 -8.33 13.04 -16.14
C VAL A 63 -9.23 11.83 -16.38
N THR A 64 -10.30 12.02 -17.14
CA THR A 64 -11.25 10.94 -17.46
C THR A 64 -11.09 10.49 -18.91
N GLU A 65 -10.97 11.46 -19.83
CA GLU A 65 -10.83 11.14 -21.26
C GLU A 65 -9.63 10.22 -21.49
N GLU A 66 -8.54 10.50 -20.79
CA GLU A 66 -7.33 9.68 -20.87
C GLU A 66 -7.62 8.27 -20.30
N GLY A 67 -8.90 7.91 -20.34
CA GLY A 67 -9.30 6.59 -19.90
C GLY A 67 -8.60 6.22 -18.60
N ARG A 68 -8.90 6.93 -17.49
CA ARG A 68 -8.25 6.67 -16.18
C ARG A 68 -7.75 5.23 -16.10
N LYS A 69 -8.49 4.34 -16.74
CA LYS A 69 -8.10 2.95 -16.79
C LYS A 69 -6.62 2.87 -17.19
N VAL A 70 -6.07 3.94 -17.80
CA VAL A 70 -4.67 3.92 -18.20
C VAL A 70 -3.78 3.73 -16.97
N ALA A 71 -4.04 4.50 -15.92
CA ALA A 71 -3.25 4.40 -14.70
C ALA A 71 -3.75 3.26 -13.82
N GLU A 72 -5.07 3.12 -13.71
CA GLU A 72 -5.67 2.07 -12.90
C GLU A 72 -5.09 0.71 -13.28
N GLN A 73 -5.06 0.42 -14.57
CA GLN A 73 -4.54 -0.85 -15.04
C GLN A 73 -3.06 -1.00 -14.68
N VAL A 74 -2.29 0.09 -14.82
CA VAL A 74 -0.87 0.03 -14.50
C VAL A 74 -0.65 -0.29 -13.03
N MET A 75 -1.37 0.40 -12.15
CA MET A 75 -1.21 0.18 -10.72
C MET A 75 -1.60 -1.24 -10.34
N LYS A 76 -2.71 -1.73 -10.90
CA LYS A 76 -3.17 -3.08 -10.61
C LYS A 76 -2.14 -4.12 -11.03
N ALA A 77 -1.51 -3.90 -12.17
CA ALA A 77 -0.50 -4.83 -12.67
C ALA A 77 0.61 -5.00 -11.65
N GLY A 78 0.94 -3.92 -10.95
CA GLY A 78 1.99 -3.98 -9.94
C GLY A 78 1.58 -4.86 -8.76
N ILE A 79 0.31 -4.77 -8.38
CA ILE A 79 -0.20 -5.55 -7.27
C ILE A 79 -0.09 -7.04 -7.57
N GLU A 80 -0.45 -7.42 -8.78
CA GLU A 80 -0.38 -8.82 -9.17
C GLU A 80 1.07 -9.32 -9.12
N VAL A 81 1.97 -8.53 -9.68
CA VAL A 81 3.39 -8.90 -9.69
C VAL A 81 3.94 -8.96 -8.26
N PHE A 82 3.69 -7.91 -7.49
CA PHE A 82 4.17 -7.83 -6.12
C PHE A 82 3.45 -8.85 -5.24
N ALA A 83 2.21 -9.18 -5.60
CA ALA A 83 1.44 -10.14 -4.81
C ALA A 83 1.77 -11.57 -5.21
N LEU A 84 2.18 -11.77 -6.46
CA LEU A 84 2.52 -13.10 -6.95
C LEU A 84 3.70 -13.69 -6.19
N VAL A 85 4.76 -12.89 -6.01
CA VAL A 85 5.94 -13.39 -5.32
C VAL A 85 5.57 -13.89 -3.93
N THR A 86 4.42 -13.46 -3.44
CA THR A 86 3.95 -13.87 -2.11
C THR A 86 4.29 -15.34 -1.87
N ALA A 87 4.32 -16.12 -2.94
CA ALA A 87 4.65 -17.54 -2.83
C ALA A 87 6.04 -17.71 -2.23
N ALA A 88 7.02 -17.01 -2.80
CA ALA A 88 8.39 -17.10 -2.31
C ALA A 88 8.48 -16.63 -0.86
N LEU A 89 7.60 -15.71 -0.50
CA LEU A 89 7.58 -15.18 0.85
C LEU A 89 7.07 -16.22 1.86
N ALA A 90 6.12 -17.04 1.42
CA ALA A 90 5.55 -18.07 2.29
C ALA A 90 6.60 -19.12 2.65
N THR A 91 7.27 -19.64 1.64
CA THR A 91 8.28 -20.68 1.85
C THR A 91 9.40 -20.16 2.76
N ASP A 92 9.33 -18.89 3.13
CA ASP A 92 10.35 -18.30 3.99
C ASP A 92 10.50 -19.11 5.28
N PHE A 93 9.46 -19.10 6.11
CA PHE A 93 9.49 -19.82 7.38
C PHE A 93 9.66 -21.32 7.17
N VAL A 94 8.98 -21.84 6.17
CA VAL A 94 9.03 -23.27 5.87
C VAL A 94 10.46 -23.81 5.97
N ARG A 95 11.45 -22.98 5.65
CA ARG A 95 12.85 -23.39 5.70
C ARG A 95 13.28 -23.69 7.13
N ARG A 96 12.56 -23.13 8.10
CA ARG A 96 12.88 -23.34 9.51
C ARG A 96 12.80 -24.82 9.87
N GLU A 97 11.88 -25.53 9.24
CA GLU A 97 11.71 -26.96 9.51
C GLU A 97 13.00 -27.70 9.22
N GLU A 98 13.67 -27.31 8.13
CA GLU A 98 14.94 -27.92 7.76
C GLU A 98 16.03 -27.55 8.75
N GLU A 99 15.96 -26.34 9.28
CA GLU A 99 16.94 -25.86 10.24
C GLU A 99 16.92 -26.72 11.50
N ARG A 100 15.73 -27.18 11.88
CA ARG A 100 15.58 -28.02 13.06
C ARG A 100 16.40 -29.29 12.93
N ARG A 101 16.31 -29.93 11.77
CA ARG A 101 17.05 -31.17 11.53
C ARG A 101 18.45 -30.86 11.00
N GLY A 102 18.64 -29.63 10.54
CA GLY A 102 19.95 -29.22 10.02
C GLY A 102 20.20 -29.81 8.64
N HIS A 103 19.12 -30.23 7.97
CA HIS A 103 19.23 -30.81 6.64
C HIS A 103 19.21 -29.72 5.58
N SER B 1 15.48 -16.39 21.21
CA SER B 1 14.04 -16.18 20.94
C SER B 1 13.75 -16.43 19.46
N ALA B 2 13.14 -17.56 19.16
CA ALA B 2 12.82 -17.90 17.78
C ALA B 2 14.01 -17.65 16.87
N ASP B 3 13.81 -17.78 15.56
CA ASP B 3 14.89 -17.57 14.59
C ASP B 3 14.40 -16.69 13.43
N HIS B 4 13.10 -16.72 13.19
CA HIS B 4 12.51 -15.91 12.11
C HIS B 4 12.24 -14.50 12.59
N GLU B 5 12.03 -14.34 13.89
CA GLU B 5 11.76 -13.03 14.47
C GLU B 5 12.98 -12.12 14.34
N ARG B 6 14.16 -12.67 14.61
CA ARG B 6 15.38 -11.89 14.53
C ARG B 6 15.64 -11.44 13.10
N GLU B 7 15.42 -12.34 12.15
CA GLU B 7 15.64 -12.02 10.74
C GLU B 7 14.76 -10.84 10.34
N ALA B 8 13.52 -10.85 10.84
CA ALA B 8 12.58 -9.78 10.53
C ALA B 8 13.07 -8.45 11.09
N GLN B 9 13.62 -8.48 12.30
CA GLN B 9 14.12 -7.27 12.93
C GLN B 9 15.32 -6.72 12.16
N LYS B 10 16.15 -7.62 11.66
CA LYS B 10 17.33 -7.24 10.89
C LYS B 10 16.92 -6.48 9.64
N ALA B 11 15.86 -6.94 9.00
CA ALA B 11 15.37 -6.31 7.77
C ALA B 11 14.99 -4.85 8.03
N GLU B 12 14.41 -4.59 9.20
CA GLU B 12 14.01 -3.23 9.55
C GLU B 12 15.22 -2.31 9.61
N GLU B 13 16.34 -2.83 10.12
CA GLU B 13 17.56 -2.04 10.23
C GLU B 13 18.08 -1.68 8.86
N GLU B 14 17.90 -2.59 7.90
CA GLU B 14 18.36 -2.35 6.53
C GLU B 14 17.61 -1.16 5.91
N LEU B 15 16.33 -1.05 6.23
CA LEU B 15 15.53 0.04 5.69
C LEU B 15 16.06 1.39 6.17
N GLN B 16 16.44 1.44 7.45
CA GLN B 16 16.95 2.68 8.01
C GLN B 16 18.25 3.10 7.32
N LYS B 17 19.08 2.12 6.98
CA LYS B 17 20.34 2.40 6.30
C LYS B 17 20.10 3.08 4.96
N VAL B 18 19.11 2.58 4.22
CA VAL B 18 18.78 3.14 2.91
C VAL B 18 18.31 4.59 3.05
N LEU B 19 17.49 4.84 4.06
CA LEU B 19 16.98 6.18 4.27
C LEU B 19 18.14 7.15 4.50
N GLU B 20 19.12 6.71 5.27
CA GLU B 20 20.29 7.53 5.54
C GLU B 20 21.04 7.82 4.23
N GLU B 21 21.20 6.78 3.41
CA GLU B 21 21.87 6.94 2.13
C GLU B 21 21.01 7.74 1.17
N ALA B 22 19.69 7.57 1.29
CA ALA B 22 18.76 8.30 0.43
C ALA B 22 18.86 9.79 0.68
N SER B 23 19.01 10.17 1.95
CA SER B 23 19.11 11.58 2.30
C SER B 23 20.31 12.22 1.61
N LYS B 24 21.44 11.54 1.60
CA LYS B 24 22.63 12.08 0.96
C LYS B 24 22.38 12.31 -0.52
N LYS B 25 22.13 11.22 -1.25
CA LYS B 25 21.88 11.31 -2.68
C LYS B 25 20.68 12.18 -2.97
N ALA B 26 19.64 12.07 -2.15
CA ALA B 26 18.42 12.86 -2.37
C ALA B 26 18.77 14.35 -2.51
N VAL B 27 19.52 14.89 -1.57
CA VAL B 27 19.88 16.31 -1.64
C VAL B 27 20.70 16.61 -2.90
N GLU B 28 21.70 15.77 -3.15
CA GLU B 28 22.57 15.96 -4.32
C GLU B 28 21.77 15.79 -5.61
N ALA B 29 20.87 14.81 -5.61
CA ALA B 29 20.04 14.54 -6.78
C ALA B 29 19.19 15.77 -7.12
N GLU B 30 18.67 16.43 -6.08
CA GLU B 30 17.85 17.61 -6.29
C GLU B 30 18.68 18.76 -6.84
N ARG B 31 19.88 18.95 -6.30
CA ARG B 31 20.74 20.02 -6.74
C ARG B 31 20.93 19.98 -8.26
N GLY B 32 20.23 20.87 -8.96
CA GLY B 32 20.31 20.96 -10.42
C GLY B 32 18.99 20.56 -11.08
N ALA B 33 18.06 20.04 -10.28
CA ALA B 33 16.76 19.63 -10.80
C ALA B 33 15.73 20.76 -10.67
N PRO B 34 14.90 20.99 -11.66
CA PRO B 34 13.86 22.07 -11.59
C PRO B 34 12.68 21.70 -10.70
N GLY B 35 12.18 22.67 -9.94
CA GLY B 35 11.04 22.42 -9.05
C GLY B 35 11.39 21.39 -7.99
N ALA B 36 12.66 21.30 -7.66
CA ALA B 36 13.12 20.34 -6.65
C ALA B 36 12.23 20.40 -5.42
N ALA B 37 12.15 21.57 -4.80
CA ALA B 37 11.34 21.74 -3.60
C ALA B 37 11.98 21.02 -2.42
N LEU B 38 12.85 20.05 -2.72
CA LEU B 38 13.54 19.28 -1.68
C LEU B 38 15.02 19.64 -1.67
N ILE B 39 15.49 20.15 -0.53
CA ILE B 39 16.88 20.54 -0.36
C ILE B 39 17.25 20.50 1.10
N SER B 40 18.54 20.60 1.41
CA SER B 40 19.00 20.57 2.79
C SER B 40 19.08 19.13 3.32
N TYR B 41 20.17 18.81 4.00
CA TYR B 41 20.36 17.50 4.59
C TYR B 41 19.44 17.30 5.82
N PRO B 42 19.29 18.29 6.69
CA PRO B 42 18.44 18.13 7.90
C PRO B 42 16.99 17.75 7.57
N ASP B 43 16.48 18.24 6.43
CA ASP B 43 15.10 17.94 6.03
C ASP B 43 15.08 16.80 5.01
N ALA B 44 16.25 16.40 4.54
CA ALA B 44 16.35 15.32 3.56
C ALA B 44 15.85 14.01 4.16
N ILE B 45 16.27 13.74 5.38
CA ILE B 45 15.87 12.52 6.07
C ILE B 45 14.36 12.52 6.31
N TRP B 46 13.80 13.70 6.55
CA TRP B 46 12.38 13.82 6.81
C TRP B 46 11.56 13.34 5.61
N TRP B 47 11.95 13.77 4.41
CA TRP B 47 11.25 13.35 3.21
C TRP B 47 11.55 11.87 2.91
N SER B 48 12.72 11.42 3.33
CA SER B 48 13.12 10.04 3.08
C SER B 48 12.27 9.05 3.88
N VAL B 49 11.88 9.44 5.08
CA VAL B 49 11.08 8.56 5.95
C VAL B 49 9.74 8.19 5.31
N GLU B 50 9.02 9.19 4.80
CA GLU B 50 7.72 8.92 4.18
C GLU B 50 7.91 8.16 2.87
N THR B 51 9.06 8.37 2.22
CA THR B 51 9.33 7.71 0.95
C THR B 51 9.37 6.19 1.12
N ALA B 52 10.08 5.72 2.13
CA ALA B 52 10.19 4.28 2.35
C ALA B 52 8.81 3.66 2.51
N THR B 53 7.90 4.39 3.15
CA THR B 53 6.54 3.89 3.36
C THR B 53 5.73 4.01 2.07
N THR B 54 6.29 4.68 1.07
CA THR B 54 5.60 4.86 -0.20
C THR B 54 4.36 5.73 -0.02
N VAL B 55 4.04 6.04 1.24
CA VAL B 55 2.89 6.86 1.55
C VAL B 55 3.07 8.28 1.00
N GLY B 56 4.24 8.87 1.24
CA GLY B 56 4.51 10.23 0.78
C GLY B 56 3.62 11.26 1.50
N TYR B 57 2.39 10.85 1.83
CA TYR B 57 1.44 11.73 2.51
C TYR B 57 1.14 12.96 1.66
N GLY B 58 2.10 13.87 1.58
CA GLY B 58 1.93 15.10 0.81
C GLY B 58 2.91 16.18 1.28
N ASP B 59 4.07 15.74 1.77
CA ASP B 59 5.07 16.69 2.25
C ASP B 59 5.85 17.28 1.08
N ARG B 60 6.56 16.42 0.34
CA ARG B 60 7.36 16.84 -0.80
C ARG B 60 7.37 15.76 -1.87
N TYR B 61 8.23 15.95 -2.88
CA TYR B 61 8.34 14.96 -3.96
C TYR B 61 9.50 15.35 -4.89
N PRO B 62 10.31 14.40 -5.32
CA PRO B 62 11.44 14.71 -6.24
C PRO B 62 10.98 15.12 -7.64
N VAL B 63 11.93 15.25 -8.56
CA VAL B 63 11.62 15.63 -9.94
C VAL B 63 12.02 14.52 -10.91
N THR B 64 12.67 14.90 -12.02
CA THR B 64 13.11 13.93 -13.03
C THR B 64 14.63 13.87 -13.11
N GLU B 65 15.27 15.03 -12.97
CA GLU B 65 16.71 15.09 -13.05
C GLU B 65 17.35 14.35 -11.87
N GLU B 66 16.68 14.41 -10.72
CA GLU B 66 17.17 13.73 -9.52
C GLU B 66 17.03 12.20 -9.68
N GLY B 67 17.16 11.78 -10.93
CA GLY B 67 17.07 10.38 -11.23
C GLY B 67 15.95 9.71 -10.45
N ARG B 68 14.68 10.10 -10.69
CA ARG B 68 13.52 9.53 -9.96
C ARG B 68 13.85 8.15 -9.41
N LYS B 69 14.68 7.42 -10.14
CA LYS B 69 15.12 6.12 -9.68
C LYS B 69 15.59 6.25 -8.23
N VAL B 70 15.88 7.50 -7.78
CA VAL B 70 16.31 7.69 -6.41
C VAL B 70 15.21 7.25 -5.44
N ALA B 71 13.99 7.69 -5.72
CA ALA B 71 12.86 7.31 -4.88
C ALA B 71 12.48 5.85 -5.11
N GLU B 72 12.36 5.47 -6.38
CA GLU B 72 11.99 4.10 -6.73
C GLU B 72 12.80 3.11 -5.90
N GLN B 73 14.10 3.36 -5.78
CA GLN B 73 14.96 2.48 -5.01
C GLN B 73 14.54 2.46 -3.55
N VAL B 74 14.30 3.64 -2.97
CA VAL B 74 13.90 3.72 -1.57
C VAL B 74 12.50 3.14 -1.35
N MET B 75 11.57 3.51 -2.21
CA MET B 75 10.19 3.02 -2.08
C MET B 75 10.15 1.50 -2.23
N LYS B 76 10.88 0.98 -3.21
CA LYS B 76 10.91 -0.46 -3.44
C LYS B 76 11.60 -1.17 -2.28
N ALA B 77 12.64 -0.53 -1.74
CA ALA B 77 13.39 -1.12 -0.62
C ALA B 77 12.48 -1.31 0.59
N GLY B 78 11.63 -0.31 0.84
CA GLY B 78 10.71 -0.38 1.98
C GLY B 78 9.68 -1.48 1.81
N ILE B 79 9.15 -1.62 0.59
CA ILE B 79 8.14 -2.64 0.31
C ILE B 79 8.71 -4.04 0.52
N GLU B 80 9.92 -4.27 0.04
CA GLU B 80 10.55 -5.58 0.18
C GLU B 80 10.78 -5.92 1.65
N VAL B 81 11.20 -4.91 2.41
CA VAL B 81 11.47 -5.10 3.84
C VAL B 81 10.20 -5.49 4.59
N PHE B 82 9.12 -4.76 4.33
CA PHE B 82 7.86 -5.03 5.01
C PHE B 82 7.20 -6.29 4.46
N ALA B 83 7.85 -6.94 3.50
CA ALA B 83 7.32 -8.16 2.90
C ALA B 83 8.11 -9.38 3.39
N LEU B 84 9.41 -9.21 3.55
CA LEU B 84 10.26 -10.29 4.02
C LEU B 84 9.85 -10.70 5.42
N VAL B 85 9.53 -9.70 6.25
CA VAL B 85 9.12 -9.96 7.62
C VAL B 85 7.98 -10.96 7.63
N THR B 86 7.46 -11.27 6.44
CA THR B 86 6.37 -12.23 6.33
C THR B 86 6.84 -13.59 6.84
N ALA B 87 8.15 -13.77 6.86
CA ALA B 87 8.75 -15.01 7.33
C ALA B 87 8.32 -15.31 8.76
N ALA B 88 7.93 -14.25 9.49
CA ALA B 88 7.49 -14.41 10.87
C ALA B 88 5.97 -14.32 10.97
N LEU B 89 5.33 -13.91 9.88
CA LEU B 89 3.87 -13.78 9.84
C LEU B 89 3.26 -15.01 9.17
N ALA B 90 4.04 -15.65 8.30
CA ALA B 90 3.58 -16.83 7.60
C ALA B 90 3.56 -18.03 8.53
N THR B 91 4.21 -17.86 9.69
CA THR B 91 4.29 -18.92 10.69
C THR B 91 3.28 -18.66 11.81
N ASP B 92 2.60 -17.52 11.73
CA ASP B 92 1.61 -17.16 12.73
C ASP B 92 0.48 -18.19 12.79
N PHE B 93 0.00 -18.62 11.63
CA PHE B 93 -1.08 -19.59 11.59
C PHE B 93 -0.61 -20.97 12.04
N VAL B 94 0.66 -21.28 11.77
CA VAL B 94 1.22 -22.57 12.12
C VAL B 94 1.21 -22.81 13.63
N ARG B 95 1.25 -21.72 14.40
CA ARG B 95 1.26 -21.84 15.85
C ARG B 95 -0.01 -22.52 16.37
N ARG B 96 -1.07 -22.48 15.57
CA ARG B 96 -2.33 -23.11 15.98
C ARG B 96 -2.12 -24.61 16.21
N GLU B 97 -1.27 -25.22 15.39
CA GLU B 97 -0.98 -26.65 15.50
C GLU B 97 -0.26 -26.96 16.81
N GLU B 98 0.67 -26.09 17.20
CA GLU B 98 1.42 -26.30 18.44
C GLU B 98 0.50 -26.19 19.65
N GLU B 99 -0.47 -25.29 19.57
CA GLU B 99 -1.40 -25.08 20.67
C GLU B 99 -2.27 -26.32 20.88
N ARG B 100 -2.61 -27.00 19.79
CA ARG B 100 -3.43 -28.20 19.87
C ARG B 100 -2.75 -29.25 20.74
N ARG B 101 -1.47 -29.45 20.51
CA ARG B 101 -0.70 -30.43 21.27
C ARG B 101 -0.53 -29.98 22.71
N GLY B 102 -0.37 -28.67 22.90
CA GLY B 102 -0.19 -28.12 24.24
C GLY B 102 1.26 -28.20 24.69
N HIS B 103 2.17 -28.30 23.73
CA HIS B 103 3.59 -28.39 24.04
C HIS B 103 4.43 -27.88 22.87
N SER C 1 -17.33 -16.32 14.82
CA SER C 1 -15.96 -16.12 14.27
C SER C 1 -15.06 -17.25 14.74
N ALA C 2 -14.03 -17.55 13.95
CA ALA C 2 -13.09 -18.61 14.30
C ALA C 2 -12.03 -18.11 15.27
N ASP C 3 -11.23 -19.05 15.79
CA ASP C 3 -10.18 -18.69 16.74
C ASP C 3 -9.21 -17.70 16.10
N HIS C 4 -8.79 -18.00 14.87
CA HIS C 4 -7.85 -17.14 14.16
C HIS C 4 -8.52 -15.81 13.78
N GLU C 5 -9.80 -15.88 13.43
CA GLU C 5 -10.55 -14.68 13.05
C GLU C 5 -10.67 -13.73 14.22
N ARG C 6 -10.85 -14.28 15.41
CA ARG C 6 -10.99 -13.46 16.61
C ARG C 6 -9.71 -12.66 16.86
N GLU C 7 -8.57 -13.28 16.60
CA GLU C 7 -7.30 -12.60 16.78
C GLU C 7 -7.20 -11.40 15.85
N ALA C 8 -7.62 -11.57 14.60
CA ALA C 8 -7.58 -10.49 13.63
C ALA C 8 -8.51 -9.37 14.04
N GLN C 9 -9.67 -9.73 14.57
CA GLN C 9 -10.65 -8.72 15.01
C GLN C 9 -10.08 -7.92 16.18
N LYS C 10 -9.39 -8.61 17.08
CA LYS C 10 -8.80 -7.95 18.25
C LYS C 10 -7.77 -6.91 17.81
N ALA C 11 -6.97 -7.27 16.80
CA ALA C 11 -5.94 -6.37 16.29
C ALA C 11 -6.56 -5.11 15.69
N GLU C 12 -7.70 -5.26 15.03
CA GLU C 12 -8.37 -4.12 14.41
C GLU C 12 -8.81 -3.10 15.46
N GLU C 13 -9.30 -3.60 16.59
CA GLU C 13 -9.74 -2.71 17.67
C GLU C 13 -8.57 -1.91 18.24
N GLU C 14 -7.40 -2.54 18.27
CA GLU C 14 -6.22 -1.87 18.80
C GLU C 14 -5.85 -0.67 17.95
N LEU C 15 -6.06 -0.78 16.64
CA LEU C 15 -5.74 0.32 15.74
C LEU C 15 -6.59 1.54 16.07
N GLN C 16 -7.86 1.31 16.36
CA GLN C 16 -8.78 2.40 16.69
C GLN C 16 -8.28 3.21 17.89
N LYS C 17 -7.73 2.51 18.88
CA LYS C 17 -7.23 3.18 20.08
C LYS C 17 -6.10 4.15 19.74
N VAL C 18 -5.26 3.74 18.80
CA VAL C 18 -4.14 4.58 18.37
C VAL C 18 -4.64 5.87 17.73
N LEU C 19 -5.72 5.77 16.97
CA LEU C 19 -6.27 6.95 16.30
C LEU C 19 -6.63 8.01 17.33
N GLU C 20 -7.19 7.58 18.45
CA GLU C 20 -7.56 8.50 19.50
C GLU C 20 -6.33 9.30 19.93
N GLU C 21 -5.22 8.59 20.13
CA GLU C 21 -3.98 9.24 20.52
C GLU C 21 -3.45 10.10 19.39
N ALA C 22 -3.61 9.61 18.15
CA ALA C 22 -3.15 10.34 16.98
C ALA C 22 -3.90 11.65 16.84
N SER C 23 -5.20 11.62 17.12
CA SER C 23 -6.02 12.81 17.02
C SER C 23 -5.53 13.88 17.98
N LYS C 24 -5.06 13.46 19.15
CA LYS C 24 -4.57 14.41 20.13
C LYS C 24 -3.21 14.96 19.69
N LYS C 25 -2.15 14.16 19.88
CA LYS C 25 -0.81 14.59 19.51
C LYS C 25 -0.85 15.38 18.19
N ALA C 26 -1.85 15.10 17.37
CA ALA C 26 -1.99 15.81 16.09
C ALA C 26 -2.25 17.29 16.32
N VAL C 27 -3.10 17.62 17.30
CA VAL C 27 -3.41 19.02 17.58
C VAL C 27 -2.16 19.76 18.05
N GLU C 28 -1.45 19.14 18.98
CA GLU C 28 -0.22 19.72 19.52
C GLU C 28 0.89 19.64 18.48
N ALA C 29 0.90 18.56 17.72
CA ALA C 29 1.92 18.37 16.70
C ALA C 29 1.68 19.33 15.53
N GLU C 30 1.10 20.49 15.81
CA GLU C 30 0.85 21.48 14.78
C GLU C 30 0.81 22.89 15.38
N ARG C 31 0.21 23.00 16.57
CA ARG C 31 0.09 24.28 17.23
C ARG C 31 1.47 24.81 17.63
N GLY C 32 2.11 25.53 16.70
CA GLY C 32 3.43 26.12 16.96
C GLY C 32 4.45 25.66 15.92
N ALA C 33 3.95 25.20 14.76
CA ALA C 33 4.82 24.72 13.69
C ALA C 33 4.88 25.73 12.55
N PRO C 34 5.96 25.79 11.81
CA PRO C 34 6.07 26.74 10.67
C PRO C 34 5.27 26.24 9.46
N GLY C 35 4.24 26.99 9.09
CA GLY C 35 3.41 26.60 7.95
C GLY C 35 2.36 25.58 8.35
N ALA C 36 2.09 25.47 9.65
CA ALA C 36 1.10 24.53 10.16
C ALA C 36 -0.15 24.55 9.28
N ALA C 37 -1.02 23.57 9.49
CA ALA C 37 -2.25 23.47 8.71
C ALA C 37 -3.31 22.68 9.48
N LEU C 38 -2.85 21.74 10.30
CA LEU C 38 -3.78 20.92 11.10
C LEU C 38 -4.08 21.62 12.42
N ILE C 39 -5.25 22.25 12.49
CA ILE C 39 -5.68 22.96 13.70
C ILE C 39 -7.07 22.51 14.11
N SER C 40 -7.43 22.76 15.36
CA SER C 40 -8.75 22.38 15.87
C SER C 40 -8.77 20.90 16.23
N TYR C 41 -9.43 20.59 17.34
CA TYR C 41 -9.57 19.21 17.81
C TYR C 41 -10.66 18.47 17.03
N PRO C 42 -11.81 19.08 16.75
CA PRO C 42 -12.91 18.38 16.01
C PRO C 42 -12.47 17.93 14.60
N ASP C 43 -11.54 18.67 14.00
CA ASP C 43 -11.05 18.33 12.66
C ASP C 43 -9.81 17.45 12.73
N ALA C 44 -9.09 17.52 13.84
CA ALA C 44 -7.87 16.73 14.01
C ALA C 44 -8.18 15.24 13.98
N ILE C 45 -9.35 14.87 14.49
CA ILE C 45 -9.75 13.47 14.52
C ILE C 45 -9.94 12.93 13.10
N TRP C 46 -10.54 13.73 12.25
CA TRP C 46 -10.80 13.32 10.87
C TRP C 46 -9.48 13.02 10.15
N TRP C 47 -8.48 13.88 10.34
CA TRP C 47 -7.19 13.65 9.70
C TRP C 47 -6.63 12.30 10.16
N SER C 48 -6.80 12.01 11.45
CA SER C 48 -6.29 10.75 12.01
C SER C 48 -6.89 9.55 11.27
N VAL C 49 -8.12 9.68 10.81
CA VAL C 49 -8.78 8.59 10.11
C VAL C 49 -8.11 8.28 8.78
N GLU C 50 -7.78 9.32 8.01
CA GLU C 50 -7.14 9.12 6.71
C GLU C 50 -5.62 9.05 6.84
N THR C 51 -5.13 7.94 7.37
CA THR C 51 -3.69 7.74 7.52
C THR C 51 -3.37 6.35 8.08
N ALA C 52 -4.17 5.90 9.06
CA ALA C 52 -3.94 4.59 9.66
C ALA C 52 -4.29 3.47 8.70
N THR C 53 -5.00 3.81 7.61
CA THR C 53 -5.40 2.83 6.62
C THR C 53 -4.35 2.75 5.51
N THR C 54 -3.14 3.22 5.82
CA THR C 54 -2.05 3.21 4.85
C THR C 54 -2.43 3.99 3.60
N VAL C 55 -3.24 5.05 3.77
CA VAL C 55 -3.68 5.88 2.67
C VAL C 55 -3.49 7.36 3.02
N GLY C 56 -2.30 7.87 2.75
CA GLY C 56 -1.99 9.27 3.02
C GLY C 56 -2.36 10.12 1.81
N TYR C 57 -3.64 10.42 1.68
CA TYR C 57 -4.11 11.21 0.55
C TYR C 57 -3.44 12.59 0.55
N GLY C 58 -3.43 13.23 1.71
CA GLY C 58 -2.81 14.55 1.84
C GLY C 58 -3.56 15.39 2.87
N ASP C 59 -4.62 16.07 2.44
CA ASP C 59 -5.41 16.90 3.33
C ASP C 59 -4.51 17.70 4.27
N ARG C 60 -4.19 17.12 5.41
CA ARG C 60 -3.34 17.76 6.41
C ARG C 60 -2.20 16.84 6.81
N TYR C 61 -1.06 17.42 7.19
CA TYR C 61 0.11 16.62 7.57
C TYR C 61 0.98 17.41 8.55
N PRO C 62 1.65 16.75 9.47
CA PRO C 62 2.53 17.43 10.48
C PRO C 62 3.78 18.00 9.82
N VAL C 63 4.38 19.00 10.47
CA VAL C 63 5.59 19.63 9.96
C VAL C 63 6.82 18.90 10.48
N THR C 64 7.80 19.66 10.97
CA THR C 64 9.04 19.09 11.49
C THR C 64 9.17 19.36 12.99
N GLU C 65 9.13 20.65 13.36
CA GLU C 65 9.25 21.03 14.76
C GLU C 65 8.21 20.25 15.59
N GLU C 66 7.29 19.57 14.89
CA GLU C 66 6.23 18.77 15.54
C GLU C 66 6.50 17.26 15.37
N GLY C 67 7.75 16.95 15.65
CA GLY C 67 8.20 15.56 15.59
C GLY C 67 7.54 14.82 14.45
N ARG C 68 7.77 15.27 13.19
CA ARG C 68 7.15 14.65 12.00
C ARG C 68 6.81 13.19 12.26
N LYS C 69 7.60 12.56 13.09
CA LYS C 69 7.36 11.20 13.44
C LYS C 69 5.95 11.05 14.00
N VAL C 70 5.24 12.19 14.25
CA VAL C 70 3.89 12.06 14.78
C VAL C 70 3.01 11.24 13.83
N ALA C 71 3.09 11.55 12.53
CA ALA C 71 2.31 10.82 11.54
C ALA C 71 2.93 9.46 11.24
N GLU C 72 4.25 9.42 11.12
CA GLU C 72 4.95 8.18 10.80
C GLU C 72 4.64 7.10 11.84
N GLN C 73 4.69 7.47 13.12
CA GLN C 73 4.41 6.51 14.18
C GLN C 73 2.99 5.98 14.11
N VAL C 74 2.03 6.85 13.84
CA VAL C 74 0.64 6.44 13.76
C VAL C 74 0.39 5.50 12.58
N MET C 75 0.96 5.85 11.42
CA MET C 75 0.78 5.04 10.23
C MET C 75 1.38 3.65 10.41
N LYS C 76 2.55 3.58 11.03
CA LYS C 76 3.22 2.30 11.24
C LYS C 76 2.35 1.37 12.08
N ALA C 77 1.61 1.94 13.03
CA ALA C 77 0.73 1.14 13.88
C ALA C 77 -0.26 0.35 13.03
N GLY C 78 -0.76 0.97 11.97
CA GLY C 78 -1.71 0.33 11.09
C GLY C 78 -1.07 -0.81 10.30
N ILE C 79 0.18 -0.64 9.92
CA ILE C 79 0.89 -1.65 9.14
C ILE C 79 1.00 -2.95 9.94
N GLU C 80 1.33 -2.84 11.21
CA GLU C 80 1.46 -4.03 12.05
C GLU C 80 0.12 -4.72 12.24
N VAL C 81 -0.93 -3.94 12.49
CA VAL C 81 -2.26 -4.50 12.70
C VAL C 81 -2.78 -5.18 11.43
N PHE C 82 -2.69 -4.48 10.31
CA PHE C 82 -3.18 -5.03 9.04
C PHE C 82 -2.24 -6.10 8.51
N ALA C 83 -1.04 -6.18 9.07
CA ALA C 83 -0.07 -7.19 8.64
C ALA C 83 -0.27 -8.48 9.42
N LEU C 84 -0.72 -8.35 10.66
CA LEU C 84 -0.95 -9.51 11.51
C LEU C 84 -2.11 -10.36 10.98
N VAL C 85 -3.17 -9.70 10.50
CA VAL C 85 -4.32 -10.43 9.98
C VAL C 85 -3.90 -11.55 9.03
N THR C 86 -2.61 -11.55 8.67
CA THR C 86 -2.10 -12.59 7.77
C THR C 86 -2.33 -13.97 8.36
N ALA C 87 -2.18 -14.08 9.67
CA ALA C 87 -2.39 -15.34 10.35
C ALA C 87 -3.75 -15.92 9.96
N ALA C 88 -4.66 -15.05 9.52
CA ALA C 88 -6.01 -15.47 9.13
C ALA C 88 -6.08 -15.68 7.61
N LEU C 89 -5.05 -15.22 6.90
CA LEU C 89 -5.00 -15.35 5.45
C LEU C 89 -4.38 -16.69 5.03
N ALA C 90 -3.22 -17.00 5.60
CA ALA C 90 -2.53 -18.25 5.28
C ALA C 90 -3.43 -19.45 5.56
N THR C 91 -4.51 -19.22 6.28
CA THR C 91 -5.45 -20.31 6.62
C THR C 91 -6.67 -20.26 5.70
N ASP C 92 -6.73 -19.23 4.86
CA ASP C 92 -7.86 -19.07 3.94
C ASP C 92 -7.94 -20.26 2.98
N PHE C 93 -6.81 -20.61 2.39
CA PHE C 93 -6.76 -21.73 1.45
C PHE C 93 -6.76 -23.08 2.18
N VAL C 94 -6.07 -23.12 3.32
CA VAL C 94 -5.96 -24.35 4.09
C VAL C 94 -7.33 -25.04 4.27
N ARG C 95 -8.38 -24.24 4.39
CA ARG C 95 -9.73 -24.77 4.56
C ARG C 95 -10.15 -25.62 3.36
N ARG C 96 -9.49 -25.40 2.23
CA ARG C 96 -9.83 -26.13 1.01
C ARG C 96 -9.89 -27.64 1.30
N GLU C 97 -8.98 -28.13 2.13
CA GLU C 97 -8.94 -29.53 2.47
C GLU C 97 -10.23 -29.93 3.21
N GLU C 98 -10.69 -29.07 4.11
CA GLU C 98 -11.91 -29.35 4.85
C GLU C 98 -13.12 -29.32 3.93
N GLU C 99 -13.08 -28.42 2.94
CA GLU C 99 -14.17 -28.29 1.99
C GLU C 99 -14.24 -29.53 1.09
N ARG C 100 -13.11 -30.19 0.91
CA ARG C 100 -13.05 -31.38 0.07
C ARG C 100 -14.00 -32.46 0.60
N ARG C 101 -13.99 -32.68 1.91
CA ARG C 101 -14.85 -33.69 2.53
C ARG C 101 -15.96 -33.01 3.34
N GLY C 102 -15.89 -31.69 3.44
CA GLY C 102 -16.90 -30.94 4.18
C GLY C 102 -16.67 -31.05 5.69
N HIS C 103 -15.46 -31.46 6.07
CA HIS C 103 -15.12 -31.60 7.48
C HIS C 103 -15.51 -30.34 8.25
N SER D 1 -10.97 -26.05 -12.04
CA SER D 1 -10.45 -24.71 -12.43
C SER D 1 -9.98 -23.97 -11.19
N ALA D 2 -9.39 -24.71 -10.25
CA ALA D 2 -8.89 -24.11 -9.02
C ALA D 2 -10.00 -23.31 -8.33
N ASP D 3 -10.48 -23.85 -7.22
CA ASP D 3 -11.55 -23.19 -6.47
C ASP D 3 -11.04 -21.90 -5.85
N HIS D 4 -9.72 -21.79 -5.68
CA HIS D 4 -9.14 -20.60 -5.08
C HIS D 4 -9.36 -19.38 -5.98
N GLU D 5 -9.21 -19.58 -7.29
CA GLU D 5 -9.40 -18.48 -8.24
C GLU D 5 -10.86 -18.04 -8.25
N ARG D 6 -11.78 -18.99 -8.12
CA ARG D 6 -13.20 -18.67 -8.12
C ARG D 6 -13.54 -17.80 -6.92
N GLU D 7 -12.98 -18.13 -5.77
CA GLU D 7 -13.24 -17.35 -4.56
C GLU D 7 -12.58 -15.98 -4.67
N ALA D 8 -11.33 -15.97 -5.12
CA ALA D 8 -10.60 -14.72 -5.27
C ALA D 8 -11.23 -13.84 -6.34
N GLN D 9 -11.61 -14.45 -7.46
CA GLN D 9 -12.23 -13.71 -8.56
C GLN D 9 -13.58 -13.15 -8.12
N LYS D 10 -14.32 -13.93 -7.32
CA LYS D 10 -15.63 -13.50 -6.84
C LYS D 10 -15.50 -12.24 -5.98
N ALA D 11 -14.45 -12.20 -5.16
CA ALA D 11 -14.24 -11.06 -4.27
C ALA D 11 -14.12 -9.77 -5.07
N GLU D 12 -13.50 -9.85 -6.25
CA GLU D 12 -13.33 -8.67 -7.09
C GLU D 12 -14.67 -8.15 -7.58
N GLU D 13 -15.62 -9.06 -7.80
CA GLU D 13 -16.95 -8.67 -8.27
C GLU D 13 -17.64 -7.78 -7.24
N GLU D 14 -17.49 -8.13 -5.97
CA GLU D 14 -18.11 -7.35 -4.90
C GLU D 14 -17.50 -5.96 -4.81
N LEU D 15 -16.23 -5.85 -5.18
CA LEU D 15 -15.53 -4.56 -5.13
C LEU D 15 -16.20 -3.57 -6.07
N GLN D 16 -16.56 -4.03 -7.27
CA GLN D 16 -17.20 -3.17 -8.25
C GLN D 16 -18.56 -2.66 -7.75
N LYS D 17 -19.30 -3.53 -7.08
CA LYS D 17 -20.62 -3.16 -6.55
C LYS D 17 -20.50 -2.03 -5.53
N VAL D 18 -19.47 -2.11 -4.69
CA VAL D 18 -19.25 -1.09 -3.66
C VAL D 18 -18.94 0.26 -4.30
N LEU D 19 -18.13 0.26 -5.34
CA LEU D 19 -17.76 1.50 -6.01
C LEU D 19 -19.00 2.18 -6.55
N GLU D 20 -19.91 1.40 -7.13
CA GLU D 20 -21.14 1.95 -7.67
C GLU D 20 -21.98 2.59 -6.57
N GLU D 21 -22.15 1.86 -5.46
CA GLU D 21 -22.94 2.37 -4.34
C GLU D 21 -22.19 3.51 -3.65
N ALA D 22 -20.89 3.33 -3.47
CA ALA D 22 -20.07 4.34 -2.82
C ALA D 22 -19.99 5.62 -3.65
N SER D 23 -19.94 5.46 -4.98
CA SER D 23 -19.86 6.60 -5.87
C SER D 23 -21.05 7.53 -5.68
N LYS D 24 -22.24 6.95 -5.57
CA LYS D 24 -23.45 7.75 -5.37
C LYS D 24 -23.41 8.45 -4.03
N LYS D 25 -22.79 7.83 -3.05
CA LYS D 25 -22.68 8.42 -1.72
C LYS D 25 -21.59 9.48 -1.70
N ALA D 26 -20.48 9.23 -2.38
CA ALA D 26 -19.37 10.19 -2.40
C ALA D 26 -19.82 11.54 -2.93
N VAL D 27 -20.49 11.56 -4.07
CA VAL D 27 -20.97 12.80 -4.65
C VAL D 27 -21.97 13.47 -3.72
N GLU D 28 -22.90 12.66 -3.20
CA GLU D 28 -23.92 13.18 -2.29
C GLU D 28 -23.28 13.64 -0.98
N ALA D 29 -22.35 12.85 -0.47
CA ALA D 29 -21.65 13.18 0.77
C ALA D 29 -20.86 14.46 0.61
N GLU D 30 -20.21 14.63 -0.54
CA GLU D 30 -19.42 15.83 -0.80
C GLU D 30 -20.31 17.06 -0.83
N ARG D 31 -21.54 16.88 -1.31
CA ARG D 31 -22.47 17.99 -1.40
C ARG D 31 -22.94 18.40 -0.01
N GLY D 32 -22.87 19.70 0.26
CA GLY D 32 -23.29 20.24 1.56
C GLY D 32 -22.09 20.46 2.48
N ALA D 33 -20.94 19.94 2.09
CA ALA D 33 -19.73 20.08 2.89
C ALA D 33 -18.93 21.31 2.44
N PRO D 34 -18.21 21.96 3.33
CA PRO D 34 -17.41 23.16 2.98
C PRO D 34 -16.14 22.80 2.20
N GLY D 35 -15.85 23.58 1.16
CA GLY D 35 -14.66 23.34 0.36
C GLY D 35 -14.80 22.06 -0.46
N ALA D 36 -16.04 21.69 -0.76
CA ALA D 36 -16.30 20.48 -1.55
C ALA D 36 -15.49 20.51 -2.84
N ALA D 37 -14.92 19.35 -3.20
CA ALA D 37 -14.13 19.23 -4.43
C ALA D 37 -14.72 18.16 -5.34
N LEU D 38 -15.34 17.14 -4.73
CA LEU D 38 -15.94 16.06 -5.52
C LEU D 38 -17.44 16.30 -5.68
N ILE D 39 -17.78 17.22 -6.58
CA ILE D 39 -19.19 17.56 -6.85
C ILE D 39 -19.65 16.89 -8.14
N SER D 40 -18.74 16.20 -8.80
CA SER D 40 -19.08 15.52 -10.04
C SER D 40 -19.87 14.25 -9.78
N TYR D 41 -20.75 13.91 -10.70
CA TYR D 41 -21.57 12.71 -10.57
C TYR D 41 -21.05 11.61 -11.51
N PRO D 42 -21.06 11.81 -12.82
CA PRO D 42 -20.56 10.77 -13.78
C PRO D 42 -19.10 10.41 -13.50
N ASP D 43 -18.34 11.37 -13.01
CA ASP D 43 -16.93 11.14 -12.70
C ASP D 43 -16.73 10.69 -11.25
N ALA D 44 -17.83 10.60 -10.51
CA ALA D 44 -17.76 10.19 -9.11
C ALA D 44 -17.20 8.77 -8.99
N ILE D 45 -17.59 7.91 -9.92
CA ILE D 45 -17.10 6.54 -9.95
C ILE D 45 -15.59 6.51 -10.23
N TRP D 46 -15.15 7.38 -11.11
CA TRP D 46 -13.74 7.44 -11.46
C TRP D 46 -12.89 7.66 -10.19
N TRP D 47 -13.30 8.60 -9.36
CA TRP D 47 -12.58 8.84 -8.12
C TRP D 47 -12.70 7.62 -7.20
N SER D 48 -13.87 7.00 -7.20
CA SER D 48 -14.10 5.83 -6.35
C SER D 48 -13.22 4.67 -6.80
N VAL D 49 -13.00 4.55 -8.11
CA VAL D 49 -12.18 3.45 -8.63
C VAL D 49 -10.77 3.50 -8.05
N GLU D 50 -10.15 4.67 -8.10
CA GLU D 50 -8.80 4.83 -7.56
C GLU D 50 -8.82 4.66 -6.05
N THR D 51 -9.94 5.02 -5.43
CA THR D 51 -10.06 4.91 -3.99
C THR D 51 -9.95 3.44 -3.56
N ALA D 52 -10.65 2.56 -4.27
CA ALA D 52 -10.61 1.13 -3.94
C ALA D 52 -9.19 0.60 -4.07
N THR D 53 -8.41 1.19 -4.98
CA THR D 53 -7.04 0.77 -5.18
C THR D 53 -6.12 1.37 -4.12
N THR D 54 -6.74 2.01 -3.13
CA THR D 54 -5.99 2.62 -2.03
C THR D 54 -4.74 3.35 -2.55
N VAL D 55 -4.95 4.47 -3.25
CA VAL D 55 -3.85 5.25 -3.80
C VAL D 55 -4.19 6.75 -3.78
N GLY D 56 -5.42 7.07 -4.17
CA GLY D 56 -5.85 8.46 -4.21
C GLY D 56 -5.19 9.20 -5.36
N TYR D 57 -3.91 8.89 -5.59
CA TYR D 57 -3.15 9.52 -6.66
C TYR D 57 -2.96 11.01 -6.39
N GLY D 58 -4.06 11.77 -6.45
CA GLY D 58 -4.01 13.21 -6.20
C GLY D 58 -5.03 13.94 -7.07
N ASP D 59 -6.15 13.28 -7.35
CA ASP D 59 -7.19 13.89 -8.18
C ASP D 59 -8.13 14.74 -7.33
N ARG D 60 -8.75 14.12 -6.32
CA ARG D 60 -9.68 14.84 -5.44
C ARG D 60 -9.51 14.36 -4.02
N TYR D 61 -10.30 14.92 -3.10
CA TYR D 61 -10.22 14.51 -1.70
C TYR D 61 -11.53 14.84 -0.96
N PRO D 62 -12.04 13.95 -0.14
CA PRO D 62 -13.30 14.21 0.63
C PRO D 62 -13.12 15.24 1.73
N VAL D 63 -14.23 15.87 2.14
CA VAL D 63 -14.18 16.88 3.19
C VAL D 63 -14.36 16.22 4.56
N THR D 64 -15.11 16.88 5.45
CA THR D 64 -15.36 16.35 6.79
C THR D 64 -16.84 16.02 6.99
N GLU D 65 -17.71 16.78 6.33
CA GLU D 65 -19.15 16.57 6.46
C GLU D 65 -19.59 15.43 5.53
N GLU D 66 -18.74 15.08 4.58
CA GLU D 66 -19.03 14.00 3.65
C GLU D 66 -18.80 12.65 4.36
N GLY D 67 -18.90 12.71 5.68
CA GLY D 67 -18.72 11.53 6.47
C GLY D 67 -17.50 10.78 5.98
N ARG D 68 -16.31 11.42 6.06
CA ARG D 68 -15.05 10.82 5.57
C ARG D 68 -15.13 9.29 5.57
N LYS D 69 -15.91 8.77 6.50
CA LYS D 69 -16.12 7.35 6.56
C LYS D 69 -16.56 6.85 5.18
N VAL D 70 -17.15 7.72 4.34
CA VAL D 70 -17.58 7.30 3.02
C VAL D 70 -16.38 6.83 2.20
N ALA D 71 -15.34 7.65 2.18
CA ALA D 71 -14.14 7.32 1.45
C ALA D 71 -13.38 6.19 2.16
N GLU D 72 -13.36 6.26 3.49
CA GLU D 72 -12.67 5.25 4.28
C GLU D 72 -13.28 3.87 4.05
N GLN D 73 -14.60 3.82 3.89
CA GLN D 73 -15.28 2.54 3.69
C GLN D 73 -14.82 1.87 2.40
N VAL D 74 -14.68 2.64 1.34
CA VAL D 74 -14.26 2.08 0.05
C VAL D 74 -12.85 1.49 0.13
N MET D 75 -11.94 2.22 0.77
CA MET D 75 -10.56 1.77 0.89
C MET D 75 -10.48 0.42 1.59
N LYS D 76 -11.21 0.28 2.69
CA LYS D 76 -11.20 -0.98 3.43
C LYS D 76 -11.82 -2.10 2.60
N ALA D 77 -12.87 -1.77 1.85
CA ALA D 77 -13.55 -2.76 1.02
C ALA D 77 -12.58 -3.35 0.01
N GLY D 78 -11.71 -2.51 -0.56
CA GLY D 78 -10.73 -2.97 -1.53
C GLY D 78 -9.67 -3.86 -0.88
N ILE D 79 -9.26 -3.49 0.32
CA ILE D 79 -8.23 -4.26 1.03
C ILE D 79 -8.73 -5.67 1.35
N GLU D 80 -9.97 -5.77 1.82
CA GLU D 80 -10.54 -7.07 2.18
C GLU D 80 -10.57 -8.02 0.99
N VAL D 81 -11.14 -7.58 -0.11
CA VAL D 81 -11.24 -8.42 -1.30
C VAL D 81 -9.86 -8.83 -1.81
N PHE D 82 -8.98 -7.84 -1.98
CA PHE D 82 -7.64 -8.12 -2.47
C PHE D 82 -6.84 -8.94 -1.45
N ALA D 83 -6.98 -8.59 -0.19
CA ALA D 83 -6.26 -9.31 0.86
C ALA D 83 -6.71 -10.76 0.91
N LEU D 84 -8.00 -10.99 0.64
CA LEU D 84 -8.52 -12.35 0.66
C LEU D 84 -7.82 -13.20 -0.39
N VAL D 85 -7.61 -12.63 -1.57
CA VAL D 85 -6.94 -13.37 -2.64
C VAL D 85 -5.66 -13.99 -2.12
N THR D 86 -5.21 -13.51 -0.96
CA THR D 86 -3.99 -14.04 -0.37
C THR D 86 -4.08 -15.55 -0.22
N ALA D 87 -5.30 -16.07 -0.26
CA ALA D 87 -5.52 -17.50 -0.12
C ALA D 87 -4.86 -18.26 -1.26
N ALA D 88 -5.32 -18.00 -2.48
CA ALA D 88 -4.76 -18.67 -3.65
C ALA D 88 -3.27 -18.39 -3.76
N LEU D 89 -2.87 -17.17 -3.40
CA LEU D 89 -1.46 -16.80 -3.46
C LEU D 89 -0.66 -17.56 -2.41
N ALA D 90 -1.17 -17.59 -1.18
CA ALA D 90 -0.50 -18.29 -0.09
C ALA D 90 -0.38 -19.77 -0.39
N THR D 91 -1.28 -20.26 -1.23
CA THR D 91 -1.28 -21.66 -1.60
C THR D 91 -0.30 -21.91 -2.76
N ASP D 92 0.30 -20.84 -3.25
CA ASP D 92 1.25 -20.94 -4.36
C ASP D 92 2.43 -21.83 -4.00
N PHE D 93 3.00 -21.60 -2.82
CA PHE D 93 4.15 -22.39 -2.39
C PHE D 93 3.75 -23.85 -2.17
N VAL D 94 2.51 -24.07 -1.75
CA VAL D 94 2.02 -25.42 -1.49
C VAL D 94 2.07 -26.27 -2.76
N ARG D 95 1.67 -25.70 -3.89
CA ARG D 95 1.67 -26.42 -5.15
C ARG D 95 3.04 -27.06 -5.42
N ARG D 96 4.08 -26.52 -4.80
CA ARG D 96 5.43 -27.04 -5.00
C ARG D 96 5.45 -28.55 -4.80
N GLU D 97 4.67 -29.02 -3.84
CA GLU D 97 4.61 -30.45 -3.53
C GLU D 97 4.23 -31.25 -4.77
N GLU D 98 3.22 -30.78 -5.50
CA GLU D 98 2.77 -31.46 -6.71
C GLU D 98 3.83 -31.34 -7.80
N GLU D 99 4.45 -30.17 -7.87
CA GLU D 99 5.49 -29.93 -8.87
C GLU D 99 6.70 -30.80 -8.58
N ARG D 100 7.00 -30.97 -7.30
CA ARG D 100 8.15 -31.78 -6.90
C ARG D 100 7.97 -33.22 -7.36
N ARG D 101 6.75 -33.75 -7.20
CA ARG D 101 6.46 -35.12 -7.61
C ARG D 101 6.59 -35.25 -9.12
N GLY D 102 6.10 -34.25 -9.85
CA GLY D 102 6.15 -34.26 -11.32
C GLY D 102 4.76 -34.46 -11.91
N HIS D 103 3.78 -34.62 -11.04
CA HIS D 103 2.40 -34.82 -11.49
C HIS D 103 1.44 -34.82 -10.31
N SER A 1 18.00 -19.81 -6.75
CA SER A 1 17.61 -21.13 -7.32
C SER A 1 16.65 -21.83 -6.38
N ALA A 2 15.34 -21.68 -6.63
CA ALA A 2 14.32 -22.30 -5.79
C ALA A 2 13.03 -22.46 -6.56
N ASP A 3 13.14 -22.55 -7.88
CA ASP A 3 11.97 -22.71 -8.74
C ASP A 3 11.00 -21.54 -8.56
N HIS A 4 10.35 -21.49 -7.41
CA HIS A 4 9.39 -20.42 -7.13
C HIS A 4 10.06 -19.06 -7.26
N GLU A 5 11.30 -18.95 -6.79
CA GLU A 5 12.03 -17.71 -6.87
C GLU A 5 12.24 -17.31 -8.33
N ARG A 6 12.52 -18.29 -9.17
CA ARG A 6 12.73 -18.03 -10.59
C ARG A 6 11.46 -17.51 -11.23
N GLU A 7 10.32 -18.05 -10.81
CA GLU A 7 9.04 -17.62 -11.34
C GLU A 7 8.76 -16.18 -10.95
N ALA A 8 9.10 -15.84 -9.71
CA ALA A 8 8.88 -14.49 -9.22
C ALA A 8 9.76 -13.49 -9.98
N GLN A 9 10.97 -13.92 -10.30
CA GLN A 9 11.89 -13.05 -11.03
C GLN A 9 11.33 -12.71 -12.40
N LYS A 10 10.70 -13.69 -13.03
CA LYS A 10 10.11 -13.48 -14.36
C LYS A 10 9.00 -12.44 -14.28
N ALA A 11 8.23 -12.49 -13.19
CA ALA A 11 7.12 -11.55 -13.00
C ALA A 11 7.63 -10.11 -12.96
N GLU A 12 8.80 -9.91 -12.37
CA GLU A 12 9.37 -8.57 -12.27
C GLU A 12 9.67 -8.01 -13.65
N GLU A 13 10.13 -8.87 -14.55
CA GLU A 13 10.44 -8.44 -15.91
C GLU A 13 9.17 -7.98 -16.63
N GLU A 14 8.06 -8.65 -16.34
CA GLU A 14 6.79 -8.30 -16.96
C GLU A 14 6.33 -6.91 -16.52
N LEU A 15 6.65 -6.55 -15.29
CA LEU A 15 6.26 -5.24 -14.76
C LEU A 15 6.89 -4.13 -15.57
N GLN A 16 8.17 -4.29 -15.91
CA GLN A 16 8.89 -3.28 -16.67
C GLN A 16 8.26 -3.08 -18.05
N LYS A 17 7.79 -4.17 -18.66
CA LYS A 17 7.19 -4.08 -19.99
C LYS A 17 5.93 -3.21 -19.96
N VAL A 18 5.13 -3.36 -18.91
CA VAL A 18 3.90 -2.59 -18.79
C VAL A 18 4.22 -1.10 -18.68
N LEU A 19 5.25 -0.77 -17.92
CA LEU A 19 5.63 0.62 -17.74
C LEU A 19 5.99 1.23 -19.09
N GLU A 20 6.70 0.47 -19.92
CA GLU A 20 7.07 0.96 -21.24
C GLU A 20 5.82 1.30 -22.05
N GLU A 21 4.86 0.38 -22.06
CA GLU A 21 3.60 0.61 -22.78
C GLU A 21 2.80 1.71 -22.10
N ALA A 22 2.90 1.77 -20.78
CA ALA A 22 2.17 2.78 -20.01
C ALA A 22 2.58 4.17 -20.44
N SER A 23 3.88 4.37 -20.67
CA SER A 23 4.38 5.66 -21.09
C SER A 23 3.72 6.08 -22.41
N LYS A 24 3.62 5.13 -23.32
CA LYS A 24 3.00 5.41 -24.62
C LYS A 24 1.57 5.91 -24.44
N LYS A 25 0.72 5.05 -23.90
CA LYS A 25 -0.69 5.40 -23.69
C LYS A 25 -0.81 6.59 -22.77
N ALA A 26 0.05 6.66 -21.75
CA ALA A 26 0.00 7.77 -20.80
C ALA A 26 0.04 9.11 -21.53
N VAL A 27 0.99 9.27 -22.45
CA VAL A 27 1.09 10.53 -23.20
C VAL A 27 -0.13 10.70 -24.10
N GLU A 28 -0.52 9.61 -24.77
CA GLU A 28 -1.68 9.65 -25.67
C GLU A 28 -2.94 10.03 -24.91
N ALA A 29 -3.12 9.45 -23.73
CA ALA A 29 -4.29 9.74 -22.91
C ALA A 29 -4.39 11.24 -22.66
N GLU A 30 -3.30 11.82 -22.15
CA GLU A 30 -3.26 13.25 -21.86
C GLU A 30 -3.36 14.06 -23.14
N ARG A 31 -3.07 13.45 -24.28
CA ARG A 31 -3.14 14.14 -25.55
C ARG A 31 -4.56 14.18 -26.09
N GLY A 32 -5.30 15.23 -25.70
CA GLY A 32 -6.68 15.41 -26.18
C GLY A 32 -7.65 15.65 -25.03
N ALA A 33 -7.13 15.65 -23.81
CA ALA A 33 -7.97 15.90 -22.63
C ALA A 33 -7.72 17.31 -22.07
N PRO A 34 -8.74 17.97 -21.56
CA PRO A 34 -8.57 19.35 -21.00
C PRO A 34 -7.89 19.33 -19.63
N GLY A 35 -7.04 20.32 -19.38
CA GLY A 35 -6.34 20.41 -18.11
C GLY A 35 -5.24 19.36 -18.00
N ALA A 36 -4.93 18.71 -19.11
CA ALA A 36 -3.90 17.68 -19.12
C ALA A 36 -2.57 18.25 -18.65
N ALA A 37 -1.86 17.49 -17.82
CA ALA A 37 -0.56 17.93 -17.29
C ALA A 37 0.58 17.13 -17.95
N LEU A 38 0.54 15.82 -17.80
CA LEU A 38 1.58 14.97 -18.37
C LEU A 38 1.40 14.88 -19.89
N ILE A 39 2.18 15.68 -20.62
CA ILE A 39 2.13 15.68 -22.08
C ILE A 39 3.53 15.68 -22.67
N SER A 40 4.33 14.69 -22.27
CA SER A 40 5.70 14.58 -22.76
C SER A 40 6.20 13.14 -22.67
N TYR A 41 6.81 12.66 -23.74
CA TYR A 41 7.36 11.31 -23.77
C TYR A 41 8.57 11.14 -22.83
N PRO A 42 9.50 12.06 -22.78
CA PRO A 42 10.70 11.92 -21.88
C PRO A 42 10.31 11.81 -20.41
N ASP A 43 9.23 12.48 -20.01
CA ASP A 43 8.79 12.45 -18.62
C ASP A 43 7.64 11.46 -18.42
N ALA A 44 7.22 10.83 -19.52
CA ALA A 44 6.12 9.85 -19.45
C ALA A 44 6.56 8.64 -18.64
N ILE A 45 7.77 8.17 -18.89
CA ILE A 45 8.29 7.01 -18.17
C ILE A 45 8.49 7.34 -16.70
N TRP A 46 8.97 8.55 -16.42
CA TRP A 46 9.20 8.97 -15.05
C TRP A 46 7.93 8.82 -14.23
N TRP A 47 6.81 9.29 -14.77
CA TRP A 47 5.54 9.15 -14.07
C TRP A 47 5.15 7.67 -13.98
N SER A 48 5.40 6.93 -15.05
CA SER A 48 5.05 5.52 -15.08
C SER A 48 5.71 4.79 -13.90
N VAL A 49 6.81 5.34 -13.41
CA VAL A 49 7.48 4.73 -12.27
C VAL A 49 6.64 4.90 -11.00
N GLU A 50 6.11 6.12 -10.80
CA GLU A 50 5.32 6.41 -9.61
C GLU A 50 3.89 5.88 -9.76
N THR A 51 3.74 4.57 -9.76
CA THR A 51 2.42 3.96 -9.89
C THR A 51 2.52 2.45 -9.73
N ALA A 52 3.49 1.84 -10.40
CA ALA A 52 3.67 0.40 -10.32
C ALA A 52 3.96 -0.03 -8.88
N THR A 53 4.50 0.91 -8.09
CA THR A 53 4.80 0.62 -6.68
C THR A 53 3.62 1.03 -5.82
N THR A 54 2.59 1.56 -6.46
CA THR A 54 1.38 1.99 -5.76
C THR A 54 1.71 3.03 -4.69
N VAL A 55 1.95 4.27 -5.12
CA VAL A 55 2.26 5.34 -4.18
C VAL A 55 1.75 6.68 -4.72
N GLY A 56 2.55 7.33 -5.56
CA GLY A 56 2.16 8.61 -6.15
C GLY A 56 2.50 9.78 -5.21
N TYR A 57 3.70 10.32 -5.35
CA TYR A 57 4.12 11.44 -4.52
C TYR A 57 3.26 12.68 -4.78
N GLY A 58 2.97 12.94 -6.06
CA GLY A 58 2.16 14.09 -6.45
C GLY A 58 2.80 14.85 -7.61
N ASP A 59 3.76 14.20 -8.29
CA ASP A 59 4.44 14.83 -9.42
C ASP A 59 3.48 15.06 -10.57
N ARG A 60 3.03 13.97 -11.19
CA ARG A 60 2.12 14.06 -12.34
C ARG A 60 0.98 13.06 -12.17
N TYR A 61 -0.13 13.30 -12.88
CA TYR A 61 -1.27 12.41 -12.80
C TYR A 61 -2.33 12.79 -13.84
N PRO A 62 -2.94 11.85 -14.53
CA PRO A 62 -3.98 12.16 -15.55
C PRO A 62 -5.29 12.65 -14.91
N VAL A 63 -6.33 12.80 -15.73
CA VAL A 63 -7.63 13.26 -15.25
C VAL A 63 -8.70 12.19 -15.49
N THR A 64 -9.75 12.54 -16.24
CA THR A 64 -10.84 11.60 -16.53
C THR A 64 -10.86 11.22 -18.00
N GLU A 65 -11.05 12.20 -18.88
CA GLU A 65 -11.09 11.93 -20.31
C GLU A 65 -9.87 11.07 -20.72
N GLU A 66 -8.84 11.08 -19.88
CA GLU A 66 -7.63 10.32 -20.14
C GLU A 66 -7.80 8.89 -19.56
N GLY A 67 -9.03 8.43 -19.70
CA GLY A 67 -9.37 7.10 -19.25
C GLY A 67 -8.69 6.77 -17.95
N ARG A 68 -9.00 7.50 -16.86
CA ARG A 68 -8.34 7.28 -15.54
C ARG A 68 -7.83 5.86 -15.42
N LYS A 69 -8.54 4.94 -16.04
CA LYS A 69 -8.11 3.57 -16.04
C LYS A 69 -6.65 3.49 -16.47
N VAL A 70 -6.13 4.56 -17.12
CA VAL A 70 -4.74 4.51 -17.54
C VAL A 70 -3.81 4.40 -16.32
N ALA A 71 -4.06 5.22 -15.31
CA ALA A 71 -3.26 5.19 -14.09
C ALA A 71 -3.53 3.94 -13.27
N GLU A 72 -4.81 3.56 -13.15
CA GLU A 72 -5.19 2.39 -12.37
C GLU A 72 -4.65 1.12 -13.02
N GLN A 73 -4.66 1.08 -14.35
CA GLN A 73 -4.17 -0.10 -15.07
C GLN A 73 -2.73 -0.41 -14.69
N VAL A 74 -1.89 0.62 -14.62
CA VAL A 74 -0.49 0.41 -14.27
C VAL A 74 -0.36 -0.09 -12.83
N MET A 75 -1.10 0.53 -11.91
CA MET A 75 -1.05 0.16 -10.50
C MET A 75 -1.52 -1.28 -10.32
N LYS A 76 -2.59 -1.65 -11.03
CA LYS A 76 -3.12 -3.01 -10.93
C LYS A 76 -2.08 -4.02 -11.39
N ALA A 77 -1.40 -3.72 -12.49
CA ALA A 77 -0.38 -4.62 -13.02
C ALA A 77 0.72 -4.83 -12.00
N GLY A 78 1.11 -3.77 -11.32
CA GLY A 78 2.17 -3.86 -10.33
C GLY A 78 1.74 -4.73 -9.15
N ILE A 79 0.50 -4.54 -8.71
CA ILE A 79 -0.02 -5.32 -7.59
C ILE A 79 -0.05 -6.80 -7.94
N GLU A 80 -0.49 -7.12 -9.15
CA GLU A 80 -0.55 -8.51 -9.56
C GLU A 80 0.84 -9.13 -9.55
N VAL A 81 1.83 -8.39 -10.05
CA VAL A 81 3.20 -8.88 -10.07
C VAL A 81 3.74 -9.08 -8.65
N PHE A 82 3.57 -8.06 -7.81
CA PHE A 82 4.06 -8.13 -6.44
C PHE A 82 3.20 -9.08 -5.59
N ALA A 83 2.04 -9.45 -6.12
CA ALA A 83 1.15 -10.36 -5.41
C ALA A 83 1.47 -11.82 -5.75
N LEU A 84 1.87 -12.05 -7.00
CA LEU A 84 2.21 -13.41 -7.44
C LEU A 84 3.42 -13.96 -6.70
N VAL A 85 4.44 -13.13 -6.50
CA VAL A 85 5.64 -13.59 -5.81
C VAL A 85 5.30 -14.08 -4.41
N THR A 86 4.17 -13.59 -3.87
CA THR A 86 3.74 -14.00 -2.53
C THR A 86 4.05 -15.48 -2.29
N ALA A 87 4.08 -16.25 -3.36
CA ALA A 87 4.38 -17.67 -3.26
C ALA A 87 5.77 -17.87 -2.68
N ALA A 88 6.74 -17.15 -3.23
CA ALA A 88 8.11 -17.26 -2.75
C ALA A 88 8.21 -16.79 -1.30
N LEU A 89 7.38 -15.82 -0.94
CA LEU A 89 7.38 -15.27 0.41
C LEU A 89 6.90 -16.32 1.43
N ALA A 90 5.90 -17.11 1.06
CA ALA A 90 5.35 -18.13 1.96
C ALA A 90 6.44 -19.11 2.38
N THR A 91 7.24 -19.55 1.42
CA THR A 91 8.31 -20.50 1.71
C THR A 91 9.48 -19.79 2.39
N ASP A 92 9.37 -18.47 2.55
CA ASP A 92 10.43 -17.69 3.19
C ASP A 92 10.73 -18.24 4.58
N PHE A 93 9.68 -18.46 5.37
CA PHE A 93 9.86 -18.97 6.73
C PHE A 93 10.21 -20.46 6.71
N VAL A 94 9.63 -21.21 5.78
CA VAL A 94 9.87 -22.64 5.69
C VAL A 94 11.36 -22.97 5.73
N ARG A 95 12.19 -22.02 5.29
CA ARG A 95 13.63 -22.24 5.29
C ARG A 95 14.17 -22.35 6.72
N ARG A 96 13.42 -21.82 7.66
CA ARG A 96 13.82 -21.85 9.07
C ARG A 96 14.08 -23.29 9.53
N GLU A 97 13.34 -24.23 8.94
CA GLU A 97 13.50 -25.64 9.29
C GLU A 97 14.94 -26.08 9.03
N GLU A 98 15.49 -25.64 7.90
CA GLU A 98 16.86 -25.97 7.56
C GLU A 98 17.84 -25.10 8.33
N GLU A 99 19.11 -25.14 7.92
CA GLU A 99 20.15 -24.35 8.56
C GLU A 99 20.24 -24.70 10.05
N ARG A 100 19.25 -24.24 10.82
CA ARG A 100 19.24 -24.50 12.25
C ARG A 100 19.23 -26.00 12.53
N ARG A 101 18.40 -26.74 11.78
CA ARG A 101 18.32 -28.18 11.94
C ARG A 101 18.71 -28.86 10.64
N GLY A 102 19.84 -29.57 10.67
CA GLY A 102 20.33 -30.29 9.49
C GLY A 102 21.65 -29.70 8.99
N HIS A 103 22.13 -28.67 9.68
CA HIS A 103 23.37 -28.03 9.29
C HIS A 103 23.85 -27.07 10.38
N SER B 1 9.98 -15.03 21.27
CA SER B 1 11.33 -14.96 20.63
C SER B 1 11.30 -15.67 19.29
N ALA B 2 10.72 -16.87 19.29
CA ALA B 2 10.63 -17.66 18.06
C ALA B 2 11.95 -17.63 17.29
N ASP B 3 11.89 -17.88 15.99
CA ASP B 3 13.09 -17.87 15.14
C ASP B 3 12.88 -16.98 13.92
N HIS B 4 11.66 -16.97 13.39
CA HIS B 4 11.35 -16.16 12.22
C HIS B 4 11.14 -14.69 12.63
N GLU B 5 10.81 -14.48 13.90
CA GLU B 5 10.58 -13.13 14.40
C GLU B 5 11.87 -12.33 14.40
N ARG B 6 12.98 -12.98 14.73
CA ARG B 6 14.27 -12.30 14.77
C ARG B 6 14.67 -11.81 13.38
N GLU B 7 14.38 -12.62 12.36
CA GLU B 7 14.71 -12.25 11.00
C GLU B 7 13.87 -11.05 10.56
N ALA B 8 12.60 -11.07 10.95
CA ALA B 8 11.69 -9.98 10.60
C ALA B 8 12.15 -8.67 11.23
N GLN B 9 12.52 -8.73 12.51
CA GLN B 9 12.97 -7.53 13.22
C GLN B 9 14.29 -7.03 12.62
N LYS B 10 15.18 -7.95 12.30
CA LYS B 10 16.47 -7.59 11.71
C LYS B 10 16.28 -6.93 10.36
N ALA B 11 15.28 -7.41 9.61
CA ALA B 11 15.00 -6.87 8.30
C ALA B 11 14.64 -5.39 8.38
N GLU B 12 13.89 -5.02 9.41
CA GLU B 12 13.49 -3.62 9.57
C GLU B 12 14.72 -2.71 9.66
N GLU B 13 15.76 -3.21 10.31
CA GLU B 13 16.99 -2.43 10.45
C GLU B 13 17.63 -2.21 9.08
N GLU B 14 17.48 -3.20 8.19
CA GLU B 14 18.05 -3.10 6.86
C GLU B 14 17.47 -1.91 6.11
N LEU B 15 16.18 -1.68 6.28
CA LEU B 15 15.53 -0.56 5.61
C LEU B 15 16.13 0.76 6.06
N GLN B 16 16.38 0.88 7.37
CA GLN B 16 16.95 2.11 7.91
C GLN B 16 18.24 2.46 7.18
N LYS B 17 19.05 1.46 6.88
CA LYS B 17 20.31 1.70 6.19
C LYS B 17 20.08 2.31 4.81
N VAL B 18 19.03 1.86 4.13
CA VAL B 18 18.71 2.37 2.79
C VAL B 18 17.85 3.63 2.87
N LEU B 19 16.87 3.62 3.76
CA LEU B 19 16.00 4.75 3.91
C LEU B 19 16.84 5.98 4.30
N GLU B 20 17.71 5.80 5.29
CA GLU B 20 18.55 6.90 5.75
C GLU B 20 19.51 7.31 4.63
N GLU B 21 20.05 6.32 3.95
CA GLU B 21 20.96 6.62 2.85
C GLU B 21 20.23 7.40 1.77
N ALA B 22 18.92 7.21 1.71
CA ALA B 22 18.11 7.92 0.73
C ALA B 22 18.14 9.42 1.00
N SER B 23 18.14 9.78 2.28
CA SER B 23 18.15 11.20 2.65
C SER B 23 19.39 11.87 2.08
N LYS B 24 20.53 11.23 2.22
CA LYS B 24 21.77 11.80 1.70
C LYS B 24 21.72 11.88 0.18
N LYS B 25 21.00 10.95 -0.43
CA LYS B 25 20.89 10.91 -1.88
C LYS B 25 19.85 11.94 -2.38
N ALA B 26 18.72 12.02 -1.69
CA ALA B 26 17.65 12.94 -2.09
C ALA B 26 18.15 14.37 -2.17
N VAL B 27 18.88 14.82 -1.14
CA VAL B 27 19.40 16.19 -1.15
C VAL B 27 20.37 16.38 -2.31
N GLU B 28 21.25 15.42 -2.49
CA GLU B 28 22.22 15.47 -3.57
C GLU B 28 21.54 15.24 -4.92
N ALA B 29 20.36 14.62 -4.89
CA ALA B 29 19.62 14.35 -6.11
C ALA B 29 19.32 15.64 -6.87
N GLU B 30 18.97 16.68 -6.14
CA GLU B 30 18.67 17.97 -6.77
C GLU B 30 19.92 18.54 -7.41
N ARG B 31 21.07 18.34 -6.76
CA ARG B 31 22.32 18.85 -7.27
C ARG B 31 22.70 18.14 -8.58
N GLY B 32 22.26 18.72 -9.70
CA GLY B 32 22.57 18.14 -11.02
C GLY B 32 21.29 17.94 -11.83
N ALA B 33 20.14 17.97 -11.17
CA ALA B 33 18.85 17.78 -11.85
C ALA B 33 18.13 19.14 -11.99
N PRO B 34 17.53 19.43 -13.14
CA PRO B 34 16.80 20.71 -13.34
C PRO B 34 15.44 20.73 -12.65
N GLY B 35 15.26 21.65 -11.71
CA GLY B 35 13.99 21.77 -10.99
C GLY B 35 14.17 21.45 -9.50
N ALA B 36 15.30 21.86 -8.94
CA ALA B 36 15.58 21.59 -7.54
C ALA B 36 14.46 22.15 -6.66
N ALA B 37 14.14 21.42 -5.58
CA ALA B 37 13.09 21.84 -4.66
C ALA B 37 13.34 21.26 -3.28
N LEU B 38 13.55 19.95 -3.24
CA LEU B 38 13.79 19.27 -1.96
C LEU B 38 15.03 19.82 -1.29
N ILE B 39 16.18 19.69 -1.96
CA ILE B 39 17.46 20.17 -1.40
C ILE B 39 17.47 20.06 0.12
N SER B 40 18.13 21.00 0.78
CA SER B 40 18.18 20.99 2.23
C SER B 40 18.77 19.68 2.76
N TYR B 41 19.51 19.78 3.87
CA TYR B 41 20.13 18.61 4.50
C TYR B 41 19.31 18.15 5.71
N PRO B 42 19.21 18.96 6.75
CA PRO B 42 18.45 18.58 7.98
C PRO B 42 16.98 18.27 7.68
N ASP B 43 16.46 18.82 6.57
CA ASP B 43 15.06 18.58 6.20
C ASP B 43 14.95 17.34 5.29
N ALA B 44 16.06 16.97 4.66
CA ALA B 44 16.06 15.81 3.77
C ALA B 44 15.79 14.53 4.56
N ILE B 45 16.34 14.46 5.76
CA ILE B 45 16.14 13.29 6.61
C ILE B 45 14.66 13.13 6.95
N TRP B 46 13.97 14.24 7.12
CA TRP B 46 12.55 14.20 7.43
C TRP B 46 11.76 13.67 6.23
N TRP B 47 12.10 14.13 5.03
CA TRP B 47 11.41 13.69 3.82
C TRP B 47 11.60 12.19 3.62
N SER B 48 12.80 11.70 3.86
CA SER B 48 13.07 10.28 3.68
C SER B 48 12.19 9.44 4.59
N VAL B 49 11.97 9.92 5.81
CA VAL B 49 11.16 9.20 6.78
C VAL B 49 9.72 8.97 6.31
N GLU B 50 9.10 10.00 5.73
CA GLU B 50 7.71 9.88 5.27
C GLU B 50 7.58 8.73 4.28
N THR B 51 8.58 8.56 3.43
CA THR B 51 8.56 7.50 2.44
C THR B 51 9.15 6.22 3.03
N ALA B 52 9.72 5.37 2.17
CA ALA B 52 10.29 4.11 2.63
C ALA B 52 9.23 3.24 3.32
N THR B 53 8.05 3.84 3.58
CA THR B 53 6.94 3.13 4.24
C THR B 53 5.77 2.94 3.28
N THR B 54 6.03 3.13 1.99
CA THR B 54 4.98 2.98 0.99
C THR B 54 3.79 3.89 1.29
N VAL B 55 4.01 5.20 1.22
CA VAL B 55 2.95 6.17 1.48
C VAL B 55 3.13 7.42 0.62
N GLY B 56 4.36 7.94 0.56
CA GLY B 56 4.63 9.13 -0.22
C GLY B 56 3.55 10.19 -0.02
N TYR B 57 3.64 10.90 1.11
CA TYR B 57 2.65 11.93 1.43
C TYR B 57 2.70 13.04 0.37
N GLY B 58 3.90 13.48 0.01
CA GLY B 58 4.07 14.55 -0.98
C GLY B 58 4.49 15.84 -0.31
N ASP B 59 5.25 15.72 0.77
CA ASP B 59 5.72 16.89 1.50
C ASP B 59 6.61 17.76 0.63
N ARG B 60 7.49 17.10 -0.14
CA ARG B 60 8.41 17.80 -1.04
C ARG B 60 8.11 17.43 -2.49
N TYR B 61 8.98 17.88 -3.40
CA TYR B 61 8.80 17.59 -4.83
C TYR B 61 10.14 17.27 -5.49
N PRO B 62 10.49 16.01 -5.69
CA PRO B 62 11.79 15.66 -6.33
C PRO B 62 11.85 16.07 -7.81
N VAL B 63 13.06 16.18 -8.33
CA VAL B 63 13.25 16.57 -9.73
C VAL B 63 13.00 15.38 -10.66
N THR B 64 13.67 15.39 -11.82
CA THR B 64 13.51 14.32 -12.81
C THR B 64 14.81 13.54 -13.00
N GLU B 65 15.82 14.20 -13.56
CA GLU B 65 17.11 13.55 -13.85
C GLU B 65 17.43 12.54 -12.77
N GLU B 66 16.96 12.79 -11.57
CA GLU B 66 17.16 11.88 -10.45
C GLU B 66 15.95 11.95 -9.52
N GLY B 67 16.14 12.58 -8.37
CA GLY B 67 15.10 12.78 -7.33
C GLY B 67 13.95 11.76 -7.40
N ARG B 68 13.31 11.70 -8.57
CA ARG B 68 12.19 10.79 -8.80
C ARG B 68 12.71 9.37 -8.89
N LYS B 69 13.79 9.21 -9.65
CA LYS B 69 14.40 7.91 -9.81
C LYS B 69 14.94 7.49 -8.46
N VAL B 70 15.39 8.48 -7.68
CA VAL B 70 15.90 8.18 -6.35
C VAL B 70 14.78 7.66 -5.45
N ALA B 71 13.63 8.34 -5.51
CA ALA B 71 12.48 7.94 -4.71
C ALA B 71 12.05 6.51 -5.07
N GLU B 72 12.19 6.17 -6.36
CA GLU B 72 11.82 4.85 -6.83
C GLU B 72 12.49 3.77 -5.99
N GLN B 73 13.80 3.89 -5.82
CA GLN B 73 14.55 2.91 -5.05
C GLN B 73 14.04 2.85 -3.62
N VAL B 74 13.69 4.01 -3.05
CA VAL B 74 13.21 4.05 -1.68
C VAL B 74 11.92 3.25 -1.51
N MET B 75 10.95 3.47 -2.39
CA MET B 75 9.68 2.76 -2.31
C MET B 75 9.89 1.25 -2.46
N LYS B 76 10.67 0.85 -3.46
CA LYS B 76 10.93 -0.56 -3.68
C LYS B 76 11.76 -1.13 -2.54
N ALA B 77 12.73 -0.36 -2.07
CA ALA B 77 13.59 -0.81 -0.99
C ALA B 77 12.76 -1.17 0.24
N GLY B 78 11.81 -0.31 0.60
CA GLY B 78 10.96 -0.55 1.75
C GLY B 78 10.07 -1.77 1.55
N ILE B 79 9.50 -1.89 0.36
CA ILE B 79 8.62 -3.02 0.06
C ILE B 79 9.36 -4.34 0.17
N GLU B 80 10.58 -4.41 -0.35
CA GLU B 80 11.35 -5.64 -0.28
C GLU B 80 11.55 -6.05 1.18
N VAL B 81 11.94 -5.11 2.02
CA VAL B 81 12.17 -5.40 3.43
C VAL B 81 10.88 -5.80 4.14
N PHE B 82 9.84 -5.01 3.97
CA PHE B 82 8.55 -5.29 4.61
C PHE B 82 7.93 -6.54 4.01
N ALA B 83 8.09 -6.71 2.70
CA ALA B 83 7.52 -7.88 2.02
C ALA B 83 8.16 -9.16 2.57
N LEU B 84 9.43 -9.10 2.91
CA LEU B 84 10.12 -10.26 3.46
C LEU B 84 9.47 -10.69 4.77
N VAL B 85 9.12 -9.71 5.60
CA VAL B 85 8.49 -10.01 6.88
C VAL B 85 7.33 -10.97 6.66
N THR B 86 6.82 -11.00 5.43
CA THR B 86 5.72 -11.89 5.11
C THR B 86 6.02 -13.29 5.61
N ALA B 87 7.30 -13.57 5.83
CA ALA B 87 7.72 -14.87 6.31
C ALA B 87 7.06 -15.21 7.65
N ALA B 88 7.21 -14.32 8.61
CA ALA B 88 6.63 -14.54 9.93
C ALA B 88 5.10 -14.52 9.86
N LEU B 89 4.56 -13.62 9.04
CA LEU B 89 3.13 -13.52 8.88
C LEU B 89 2.57 -14.82 8.30
N ALA B 90 3.27 -15.35 7.30
CA ALA B 90 2.87 -16.60 6.67
C ALA B 90 2.93 -17.73 7.68
N THR B 91 3.92 -17.64 8.56
CA THR B 91 4.12 -18.65 9.59
C THR B 91 3.20 -18.39 10.78
N ASP B 92 2.48 -17.28 10.73
CA ASP B 92 1.60 -16.91 11.83
C ASP B 92 0.56 -17.99 12.10
N PHE B 93 -0.10 -18.46 11.05
CA PHE B 93 -1.12 -19.49 11.20
C PHE B 93 -0.51 -20.81 11.66
N VAL B 94 0.73 -21.06 11.22
CA VAL B 94 1.42 -22.31 11.55
C VAL B 94 1.60 -22.46 13.06
N ARG B 95 2.00 -21.38 13.72
CA ARG B 95 2.23 -21.43 15.17
C ARG B 95 0.97 -21.89 15.92
N ARG B 96 -0.19 -21.74 15.29
CA ARG B 96 -1.44 -22.13 15.92
C ARG B 96 -1.40 -23.62 16.28
N GLU B 97 -0.71 -24.39 15.44
CA GLU B 97 -0.60 -25.83 15.63
C GLU B 97 0.00 -26.16 17.00
N GLU B 98 0.95 -25.34 17.44
CA GLU B 98 1.58 -25.57 18.73
C GLU B 98 0.57 -25.38 19.87
N GLU B 99 -0.27 -24.36 19.73
CA GLU B 99 -1.28 -24.09 20.76
C GLU B 99 -2.33 -25.21 20.80
N ARG B 100 -2.70 -25.71 19.63
CA ARG B 100 -3.70 -26.78 19.56
C ARG B 100 -3.20 -28.02 20.28
N ARG B 101 -1.93 -28.38 20.04
CA ARG B 101 -1.33 -29.55 20.67
C ARG B 101 -0.12 -29.15 21.51
N GLY B 102 -0.28 -29.25 22.83
CA GLY B 102 0.79 -28.90 23.76
C GLY B 102 0.59 -27.50 24.34
N HIS B 103 -0.47 -26.83 23.91
CA HIS B 103 -0.76 -25.49 24.40
C HIS B 103 0.50 -24.63 24.39
N SER C 1 -17.60 -17.69 15.65
CA SER C 1 -16.60 -17.37 14.59
C SER C 1 -15.30 -18.12 14.88
N ALA C 2 -14.39 -18.09 13.91
CA ALA C 2 -13.11 -18.77 14.05
C ALA C 2 -12.23 -18.05 15.08
N ASP C 3 -11.38 -18.82 15.75
CA ASP C 3 -10.49 -18.25 16.76
C ASP C 3 -9.54 -17.23 16.11
N HIS C 4 -9.06 -17.57 14.91
CA HIS C 4 -8.14 -16.68 14.19
C HIS C 4 -8.86 -15.40 13.77
N GLU C 5 -10.12 -15.52 13.37
CA GLU C 5 -10.88 -14.37 12.93
C GLU C 5 -11.05 -13.37 14.07
N ARG C 6 -11.18 -13.87 15.29
CA ARG C 6 -11.33 -12.99 16.45
C ARG C 6 -10.09 -12.14 16.63
N GLU C 7 -8.92 -12.74 16.41
CA GLU C 7 -7.67 -12.02 16.55
C GLU C 7 -7.57 -10.91 15.51
N ALA C 8 -8.01 -11.21 14.30
CA ALA C 8 -7.97 -10.23 13.22
C ALA C 8 -8.84 -9.02 13.57
N GLN C 9 -10.02 -9.29 14.11
CA GLN C 9 -10.94 -8.21 14.49
C GLN C 9 -10.35 -7.40 15.63
N LYS C 10 -9.66 -8.08 16.54
CA LYS C 10 -9.05 -7.40 17.69
C LYS C 10 -8.02 -6.38 17.20
N ALA C 11 -7.28 -6.74 16.17
CA ALA C 11 -6.25 -5.84 15.63
C ALA C 11 -6.88 -4.56 15.08
N GLU C 12 -8.05 -4.67 14.48
CA GLU C 12 -8.74 -3.51 13.91
C GLU C 12 -9.13 -2.52 15.02
N GLU C 13 -9.57 -3.05 16.14
CA GLU C 13 -9.98 -2.20 17.26
C GLU C 13 -8.79 -1.40 17.79
N GLU C 14 -7.63 -2.04 17.83
CA GLU C 14 -6.43 -1.38 18.32
C GLU C 14 -6.04 -0.23 17.40
N LEU C 15 -6.32 -0.38 16.11
CA LEU C 15 -5.98 0.66 15.14
C LEU C 15 -6.73 1.94 15.46
N GLN C 16 -7.97 1.80 15.88
CA GLN C 16 -8.78 2.97 16.20
C GLN C 16 -8.25 3.68 17.45
N LYS C 17 -7.69 2.91 18.39
CA LYS C 17 -7.16 3.47 19.63
C LYS C 17 -5.98 4.42 19.36
N VAL C 18 -5.05 3.97 18.54
CA VAL C 18 -3.87 4.78 18.21
C VAL C 18 -4.28 6.06 17.49
N LEU C 19 -5.26 5.94 16.61
CA LEU C 19 -5.73 7.11 15.87
C LEU C 19 -6.27 8.17 16.82
N GLU C 20 -7.02 7.73 17.82
CA GLU C 20 -7.57 8.67 18.80
C GLU C 20 -6.45 9.33 19.58
N GLU C 21 -5.47 8.53 19.98
CA GLU C 21 -4.33 9.06 20.72
C GLU C 21 -3.43 9.89 19.81
N ALA C 22 -3.26 9.43 18.57
CA ALA C 22 -2.44 10.14 17.59
C ALA C 22 -3.08 11.47 17.22
N SER C 23 -4.40 11.47 17.11
CA SER C 23 -5.12 12.68 16.75
C SER C 23 -4.83 13.80 17.75
N LYS C 24 -4.84 13.46 19.03
CA LYS C 24 -4.56 14.44 20.08
C LYS C 24 -3.12 14.90 19.96
N LYS C 25 -2.22 13.96 19.68
CA LYS C 25 -0.82 14.31 19.54
C LYS C 25 -0.61 15.19 18.31
N ALA C 26 -1.26 14.82 17.20
CA ALA C 26 -1.13 15.57 15.95
C ALA C 26 -1.46 17.05 16.14
N VAL C 27 -2.63 17.34 16.70
CA VAL C 27 -3.02 18.73 16.91
C VAL C 27 -1.99 19.41 17.79
N GLU C 28 -1.59 18.73 18.85
CA GLU C 28 -0.59 19.27 19.76
C GLU C 28 0.78 19.35 19.07
N ALA C 29 1.05 18.40 18.18
CA ALA C 29 2.31 18.36 17.46
C ALA C 29 2.45 19.58 16.55
N GLU C 30 1.35 19.95 15.89
CA GLU C 30 1.36 21.10 14.99
C GLU C 30 1.20 22.40 15.78
N ARG C 31 0.81 22.29 17.04
CA ARG C 31 0.62 23.45 17.88
C ARG C 31 1.95 24.16 18.12
N GLY C 32 2.29 25.10 17.22
CA GLY C 32 3.54 25.85 17.34
C GLY C 32 4.48 25.56 16.17
N ALA C 33 4.10 24.59 15.33
CA ALA C 33 4.92 24.25 14.18
C ALA C 33 4.76 25.31 13.08
N PRO C 34 5.83 25.68 12.39
CA PRO C 34 5.76 26.71 11.31
C PRO C 34 5.13 26.16 10.03
N GLY C 35 4.33 26.99 9.37
CA GLY C 35 3.69 26.60 8.12
C GLY C 35 2.80 25.38 8.33
N ALA C 36 2.28 25.21 9.53
CA ALA C 36 1.43 24.07 9.83
C ALA C 36 0.06 24.24 9.18
N ALA C 37 -0.42 23.16 8.54
CA ALA C 37 -1.73 23.18 7.89
C ALA C 37 -2.79 22.58 8.80
N LEU C 38 -2.36 21.75 9.75
CA LEU C 38 -3.28 21.12 10.69
C LEU C 38 -3.12 21.75 12.07
N ILE C 39 -4.16 22.47 12.51
CA ILE C 39 -4.15 23.12 13.82
C ILE C 39 -5.51 22.98 14.49
N SER C 40 -6.44 22.38 13.78
CA SER C 40 -7.79 22.18 14.32
C SER C 40 -7.80 21.03 15.31
N TYR C 41 -8.77 21.07 16.22
CA TYR C 41 -8.90 20.03 17.25
C TYR C 41 -9.93 18.96 16.82
N PRO C 42 -11.19 19.32 16.65
CA PRO C 42 -12.25 18.34 16.23
C PRO C 42 -11.94 17.68 14.89
N ASP C 43 -11.35 18.45 13.98
CA ASP C 43 -11.02 17.93 12.65
C ASP C 43 -9.73 17.14 12.67
N ALA C 44 -9.02 17.16 13.80
CA ALA C 44 -7.76 16.44 13.93
C ALA C 44 -7.97 14.94 13.77
N ILE C 45 -9.09 14.45 14.31
CA ILE C 45 -9.40 13.03 14.22
C ILE C 45 -9.65 12.62 12.78
N TRP C 46 -10.31 13.49 12.02
CA TRP C 46 -10.61 13.20 10.63
C TRP C 46 -9.33 12.85 9.87
N TRP C 47 -8.29 13.67 10.01
CA TRP C 47 -7.02 13.40 9.35
C TRP C 47 -6.46 12.06 9.86
N SER C 48 -6.57 11.83 11.17
CA SER C 48 -6.06 10.61 11.76
C SER C 48 -6.88 9.40 11.32
N VAL C 49 -6.92 9.15 10.00
CA VAL C 49 -7.67 8.02 9.47
C VAL C 49 -7.04 7.49 8.18
N GLU C 50 -6.88 8.35 7.18
CA GLU C 50 -6.30 7.93 5.91
C GLU C 50 -4.85 7.49 6.12
N THR C 51 -4.18 8.09 7.09
CA THR C 51 -2.77 7.77 7.36
C THR C 51 -2.62 6.31 7.78
N ALA C 52 -3.49 5.85 8.69
CA ALA C 52 -3.42 4.48 9.18
C ALA C 52 -3.64 3.50 8.03
N THR C 53 -4.34 3.94 6.98
CA THR C 53 -4.61 3.09 5.83
C THR C 53 -3.53 3.27 4.78
N THR C 54 -2.51 4.05 5.13
CA THR C 54 -1.39 4.31 4.22
C THR C 54 -1.89 4.82 2.88
N VAL C 55 -2.35 6.07 2.84
CA VAL C 55 -2.85 6.66 1.59
C VAL C 55 -2.37 8.11 1.48
N GLY C 56 -2.87 8.97 2.34
CA GLY C 56 -2.48 10.38 2.32
C GLY C 56 -2.98 11.07 1.06
N TYR C 57 -4.28 11.35 1.03
CA TYR C 57 -4.88 12.00 -0.13
C TYR C 57 -4.24 13.37 -0.38
N GLY C 58 -4.07 14.15 0.69
CA GLY C 58 -3.47 15.48 0.58
C GLY C 58 -4.29 16.53 1.34
N ASP C 59 -5.24 16.05 2.15
CA ASP C 59 -6.07 16.97 2.91
C ASP C 59 -5.22 17.81 3.86
N ARG C 60 -4.31 17.13 4.55
CA ARG C 60 -3.41 17.80 5.51
C ARG C 60 -2.04 17.17 5.46
N TYR C 61 -1.06 17.82 6.06
CA TYR C 61 0.30 17.29 6.07
C TYR C 61 1.10 17.88 7.24
N PRO C 62 1.72 17.05 8.08
CA PRO C 62 2.50 17.56 9.25
C PRO C 62 3.80 18.24 8.81
N VAL C 63 4.26 19.18 9.64
CA VAL C 63 5.51 19.90 9.34
C VAL C 63 6.71 19.09 9.82
N THR C 64 7.65 19.77 10.49
CA THR C 64 8.84 19.10 11.01
C THR C 64 8.86 19.13 12.54
N GLU C 65 8.40 20.24 13.11
CA GLU C 65 8.39 20.39 14.56
C GLU C 65 7.38 19.41 15.18
N GLU C 66 6.35 19.05 14.41
CA GLU C 66 5.33 18.12 14.88
C GLU C 66 5.90 16.69 14.95
N GLY C 67 7.21 16.62 15.12
CA GLY C 67 7.88 15.35 15.23
C GLY C 67 7.34 14.37 14.21
N ARG C 68 7.54 14.65 12.90
CA ARG C 68 7.02 13.77 11.81
C ARG C 68 6.82 12.35 12.30
N LYS C 69 7.65 11.94 13.23
CA LYS C 69 7.53 10.64 13.82
C LYS C 69 6.07 10.42 14.26
N VAL C 70 5.29 11.51 14.46
CA VAL C 70 3.91 11.34 14.88
C VAL C 70 3.12 10.57 13.80
N ALA C 71 3.23 11.01 12.56
CA ALA C 71 2.55 10.34 11.45
C ALA C 71 3.20 8.99 11.14
N GLU C 72 4.52 8.95 11.26
CA GLU C 72 5.27 7.72 10.99
C GLU C 72 4.80 6.58 11.87
N GLN C 73 4.56 6.88 13.14
CA GLN C 73 4.11 5.85 14.08
C GLN C 73 2.73 5.31 13.68
N VAL C 74 1.84 6.20 13.26
CA VAL C 74 0.49 5.78 12.86
C VAL C 74 0.53 4.87 11.64
N MET C 75 1.34 5.23 10.65
CA MET C 75 1.42 4.44 9.42
C MET C 75 1.90 3.02 9.72
N LYS C 76 2.92 2.89 10.55
CA LYS C 76 3.46 1.59 10.90
C LYS C 76 2.41 0.77 11.67
N ALA C 77 1.68 1.45 12.55
CA ALA C 77 0.66 0.77 13.34
C ALA C 77 -0.40 0.15 12.45
N GLY C 78 -0.77 0.86 11.39
CA GLY C 78 -1.79 0.37 10.46
C GLY C 78 -1.31 -0.87 9.71
N ILE C 79 -0.04 -0.88 9.33
CA ILE C 79 0.51 -2.01 8.59
C ILE C 79 0.48 -3.28 9.44
N GLU C 80 0.86 -3.15 10.72
CA GLU C 80 0.90 -4.29 11.62
C GLU C 80 -0.47 -4.94 11.78
N VAL C 81 -1.48 -4.13 12.07
CA VAL C 81 -2.83 -4.65 12.26
C VAL C 81 -3.35 -5.33 11.00
N PHE C 82 -3.23 -4.64 9.86
CA PHE C 82 -3.71 -5.20 8.59
C PHE C 82 -2.84 -6.37 8.15
N ALA C 83 -1.53 -6.24 8.33
CA ALA C 83 -0.60 -7.30 7.93
C ALA C 83 -0.84 -8.56 8.77
N LEU C 84 -1.17 -8.37 10.04
CA LEU C 84 -1.42 -9.49 10.95
C LEU C 84 -2.60 -10.33 10.47
N VAL C 85 -3.66 -9.67 10.02
CA VAL C 85 -4.85 -10.39 9.56
C VAL C 85 -4.46 -11.55 8.66
N THR C 86 -3.26 -11.50 8.10
CA THR C 86 -2.77 -12.55 7.23
C THR C 86 -2.92 -13.91 7.89
N ALA C 87 -2.62 -13.96 9.19
CA ALA C 87 -2.72 -15.20 9.93
C ALA C 87 -4.07 -15.86 9.68
N ALA C 88 -5.08 -15.04 9.36
CA ALA C 88 -6.43 -15.56 9.09
C ALA C 88 -6.62 -15.82 7.61
N LEU C 89 -5.73 -15.25 6.78
CA LEU C 89 -5.80 -15.41 5.34
C LEU C 89 -5.04 -16.66 4.89
N ALA C 90 -3.85 -16.85 5.45
CA ALA C 90 -3.02 -18.00 5.10
C ALA C 90 -3.76 -19.31 5.34
N THR C 91 -4.73 -19.26 6.24
CA THR C 91 -5.52 -20.45 6.58
C THR C 91 -6.67 -20.62 5.60
N ASP C 92 -6.82 -19.65 4.71
CA ASP C 92 -7.91 -19.69 3.74
C ASP C 92 -7.81 -20.94 2.87
N PHE C 93 -6.60 -21.22 2.39
CA PHE C 93 -6.38 -22.39 1.54
C PHE C 93 -6.37 -23.67 2.36
N VAL C 94 -5.96 -23.56 3.62
CA VAL C 94 -5.88 -24.72 4.51
C VAL C 94 -7.24 -25.40 4.67
N ARG C 95 -8.28 -24.61 4.83
CA ARG C 95 -9.63 -25.17 5.01
C ARG C 95 -10.00 -26.10 3.85
N ARG C 96 -9.33 -25.94 2.71
CA ARG C 96 -9.63 -26.77 1.56
C ARG C 96 -9.61 -28.25 1.93
N GLU C 97 -8.64 -28.63 2.75
CA GLU C 97 -8.52 -30.02 3.19
C GLU C 97 -9.75 -30.44 3.99
N GLU C 98 -10.23 -29.56 4.85
CA GLU C 98 -11.40 -29.84 5.67
C GLU C 98 -12.64 -29.97 4.78
N GLU C 99 -12.69 -29.14 3.74
CA GLU C 99 -13.83 -29.16 2.82
C GLU C 99 -13.92 -30.50 2.10
N ARG C 100 -12.79 -31.17 1.95
CA ARG C 100 -12.76 -32.47 1.28
C ARG C 100 -13.67 -33.47 2.01
N ARG C 101 -13.56 -33.49 3.33
CA ARG C 101 -14.38 -34.39 4.14
C ARG C 101 -15.85 -34.02 4.03
N GLY C 102 -16.13 -32.72 3.98
CA GLY C 102 -17.51 -32.24 3.88
C GLY C 102 -18.13 -32.07 5.26
N HIS C 103 -17.29 -32.11 6.30
CA HIS C 103 -17.76 -31.94 7.67
C HIS C 103 -17.62 -30.49 8.11
N SER D 1 -11.93 -26.83 -12.38
CA SER D 1 -10.55 -26.28 -12.19
C SER D 1 -10.35 -25.92 -10.72
N ALA D 2 -9.50 -24.93 -10.47
CA ALA D 2 -9.22 -24.50 -9.11
C ALA D 2 -10.43 -23.77 -8.52
N ASP D 3 -10.83 -24.17 -7.32
CA ASP D 3 -11.97 -23.54 -6.65
C ASP D 3 -11.57 -22.19 -6.04
N HIS D 4 -10.36 -22.13 -5.51
CA HIS D 4 -9.88 -20.89 -4.89
C HIS D 4 -9.73 -19.78 -5.92
N GLU D 5 -9.34 -20.15 -7.14
CA GLU D 5 -9.17 -19.15 -8.20
C GLU D 5 -10.50 -18.49 -8.52
N ARG D 6 -11.57 -19.26 -8.51
CA ARG D 6 -12.90 -18.73 -8.80
C ARG D 6 -13.31 -17.71 -7.74
N GLU D 7 -12.98 -18.01 -6.49
CA GLU D 7 -13.32 -17.10 -5.39
C GLU D 7 -12.55 -15.80 -5.53
N ALA D 8 -11.29 -15.90 -5.92
CA ALA D 8 -10.45 -14.71 -6.09
C ALA D 8 -11.02 -13.79 -7.16
N GLN D 9 -11.40 -14.38 -8.30
CA GLN D 9 -11.96 -13.58 -9.39
C GLN D 9 -13.31 -12.97 -8.97
N LYS D 10 -14.11 -13.75 -8.26
CA LYS D 10 -15.41 -13.28 -7.81
C LYS D 10 -15.26 -12.11 -6.84
N ALA D 11 -14.21 -12.17 -6.02
CA ALA D 11 -13.96 -11.11 -5.04
C ALA D 11 -13.75 -9.76 -5.74
N GLU D 12 -13.10 -9.77 -6.89
CA GLU D 12 -12.85 -8.54 -7.63
C GLU D 12 -14.18 -7.91 -8.08
N GLU D 13 -15.12 -8.74 -8.51
CA GLU D 13 -16.40 -8.25 -8.96
C GLU D 13 -17.18 -7.63 -7.80
N GLU D 14 -17.04 -8.22 -6.61
CA GLU D 14 -17.73 -7.71 -5.44
C GLU D 14 -17.24 -6.31 -5.09
N LEU D 15 -15.95 -6.07 -5.29
CA LEU D 15 -15.38 -4.76 -4.99
C LEU D 15 -16.03 -3.68 -5.86
N GLN D 16 -16.24 -4.00 -7.13
CA GLN D 16 -16.84 -3.04 -8.05
C GLN D 16 -18.19 -2.57 -7.52
N LYS D 17 -19.00 -3.48 -7.03
CA LYS D 17 -20.31 -3.13 -6.50
C LYS D 17 -20.18 -2.21 -5.27
N VAL D 18 -19.22 -2.51 -4.42
CA VAL D 18 -19.03 -1.74 -3.19
C VAL D 18 -18.66 -0.28 -3.48
N LEU D 19 -17.69 -0.06 -4.36
CA LEU D 19 -17.28 1.29 -4.70
C LEU D 19 -18.31 1.96 -5.59
N GLU D 20 -19.02 1.18 -6.39
CA GLU D 20 -20.04 1.70 -7.28
C GLU D 20 -21.21 2.27 -6.47
N GLU D 21 -21.72 1.50 -5.52
CA GLU D 21 -22.82 1.95 -4.69
C GLU D 21 -22.39 3.18 -3.90
N ALA D 22 -21.16 3.14 -3.41
CA ALA D 22 -20.61 4.25 -2.65
C ALA D 22 -20.45 5.49 -3.53
N SER D 23 -20.13 5.27 -4.80
CA SER D 23 -19.94 6.39 -5.73
C SER D 23 -21.16 7.31 -5.72
N LYS D 24 -22.34 6.71 -5.78
CA LYS D 24 -23.57 7.50 -5.78
C LYS D 24 -23.70 8.27 -4.47
N LYS D 25 -23.32 7.62 -3.37
CA LYS D 25 -23.40 8.25 -2.05
C LYS D 25 -22.19 9.14 -1.81
N ALA D 26 -21.12 8.93 -2.57
CA ALA D 26 -19.91 9.74 -2.40
C ALA D 26 -20.22 11.22 -2.60
N VAL D 27 -20.90 11.54 -3.69
CA VAL D 27 -21.26 12.93 -3.96
C VAL D 27 -22.25 13.41 -2.90
N GLU D 28 -23.23 12.57 -2.60
CA GLU D 28 -24.24 12.92 -1.60
C GLU D 28 -23.58 13.14 -0.25
N ALA D 29 -22.49 12.43 -0.01
CA ALA D 29 -21.76 12.56 1.25
C ALA D 29 -21.29 13.99 1.45
N GLU D 30 -20.95 14.67 0.37
CA GLU D 30 -20.49 16.05 0.44
C GLU D 30 -21.58 16.95 0.98
N ARG D 31 -22.79 16.80 0.42
CA ARG D 31 -23.91 17.64 0.85
C ARG D 31 -23.97 17.70 2.39
N GLY D 32 -23.38 18.74 2.96
CA GLY D 32 -23.38 18.94 4.41
C GLY D 32 -21.97 19.15 4.94
N ALA D 33 -20.97 19.01 4.07
CA ALA D 33 -19.57 19.20 4.47
C ALA D 33 -19.04 20.54 3.95
N PRO D 34 -18.16 21.20 4.68
CA PRO D 34 -17.59 22.50 4.24
C PRO D 34 -16.53 22.35 3.13
N GLY D 35 -16.83 22.92 1.96
CA GLY D 35 -15.90 22.85 0.83
C GLY D 35 -16.39 21.83 -0.20
N ALA D 36 -17.20 20.88 0.25
CA ALA D 36 -17.74 19.86 -0.64
C ALA D 36 -16.64 19.25 -1.52
N ALA D 37 -16.37 19.90 -2.66
CA ALA D 37 -15.34 19.42 -3.58
C ALA D 37 -15.88 18.31 -4.49
N LEU D 38 -16.03 17.11 -3.94
CA LEU D 38 -16.52 15.98 -4.71
C LEU D 38 -18.02 16.14 -4.98
N ILE D 39 -18.40 17.29 -5.53
CA ILE D 39 -19.81 17.57 -5.85
C ILE D 39 -20.04 17.45 -7.35
N SER D 40 -20.78 16.42 -7.76
CA SER D 40 -21.07 16.21 -9.17
C SER D 40 -21.93 14.95 -9.35
N TYR D 41 -21.40 13.96 -10.07
CA TYR D 41 -22.13 12.72 -10.29
C TYR D 41 -21.31 11.78 -11.20
N PRO D 42 -21.13 12.14 -12.45
CA PRO D 42 -20.36 11.29 -13.41
C PRO D 42 -18.92 11.06 -12.92
N ASP D 43 -18.37 12.03 -12.19
CA ASP D 43 -17.02 11.92 -11.68
C ASP D 43 -16.99 11.15 -10.35
N ALA D 44 -18.17 10.89 -9.80
CA ALA D 44 -18.25 10.16 -8.54
C ALA D 44 -17.68 8.75 -8.69
N ILE D 45 -18.01 8.09 -9.79
CA ILE D 45 -17.52 6.75 -10.05
C ILE D 45 -16.02 6.76 -10.30
N TRP D 46 -15.55 7.77 -11.00
CA TRP D 46 -14.13 7.89 -11.30
C TRP D 46 -13.32 8.03 -10.00
N TRP D 47 -13.77 8.90 -9.11
CA TRP D 47 -13.07 9.07 -7.84
C TRP D 47 -13.28 7.84 -6.97
N SER D 48 -14.34 7.08 -7.27
CA SER D 48 -14.63 5.87 -6.49
C SER D 48 -13.66 4.74 -6.84
N VAL D 49 -13.34 4.60 -8.13
CA VAL D 49 -12.43 3.56 -8.58
C VAL D 49 -11.06 3.70 -7.93
N GLU D 50 -10.52 4.92 -7.96
CA GLU D 50 -9.21 5.17 -7.37
C GLU D 50 -9.28 5.00 -5.86
N THR D 51 -10.39 5.42 -5.26
CA THR D 51 -10.57 5.29 -3.83
C THR D 51 -10.56 3.83 -3.42
N ALA D 52 -11.27 2.99 -4.19
CA ALA D 52 -11.32 1.57 -3.90
C ALA D 52 -9.92 0.98 -3.92
N THR D 53 -9.03 1.63 -4.67
CA THR D 53 -7.64 1.18 -4.78
C THR D 53 -6.75 1.98 -3.82
N THR D 54 -7.40 2.75 -2.95
CA THR D 54 -6.67 3.56 -1.97
C THR D 54 -5.48 4.26 -2.61
N VAL D 55 -5.69 4.84 -3.79
CA VAL D 55 -4.62 5.55 -4.50
C VAL D 55 -4.55 7.00 -4.04
N GLY D 56 -5.67 7.71 -4.12
CA GLY D 56 -5.71 9.12 -3.71
C GLY D 56 -4.47 9.86 -4.19
N TYR D 57 -4.23 9.83 -5.50
CA TYR D 57 -3.05 10.49 -6.06
C TYR D 57 -3.11 11.99 -5.80
N GLY D 58 -4.30 12.57 -5.96
CA GLY D 58 -4.47 14.00 -5.74
C GLY D 58 -5.72 14.53 -6.44
N ASP D 59 -6.26 13.72 -7.36
CA ASP D 59 -7.46 14.11 -8.10
C ASP D 59 -8.46 14.81 -7.19
N ARG D 60 -9.32 14.02 -6.55
CA ARG D 60 -10.34 14.56 -5.64
C ARG D 60 -10.33 13.78 -4.33
N TYR D 61 -10.81 14.41 -3.26
CA TYR D 61 -10.86 13.76 -1.95
C TYR D 61 -12.04 14.26 -1.13
N PRO D 62 -12.54 13.46 -0.22
CA PRO D 62 -13.69 13.86 0.64
C PRO D 62 -13.31 14.96 1.64
N VAL D 63 -14.31 15.66 2.15
CA VAL D 63 -14.08 16.74 3.12
C VAL D 63 -14.11 16.19 4.54
N THR D 64 -15.07 16.65 5.34
CA THR D 64 -15.20 16.22 6.74
C THR D 64 -16.51 15.48 6.95
N GLU D 65 -17.61 16.23 7.05
CA GLU D 65 -18.91 15.63 7.26
C GLU D 65 -19.08 14.47 6.30
N GLU D 66 -19.30 13.28 6.85
CA GLU D 66 -19.47 12.09 6.03
C GLU D 66 -18.27 11.93 5.12
N GLY D 67 -18.41 12.40 3.87
CA GLY D 67 -17.36 12.38 2.84
C GLY D 67 -16.28 11.34 3.09
N ARG D 68 -15.66 11.43 4.26
CA ARG D 68 -14.61 10.51 4.66
C ARG D 68 -15.20 9.22 5.15
N LYS D 69 -16.04 9.31 6.18
CA LYS D 69 -16.67 8.12 6.72
C LYS D 69 -17.16 7.25 5.57
N VAL D 70 -17.71 7.89 4.54
CA VAL D 70 -18.17 7.14 3.37
C VAL D 70 -16.98 6.56 2.61
N ALA D 71 -15.96 7.38 2.38
CA ALA D 71 -14.78 6.94 1.65
C ALA D 71 -14.03 5.87 2.43
N GLU D 72 -13.78 6.16 3.70
CA GLU D 72 -13.07 5.24 4.59
C GLU D 72 -13.58 3.81 4.41
N GLN D 73 -14.90 3.66 4.33
CA GLN D 73 -15.49 2.34 4.18
C GLN D 73 -15.14 1.71 2.82
N VAL D 74 -15.16 2.52 1.77
CA VAL D 74 -14.87 2.01 0.43
C VAL D 74 -13.44 1.45 0.34
N MET D 75 -12.47 2.23 0.82
CA MET D 75 -11.07 1.81 0.77
C MET D 75 -10.85 0.54 1.59
N LYS D 76 -11.50 0.45 2.73
CA LYS D 76 -11.35 -0.71 3.61
C LYS D 76 -11.82 -1.98 2.89
N ALA D 77 -12.96 -1.89 2.20
CA ALA D 77 -13.49 -3.03 1.48
C ALA D 77 -12.54 -3.45 0.35
N GLY D 78 -11.95 -2.48 -0.32
CA GLY D 78 -11.03 -2.75 -1.41
C GLY D 78 -9.76 -3.46 -0.91
N ILE D 79 -9.24 -3.02 0.23
CA ILE D 79 -8.03 -3.61 0.78
C ILE D 79 -8.24 -5.08 1.14
N GLU D 80 -9.37 -5.39 1.75
CA GLU D 80 -9.66 -6.77 2.15
C GLU D 80 -9.78 -7.67 0.93
N VAL D 81 -10.39 -7.16 -0.14
CA VAL D 81 -10.57 -7.93 -1.36
C VAL D 81 -9.23 -8.32 -1.99
N PHE D 82 -8.31 -7.36 -2.08
CA PHE D 82 -7.01 -7.61 -2.68
C PHE D 82 -6.17 -8.50 -1.77
N ALA D 83 -6.66 -8.75 -0.55
CA ALA D 83 -5.94 -9.60 0.41
C ALA D 83 -6.59 -10.98 0.45
N LEU D 84 -7.88 -11.04 0.15
CA LEU D 84 -8.59 -12.32 0.15
C LEU D 84 -8.05 -13.23 -0.92
N VAL D 85 -7.69 -12.65 -2.07
CA VAL D 85 -7.15 -13.43 -3.18
C VAL D 85 -5.98 -14.30 -2.70
N THR D 86 -5.60 -14.11 -1.44
CA THR D 86 -4.50 -14.88 -0.88
C THR D 86 -4.82 -16.37 -0.94
N ALA D 87 -6.05 -16.72 -0.62
CA ALA D 87 -6.48 -18.11 -0.65
C ALA D 87 -5.94 -18.82 -1.90
N ALA D 88 -5.56 -18.03 -2.90
CA ALA D 88 -5.02 -18.58 -4.15
C ALA D 88 -3.49 -18.43 -4.17
N LEU D 89 -3.00 -17.36 -3.55
CA LEU D 89 -1.57 -17.12 -3.49
C LEU D 89 -0.87 -18.13 -2.58
N ALA D 90 -1.53 -18.47 -1.48
CA ALA D 90 -0.97 -19.42 -0.52
C ALA D 90 -0.72 -20.77 -1.18
N THR D 91 -1.73 -21.27 -1.89
CA THR D 91 -1.61 -22.55 -2.57
C THR D 91 -0.56 -22.46 -3.67
N ASP D 92 -0.12 -21.25 -3.99
CA ASP D 92 0.87 -21.05 -5.04
C ASP D 92 2.17 -21.78 -4.70
N PHE D 93 2.66 -21.59 -3.47
CA PHE D 93 3.90 -22.24 -3.04
C PHE D 93 3.66 -23.72 -2.72
N VAL D 94 2.42 -24.07 -2.41
CA VAL D 94 2.08 -25.44 -2.07
C VAL D 94 2.38 -26.38 -3.24
N ARG D 95 2.04 -25.95 -4.45
CA ARG D 95 2.27 -26.77 -5.64
C ARG D 95 3.72 -27.25 -5.68
N ARG D 96 4.60 -26.55 -4.96
CA ARG D 96 6.02 -26.93 -4.93
C ARG D 96 6.17 -28.37 -4.48
N GLU D 97 5.41 -28.75 -3.45
CA GLU D 97 5.47 -30.11 -2.94
C GLU D 97 4.59 -31.01 -3.81
N GLU D 98 4.54 -32.30 -3.46
CA GLU D 98 3.74 -33.29 -4.20
C GLU D 98 4.29 -33.47 -5.61
N GLU D 99 4.57 -32.36 -6.28
CA GLU D 99 5.09 -32.41 -7.63
C GLU D 99 6.49 -33.01 -7.64
N ARG D 100 7.31 -32.59 -6.68
CA ARG D 100 8.67 -33.09 -6.56
C ARG D 100 8.67 -34.55 -6.10
N ARG D 101 7.76 -34.88 -5.19
CA ARG D 101 7.65 -36.22 -4.68
C ARG D 101 6.40 -36.90 -5.23
N GLY D 102 6.60 -37.94 -6.03
CA GLY D 102 5.49 -38.68 -6.64
C GLY D 102 5.32 -38.32 -8.11
N HIS D 103 5.94 -37.22 -8.52
CA HIS D 103 5.87 -36.78 -9.91
C HIS D 103 7.13 -36.03 -10.32
N SER A 1 19.56 -19.81 -9.62
CA SER A 1 19.33 -19.93 -8.15
C SER A 1 18.51 -21.18 -7.86
N ALA A 2 17.69 -21.10 -6.82
CA ALA A 2 16.84 -22.23 -6.44
C ALA A 2 15.98 -22.68 -7.63
N ASP A 3 14.70 -22.31 -7.61
CA ASP A 3 13.80 -22.67 -8.68
C ASP A 3 12.54 -21.80 -8.64
N HIS A 4 12.08 -21.48 -7.43
CA HIS A 4 10.90 -20.65 -7.26
C HIS A 4 11.25 -19.17 -7.41
N GLU A 5 12.50 -18.83 -7.12
CA GLU A 5 12.96 -17.46 -7.21
C GLU A 5 12.97 -17.01 -8.67
N ARG A 6 13.24 -17.94 -9.57
CA ARG A 6 13.28 -17.64 -11.00
C ARG A 6 11.93 -17.11 -11.46
N GLU A 7 10.86 -17.76 -11.00
CA GLU A 7 9.52 -17.34 -11.38
C GLU A 7 9.25 -15.93 -10.88
N ALA A 8 9.60 -15.67 -9.62
CA ALA A 8 9.39 -14.35 -9.04
C ALA A 8 10.28 -13.32 -9.73
N GLN A 9 11.51 -13.72 -10.04
CA GLN A 9 12.45 -12.83 -10.70
C GLN A 9 11.96 -12.48 -12.09
N LYS A 10 11.39 -13.46 -12.78
CA LYS A 10 10.88 -13.23 -14.12
C LYS A 10 9.71 -12.26 -14.09
N ALA A 11 8.90 -12.36 -13.04
CA ALA A 11 7.74 -11.48 -12.89
C ALA A 11 8.15 -10.02 -12.84
N GLU A 12 9.37 -9.75 -12.38
CA GLU A 12 9.85 -8.38 -12.29
C GLU A 12 9.95 -7.74 -13.67
N GLU A 13 10.40 -8.53 -14.64
CA GLU A 13 10.53 -8.04 -16.01
C GLU A 13 9.16 -7.73 -16.60
N GLU A 14 8.17 -8.52 -16.23
CA GLU A 14 6.82 -8.32 -16.74
C GLU A 14 6.29 -6.95 -16.32
N LEU A 15 6.64 -6.53 -15.10
CA LEU A 15 6.18 -5.23 -14.60
C LEU A 15 6.71 -4.11 -15.46
N GLN A 16 7.98 -4.20 -15.84
CA GLN A 16 8.60 -3.17 -16.67
C GLN A 16 7.89 -3.04 -18.00
N LYS A 17 7.37 -4.14 -18.52
CA LYS A 17 6.68 -4.13 -19.80
C LYS A 17 5.45 -3.22 -19.75
N VAL A 18 4.67 -3.34 -18.69
CA VAL A 18 3.46 -2.53 -18.53
C VAL A 18 3.82 -1.06 -18.43
N LEU A 19 4.88 -0.76 -17.70
CA LEU A 19 5.30 0.62 -17.53
C LEU A 19 5.61 1.24 -18.89
N GLU A 20 6.27 0.48 -19.75
CA GLU A 20 6.59 0.97 -21.08
C GLU A 20 5.31 1.30 -21.84
N GLU A 21 4.34 0.38 -21.79
CA GLU A 21 3.07 0.58 -22.46
C GLU A 21 2.29 1.70 -21.76
N ALA A 22 2.44 1.77 -20.44
CA ALA A 22 1.74 2.79 -19.66
C ALA A 22 2.21 4.18 -20.06
N SER A 23 3.50 4.32 -20.34
CA SER A 23 4.04 5.61 -20.72
C SER A 23 3.34 6.12 -21.98
N LYS A 24 3.17 5.22 -22.94
CA LYS A 24 2.50 5.59 -24.18
C LYS A 24 1.03 5.92 -23.91
N LYS A 25 0.40 5.15 -23.05
CA LYS A 25 -1.01 5.38 -22.73
C LYS A 25 -1.18 6.70 -21.99
N ALA A 26 -0.28 6.99 -21.05
CA ALA A 26 -0.38 8.23 -20.28
C ALA A 26 -0.28 9.46 -21.15
N VAL A 27 0.78 9.55 -21.97
CA VAL A 27 0.95 10.70 -22.83
C VAL A 27 -0.21 10.80 -23.81
N GLU A 28 -0.55 9.66 -24.41
CA GLU A 28 -1.65 9.61 -25.36
C GLU A 28 -2.98 9.87 -24.65
N ALA A 29 -3.12 9.32 -23.45
CA ALA A 29 -4.34 9.51 -22.67
C ALA A 29 -4.54 10.99 -22.35
N GLU A 30 -3.48 11.62 -21.85
CA GLU A 30 -3.56 13.03 -21.49
C GLU A 30 -3.66 13.91 -22.74
N ARG A 31 -2.90 13.57 -23.77
CA ARG A 31 -2.91 14.35 -25.00
C ARG A 31 -4.33 14.47 -25.53
N GLY A 32 -5.02 15.53 -25.12
CA GLY A 32 -6.39 15.77 -25.57
C GLY A 32 -7.37 15.83 -24.40
N ALA A 33 -6.83 15.74 -23.18
CA ALA A 33 -7.67 15.79 -21.99
C ALA A 33 -7.61 17.17 -21.33
N PRO A 34 -8.72 17.86 -21.15
CA PRO A 34 -8.72 19.22 -20.53
C PRO A 34 -8.51 19.16 -19.01
N GLY A 35 -7.76 20.12 -18.48
CA GLY A 35 -7.49 20.18 -17.05
C GLY A 35 -6.46 19.13 -16.64
N ALA A 36 -5.76 18.57 -17.62
CA ALA A 36 -4.75 17.55 -17.35
C ALA A 36 -3.48 18.19 -16.80
N ALA A 37 -2.38 17.44 -16.86
CA ALA A 37 -1.10 17.95 -16.37
C ALA A 37 0.03 17.00 -16.73
N LEU A 38 -0.33 15.86 -17.33
CA LEU A 38 0.67 14.86 -17.72
C LEU A 38 0.98 15.00 -19.21
N ILE A 39 1.96 15.85 -19.52
CA ILE A 39 2.38 16.08 -20.91
C ILE A 39 3.86 15.77 -21.07
N SER A 40 4.30 15.65 -22.32
CA SER A 40 5.70 15.34 -22.60
C SER A 40 5.96 13.83 -22.49
N TYR A 41 6.69 13.28 -23.45
CA TYR A 41 7.02 11.86 -23.45
C TYR A 41 8.11 11.53 -22.41
N PRO A 42 9.20 12.29 -22.33
CA PRO A 42 10.29 12.00 -21.33
C PRO A 42 9.78 12.05 -19.89
N ASP A 43 8.73 12.84 -19.64
CA ASP A 43 8.18 12.97 -18.29
C ASP A 43 7.10 11.91 -18.05
N ALA A 44 6.43 11.48 -19.12
CA ALA A 44 5.38 10.47 -18.99
C ALA A 44 5.97 9.14 -18.57
N ILE A 45 7.15 8.82 -19.09
CA ILE A 45 7.81 7.57 -18.74
C ILE A 45 8.17 7.57 -17.26
N TRP A 46 8.67 8.70 -16.78
CA TRP A 46 9.04 8.81 -15.38
C TRP A 46 7.81 8.63 -14.49
N TRP A 47 6.70 9.22 -14.91
CA TRP A 47 5.46 9.09 -14.15
C TRP A 47 5.07 7.62 -14.06
N SER A 48 5.26 6.89 -15.14
CA SER A 48 4.91 5.47 -15.13
C SER A 48 5.64 4.74 -13.99
N VAL A 49 6.89 5.14 -13.73
CA VAL A 49 7.66 4.49 -12.66
C VAL A 49 7.31 5.07 -11.29
N GLU A 50 6.12 4.76 -10.80
CA GLU A 50 5.68 5.22 -9.49
C GLU A 50 4.34 4.58 -9.15
N THR A 51 3.47 4.47 -10.14
CA THR A 51 2.15 3.88 -9.94
C THR A 51 2.30 2.39 -9.68
N ALA A 52 3.20 1.74 -10.39
CA ALA A 52 3.42 0.31 -10.22
C ALA A 52 3.78 -0.01 -8.77
N THR A 53 4.31 0.98 -8.06
CA THR A 53 4.68 0.80 -6.66
C THR A 53 3.46 1.06 -5.77
N THR A 54 2.36 1.45 -6.41
CA THR A 54 1.12 1.74 -5.70
C THR A 54 1.35 2.72 -4.55
N VAL A 55 2.21 3.71 -4.77
CA VAL A 55 2.51 4.71 -3.74
C VAL A 55 1.78 6.02 -4.02
N GLY A 56 1.65 6.36 -5.31
CA GLY A 56 0.96 7.60 -5.69
C GLY A 56 1.55 8.81 -4.98
N TYR A 57 2.73 9.23 -5.41
CA TYR A 57 3.40 10.38 -4.81
C TYR A 57 2.55 11.65 -5.01
N GLY A 58 2.04 11.82 -6.22
CA GLY A 58 1.22 12.99 -6.54
C GLY A 58 1.92 13.85 -7.59
N ASP A 59 2.86 13.26 -8.31
CA ASP A 59 3.60 13.99 -9.34
C ASP A 59 2.65 14.47 -10.43
N ARG A 60 1.69 13.61 -10.80
CA ARG A 60 0.73 13.94 -11.85
C ARG A 60 -0.69 13.61 -11.39
N TYR A 61 -1.68 14.15 -12.10
CA TYR A 61 -3.08 13.90 -11.73
C TYR A 61 -3.98 13.98 -12.97
N PRO A 62 -4.22 12.88 -13.66
CA PRO A 62 -5.08 12.89 -14.89
C PRO A 62 -6.55 13.14 -14.55
N VAL A 63 -7.35 13.45 -15.58
CA VAL A 63 -8.78 13.71 -15.39
C VAL A 63 -9.59 12.47 -15.72
N THR A 64 -10.55 12.60 -16.64
CA THR A 64 -11.40 11.48 -17.04
C THR A 64 -11.17 11.09 -18.50
N GLU A 65 -10.94 12.07 -19.35
CA GLU A 65 -10.72 11.79 -20.77
C GLU A 65 -9.52 10.84 -20.93
N GLU A 66 -8.61 10.88 -19.95
CA GLU A 66 -7.42 10.04 -19.96
C GLU A 66 -7.75 8.68 -19.31
N GLY A 67 -9.02 8.32 -19.47
CA GLY A 67 -9.49 7.05 -18.98
C GLY A 67 -8.84 6.69 -17.65
N ARG A 68 -9.13 7.46 -16.58
CA ARG A 68 -8.55 7.22 -15.24
C ARG A 68 -8.10 5.77 -15.08
N LYS A 69 -8.81 4.88 -15.76
CA LYS A 69 -8.47 3.48 -15.73
C LYS A 69 -7.02 3.31 -16.20
N VAL A 70 -6.42 4.36 -16.77
CA VAL A 70 -5.05 4.25 -17.22
C VAL A 70 -4.13 3.92 -16.04
N ALA A 71 -4.28 4.66 -14.95
CA ALA A 71 -3.47 4.42 -13.76
C ALA A 71 -3.92 3.16 -13.05
N GLU A 72 -5.23 2.93 -13.03
CA GLU A 72 -5.77 1.75 -12.37
C GLU A 72 -5.15 0.48 -12.95
N GLN A 73 -4.96 0.46 -14.26
CA GLN A 73 -4.38 -0.71 -14.92
C GLN A 73 -2.93 -0.93 -14.46
N VAL A 74 -2.16 0.15 -14.36
CA VAL A 74 -0.75 0.01 -13.96
C VAL A 74 -0.64 -0.54 -12.53
N MET A 75 -1.43 0.03 -11.62
CA MET A 75 -1.39 -0.40 -10.22
C MET A 75 -1.84 -1.85 -10.10
N LYS A 76 -2.87 -2.22 -10.85
CA LYS A 76 -3.38 -3.58 -10.80
C LYS A 76 -2.31 -4.58 -11.23
N ALA A 77 -1.61 -4.26 -12.32
CA ALA A 77 -0.54 -5.13 -12.82
C ALA A 77 0.59 -5.23 -11.81
N GLY A 78 0.91 -4.11 -11.17
CA GLY A 78 1.99 -4.10 -10.19
C GLY A 78 1.68 -5.01 -9.02
N ILE A 79 0.45 -4.92 -8.52
CA ILE A 79 0.03 -5.74 -7.40
C ILE A 79 0.10 -7.23 -7.75
N GLU A 80 -0.34 -7.56 -8.94
CA GLU A 80 -0.30 -8.96 -9.38
C GLU A 80 1.13 -9.48 -9.39
N VAL A 81 2.06 -8.65 -9.86
CA VAL A 81 3.45 -9.05 -9.90
C VAL A 81 4.03 -9.22 -8.50
N PHE A 82 3.92 -8.18 -7.68
CA PHE A 82 4.45 -8.22 -6.32
C PHE A 82 3.74 -9.29 -5.49
N ALA A 83 2.42 -9.39 -5.65
CA ALA A 83 1.65 -10.36 -4.90
C ALA A 83 2.05 -11.78 -5.29
N LEU A 84 2.31 -11.99 -6.57
CA LEU A 84 2.70 -13.31 -7.07
C LEU A 84 4.00 -13.79 -6.45
N VAL A 85 4.97 -12.89 -6.31
CA VAL A 85 6.25 -13.26 -5.73
C VAL A 85 6.04 -14.02 -4.42
N THR A 86 4.82 -14.01 -3.92
CA THR A 86 4.51 -14.72 -2.68
C THR A 86 5.01 -16.16 -2.75
N ALA A 87 4.76 -16.80 -3.89
CA ALA A 87 5.21 -18.18 -4.08
C ALA A 87 6.62 -18.38 -3.56
N ALA A 88 7.35 -17.28 -3.41
CA ALA A 88 8.73 -17.34 -2.90
C ALA A 88 8.81 -16.85 -1.45
N LEU A 89 7.95 -15.89 -1.12
CA LEU A 89 7.94 -15.34 0.24
C LEU A 89 7.39 -16.36 1.24
N ALA A 90 6.37 -17.11 0.85
CA ALA A 90 5.76 -18.11 1.73
C ALA A 90 6.78 -19.17 2.13
N THR A 91 7.47 -19.70 1.13
CA THR A 91 8.47 -20.74 1.37
C THR A 91 9.61 -20.20 2.24
N ASP A 92 9.54 -18.90 2.57
CA ASP A 92 10.58 -18.29 3.40
C ASP A 92 10.65 -18.96 4.77
N PHE A 93 9.50 -19.25 5.36
CA PHE A 93 9.46 -19.87 6.68
C PHE A 93 9.54 -21.40 6.58
N VAL A 94 9.13 -21.94 5.44
CA VAL A 94 9.15 -23.39 5.25
C VAL A 94 10.55 -23.96 5.48
N ARG A 95 11.57 -23.15 5.21
CA ARG A 95 12.95 -23.59 5.42
C ARG A 95 13.24 -23.84 6.90
N ARG A 96 12.43 -23.22 7.77
CA ARG A 96 12.62 -23.38 9.20
C ARG A 96 12.73 -24.85 9.59
N GLU A 97 11.89 -25.69 8.99
CA GLU A 97 11.93 -27.11 9.29
C GLU A 97 13.25 -27.70 8.81
N GLU A 98 13.69 -27.25 7.64
CA GLU A 98 14.95 -27.74 7.07
C GLU A 98 16.12 -26.97 7.67
N GLU A 99 17.32 -27.20 7.11
CA GLU A 99 18.53 -26.54 7.59
C GLU A 99 18.81 -26.91 9.05
N ARG A 100 17.94 -26.46 9.94
CA ARG A 100 18.10 -26.74 11.36
C ARG A 100 18.18 -28.25 11.59
N ARG A 101 17.28 -28.99 10.94
CA ARG A 101 17.26 -30.45 11.08
C ARG A 101 18.35 -31.09 10.23
N GLY A 102 18.87 -30.31 9.28
CA GLY A 102 19.94 -30.81 8.41
C GLY A 102 19.38 -31.77 7.35
N HIS A 103 18.08 -31.65 7.09
CA HIS A 103 17.44 -32.51 6.09
C HIS A 103 16.18 -31.84 5.55
N SER B 1 11.41 -13.57 18.61
CA SER B 1 11.46 -14.46 19.80
C SER B 1 11.99 -15.83 19.39
N ALA B 2 11.13 -16.62 18.75
CA ALA B 2 11.53 -17.94 18.31
C ALA B 2 12.73 -17.87 17.37
N ASP B 3 12.49 -18.05 16.07
CA ASP B 3 13.57 -17.99 15.07
C ASP B 3 13.14 -17.17 13.86
N HIS B 4 12.01 -17.55 13.26
CA HIS B 4 11.50 -16.84 12.09
C HIS B 4 11.11 -15.41 12.47
N GLU B 5 10.65 -15.24 13.71
CA GLU B 5 10.23 -13.93 14.18
C GLU B 5 11.42 -12.97 14.24
N ARG B 6 12.58 -13.49 14.60
CA ARG B 6 13.78 -12.67 14.70
C ARG B 6 14.16 -12.11 13.33
N GLU B 7 14.01 -12.93 12.30
CA GLU B 7 14.35 -12.50 10.95
C GLU B 7 13.46 -11.33 10.54
N ALA B 8 12.19 -11.42 10.90
CA ALA B 8 11.24 -10.36 10.58
C ALA B 8 11.63 -9.06 11.26
N GLN B 9 12.06 -9.15 12.51
CA GLN B 9 12.46 -7.96 13.26
C GLN B 9 13.74 -7.38 12.69
N LYS B 10 14.64 -8.25 12.26
CA LYS B 10 15.91 -7.81 11.68
C LYS B 10 15.67 -7.00 10.43
N ALA B 11 14.68 -7.40 9.63
CA ALA B 11 14.36 -6.71 8.39
C ALA B 11 13.98 -5.25 8.67
N GLU B 12 13.25 -5.03 9.75
CA GLU B 12 12.83 -3.68 10.10
C GLU B 12 14.04 -2.79 10.39
N GLU B 13 15.03 -3.35 11.07
CA GLU B 13 16.24 -2.60 11.39
C GLU B 13 17.00 -2.24 10.11
N GLU B 14 17.01 -3.17 9.17
CA GLU B 14 17.71 -2.95 7.90
C GLU B 14 17.07 -1.79 7.15
N LEU B 15 15.76 -1.63 7.32
CA LEU B 15 15.04 -0.55 6.64
C LEU B 15 15.56 0.81 7.11
N GLN B 16 15.80 0.94 8.40
CA GLN B 16 16.29 2.19 8.96
C GLN B 16 17.62 2.59 8.30
N LYS B 17 18.48 1.60 8.05
CA LYS B 17 19.77 1.87 7.43
C LYS B 17 19.59 2.46 6.02
N VAL B 18 18.58 1.96 5.30
CA VAL B 18 18.32 2.44 3.95
C VAL B 18 17.92 3.91 3.96
N LEU B 19 17.22 4.33 5.01
CA LEU B 19 16.81 5.72 5.12
C LEU B 19 18.02 6.63 5.14
N GLU B 20 19.06 6.20 5.86
CA GLU B 20 20.28 6.97 5.93
C GLU B 20 20.87 7.15 4.54
N GLU B 21 20.94 6.05 3.79
CA GLU B 21 21.47 6.10 2.43
C GLU B 21 20.48 6.81 1.51
N ALA B 22 19.19 6.67 1.81
CA ALA B 22 18.16 7.32 1.01
C ALA B 22 18.40 8.82 0.94
N SER B 23 18.67 9.42 2.10
CA SER B 23 18.92 10.86 2.16
C SER B 23 20.12 11.24 1.31
N LYS B 24 21.19 10.45 1.40
CA LYS B 24 22.39 10.73 0.61
C LYS B 24 22.05 10.76 -0.87
N LYS B 25 21.48 9.68 -1.38
CA LYS B 25 21.12 9.61 -2.78
C LYS B 25 20.09 10.68 -3.13
N ALA B 26 19.07 10.84 -2.27
CA ALA B 26 18.03 11.84 -2.52
C ALA B 26 18.59 13.27 -2.54
N VAL B 27 19.39 13.61 -1.54
CA VAL B 27 19.97 14.94 -1.46
C VAL B 27 20.94 15.16 -2.62
N GLU B 28 21.74 14.15 -2.90
CA GLU B 28 22.74 14.23 -3.97
C GLU B 28 22.06 14.24 -5.34
N ALA B 29 21.07 13.37 -5.50
CA ALA B 29 20.34 13.30 -6.77
C ALA B 29 19.62 14.61 -7.04
N GLU B 30 19.04 15.20 -6.01
CA GLU B 30 18.33 16.47 -6.17
C GLU B 30 19.32 17.60 -6.38
N ARG B 31 20.56 17.42 -5.94
CA ARG B 31 21.57 18.44 -6.09
C ARG B 31 22.09 18.46 -7.51
N GLY B 32 21.97 19.62 -8.15
CA GLY B 32 22.45 19.80 -9.53
C GLY B 32 21.32 19.65 -10.54
N ALA B 33 20.10 19.45 -10.03
CA ALA B 33 18.93 19.30 -10.90
C ALA B 33 18.09 20.58 -10.91
N PRO B 34 17.41 20.88 -12.00
CA PRO B 34 16.57 22.11 -12.08
C PRO B 34 15.27 21.98 -11.31
N GLY B 35 14.83 23.09 -10.69
CA GLY B 35 13.59 23.09 -9.94
C GLY B 35 13.69 22.18 -8.71
N ALA B 36 14.90 22.03 -8.18
CA ALA B 36 15.11 21.19 -7.01
C ALA B 36 14.29 21.72 -5.83
N ALA B 37 13.70 20.79 -5.07
CA ALA B 37 12.89 21.16 -3.91
C ALA B 37 13.26 20.28 -2.73
N LEU B 38 13.47 19.00 -2.99
CA LEU B 38 13.85 18.06 -1.93
C LEU B 38 15.25 18.38 -1.41
N ILE B 39 16.03 19.08 -2.22
CA ILE B 39 17.39 19.45 -1.84
C ILE B 39 17.41 19.95 -0.40
N SER B 40 18.05 19.16 0.48
CA SER B 40 18.15 19.52 1.89
C SER B 40 18.56 18.32 2.73
N TYR B 41 19.78 18.35 3.23
CA TYR B 41 20.29 17.26 4.07
C TYR B 41 19.39 17.03 5.29
N PRO B 42 19.22 18.03 6.13
CA PRO B 42 18.38 17.89 7.36
C PRO B 42 16.94 17.48 7.05
N ASP B 43 16.40 17.97 5.94
CA ASP B 43 15.03 17.65 5.57
C ASP B 43 14.99 16.38 4.70
N ALA B 44 16.13 16.05 4.09
CA ALA B 44 16.20 14.86 3.24
C ALA B 44 15.92 13.61 4.07
N ILE B 45 16.44 13.58 5.28
CA ILE B 45 16.23 12.45 6.17
C ILE B 45 14.76 12.36 6.58
N TRP B 46 14.14 13.50 6.79
CA TRP B 46 12.74 13.54 7.18
C TRP B 46 11.85 12.99 6.07
N TRP B 47 12.09 13.44 4.84
CA TRP B 47 11.31 12.96 3.71
C TRP B 47 11.53 11.46 3.52
N SER B 48 12.78 11.01 3.68
CA SER B 48 13.10 9.61 3.51
C SER B 48 12.15 8.73 4.30
N VAL B 49 11.54 9.30 5.33
CA VAL B 49 10.62 8.54 6.18
C VAL B 49 9.23 8.47 5.56
N GLU B 50 8.91 9.39 4.65
CA GLU B 50 7.59 9.40 4.02
C GLU B 50 7.61 8.63 2.70
N THR B 51 8.63 7.80 2.51
CA THR B 51 8.76 7.01 1.27
C THR B 51 8.98 5.53 1.59
N ALA B 52 9.78 5.26 2.62
CA ALA B 52 10.07 3.88 2.98
C ALA B 52 8.80 3.14 3.41
N THR B 53 7.85 3.87 3.95
CA THR B 53 6.58 3.26 4.40
C THR B 53 5.55 3.26 3.27
N THR B 54 6.00 3.61 2.07
CA THR B 54 5.10 3.64 0.91
C THR B 54 3.85 4.46 1.23
N VAL B 55 4.04 5.59 1.91
CA VAL B 55 2.93 6.46 2.27
C VAL B 55 2.78 7.60 1.26
N GLY B 56 3.90 8.22 0.90
CA GLY B 56 3.88 9.33 -0.06
C GLY B 56 2.71 10.27 0.23
N TYR B 57 2.75 10.90 1.39
CA TYR B 57 1.67 11.81 1.79
C TYR B 57 1.53 12.97 0.81
N GLY B 58 2.66 13.58 0.46
CA GLY B 58 2.67 14.71 -0.47
C GLY B 58 3.60 15.82 0.02
N ASP B 59 4.39 15.52 1.05
CA ASP B 59 5.32 16.50 1.61
C ASP B 59 6.27 17.01 0.52
N ARG B 60 7.12 16.12 0.03
CA ARG B 60 8.09 16.47 -1.01
C ARG B 60 8.14 15.37 -2.06
N TYR B 61 8.29 15.76 -3.32
CA TYR B 61 8.36 14.80 -4.43
C TYR B 61 9.62 15.03 -5.27
N PRO B 62 10.33 13.99 -5.65
CA PRO B 62 11.57 14.14 -6.48
C PRO B 62 11.27 14.61 -7.90
N VAL B 63 12.30 15.08 -8.60
CA VAL B 63 12.14 15.55 -9.98
C VAL B 63 12.41 14.40 -10.96
N THR B 64 13.08 14.71 -12.07
CA THR B 64 13.39 13.70 -13.08
C THR B 64 14.90 13.45 -13.18
N GLU B 65 15.68 14.53 -13.10
CA GLU B 65 17.13 14.41 -13.19
C GLU B 65 17.69 13.67 -11.98
N GLU B 66 17.04 13.84 -10.83
CA GLU B 66 17.47 13.17 -9.61
C GLU B 66 17.17 11.65 -9.71
N GLY B 67 17.22 11.18 -10.94
CA GLY B 67 17.02 9.77 -11.22
C GLY B 67 15.90 9.21 -10.36
N ARG B 68 14.65 9.68 -10.55
CA ARG B 68 13.49 9.21 -9.75
C ARG B 68 13.73 7.81 -9.21
N LYS B 69 14.45 7.01 -9.99
CA LYS B 69 14.81 5.68 -9.55
C LYS B 69 15.39 5.78 -8.13
N VAL B 70 15.83 6.98 -7.72
CA VAL B 70 16.37 7.15 -6.39
C VAL B 70 15.30 6.86 -5.35
N ALA B 71 14.11 7.42 -5.57
CA ALA B 71 12.99 7.20 -4.67
C ALA B 71 12.46 5.79 -4.85
N GLU B 72 12.49 5.31 -6.08
CA GLU B 72 12.00 3.97 -6.37
C GLU B 72 12.76 2.95 -5.54
N GLN B 73 14.07 3.15 -5.43
CA GLN B 73 14.89 2.24 -4.64
C GLN B 73 14.49 2.27 -3.17
N VAL B 74 14.25 3.47 -2.64
CA VAL B 74 13.87 3.59 -1.23
C VAL B 74 12.52 2.95 -0.95
N MET B 75 11.53 3.24 -1.80
CA MET B 75 10.20 2.67 -1.63
C MET B 75 10.23 1.15 -1.81
N LYS B 76 11.01 0.69 -2.79
CA LYS B 76 11.11 -0.74 -3.06
C LYS B 76 11.74 -1.46 -1.87
N ALA B 77 12.73 -0.82 -1.25
CA ALA B 77 13.40 -1.42 -0.10
C ALA B 77 12.42 -1.64 1.04
N GLY B 78 11.52 -0.67 1.25
CA GLY B 78 10.54 -0.78 2.30
C GLY B 78 9.54 -1.90 2.03
N ILE B 79 9.12 -2.03 0.79
CA ILE B 79 8.15 -3.06 0.42
C ILE B 79 8.71 -4.45 0.69
N GLU B 80 9.97 -4.66 0.33
CA GLU B 80 10.60 -5.97 0.55
C GLU B 80 10.61 -6.31 2.03
N VAL B 81 10.94 -5.32 2.85
CA VAL B 81 11.00 -5.51 4.31
C VAL B 81 9.61 -5.84 4.87
N PHE B 82 8.62 -5.07 4.47
CA PHE B 82 7.27 -5.28 4.96
C PHE B 82 6.64 -6.50 4.30
N ALA B 83 7.29 -7.01 3.26
CA ALA B 83 6.78 -8.20 2.56
C ALA B 83 7.56 -9.43 2.98
N LEU B 84 8.80 -9.22 3.42
CA LEU B 84 9.63 -10.33 3.87
C LEU B 84 9.01 -10.99 5.10
N VAL B 85 8.49 -10.16 6.00
CA VAL B 85 7.87 -10.67 7.22
C VAL B 85 6.91 -11.81 6.87
N THR B 86 6.39 -11.77 5.63
CA THR B 86 5.49 -12.81 5.14
C THR B 86 5.91 -14.16 5.71
N ALA B 87 7.22 -14.32 5.90
CA ALA B 87 7.75 -15.55 6.46
C ALA B 87 7.01 -15.91 7.74
N ALA B 88 7.15 -15.06 8.77
CA ALA B 88 6.48 -15.33 10.04
C ALA B 88 5.04 -14.82 9.98
N LEU B 89 4.76 -13.92 9.05
CA LEU B 89 3.42 -13.38 8.91
C LEU B 89 2.46 -14.51 8.53
N ALA B 90 2.91 -15.34 7.58
CA ALA B 90 2.11 -16.47 7.13
C ALA B 90 2.11 -17.56 8.18
N THR B 91 3.30 -18.07 8.47
CA THR B 91 3.45 -19.12 9.47
C THR B 91 2.73 -18.74 10.77
N ASP B 92 2.21 -17.52 10.83
CA ASP B 92 1.51 -17.05 12.00
C ASP B 92 0.28 -17.91 12.30
N PHE B 93 -0.43 -18.31 11.25
CA PHE B 93 -1.63 -19.12 11.42
C PHE B 93 -1.27 -20.50 11.97
N VAL B 94 -0.10 -21.00 11.59
CA VAL B 94 0.35 -22.32 12.03
C VAL B 94 0.47 -22.39 13.56
N ARG B 95 1.05 -21.36 14.14
CA ARG B 95 1.24 -21.33 15.59
C ARG B 95 -0.05 -21.73 16.31
N ARG B 96 -1.18 -21.61 15.64
CA ARG B 96 -2.46 -21.96 16.25
C ARG B 96 -2.35 -23.30 16.96
N GLU B 97 -1.36 -24.09 16.57
CA GLU B 97 -1.14 -25.41 17.16
C GLU B 97 -0.89 -25.30 18.67
N GLU B 98 -0.03 -24.37 19.07
CA GLU B 98 0.28 -24.18 20.48
C GLU B 98 -0.93 -23.61 21.23
N GLU B 99 -1.61 -22.67 20.58
CA GLU B 99 -2.78 -22.04 21.19
C GLU B 99 -3.96 -23.02 21.25
N ARG B 100 -3.95 -24.00 20.35
CA ARG B 100 -5.02 -24.98 20.32
C ARG B 100 -5.11 -25.74 21.65
N ARG B 101 -3.95 -26.15 22.16
CA ARG B 101 -3.90 -26.87 23.44
C ARG B 101 -3.56 -25.93 24.58
N GLY B 102 -3.22 -24.69 24.23
CA GLY B 102 -2.88 -23.69 25.24
C GLY B 102 -1.48 -23.90 25.77
N HIS B 103 -0.72 -24.78 25.12
CA HIS B 103 0.65 -25.06 25.55
C HIS B 103 1.34 -25.97 24.53
N SER C 1 -12.11 -18.69 18.64
CA SER C 1 -12.89 -19.61 17.76
C SER C 1 -12.04 -20.01 16.57
N ALA C 2 -11.80 -19.05 15.68
CA ALA C 2 -11.00 -19.31 14.48
C ALA C 2 -9.51 -19.31 14.83
N ASP C 3 -9.21 -18.99 16.09
CA ASP C 3 -7.82 -18.96 16.55
C ASP C 3 -7.00 -18.01 15.69
N HIS C 4 -7.67 -16.97 15.17
CA HIS C 4 -6.99 -15.98 14.33
C HIS C 4 -7.92 -14.81 14.02
N GLU C 5 -9.21 -15.09 13.86
CA GLU C 5 -10.18 -14.06 13.55
C GLU C 5 -10.35 -13.09 14.72
N ARG C 6 -10.37 -13.63 15.93
CA ARG C 6 -10.51 -12.81 17.12
C ARG C 6 -9.33 -11.85 17.24
N GLU C 7 -8.14 -12.36 16.99
CA GLU C 7 -6.93 -11.54 17.07
C GLU C 7 -6.96 -10.46 15.99
N ALA C 8 -7.44 -10.83 14.80
CA ALA C 8 -7.52 -9.87 13.71
C ALA C 8 -8.49 -8.74 14.04
N GLN C 9 -9.64 -9.11 14.62
CA GLN C 9 -10.64 -8.13 14.99
C GLN C 9 -10.14 -7.25 16.13
N LYS C 10 -9.47 -7.88 17.10
CA LYS C 10 -8.94 -7.14 18.24
C LYS C 10 -7.89 -6.13 17.78
N ALA C 11 -7.09 -6.53 16.79
CA ALA C 11 -6.04 -5.65 16.27
C ALA C 11 -6.65 -4.38 15.67
N GLU C 12 -7.81 -4.51 15.05
CA GLU C 12 -8.47 -3.36 14.43
C GLU C 12 -8.84 -2.32 15.47
N GLU C 13 -9.26 -2.78 16.65
CA GLU C 13 -9.64 -1.87 17.72
C GLU C 13 -8.44 -1.05 18.18
N GLU C 14 -7.26 -1.67 18.17
CA GLU C 14 -6.04 -0.98 18.59
C GLU C 14 -5.74 0.20 17.67
N LEU C 15 -6.02 0.02 16.39
CA LEU C 15 -5.76 1.08 15.41
C LEU C 15 -6.59 2.32 15.75
N GLN C 16 -7.86 2.11 16.14
CA GLN C 16 -8.75 3.21 16.48
C GLN C 16 -8.23 3.99 17.68
N LYS C 17 -7.71 3.29 18.69
CA LYS C 17 -7.19 3.95 19.88
C LYS C 17 -6.02 4.87 19.54
N VAL C 18 -5.17 4.44 18.61
CA VAL C 18 -4.02 5.22 18.21
C VAL C 18 -4.45 6.52 17.54
N LEU C 19 -5.48 6.45 16.70
CA LEU C 19 -5.97 7.63 16.02
C LEU C 19 -6.41 8.68 17.02
N GLU C 20 -7.06 8.25 18.08
CA GLU C 20 -7.51 9.19 19.11
C GLU C 20 -6.30 9.91 19.70
N GLU C 21 -5.28 9.15 20.07
CA GLU C 21 -4.07 9.72 20.63
C GLU C 21 -3.30 10.48 19.56
N ALA C 22 -3.38 10.00 18.32
CA ALA C 22 -2.70 10.64 17.21
C ALA C 22 -3.16 12.08 17.05
N SER C 23 -4.48 12.29 17.12
CA SER C 23 -5.04 13.62 16.97
C SER C 23 -4.49 14.55 18.05
N LYS C 24 -4.44 14.06 19.28
CA LYS C 24 -3.93 14.88 20.39
C LYS C 24 -2.46 15.17 20.17
N LYS C 25 -1.73 14.19 19.68
CA LYS C 25 -0.31 14.38 19.44
C LYS C 25 -0.10 15.28 18.22
N ALA C 26 -0.81 14.98 17.14
CA ALA C 26 -0.69 15.76 15.91
C ALA C 26 -1.02 17.23 16.16
N VAL C 27 -2.17 17.49 16.79
CA VAL C 27 -2.56 18.87 17.05
C VAL C 27 -1.53 19.55 17.94
N GLU C 28 -1.10 18.83 18.97
CA GLU C 28 -0.11 19.38 19.88
C GLU C 28 1.25 19.52 19.19
N ALA C 29 1.56 18.56 18.32
CA ALA C 29 2.83 18.59 17.58
C ALA C 29 2.91 19.83 16.70
N GLU C 30 1.78 20.20 16.10
CA GLU C 30 1.74 21.38 15.23
C GLU C 30 1.92 22.66 16.02
N ARG C 31 1.21 22.77 17.15
CA ARG C 31 1.29 23.96 17.98
C ARG C 31 2.74 24.29 18.31
N GLY C 32 3.33 25.20 17.54
CA GLY C 32 4.72 25.62 17.75
C GLY C 32 5.57 25.31 16.53
N ALA C 33 4.96 24.73 15.50
CA ALA C 33 5.69 24.39 14.27
C ALA C 33 5.45 25.45 13.18
N PRO C 34 6.44 25.81 12.42
CA PRO C 34 6.28 26.84 11.34
C PRO C 34 5.56 26.30 10.12
N GLY C 35 4.74 27.14 9.50
CA GLY C 35 4.00 26.73 8.30
C GLY C 35 3.01 25.61 8.61
N ALA C 36 2.60 25.53 9.87
CA ALA C 36 1.65 24.50 10.28
C ALA C 36 0.30 24.73 9.62
N ALA C 37 -0.35 23.64 9.21
CA ALA C 37 -1.67 23.73 8.55
C ALA C 37 -2.72 23.02 9.39
N LEU C 38 -2.32 21.93 10.05
CA LEU C 38 -3.24 21.17 10.88
C LEU C 38 -3.56 21.95 12.16
N ILE C 39 -2.94 23.11 12.31
CA ILE C 39 -3.18 23.94 13.48
C ILE C 39 -4.67 24.06 13.77
N SER C 40 -5.18 23.15 14.57
CA SER C 40 -6.60 23.16 14.91
C SER C 40 -6.87 22.22 16.08
N TYR C 41 -7.83 21.32 15.90
CA TYR C 41 -8.19 20.36 16.94
C TYR C 41 -9.42 19.54 16.50
N PRO C 42 -10.55 20.16 16.21
CA PRO C 42 -11.78 19.42 15.77
C PRO C 42 -11.53 18.59 14.51
N ASP C 43 -10.75 19.14 13.58
CA ASP C 43 -10.46 18.45 12.32
C ASP C 43 -9.18 17.62 12.42
N ALA C 44 -8.58 17.58 13.61
CA ALA C 44 -7.36 16.81 13.80
C ALA C 44 -7.63 15.33 13.57
N ILE C 45 -8.76 14.84 14.04
CA ILE C 45 -9.11 13.44 13.87
C ILE C 45 -9.39 13.14 12.40
N TRP C 46 -9.90 14.13 11.69
CA TRP C 46 -10.24 13.95 10.28
C TRP C 46 -9.01 13.52 9.48
N TRP C 47 -7.89 14.21 9.69
CA TRP C 47 -6.67 13.85 8.98
C TRP C 47 -6.05 12.59 9.61
N SER C 48 -6.41 12.34 10.87
CA SER C 48 -5.89 11.18 11.58
C SER C 48 -6.41 9.87 10.98
N VAL C 49 -7.69 9.84 10.65
CA VAL C 49 -8.30 8.63 10.10
C VAL C 49 -7.66 8.21 8.78
N GLU C 50 -7.50 9.16 7.87
CA GLU C 50 -6.90 8.83 6.57
C GLU C 50 -5.43 8.46 6.72
N THR C 51 -4.77 9.06 7.71
CA THR C 51 -3.35 8.78 7.93
C THR C 51 -3.11 7.30 8.20
N ALA C 52 -3.93 6.70 9.04
CA ALA C 52 -3.77 5.28 9.37
C ALA C 52 -3.84 4.43 8.10
N THR C 53 -4.67 4.83 7.16
CA THR C 53 -4.79 4.08 5.91
C THR C 53 -3.58 4.32 5.02
N THR C 54 -2.73 5.25 5.44
CA THR C 54 -1.53 5.59 4.67
C THR C 54 -1.88 6.07 3.28
N VAL C 55 -3.11 6.58 3.13
CA VAL C 55 -3.57 7.08 1.84
C VAL C 55 -3.18 8.55 1.66
N GLY C 56 -3.43 9.36 2.69
CA GLY C 56 -3.11 10.79 2.63
C GLY C 56 -3.37 11.36 1.24
N TYR C 57 -4.60 11.79 0.99
CA TYR C 57 -4.96 12.34 -0.31
C TYR C 57 -4.17 13.61 -0.59
N GLY C 58 -4.00 14.44 0.43
CA GLY C 58 -3.26 15.70 0.29
C GLY C 58 -4.02 16.85 0.92
N ASP C 59 -5.00 16.53 1.76
CA ASP C 59 -5.78 17.56 2.43
C ASP C 59 -4.92 18.41 3.34
N ARG C 60 -4.00 17.75 4.05
CA ARG C 60 -3.11 18.45 4.97
C ARG C 60 -1.74 17.77 4.98
N TYR C 61 -0.80 18.34 5.72
CA TYR C 61 0.54 17.76 5.80
C TYR C 61 1.32 18.34 6.99
N PRO C 62 1.87 17.51 7.86
CA PRO C 62 2.64 18.02 9.04
C PRO C 62 3.96 18.66 8.65
N VAL C 63 4.51 19.48 9.54
CA VAL C 63 5.79 20.15 9.27
C VAL C 63 6.95 19.25 9.71
N THR C 64 7.97 19.86 10.31
CA THR C 64 9.15 19.11 10.76
C THR C 64 9.26 19.17 12.29
N GLU C 65 8.86 20.30 12.87
CA GLU C 65 8.91 20.47 14.31
C GLU C 65 7.92 19.53 14.99
N GLU C 66 6.82 19.26 14.31
CA GLU C 66 5.79 18.36 14.85
C GLU C 66 6.31 16.91 14.87
N GLY C 67 7.62 16.81 15.08
CA GLY C 67 8.24 15.51 15.17
C GLY C 67 7.70 14.55 14.13
N ARG C 68 7.92 14.83 12.83
CA ARG C 68 7.40 14.00 11.73
C ARG C 68 7.12 12.58 12.20
N LYS C 69 7.95 12.11 13.12
CA LYS C 69 7.74 10.79 13.68
C LYS C 69 6.29 10.64 14.12
N VAL C 70 5.57 11.77 14.30
CA VAL C 70 4.18 11.67 14.72
C VAL C 70 3.35 10.96 13.65
N ALA C 71 3.54 11.36 12.39
CA ALA C 71 2.80 10.73 11.30
C ALA C 71 3.32 9.33 11.04
N GLU C 72 4.64 9.17 11.10
CA GLU C 72 5.25 7.87 10.85
C GLU C 72 4.67 6.80 11.76
N GLN C 73 4.51 7.13 13.04
CA GLN C 73 3.97 6.18 14.01
C GLN C 73 2.53 5.79 13.66
N VAL C 74 1.71 6.75 13.29
CA VAL C 74 0.32 6.47 12.96
C VAL C 74 0.21 5.56 11.74
N MET C 75 0.95 5.90 10.68
CA MET C 75 0.92 5.10 9.46
C MET C 75 1.47 3.71 9.71
N LYS C 76 2.57 3.62 10.46
CA LYS C 76 3.18 2.34 10.76
C LYS C 76 2.24 1.47 11.60
N ALA C 77 1.54 2.11 12.55
CA ALA C 77 0.62 1.38 13.41
C ALA C 77 -0.47 0.71 12.58
N GLY C 78 -0.98 1.43 11.59
CA GLY C 78 -2.04 0.90 10.73
C GLY C 78 -1.53 -0.25 9.87
N ILE C 79 -0.32 -0.10 9.33
CA ILE C 79 0.26 -1.13 8.47
C ILE C 79 0.45 -2.43 9.25
N GLU C 80 0.96 -2.32 10.46
CA GLU C 80 1.18 -3.50 11.29
C GLU C 80 -0.13 -4.22 11.61
N VAL C 81 -1.17 -3.45 11.90
CA VAL C 81 -2.47 -4.03 12.24
C VAL C 81 -3.04 -4.80 11.05
N PHE C 82 -3.06 -4.17 9.88
CA PHE C 82 -3.59 -4.81 8.69
C PHE C 82 -2.72 -5.99 8.25
N ALA C 83 -1.40 -5.84 8.38
CA ALA C 83 -0.47 -6.89 7.99
C ALA C 83 -0.64 -8.10 8.89
N LEU C 84 -0.91 -7.85 10.17
CA LEU C 84 -1.07 -8.94 11.14
C LEU C 84 -2.25 -9.84 10.77
N VAL C 85 -3.35 -9.26 10.30
CA VAL C 85 -4.52 -10.05 9.95
C VAL C 85 -4.15 -11.13 8.93
N THR C 86 -2.88 -11.15 8.50
CA THR C 86 -2.41 -12.14 7.55
C THR C 86 -2.60 -13.55 8.11
N ALA C 87 -2.33 -13.70 9.39
CA ALA C 87 -2.47 -15.00 10.04
C ALA C 87 -3.88 -15.55 9.79
N ALA C 88 -4.83 -14.65 9.55
CA ALA C 88 -6.21 -15.05 9.29
C ALA C 88 -6.45 -15.25 7.80
N LEU C 89 -5.48 -14.83 6.98
CA LEU C 89 -5.60 -14.98 5.53
C LEU C 89 -5.09 -16.34 5.10
N ALA C 90 -3.82 -16.60 5.35
CA ALA C 90 -3.22 -17.88 4.97
C ALA C 90 -4.16 -19.05 5.29
N THR C 91 -4.62 -19.09 6.53
CA THR C 91 -5.52 -20.18 6.94
C THR C 91 -6.61 -20.42 5.90
N ASP C 92 -6.76 -19.48 4.97
CA ASP C 92 -7.77 -19.61 3.91
C ASP C 92 -7.48 -20.82 3.02
N PHE C 93 -6.22 -20.94 2.59
CA PHE C 93 -5.83 -22.05 1.73
C PHE C 93 -5.89 -23.38 2.49
N VAL C 94 -5.59 -23.32 3.78
CA VAL C 94 -5.57 -24.52 4.61
C VAL C 94 -6.94 -25.20 4.65
N ARG C 95 -7.99 -24.41 4.80
CA ARG C 95 -9.35 -24.95 4.87
C ARG C 95 -9.69 -25.76 3.62
N ARG C 96 -8.99 -25.48 2.52
CA ARG C 96 -9.26 -26.19 1.27
C ARG C 96 -9.29 -27.70 1.50
N GLU C 97 -8.33 -28.18 2.28
CA GLU C 97 -8.23 -29.61 2.56
C GLU C 97 -9.51 -30.11 3.23
N GLU C 98 -9.99 -29.35 4.22
CA GLU C 98 -11.21 -29.74 4.92
C GLU C 98 -12.41 -29.66 3.98
N GLU C 99 -12.45 -28.60 3.18
CA GLU C 99 -13.55 -28.42 2.23
C GLU C 99 -13.50 -29.49 1.13
N ARG C 100 -12.29 -29.83 0.71
CA ARG C 100 -12.11 -30.83 -0.34
C ARG C 100 -12.68 -32.18 0.11
N ARG C 101 -12.41 -32.53 1.36
CA ARG C 101 -12.90 -33.80 1.91
C ARG C 101 -14.42 -33.80 1.98
N GLY C 102 -15.00 -32.63 2.29
CA GLY C 102 -16.45 -32.51 2.39
C GLY C 102 -16.93 -32.88 3.79
N HIS C 103 -16.01 -32.86 4.76
CA HIS C 103 -16.36 -33.20 6.14
C HIS C 103 -15.34 -32.61 7.11
N SER D 1 -9.44 -25.77 -13.19
CA SER D 1 -8.27 -24.89 -12.92
C SER D 1 -7.87 -25.02 -11.45
N ALA D 2 -8.53 -24.25 -10.59
CA ALA D 2 -8.24 -24.28 -9.16
C ALA D 2 -9.45 -23.84 -8.35
N ASP D 3 -9.58 -24.38 -7.15
CA ASP D 3 -10.70 -24.03 -6.28
C ASP D 3 -10.48 -22.66 -5.62
N HIS D 4 -9.25 -22.41 -5.17
CA HIS D 4 -8.93 -21.16 -4.51
C HIS D 4 -9.04 -19.98 -5.49
N GLU D 5 -8.68 -20.22 -6.74
CA GLU D 5 -8.76 -19.17 -7.75
C GLU D 5 -10.20 -18.72 -7.96
N ARG D 6 -11.13 -19.68 -7.90
CA ARG D 6 -12.54 -19.37 -8.09
C ARG D 6 -13.03 -18.40 -7.02
N GLU D 7 -12.60 -18.62 -5.78
CA GLU D 7 -13.00 -17.76 -4.68
C GLU D 7 -12.42 -16.36 -4.88
N ALA D 8 -11.20 -16.31 -5.39
CA ALA D 8 -10.53 -15.03 -5.63
C ALA D 8 -11.29 -14.21 -6.67
N GLN D 9 -11.82 -14.88 -7.69
CA GLN D 9 -12.56 -14.19 -8.74
C GLN D 9 -13.83 -13.58 -8.17
N LYS D 10 -14.48 -14.30 -7.27
CA LYS D 10 -15.72 -13.81 -6.66
C LYS D 10 -15.45 -12.54 -5.85
N ALA D 11 -14.29 -12.50 -5.19
CA ALA D 11 -13.92 -11.34 -4.37
C ALA D 11 -13.79 -10.09 -5.23
N GLU D 12 -13.24 -10.24 -6.42
CA GLU D 12 -13.06 -9.11 -7.33
C GLU D 12 -14.41 -8.51 -7.73
N GLU D 13 -15.39 -9.39 -7.95
CA GLU D 13 -16.72 -8.94 -8.35
C GLU D 13 -17.36 -8.11 -7.23
N GLU D 14 -17.10 -8.51 -5.99
CA GLU D 14 -17.66 -7.79 -4.85
C GLU D 14 -17.13 -6.37 -4.79
N LEU D 15 -15.88 -6.17 -5.20
CA LEU D 15 -15.27 -4.85 -5.18
C LEU D 15 -16.03 -3.91 -6.12
N GLN D 16 -16.39 -4.42 -7.28
CA GLN D 16 -17.12 -3.61 -8.26
C GLN D 16 -18.44 -3.10 -7.68
N LYS D 17 -19.09 -3.92 -6.85
CA LYS D 17 -20.35 -3.52 -6.23
C LYS D 17 -20.15 -2.28 -5.35
N VAL D 18 -19.07 -2.26 -4.61
CA VAL D 18 -18.79 -1.13 -3.71
C VAL D 18 -18.60 0.16 -4.51
N LEU D 19 -17.96 0.04 -5.67
CA LEU D 19 -17.73 1.22 -6.50
C LEU D 19 -19.06 1.86 -6.88
N GLU D 20 -20.04 1.03 -7.21
CA GLU D 20 -21.36 1.53 -7.57
C GLU D 20 -21.98 2.27 -6.39
N GLU D 21 -21.92 1.65 -5.22
CA GLU D 21 -22.47 2.28 -4.02
C GLU D 21 -21.66 3.52 -3.66
N ALA D 22 -20.36 3.46 -3.91
CA ALA D 22 -19.47 4.58 -3.62
C ALA D 22 -19.86 5.80 -4.45
N SER D 23 -20.29 5.57 -5.68
CA SER D 23 -20.68 6.66 -6.56
C SER D 23 -21.84 7.47 -5.97
N LYS D 24 -22.85 6.76 -5.49
CA LYS D 24 -24.01 7.43 -4.90
C LYS D 24 -23.71 7.92 -3.49
N LYS D 25 -22.92 7.14 -2.76
CA LYS D 25 -22.55 7.53 -1.39
C LYS D 25 -21.57 8.69 -1.39
N ALA D 26 -20.56 8.61 -2.26
CA ALA D 26 -19.54 9.67 -2.34
C ALA D 26 -20.16 11.00 -2.74
N VAL D 27 -20.95 11.00 -3.81
CA VAL D 27 -21.60 12.22 -4.27
C VAL D 27 -22.52 12.77 -3.19
N GLU D 28 -23.27 11.87 -2.57
CA GLU D 28 -24.20 12.26 -1.51
C GLU D 28 -23.42 12.69 -0.28
N ALA D 29 -22.16 12.26 -0.19
CA ALA D 29 -21.32 12.60 0.95
C ALA D 29 -21.14 14.12 1.07
N GLU D 30 -20.99 14.79 -0.07
CA GLU D 30 -20.81 16.24 -0.07
C GLU D 30 -22.04 16.94 0.48
N ARG D 31 -23.22 16.41 0.15
CA ARG D 31 -24.46 17.01 0.63
C ARG D 31 -24.48 17.05 2.15
N GLY D 32 -24.04 18.17 2.72
CA GLY D 32 -24.01 18.35 4.17
C GLY D 32 -22.63 18.79 4.65
N ALA D 33 -21.64 18.75 3.75
CA ALA D 33 -20.28 19.17 4.10
C ALA D 33 -19.97 20.55 3.53
N PRO D 34 -19.18 21.36 4.21
CA PRO D 34 -18.84 22.72 3.73
C PRO D 34 -17.82 22.69 2.58
N GLY D 35 -18.23 23.16 1.41
CA GLY D 35 -17.35 23.18 0.24
C GLY D 35 -17.57 21.96 -0.65
N ALA D 36 -18.84 21.55 -0.77
CA ALA D 36 -19.21 20.39 -1.59
C ALA D 36 -18.36 20.35 -2.87
N ALA D 37 -17.31 19.54 -2.85
CA ALA D 37 -16.43 19.40 -4.02
C ALA D 37 -16.91 18.29 -4.93
N LEU D 38 -16.74 17.04 -4.50
CA LEU D 38 -17.17 15.90 -5.29
C LEU D 38 -18.69 15.82 -5.32
N ILE D 39 -19.34 16.85 -5.84
CA ILE D 39 -20.79 16.88 -5.92
C ILE D 39 -21.28 16.27 -7.23
N SER D 40 -20.35 15.98 -8.12
CA SER D 40 -20.70 15.40 -9.40
C SER D 40 -21.27 13.99 -9.20
N TYR D 41 -22.30 13.67 -9.97
CA TYR D 41 -22.95 12.36 -9.89
C TYR D 41 -22.41 11.42 -10.99
N PRO D 42 -22.60 11.76 -12.25
CA PRO D 42 -22.11 10.88 -13.36
C PRO D 42 -20.60 10.63 -13.28
N ASP D 43 -19.87 11.62 -12.78
CA ASP D 43 -18.42 11.51 -12.65
C ASP D 43 -18.03 10.88 -11.31
N ALA D 44 -19.02 10.61 -10.46
CA ALA D 44 -18.75 10.02 -9.15
C ALA D 44 -18.13 8.64 -9.30
N ILE D 45 -18.62 7.88 -10.27
CA ILE D 45 -18.10 6.55 -10.52
C ILE D 45 -16.66 6.64 -11.03
N TRP D 46 -16.37 7.70 -11.76
CA TRP D 46 -15.05 7.87 -12.33
C TRP D 46 -14.00 7.95 -11.20
N TRP D 47 -14.28 8.75 -10.19
CA TRP D 47 -13.37 8.87 -9.06
C TRP D 47 -13.39 7.58 -8.24
N SER D 48 -14.57 6.97 -8.10
CA SER D 48 -14.70 5.74 -7.33
C SER D 48 -13.61 4.76 -7.71
N VAL D 49 -13.22 4.76 -8.98
CA VAL D 49 -12.17 3.87 -9.46
C VAL D 49 -10.84 4.22 -8.81
N GLU D 50 -10.54 5.52 -8.76
CA GLU D 50 -9.29 5.97 -8.16
C GLU D 50 -9.45 6.08 -6.66
N THR D 51 -9.91 4.99 -6.05
CA THR D 51 -10.11 4.96 -4.60
C THR D 51 -10.07 3.53 -4.09
N ALA D 52 -10.79 2.63 -4.74
CA ALA D 52 -10.81 1.23 -4.33
C ALA D 52 -9.39 0.67 -4.31
N THR D 53 -8.50 1.29 -5.09
CA THR D 53 -7.11 0.86 -5.17
C THR D 53 -6.26 1.65 -4.18
N THR D 54 -6.92 2.43 -3.34
CA THR D 54 -6.21 3.23 -2.34
C THR D 54 -5.06 4.01 -2.97
N VAL D 55 -5.25 4.40 -4.23
CA VAL D 55 -4.21 5.16 -4.94
C VAL D 55 -4.00 6.53 -4.30
N GLY D 56 -5.09 7.16 -3.88
CA GLY D 56 -5.02 8.50 -3.27
C GLY D 56 -5.59 9.56 -4.20
N TYR D 57 -4.72 10.14 -5.03
CA TYR D 57 -5.17 11.17 -5.96
C TYR D 57 -6.15 10.58 -6.96
N GLY D 58 -7.40 11.05 -6.90
CA GLY D 58 -8.45 10.57 -7.80
C GLY D 58 -9.12 11.72 -8.54
N ASP D 59 -8.37 12.80 -8.73
CA ASP D 59 -8.89 13.97 -9.42
C ASP D 59 -10.04 14.60 -8.63
N ARG D 60 -10.45 13.93 -7.57
CA ARG D 60 -11.53 14.43 -6.72
C ARG D 60 -11.27 14.04 -5.28
N TYR D 61 -11.32 15.03 -4.38
CA TYR D 61 -11.06 14.78 -2.96
C TYR D 61 -12.29 15.10 -2.12
N PRO D 62 -12.59 14.33 -1.09
CA PRO D 62 -13.76 14.58 -0.21
C PRO D 62 -13.58 15.82 0.67
N VAL D 63 -14.69 16.39 1.11
CA VAL D 63 -14.64 17.57 1.97
C VAL D 63 -14.30 17.16 3.41
N THR D 64 -15.20 17.46 4.36
CA THR D 64 -14.98 17.11 5.76
C THR D 64 -16.07 16.13 6.22
N GLU D 65 -17.27 16.65 6.39
CA GLU D 65 -18.39 15.82 6.82
C GLU D 65 -18.54 14.65 5.86
N GLU D 66 -18.57 13.45 6.41
CA GLU D 66 -18.70 12.26 5.60
C GLU D 66 -17.55 12.18 4.60
N GLY D 67 -17.81 12.69 3.38
CA GLY D 67 -16.82 12.75 2.28
C GLY D 67 -15.71 11.69 2.39
N ARG D 68 -15.00 11.72 3.51
CA ARG D 68 -13.92 10.78 3.76
C ARG D 68 -14.50 9.49 4.32
N LYS D 69 -15.19 9.60 5.46
CA LYS D 69 -15.78 8.41 6.09
C LYS D 69 -16.37 7.52 5.02
N VAL D 70 -16.94 8.14 4.00
CA VAL D 70 -17.52 7.38 2.89
C VAL D 70 -16.40 6.71 2.08
N ALA D 71 -15.35 7.47 1.78
CA ALA D 71 -14.21 6.94 1.05
C ALA D 71 -13.49 5.90 1.89
N GLU D 72 -13.47 6.13 3.20
CA GLU D 72 -12.81 5.22 4.14
C GLU D 72 -13.31 3.80 3.97
N GLN D 73 -14.63 3.64 3.94
CA GLN D 73 -15.23 2.31 3.79
C GLN D 73 -14.91 1.69 2.44
N VAL D 74 -14.89 2.49 1.38
CA VAL D 74 -14.61 1.98 0.04
C VAL D 74 -13.20 1.40 -0.05
N MET D 75 -12.23 2.14 0.47
CA MET D 75 -10.84 1.70 0.44
C MET D 75 -10.66 0.42 1.26
N LYS D 76 -11.33 0.35 2.41
CA LYS D 76 -11.23 -0.83 3.27
C LYS D 76 -11.72 -2.08 2.53
N ALA D 77 -12.82 -1.94 1.81
CA ALA D 77 -13.38 -3.06 1.06
C ALA D 77 -12.40 -3.54 0.00
N GLY D 78 -11.73 -2.58 -0.65
CA GLY D 78 -10.76 -2.90 -1.69
C GLY D 78 -9.56 -3.65 -1.13
N ILE D 79 -9.07 -3.20 0.02
CA ILE D 79 -7.91 -3.82 0.65
C ILE D 79 -8.20 -5.28 1.01
N GLU D 80 -9.37 -5.54 1.56
CA GLU D 80 -9.74 -6.88 1.97
C GLU D 80 -9.86 -7.80 0.75
N VAL D 81 -10.41 -7.28 -0.34
CA VAL D 81 -10.60 -8.08 -1.55
C VAL D 81 -9.25 -8.55 -2.10
N PHE D 82 -8.30 -7.63 -2.24
CA PHE D 82 -6.99 -8.00 -2.77
C PHE D 82 -6.25 -8.90 -1.78
N ALA D 83 -6.36 -8.57 -0.50
CA ALA D 83 -5.70 -9.37 0.53
C ALA D 83 -6.30 -10.77 0.57
N LEU D 84 -7.59 -10.88 0.29
CA LEU D 84 -8.27 -12.17 0.29
C LEU D 84 -7.64 -13.09 -0.74
N VAL D 85 -7.34 -12.54 -1.91
CA VAL D 85 -6.72 -13.34 -2.97
C VAL D 85 -5.56 -14.16 -2.41
N THR D 86 -5.12 -13.80 -1.20
CA THR D 86 -4.03 -14.52 -0.55
C THR D 86 -4.28 -16.02 -0.60
N ALA D 87 -5.54 -16.40 -0.40
CA ALA D 87 -5.92 -17.81 -0.42
C ALA D 87 -5.44 -18.48 -1.70
N ALA D 88 -5.30 -17.69 -2.76
CA ALA D 88 -4.83 -18.21 -4.05
C ALA D 88 -3.33 -18.04 -4.17
N LEU D 89 -2.74 -17.28 -3.24
CA LEU D 89 -1.30 -17.06 -3.25
C LEU D 89 -0.60 -18.13 -2.43
N ALA D 90 -0.94 -18.23 -1.16
CA ALA D 90 -0.32 -19.23 -0.28
C ALA D 90 -0.20 -20.57 -0.99
N THR D 91 -1.31 -21.06 -1.52
CA THR D 91 -1.31 -22.34 -2.21
C THR D 91 -0.08 -22.48 -3.11
N ASP D 92 0.50 -21.34 -3.50
CA ASP D 92 1.68 -21.34 -4.36
C ASP D 92 2.86 -22.04 -3.67
N PHE D 93 3.08 -21.72 -2.40
CA PHE D 93 4.19 -22.33 -1.67
C PHE D 93 4.12 -23.86 -1.75
N VAL D 94 2.90 -24.38 -1.73
CA VAL D 94 2.70 -25.83 -1.77
C VAL D 94 3.26 -26.42 -3.05
N ARG D 95 3.00 -25.76 -4.17
CA ARG D 95 3.48 -26.23 -5.46
C ARG D 95 4.98 -26.53 -5.41
N ARG D 96 5.66 -25.93 -4.44
CA ARG D 96 7.11 -26.14 -4.30
C ARG D 96 7.41 -27.63 -4.18
N GLU D 97 6.62 -28.33 -3.37
CA GLU D 97 6.81 -29.76 -3.18
C GLU D 97 6.43 -30.55 -4.44
N GLU D 98 5.35 -30.11 -5.10
CA GLU D 98 4.91 -30.79 -6.33
C GLU D 98 5.95 -30.61 -7.42
N GLU D 99 6.58 -29.44 -7.46
CA GLU D 99 7.59 -29.15 -8.47
C GLU D 99 8.79 -30.08 -8.29
N ARG D 100 9.05 -30.47 -7.05
CA ARG D 100 10.16 -31.36 -6.75
C ARG D 100 10.06 -32.64 -7.57
N ARG D 101 8.84 -33.18 -7.65
CA ARG D 101 8.60 -34.42 -8.39
C ARG D 101 8.89 -34.20 -9.87
N GLY D 102 8.53 -33.02 -10.37
CA GLY D 102 8.76 -32.70 -11.78
C GLY D 102 7.68 -33.31 -12.66
N HIS D 103 6.54 -33.63 -12.07
CA HIS D 103 5.43 -34.21 -12.82
C HIS D 103 5.91 -35.42 -13.62
N SER A 1 16.26 -18.57 -9.10
CA SER A 1 17.48 -19.24 -8.58
C SER A 1 17.10 -20.61 -8.01
N ALA A 2 16.44 -20.61 -6.86
CA ALA A 2 16.03 -21.85 -6.22
C ALA A 2 14.87 -22.48 -6.98
N ASP A 3 13.68 -21.92 -6.81
CA ASP A 3 12.49 -22.43 -7.49
C ASP A 3 11.40 -21.36 -7.53
N HIS A 4 10.94 -20.95 -6.36
CA HIS A 4 9.90 -19.93 -6.27
C HIS A 4 10.47 -18.54 -6.54
N GLU A 5 11.77 -18.39 -6.30
CA GLU A 5 12.41 -17.11 -6.51
C GLU A 5 12.43 -16.77 -8.00
N ARG A 6 12.64 -17.79 -8.82
CA ARG A 6 12.68 -17.59 -10.27
C ARG A 6 11.35 -17.04 -10.76
N GLU A 7 10.26 -17.59 -10.25
CA GLU A 7 8.93 -17.13 -10.64
C GLU A 7 8.70 -15.71 -10.18
N ALA A 8 9.18 -15.40 -8.97
CA ALA A 8 9.03 -14.06 -8.42
C ALA A 8 9.76 -13.04 -9.28
N GLN A 9 10.96 -13.42 -9.74
CA GLN A 9 11.75 -12.53 -10.58
C GLN A 9 11.06 -12.32 -11.93
N LYS A 10 10.44 -13.38 -12.44
CA LYS A 10 9.75 -13.30 -13.73
C LYS A 10 8.62 -12.27 -13.66
N ALA A 11 7.89 -12.28 -12.55
CA ALA A 11 6.78 -11.35 -12.37
C ALA A 11 7.26 -9.91 -12.39
N GLU A 12 8.43 -9.68 -11.82
CA GLU A 12 9.00 -8.33 -11.78
C GLU A 12 9.33 -7.84 -13.19
N GLU A 13 9.77 -8.76 -14.04
CA GLU A 13 10.12 -8.41 -15.41
C GLU A 13 8.89 -7.92 -16.16
N GLU A 14 7.75 -8.54 -15.88
CA GLU A 14 6.50 -8.14 -16.53
C GLU A 14 6.10 -6.73 -16.12
N LEU A 15 6.42 -6.35 -14.89
CA LEU A 15 6.08 -5.03 -14.40
C LEU A 15 6.75 -3.95 -15.24
N GLN A 16 8.01 -4.18 -15.58
CA GLN A 16 8.77 -3.22 -16.37
C GLN A 16 8.15 -3.03 -17.76
N LYS A 17 7.70 -4.14 -18.35
CA LYS A 17 7.10 -4.07 -19.68
C LYS A 17 5.82 -3.24 -19.65
N VAL A 18 5.02 -3.41 -18.60
CA VAL A 18 3.77 -2.67 -18.47
C VAL A 18 4.04 -1.17 -18.38
N LEU A 19 5.06 -0.80 -17.60
CA LEU A 19 5.40 0.60 -17.45
C LEU A 19 5.76 1.21 -18.81
N GLU A 20 6.50 0.45 -19.61
CA GLU A 20 6.89 0.94 -20.94
C GLU A 20 5.63 1.17 -21.78
N GLU A 21 4.72 0.20 -21.74
CA GLU A 21 3.47 0.32 -22.50
C GLU A 21 2.59 1.40 -21.88
N ALA A 22 2.66 1.53 -20.57
CA ALA A 22 1.86 2.52 -19.86
C ALA A 22 2.22 3.93 -20.34
N SER A 23 3.51 4.17 -20.54
CA SER A 23 3.95 5.48 -20.99
C SER A 23 3.36 5.78 -22.36
N LYS A 24 3.37 4.80 -23.25
CA LYS A 24 2.82 5.01 -24.58
C LYS A 24 1.35 5.40 -24.48
N LYS A 25 0.55 4.52 -23.88
CA LYS A 25 -0.87 4.79 -23.74
C LYS A 25 -1.11 6.05 -22.90
N ALA A 26 -0.40 6.20 -21.79
CA ALA A 26 -0.59 7.37 -20.93
C ALA A 26 -0.33 8.67 -21.69
N VAL A 27 0.75 8.70 -22.48
CA VAL A 27 1.07 9.91 -23.24
C VAL A 27 -0.04 10.22 -24.24
N GLU A 28 -0.46 9.19 -24.98
CA GLU A 28 -1.51 9.34 -26.00
C GLU A 28 -2.88 9.55 -25.36
N ALA A 29 -3.15 8.78 -24.29
CA ALA A 29 -4.43 8.88 -23.59
C ALA A 29 -4.67 10.32 -23.14
N GLU A 30 -3.59 11.02 -22.78
CA GLU A 30 -3.69 12.42 -22.36
C GLU A 30 -3.54 13.35 -23.55
N ARG A 31 -3.15 12.81 -24.70
CA ARG A 31 -2.97 13.64 -25.88
C ARG A 31 -4.33 14.01 -26.48
N GLY A 32 -4.68 15.28 -26.33
CA GLY A 32 -5.95 15.79 -26.86
C GLY A 32 -7.05 15.77 -25.82
N ALA A 33 -6.70 15.39 -24.59
CA ALA A 33 -7.67 15.35 -23.50
C ALA A 33 -7.67 16.67 -22.73
N PRO A 34 -8.80 17.15 -22.28
CA PRO A 34 -8.87 18.44 -21.52
C PRO A 34 -8.38 18.28 -20.07
N GLY A 35 -7.71 19.32 -19.58
CA GLY A 35 -7.19 19.30 -18.22
C GLY A 35 -5.98 18.37 -18.10
N ALA A 36 -5.66 17.68 -19.19
CA ALA A 36 -4.54 16.77 -19.19
C ALA A 36 -3.22 17.52 -19.13
N ALA A 37 -2.25 16.97 -18.40
CA ALA A 37 -0.94 17.60 -18.25
C ALA A 37 0.17 16.60 -18.56
N LEU A 38 -0.11 15.32 -18.35
CA LEU A 38 0.89 14.29 -18.60
C LEU A 38 1.08 14.11 -20.11
N ILE A 39 1.69 15.10 -20.74
CA ILE A 39 1.94 15.06 -22.19
C ILE A 39 3.44 15.07 -22.47
N SER A 40 4.02 13.87 -22.53
CA SER A 40 5.45 13.74 -22.79
C SER A 40 5.92 12.31 -22.50
N TYR A 41 6.71 11.75 -23.41
CA TYR A 41 7.24 10.41 -23.25
C TYR A 41 8.30 10.33 -22.13
N PRO A 42 9.30 11.20 -22.10
CA PRO A 42 10.36 11.14 -21.03
C PRO A 42 9.80 11.29 -19.62
N ASP A 43 8.75 12.11 -19.45
CA ASP A 43 8.16 12.33 -18.13
C ASP A 43 7.04 11.33 -17.86
N ALA A 44 6.44 10.80 -18.92
CA ALA A 44 5.37 9.83 -18.77
C ALA A 44 5.88 8.55 -18.12
N ILE A 45 7.10 8.16 -18.50
CA ILE A 45 7.68 6.94 -17.95
C ILE A 45 7.90 7.11 -16.44
N TRP A 46 8.34 8.29 -16.04
CA TRP A 46 8.56 8.56 -14.62
C TRP A 46 7.25 8.45 -13.85
N TRP A 47 6.19 9.04 -14.39
CA TRP A 47 4.89 8.97 -13.74
C TRP A 47 4.49 7.50 -13.57
N SER A 48 4.78 6.69 -14.59
CA SER A 48 4.43 5.27 -14.54
C SER A 48 5.24 4.56 -13.44
N VAL A 49 6.48 4.99 -13.22
CA VAL A 49 7.33 4.35 -12.22
C VAL A 49 6.69 4.48 -10.84
N GLU A 50 6.24 5.68 -10.51
CA GLU A 50 5.62 5.91 -9.21
C GLU A 50 4.20 5.35 -9.19
N THR A 51 3.72 4.91 -10.35
CA THR A 51 2.37 4.33 -10.43
C THR A 51 2.38 2.88 -9.99
N ALA A 52 3.36 2.11 -10.46
CA ALA A 52 3.46 0.69 -10.12
C ALA A 52 3.73 0.53 -8.62
N THR A 53 4.53 1.41 -8.06
CA THR A 53 4.84 1.35 -6.63
C THR A 53 3.65 1.84 -5.83
N THR A 54 2.59 2.21 -6.54
CA THR A 54 1.37 2.70 -5.91
C THR A 54 1.68 3.75 -4.85
N VAL A 55 2.29 4.86 -5.26
CA VAL A 55 2.62 5.94 -4.33
C VAL A 55 2.15 7.29 -4.89
N GLY A 56 2.40 7.53 -6.18
CA GLY A 56 1.98 8.78 -6.82
C GLY A 56 2.12 9.97 -5.86
N TYR A 57 3.30 10.60 -5.86
CA TYR A 57 3.53 11.75 -4.99
C TYR A 57 2.58 12.88 -5.31
N GLY A 58 2.40 13.15 -6.61
CA GLY A 58 1.51 14.21 -7.07
C GLY A 58 2.15 15.01 -8.22
N ASP A 59 3.19 14.44 -8.82
CA ASP A 59 3.86 15.11 -9.93
C ASP A 59 2.90 15.36 -11.07
N ARG A 60 2.19 14.31 -11.48
CA ARG A 60 1.22 14.41 -12.57
C ARG A 60 -0.04 13.62 -12.22
N TYR A 61 -1.15 13.99 -12.84
CA TYR A 61 -2.42 13.30 -12.57
C TYR A 61 -3.26 13.20 -13.86
N PRO A 62 -3.79 12.05 -14.20
CA PRO A 62 -4.63 11.89 -15.43
C PRO A 62 -5.99 12.58 -15.30
N VAL A 63 -6.86 12.35 -16.28
CA VAL A 63 -8.20 12.93 -16.29
C VAL A 63 -9.25 11.84 -16.51
N THR A 64 -10.23 12.13 -17.37
CA THR A 64 -11.30 11.17 -17.65
C THR A 64 -11.23 10.65 -19.09
N GLU A 65 -10.92 11.55 -20.02
CA GLU A 65 -10.82 11.16 -21.43
C GLU A 65 -9.68 10.17 -21.64
N GLU A 66 -8.60 10.37 -20.89
CA GLU A 66 -7.44 9.48 -20.97
C GLU A 66 -7.78 8.12 -20.30
N GLY A 67 -9.05 7.77 -20.41
CA GLY A 67 -9.53 6.51 -19.89
C GLY A 67 -8.92 6.23 -18.53
N ARG A 68 -9.21 7.07 -17.52
CA ARG A 68 -8.61 6.91 -16.16
C ARG A 68 -8.20 5.48 -15.91
N LYS A 69 -8.96 4.56 -16.46
CA LYS A 69 -8.62 3.16 -16.35
C LYS A 69 -7.15 2.95 -16.75
N VAL A 70 -6.54 3.97 -17.42
CA VAL A 70 -5.15 3.81 -17.81
C VAL A 70 -4.27 3.61 -16.57
N ALA A 71 -4.46 4.46 -15.56
CA ALA A 71 -3.68 4.36 -14.33
C ALA A 71 -4.09 3.13 -13.52
N GLU A 72 -5.40 2.90 -13.43
CA GLU A 72 -5.92 1.78 -12.67
C GLU A 72 -5.24 0.47 -13.08
N GLN A 73 -5.01 0.33 -14.38
CA GLN A 73 -4.37 -0.89 -14.89
C GLN A 73 -2.91 -0.98 -14.46
N VAL A 74 -2.19 0.14 -14.51
CA VAL A 74 -0.77 0.14 -14.14
C VAL A 74 -0.58 -0.22 -12.67
N MET A 75 -1.33 0.44 -11.80
CA MET A 75 -1.22 0.17 -10.36
C MET A 75 -1.64 -1.26 -10.04
N LYS A 76 -2.68 -1.73 -10.71
CA LYS A 76 -3.16 -3.09 -10.47
C LYS A 76 -2.10 -4.11 -10.84
N ALA A 77 -1.43 -3.88 -11.96
CA ALA A 77 -0.39 -4.79 -12.42
C ALA A 77 0.73 -4.87 -11.39
N GLY A 78 1.06 -3.73 -10.78
CA GLY A 78 2.11 -3.69 -9.77
C GLY A 78 1.71 -4.50 -8.54
N ILE A 79 0.42 -4.45 -8.21
CA ILE A 79 -0.08 -5.18 -7.05
C ILE A 79 -0.11 -6.68 -7.31
N GLU A 80 -0.23 -7.06 -8.59
CA GLU A 80 -0.26 -8.48 -8.95
C GLU A 80 1.12 -9.11 -8.88
N VAL A 81 2.10 -8.46 -9.50
CA VAL A 81 3.46 -8.96 -9.51
C VAL A 81 4.04 -9.04 -8.10
N PHE A 82 3.89 -7.95 -7.34
CA PHE A 82 4.41 -7.92 -5.98
C PHE A 82 3.67 -8.92 -5.08
N ALA A 83 2.35 -9.01 -5.26
CA ALA A 83 1.54 -9.92 -4.46
C ALA A 83 1.93 -11.37 -4.73
N LEU A 84 2.26 -11.67 -5.99
CA LEU A 84 2.63 -13.03 -6.37
C LEU A 84 3.88 -13.50 -5.63
N VAL A 85 4.87 -12.61 -5.50
CA VAL A 85 6.11 -12.95 -4.83
C VAL A 85 5.82 -13.67 -3.51
N THR A 86 4.56 -13.61 -3.07
CA THR A 86 4.18 -14.25 -1.82
C THR A 86 4.53 -15.73 -1.87
N ALA A 87 4.64 -16.26 -3.08
CA ALA A 87 4.99 -17.66 -3.26
C ALA A 87 6.39 -17.93 -2.69
N ALA A 88 7.24 -16.91 -2.71
CA ALA A 88 8.60 -17.04 -2.20
C ALA A 88 8.66 -16.62 -0.72
N LEU A 89 7.59 -15.99 -0.24
CA LEU A 89 7.54 -15.54 1.16
C LEU A 89 7.05 -16.65 2.09
N ALA A 90 5.97 -17.31 1.72
CA ALA A 90 5.40 -18.38 2.54
C ALA A 90 6.44 -19.47 2.80
N THR A 91 7.42 -19.56 1.92
CA THR A 91 8.48 -20.57 2.04
C THR A 91 9.64 -20.03 2.88
N ASP A 92 9.56 -18.76 3.28
CA ASP A 92 10.63 -18.15 4.05
C ASP A 92 10.86 -18.90 5.37
N PHE A 93 9.77 -19.20 6.07
CA PHE A 93 9.86 -19.89 7.36
C PHE A 93 10.02 -21.40 7.16
N VAL A 94 9.65 -21.88 5.97
CA VAL A 94 9.72 -23.30 5.68
C VAL A 94 11.17 -23.81 5.71
N ARG A 95 12.10 -22.93 5.38
CA ARG A 95 13.52 -23.31 5.38
C ARG A 95 13.99 -23.70 6.78
N ARG A 96 13.36 -23.11 7.79
CA ARG A 96 13.73 -23.39 9.18
C ARG A 96 13.99 -24.88 9.38
N GLU A 97 13.40 -25.71 8.53
CA GLU A 97 13.56 -27.15 8.64
C GLU A 97 15.02 -27.53 8.37
N GLU A 98 15.64 -26.83 7.43
CA GLU A 98 17.03 -27.09 7.08
C GLU A 98 17.94 -26.71 8.25
N GLU A 99 17.62 -25.59 8.90
CA GLU A 99 18.41 -25.12 10.03
C GLU A 99 18.25 -26.06 11.22
N ARG A 100 17.07 -26.65 11.35
CA ARG A 100 16.80 -27.57 12.45
C ARG A 100 17.79 -28.73 12.45
N ARG A 101 18.01 -29.31 11.26
CA ARG A 101 18.94 -30.44 11.13
C ARG A 101 20.22 -29.99 10.43
N GLY A 102 20.26 -28.71 10.04
CA GLY A 102 21.43 -28.17 9.37
C GLY A 102 21.60 -28.78 7.99
N HIS A 103 20.51 -29.25 7.40
CA HIS A 103 20.55 -29.86 6.08
C HIS A 103 20.75 -28.80 5.01
N SER B 1 12.61 -17.34 21.85
CA SER B 1 12.98 -16.53 20.65
C SER B 1 12.87 -17.39 19.40
N ALA B 2 13.05 -16.77 18.24
CA ALA B 2 12.96 -17.49 16.97
C ALA B 2 13.75 -16.77 15.89
N ASP B 3 14.19 -17.52 14.89
CA ASP B 3 14.97 -16.95 13.79
C ASP B 3 14.14 -15.92 13.02
N HIS B 4 12.86 -16.24 12.80
CA HIS B 4 11.98 -15.34 12.06
C HIS B 4 11.86 -14.01 12.80
N GLU B 5 11.66 -14.08 14.10
CA GLU B 5 11.53 -12.87 14.91
C GLU B 5 12.81 -12.05 14.87
N ARG B 6 13.94 -12.71 15.10
CA ARG B 6 15.23 -12.03 15.08
C ARG B 6 15.55 -11.52 13.69
N GLU B 7 15.25 -12.34 12.68
CA GLU B 7 15.50 -11.95 11.29
C GLU B 7 14.61 -10.79 10.90
N ALA B 8 13.34 -10.85 11.34
CA ALA B 8 12.39 -9.80 11.02
C ALA B 8 12.84 -8.47 11.62
N GLN B 9 13.30 -8.50 12.86
CA GLN B 9 13.76 -7.29 13.53
C GLN B 9 15.00 -6.75 12.83
N LYS B 10 15.88 -7.67 12.41
CA LYS B 10 17.11 -7.28 11.73
C LYS B 10 16.80 -6.56 10.42
N ALA B 11 15.78 -7.04 9.71
CA ALA B 11 15.39 -6.43 8.44
C ALA B 11 15.06 -4.95 8.62
N GLU B 12 14.52 -4.60 9.78
CA GLU B 12 14.16 -3.21 10.04
C GLU B 12 15.41 -2.33 10.05
N GLU B 13 16.52 -2.88 10.54
CA GLU B 13 17.77 -2.13 10.58
C GLU B 13 18.25 -1.82 9.17
N GLU B 14 18.02 -2.76 8.25
CA GLU B 14 18.44 -2.57 6.87
C GLU B 14 17.69 -1.40 6.23
N LEU B 15 16.41 -1.26 6.59
CA LEU B 15 15.60 -0.17 6.04
C LEU B 15 16.17 1.18 6.45
N GLN B 16 16.60 1.28 7.70
CA GLN B 16 17.17 2.52 8.22
C GLN B 16 18.44 2.90 7.45
N LYS B 17 19.26 1.91 7.12
CA LYS B 17 20.49 2.15 6.39
C LYS B 17 20.20 2.74 5.01
N VAL B 18 19.21 2.18 4.33
CA VAL B 18 18.84 2.65 3.00
C VAL B 18 18.37 4.10 3.06
N LEU B 19 17.60 4.44 4.08
CA LEU B 19 17.10 5.80 4.23
C LEU B 19 18.27 6.77 4.30
N GLU B 20 19.29 6.40 5.05
CA GLU B 20 20.47 7.25 5.18
C GLU B 20 21.19 7.33 3.84
N GLU B 21 21.23 6.21 3.13
CA GLU B 21 21.89 6.16 1.83
C GLU B 21 21.15 7.03 0.82
N ALA B 22 19.83 6.81 0.69
CA ALA B 22 19.02 7.59 -0.23
C ALA B 22 18.94 9.05 0.20
N SER B 23 18.74 9.26 1.50
CA SER B 23 18.65 10.60 2.04
C SER B 23 19.90 11.39 1.70
N LYS B 24 21.06 10.76 1.86
CA LYS B 24 22.31 11.42 1.55
C LYS B 24 22.39 11.72 0.06
N LYS B 25 21.81 10.86 -0.77
CA LYS B 25 21.83 11.06 -2.21
C LYS B 25 20.80 12.11 -2.64
N ALA B 26 19.66 12.15 -1.95
CA ALA B 26 18.60 13.09 -2.27
C ALA B 26 19.08 14.54 -2.19
N VAL B 27 20.06 14.81 -1.33
CA VAL B 27 20.57 16.15 -1.18
C VAL B 27 21.18 16.64 -2.49
N GLU B 28 22.04 15.82 -3.08
CA GLU B 28 22.70 16.15 -4.34
C GLU B 28 21.72 15.98 -5.51
N ALA B 29 20.86 14.97 -5.41
CA ALA B 29 19.88 14.70 -6.47
C ALA B 29 18.98 15.92 -6.68
N GLU B 30 18.61 16.58 -5.58
CA GLU B 30 17.76 17.77 -5.63
C GLU B 30 18.56 19.03 -5.33
N ARG B 31 19.56 19.32 -6.16
CA ARG B 31 20.41 20.50 -5.99
C ARG B 31 20.76 21.13 -7.34
N GLY B 32 19.82 21.89 -7.89
CA GLY B 32 20.03 22.58 -9.17
C GLY B 32 19.16 21.99 -10.26
N ALA B 33 18.31 21.04 -9.89
CA ALA B 33 17.43 20.40 -10.85
C ALA B 33 16.14 21.22 -11.01
N PRO B 34 15.49 21.12 -12.15
CA PRO B 34 14.22 21.89 -12.41
C PRO B 34 13.03 21.28 -11.67
N GLY B 35 12.18 22.15 -11.12
CA GLY B 35 11.00 21.71 -10.40
C GLY B 35 11.38 21.04 -9.08
N ALA B 36 12.60 21.31 -8.61
CA ALA B 36 13.07 20.72 -7.36
C ALA B 36 12.60 21.56 -6.17
N ALA B 37 12.72 20.98 -4.97
CA ALA B 37 12.29 21.67 -3.77
C ALA B 37 12.94 21.04 -2.53
N LEU B 38 13.55 19.88 -2.72
CA LEU B 38 14.20 19.17 -1.62
C LEU B 38 15.64 19.65 -1.46
N ILE B 39 15.87 20.93 -1.75
CA ILE B 39 17.21 21.50 -1.65
C ILE B 39 17.61 21.66 -0.19
N SER B 40 17.38 20.60 0.60
CA SER B 40 17.73 20.62 2.03
C SER B 40 18.52 19.38 2.42
N TYR B 41 19.35 19.53 3.44
CA TYR B 41 20.19 18.44 3.94
C TYR B 41 19.53 17.77 5.17
N PRO B 42 19.39 18.48 6.26
CA PRO B 42 18.78 17.91 7.52
C PRO B 42 17.36 17.38 7.28
N ASP B 43 16.66 17.96 6.32
CA ASP B 43 15.29 17.54 6.02
C ASP B 43 15.29 16.38 5.03
N ALA B 44 16.48 16.00 4.56
CA ALA B 44 16.59 14.91 3.61
C ALA B 44 16.08 13.61 4.23
N ILE B 45 16.40 13.41 5.50
CA ILE B 45 15.96 12.21 6.21
C ILE B 45 14.45 12.23 6.41
N TRP B 46 13.90 13.40 6.71
CA TRP B 46 12.47 13.54 6.93
C TRP B 46 11.69 13.11 5.69
N TRP B 47 12.08 13.62 4.53
CA TRP B 47 11.41 13.24 3.28
C TRP B 47 11.66 11.75 3.00
N SER B 48 12.88 11.29 3.24
CA SER B 48 13.23 9.89 3.00
C SER B 48 12.41 8.95 3.88
N VAL B 49 12.20 9.35 5.14
CA VAL B 49 11.46 8.51 6.09
C VAL B 49 10.04 8.21 5.61
N GLU B 50 9.33 9.24 5.17
CA GLU B 50 7.96 9.05 4.69
C GLU B 50 7.95 8.18 3.43
N THR B 51 9.02 8.27 2.64
CA THR B 51 9.11 7.49 1.40
C THR B 51 9.15 5.99 1.69
N ALA B 52 9.95 5.59 2.67
CA ALA B 52 10.07 4.17 3.02
C ALA B 52 8.72 3.57 3.39
N THR B 53 7.80 4.40 3.86
CA THR B 53 6.46 3.94 4.25
C THR B 53 5.50 4.01 3.06
N THR B 54 6.03 4.38 1.89
CA THR B 54 5.21 4.48 0.69
C THR B 54 4.02 5.40 0.95
N VAL B 55 4.02 6.08 2.09
CA VAL B 55 2.93 6.97 2.44
C VAL B 55 2.87 8.15 1.46
N GLY B 56 4.02 8.74 1.16
CA GLY B 56 4.07 9.87 0.24
C GLY B 56 2.97 10.88 0.56
N TYR B 57 2.97 11.37 1.80
CA TYR B 57 1.95 12.32 2.23
C TYR B 57 1.99 13.59 1.37
N GLY B 58 3.18 14.15 1.21
CA GLY B 58 3.34 15.36 0.42
C GLY B 58 4.63 16.07 0.80
N ASP B 59 4.53 17.00 1.74
CA ASP B 59 5.71 17.77 2.20
C ASP B 59 6.54 18.22 1.00
N ARG B 60 7.46 17.36 0.56
CA ARG B 60 8.32 17.66 -0.59
C ARG B 60 8.00 16.70 -1.73
N TYR B 61 8.40 17.08 -2.94
CA TYR B 61 8.14 16.26 -4.13
C TYR B 61 9.35 16.29 -5.07
N PRO B 62 10.15 15.25 -5.15
CA PRO B 62 11.34 15.24 -6.07
C PRO B 62 10.94 15.21 -7.54
N VAL B 63 11.89 15.55 -8.43
CA VAL B 63 11.62 15.55 -9.87
C VAL B 63 12.30 14.35 -10.55
N THR B 64 12.61 14.47 -11.84
CA THR B 64 13.25 13.38 -12.58
C THR B 64 14.78 13.46 -12.48
N GLU B 65 15.34 14.60 -12.82
CA GLU B 65 16.79 14.78 -12.78
C GLU B 65 17.38 14.13 -11.52
N GLU B 66 16.63 14.23 -10.41
CA GLU B 66 17.07 13.64 -9.15
C GLU B 66 16.95 12.08 -9.22
N GLY B 67 16.96 11.61 -10.45
CA GLY B 67 16.90 10.19 -10.69
C GLY B 67 15.89 9.51 -9.80
N ARG B 68 14.59 9.83 -9.96
CA ARG B 68 13.53 9.24 -9.10
C ARG B 68 13.94 7.89 -8.56
N LYS B 69 14.80 7.21 -9.31
CA LYS B 69 15.35 5.96 -8.85
C LYS B 69 15.80 6.13 -7.39
N VAL B 70 16.14 7.38 -6.99
CA VAL B 70 16.54 7.59 -5.61
C VAL B 70 15.38 7.24 -4.68
N ALA B 71 14.18 7.71 -5.05
CA ALA B 71 12.99 7.44 -4.25
C ALA B 71 12.48 6.03 -4.51
N GLU B 72 12.56 5.59 -5.76
CA GLU B 72 12.09 4.26 -6.13
C GLU B 72 12.84 3.21 -5.31
N GLN B 73 14.14 3.43 -5.13
CA GLN B 73 14.95 2.50 -4.37
C GLN B 73 14.49 2.45 -2.92
N VAL B 74 14.21 3.61 -2.33
CA VAL B 74 13.76 3.65 -0.94
C VAL B 74 12.43 2.93 -0.78
N MET B 75 11.47 3.24 -1.65
CA MET B 75 10.15 2.62 -1.56
C MET B 75 10.23 1.12 -1.78
N LYS B 76 11.02 0.71 -2.78
CA LYS B 76 11.17 -0.72 -3.08
C LYS B 76 11.84 -1.42 -1.91
N ALA B 77 12.84 -0.78 -1.32
CA ALA B 77 13.56 -1.36 -0.20
C ALA B 77 12.63 -1.56 1.00
N GLY B 78 11.76 -0.58 1.23
CA GLY B 78 10.82 -0.65 2.34
C GLY B 78 9.83 -1.78 2.15
N ILE B 79 9.33 -1.95 0.93
CA ILE B 79 8.36 -2.99 0.65
C ILE B 79 8.97 -4.38 0.88
N GLU B 80 10.20 -4.57 0.42
CA GLU B 80 10.87 -5.85 0.59
C GLU B 80 11.06 -6.17 2.07
N VAL B 81 11.46 -5.16 2.84
CA VAL B 81 11.68 -5.33 4.27
C VAL B 81 10.37 -5.69 4.98
N PHE B 82 9.31 -4.94 4.66
CA PHE B 82 8.01 -5.19 5.29
C PHE B 82 7.36 -6.44 4.71
N ALA B 83 7.99 -7.04 3.72
CA ALA B 83 7.47 -8.26 3.10
C ALA B 83 8.23 -9.48 3.61
N LEU B 84 9.50 -9.29 3.93
CA LEU B 84 10.32 -10.38 4.45
C LEU B 84 9.79 -10.83 5.80
N VAL B 85 9.38 -9.86 6.62
CA VAL B 85 8.84 -10.17 7.94
C VAL B 85 7.69 -11.15 7.82
N THR B 86 7.31 -11.47 6.59
CA THR B 86 6.23 -12.42 6.35
C THR B 86 6.58 -13.76 6.99
N ALA B 87 7.84 -14.16 6.85
CA ALA B 87 8.30 -15.41 7.42
C ALA B 87 7.73 -15.61 8.82
N ALA B 88 7.95 -14.63 9.69
CA ALA B 88 7.45 -14.69 11.06
C ALA B 88 5.92 -14.76 11.07
N LEU B 89 5.31 -14.20 10.01
CA LEU B 89 3.85 -14.21 9.90
C LEU B 89 3.41 -15.49 9.20
N ALA B 90 4.35 -16.13 8.52
CA ALA B 90 4.05 -17.37 7.81
C ALA B 90 3.81 -18.50 8.80
N THR B 91 4.58 -18.47 9.87
CA THR B 91 4.49 -19.49 10.91
C THR B 91 3.14 -19.39 11.62
N ASP B 92 2.55 -18.21 11.59
CA ASP B 92 1.28 -18.00 12.26
C ASP B 92 0.28 -19.09 11.90
N PHE B 93 0.24 -19.41 10.61
CA PHE B 93 -0.70 -20.41 10.12
C PHE B 93 -0.46 -21.76 10.79
N VAL B 94 0.80 -22.17 10.87
CA VAL B 94 1.14 -23.45 11.48
C VAL B 94 0.85 -23.45 12.99
N ARG B 95 1.19 -22.35 13.65
CA ARG B 95 0.97 -22.23 15.09
C ARG B 95 -0.45 -22.63 15.47
N ARG B 96 -1.37 -22.58 14.52
CA ARG B 96 -2.76 -22.94 14.78
C ARG B 96 -2.83 -24.29 15.49
N GLU B 97 -1.97 -25.22 15.06
CA GLU B 97 -1.94 -26.55 15.64
C GLU B 97 -1.50 -26.50 17.11
N GLU B 98 -0.53 -25.66 17.40
CA GLU B 98 -0.04 -25.52 18.77
C GLU B 98 -1.07 -24.80 19.63
N GLU B 99 -0.66 -24.43 20.85
CA GLU B 99 -1.54 -23.73 21.77
C GLU B 99 -2.82 -24.52 22.02
N ARG B 100 -3.73 -24.51 21.05
CA ARG B 100 -4.99 -25.23 21.19
C ARG B 100 -4.72 -26.71 21.45
N ARG B 101 -3.78 -27.28 20.69
CA ARG B 101 -3.44 -28.69 20.85
C ARG B 101 -1.98 -28.84 21.22
N GLY B 102 -1.72 -29.18 22.48
CA GLY B 102 -0.34 -29.34 22.97
C GLY B 102 0.05 -28.20 23.90
N HIS B 103 -0.81 -27.21 24.01
CA HIS B 103 -0.54 -26.06 24.87
C HIS B 103 0.81 -25.43 24.51
N SER C 1 -13.18 -21.71 17.40
CA SER C 1 -13.64 -21.52 15.99
C SER C 1 -12.64 -20.67 15.23
N ALA C 2 -11.72 -21.33 14.53
CA ALA C 2 -10.71 -20.62 13.76
C ALA C 2 -9.67 -19.99 14.70
N ASP C 3 -10.16 -19.42 15.81
CA ASP C 3 -9.29 -18.79 16.78
C ASP C 3 -8.50 -17.62 16.15
N HIS C 4 -7.56 -17.97 15.29
CA HIS C 4 -6.74 -16.95 14.62
C HIS C 4 -7.58 -15.75 14.20
N GLU C 5 -8.85 -16.00 13.88
CA GLU C 5 -9.74 -14.91 13.46
C GLU C 5 -9.99 -13.95 14.62
N ARG C 6 -10.14 -14.50 15.82
CA ARG C 6 -10.39 -13.68 17.00
C ARG C 6 -9.23 -12.71 17.23
N GLU C 7 -8.02 -13.22 17.08
CA GLU C 7 -6.83 -12.39 17.27
C GLU C 7 -6.79 -11.28 16.22
N ALA C 8 -7.19 -11.63 15.00
CA ALA C 8 -7.20 -10.65 13.92
C ALA C 8 -8.20 -9.53 14.22
N GLN C 9 -9.34 -9.89 14.79
CA GLN C 9 -10.36 -8.90 15.13
C GLN C 9 -9.85 -7.95 16.20
N LYS C 10 -9.14 -8.49 17.18
CA LYS C 10 -8.60 -7.67 18.26
C LYS C 10 -7.58 -6.68 17.71
N ALA C 11 -6.80 -7.12 16.72
CA ALA C 11 -5.78 -6.26 16.12
C ALA C 11 -6.42 -5.03 15.47
N GLU C 12 -7.56 -5.22 14.82
CA GLU C 12 -8.23 -4.11 14.16
C GLU C 12 -8.66 -3.05 15.17
N GLU C 13 -9.11 -3.50 16.34
CA GLU C 13 -9.54 -2.57 17.38
C GLU C 13 -8.36 -1.76 17.89
N GLU C 14 -7.17 -2.36 17.89
CA GLU C 14 -5.98 -1.68 18.36
C GLU C 14 -5.70 -0.44 17.51
N LEU C 15 -5.89 -0.57 16.20
CA LEU C 15 -5.64 0.56 15.29
C LEU C 15 -6.60 1.70 15.60
N GLN C 16 -7.85 1.38 15.90
CA GLN C 16 -8.86 2.40 16.17
C GLN C 16 -8.49 3.28 17.35
N LYS C 17 -8.14 2.66 18.49
CA LYS C 17 -7.78 3.44 19.67
C LYS C 17 -6.51 4.25 19.43
N VAL C 18 -5.63 3.73 18.59
CA VAL C 18 -4.38 4.43 18.29
C VAL C 18 -4.68 5.75 17.60
N LEU C 19 -5.63 5.75 16.66
CA LEU C 19 -5.97 6.96 15.94
C LEU C 19 -6.45 8.04 16.91
N GLU C 20 -7.23 7.63 17.91
CA GLU C 20 -7.72 8.60 18.88
C GLU C 20 -6.56 9.35 19.51
N GLU C 21 -5.55 8.61 19.94
CA GLU C 21 -4.37 9.22 20.53
C GLU C 21 -3.59 10.00 19.47
N ALA C 22 -3.63 9.49 18.24
CA ALA C 22 -2.94 10.16 17.14
C ALA C 22 -3.49 11.55 16.93
N SER C 23 -4.79 11.71 17.10
CA SER C 23 -5.43 13.01 16.91
C SER C 23 -4.87 14.01 17.91
N LYS C 24 -4.80 13.60 19.18
CA LYS C 24 -4.27 14.49 20.21
C LYS C 24 -2.78 14.74 20.00
N LYS C 25 -2.07 13.72 19.54
CA LYS C 25 -0.64 13.85 19.29
C LYS C 25 -0.39 14.71 18.04
N ALA C 26 -1.12 14.41 16.97
CA ALA C 26 -0.95 15.16 15.72
C ALA C 26 -1.34 16.62 15.87
N VAL C 27 -2.51 16.87 16.46
CA VAL C 27 -2.96 18.25 16.65
C VAL C 27 -1.94 19.01 17.48
N GLU C 28 -1.49 18.38 18.55
CA GLU C 28 -0.50 18.99 19.43
C GLU C 28 0.85 19.12 18.72
N ALA C 29 1.09 18.22 17.76
CA ALA C 29 2.34 18.23 17.02
C ALA C 29 2.59 19.60 16.37
N GLU C 30 1.60 20.09 15.65
CA GLU C 30 1.73 21.38 14.98
C GLU C 30 1.78 22.51 16.02
N ARG C 31 1.02 22.35 17.09
CA ARG C 31 0.99 23.36 18.14
C ARG C 31 2.30 23.33 18.95
N GLY C 32 3.26 24.15 18.53
CA GLY C 32 4.56 24.23 19.22
C GLY C 32 5.71 24.05 18.24
N ALA C 33 5.43 23.47 17.09
CA ALA C 33 6.46 23.26 16.05
C ALA C 33 6.28 24.26 14.90
N PRO C 34 7.33 24.58 14.19
CA PRO C 34 7.25 25.55 13.06
C PRO C 34 6.59 24.93 11.81
N GLY C 35 5.93 25.77 11.02
CA GLY C 35 5.27 25.30 9.81
C GLY C 35 3.93 24.65 10.13
N ALA C 36 3.35 25.03 11.26
CA ALA C 36 2.06 24.47 11.67
C ALA C 36 1.02 24.68 10.58
N ALA C 37 0.14 23.70 10.42
CA ALA C 37 -0.91 23.78 9.39
C ALA C 37 -2.13 22.97 9.83
N LEU C 38 -1.89 21.80 10.43
CA LEU C 38 -2.98 20.96 10.88
C LEU C 38 -3.86 21.72 11.86
N ILE C 39 -3.43 21.82 13.12
CA ILE C 39 -4.21 22.52 14.14
C ILE C 39 -5.64 22.00 14.16
N SER C 40 -6.37 22.37 15.19
CA SER C 40 -7.76 21.95 15.33
C SER C 40 -7.87 20.54 15.90
N TYR C 41 -8.60 20.42 17.01
CA TYR C 41 -8.82 19.14 17.66
C TYR C 41 -10.04 18.40 17.08
N PRO C 42 -11.20 19.05 16.95
CA PRO C 42 -12.42 18.36 16.39
C PRO C 42 -12.20 17.87 14.95
N ASP C 43 -11.32 18.54 14.21
CA ASP C 43 -11.03 18.15 12.83
C ASP C 43 -9.80 17.26 12.74
N ALA C 44 -9.03 17.19 13.83
CA ALA C 44 -7.83 16.35 13.85
C ALA C 44 -8.20 14.87 13.77
N ILE C 45 -9.29 14.50 14.43
CA ILE C 45 -9.74 13.12 14.42
C ILE C 45 -9.99 12.65 13.00
N TRP C 46 -10.47 13.56 12.15
CA TRP C 46 -10.74 13.22 10.76
C TRP C 46 -9.43 12.88 10.04
N TRP C 47 -8.41 13.72 10.21
CA TRP C 47 -7.13 13.45 9.58
C TRP C 47 -6.56 12.14 10.10
N SER C 48 -6.72 11.91 11.41
CA SER C 48 -6.21 10.69 12.04
C SER C 48 -6.98 9.46 11.55
N VAL C 49 -7.17 9.36 10.23
CA VAL C 49 -7.89 8.23 9.64
C VAL C 49 -7.19 7.72 8.38
N GLU C 50 -6.90 8.64 7.45
CA GLU C 50 -6.23 8.26 6.22
C GLU C 50 -4.78 7.84 6.48
N THR C 51 -4.20 8.37 7.55
CA THR C 51 -2.81 8.05 7.88
C THR C 51 -2.63 6.55 8.13
N ALA C 52 -3.46 5.98 9.00
CA ALA C 52 -3.36 4.56 9.30
C ALA C 52 -3.47 3.71 8.03
N THR C 53 -4.13 4.26 7.01
CA THR C 53 -4.30 3.54 5.75
C THR C 53 -3.16 3.88 4.79
N THR C 54 -2.11 4.48 5.34
CA THR C 54 -0.94 4.87 4.55
C THR C 54 -1.32 5.34 3.14
N VAL C 55 -1.81 6.57 3.05
CA VAL C 55 -2.22 7.13 1.76
C VAL C 55 -1.93 8.65 1.73
N GLY C 56 -2.81 9.42 2.38
CA GLY C 56 -2.64 10.87 2.43
C GLY C 56 -3.02 11.51 1.09
N TYR C 57 -4.31 11.78 0.91
CA TYR C 57 -4.78 12.41 -0.32
C TYR C 57 -4.20 13.82 -0.48
N GLY C 58 -4.15 14.56 0.63
CA GLY C 58 -3.61 15.92 0.61
C GLY C 58 -4.50 16.86 1.42
N ASP C 59 -5.27 16.31 2.34
CA ASP C 59 -6.17 17.11 3.16
C ASP C 59 -5.37 18.10 4.01
N ARG C 60 -4.27 17.61 4.59
CA ARG C 60 -3.41 18.45 5.43
C ARG C 60 -1.96 18.03 5.22
N TYR C 61 -1.07 18.52 6.09
CA TYR C 61 0.35 18.17 5.98
C TYR C 61 1.05 18.36 7.33
N PRO C 62 1.70 17.35 7.88
CA PRO C 62 2.41 17.48 9.19
C PRO C 62 3.66 18.35 9.09
N VAL C 63 4.21 18.73 10.23
CA VAL C 63 5.42 19.56 10.29
C VAL C 63 6.65 18.67 10.32
N THR C 64 7.79 19.28 10.62
CA THR C 64 9.06 18.56 10.69
C THR C 64 9.47 18.28 12.13
N GLU C 65 9.80 19.33 12.87
CA GLU C 65 10.23 19.18 14.27
C GLU C 65 9.42 18.10 14.97
N GLU C 66 8.17 17.95 14.55
CA GLU C 66 7.27 16.95 15.12
C GLU C 66 6.47 16.30 14.00
N GLY C 67 5.19 16.63 13.93
CA GLY C 67 4.24 16.17 12.89
C GLY C 67 4.70 14.89 12.16
N ARG C 68 5.90 14.95 11.61
CA ARG C 68 6.50 13.83 10.87
C ARG C 68 6.68 12.66 11.78
N LYS C 69 7.45 12.86 12.84
CA LYS C 69 7.70 11.81 13.79
C LYS C 69 6.37 11.39 14.41
N VAL C 70 5.51 12.36 14.67
CA VAL C 70 4.22 12.03 15.26
C VAL C 70 3.38 11.16 14.31
N ALA C 71 3.28 11.60 13.06
CA ALA C 71 2.51 10.85 12.07
C ALA C 71 3.20 9.52 11.75
N GLU C 72 4.51 9.58 11.57
CA GLU C 72 5.30 8.38 11.24
C GLU C 72 4.86 7.19 12.09
N GLN C 73 4.79 7.40 13.40
CA GLN C 73 4.39 6.33 14.31
C GLN C 73 2.95 5.89 14.04
N VAL C 74 2.07 6.84 13.76
CA VAL C 74 0.66 6.53 13.52
C VAL C 74 0.49 5.64 12.28
N MET C 75 1.17 6.01 11.20
CA MET C 75 1.07 5.25 9.94
C MET C 75 1.59 3.84 10.15
N LYS C 76 2.71 3.71 10.86
CA LYS C 76 3.30 2.39 11.10
C LYS C 76 2.35 1.49 11.88
N ALA C 77 1.60 2.09 12.79
CA ALA C 77 0.66 1.33 13.60
C ALA C 77 -0.27 0.52 12.70
N GLY C 78 -0.75 1.15 11.62
CA GLY C 78 -1.63 0.47 10.68
C GLY C 78 -0.93 -0.69 9.98
N ILE C 79 0.35 -0.47 9.62
CA ILE C 79 1.11 -1.51 8.92
C ILE C 79 1.23 -2.77 9.78
N GLU C 80 1.54 -2.59 11.06
CA GLU C 80 1.68 -3.74 11.95
C GLU C 80 0.35 -4.45 12.16
N VAL C 81 -0.70 -3.68 12.39
CA VAL C 81 -2.03 -4.26 12.62
C VAL C 81 -2.53 -4.99 11.37
N PHE C 82 -2.41 -4.36 10.21
CA PHE C 82 -2.87 -4.96 8.96
C PHE C 82 -1.88 -6.02 8.48
N ALA C 83 -0.69 -6.06 9.08
CA ALA C 83 0.31 -7.05 8.71
C ALA C 83 0.11 -8.34 9.48
N LEU C 84 -0.29 -8.20 10.75
CA LEU C 84 -0.53 -9.35 11.60
C LEU C 84 -1.72 -10.18 11.12
N VAL C 85 -2.76 -9.50 10.64
CA VAL C 85 -3.96 -10.19 10.18
C VAL C 85 -3.67 -11.02 8.93
N THR C 86 -2.55 -11.74 8.94
CA THR C 86 -2.17 -12.59 7.82
C THR C 86 -2.76 -13.99 7.99
N ALA C 87 -2.71 -14.51 9.21
CA ALA C 87 -3.23 -15.85 9.46
C ALA C 87 -4.65 -16.00 8.95
N ALA C 88 -5.58 -15.32 9.59
CA ALA C 88 -6.98 -15.40 9.19
C ALA C 88 -7.10 -15.22 7.68
N LEU C 89 -6.05 -14.70 7.07
CA LEU C 89 -6.02 -14.47 5.63
C LEU C 89 -5.26 -15.59 4.91
N ALA C 90 -4.36 -16.24 5.64
CA ALA C 90 -3.56 -17.33 5.08
C ALA C 90 -4.27 -18.66 5.25
N THR C 91 -4.43 -19.09 6.51
CA THR C 91 -5.08 -20.36 6.79
C THR C 91 -6.35 -20.51 5.96
N ASP C 92 -6.77 -19.43 5.34
CA ASP C 92 -7.96 -19.46 4.53
C ASP C 92 -7.88 -20.61 3.51
N PHE C 93 -6.70 -20.77 2.90
CA PHE C 93 -6.50 -21.82 1.90
C PHE C 93 -6.70 -23.21 2.50
N VAL C 94 -6.15 -23.43 3.69
CA VAL C 94 -6.25 -24.72 4.36
C VAL C 94 -7.62 -25.37 4.16
N ARG C 95 -8.64 -24.56 3.96
CA ARG C 95 -10.00 -25.07 3.76
C ARG C 95 -10.06 -25.98 2.53
N ARG C 96 -9.12 -25.80 1.61
CA ARG C 96 -9.09 -26.59 0.39
C ARG C 96 -8.96 -28.07 0.74
N GLU C 97 -8.10 -28.39 1.71
CA GLU C 97 -7.90 -29.76 2.12
C GLU C 97 -9.16 -30.30 2.79
N GLU C 98 -9.89 -29.42 3.48
CA GLU C 98 -11.13 -29.81 4.16
C GLU C 98 -12.32 -29.71 3.22
N GLU C 99 -12.09 -29.13 2.03
CA GLU C 99 -13.15 -28.97 1.05
C GLU C 99 -13.61 -30.32 0.53
N ARG C 100 -12.66 -31.21 0.27
CA ARG C 100 -12.98 -32.54 -0.23
C ARG C 100 -13.76 -33.33 0.82
N ARG C 101 -13.39 -33.14 2.08
CA ARG C 101 -14.04 -33.83 3.18
C ARG C 101 -15.52 -33.45 3.26
N GLY C 102 -15.81 -32.18 3.00
CA GLY C 102 -17.19 -31.69 3.06
C GLY C 102 -17.57 -31.29 4.47
N HIS C 103 -16.57 -30.95 5.28
CA HIS C 103 -16.81 -30.54 6.66
C HIS C 103 -15.76 -29.54 7.14
N SER D 1 -10.37 -20.81 -11.74
CA SER D 1 -10.34 -22.22 -12.24
C SER D 1 -10.39 -23.17 -11.05
N ALA D 2 -9.46 -22.99 -10.12
CA ALA D 2 -9.40 -23.83 -8.94
C ALA D 2 -10.44 -23.40 -7.91
N ASP D 3 -10.66 -24.24 -6.90
CA ASP D 3 -11.64 -23.94 -5.87
C ASP D 3 -11.23 -22.69 -5.10
N HIS D 4 -9.96 -22.58 -4.76
CA HIS D 4 -9.47 -21.41 -4.02
C HIS D 4 -9.50 -20.17 -4.90
N GLU D 5 -9.17 -20.34 -6.17
CA GLU D 5 -9.14 -19.22 -7.11
C GLU D 5 -10.56 -18.67 -7.32
N ARG D 6 -11.54 -19.57 -7.29
CA ARG D 6 -12.93 -19.16 -7.49
C ARG D 6 -13.35 -18.14 -6.43
N GLU D 7 -12.96 -18.39 -5.19
CA GLU D 7 -13.29 -17.48 -4.10
C GLU D 7 -12.60 -16.13 -4.32
N ALA D 8 -11.37 -16.18 -4.81
CA ALA D 8 -10.60 -14.96 -5.06
C ALA D 8 -11.29 -14.11 -6.12
N GLN D 9 -11.88 -14.76 -7.12
CA GLN D 9 -12.56 -14.04 -8.19
C GLN D 9 -13.71 -13.21 -7.63
N LYS D 10 -14.39 -13.76 -6.63
CA LYS D 10 -15.52 -13.06 -6.01
C LYS D 10 -15.05 -11.75 -5.38
N ALA D 11 -13.85 -11.79 -4.79
CA ALA D 11 -13.29 -10.60 -4.14
C ALA D 11 -13.28 -9.41 -5.10
N GLU D 12 -12.80 -9.62 -6.32
CA GLU D 12 -12.74 -8.56 -7.32
C GLU D 12 -14.13 -8.09 -7.69
N GLU D 13 -15.06 -9.03 -7.80
CA GLU D 13 -16.44 -8.71 -8.15
C GLU D 13 -17.08 -7.86 -7.05
N GLU D 14 -16.80 -8.22 -5.80
CA GLU D 14 -17.36 -7.49 -4.67
C GLU D 14 -16.80 -6.07 -4.62
N LEU D 15 -15.54 -5.91 -5.04
CA LEU D 15 -14.90 -4.61 -5.04
C LEU D 15 -15.64 -3.66 -5.97
N GLN D 16 -16.15 -4.19 -7.07
CA GLN D 16 -16.88 -3.37 -8.04
C GLN D 16 -18.22 -2.89 -7.46
N LYS D 17 -18.84 -3.72 -6.62
CA LYS D 17 -20.13 -3.35 -6.05
C LYS D 17 -20.03 -2.09 -5.19
N VAL D 18 -19.01 -2.03 -4.35
CA VAL D 18 -18.82 -0.88 -3.48
C VAL D 18 -18.51 0.37 -4.30
N LEU D 19 -17.74 0.20 -5.36
CA LEU D 19 -17.37 1.32 -6.21
C LEU D 19 -18.64 1.95 -6.81
N GLU D 20 -19.57 1.10 -7.23
CA GLU D 20 -20.82 1.59 -7.80
C GLU D 20 -21.65 2.30 -6.73
N GLU D 21 -21.72 1.69 -5.55
CA GLU D 21 -22.48 2.28 -4.46
C GLU D 21 -21.80 3.56 -3.99
N ALA D 22 -20.48 3.58 -4.05
CA ALA D 22 -19.71 4.75 -3.64
C ALA D 22 -20.03 5.96 -4.52
N SER D 23 -20.20 5.71 -5.82
CA SER D 23 -20.50 6.80 -6.74
C SER D 23 -21.79 7.50 -6.37
N LYS D 24 -22.81 6.71 -6.03
CA LYS D 24 -24.10 7.28 -5.66
C LYS D 24 -23.95 8.16 -4.42
N LYS D 25 -23.54 7.54 -3.32
CA LYS D 25 -23.36 8.28 -2.06
C LYS D 25 -22.32 9.37 -2.22
N ALA D 26 -21.25 9.09 -2.97
CA ALA D 26 -20.20 10.09 -3.16
C ALA D 26 -20.79 11.41 -3.63
N VAL D 27 -21.61 11.37 -4.67
CA VAL D 27 -22.22 12.59 -5.18
C VAL D 27 -23.16 13.19 -4.12
N GLU D 28 -23.99 12.35 -3.53
CA GLU D 28 -24.93 12.81 -2.51
C GLU D 28 -24.19 13.45 -1.34
N ALA D 29 -23.08 12.83 -0.95
CA ALA D 29 -22.27 13.34 0.14
C ALA D 29 -21.77 14.75 -0.18
N GLU D 30 -21.33 14.93 -1.43
CA GLU D 30 -20.82 16.23 -1.86
C GLU D 30 -21.93 17.26 -1.91
N ARG D 31 -23.10 16.86 -2.41
CA ARG D 31 -24.24 17.77 -2.51
C ARG D 31 -24.68 18.24 -1.14
N GLY D 32 -24.06 19.32 -0.67
CA GLY D 32 -24.40 19.90 0.64
C GLY D 32 -23.17 20.05 1.52
N ALA D 33 -22.01 19.66 1.00
CA ALA D 33 -20.76 19.75 1.75
C ALA D 33 -19.95 20.99 1.33
N PRO D 34 -19.41 21.77 2.25
CA PRO D 34 -18.62 22.98 1.90
C PRO D 34 -17.23 22.64 1.36
N GLY D 35 -16.77 23.42 0.40
CA GLY D 35 -15.46 23.20 -0.20
C GLY D 35 -15.45 21.93 -1.04
N ALA D 36 -16.62 21.47 -1.43
CA ALA D 36 -16.75 20.26 -2.24
C ALA D 36 -16.03 20.45 -3.58
N ALA D 37 -15.40 19.39 -4.06
CA ALA D 37 -14.68 19.42 -5.34
C ALA D 37 -15.23 18.37 -6.30
N LEU D 38 -15.95 17.39 -5.76
CA LEU D 38 -16.53 16.33 -6.59
C LEU D 38 -18.04 16.53 -6.71
N ILE D 39 -18.50 16.75 -7.94
CA ILE D 39 -19.93 16.95 -8.19
C ILE D 39 -20.27 16.56 -9.62
N SER D 40 -20.62 15.29 -9.82
CA SER D 40 -20.97 14.81 -11.14
C SER D 40 -21.07 13.28 -11.17
N TYR D 41 -22.29 12.77 -11.36
CA TYR D 41 -22.50 11.33 -11.43
C TYR D 41 -21.51 10.69 -12.40
N PRO D 42 -21.41 11.14 -13.63
CA PRO D 42 -20.46 10.53 -14.61
C PRO D 42 -19.01 10.60 -14.11
N ASP D 43 -18.69 11.62 -13.33
CA ASP D 43 -17.34 11.79 -12.79
C ASP D 43 -17.21 11.13 -11.42
N ALA D 44 -18.34 10.90 -10.76
CA ALA D 44 -18.32 10.28 -9.43
C ALA D 44 -17.71 8.89 -9.49
N ILE D 45 -18.09 8.13 -10.52
CA ILE D 45 -17.57 6.78 -10.69
C ILE D 45 -16.06 6.82 -10.97
N TRP D 46 -15.63 7.81 -11.73
CA TRP D 46 -14.22 7.95 -12.06
C TRP D 46 -13.41 8.20 -10.78
N TRP D 47 -13.92 9.06 -9.91
CA TRP D 47 -13.22 9.33 -8.65
C TRP D 47 -13.18 8.06 -7.79
N SER D 48 -14.28 7.30 -7.79
CA SER D 48 -14.35 6.08 -6.99
C SER D 48 -13.28 5.09 -7.44
N VAL D 49 -12.96 5.10 -8.74
CA VAL D 49 -11.94 4.20 -9.28
C VAL D 49 -10.59 4.50 -8.64
N GLU D 50 -10.25 5.77 -8.53
CA GLU D 50 -8.96 6.17 -7.95
C GLU D 50 -8.80 5.50 -6.60
N THR D 51 -9.91 5.29 -5.90
CA THR D 51 -9.87 4.65 -4.59
C THR D 51 -9.85 3.13 -4.78
N ALA D 52 -10.17 2.39 -3.73
CA ALA D 52 -10.16 0.92 -3.82
C ALA D 52 -8.79 0.43 -4.29
N THR D 53 -7.86 1.37 -4.52
CA THR D 53 -6.52 1.04 -4.97
C THR D 53 -5.49 1.56 -3.97
N THR D 54 -5.97 2.22 -2.93
CA THR D 54 -5.09 2.76 -1.90
C THR D 54 -4.06 3.72 -2.52
N VAL D 55 -4.31 4.15 -3.76
CA VAL D 55 -3.40 5.07 -4.44
C VAL D 55 -3.82 6.52 -4.19
N GLY D 56 -5.07 6.83 -4.47
CA GLY D 56 -5.58 8.19 -4.28
C GLY D 56 -4.59 9.22 -4.84
N TYR D 57 -4.54 9.32 -6.17
CA TYR D 57 -3.64 10.28 -6.81
C TYR D 57 -3.95 11.71 -6.37
N GLY D 58 -5.24 12.07 -6.40
CA GLY D 58 -5.65 13.41 -6.00
C GLY D 58 -6.98 13.78 -6.65
N ASP D 59 -6.89 14.39 -7.83
CA ASP D 59 -8.09 14.82 -8.55
C ASP D 59 -9.09 15.46 -7.61
N ARG D 60 -10.00 14.65 -7.06
CA ARG D 60 -11.01 15.15 -6.13
C ARG D 60 -10.94 14.36 -4.83
N TYR D 61 -11.53 14.91 -3.77
CA TYR D 61 -11.51 14.24 -2.48
C TYR D 61 -12.59 14.83 -1.56
N PRO D 62 -13.30 14.02 -0.81
CA PRO D 62 -14.36 14.52 0.11
C PRO D 62 -13.79 15.27 1.32
N VAL D 63 -14.61 16.13 1.93
CA VAL D 63 -14.20 16.89 3.10
C VAL D 63 -14.60 16.15 4.39
N THR D 64 -15.39 16.81 5.24
CA THR D 64 -15.84 16.23 6.50
C THR D 64 -17.36 16.03 6.50
N GLU D 65 -18.07 16.95 5.87
CA GLU D 65 -19.53 16.88 5.81
C GLU D 65 -19.97 15.66 5.00
N GLU D 66 -19.16 15.30 4.01
CA GLU D 66 -19.47 14.14 3.16
C GLU D 66 -19.03 12.87 3.89
N GLY D 67 -19.24 12.90 5.20
CA GLY D 67 -18.90 11.78 6.03
C GLY D 67 -17.59 11.18 5.58
N ARG D 68 -16.50 11.96 5.65
CA ARG D 68 -15.17 11.53 5.17
C ARG D 68 -15.05 10.00 5.18
N LYS D 69 -15.74 9.39 6.11
CA LYS D 69 -15.78 7.96 6.16
C LYS D 69 -16.19 7.40 4.79
N VAL D 70 -16.72 8.27 3.89
CA VAL D 70 -17.10 7.79 2.57
C VAL D 70 -15.89 7.22 1.85
N ALA D 71 -14.80 7.97 1.85
CA ALA D 71 -13.56 7.52 1.23
C ALA D 71 -12.95 6.37 2.02
N GLU D 72 -13.09 6.44 3.35
CA GLU D 72 -12.55 5.41 4.23
C GLU D 72 -13.24 4.07 4.01
N GLN D 73 -14.54 4.10 3.79
CA GLN D 73 -15.30 2.86 3.58
C GLN D 73 -14.80 2.11 2.36
N VAL D 74 -14.69 2.79 1.22
CA VAL D 74 -14.23 2.14 -0.01
C VAL D 74 -12.77 1.71 0.10
N MET D 75 -11.94 2.59 0.67
CA MET D 75 -10.51 2.30 0.79
C MET D 75 -10.29 1.01 1.59
N LYS D 76 -10.96 0.90 2.73
CA LYS D 76 -10.83 -0.28 3.57
C LYS D 76 -11.35 -1.53 2.84
N ALA D 77 -12.46 -1.37 2.12
CA ALA D 77 -13.06 -2.47 1.40
C ALA D 77 -12.08 -3.00 0.35
N GLY D 78 -11.34 -2.09 -0.27
CA GLY D 78 -10.37 -2.48 -1.29
C GLY D 78 -9.26 -3.35 -0.69
N ILE D 79 -8.84 -3.04 0.53
CA ILE D 79 -7.79 -3.80 1.18
C ILE D 79 -8.23 -5.24 1.46
N GLU D 80 -9.46 -5.41 1.93
CA GLU D 80 -9.97 -6.74 2.26
C GLU D 80 -9.96 -7.67 1.04
N VAL D 81 -10.52 -7.19 -0.06
CA VAL D 81 -10.58 -8.00 -1.29
C VAL D 81 -9.18 -8.37 -1.78
N PHE D 82 -8.28 -7.39 -1.82
CA PHE D 82 -6.92 -7.64 -2.29
C PHE D 82 -6.19 -8.57 -1.32
N ALA D 83 -6.55 -8.53 -0.04
CA ALA D 83 -5.92 -9.39 0.96
C ALA D 83 -6.69 -10.70 1.10
N LEU D 84 -7.94 -10.71 0.69
CA LEU D 84 -8.76 -11.92 0.77
C LEU D 84 -8.18 -13.03 -0.09
N VAL D 85 -7.75 -12.66 -1.30
CA VAL D 85 -7.19 -13.63 -2.23
C VAL D 85 -5.96 -14.28 -1.60
N THR D 86 -5.38 -13.63 -0.59
CA THR D 86 -4.20 -14.15 0.10
C THR D 86 -4.26 -15.68 0.19
N ALA D 87 -5.48 -16.20 0.25
CA ALA D 87 -5.68 -17.64 0.33
C ALA D 87 -5.12 -18.33 -0.92
N ALA D 88 -5.44 -17.78 -2.09
CA ALA D 88 -4.97 -18.34 -3.35
C ALA D 88 -3.45 -18.18 -3.46
N LEU D 89 -2.92 -17.16 -2.78
CA LEU D 89 -1.49 -16.90 -2.80
C LEU D 89 -0.76 -17.95 -1.96
N ALA D 90 -1.39 -18.39 -0.88
CA ALA D 90 -0.80 -19.38 0.02
C ALA D 90 -0.50 -20.67 -0.73
N THR D 91 -1.45 -21.12 -1.53
CA THR D 91 -1.27 -22.35 -2.29
C THR D 91 -0.32 -22.12 -3.45
N ASP D 92 0.09 -20.87 -3.64
CA ASP D 92 1.02 -20.53 -4.72
C ASP D 92 2.32 -21.31 -4.60
N PHE D 93 2.93 -21.27 -3.41
CA PHE D 93 4.18 -21.98 -3.18
C PHE D 93 3.95 -23.48 -3.08
N VAL D 94 2.75 -23.88 -2.66
CA VAL D 94 2.42 -25.28 -2.51
C VAL D 94 2.55 -26.03 -3.84
N ARG D 95 2.40 -25.31 -4.94
CA ARG D 95 2.50 -25.92 -6.26
C ARG D 95 3.85 -26.61 -6.44
N ARG D 96 4.84 -26.18 -5.67
CA ARG D 96 6.18 -26.75 -5.75
C ARG D 96 6.14 -28.24 -5.40
N GLU D 97 5.10 -28.66 -4.69
CA GLU D 97 4.96 -30.06 -4.27
C GLU D 97 3.66 -30.63 -4.85
N GLU D 98 3.54 -31.96 -4.83
CA GLU D 98 2.35 -32.64 -5.36
C GLU D 98 2.14 -32.28 -6.82
N GLU D 99 1.68 -31.06 -7.07
CA GLU D 99 1.44 -30.61 -8.44
C GLU D 99 2.71 -30.75 -9.27
N ARG D 100 3.82 -30.27 -8.74
CA ARG D 100 5.09 -30.36 -9.46
C ARG D 100 5.51 -31.81 -9.60
N ARG D 101 5.35 -32.57 -8.53
CA ARG D 101 5.71 -33.99 -8.53
C ARG D 101 4.49 -34.85 -8.21
N GLY D 102 4.00 -35.56 -9.23
CA GLY D 102 2.83 -36.42 -9.06
C GLY D 102 1.54 -35.70 -9.44
N HIS D 103 1.64 -34.75 -10.36
CA HIS D 103 0.47 -33.98 -10.80
C HIS D 103 -0.73 -34.90 -10.97
N SER A 1 18.99 -19.62 -8.85
CA SER A 1 18.83 -20.38 -7.58
C SER A 1 17.35 -20.58 -7.29
N ALA A 2 17.01 -21.68 -6.63
CA ALA A 2 15.63 -21.97 -6.30
C ALA A 2 14.74 -21.82 -7.53
N ASP A 3 13.46 -22.17 -7.37
CA ASP A 3 12.50 -22.08 -8.48
C ASP A 3 11.57 -20.88 -8.29
N HIS A 4 11.33 -20.52 -7.03
CA HIS A 4 10.45 -19.39 -6.72
C HIS A 4 11.21 -18.06 -6.87
N GLU A 5 12.51 -18.09 -6.62
CA GLU A 5 13.33 -16.89 -6.72
C GLU A 5 13.38 -16.40 -8.16
N ARG A 6 13.62 -17.33 -9.09
CA ARG A 6 13.68 -16.98 -10.50
C ARG A 6 12.32 -16.59 -11.02
N GLU A 7 11.29 -17.24 -10.49
CA GLU A 7 9.92 -16.95 -10.91
C GLU A 7 9.52 -15.55 -10.45
N ALA A 8 9.91 -15.20 -9.23
CA ALA A 8 9.58 -13.88 -8.69
C ALA A 8 10.28 -12.80 -9.49
N GLN A 9 11.54 -13.03 -9.82
CA GLN A 9 12.32 -12.06 -10.59
C GLN A 9 11.71 -11.87 -11.98
N LYS A 10 11.15 -12.95 -12.52
CA LYS A 10 10.52 -12.90 -13.84
C LYS A 10 9.35 -11.92 -13.84
N ALA A 11 8.55 -11.96 -12.78
CA ALA A 11 7.39 -11.08 -12.67
C ALA A 11 7.81 -9.61 -12.66
N GLU A 12 8.93 -9.33 -12.02
CA GLU A 12 9.43 -7.96 -11.95
C GLU A 12 9.73 -7.42 -13.34
N GLU A 13 10.30 -8.27 -14.20
CA GLU A 13 10.63 -7.87 -15.55
C GLU A 13 9.35 -7.46 -16.31
N GLU A 14 8.27 -8.19 -16.05
CA GLU A 14 7.01 -7.90 -16.72
C GLU A 14 6.47 -6.53 -16.29
N LEU A 15 6.78 -6.15 -15.06
CA LEU A 15 6.32 -4.86 -14.54
C LEU A 15 6.88 -3.72 -15.38
N GLN A 16 8.15 -3.82 -15.72
CA GLN A 16 8.81 -2.78 -16.52
C GLN A 16 8.15 -2.66 -17.90
N LYS A 17 7.80 -3.80 -18.49
CA LYS A 17 7.18 -3.79 -19.81
C LYS A 17 5.85 -3.04 -19.80
N VAL A 18 5.07 -3.24 -18.75
CA VAL A 18 3.77 -2.59 -18.63
C VAL A 18 3.94 -1.07 -18.57
N LEU A 19 4.95 -0.62 -17.83
CA LEU A 19 5.18 0.82 -17.70
C LEU A 19 5.47 1.42 -19.07
N GLU A 20 6.25 0.72 -19.88
CA GLU A 20 6.58 1.21 -21.21
C GLU A 20 5.30 1.31 -22.04
N GLU A 21 4.45 0.29 -21.94
CA GLU A 21 3.20 0.28 -22.68
C GLU A 21 2.25 1.33 -22.12
N ALA A 22 2.24 1.46 -20.79
CA ALA A 22 1.36 2.42 -20.13
C ALA A 22 1.74 3.85 -20.51
N SER A 23 3.05 4.10 -20.63
CA SER A 23 3.52 5.43 -21.00
C SER A 23 2.96 5.83 -22.35
N LYS A 24 2.96 4.88 -23.28
CA LYS A 24 2.44 5.14 -24.62
C LYS A 24 0.95 5.44 -24.58
N LYS A 25 0.26 4.85 -23.60
CA LYS A 25 -1.18 5.05 -23.45
C LYS A 25 -1.46 6.36 -22.70
N ALA A 26 -0.67 6.63 -21.67
CA ALA A 26 -0.86 7.84 -20.87
C ALA A 26 -0.61 9.10 -21.68
N VAL A 27 0.42 9.09 -22.53
CA VAL A 27 0.72 10.27 -23.33
C VAL A 27 -0.45 10.61 -24.25
N GLU A 28 -0.92 9.61 -24.97
CA GLU A 28 -2.04 9.80 -25.89
C GLU A 28 -3.34 10.01 -25.11
N ALA A 29 -3.54 9.20 -24.07
CA ALA A 29 -4.74 9.33 -23.25
C ALA A 29 -4.78 10.70 -22.58
N GLU A 30 -3.67 11.07 -21.94
CA GLU A 30 -3.60 12.37 -21.25
C GLU A 30 -3.64 13.51 -22.24
N ARG A 31 -2.95 13.35 -23.37
CA ARG A 31 -2.92 14.40 -24.37
C ARG A 31 -4.27 14.50 -25.07
N GLY A 32 -4.80 15.72 -25.14
CA GLY A 32 -6.08 15.97 -25.80
C GLY A 32 -7.22 15.99 -24.78
N ALA A 33 -6.94 15.56 -23.55
CA ALA A 33 -7.97 15.54 -22.51
C ALA A 33 -8.02 16.90 -21.81
N PRO A 34 -9.19 17.32 -21.34
CA PRO A 34 -9.33 18.64 -20.66
C PRO A 34 -8.77 18.62 -19.24
N GLY A 35 -8.09 19.70 -18.87
CA GLY A 35 -7.51 19.80 -17.52
C GLY A 35 -6.36 18.82 -17.35
N ALA A 36 -5.87 18.28 -18.46
CA ALA A 36 -4.76 17.33 -18.42
C ALA A 36 -3.48 18.03 -17.98
N ALA A 37 -2.66 17.32 -17.20
CA ALA A 37 -1.40 17.86 -16.70
C ALA A 37 -0.23 16.99 -17.13
N LEU A 38 -0.54 15.84 -17.72
CA LEU A 38 0.51 14.92 -18.18
C LEU A 38 0.60 14.93 -19.70
N ILE A 39 1.78 15.23 -20.21
CA ILE A 39 2.01 15.27 -21.66
C ILE A 39 3.46 14.91 -21.98
N SER A 40 3.86 15.08 -23.23
CA SER A 40 5.22 14.76 -23.65
C SER A 40 5.54 13.29 -23.35
N TYR A 41 6.34 12.68 -24.22
CA TYR A 41 6.74 11.28 -24.06
C TYR A 41 7.92 11.12 -23.09
N PRO A 42 8.96 11.95 -23.16
CA PRO A 42 10.14 11.82 -22.24
C PRO A 42 9.76 11.96 -20.76
N ASP A 43 8.71 12.71 -20.48
CA ASP A 43 8.26 12.92 -19.11
C ASP A 43 7.18 11.90 -18.73
N ALA A 44 6.41 11.47 -19.73
CA ALA A 44 5.34 10.50 -19.49
C ALA A 44 5.93 9.17 -19.03
N ILE A 45 7.08 8.82 -19.59
CA ILE A 45 7.75 7.58 -19.22
C ILE A 45 8.15 7.61 -17.75
N TRP A 46 8.69 8.74 -17.32
CA TRP A 46 9.10 8.89 -15.94
C TRP A 46 7.89 8.75 -15.01
N TRP A 47 6.78 9.35 -15.40
CA TRP A 47 5.58 9.25 -14.61
C TRP A 47 5.17 7.79 -14.48
N SER A 48 5.32 7.03 -15.56
CA SER A 48 4.96 5.62 -15.53
C SER A 48 5.97 4.81 -14.73
N VAL A 49 6.01 5.04 -13.41
CA VAL A 49 6.93 4.31 -12.54
C VAL A 49 6.35 4.20 -11.14
N GLU A 50 6.52 5.26 -10.35
CA GLU A 50 6.02 5.27 -8.97
C GLU A 50 4.58 4.79 -8.93
N THR A 51 3.88 4.93 -10.05
CA THR A 51 2.48 4.51 -10.12
C THR A 51 2.39 3.00 -9.87
N ALA A 52 3.29 2.24 -10.50
CA ALA A 52 3.29 0.79 -10.33
C ALA A 52 3.51 0.43 -8.87
N THR A 53 4.19 1.30 -8.13
CA THR A 53 4.45 1.05 -6.72
C THR A 53 3.23 1.51 -5.90
N THR A 54 2.19 1.92 -6.60
CA THR A 54 0.97 2.40 -5.98
C THR A 54 1.28 3.40 -4.87
N VAL A 55 1.60 4.64 -5.26
CA VAL A 55 1.91 5.69 -4.29
C VAL A 55 1.29 7.02 -4.72
N GLY A 56 1.61 7.46 -5.93
CA GLY A 56 1.07 8.72 -6.44
C GLY A 56 1.45 9.90 -5.53
N TYR A 57 2.69 10.35 -5.64
CA TYR A 57 3.17 11.46 -4.83
C TYR A 57 2.35 12.73 -5.11
N GLY A 58 2.08 12.97 -6.39
CA GLY A 58 1.29 14.14 -6.79
C GLY A 58 1.92 14.82 -8.01
N ASP A 59 2.90 14.16 -8.62
CA ASP A 59 3.57 14.71 -9.78
C ASP A 59 2.56 14.99 -10.90
N ARG A 60 1.74 13.99 -11.20
CA ARG A 60 0.72 14.14 -12.25
C ARG A 60 -0.51 13.31 -11.90
N TYR A 61 -1.63 13.58 -12.58
CA TYR A 61 -2.85 12.84 -12.33
C TYR A 61 -3.75 12.85 -13.58
N PRO A 62 -4.29 11.73 -14.00
CA PRO A 62 -5.17 11.66 -15.21
C PRO A 62 -6.53 12.33 -14.98
N VAL A 63 -7.24 12.64 -16.08
CA VAL A 63 -8.55 13.28 -15.98
C VAL A 63 -9.64 12.21 -16.10
N THR A 64 -10.61 12.45 -16.99
CA THR A 64 -11.71 11.50 -17.21
C THR A 64 -11.65 10.92 -18.63
N GLU A 65 -11.27 11.75 -19.60
CA GLU A 65 -11.17 11.30 -20.99
C GLU A 65 -10.00 10.33 -21.18
N GLU A 66 -8.89 10.61 -20.52
CA GLU A 66 -7.71 9.75 -20.58
C GLU A 66 -8.00 8.40 -19.90
N GLY A 67 -9.28 8.05 -19.94
CA GLY A 67 -9.72 6.79 -19.39
C GLY A 67 -8.99 6.46 -18.09
N ARG A 68 -9.17 7.28 -17.04
CA ARG A 68 -8.47 7.08 -15.74
C ARG A 68 -8.07 5.62 -15.55
N LYS A 69 -8.88 4.72 -16.10
CA LYS A 69 -8.56 3.33 -16.06
C LYS A 69 -7.13 3.11 -16.56
N VAL A 70 -6.55 4.12 -17.25
CA VAL A 70 -5.17 3.97 -17.73
C VAL A 70 -4.21 3.75 -16.55
N ALA A 71 -4.34 4.61 -15.54
CA ALA A 71 -3.48 4.50 -14.37
C ALA A 71 -3.86 3.27 -13.55
N GLU A 72 -5.16 3.05 -13.39
CA GLU A 72 -5.64 1.92 -12.62
C GLU A 72 -4.95 0.63 -13.07
N GLN A 73 -4.82 0.45 -14.38
CA GLN A 73 -4.18 -0.74 -14.92
C GLN A 73 -2.72 -0.82 -14.46
N VAL A 74 -2.03 0.32 -14.43
CA VAL A 74 -0.63 0.32 -14.02
C VAL A 74 -0.48 -0.11 -12.56
N MET A 75 -1.35 0.42 -11.69
CA MET A 75 -1.29 0.08 -10.27
C MET A 75 -1.51 -1.42 -10.06
N LYS A 76 -2.44 -2.00 -10.81
CA LYS A 76 -2.72 -3.42 -10.69
C LYS A 76 -1.47 -4.23 -11.02
N ALA A 77 -0.74 -3.79 -12.05
CA ALA A 77 0.47 -4.49 -12.47
C ALA A 77 1.39 -4.73 -11.29
N GLY A 78 1.59 -3.68 -10.48
CA GLY A 78 2.44 -3.80 -9.32
C GLY A 78 1.86 -4.80 -8.32
N ILE A 79 0.60 -4.61 -7.98
CA ILE A 79 -0.08 -5.51 -7.05
C ILE A 79 -0.25 -6.89 -7.66
N GLU A 80 0.12 -7.02 -8.94
CA GLU A 80 0.00 -8.31 -9.63
C GLU A 80 1.32 -9.07 -9.58
N VAL A 81 2.40 -8.39 -9.94
CA VAL A 81 3.72 -8.99 -9.94
C VAL A 81 4.21 -9.23 -8.51
N PHE A 82 4.15 -8.19 -7.69
CA PHE A 82 4.60 -8.28 -6.30
C PHE A 82 3.77 -9.29 -5.53
N ALA A 83 2.47 -9.32 -5.78
CA ALA A 83 1.59 -10.25 -5.09
C ALA A 83 2.00 -11.69 -5.37
N LEU A 84 2.37 -11.96 -6.62
CA LEU A 84 2.78 -13.31 -7.01
C LEU A 84 4.03 -13.75 -6.28
N VAL A 85 4.98 -12.84 -6.10
CA VAL A 85 6.22 -13.17 -5.41
C VAL A 85 5.92 -13.88 -4.09
N THR A 86 4.65 -13.85 -3.68
CA THR A 86 4.25 -14.48 -2.44
C THR A 86 4.81 -15.91 -2.37
N ALA A 87 4.73 -16.61 -3.49
CA ALA A 87 5.23 -17.99 -3.55
C ALA A 87 6.66 -18.06 -3.03
N ALA A 88 7.30 -16.89 -2.87
CA ALA A 88 8.68 -16.83 -2.38
C ALA A 88 8.71 -16.36 -0.92
N LEU A 89 7.60 -15.78 -0.45
CA LEU A 89 7.52 -15.29 0.92
C LEU A 89 6.89 -16.34 1.84
N ALA A 90 5.80 -16.92 1.38
CA ALA A 90 5.11 -17.94 2.17
C ALA A 90 6.06 -19.07 2.52
N THR A 91 7.11 -19.21 1.72
CA THR A 91 8.09 -20.27 1.94
C THR A 91 9.19 -19.82 2.89
N ASP A 92 9.12 -18.56 3.32
CA ASP A 92 10.12 -18.00 4.24
C ASP A 92 10.11 -18.74 5.57
N PHE A 93 8.92 -18.92 6.15
CA PHE A 93 8.80 -19.62 7.44
C PHE A 93 8.85 -21.13 7.26
N VAL A 94 8.59 -21.59 6.05
CA VAL A 94 8.56 -23.03 5.78
C VAL A 94 9.92 -23.65 6.09
N ARG A 95 10.99 -22.98 5.68
CA ARG A 95 12.34 -23.48 5.93
C ARG A 95 12.57 -23.70 7.42
N ARG A 96 11.79 -23.01 8.25
CA ARG A 96 11.94 -23.14 9.70
C ARG A 96 11.85 -24.59 10.13
N GLU A 97 10.91 -25.33 9.56
CA GLU A 97 10.73 -26.73 9.89
C GLU A 97 11.84 -27.57 9.25
N GLU A 98 12.73 -26.88 8.53
CA GLU A 98 13.84 -27.54 7.85
C GLU A 98 15.14 -26.85 8.20
N GLU A 99 16.26 -27.48 7.84
CA GLU A 99 17.59 -26.93 8.10
C GLU A 99 17.86 -26.90 9.61
N ARG A 100 16.86 -26.47 10.37
CA ARG A 100 16.99 -26.40 11.83
C ARG A 100 17.24 -27.79 12.41
N ARG A 101 16.50 -28.78 11.93
CA ARG A 101 16.66 -30.16 12.40
C ARG A 101 17.56 -30.95 11.46
N GLY A 102 18.02 -30.29 10.40
CA GLY A 102 18.89 -30.95 9.42
C GLY A 102 18.10 -31.89 8.52
N HIS A 103 16.80 -31.69 8.47
CA HIS A 103 15.94 -32.54 7.65
C HIS A 103 16.41 -32.53 6.19
N SER B 1 12.26 -12.65 19.75
CA SER B 1 12.83 -13.74 20.60
C SER B 1 13.08 -14.97 19.73
N ALA B 2 12.15 -15.23 18.81
CA ALA B 2 12.27 -16.39 17.92
C ALA B 2 13.23 -16.09 16.78
N ASP B 3 13.66 -17.14 16.08
CA ASP B 3 14.59 -16.98 14.96
C ASP B 3 13.97 -16.12 13.86
N HIS B 4 12.71 -16.37 13.56
CA HIS B 4 12.02 -15.61 12.53
C HIS B 4 11.69 -14.21 13.02
N GLU B 5 11.38 -14.08 14.31
CA GLU B 5 11.05 -12.79 14.89
C GLU B 5 12.26 -11.86 14.86
N ARG B 6 13.42 -12.40 15.22
CA ARG B 6 14.65 -11.60 15.23
C ARG B 6 15.01 -11.16 13.82
N GLU B 7 14.82 -12.05 12.86
CA GLU B 7 15.13 -11.73 11.47
C GLU B 7 14.24 -10.60 10.98
N ALA B 8 12.99 -10.61 11.42
CA ALA B 8 12.03 -9.58 11.02
C ALA B 8 12.49 -8.20 11.50
N GLN B 9 12.99 -8.15 12.74
CA GLN B 9 13.46 -6.88 13.30
C GLN B 9 14.74 -6.44 12.59
N LYS B 10 15.57 -7.40 12.22
CA LYS B 10 16.83 -7.10 11.54
C LYS B 10 16.57 -6.40 10.21
N ALA B 11 15.51 -6.84 9.52
CA ALA B 11 15.16 -6.25 8.24
C ALA B 11 14.87 -4.76 8.37
N GLU B 12 14.26 -4.38 9.49
CA GLU B 12 13.94 -2.98 9.72
C GLU B 12 15.21 -2.16 9.87
N GLU B 13 16.24 -2.76 10.46
CA GLU B 13 17.50 -2.06 10.67
C GLU B 13 18.12 -1.70 9.32
N GLU B 14 18.00 -2.61 8.35
CA GLU B 14 18.54 -2.37 7.03
C GLU B 14 17.82 -1.22 6.34
N LEU B 15 16.53 -1.08 6.64
CA LEU B 15 15.74 -0.01 6.03
C LEU B 15 16.29 1.36 6.44
N GLN B 16 16.65 1.49 7.72
CA GLN B 16 17.19 2.75 8.22
C GLN B 16 18.50 3.10 7.52
N LYS B 17 19.33 2.08 7.28
CA LYS B 17 20.62 2.30 6.61
C LYS B 17 20.42 2.88 5.21
N VAL B 18 19.47 2.32 4.49
CA VAL B 18 19.18 2.78 3.13
C VAL B 18 18.69 4.21 3.13
N LEU B 19 17.83 4.54 4.11
CA LEU B 19 17.29 5.89 4.19
C LEU B 19 18.43 6.90 4.38
N GLU B 20 19.39 6.54 5.21
CA GLU B 20 20.53 7.42 5.45
C GLU B 20 21.32 7.60 4.17
N GLU B 21 21.62 6.50 3.49
CA GLU B 21 22.37 6.57 2.24
C GLU B 21 21.52 7.20 1.15
N ALA B 22 20.22 6.91 1.18
CA ALA B 22 19.31 7.46 0.19
C ALA B 22 19.21 8.97 0.35
N SER B 23 19.22 9.43 1.60
CA SER B 23 19.11 10.86 1.87
C SER B 23 20.20 11.63 1.14
N LYS B 24 21.43 11.12 1.20
CA LYS B 24 22.54 11.77 0.53
C LYS B 24 22.35 11.73 -0.99
N LYS B 25 21.79 10.63 -1.47
CA LYS B 25 21.55 10.49 -2.91
C LYS B 25 20.49 11.47 -3.39
N ALA B 26 19.40 11.59 -2.64
CA ALA B 26 18.31 12.48 -3.03
C ALA B 26 18.80 13.92 -3.19
N VAL B 27 19.53 14.42 -2.20
CA VAL B 27 20.02 15.79 -2.27
C VAL B 27 20.99 15.96 -3.44
N GLU B 28 21.90 15.00 -3.60
CA GLU B 28 22.89 15.05 -4.69
C GLU B 28 22.22 14.77 -6.03
N ALA B 29 21.33 13.79 -6.05
CA ALA B 29 20.63 13.42 -7.28
C ALA B 29 20.17 14.67 -8.03
N GLU B 30 19.56 15.59 -7.31
CA GLU B 30 19.10 16.84 -7.93
C GLU B 30 20.28 17.70 -8.36
N ARG B 31 20.39 18.88 -7.77
CA ARG B 31 21.48 19.79 -8.10
C ARG B 31 21.66 19.89 -9.61
N GLY B 32 20.80 20.69 -10.25
CA GLY B 32 20.86 20.87 -11.70
C GLY B 32 19.59 20.36 -12.38
N ALA B 33 18.73 19.71 -11.61
CA ALA B 33 17.49 19.18 -12.17
C ALA B 33 16.53 20.32 -12.53
N PRO B 34 15.68 20.15 -13.53
CA PRO B 34 14.72 21.21 -13.93
C PRO B 34 13.53 21.32 -12.98
N GLY B 35 13.35 22.50 -12.39
CA GLY B 35 12.26 22.74 -11.46
C GLY B 35 12.69 22.49 -10.03
N ALA B 36 13.74 21.68 -9.86
CA ALA B 36 14.24 21.36 -8.54
C ALA B 36 13.10 20.92 -7.62
N ALA B 37 13.45 20.51 -6.40
CA ALA B 37 12.45 20.06 -5.45
C ALA B 37 13.10 19.75 -4.10
N LEU B 38 13.59 18.52 -3.97
CA LEU B 38 14.24 18.10 -2.72
C LEU B 38 15.74 18.41 -2.76
N ILE B 39 16.08 19.66 -2.45
CA ILE B 39 17.48 20.10 -2.45
C ILE B 39 17.82 20.74 -1.10
N SER B 40 18.50 19.97 -0.25
CA SER B 40 18.87 20.47 1.07
C SER B 40 19.86 19.52 1.75
N TYR B 41 19.50 19.07 2.95
CA TYR B 41 20.35 18.17 3.72
C TYR B 41 19.63 17.72 4.99
N PRO B 42 19.36 18.63 5.90
CA PRO B 42 18.67 18.29 7.18
C PRO B 42 17.29 17.65 6.93
N ASP B 43 16.59 18.11 5.91
CA ASP B 43 15.26 17.59 5.59
C ASP B 43 15.36 16.46 4.56
N ALA B 44 16.58 16.14 4.14
CA ALA B 44 16.78 15.07 3.16
C ALA B 44 16.25 13.74 3.69
N ILE B 45 16.57 13.45 4.95
CA ILE B 45 16.11 12.23 5.58
C ILE B 45 14.60 12.26 5.80
N TRP B 46 14.09 13.43 6.15
CA TRP B 46 12.67 13.60 6.41
C TRP B 46 11.84 12.93 5.30
N TRP B 47 11.88 13.49 4.10
CA TRP B 47 11.14 12.91 2.98
C TRP B 47 11.57 11.46 2.75
N SER B 48 12.79 11.14 3.14
CA SER B 48 13.30 9.79 2.94
C SER B 48 12.53 8.77 3.79
N VAL B 49 12.23 9.15 5.03
CA VAL B 49 11.53 8.25 5.94
C VAL B 49 10.14 7.87 5.41
N GLU B 50 9.38 8.86 4.97
CA GLU B 50 8.05 8.59 4.45
C GLU B 50 8.12 7.83 3.15
N THR B 51 9.18 8.08 2.37
CA THR B 51 9.34 7.40 1.10
C THR B 51 9.43 5.89 1.27
N ALA B 52 10.20 5.43 2.25
CA ALA B 52 10.35 4.01 2.48
C ALA B 52 8.99 3.35 2.72
N THR B 53 8.05 4.13 3.24
CA THR B 53 6.71 3.60 3.51
C THR B 53 5.84 3.67 2.26
N THR B 54 6.41 4.14 1.16
CA THR B 54 5.67 4.27 -0.10
C THR B 54 4.39 5.06 0.13
N VAL B 55 4.32 5.75 1.26
CA VAL B 55 3.14 6.55 1.58
C VAL B 55 2.98 7.71 0.62
N GLY B 56 4.08 8.40 0.34
CA GLY B 56 4.04 9.54 -0.57
C GLY B 56 2.87 10.46 -0.22
N TYR B 57 2.92 11.06 0.96
CA TYR B 57 1.84 11.94 1.41
C TYR B 57 1.65 13.10 0.44
N GLY B 58 2.75 13.75 0.07
CA GLY B 58 2.69 14.89 -0.86
C GLY B 58 3.57 16.04 -0.37
N ASP B 59 4.33 15.79 0.69
CA ASP B 59 5.21 16.82 1.24
C ASP B 59 6.21 17.29 0.19
N ARG B 60 6.81 16.34 -0.51
CA ARG B 60 7.79 16.67 -1.56
C ARG B 60 7.69 15.67 -2.71
N TYR B 61 8.42 15.93 -3.78
CA TYR B 61 8.39 15.03 -4.94
C TYR B 61 9.69 15.19 -5.76
N PRO B 62 10.36 14.10 -6.10
CA PRO B 62 11.63 14.19 -6.90
C PRO B 62 11.39 14.66 -8.34
N VAL B 63 12.44 15.21 -8.94
CA VAL B 63 12.34 15.70 -10.32
C VAL B 63 12.57 14.54 -11.30
N THR B 64 13.28 14.82 -12.40
CA THR B 64 13.56 13.80 -13.42
C THR B 64 15.05 13.49 -13.50
N GLU B 65 15.87 14.54 -13.53
CA GLU B 65 17.31 14.36 -13.61
C GLU B 65 17.84 13.66 -12.36
N GLU B 66 17.16 13.85 -11.23
CA GLU B 66 17.55 13.22 -9.99
C GLU B 66 17.25 11.70 -10.04
N GLY B 67 17.37 11.19 -11.25
CA GLY B 67 17.17 9.77 -11.47
C GLY B 67 15.99 9.25 -10.67
N ARG B 68 14.76 9.76 -10.95
CA ARG B 68 13.54 9.35 -10.21
C ARG B 68 13.71 7.96 -9.59
N LYS B 69 14.48 7.13 -10.28
CA LYS B 69 14.78 5.81 -9.76
C LYS B 69 15.32 5.96 -8.35
N VAL B 70 15.71 7.19 -7.95
CA VAL B 70 16.20 7.39 -6.60
C VAL B 70 15.11 7.04 -5.60
N ALA B 71 13.90 7.54 -5.85
CA ALA B 71 12.78 7.24 -4.97
C ALA B 71 12.33 5.80 -5.16
N GLU B 72 12.37 5.35 -6.41
CA GLU B 72 11.96 3.99 -6.71
C GLU B 72 12.79 3.00 -5.91
N GLN B 73 14.09 3.26 -5.81
CA GLN B 73 14.97 2.38 -5.06
C GLN B 73 14.59 2.35 -3.58
N VAL B 74 14.31 3.52 -3.00
CA VAL B 74 13.93 3.59 -1.58
C VAL B 74 12.61 2.88 -1.33
N MET B 75 11.62 3.15 -2.18
CA MET B 75 10.30 2.52 -2.01
C MET B 75 10.40 1.01 -2.17
N LYS B 76 11.17 0.56 -3.16
CA LYS B 76 11.35 -0.86 -3.40
C LYS B 76 12.04 -1.51 -2.20
N ALA B 77 13.05 -0.84 -1.65
CA ALA B 77 13.78 -1.37 -0.51
C ALA B 77 12.86 -1.51 0.69
N GLY B 78 11.95 -0.56 0.86
CA GLY B 78 11.01 -0.60 1.97
C GLY B 78 10.05 -1.77 1.85
N ILE B 79 9.61 -2.06 0.63
CA ILE B 79 8.68 -3.15 0.40
C ILE B 79 9.35 -4.51 0.66
N GLU B 80 10.65 -4.58 0.48
CA GLU B 80 11.38 -5.83 0.69
C GLU B 80 11.44 -6.18 2.17
N VAL B 81 11.89 -5.22 2.97
CA VAL B 81 12.02 -5.43 4.41
C VAL B 81 10.67 -5.75 5.05
N PHE B 82 9.65 -4.97 4.71
CA PHE B 82 8.32 -5.18 5.26
C PHE B 82 7.72 -6.49 4.73
N ALA B 83 7.97 -6.78 3.47
CA ALA B 83 7.45 -8.00 2.86
C ALA B 83 8.07 -9.23 3.53
N LEU B 84 9.34 -9.13 3.87
CA LEU B 84 10.04 -10.24 4.51
C LEU B 84 9.37 -10.56 5.84
N VAL B 85 9.01 -9.52 6.58
CA VAL B 85 8.36 -9.72 7.88
C VAL B 85 7.20 -10.69 7.71
N THR B 86 6.78 -10.90 6.47
CA THR B 86 5.69 -11.83 6.19
C THR B 86 5.99 -13.17 6.84
N ALA B 87 7.25 -13.59 6.74
CA ALA B 87 7.67 -14.85 7.32
C ALA B 87 7.12 -15.02 8.73
N ALA B 88 7.41 -14.04 9.60
CA ALA B 88 6.95 -14.11 10.97
C ALA B 88 5.43 -14.02 11.04
N LEU B 89 4.81 -13.66 9.92
CA LEU B 89 3.36 -13.57 9.87
C LEU B 89 2.78 -14.83 9.25
N ALA B 90 3.56 -15.49 8.41
CA ALA B 90 3.13 -16.73 7.76
C ALA B 90 2.94 -17.81 8.82
N THR B 91 3.63 -17.65 9.93
CA THR B 91 3.57 -18.61 11.02
C THR B 91 2.36 -18.29 11.91
N ASP B 92 1.68 -17.19 11.60
CA ASP B 92 0.53 -16.77 12.38
C ASP B 92 -0.51 -17.90 12.46
N PHE B 93 -0.84 -18.46 11.30
CA PHE B 93 -1.83 -19.54 11.25
C PHE B 93 -1.30 -20.80 11.95
N VAL B 94 0.01 -21.01 11.90
CA VAL B 94 0.62 -22.18 12.51
C VAL B 94 0.37 -22.24 14.01
N ARG B 95 0.52 -21.10 14.68
CA ARG B 95 0.30 -21.05 16.12
C ARG B 95 -1.13 -21.44 16.48
N ARG B 96 -2.07 -21.21 15.57
CA ARG B 96 -3.46 -21.55 15.82
C ARG B 96 -3.58 -23.03 16.16
N GLU B 97 -2.86 -23.87 15.44
CA GLU B 97 -2.89 -25.31 15.66
C GLU B 97 -2.34 -25.66 17.05
N GLU B 98 -1.28 -24.98 17.47
CA GLU B 98 -0.68 -25.23 18.78
C GLU B 98 -1.64 -24.83 19.90
N GLU B 99 -2.39 -23.76 19.67
CA GLU B 99 -3.35 -23.27 20.66
C GLU B 99 -4.47 -24.28 20.85
N ARG B 100 -4.91 -24.90 19.76
CA ARG B 100 -5.99 -25.88 19.83
C ARG B 100 -5.58 -27.07 20.67
N ARG B 101 -4.34 -27.53 20.47
CA ARG B 101 -3.83 -28.68 21.21
C ARG B 101 -2.70 -28.25 22.15
N GLY B 102 -2.97 -28.34 23.45
CA GLY B 102 -1.99 -27.96 24.47
C GLY B 102 -2.32 -26.60 25.07
N HIS B 103 -3.14 -25.83 24.36
CA HIS B 103 -3.53 -24.50 24.84
C HIS B 103 -2.31 -23.73 25.34
N SER C 1 -16.99 -18.75 14.43
CA SER C 1 -16.34 -18.17 15.62
C SER C 1 -14.90 -18.67 15.72
N ALA C 2 -14.16 -18.51 14.63
CA ALA C 2 -12.76 -18.96 14.60
C ALA C 2 -11.90 -18.12 15.52
N ASP C 3 -10.91 -18.75 16.14
CA ASP C 3 -10.01 -18.04 17.04
C ASP C 3 -9.25 -16.96 16.28
N HIS C 4 -8.82 -17.29 15.07
CA HIS C 4 -8.08 -16.34 14.24
C HIS C 4 -8.97 -15.17 13.82
N GLU C 5 -10.22 -15.47 13.45
CA GLU C 5 -11.15 -14.45 13.02
C GLU C 5 -11.41 -13.45 14.15
N ARG C 6 -11.53 -13.97 15.37
CA ARG C 6 -11.78 -13.11 16.52
C ARG C 6 -10.59 -12.18 16.76
N GLU C 7 -9.39 -12.72 16.57
CA GLU C 7 -8.19 -11.92 16.76
C GLU C 7 -8.13 -10.80 15.74
N ALA C 8 -8.53 -11.11 14.51
CA ALA C 8 -8.51 -10.10 13.44
C ALA C 8 -9.44 -8.95 13.79
N GLN C 9 -10.62 -9.28 14.32
CA GLN C 9 -11.59 -8.25 14.69
C GLN C 9 -11.04 -7.40 15.84
N LYS C 10 -10.39 -8.06 16.80
CA LYS C 10 -9.83 -7.35 17.94
C LYS C 10 -8.73 -6.41 17.48
N ALA C 11 -7.98 -6.83 16.46
CA ALA C 11 -6.89 -6.01 15.93
C ALA C 11 -7.40 -4.67 15.42
N GLU C 12 -8.60 -4.68 14.85
CA GLU C 12 -9.18 -3.43 14.32
C GLU C 12 -9.38 -2.41 15.43
N GLU C 13 -9.81 -2.87 16.60
CA GLU C 13 -10.04 -1.99 17.73
C GLU C 13 -8.73 -1.37 18.20
N GLU C 14 -7.64 -2.14 18.10
CA GLU C 14 -6.34 -1.65 18.53
C GLU C 14 -5.89 -0.46 17.69
N LEU C 15 -6.20 -0.50 16.40
CA LEU C 15 -5.81 0.59 15.51
C LEU C 15 -6.47 1.89 15.95
N GLN C 16 -7.75 1.81 16.30
CA GLN C 16 -8.48 3.00 16.73
C GLN C 16 -7.84 3.61 17.98
N LYS C 17 -7.24 2.77 18.81
CA LYS C 17 -6.61 3.24 20.04
C LYS C 17 -5.47 4.21 19.72
N VAL C 18 -4.70 3.90 18.67
CA VAL C 18 -3.58 4.73 18.28
C VAL C 18 -4.06 6.07 17.75
N LEU C 19 -5.11 6.04 16.94
CA LEU C 19 -5.63 7.27 16.36
C LEU C 19 -6.12 8.21 17.46
N GLU C 20 -6.78 7.64 18.46
CA GLU C 20 -7.28 8.45 19.57
C GLU C 20 -6.09 9.07 20.31
N GLU C 21 -5.08 8.27 20.60
CA GLU C 21 -3.91 8.77 21.30
C GLU C 21 -3.10 9.69 20.38
N ALA C 22 -3.01 9.31 19.11
CA ALA C 22 -2.27 10.09 18.14
C ALA C 22 -2.97 11.42 17.88
N SER C 23 -4.30 11.39 17.82
CA SER C 23 -5.07 12.60 17.56
C SER C 23 -4.67 13.69 18.54
N LYS C 24 -4.58 13.33 19.82
CA LYS C 24 -4.18 14.31 20.83
C LYS C 24 -2.75 14.77 20.58
N LYS C 25 -1.87 13.80 20.34
CA LYS C 25 -0.47 14.12 20.09
C LYS C 25 -0.35 15.01 18.84
N ALA C 26 -1.18 14.75 17.84
CA ALA C 26 -1.14 15.54 16.61
C ALA C 26 -1.40 17.02 16.90
N VAL C 27 -2.50 17.32 17.57
CA VAL C 27 -2.82 18.71 17.88
C VAL C 27 -1.74 19.31 18.78
N GLU C 28 -1.29 18.53 19.76
CA GLU C 28 -0.26 18.99 20.69
C GLU C 28 1.08 19.16 19.96
N ALA C 29 1.42 18.19 19.12
CA ALA C 29 2.67 18.24 18.35
C ALA C 29 2.59 19.34 17.30
N GLU C 30 1.43 19.47 16.67
CA GLU C 30 1.23 20.50 15.64
C GLU C 30 1.19 21.89 16.25
N ARG C 31 0.55 22.02 17.41
CA ARG C 31 0.46 23.30 18.06
C ARG C 31 1.83 23.75 18.57
N GLY C 32 2.20 24.98 18.23
CA GLY C 32 3.49 25.53 18.64
C GLY C 32 4.56 25.33 17.56
N ALA C 33 4.16 24.69 16.46
CA ALA C 33 5.09 24.44 15.35
C ALA C 33 4.80 25.38 14.18
N PRO C 34 5.80 25.74 13.39
CA PRO C 34 5.59 26.65 12.23
C PRO C 34 4.94 25.94 11.05
N GLY C 35 4.02 26.63 10.38
CA GLY C 35 3.33 26.07 9.23
C GLY C 35 2.33 25.01 9.65
N ALA C 36 2.19 24.80 10.96
CA ALA C 36 1.27 23.80 11.47
C ALA C 36 -0.15 24.08 10.97
N ALA C 37 -0.57 23.30 9.98
CA ALA C 37 -1.91 23.46 9.41
C ALA C 37 -2.93 22.71 10.24
N LEU C 38 -2.53 21.55 10.77
CA LEU C 38 -3.43 20.74 11.59
C LEU C 38 -3.37 21.19 13.04
N ILE C 39 -4.30 22.06 13.43
CA ILE C 39 -4.35 22.57 14.81
C ILE C 39 -5.78 22.64 15.31
N SER C 40 -6.52 21.55 15.12
CA SER C 40 -7.92 21.49 15.56
C SER C 40 -8.21 20.14 16.18
N TYR C 41 -9.07 20.14 17.20
CA TYR C 41 -9.46 18.91 17.88
C TYR C 41 -10.32 18.03 16.96
N PRO C 42 -11.38 18.56 16.35
CA PRO C 42 -12.26 17.75 15.45
C PRO C 42 -11.49 17.15 14.27
N ASP C 43 -10.56 17.92 13.73
CA ASP C 43 -9.79 17.45 12.59
C ASP C 43 -8.64 16.54 13.02
N ALA C 44 -8.37 16.49 14.33
CA ALA C 44 -7.29 15.66 14.84
C ALA C 44 -7.58 14.17 14.59
N ILE C 45 -8.80 13.76 14.90
CA ILE C 45 -9.20 12.37 14.69
C ILE C 45 -9.40 12.08 13.20
N TRP C 46 -9.97 13.04 12.49
CA TRP C 46 -10.23 12.88 11.07
C TRP C 46 -8.93 12.72 10.29
N TRP C 47 -7.95 13.57 10.58
CA TRP C 47 -6.67 13.46 9.90
C TRP C 47 -6.04 12.11 10.21
N SER C 48 -6.18 11.66 11.45
CA SER C 48 -5.59 10.39 11.86
C SER C 48 -6.20 9.23 11.06
N VAL C 49 -7.48 9.34 10.72
CA VAL C 49 -8.16 8.29 9.96
C VAL C 49 -7.51 8.07 8.60
N GLU C 50 -7.28 9.15 7.87
CA GLU C 50 -6.68 9.03 6.55
C GLU C 50 -5.21 8.62 6.66
N THR C 51 -4.61 8.88 7.84
CA THR C 51 -3.21 8.53 8.05
C THR C 51 -3.04 7.03 8.26
N ALA C 52 -3.94 6.43 9.03
CA ALA C 52 -3.84 5.01 9.33
C ALA C 52 -3.93 4.18 8.04
N THR C 53 -4.75 4.63 7.11
CA THR C 53 -4.89 3.92 5.84
C THR C 53 -3.67 4.18 4.96
N THR C 54 -2.85 5.15 5.36
CA THR C 54 -1.65 5.49 4.61
C THR C 54 -2.01 6.15 3.28
N VAL C 55 -3.30 6.32 3.04
CA VAL C 55 -3.76 6.94 1.81
C VAL C 55 -3.31 8.41 1.74
N GLY C 56 -3.48 9.13 2.85
CA GLY C 56 -3.10 10.53 2.88
C GLY C 56 -3.57 11.25 1.61
N TYR C 57 -4.85 11.60 1.58
CA TYR C 57 -5.40 12.28 0.40
C TYR C 57 -4.70 13.61 0.17
N GLY C 58 -4.52 14.39 1.23
CA GLY C 58 -3.86 15.69 1.13
C GLY C 58 -4.64 16.77 1.87
N ASP C 59 -5.44 16.34 2.84
CA ASP C 59 -6.23 17.28 3.62
C ASP C 59 -5.33 18.25 4.38
N ARG C 60 -4.23 17.72 4.93
CA ARG C 60 -3.29 18.55 5.68
C ARG C 60 -1.88 18.04 5.47
N TYR C 61 -0.97 18.44 6.35
CA TYR C 61 0.42 17.98 6.23
C TYR C 61 1.24 18.41 7.46
N PRO C 62 1.69 17.49 8.30
CA PRO C 62 2.49 17.84 9.50
C PRO C 62 3.90 18.34 9.13
N VAL C 63 4.75 18.50 10.15
CA VAL C 63 6.12 18.96 9.93
C VAL C 63 7.09 18.18 10.82
N THR C 64 8.33 18.65 10.88
CA THR C 64 9.35 18.01 11.70
C THR C 64 9.17 18.36 13.16
N GLU C 65 8.94 19.64 13.44
CA GLU C 65 8.76 20.09 14.81
C GLU C 65 7.77 19.19 15.54
N GLU C 66 6.61 18.96 14.92
CA GLU C 66 5.59 18.09 15.51
C GLU C 66 6.07 16.61 15.42
N GLY C 67 7.36 16.45 15.58
CA GLY C 67 7.93 15.12 15.58
C GLY C 67 7.36 14.26 14.45
N ARG C 68 7.63 14.63 13.19
CA ARG C 68 7.11 13.91 12.01
C ARG C 68 6.72 12.50 12.35
N LYS C 69 7.51 11.91 13.20
CA LYS C 69 7.24 10.57 13.66
C LYS C 69 5.75 10.44 14.01
N VAL C 70 5.06 11.58 14.21
CA VAL C 70 3.64 11.51 14.52
C VAL C 70 2.88 10.80 13.38
N ALA C 71 3.20 11.17 12.13
CA ALA C 71 2.55 10.54 10.98
C ALA C 71 3.01 9.11 10.80
N GLU C 72 4.32 8.91 10.90
CA GLU C 72 4.90 7.59 10.73
C GLU C 72 4.41 6.64 11.82
N GLN C 73 4.21 7.16 13.02
CA GLN C 73 3.75 6.33 14.14
C GLN C 73 2.39 5.70 13.85
N VAL C 74 1.41 6.52 13.48
CA VAL C 74 0.06 6.01 13.20
C VAL C 74 0.07 5.12 11.95
N MET C 75 0.75 5.57 10.91
CA MET C 75 0.82 4.82 9.66
C MET C 75 1.42 3.44 9.88
N LYS C 76 2.49 3.37 10.66
CA LYS C 76 3.13 2.09 10.92
C LYS C 76 2.20 1.16 11.68
N ALA C 77 1.49 1.70 12.67
CA ALA C 77 0.56 0.89 13.45
C ALA C 77 -0.57 0.35 12.56
N GLY C 78 -1.04 1.17 11.64
CA GLY C 78 -2.12 0.78 10.74
C GLY C 78 -1.68 -0.35 9.80
N ILE C 79 -0.49 -0.22 9.24
CA ILE C 79 0.02 -1.23 8.31
C ILE C 79 0.17 -2.58 9.02
N GLU C 80 0.69 -2.55 10.23
CA GLU C 80 0.89 -3.78 10.99
C GLU C 80 -0.44 -4.45 11.32
N VAL C 81 -1.44 -3.64 11.66
CA VAL C 81 -2.76 -4.19 12.01
C VAL C 81 -3.40 -4.91 10.82
N PHE C 82 -3.41 -4.25 9.67
CA PHE C 82 -4.00 -4.85 8.48
C PHE C 82 -3.25 -6.10 8.05
N ALA C 83 -1.92 -6.05 8.10
CA ALA C 83 -1.11 -7.19 7.71
C ALA C 83 -1.33 -8.35 8.66
N LEU C 84 -1.52 -8.04 9.94
CA LEU C 84 -1.74 -9.06 10.96
C LEU C 84 -3.00 -9.87 10.68
N VAL C 85 -4.03 -9.24 10.12
CA VAL C 85 -5.26 -9.94 9.82
C VAL C 85 -4.99 -11.18 8.97
N THR C 86 -3.73 -11.35 8.56
CA THR C 86 -3.35 -12.50 7.76
C THR C 86 -3.59 -13.79 8.55
N ALA C 87 -3.29 -13.76 9.84
CA ALA C 87 -3.48 -14.93 10.70
C ALA C 87 -4.79 -15.63 10.35
N ALA C 88 -5.72 -14.89 9.72
CA ALA C 88 -7.00 -15.44 9.32
C ALA C 88 -7.00 -15.76 7.82
N LEU C 89 -6.37 -14.90 7.04
CA LEU C 89 -6.30 -15.09 5.59
C LEU C 89 -5.33 -16.22 5.24
N ALA C 90 -4.18 -16.23 5.92
CA ALA C 90 -3.15 -17.24 5.67
C ALA C 90 -3.71 -18.66 5.83
N THR C 91 -4.67 -18.81 6.72
CA THR C 91 -5.27 -20.12 6.98
C THR C 91 -6.28 -20.45 5.87
N ASP C 92 -6.48 -19.51 4.96
CA ASP C 92 -7.44 -19.71 3.88
C ASP C 92 -7.06 -20.94 3.05
N PHE C 93 -5.78 -21.01 2.66
CA PHE C 93 -5.29 -22.13 1.87
C PHE C 93 -5.27 -23.42 2.69
N VAL C 94 -5.05 -23.27 4.00
CA VAL C 94 -4.98 -24.43 4.89
C VAL C 94 -6.28 -25.23 4.89
N ARG C 95 -7.41 -24.54 4.93
CA ARG C 95 -8.71 -25.21 4.94
C ARG C 95 -8.90 -26.09 3.72
N ARG C 96 -8.16 -25.80 2.65
CA ARG C 96 -8.28 -26.58 1.41
C ARG C 96 -8.40 -28.07 1.73
N GLU C 97 -7.67 -28.51 2.75
CA GLU C 97 -7.69 -29.92 3.14
C GLU C 97 -9.07 -30.31 3.64
N GLU C 98 -9.70 -29.43 4.42
CA GLU C 98 -11.03 -29.69 4.96
C GLU C 98 -12.05 -29.75 3.83
N GLU C 99 -11.95 -28.82 2.90
CA GLU C 99 -12.87 -28.75 1.76
C GLU C 99 -12.68 -29.98 0.87
N ARG C 100 -11.44 -30.28 0.54
CA ARG C 100 -11.14 -31.43 -0.32
C ARG C 100 -11.52 -32.74 0.38
N ARG C 101 -11.20 -32.83 1.67
CA ARG C 101 -11.51 -34.03 2.44
C ARG C 101 -12.60 -33.74 3.47
N GLY C 102 -13.75 -34.38 3.28
CA GLY C 102 -14.89 -34.19 4.18
C GLY C 102 -15.97 -33.32 3.53
N HIS C 103 -15.64 -32.70 2.41
CA HIS C 103 -16.59 -31.85 1.71
C HIS C 103 -16.10 -31.56 0.30
N SER D 1 -8.89 -23.65 -13.68
CA SER D 1 -9.09 -23.02 -12.36
C SER D 1 -8.95 -24.07 -11.26
N ALA D 2 -7.87 -23.99 -10.50
CA ALA D 2 -7.62 -24.95 -9.42
C ALA D 2 -8.85 -25.06 -8.54
N ASP D 3 -8.89 -24.26 -7.48
CA ASP D 3 -10.02 -24.29 -6.55
C ASP D 3 -10.10 -22.99 -5.76
N HIS D 4 -8.95 -22.52 -5.28
CA HIS D 4 -8.91 -21.28 -4.50
C HIS D 4 -8.96 -20.06 -5.41
N GLU D 5 -8.63 -20.26 -6.69
CA GLU D 5 -8.64 -19.16 -7.65
C GLU D 5 -10.08 -18.67 -7.88
N ARG D 6 -11.01 -19.61 -7.86
CA ARG D 6 -12.41 -19.27 -8.07
C ARG D 6 -12.92 -18.35 -6.97
N GLU D 7 -12.51 -18.63 -5.73
CA GLU D 7 -12.93 -17.81 -4.61
C GLU D 7 -12.32 -16.41 -4.72
N ALA D 8 -11.04 -16.37 -5.08
CA ALA D 8 -10.35 -15.09 -5.22
C ALA D 8 -10.93 -14.28 -6.37
N GLN D 9 -11.28 -14.97 -7.46
CA GLN D 9 -11.84 -14.30 -8.62
C GLN D 9 -13.18 -13.66 -8.27
N LYS D 10 -13.99 -14.37 -7.50
CA LYS D 10 -15.31 -13.87 -7.11
C LYS D 10 -15.16 -12.60 -6.27
N ALA D 11 -14.16 -12.57 -5.41
CA ALA D 11 -13.92 -11.42 -4.54
C ALA D 11 -13.71 -10.15 -5.37
N GLU D 12 -13.19 -10.30 -6.58
CA GLU D 12 -12.95 -9.14 -7.44
C GLU D 12 -14.25 -8.43 -7.77
N GLU D 13 -15.29 -9.21 -8.05
CA GLU D 13 -16.59 -8.64 -8.38
C GLU D 13 -17.18 -7.91 -7.19
N GLU D 14 -16.90 -8.42 -5.99
CA GLU D 14 -17.42 -7.80 -4.78
C GLU D 14 -16.89 -6.38 -4.63
N LEU D 15 -15.63 -6.17 -5.01
CA LEU D 15 -15.02 -4.85 -4.90
C LEU D 15 -15.75 -3.85 -5.80
N GLN D 16 -16.10 -4.30 -7.00
CA GLN D 16 -16.79 -3.44 -7.96
C GLN D 16 -18.15 -3.01 -7.41
N LYS D 17 -18.80 -3.90 -6.66
CA LYS D 17 -20.12 -3.60 -6.09
C LYS D 17 -20.04 -2.40 -5.14
N VAL D 18 -19.02 -2.40 -4.29
CA VAL D 18 -18.83 -1.33 -3.33
C VAL D 18 -18.58 0.01 -4.02
N LEU D 19 -17.86 -0.05 -5.13
CA LEU D 19 -17.55 1.17 -5.87
C LEU D 19 -18.84 1.83 -6.33
N GLU D 20 -19.78 1.02 -6.81
CA GLU D 20 -21.06 1.54 -7.26
C GLU D 20 -21.84 2.11 -6.09
N GLU D 21 -21.91 1.36 -4.99
CA GLU D 21 -22.63 1.82 -3.82
C GLU D 21 -21.90 3.01 -3.21
N ALA D 22 -20.57 2.98 -3.25
CA ALA D 22 -19.77 4.06 -2.70
C ALA D 22 -19.88 5.30 -3.58
N SER D 23 -20.10 5.09 -4.87
CA SER D 23 -20.21 6.21 -5.81
C SER D 23 -21.34 7.15 -5.41
N LYS D 24 -22.49 6.60 -5.08
CA LYS D 24 -23.62 7.43 -4.69
C LYS D 24 -23.33 8.13 -3.36
N LYS D 25 -22.68 7.43 -2.45
CA LYS D 25 -22.36 7.99 -1.15
C LYS D 25 -21.43 9.19 -1.30
N ALA D 26 -20.40 9.05 -2.13
CA ALA D 26 -19.45 10.14 -2.34
C ALA D 26 -20.17 11.36 -2.93
N VAL D 27 -21.09 11.11 -3.85
CA VAL D 27 -21.84 12.20 -4.48
C VAL D 27 -22.72 12.90 -3.44
N GLU D 28 -23.42 12.10 -2.64
CA GLU D 28 -24.30 12.64 -1.61
C GLU D 28 -23.48 13.29 -0.49
N ALA D 29 -22.40 12.63 -0.09
CA ALA D 29 -21.54 13.15 0.97
C ALA D 29 -20.99 14.52 0.58
N GLU D 30 -20.57 14.66 -0.67
CA GLU D 30 -20.03 15.93 -1.14
C GLU D 30 -21.12 17.00 -1.15
N ARG D 31 -22.32 16.61 -1.57
CA ARG D 31 -23.42 17.55 -1.65
C ARG D 31 -23.73 18.12 -0.27
N GLY D 32 -23.53 19.42 -0.12
CA GLY D 32 -23.81 20.10 1.15
C GLY D 32 -22.53 20.35 1.91
N ALA D 33 -21.44 19.71 1.49
CA ALA D 33 -20.15 19.89 2.17
C ALA D 33 -19.32 20.97 1.45
N PRO D 34 -19.09 22.12 2.04
CA PRO D 34 -18.29 23.20 1.40
C PRO D 34 -16.79 22.91 1.40
N GLY D 35 -16.10 23.41 0.38
CA GLY D 35 -14.66 23.20 0.28
C GLY D 35 -14.34 21.79 -0.20
N ALA D 36 -15.38 21.02 -0.47
CA ALA D 36 -15.21 19.64 -0.93
C ALA D 36 -15.08 19.60 -2.46
N ALA D 37 -14.61 18.47 -2.97
CA ALA D 37 -14.44 18.31 -4.41
C ALA D 37 -14.70 16.86 -4.83
N LEU D 38 -15.97 16.53 -5.04
CA LEU D 38 -16.36 15.19 -5.43
C LEU D 38 -17.85 15.12 -5.74
N ILE D 39 -18.23 15.58 -6.94
CA ILE D 39 -19.63 15.58 -7.37
C ILE D 39 -19.79 14.90 -8.71
N SER D 40 -21.03 14.56 -9.05
CA SER D 40 -21.31 13.88 -10.31
C SER D 40 -21.04 12.39 -10.19
N TYR D 41 -22.05 11.57 -10.47
CA TYR D 41 -21.91 10.13 -10.43
C TYR D 41 -20.83 9.66 -11.40
N PRO D 42 -20.81 10.13 -12.65
CA PRO D 42 -19.77 9.70 -13.64
C PRO D 42 -18.35 10.01 -13.16
N ASP D 43 -18.20 11.11 -12.44
CA ASP D 43 -16.88 11.52 -11.94
C ASP D 43 -16.62 10.95 -10.54
N ALA D 44 -17.69 10.74 -9.77
CA ALA D 44 -17.56 10.21 -8.42
C ALA D 44 -17.01 8.79 -8.44
N ILE D 45 -17.49 8.00 -9.40
CA ILE D 45 -17.02 6.62 -9.54
C ILE D 45 -15.53 6.59 -9.86
N TRP D 46 -15.07 7.61 -10.59
CA TRP D 46 -13.66 7.68 -10.96
C TRP D 46 -12.79 7.71 -9.70
N TRP D 47 -13.16 8.55 -8.74
CA TRP D 47 -12.41 8.62 -7.49
C TRP D 47 -12.57 7.33 -6.71
N SER D 48 -13.78 6.77 -6.72
CA SER D 48 -14.04 5.55 -5.99
C SER D 48 -13.09 4.43 -6.43
N VAL D 49 -12.85 4.37 -7.74
CA VAL D 49 -11.95 3.35 -8.28
C VAL D 49 -10.55 3.48 -7.68
N GLU D 50 -10.02 4.69 -7.70
CA GLU D 50 -8.69 4.93 -7.16
C GLU D 50 -8.71 4.73 -5.65
N THR D 51 -9.84 5.03 -5.03
CA THR D 51 -9.97 4.87 -3.59
C THR D 51 -9.84 3.40 -3.20
N ALA D 52 -10.52 2.53 -3.93
CA ALA D 52 -10.47 1.10 -3.64
C ALA D 52 -9.03 0.60 -3.75
N THR D 53 -8.22 1.28 -4.55
CA THR D 53 -6.82 0.90 -4.74
C THR D 53 -5.95 1.57 -3.68
N THR D 54 -6.58 2.26 -2.74
CA THR D 54 -5.85 2.94 -1.68
C THR D 54 -4.61 3.65 -2.22
N VAL D 55 -4.81 4.69 -3.03
CA VAL D 55 -3.69 5.45 -3.59
C VAL D 55 -3.96 6.94 -3.48
N GLY D 56 -5.20 7.36 -3.71
CA GLY D 56 -5.54 8.77 -3.63
C GLY D 56 -4.54 9.61 -4.42
N TYR D 57 -4.69 9.63 -5.74
CA TYR D 57 -3.78 10.40 -6.60
C TYR D 57 -3.85 11.89 -6.26
N GLY D 58 -5.07 12.39 -6.10
CA GLY D 58 -5.26 13.82 -5.78
C GLY D 58 -6.41 14.39 -6.61
N ASP D 59 -7.02 13.56 -7.45
CA ASP D 59 -8.11 14.02 -8.28
C ASP D 59 -9.22 14.60 -7.42
N ARG D 60 -9.64 13.85 -6.41
CA ARG D 60 -10.70 14.31 -5.51
C ARG D 60 -10.26 14.13 -4.08
N TYR D 61 -10.60 15.11 -3.23
CA TYR D 61 -10.22 15.05 -1.82
C TYR D 61 -11.44 15.33 -0.91
N PRO D 62 -12.00 14.31 -0.26
CA PRO D 62 -13.18 14.50 0.62
C PRO D 62 -12.83 15.27 1.91
N VAL D 63 -13.83 15.93 2.48
CA VAL D 63 -13.63 16.71 3.72
C VAL D 63 -14.30 16.00 4.89
N THR D 64 -14.52 16.73 5.98
CA THR D 64 -15.15 16.16 7.17
C THR D 64 -16.67 16.28 7.07
N GLU D 65 -17.15 17.19 6.24
CA GLU D 65 -18.59 17.38 6.07
C GLU D 65 -19.18 16.28 5.18
N GLU D 66 -18.30 15.55 4.50
CA GLU D 66 -18.72 14.45 3.63
C GLU D 66 -18.44 13.12 4.35
N GLY D 67 -18.47 13.20 5.67
CA GLY D 67 -18.22 12.03 6.47
C GLY D 67 -17.01 11.31 5.97
N ARG D 68 -15.84 11.98 5.97
CA ARG D 68 -14.57 11.40 5.48
C ARG D 68 -14.59 9.88 5.59
N LYS D 69 -15.33 9.38 6.56
CA LYS D 69 -15.48 7.97 6.74
C LYS D 69 -16.04 7.35 5.45
N VAL D 70 -16.58 8.19 4.53
CA VAL D 70 -17.12 7.65 3.30
C VAL D 70 -15.99 6.96 2.53
N ALA D 71 -14.86 7.64 2.41
CA ALA D 71 -13.72 7.07 1.72
C ALA D 71 -13.20 5.88 2.50
N GLU D 72 -13.01 6.06 3.80
CA GLU D 72 -12.51 5.00 4.65
C GLU D 72 -13.17 3.66 4.33
N GLN D 73 -14.50 3.60 4.46
CA GLN D 73 -15.24 2.36 4.20
C GLN D 73 -14.82 1.73 2.87
N VAL D 74 -14.61 2.55 1.84
CA VAL D 74 -14.23 2.02 0.53
C VAL D 74 -12.88 1.27 0.59
N MET D 75 -11.93 1.85 1.29
CA MET D 75 -10.59 1.24 1.40
C MET D 75 -10.68 -0.16 2.01
N LYS D 76 -11.53 -0.33 3.01
CA LYS D 76 -11.67 -1.63 3.65
C LYS D 76 -12.14 -2.66 2.64
N ALA D 77 -13.05 -2.27 1.76
CA ALA D 77 -13.56 -3.19 0.76
C ALA D 77 -12.44 -3.65 -0.17
N GLY D 78 -11.58 -2.71 -0.55
CA GLY D 78 -10.47 -3.01 -1.44
C GLY D 78 -9.38 -3.81 -0.73
N ILE D 79 -9.03 -3.40 0.49
CA ILE D 79 -7.99 -4.07 1.24
C ILE D 79 -8.37 -5.53 1.54
N GLU D 80 -9.61 -5.75 1.96
CA GLU D 80 -10.06 -7.10 2.27
C GLU D 80 -10.08 -7.99 1.03
N VAL D 81 -10.59 -7.44 -0.07
CA VAL D 81 -10.68 -8.22 -1.31
C VAL D 81 -9.30 -8.58 -1.84
N PHE D 82 -8.41 -7.59 -1.89
CA PHE D 82 -7.06 -7.84 -2.39
C PHE D 82 -6.24 -8.62 -1.39
N ALA D 83 -6.72 -8.68 -0.14
CA ALA D 83 -6.01 -9.42 0.90
C ALA D 83 -6.59 -10.82 1.04
N LEU D 84 -7.86 -10.97 0.66
CA LEU D 84 -8.52 -12.27 0.74
C LEU D 84 -7.85 -13.25 -0.22
N VAL D 85 -7.55 -12.79 -1.42
CA VAL D 85 -6.91 -13.64 -2.41
C VAL D 85 -5.59 -14.18 -1.88
N THR D 86 -5.07 -13.52 -0.84
CA THR D 86 -3.81 -13.95 -0.22
C THR D 86 -3.71 -15.47 -0.20
N ALA D 87 -4.87 -16.12 -0.11
CA ALA D 87 -4.93 -17.58 -0.09
C ALA D 87 -4.28 -18.16 -1.34
N ALA D 88 -4.87 -17.86 -2.49
CA ALA D 88 -4.35 -18.37 -3.76
C ALA D 88 -2.86 -18.03 -3.90
N LEU D 89 -2.50 -16.84 -3.42
CA LEU D 89 -1.10 -16.41 -3.47
C LEU D 89 -0.26 -17.30 -2.57
N ALA D 90 -0.83 -17.67 -1.42
CA ALA D 90 -0.11 -18.51 -0.46
C ALA D 90 0.14 -19.88 -1.05
N THR D 91 -0.93 -20.64 -1.28
CA THR D 91 -0.80 -21.98 -1.84
C THR D 91 0.10 -21.97 -3.07
N ASP D 92 0.54 -20.79 -3.50
CA ASP D 92 1.41 -20.67 -4.67
C ASP D 92 2.78 -21.28 -4.40
N PHE D 93 3.15 -21.41 -3.12
CA PHE D 93 4.46 -21.96 -2.76
C PHE D 93 4.47 -23.49 -2.89
N VAL D 94 3.28 -24.08 -2.94
CA VAL D 94 3.15 -25.53 -3.03
C VAL D 94 3.78 -26.07 -4.30
N ARG D 95 3.62 -25.35 -5.40
CA ARG D 95 4.17 -25.76 -6.68
C ARG D 95 5.65 -26.13 -6.52
N ARG D 96 6.29 -25.58 -5.49
CA ARG D 96 7.70 -25.85 -5.26
C ARG D 96 7.92 -27.36 -5.04
N GLU D 97 7.03 -27.98 -4.27
CA GLU D 97 7.12 -29.41 -3.99
C GLU D 97 6.32 -30.22 -5.01
N GLU D 98 5.19 -29.67 -5.46
CA GLU D 98 4.35 -30.35 -6.45
C GLU D 98 4.71 -29.88 -7.85
N GLU D 99 3.97 -30.35 -8.85
CA GLU D 99 4.21 -29.97 -10.24
C GLU D 99 5.63 -30.34 -10.66
N ARG D 100 6.61 -29.61 -10.14
CA ARG D 100 8.00 -29.87 -10.47
C ARG D 100 8.37 -31.30 -10.10
N ARG D 101 7.93 -31.74 -8.92
CA ARG D 101 8.21 -33.10 -8.44
C ARG D 101 6.91 -33.86 -8.22
N GLY D 102 6.63 -34.82 -9.10
CA GLY D 102 5.42 -35.63 -9.00
C GLY D 102 4.39 -35.21 -10.03
N HIS D 103 4.69 -34.16 -10.78
CA HIS D 103 3.77 -33.67 -11.81
C HIS D 103 2.33 -33.69 -11.31
N SER A 1 17.65 -20.98 -7.33
CA SER A 1 16.39 -20.73 -8.08
C SER A 1 15.19 -20.97 -7.17
N ALA A 2 15.32 -21.95 -6.29
CA ALA A 2 14.25 -22.27 -5.36
C ALA A 2 12.94 -22.47 -6.09
N ASP A 3 13.01 -22.50 -7.42
CA ASP A 3 11.82 -22.67 -8.25
C ASP A 3 10.77 -21.62 -7.91
N HIS A 4 11.23 -20.45 -7.48
CA HIS A 4 10.31 -19.37 -7.13
C HIS A 4 11.04 -18.03 -7.10
N GLU A 5 12.28 -18.03 -6.64
CA GLU A 5 13.06 -16.82 -6.56
C GLU A 5 13.35 -16.28 -7.96
N ARG A 6 13.69 -17.18 -8.87
CA ARG A 6 13.98 -16.79 -10.24
C ARG A 6 12.74 -16.21 -10.90
N GLU A 7 11.60 -16.84 -10.65
CA GLU A 7 10.35 -16.37 -11.23
C GLU A 7 9.95 -15.03 -10.61
N ALA A 8 10.26 -14.86 -9.32
CA ALA A 8 9.92 -13.63 -8.63
C ALA A 8 10.59 -12.43 -9.31
N GLN A 9 11.89 -12.53 -9.55
CA GLN A 9 12.62 -11.45 -10.20
C GLN A 9 12.17 -11.31 -11.66
N LYS A 10 11.81 -12.42 -12.27
CA LYS A 10 11.36 -12.42 -13.66
C LYS A 10 10.09 -11.60 -13.80
N ALA A 11 9.22 -11.68 -12.78
CA ALA A 11 7.96 -10.96 -12.80
C ALA A 11 8.20 -9.45 -12.86
N GLU A 12 9.25 -8.98 -12.21
CA GLU A 12 9.57 -7.56 -12.21
C GLU A 12 9.84 -7.06 -13.62
N GLU A 13 10.55 -7.87 -14.41
CA GLU A 13 10.86 -7.50 -15.78
C GLU A 13 9.58 -7.37 -16.61
N GLU A 14 8.59 -8.20 -16.29
CA GLU A 14 7.33 -8.17 -17.01
C GLU A 14 6.65 -6.81 -16.84
N LEU A 15 6.70 -6.27 -15.63
CA LEU A 15 6.08 -4.98 -15.36
C LEU A 15 6.81 -3.86 -16.10
N GLN A 16 8.13 -3.96 -16.15
CA GLN A 16 8.93 -2.93 -16.80
C GLN A 16 8.43 -2.61 -18.20
N LYS A 17 8.22 -3.63 -19.02
CA LYS A 17 7.74 -3.41 -20.38
C LYS A 17 6.26 -3.04 -20.43
N VAL A 18 5.48 -3.56 -19.48
CA VAL A 18 4.04 -3.29 -19.45
C VAL A 18 3.76 -1.80 -19.22
N LEU A 19 4.42 -1.21 -18.24
CA LEU A 19 4.20 0.20 -17.93
C LEU A 19 4.77 1.06 -19.05
N GLU A 20 5.80 0.56 -19.72
CA GLU A 20 6.39 1.30 -20.83
C GLU A 20 5.35 1.52 -21.93
N GLU A 21 4.63 0.46 -22.28
CA GLU A 21 3.60 0.57 -23.31
C GLU A 21 2.48 1.48 -22.82
N ALA A 22 2.15 1.36 -21.54
CA ALA A 22 1.10 2.18 -20.96
C ALA A 22 1.51 3.65 -21.00
N SER A 23 2.80 3.91 -20.80
CA SER A 23 3.30 5.28 -20.83
C SER A 23 2.88 5.96 -22.13
N LYS A 24 2.96 5.20 -23.23
CA LYS A 24 2.57 5.73 -24.52
C LYS A 24 1.08 6.08 -24.51
N LYS A 25 0.31 5.33 -23.73
CA LYS A 25 -1.12 5.58 -23.65
C LYS A 25 -1.41 6.76 -22.71
N ALA A 26 -0.66 6.84 -21.61
CA ALA A 26 -0.87 7.91 -20.63
C ALA A 26 -0.66 9.30 -21.25
N VAL A 27 0.41 9.47 -22.02
CA VAL A 27 0.67 10.77 -22.64
C VAL A 27 -0.47 11.12 -23.58
N GLU A 28 -0.87 10.15 -24.39
CA GLU A 28 -1.98 10.36 -25.33
C GLU A 28 -3.29 10.55 -24.57
N ALA A 29 -3.49 9.74 -23.54
CA ALA A 29 -4.70 9.82 -22.72
C ALA A 29 -4.76 11.18 -22.02
N GLU A 30 -3.61 11.62 -21.51
CA GLU A 30 -3.55 12.92 -20.83
C GLU A 30 -3.60 14.06 -21.84
N ARG A 31 -2.88 13.90 -22.94
CA ARG A 31 -2.85 14.92 -23.96
C ARG A 31 -4.17 14.98 -24.71
N GLY A 32 -4.75 16.17 -24.77
CA GLY A 32 -6.02 16.40 -25.47
C GLY A 32 -7.19 16.39 -24.49
N ALA A 33 -6.89 16.18 -23.21
CA ALA A 33 -7.93 16.14 -22.18
C ALA A 33 -7.92 17.45 -21.38
N PRO A 34 -9.04 17.86 -20.84
CA PRO A 34 -9.12 19.13 -20.04
C PRO A 34 -8.51 18.96 -18.65
N GLY A 35 -7.44 19.71 -18.38
CA GLY A 35 -6.76 19.64 -17.08
C GLY A 35 -5.58 18.68 -17.14
N ALA A 36 -5.09 18.41 -18.35
CA ALA A 36 -3.95 17.51 -18.54
C ALA A 36 -2.91 17.73 -17.44
N ALA A 37 -2.02 16.76 -17.27
CA ALA A 37 -0.97 16.86 -16.25
C ALA A 37 0.36 16.41 -16.80
N LEU A 38 0.51 15.10 -17.02
CA LEU A 38 1.75 14.55 -17.56
C LEU A 38 1.74 14.58 -19.08
N ILE A 39 2.80 15.14 -19.66
CA ILE A 39 2.93 15.24 -21.11
C ILE A 39 4.31 14.77 -21.54
N SER A 40 4.46 14.49 -22.83
CA SER A 40 5.75 14.02 -23.37
C SER A 40 5.93 12.52 -23.11
N TYR A 41 6.73 11.87 -23.95
CA TYR A 41 6.99 10.44 -23.81
C TYR A 41 8.11 10.17 -22.79
N PRO A 42 9.26 10.81 -22.88
CA PRO A 42 10.37 10.56 -21.90
C PRO A 42 9.97 10.87 -20.46
N ASP A 43 9.05 11.80 -20.28
CA ASP A 43 8.60 12.17 -18.94
C ASP A 43 7.41 11.32 -18.50
N ALA A 44 6.62 10.87 -19.48
CA ALA A 44 5.46 10.04 -19.17
C ALA A 44 5.89 8.72 -18.55
N ILE A 45 7.02 8.19 -19.04
CA ILE A 45 7.53 6.94 -18.51
C ILE A 45 7.88 7.08 -17.03
N TRP A 46 8.41 8.24 -16.66
CA TRP A 46 8.79 8.47 -15.28
C TRP A 46 7.57 8.31 -14.37
N TRP A 47 6.46 8.91 -14.76
CA TRP A 47 5.22 8.78 -13.99
C TRP A 47 4.73 7.32 -14.05
N SER A 48 4.87 6.71 -15.22
CA SER A 48 4.42 5.33 -15.39
C SER A 48 5.10 4.40 -14.40
N VAL A 49 6.39 4.62 -14.14
CA VAL A 49 7.11 3.79 -13.20
C VAL A 49 6.48 3.91 -11.81
N GLU A 50 6.21 5.13 -11.39
CA GLU A 50 5.61 5.35 -10.07
C GLU A 50 4.20 4.76 -10.03
N THR A 51 3.44 5.01 -11.09
CA THR A 51 2.07 4.50 -11.18
C THR A 51 2.10 2.97 -11.18
N ALA A 52 3.01 2.38 -11.94
CA ALA A 52 3.09 0.93 -12.01
C ALA A 52 3.09 0.32 -10.62
N THR A 53 3.96 0.80 -9.76
CA THR A 53 4.02 0.32 -8.39
C THR A 53 3.02 1.10 -7.54
N THR A 54 2.22 1.91 -8.22
CA THR A 54 1.22 2.74 -7.56
C THR A 54 1.88 3.73 -6.61
N VAL A 55 1.35 3.84 -5.40
CA VAL A 55 1.88 4.75 -4.39
C VAL A 55 1.74 6.21 -4.83
N GLY A 56 1.99 6.50 -6.11
CA GLY A 56 1.87 7.86 -6.62
C GLY A 56 2.36 8.88 -5.59
N TYR A 57 3.65 9.21 -5.63
CA TYR A 57 4.22 10.15 -4.69
C TYR A 57 3.53 11.50 -4.79
N GLY A 58 3.34 11.97 -6.03
CA GLY A 58 2.68 13.25 -6.27
C GLY A 58 3.39 14.03 -7.39
N ASP A 59 4.34 13.37 -8.06
CA ASP A 59 5.07 14.02 -9.14
C ASP A 59 4.10 14.46 -10.23
N ARG A 60 3.21 13.55 -10.61
CA ARG A 60 2.22 13.84 -11.65
C ARG A 60 0.91 13.11 -11.34
N TYR A 61 -0.20 13.66 -11.85
CA TYR A 61 -1.51 13.06 -11.62
C TYR A 61 -2.35 13.07 -12.91
N PRO A 62 -2.93 11.97 -13.32
CA PRO A 62 -3.76 11.92 -14.57
C PRO A 62 -5.07 12.70 -14.43
N VAL A 63 -5.61 13.17 -15.57
CA VAL A 63 -6.86 13.92 -15.56
C VAL A 63 -8.04 12.98 -15.37
N THR A 64 -9.15 13.25 -16.06
CA THR A 64 -10.35 12.41 -15.96
C THR A 64 -10.67 11.74 -17.30
N GLU A 65 -10.48 12.49 -18.39
CA GLU A 65 -10.78 11.96 -19.73
C GLU A 65 -9.68 11.03 -20.21
N GLU A 66 -8.55 11.01 -19.51
CA GLU A 66 -7.45 10.14 -19.88
C GLU A 66 -7.80 8.67 -19.55
N GLY A 67 -9.10 8.44 -19.49
CA GLY A 67 -9.59 7.10 -19.28
C GLY A 67 -8.91 6.43 -18.10
N ARG A 68 -9.19 6.87 -16.85
CA ARG A 68 -8.56 6.26 -15.64
C ARG A 68 -8.13 4.82 -15.92
N LYS A 69 -8.89 4.17 -16.78
CA LYS A 69 -8.57 2.82 -17.16
C LYS A 69 -7.11 2.72 -17.58
N VAL A 70 -6.57 3.79 -18.21
CA VAL A 70 -5.18 3.73 -18.62
C VAL A 70 -4.26 3.56 -17.41
N ALA A 71 -4.46 4.40 -16.40
CA ALA A 71 -3.65 4.32 -15.19
C ALA A 71 -3.98 3.07 -14.39
N GLU A 72 -5.27 2.81 -14.22
CA GLU A 72 -5.71 1.65 -13.46
C GLU A 72 -5.17 0.36 -14.06
N GLN A 73 -5.13 0.31 -15.39
CA GLN A 73 -4.65 -0.88 -16.07
C GLN A 73 -3.25 -1.24 -15.61
N VAL A 74 -2.36 -0.24 -15.54
CA VAL A 74 -0.99 -0.50 -15.10
C VAL A 74 -0.93 -0.91 -13.63
N MET A 75 -1.70 -0.22 -12.80
CA MET A 75 -1.71 -0.50 -11.36
C MET A 75 -1.96 -1.98 -11.10
N LYS A 76 -2.93 -2.56 -11.80
CA LYS A 76 -3.24 -3.97 -11.61
C LYS A 76 -2.05 -4.83 -12.05
N ALA A 77 -1.49 -4.53 -13.20
CA ALA A 77 -0.36 -5.30 -13.72
C ALA A 77 0.83 -5.19 -12.77
N GLY A 78 1.05 -4.01 -12.22
CA GLY A 78 2.15 -3.82 -11.29
C GLY A 78 1.93 -4.62 -10.01
N ILE A 79 0.69 -4.63 -9.53
CA ILE A 79 0.35 -5.37 -8.32
C ILE A 79 0.32 -6.87 -8.59
N GLU A 80 0.11 -7.27 -9.83
CA GLU A 80 0.06 -8.69 -10.20
C GLU A 80 1.43 -9.33 -10.05
N VAL A 81 2.46 -8.66 -10.55
CA VAL A 81 3.81 -9.21 -10.46
C VAL A 81 4.25 -9.34 -9.00
N PHE A 82 3.98 -8.31 -8.20
CA PHE A 82 4.37 -8.33 -6.80
C PHE A 82 3.59 -9.39 -6.02
N ALA A 83 2.31 -9.55 -6.36
CA ALA A 83 1.48 -10.53 -5.67
C ALA A 83 1.99 -11.95 -5.91
N LEU A 84 2.40 -12.23 -7.15
CA LEU A 84 2.91 -13.56 -7.49
C LEU A 84 4.18 -13.90 -6.72
N VAL A 85 5.02 -12.90 -6.47
CA VAL A 85 6.26 -13.14 -5.74
C VAL A 85 5.95 -13.82 -4.42
N THR A 86 4.68 -13.80 -4.02
CA THR A 86 4.25 -14.42 -2.77
C THR A 86 4.81 -15.83 -2.67
N ALA A 87 4.83 -16.52 -3.80
CA ALA A 87 5.34 -17.89 -3.83
C ALA A 87 6.70 -17.97 -3.15
N ALA A 88 7.46 -16.87 -3.20
CA ALA A 88 8.78 -16.83 -2.57
C ALA A 88 8.70 -16.27 -1.16
N LEU A 89 7.54 -15.69 -0.81
CA LEU A 89 7.34 -15.11 0.52
C LEU A 89 6.68 -16.11 1.46
N ALA A 90 5.50 -16.58 1.07
CA ALA A 90 4.76 -17.55 1.89
C ALA A 90 5.61 -18.77 2.16
N THR A 91 6.58 -19.01 1.29
CA THR A 91 7.46 -20.17 1.44
C THR A 91 8.77 -19.76 2.11
N ASP A 92 8.92 -18.46 2.36
CA ASP A 92 10.13 -17.95 3.00
C ASP A 92 10.31 -18.54 4.39
N PHE A 93 9.25 -18.55 5.18
CA PHE A 93 9.32 -19.08 6.54
C PHE A 93 9.77 -20.55 6.53
N VAL A 94 9.20 -21.33 5.62
CA VAL A 94 9.53 -22.75 5.52
C VAL A 94 11.00 -23.02 5.80
N ARG A 95 11.85 -22.01 5.56
CA ARG A 95 13.28 -22.14 5.80
C ARG A 95 13.56 -22.41 7.28
N ARG A 96 12.78 -21.80 8.15
CA ARG A 96 12.96 -21.96 9.59
C ARG A 96 13.08 -23.45 9.95
N GLU A 97 12.39 -24.29 9.21
CA GLU A 97 12.42 -25.73 9.46
C GLU A 97 13.84 -26.25 9.27
N GLU A 98 14.50 -25.76 8.23
CA GLU A 98 15.88 -26.17 7.95
C GLU A 98 16.82 -25.64 9.03
N GLU A 99 16.61 -24.40 9.43
CA GLU A 99 17.45 -23.78 10.45
C GLU A 99 17.20 -24.44 11.81
N ARG A 100 15.95 -24.85 12.04
CA ARG A 100 15.59 -25.49 13.29
C ARG A 100 16.42 -26.75 13.51
N ARG A 101 16.57 -27.54 12.45
CA ARG A 101 17.36 -28.77 12.53
C ARG A 101 18.83 -28.45 12.80
N GLY A 102 19.31 -27.38 12.18
CA GLY A 102 20.70 -26.97 12.37
C GLY A 102 21.63 -27.76 11.44
N HIS A 103 21.07 -28.29 10.36
CA HIS A 103 21.85 -29.07 9.41
C HIS A 103 22.56 -30.22 10.11
N SER B 1 9.27 -11.47 18.63
CA SER B 1 9.71 -12.25 19.82
C SER B 1 10.16 -13.64 19.39
N ALA B 2 9.43 -14.22 18.44
CA ALA B 2 9.76 -15.55 17.94
C ALA B 2 10.89 -15.48 16.91
N ASP B 3 11.31 -16.64 16.43
CA ASP B 3 12.39 -16.70 15.44
C ASP B 3 12.01 -15.97 14.16
N HIS B 4 10.78 -16.18 13.71
CA HIS B 4 10.30 -15.54 12.48
C HIS B 4 10.09 -14.05 12.70
N GLU B 5 9.72 -13.69 13.93
CA GLU B 5 9.47 -12.28 14.26
C GLU B 5 10.77 -11.49 14.18
N ARG B 6 11.88 -12.11 14.58
CA ARG B 6 13.17 -11.43 14.53
C ARG B 6 13.55 -11.08 13.10
N GLU B 7 13.26 -11.99 12.18
CA GLU B 7 13.58 -11.75 10.77
C GLU B 7 12.83 -10.53 10.26
N ALA B 8 11.55 -10.45 10.60
CA ALA B 8 10.73 -9.32 10.19
C ALA B 8 11.18 -8.04 10.88
N GLN B 9 11.52 -8.14 12.16
CA GLN B 9 11.96 -6.98 12.93
C GLN B 9 13.30 -6.47 12.39
N LYS B 10 14.18 -7.40 12.03
CA LYS B 10 15.49 -7.04 11.49
C LYS B 10 15.33 -6.27 10.18
N ALA B 11 14.37 -6.68 9.38
CA ALA B 11 14.12 -6.03 8.09
C ALA B 11 13.77 -4.57 8.28
N GLU B 12 13.06 -4.26 9.36
CA GLU B 12 12.67 -2.88 9.64
C GLU B 12 13.91 -2.00 9.80
N GLU B 13 14.95 -2.56 10.40
CA GLU B 13 16.19 -1.82 10.60
C GLU B 13 16.83 -1.48 9.27
N GLU B 14 16.69 -2.40 8.30
CA GLU B 14 17.27 -2.19 6.98
C GLU B 14 16.62 -1.00 6.29
N LEU B 15 15.32 -0.83 6.51
CA LEU B 15 14.60 0.29 5.90
C LEU B 15 15.14 1.62 6.41
N GLN B 16 15.45 1.66 7.71
CA GLN B 16 15.96 2.88 8.33
C GLN B 16 17.28 3.30 7.68
N LYS B 17 18.12 2.33 7.35
CA LYS B 17 19.42 2.62 6.72
C LYS B 17 19.22 3.30 5.37
N VAL B 18 18.22 2.83 4.62
CA VAL B 18 17.94 3.40 3.30
C VAL B 18 17.58 4.87 3.42
N LEU B 19 16.78 5.21 4.42
CA LEU B 19 16.38 6.61 4.61
C LEU B 19 17.61 7.48 4.82
N GLU B 20 18.57 6.98 5.60
CA GLU B 20 19.80 7.71 5.85
C GLU B 20 20.55 7.94 4.55
N GLU B 21 20.74 6.86 3.79
CA GLU B 21 21.43 6.96 2.51
C GLU B 21 20.59 7.77 1.53
N ALA B 22 19.27 7.66 1.65
CA ALA B 22 18.37 8.39 0.77
C ALA B 22 18.59 9.88 0.91
N SER B 23 18.84 10.33 2.14
CA SER B 23 19.05 11.74 2.39
C SER B 23 20.26 12.23 1.60
N LYS B 24 21.35 11.48 1.64
CA LYS B 24 22.55 11.85 0.90
C LYS B 24 22.29 11.76 -0.60
N LYS B 25 21.46 10.83 -1.01
CA LYS B 25 21.15 10.66 -2.43
C LYS B 25 20.20 11.75 -2.92
N ALA B 26 19.11 11.96 -2.20
CA ALA B 26 18.13 12.98 -2.60
C ALA B 26 18.75 14.37 -2.62
N VAL B 27 19.50 14.72 -1.57
CA VAL B 27 20.13 16.03 -1.51
C VAL B 27 21.11 16.20 -2.67
N GLU B 28 21.94 15.18 -2.89
CA GLU B 28 22.92 15.23 -3.97
C GLU B 28 22.25 15.11 -5.34
N ALA B 29 21.27 14.23 -5.44
CA ALA B 29 20.55 14.02 -6.69
C ALA B 29 19.85 15.30 -7.12
N GLU B 30 19.24 16.00 -6.17
CA GLU B 30 18.57 17.25 -6.48
C GLU B 30 19.57 18.38 -6.69
N ARG B 31 20.60 18.41 -5.84
CA ARG B 31 21.61 19.46 -5.94
C ARG B 31 22.37 19.36 -7.26
N GLY B 32 22.15 20.36 -8.12
CA GLY B 32 22.81 20.41 -9.42
C GLY B 32 21.81 20.26 -10.57
N ALA B 33 20.55 20.05 -10.22
CA ALA B 33 19.48 19.89 -11.21
C ALA B 33 18.69 21.17 -11.37
N PRO B 34 18.12 21.44 -12.53
CA PRO B 34 17.32 22.66 -12.77
C PRO B 34 15.95 22.61 -12.12
N GLY B 35 15.48 23.77 -11.67
CA GLY B 35 14.17 23.86 -11.03
C GLY B 35 14.23 23.37 -9.60
N ALA B 36 15.20 22.50 -9.30
CA ALA B 36 15.36 21.95 -7.96
C ALA B 36 13.99 21.61 -7.35
N ALA B 37 13.96 21.37 -6.05
CA ALA B 37 12.71 21.03 -5.36
C ALA B 37 13.02 20.36 -4.02
N LEU B 38 14.30 20.09 -3.77
CA LEU B 38 14.72 19.46 -2.53
C LEU B 38 16.16 19.81 -2.21
N ILE B 39 16.35 20.65 -1.19
CA ILE B 39 17.68 21.06 -0.75
C ILE B 39 17.80 20.91 0.76
N SER B 40 19.02 21.00 1.27
CA SER B 40 19.25 20.87 2.69
C SER B 40 19.28 19.39 3.11
N TYR B 41 20.34 19.01 3.80
CA TYR B 41 20.49 17.65 4.28
C TYR B 41 19.53 17.39 5.46
N PRO B 42 19.41 18.29 6.43
CA PRO B 42 18.50 18.06 7.60
C PRO B 42 17.05 17.85 7.19
N ASP B 43 16.66 18.40 6.03
CA ASP B 43 15.28 18.26 5.55
C ASP B 43 15.17 17.06 4.60
N ALA B 44 16.31 16.63 4.06
CA ALA B 44 16.31 15.51 3.13
C ALA B 44 15.85 14.23 3.82
N ILE B 45 16.27 14.06 5.06
CA ILE B 45 15.89 12.88 5.84
C ILE B 45 14.39 12.89 6.13
N TRP B 46 13.87 14.07 6.46
CA TRP B 46 12.46 14.20 6.79
C TRP B 46 11.59 13.81 5.58
N TRP B 47 11.95 14.31 4.41
CA TRP B 47 11.21 13.99 3.18
C TRP B 47 11.32 12.49 2.88
N SER B 48 12.49 11.92 3.13
CA SER B 48 12.72 10.51 2.85
C SER B 48 11.83 9.62 3.73
N VAL B 49 11.55 10.08 4.95
CA VAL B 49 10.72 9.31 5.87
C VAL B 49 9.34 9.01 5.29
N GLU B 50 8.68 10.02 4.74
CA GLU B 50 7.36 9.82 4.17
C GLU B 50 7.44 8.96 2.90
N THR B 51 8.56 9.06 2.19
CA THR B 51 8.75 8.31 0.96
C THR B 51 8.76 6.81 1.23
N ALA B 52 9.50 6.39 2.24
CA ALA B 52 9.60 4.97 2.58
C ALA B 52 8.24 4.41 2.99
N THR B 53 7.44 5.21 3.68
CA THR B 53 6.13 4.78 4.12
C THR B 53 5.13 4.77 2.96
N THR B 54 5.62 5.09 1.77
CA THR B 54 4.77 5.12 0.59
C THR B 54 3.53 5.97 0.85
N VAL B 55 3.74 7.22 1.28
CA VAL B 55 2.63 8.13 1.58
C VAL B 55 2.80 9.43 0.80
N GLY B 56 3.90 10.14 1.06
CA GLY B 56 4.17 11.40 0.38
C GLY B 56 2.91 12.26 0.31
N TYR B 57 2.63 13.00 1.38
CA TYR B 57 1.44 13.85 1.43
C TYR B 57 1.51 14.92 0.34
N GLY B 58 2.68 15.50 0.15
CA GLY B 58 2.87 16.54 -0.86
C GLY B 58 3.84 17.61 -0.37
N ASP B 59 4.74 17.23 0.54
CA ASP B 59 5.71 18.16 1.08
C ASP B 59 6.61 18.72 -0.02
N ARG B 60 7.12 17.82 -0.86
CA ARG B 60 8.02 18.23 -1.95
C ARG B 60 7.76 17.35 -3.17
N TYR B 61 8.65 17.47 -4.17
CA TYR B 61 8.49 16.68 -5.39
C TYR B 61 9.84 16.59 -6.14
N PRO B 62 10.50 15.43 -6.20
CA PRO B 62 11.81 15.32 -6.90
C PRO B 62 11.66 15.46 -8.42
N VAL B 63 12.75 15.83 -9.10
CA VAL B 63 12.73 16.00 -10.55
C VAL B 63 13.23 14.72 -11.24
N THR B 64 13.55 14.82 -12.52
CA THR B 64 14.03 13.66 -13.29
C THR B 64 15.55 13.56 -13.22
N GLU B 65 16.21 14.71 -13.25
CA GLU B 65 17.67 14.73 -13.21
C GLU B 65 18.17 14.10 -11.91
N GLU B 66 17.39 14.25 -10.85
CA GLU B 66 17.76 13.66 -9.56
C GLU B 66 17.50 12.13 -9.60
N GLY B 67 17.60 11.61 -10.82
CA GLY B 67 17.42 10.20 -11.03
C GLY B 67 16.23 9.67 -10.27
N ARG B 68 15.00 10.10 -10.65
CA ARG B 68 13.76 9.68 -9.96
C ARG B 68 13.97 8.33 -9.28
N LYS B 69 14.80 7.49 -9.89
CA LYS B 69 15.13 6.22 -9.30
C LYS B 69 15.46 6.42 -7.82
N VAL B 70 15.85 7.66 -7.44
CA VAL B 70 16.15 7.91 -6.05
C VAL B 70 14.90 7.68 -5.21
N ALA B 71 13.76 8.18 -5.67
CA ALA B 71 12.49 8.01 -4.96
C ALA B 71 12.01 6.56 -5.07
N GLU B 72 11.97 6.05 -6.30
CA GLU B 72 11.51 4.69 -6.52
C GLU B 72 12.32 3.70 -5.69
N GLN B 73 13.63 3.95 -5.62
CA GLN B 73 14.51 3.06 -4.86
C GLN B 73 14.08 2.99 -3.39
N VAL B 74 13.79 4.15 -2.80
CA VAL B 74 13.37 4.19 -1.40
C VAL B 74 12.01 3.52 -1.20
N MET B 75 11.07 3.83 -2.08
CA MET B 75 9.73 3.27 -1.98
C MET B 75 9.78 1.75 -2.15
N LYS B 76 10.59 1.28 -3.10
CA LYS B 76 10.70 -0.15 -3.33
C LYS B 76 11.29 -0.84 -2.11
N ALA B 77 12.31 -0.23 -1.50
CA ALA B 77 12.94 -0.82 -0.32
C ALA B 77 11.93 -0.97 0.81
N GLY B 78 11.09 0.03 0.98
CA GLY B 78 10.08 0.00 2.03
C GLY B 78 9.06 -1.11 1.79
N ILE B 79 8.60 -1.22 0.55
CA ILE B 79 7.61 -2.24 0.22
C ILE B 79 8.18 -3.65 0.43
N GLU B 80 9.42 -3.86 0.00
CA GLU B 80 10.04 -5.16 0.16
C GLU B 80 10.19 -5.52 1.64
N VAL B 81 10.63 -4.54 2.43
CA VAL B 81 10.81 -4.75 3.86
C VAL B 81 9.48 -5.04 4.55
N PHE B 82 8.48 -4.22 4.25
CA PHE B 82 7.16 -4.39 4.86
C PHE B 82 6.46 -5.62 4.30
N ALA B 83 6.88 -6.06 3.11
CA ALA B 83 6.28 -7.22 2.48
C ALA B 83 7.07 -8.49 2.84
N LEU B 84 8.34 -8.31 3.17
CA LEU B 84 9.18 -9.45 3.54
C LEU B 84 8.65 -10.09 4.81
N VAL B 85 8.23 -9.26 5.76
CA VAL B 85 7.72 -9.78 7.02
C VAL B 85 6.72 -10.90 6.74
N THR B 86 6.13 -10.87 5.54
CA THR B 86 5.19 -11.89 5.12
C THR B 86 5.63 -13.27 5.64
N ALA B 87 6.93 -13.40 5.89
CA ALA B 87 7.49 -14.64 6.40
C ALA B 87 6.77 -15.03 7.69
N ALA B 88 6.48 -14.04 8.53
CA ALA B 88 5.79 -14.28 9.79
C ALA B 88 4.27 -14.35 9.57
N LEU B 89 3.82 -13.96 8.37
CA LEU B 89 2.40 -13.97 8.06
C LEU B 89 1.99 -15.39 7.64
N ALA B 90 2.98 -16.27 7.57
CA ALA B 90 2.73 -17.66 7.20
C ALA B 90 2.57 -18.50 8.46
N THR B 91 3.58 -18.46 9.31
CA THR B 91 3.56 -19.21 10.55
C THR B 91 2.35 -18.78 11.40
N ASP B 92 1.64 -17.75 10.93
CA ASP B 92 0.48 -17.24 11.64
C ASP B 92 -0.61 -18.32 11.78
N PHE B 93 -0.95 -18.94 10.66
CA PHE B 93 -1.98 -19.98 10.67
C PHE B 93 -1.46 -21.25 11.34
N VAL B 94 -0.16 -21.27 11.65
CA VAL B 94 0.45 -22.43 12.28
C VAL B 94 0.40 -22.34 13.81
N ARG B 95 0.34 -21.11 14.32
CA ARG B 95 0.31 -20.90 15.77
C ARG B 95 -0.89 -21.61 16.40
N ARG B 96 -2.05 -21.51 15.77
CA ARG B 96 -3.26 -22.16 16.31
C ARG B 96 -2.92 -23.54 16.87
N GLU B 97 -2.02 -24.24 16.18
CA GLU B 97 -1.60 -25.58 16.61
C GLU B 97 -0.72 -25.48 17.85
N GLU B 98 -0.06 -26.58 18.19
CA GLU B 98 0.82 -26.62 19.37
C GLU B 98 0.06 -26.22 20.62
N GLU B 99 -0.17 -24.91 20.78
CA GLU B 99 -0.88 -24.41 21.95
C GLU B 99 -2.20 -25.15 22.14
N ARG B 100 -2.67 -25.79 21.07
CA ARG B 100 -3.93 -26.54 21.14
C ARG B 100 -3.84 -27.64 22.18
N ARG B 101 -2.72 -28.37 22.16
CA ARG B 101 -2.51 -29.47 23.12
C ARG B 101 -1.63 -29.00 24.27
N GLY B 102 -1.18 -27.75 24.20
CA GLY B 102 -0.33 -27.20 25.25
C GLY B 102 1.12 -27.66 25.09
N HIS B 103 1.44 -28.16 23.90
CA HIS B 103 2.79 -28.64 23.63
C HIS B 103 3.27 -29.58 24.75
N SER C 1 -14.41 -18.81 19.28
CA SER C 1 -15.18 -19.15 18.05
C SER C 1 -14.25 -19.08 16.84
N ALA C 2 -14.00 -20.24 16.24
CA ALA C 2 -13.13 -20.31 15.06
C ALA C 2 -11.66 -20.18 15.49
N ASP C 3 -11.43 -19.42 16.56
CA ASP C 3 -10.07 -19.20 17.06
C ASP C 3 -9.17 -18.64 15.98
N HIS C 4 -9.73 -17.77 15.13
CA HIS C 4 -8.97 -17.15 14.05
C HIS C 4 -9.49 -15.74 13.75
N GLU C 5 -10.81 -15.62 13.62
CA GLU C 5 -11.42 -14.34 13.32
C GLU C 5 -11.30 -13.40 14.50
N ARG C 6 -11.42 -13.94 15.70
CA ARG C 6 -11.33 -13.13 16.92
C ARG C 6 -9.93 -12.52 17.03
N GLU C 7 -8.92 -13.30 16.68
CA GLU C 7 -7.54 -12.83 16.75
C GLU C 7 -7.36 -11.64 15.83
N ALA C 8 -7.87 -11.73 14.62
CA ALA C 8 -7.76 -10.65 13.65
C ALA C 8 -8.55 -9.43 14.12
N GLN C 9 -9.73 -9.68 14.68
CA GLN C 9 -10.58 -8.61 15.16
C GLN C 9 -9.91 -7.88 16.32
N LYS C 10 -9.23 -8.63 17.18
CA LYS C 10 -8.54 -8.04 18.31
C LYS C 10 -7.49 -7.03 17.85
N ALA C 11 -6.77 -7.41 16.80
CA ALA C 11 -5.73 -6.53 16.25
C ALA C 11 -6.32 -5.23 15.71
N GLU C 12 -7.49 -5.33 15.10
CA GLU C 12 -8.15 -4.14 14.53
C GLU C 12 -8.57 -3.18 15.64
N GLU C 13 -8.97 -3.72 16.78
CA GLU C 13 -9.39 -2.88 17.90
C GLU C 13 -8.23 -2.04 18.43
N GLU C 14 -7.04 -2.63 18.44
CA GLU C 14 -5.85 -1.93 18.93
C GLU C 14 -5.52 -0.75 18.04
N LEU C 15 -5.72 -0.91 16.73
CA LEU C 15 -5.43 0.17 15.79
C LEU C 15 -6.29 1.39 16.08
N GLN C 16 -7.56 1.15 16.40
CA GLN C 16 -8.49 2.25 16.68
C GLN C 16 -8.02 3.07 17.87
N LYS C 17 -7.50 2.39 18.89
CA LYS C 17 -7.02 3.09 20.09
C LYS C 17 -5.87 4.03 19.75
N VAL C 18 -5.00 3.61 18.85
CA VAL C 18 -3.86 4.42 18.44
C VAL C 18 -4.34 5.70 17.76
N LEU C 19 -5.42 5.59 16.99
CA LEU C 19 -5.95 6.75 16.28
C LEU C 19 -6.32 7.84 17.28
N GLU C 20 -6.94 7.44 18.38
CA GLU C 20 -7.33 8.41 19.40
C GLU C 20 -6.10 9.12 19.94
N GLU C 21 -5.07 8.34 20.25
CA GLU C 21 -3.83 8.91 20.74
C GLU C 21 -3.14 9.71 19.65
N ALA C 22 -3.26 9.23 18.41
CA ALA C 22 -2.64 9.91 17.29
C ALA C 22 -3.18 11.33 17.16
N SER C 23 -4.47 11.50 17.40
CA SER C 23 -5.08 12.81 17.29
C SER C 23 -4.44 13.78 18.28
N LYS C 24 -4.31 13.33 19.53
CA LYS C 24 -3.69 14.16 20.56
C LYS C 24 -2.20 14.35 20.26
N LYS C 25 -1.58 13.31 19.74
CA LYS C 25 -0.15 13.37 19.43
C LYS C 25 0.06 14.13 18.12
N ALA C 26 -0.97 14.18 17.28
CA ALA C 26 -0.86 14.86 15.99
C ALA C 26 -1.14 16.36 16.14
N VAL C 27 -2.19 16.70 16.89
CA VAL C 27 -2.53 18.11 17.08
C VAL C 27 -1.38 18.83 17.78
N GLU C 28 -0.87 18.21 18.83
CA GLU C 28 0.24 18.78 19.59
C GLU C 28 1.51 18.84 18.74
N ALA C 29 1.64 17.89 17.82
CA ALA C 29 2.81 17.83 16.95
C ALA C 29 3.07 19.19 16.31
N GLU C 30 2.03 19.76 15.71
CA GLU C 30 2.17 21.06 15.07
C GLU C 30 2.41 22.15 16.11
N ARG C 31 1.74 22.03 17.24
CA ARG C 31 1.89 23.02 18.31
C ARG C 31 3.35 23.14 18.73
N GLY C 32 4.09 24.01 18.04
CA GLY C 32 5.50 24.25 18.34
C GLY C 32 6.36 24.10 17.09
N ALA C 33 5.79 23.54 16.03
CA ALA C 33 6.51 23.35 14.77
C ALA C 33 6.03 24.37 13.73
N PRO C 34 6.87 24.77 12.79
CA PRO C 34 6.48 25.76 11.74
C PRO C 34 5.59 25.13 10.66
N GLY C 35 4.81 25.97 9.99
CA GLY C 35 3.91 25.50 8.93
C GLY C 35 2.54 25.14 9.49
N ALA C 36 2.47 24.95 10.80
CA ALA C 36 1.22 24.60 11.44
C ALA C 36 0.45 23.57 10.61
N ALA C 37 -0.51 24.06 9.81
CA ALA C 37 -1.32 23.19 8.96
C ALA C 37 -2.44 22.54 9.76
N LEU C 38 -2.08 21.57 10.60
CA LEU C 38 -3.07 20.87 11.43
C LEU C 38 -3.05 21.41 12.85
N ILE C 39 -4.18 21.90 13.32
CA ILE C 39 -4.26 22.44 14.67
C ILE C 39 -5.67 22.25 15.22
N SER C 40 -6.51 21.56 14.46
CA SER C 40 -7.89 21.31 14.87
C SER C 40 -8.01 19.96 15.58
N TYR C 41 -8.70 19.96 16.70
CA TYR C 41 -8.91 18.75 17.47
C TYR C 41 -9.97 17.86 16.79
N PRO C 42 -11.15 18.37 16.49
CA PRO C 42 -12.21 17.55 15.83
C PRO C 42 -11.76 16.99 14.47
N ASP C 43 -10.86 17.71 13.81
CA ASP C 43 -10.35 17.27 12.51
C ASP C 43 -9.13 16.38 12.65
N ALA C 44 -8.48 16.44 13.82
CA ALA C 44 -7.30 15.62 14.05
C ALA C 44 -7.63 14.13 13.97
N ILE C 45 -8.80 13.76 14.48
CA ILE C 45 -9.24 12.37 14.44
C ILE C 45 -9.51 11.94 13.01
N TRP C 46 -10.10 12.82 12.22
CA TRP C 46 -10.41 12.50 10.83
C TRP C 46 -9.11 12.23 10.06
N TRP C 47 -8.11 13.09 10.24
CA TRP C 47 -6.84 12.89 9.57
C TRP C 47 -6.17 11.60 10.07
N SER C 48 -6.27 11.35 11.36
CA SER C 48 -5.65 10.16 11.95
C SER C 48 -6.19 8.88 11.32
N VAL C 49 -7.46 8.90 10.92
CA VAL C 49 -8.07 7.72 10.32
C VAL C 49 -7.34 7.32 9.04
N GLU C 50 -7.08 8.28 8.15
CA GLU C 50 -6.39 7.98 6.91
C GLU C 50 -4.91 7.73 7.15
N THR C 51 -4.39 8.25 8.26
CA THR C 51 -2.97 8.08 8.59
C THR C 51 -2.63 6.61 8.84
N ALA C 52 -3.48 5.93 9.63
CA ALA C 52 -3.23 4.53 9.94
C ALA C 52 -3.19 3.68 8.68
N THR C 53 -4.00 4.05 7.68
CA THR C 53 -4.03 3.31 6.43
C THR C 53 -2.89 3.75 5.53
N THR C 54 -2.08 4.69 6.03
CA THR C 54 -0.95 5.21 5.28
C THR C 54 -1.40 5.76 3.93
N VAL C 55 -2.71 5.89 3.75
CA VAL C 55 -3.26 6.41 2.51
C VAL C 55 -2.84 7.86 2.28
N GLY C 56 -2.95 8.67 3.32
CA GLY C 56 -2.58 10.08 3.21
C GLY C 56 -3.09 10.67 1.90
N TYR C 57 -4.41 10.63 1.71
CA TYR C 57 -5.01 11.14 0.48
C TYR C 57 -4.72 12.62 0.33
N GLY C 58 -4.93 13.38 1.40
CA GLY C 58 -4.69 14.82 1.38
C GLY C 58 -5.24 15.47 2.63
N ASP C 59 -6.44 16.03 2.53
CA ASP C 59 -7.08 16.70 3.66
C ASP C 59 -6.08 17.60 4.40
N ARG C 60 -5.36 17.01 5.35
CA ARG C 60 -4.36 17.76 6.13
C ARG C 60 -3.02 17.08 6.01
N TYR C 61 -1.93 17.84 6.16
CA TYR C 61 -0.58 17.27 6.05
C TYR C 61 0.36 17.95 7.06
N PRO C 62 1.15 17.20 7.79
CA PRO C 62 2.10 17.79 8.79
C PRO C 62 3.27 18.52 8.12
N VAL C 63 3.93 19.37 8.89
CA VAL C 63 5.07 20.12 8.37
C VAL C 63 6.35 19.27 8.45
N THR C 64 7.32 19.72 9.25
CA THR C 64 8.59 19.00 9.41
C THR C 64 8.76 18.54 10.84
N GLU C 65 9.25 19.43 11.69
CA GLU C 65 9.46 19.09 13.09
C GLU C 65 8.26 18.34 13.64
N GLU C 66 8.52 17.17 14.20
CA GLU C 66 7.46 16.33 14.72
C GLU C 66 6.47 16.03 13.62
N GLY C 67 5.31 16.70 13.66
CA GLY C 67 4.23 16.58 12.67
C GLY C 67 4.25 15.28 11.85
N ARG C 68 5.38 15.03 11.20
CA ARG C 68 5.58 13.86 10.36
C ARG C 68 6.07 12.68 11.18
N LYS C 69 7.06 12.94 12.03
CA LYS C 69 7.62 11.91 12.87
C LYS C 69 6.50 11.24 13.65
N VAL C 70 5.56 12.04 14.13
CA VAL C 70 4.43 11.48 14.89
C VAL C 70 3.58 10.59 13.99
N ALA C 71 3.30 11.07 12.78
CA ALA C 71 2.49 10.30 11.83
C ALA C 71 3.21 9.02 11.45
N GLU C 72 4.54 9.10 11.33
CA GLU C 72 5.34 7.94 10.95
C GLU C 72 5.09 6.78 11.90
N GLN C 73 5.01 7.07 13.20
CA GLN C 73 4.79 6.03 14.19
C GLN C 73 3.42 5.38 14.03
N VAL C 74 2.40 6.18 13.73
CA VAL C 74 1.05 5.66 13.58
C VAL C 74 0.96 4.69 12.39
N MET C 75 1.56 5.08 11.27
CA MET C 75 1.53 4.25 10.07
C MET C 75 2.01 2.84 10.37
N LYS C 76 3.12 2.72 11.11
CA LYS C 76 3.66 1.42 11.46
C LYS C 76 2.67 0.63 12.32
N ALA C 77 2.00 1.33 13.22
CA ALA C 77 1.03 0.69 14.10
C ALA C 77 -0.12 0.09 13.29
N GLY C 78 -0.34 0.64 12.10
CA GLY C 78 -1.42 0.16 11.23
C GLY C 78 -0.95 -0.94 10.29
N ILE C 79 0.26 -0.78 9.76
CA ILE C 79 0.81 -1.78 8.83
C ILE C 79 0.94 -3.14 9.50
N GLU C 80 1.43 -3.16 10.73
CA GLU C 80 1.61 -4.42 11.45
C GLU C 80 0.26 -5.07 11.75
N VAL C 81 -0.74 -4.26 12.07
CA VAL C 81 -2.07 -4.78 12.39
C VAL C 81 -2.69 -5.50 11.18
N PHE C 82 -2.64 -4.86 10.02
CA PHE C 82 -3.22 -5.45 8.82
C PHE C 82 -2.45 -6.70 8.39
N ALA C 83 -1.13 -6.67 8.55
CA ALA C 83 -0.32 -7.82 8.15
C ALA C 83 -0.70 -9.06 8.96
N LEU C 84 -0.97 -8.86 10.25
CA LEU C 84 -1.35 -9.96 11.13
C LEU C 84 -2.68 -10.58 10.71
N VAL C 85 -3.62 -9.75 10.27
CA VAL C 85 -4.93 -10.24 9.85
C VAL C 85 -4.79 -11.47 8.96
N THR C 86 -3.56 -11.73 8.49
CA THR C 86 -3.32 -12.88 7.65
C THR C 86 -3.68 -14.16 8.39
N ALA C 87 -3.32 -14.23 9.68
CA ALA C 87 -3.62 -15.40 10.50
C ALA C 87 -5.02 -15.94 10.20
N ALA C 88 -5.85 -15.11 9.57
CA ALA C 88 -7.20 -15.52 9.21
C ALA C 88 -7.26 -15.82 7.70
N LEU C 89 -6.53 -15.03 6.92
CA LEU C 89 -6.50 -15.23 5.46
C LEU C 89 -5.65 -16.44 5.07
N ALA C 90 -4.50 -16.57 5.71
CA ALA C 90 -3.58 -17.67 5.41
C ALA C 90 -4.29 -19.01 5.58
N THR C 91 -5.19 -19.08 6.55
CA THR C 91 -5.92 -20.32 6.81
C THR C 91 -7.04 -20.49 5.79
N ASP C 92 -7.21 -19.48 4.94
CA ASP C 92 -8.26 -19.53 3.93
C ASP C 92 -8.09 -20.77 3.06
N PHE C 93 -6.87 -21.02 2.60
CA PHE C 93 -6.59 -22.17 1.75
C PHE C 93 -6.59 -23.46 2.58
N VAL C 94 -6.03 -23.38 3.78
CA VAL C 94 -5.94 -24.55 4.66
C VAL C 94 -7.25 -25.33 4.71
N ARG C 95 -8.37 -24.62 4.56
CA ARG C 95 -9.68 -25.26 4.61
C ARG C 95 -9.87 -26.25 3.46
N ARG C 96 -9.11 -26.06 2.39
CA ARG C 96 -9.21 -26.94 1.23
C ARG C 96 -9.06 -28.40 1.65
N GLU C 97 -8.10 -28.67 2.54
CA GLU C 97 -7.88 -30.03 3.00
C GLU C 97 -9.08 -30.53 3.80
N GLU C 98 -9.61 -29.67 4.67
CA GLU C 98 -10.77 -30.03 5.48
C GLU C 98 -12.01 -30.18 4.60
N GLU C 99 -12.08 -29.35 3.56
CA GLU C 99 -13.22 -29.38 2.64
C GLU C 99 -13.31 -30.74 1.94
N ARG C 100 -12.17 -31.41 1.81
CA ARG C 100 -12.13 -32.72 1.16
C ARG C 100 -13.02 -33.70 1.90
N ARG C 101 -12.91 -33.70 3.22
CA ARG C 101 -13.71 -34.62 4.05
C ARG C 101 -15.17 -34.21 4.03
N GLY C 102 -15.44 -32.94 3.71
CA GLY C 102 -16.80 -32.43 3.67
C GLY C 102 -17.28 -32.03 5.05
N HIS C 103 -16.34 -31.84 5.97
CA HIS C 103 -16.69 -31.44 7.33
C HIS C 103 -17.71 -32.40 7.92
N SER D 1 -12.41 -25.90 -11.98
CA SER D 1 -11.17 -25.14 -11.62
C SER D 1 -10.93 -25.24 -10.12
N ALA D 2 -9.82 -24.66 -9.67
CA ALA D 2 -9.48 -24.69 -8.25
C ALA D 2 -10.46 -23.85 -7.45
N ASP D 3 -10.81 -24.33 -6.25
CA ASP D 3 -11.74 -23.61 -5.39
C ASP D 3 -11.15 -22.29 -4.92
N HIS D 4 -9.84 -22.27 -4.72
CA HIS D 4 -9.17 -21.06 -4.25
C HIS D 4 -9.31 -19.93 -5.28
N GLU D 5 -9.08 -20.28 -6.55
CA GLU D 5 -9.18 -19.29 -7.62
C GLU D 5 -10.62 -18.80 -7.77
N ARG D 6 -11.57 -19.72 -7.64
CA ARG D 6 -12.98 -19.37 -7.77
C ARG D 6 -13.36 -18.36 -6.70
N GLU D 7 -12.91 -18.58 -5.47
CA GLU D 7 -13.23 -17.68 -4.38
C GLU D 7 -12.52 -16.34 -4.59
N ALA D 8 -11.28 -16.40 -5.05
CA ALA D 8 -10.49 -15.20 -5.28
C ALA D 8 -11.14 -14.33 -6.37
N GLN D 9 -11.55 -14.97 -7.46
CA GLN D 9 -12.18 -14.24 -8.56
C GLN D 9 -13.53 -13.67 -8.13
N LYS D 10 -14.25 -14.43 -7.32
CA LYS D 10 -15.55 -14.00 -6.83
C LYS D 10 -15.43 -12.72 -6.01
N ALA D 11 -14.38 -12.64 -5.21
CA ALA D 11 -14.15 -11.47 -4.38
C ALA D 11 -13.96 -10.20 -5.23
N GLU D 12 -13.31 -10.37 -6.38
CA GLU D 12 -13.06 -9.24 -7.28
C GLU D 12 -14.38 -8.60 -7.72
N GLU D 13 -15.39 -9.44 -7.99
CA GLU D 13 -16.68 -8.94 -8.42
C GLU D 13 -17.34 -8.11 -7.32
N GLU D 14 -17.15 -8.53 -6.07
CA GLU D 14 -17.72 -7.81 -4.94
C GLU D 14 -17.13 -6.42 -4.83
N LEU D 15 -15.87 -6.27 -5.21
CA LEU D 15 -15.20 -4.98 -5.15
C LEU D 15 -15.88 -3.97 -6.06
N GLN D 16 -16.26 -4.42 -7.25
CA GLN D 16 -16.92 -3.55 -8.21
C GLN D 16 -18.25 -3.04 -7.66
N LYS D 17 -18.95 -3.88 -6.89
CA LYS D 17 -20.22 -3.49 -6.32
C LYS D 17 -20.06 -2.28 -5.39
N VAL D 18 -19.06 -2.33 -4.53
CA VAL D 18 -18.82 -1.24 -3.59
C VAL D 18 -18.47 0.05 -4.33
N LEU D 19 -17.67 -0.06 -5.38
CA LEU D 19 -17.28 1.12 -6.14
C LEU D 19 -18.51 1.81 -6.72
N GLU D 20 -19.45 1.02 -7.21
CA GLU D 20 -20.68 1.57 -7.77
C GLU D 20 -21.45 2.34 -6.70
N GLU D 21 -21.60 1.73 -5.53
CA GLU D 21 -22.31 2.39 -4.43
C GLU D 21 -21.51 3.57 -3.91
N ALA D 22 -20.19 3.43 -3.90
CA ALA D 22 -19.32 4.50 -3.41
C ALA D 22 -19.51 5.77 -4.21
N SER D 23 -19.59 5.64 -5.53
CA SER D 23 -19.75 6.81 -6.39
C SER D 23 -21.04 7.54 -6.05
N LYS D 24 -22.12 6.80 -5.86
CA LYS D 24 -23.40 7.41 -5.52
C LYS D 24 -23.33 8.06 -4.13
N LYS D 25 -22.60 7.43 -3.22
CA LYS D 25 -22.47 7.96 -1.87
C LYS D 25 -21.55 9.18 -1.85
N ALA D 26 -20.46 9.12 -2.62
CA ALA D 26 -19.50 10.22 -2.65
C ALA D 26 -20.17 11.52 -3.07
N VAL D 27 -21.00 11.46 -4.11
CA VAL D 27 -21.68 12.66 -4.58
C VAL D 27 -22.60 13.21 -3.48
N GLU D 28 -23.35 12.32 -2.82
CA GLU D 28 -24.25 12.74 -1.76
C GLU D 28 -23.46 13.18 -0.52
N ALA D 29 -22.42 12.44 -0.20
CA ALA D 29 -21.59 12.73 0.96
C ALA D 29 -20.92 14.10 0.80
N GLU D 30 -20.49 14.42 -0.42
CA GLU D 30 -19.83 15.68 -0.67
C GLU D 30 -20.78 16.84 -0.35
N ARG D 31 -22.06 16.64 -0.60
CA ARG D 31 -23.05 17.67 -0.33
C ARG D 31 -23.28 17.82 1.17
N GLY D 32 -23.37 19.08 1.61
CA GLY D 32 -23.60 19.38 3.02
C GLY D 32 -22.29 19.68 3.74
N ALA D 33 -21.17 19.37 3.08
CA ALA D 33 -19.84 19.61 3.67
C ALA D 33 -19.24 20.90 3.11
N PRO D 34 -18.42 21.58 3.89
CA PRO D 34 -17.78 22.85 3.42
C PRO D 34 -16.64 22.59 2.43
N GLY D 35 -16.52 23.47 1.44
CA GLY D 35 -15.47 23.33 0.43
C GLY D 35 -15.69 22.10 -0.44
N ALA D 36 -16.95 21.77 -0.70
CA ALA D 36 -17.29 20.61 -1.52
C ALA D 36 -16.61 20.72 -2.89
N ALA D 37 -16.13 19.58 -3.38
CA ALA D 37 -15.47 19.54 -4.68
C ALA D 37 -15.74 18.20 -5.38
N LEU D 38 -15.89 17.14 -4.59
CA LEU D 38 -16.16 15.82 -5.15
C LEU D 38 -17.64 15.67 -5.45
N ILE D 39 -18.29 16.79 -5.80
CA ILE D 39 -19.73 16.79 -6.10
C ILE D 39 -19.95 16.91 -7.61
N SER D 40 -20.81 16.05 -8.14
CA SER D 40 -21.13 16.06 -9.56
C SER D 40 -21.78 14.73 -9.97
N TYR D 41 -21.01 13.86 -10.61
CA TYR D 41 -21.51 12.56 -11.04
C TYR D 41 -20.47 11.87 -11.94
N PRO D 42 -20.19 12.40 -13.10
CA PRO D 42 -19.18 11.79 -14.03
C PRO D 42 -17.80 11.69 -13.38
N ASP D 43 -17.52 12.60 -12.46
CA ASP D 43 -16.24 12.63 -11.77
C ASP D 43 -16.26 11.73 -10.54
N ALA D 44 -17.45 11.49 -9.99
CA ALA D 44 -17.57 10.66 -8.80
C ALA D 44 -17.07 9.25 -9.06
N ILE D 45 -17.48 8.69 -10.21
CA ILE D 45 -17.07 7.34 -10.58
C ILE D 45 -15.56 7.32 -10.88
N TRP D 46 -15.10 8.34 -11.57
CA TRP D 46 -13.69 8.42 -11.91
C TRP D 46 -12.84 8.43 -10.64
N TRP D 47 -13.29 9.17 -9.63
CA TRP D 47 -12.57 9.25 -8.36
C TRP D 47 -12.50 7.87 -7.73
N SER D 48 -13.59 7.12 -7.82
CA SER D 48 -13.63 5.79 -7.24
C SER D 48 -12.56 4.92 -7.87
N VAL D 49 -12.86 3.63 -8.02
CA VAL D 49 -11.92 2.68 -8.61
C VAL D 49 -10.54 2.81 -7.98
N GLU D 50 -9.76 3.80 -8.43
CA GLU D 50 -8.41 4.01 -7.90
C GLU D 50 -8.46 4.00 -6.37
N THR D 51 -9.60 4.41 -5.83
CA THR D 51 -9.76 4.44 -4.38
C THR D 51 -9.63 3.03 -3.80
N ALA D 52 -10.27 2.06 -4.47
CA ALA D 52 -10.20 0.68 -4.02
C ALA D 52 -8.76 0.19 -4.05
N THR D 53 -8.02 0.62 -5.07
CA THR D 53 -6.62 0.22 -5.21
C THR D 53 -5.76 0.93 -4.18
N THR D 54 -6.40 1.76 -3.35
CA THR D 54 -5.70 2.50 -2.32
C THR D 54 -4.49 3.23 -2.89
N VAL D 55 -4.74 4.24 -3.72
CA VAL D 55 -3.67 5.04 -4.33
C VAL D 55 -3.90 6.53 -4.10
N GLY D 56 -5.09 7.01 -4.45
CA GLY D 56 -5.42 8.41 -4.27
C GLY D 56 -4.28 9.31 -4.79
N TYR D 57 -4.22 9.45 -6.10
CA TYR D 57 -3.18 10.27 -6.72
C TYR D 57 -3.31 11.73 -6.27
N GLY D 58 -4.54 12.23 -6.27
CA GLY D 58 -4.81 13.61 -5.86
C GLY D 58 -5.83 14.26 -6.80
N ASP D 59 -6.52 13.44 -7.59
CA ASP D 59 -7.51 13.97 -8.52
C ASP D 59 -8.61 14.70 -7.76
N ARG D 60 -9.17 14.05 -6.75
CA ARG D 60 -10.23 14.66 -5.94
C ARG D 60 -10.12 14.16 -4.52
N TYR D 61 -10.35 15.04 -3.54
CA TYR D 61 -10.25 14.66 -2.13
C TYR D 61 -11.59 14.93 -1.40
N PRO D 62 -12.08 13.99 -0.61
CA PRO D 62 -13.36 14.19 0.15
C PRO D 62 -13.21 15.20 1.27
N VAL D 63 -14.34 15.75 1.72
CA VAL D 63 -14.34 16.72 2.81
C VAL D 63 -14.36 16.00 4.15
N THR D 64 -15.10 16.57 5.13
CA THR D 64 -15.19 15.97 6.46
C THR D 64 -16.62 15.48 6.73
N GLU D 65 -17.60 16.36 6.55
CA GLU D 65 -18.99 16.01 6.79
C GLU D 65 -19.42 14.89 5.84
N GLU D 66 -18.63 14.68 4.78
CA GLU D 66 -18.92 13.62 3.81
C GLU D 66 -18.56 12.25 4.44
N GLY D 67 -18.62 12.24 5.77
CA GLY D 67 -18.31 11.04 6.49
C GLY D 67 -17.06 10.41 5.93
N ARG D 68 -15.92 11.14 6.00
CA ARG D 68 -14.64 10.67 5.43
C ARG D 68 -14.60 9.15 5.39
N LYS D 69 -15.29 8.55 6.33
CA LYS D 69 -15.39 7.11 6.37
C LYS D 69 -15.88 6.60 5.02
N VAL D 70 -16.47 7.48 4.19
CA VAL D 70 -16.95 7.04 2.89
C VAL D 70 -15.78 6.52 2.04
N ALA D 71 -14.71 7.30 1.99
CA ALA D 71 -13.52 6.91 1.25
C ALA D 71 -12.81 5.74 1.91
N GLU D 72 -12.69 5.81 3.23
CA GLU D 72 -12.01 4.77 3.99
C GLU D 72 -12.71 3.43 3.80
N GLN D 73 -14.04 3.44 3.83
CA GLN D 73 -14.81 2.22 3.67
C GLN D 73 -14.45 1.49 2.38
N VAL D 74 -14.30 2.25 1.30
CA VAL D 74 -13.95 1.65 0.01
C VAL D 74 -12.56 1.03 0.04
N MET D 75 -11.60 1.75 0.60
CA MET D 75 -10.22 1.27 0.67
C MET D 75 -10.13 -0.03 1.46
N LYS D 76 -10.85 -0.09 2.58
CA LYS D 76 -10.83 -1.27 3.43
C LYS D 76 -11.39 -2.47 2.66
N ALA D 77 -12.49 -2.25 1.94
CA ALA D 77 -13.11 -3.32 1.16
C ALA D 77 -12.15 -3.80 0.07
N GLY D 78 -11.43 -2.87 -0.53
CA GLY D 78 -10.49 -3.21 -1.60
C GLY D 78 -9.33 -4.05 -1.08
N ILE D 79 -8.79 -3.66 0.07
CA ILE D 79 -7.66 -4.39 0.66
C ILE D 79 -8.05 -5.82 1.01
N GLU D 80 -9.23 -5.98 1.61
CA GLU D 80 -9.69 -7.30 2.01
C GLU D 80 -9.89 -8.20 0.79
N VAL D 81 -10.41 -7.65 -0.29
CA VAL D 81 -10.63 -8.43 -1.49
C VAL D 81 -9.34 -9.00 -2.05
N PHE D 82 -8.35 -8.13 -2.26
CA PHE D 82 -7.07 -8.58 -2.78
C PHE D 82 -6.31 -9.40 -1.74
N ALA D 83 -6.37 -8.95 -0.48
CA ALA D 83 -5.70 -9.65 0.60
C ALA D 83 -6.31 -11.03 0.81
N LEU D 84 -7.62 -11.14 0.60
CA LEU D 84 -8.29 -12.41 0.77
C LEU D 84 -7.73 -13.43 -0.21
N VAL D 85 -7.47 -12.99 -1.43
CA VAL D 85 -6.92 -13.90 -2.44
C VAL D 85 -5.70 -14.61 -1.88
N THR D 86 -5.15 -14.08 -0.78
CA THR D 86 -3.98 -14.69 -0.16
C THR D 86 -4.13 -16.20 -0.12
N ALA D 87 -5.37 -16.67 -0.18
CA ALA D 87 -5.63 -18.11 -0.16
C ALA D 87 -4.98 -18.80 -1.36
N ALA D 88 -5.28 -18.30 -2.54
CA ALA D 88 -4.71 -18.86 -3.76
C ALA D 88 -3.19 -18.64 -3.78
N LEU D 89 -2.77 -17.54 -3.18
CA LEU D 89 -1.35 -17.21 -3.12
C LEU D 89 -0.57 -18.20 -2.25
N ALA D 90 -1.15 -18.59 -1.13
CA ALA D 90 -0.51 -19.54 -0.22
C ALA D 90 -0.21 -20.86 -0.91
N THR D 91 -1.17 -21.33 -1.69
CA THR D 91 -1.01 -22.58 -2.41
C THR D 91 -0.13 -22.37 -3.65
N ASP D 92 0.26 -21.13 -3.89
CA ASP D 92 1.11 -20.82 -5.04
C ASP D 92 2.40 -21.62 -5.00
N PHE D 93 3.08 -21.61 -3.85
CA PHE D 93 4.33 -22.34 -3.70
C PHE D 93 4.07 -23.84 -3.47
N VAL D 94 3.10 -24.14 -2.62
CA VAL D 94 2.77 -25.53 -2.31
C VAL D 94 2.83 -26.41 -3.56
N ARG D 95 2.58 -25.81 -4.72
CA ARG D 95 2.61 -26.56 -5.97
C ARG D 95 4.01 -27.12 -6.24
N ARG D 96 5.02 -26.37 -5.88
CA ARG D 96 6.40 -26.79 -6.09
C ARG D 96 6.59 -28.23 -5.61
N GLU D 97 5.84 -28.60 -4.58
CA GLU D 97 5.92 -29.94 -4.01
C GLU D 97 5.16 -30.93 -4.88
N GLU D 98 4.05 -30.49 -5.47
CA GLU D 98 3.24 -31.36 -6.32
C GLU D 98 3.98 -31.73 -7.59
N GLU D 99 4.57 -30.72 -8.23
CA GLU D 99 5.32 -30.94 -9.47
C GLU D 99 6.57 -31.76 -9.19
N ARG D 100 6.97 -31.82 -7.94
CA ARG D 100 8.16 -32.57 -7.55
C ARG D 100 8.02 -34.04 -7.95
N ARG D 101 6.85 -34.61 -7.67
CA ARG D 101 6.59 -36.01 -8.00
C ARG D 101 6.18 -36.14 -9.46
N GLY D 102 5.92 -35.01 -10.10
CA GLY D 102 5.53 -35.01 -11.51
C GLY D 102 4.04 -35.33 -11.66
N HIS D 103 3.30 -35.20 -10.56
CA HIS D 103 1.87 -35.48 -10.59
C HIS D 103 1.58 -36.79 -11.31
N SER A 1 19.20 -19.92 -6.14
CA SER A 1 17.99 -20.03 -7.01
C SER A 1 17.32 -21.37 -6.74
N ALA A 2 16.49 -21.42 -5.70
CA ALA A 2 15.77 -22.64 -5.35
C ALA A 2 14.92 -23.12 -6.52
N ASP A 3 13.83 -22.41 -6.78
CA ASP A 3 12.93 -22.76 -7.87
C ASP A 3 11.86 -21.69 -8.05
N HIS A 4 11.18 -21.36 -6.96
CA HIS A 4 10.13 -20.35 -7.02
C HIS A 4 10.74 -18.94 -7.05
N GLU A 5 12.01 -18.86 -6.66
CA GLU A 5 12.71 -17.58 -6.64
C GLU A 5 12.87 -17.04 -8.06
N ARG A 6 13.06 -17.95 -9.01
CA ARG A 6 13.23 -17.55 -10.41
C ARG A 6 11.96 -16.89 -10.92
N GLU A 7 10.81 -17.40 -10.49
CA GLU A 7 9.53 -16.83 -10.92
C GLU A 7 9.31 -15.47 -10.28
N ALA A 8 9.72 -15.33 -9.02
CA ALA A 8 9.56 -14.08 -8.30
C ALA A 8 10.28 -12.94 -9.03
N GLN A 9 11.55 -13.16 -9.34
CA GLN A 9 12.34 -12.15 -10.04
C GLN A 9 11.81 -11.96 -11.47
N LYS A 10 11.36 -13.05 -12.08
CA LYS A 10 10.83 -13.00 -13.44
C LYS A 10 9.61 -12.08 -13.50
N ALA A 11 8.82 -12.11 -12.44
CA ALA A 11 7.62 -11.28 -12.39
C ALA A 11 7.97 -9.80 -12.46
N GLU A 12 9.10 -9.42 -11.86
CA GLU A 12 9.54 -8.03 -11.88
C GLU A 12 9.77 -7.56 -13.31
N GLU A 13 10.30 -8.43 -14.15
CA GLU A 13 10.56 -8.09 -15.53
C GLU A 13 9.25 -7.79 -16.27
N GLU A 14 8.21 -8.52 -15.92
CA GLU A 14 6.92 -8.32 -16.55
C GLU A 14 6.36 -6.94 -16.21
N LEU A 15 6.63 -6.47 -15.00
CA LEU A 15 6.15 -5.16 -14.57
C LEU A 15 6.73 -4.06 -15.44
N GLN A 16 8.00 -4.18 -15.76
CA GLN A 16 8.68 -3.18 -16.58
C GLN A 16 8.04 -3.09 -17.98
N LYS A 17 7.66 -4.24 -18.53
CA LYS A 17 7.05 -4.26 -19.86
C LYS A 17 5.74 -3.48 -19.87
N VAL A 18 4.95 -3.62 -18.81
CA VAL A 18 3.67 -2.92 -18.72
C VAL A 18 3.89 -1.41 -18.70
N LEU A 19 4.88 -0.98 -17.93
CA LEU A 19 5.17 0.44 -17.83
C LEU A 19 5.53 1.00 -19.21
N GLU A 20 6.30 0.25 -19.97
CA GLU A 20 6.68 0.69 -21.30
C GLU A 20 5.45 0.89 -22.17
N GLU A 21 4.54 -0.08 -22.11
CA GLU A 21 3.30 0.01 -22.88
C GLU A 21 2.40 1.11 -22.32
N ALA A 22 2.40 1.24 -21.00
CA ALA A 22 1.59 2.26 -20.35
C ALA A 22 2.06 3.66 -20.73
N SER A 23 3.38 3.84 -20.84
CA SER A 23 3.93 5.13 -21.19
C SER A 23 3.40 5.57 -22.55
N LYS A 24 3.36 4.63 -23.49
CA LYS A 24 2.86 4.90 -24.84
C LYS A 24 1.37 5.26 -24.80
N LYS A 25 0.63 4.60 -23.91
CA LYS A 25 -0.80 4.87 -23.79
C LYS A 25 -1.03 6.17 -23.04
N ALA A 26 -0.20 6.43 -22.02
CA ALA A 26 -0.35 7.63 -21.21
C ALA A 26 -0.19 8.89 -22.05
N VAL A 27 0.77 8.90 -22.97
CA VAL A 27 0.98 10.08 -23.81
C VAL A 27 -0.27 10.38 -24.62
N GLU A 28 -0.87 9.34 -25.18
CA GLU A 28 -2.08 9.50 -25.97
C GLU A 28 -3.29 9.73 -25.07
N ALA A 29 -3.37 8.96 -23.99
CA ALA A 29 -4.47 9.09 -23.05
C ALA A 29 -4.47 10.48 -22.40
N GLU A 30 -3.30 10.91 -21.97
CA GLU A 30 -3.17 12.22 -21.34
C GLU A 30 -3.51 13.35 -22.33
N ARG A 31 -3.00 13.23 -23.54
CA ARG A 31 -3.26 14.23 -24.56
C ARG A 31 -4.71 14.14 -25.03
N GLY A 32 -5.37 15.30 -25.11
CA GLY A 32 -6.77 15.37 -25.54
C GLY A 32 -7.71 15.61 -24.37
N ALA A 33 -7.21 15.36 -23.16
CA ALA A 33 -8.02 15.56 -21.95
C ALA A 33 -8.09 17.06 -21.62
N PRO A 34 -9.05 17.48 -20.84
CA PRO A 34 -9.20 18.90 -20.47
C PRO A 34 -8.17 19.34 -19.42
N GLY A 35 -7.31 20.26 -19.80
CA GLY A 35 -6.28 20.76 -18.91
C GLY A 35 -5.06 19.83 -18.89
N ALA A 36 -5.29 18.57 -19.25
CA ALA A 36 -4.22 17.57 -19.28
C ALA A 36 -3.16 17.84 -18.20
N ALA A 37 -1.93 17.41 -18.46
CA ALA A 37 -0.85 17.63 -17.51
C ALA A 37 0.44 17.03 -18.05
N LEU A 38 0.40 15.75 -18.42
CA LEU A 38 1.58 15.08 -18.94
C LEU A 38 1.99 15.67 -20.28
N ILE A 39 1.16 15.45 -21.30
CA ILE A 39 1.43 15.96 -22.65
C ILE A 39 2.92 15.93 -22.95
N SER A 40 3.64 15.01 -22.29
CA SER A 40 5.08 14.89 -22.47
C SER A 40 5.48 13.43 -22.67
N TYR A 41 6.23 13.16 -23.73
CA TYR A 41 6.68 11.82 -24.05
C TYR A 41 7.90 11.41 -23.20
N PRO A 42 8.95 12.21 -23.10
CA PRO A 42 10.15 11.83 -22.28
C PRO A 42 9.80 11.61 -20.81
N ASP A 43 8.81 12.34 -20.30
CA ASP A 43 8.41 12.21 -18.91
C ASP A 43 7.32 11.16 -18.74
N ALA A 44 6.82 10.64 -19.86
CA ALA A 44 5.77 9.62 -19.82
C ALA A 44 6.30 8.35 -19.16
N ILE A 45 7.53 7.99 -19.50
CA ILE A 45 8.15 6.81 -18.92
C ILE A 45 8.37 6.99 -17.43
N TRP A 46 8.79 8.20 -17.05
CA TRP A 46 9.04 8.50 -15.65
C TRP A 46 7.74 8.36 -14.84
N TRP A 47 6.66 8.94 -15.35
CA TRP A 47 5.38 8.85 -14.66
C TRP A 47 4.99 7.38 -14.51
N SER A 48 5.24 6.60 -15.55
CA SER A 48 4.91 5.18 -15.53
C SER A 48 5.93 4.40 -14.69
N VAL A 49 5.94 4.66 -13.38
CA VAL A 49 6.86 3.97 -12.48
C VAL A 49 6.31 3.99 -11.06
N GLU A 50 6.01 5.18 -10.55
CA GLU A 50 5.49 5.32 -9.21
C GLU A 50 4.11 4.66 -9.11
N THR A 51 3.36 4.68 -10.20
CA THR A 51 2.05 4.08 -10.21
C THR A 51 2.15 2.58 -9.95
N ALA A 52 3.09 1.93 -10.62
CA ALA A 52 3.29 0.50 -10.44
C ALA A 52 3.60 0.18 -8.98
N THR A 53 4.19 1.16 -8.28
CA THR A 53 4.53 0.98 -6.87
C THR A 53 3.38 1.49 -6.00
N THR A 54 2.32 1.91 -6.66
CA THR A 54 1.14 2.43 -5.96
C THR A 54 1.54 3.42 -4.87
N VAL A 55 1.89 4.64 -5.28
CA VAL A 55 2.29 5.68 -4.33
C VAL A 55 1.50 6.97 -4.57
N GLY A 56 1.64 7.52 -5.77
CA GLY A 56 0.93 8.75 -6.14
C GLY A 56 1.83 9.98 -5.97
N TYR A 57 2.35 10.18 -4.76
CA TYR A 57 3.21 11.32 -4.47
C TYR A 57 2.63 12.60 -5.08
N GLY A 58 3.00 12.89 -6.33
CA GLY A 58 2.51 14.07 -7.01
C GLY A 58 2.82 14.00 -8.51
N ASP A 59 4.02 14.46 -8.89
CA ASP A 59 4.42 14.45 -10.29
C ASP A 59 3.25 14.82 -11.20
N ARG A 60 2.70 13.82 -11.88
CA ARG A 60 1.56 14.02 -12.78
C ARG A 60 0.35 13.26 -12.27
N TYR A 61 -0.72 13.27 -13.05
CA TYR A 61 -1.94 12.56 -12.66
C TYR A 61 -2.94 12.54 -13.83
N PRO A 62 -3.55 11.42 -14.13
CA PRO A 62 -4.54 11.33 -15.25
C PRO A 62 -5.84 12.06 -14.94
N VAL A 63 -6.56 12.45 -16.01
CA VAL A 63 -7.84 13.15 -15.84
C VAL A 63 -9.00 12.16 -15.99
N THR A 64 -9.92 12.44 -16.92
CA THR A 64 -11.07 11.55 -17.16
C THR A 64 -11.02 10.97 -18.57
N GLU A 65 -10.63 11.79 -19.56
CA GLU A 65 -10.57 11.34 -20.94
C GLU A 65 -9.45 10.31 -21.12
N GLU A 66 -8.35 10.50 -20.40
CA GLU A 66 -7.23 9.57 -20.48
C GLU A 66 -7.62 8.21 -19.88
N GLY A 67 -8.92 7.91 -19.98
CA GLY A 67 -9.43 6.64 -19.52
C GLY A 67 -8.80 6.24 -18.20
N ARG A 68 -9.06 7.00 -17.12
CA ARG A 68 -8.46 6.72 -15.79
C ARG A 68 -8.03 5.27 -15.69
N LYS A 69 -8.82 4.39 -16.30
CA LYS A 69 -8.48 2.99 -16.32
C LYS A 69 -7.02 2.82 -16.73
N VAL A 70 -6.40 3.86 -17.34
CA VAL A 70 -5.02 3.73 -17.75
C VAL A 70 -4.13 3.50 -16.53
N ALA A 71 -4.31 4.30 -15.49
CA ALA A 71 -3.53 4.15 -14.27
C ALA A 71 -3.94 2.91 -13.50
N GLU A 72 -5.25 2.63 -13.48
CA GLU A 72 -5.77 1.47 -12.76
C GLU A 72 -5.08 0.20 -13.24
N GLN A 73 -4.89 0.09 -14.54
CA GLN A 73 -4.25 -1.10 -15.11
C GLN A 73 -2.81 -1.22 -14.62
N VAL A 74 -2.07 -0.11 -14.63
CA VAL A 74 -0.68 -0.14 -14.18
C VAL A 74 -0.58 -0.50 -12.70
N MET A 75 -1.40 0.15 -11.87
CA MET A 75 -1.38 -0.10 -10.44
C MET A 75 -1.80 -1.54 -10.14
N LYS A 76 -2.82 -2.01 -10.84
CA LYS A 76 -3.30 -3.36 -10.64
C LYS A 76 -2.23 -4.37 -11.05
N ALA A 77 -1.57 -4.10 -12.16
CA ALA A 77 -0.52 -4.99 -12.66
C ALA A 77 0.64 -5.06 -11.68
N GLY A 78 0.99 -3.91 -11.10
CA GLY A 78 2.09 -3.86 -10.14
C GLY A 78 1.76 -4.66 -8.89
N ILE A 79 0.53 -4.54 -8.41
CA ILE A 79 0.12 -5.26 -7.21
C ILE A 79 0.18 -6.76 -7.44
N GLU A 80 -0.28 -7.20 -8.60
CA GLU A 80 -0.26 -8.62 -8.92
C GLU A 80 1.18 -9.15 -8.93
N VAL A 81 2.08 -8.36 -9.51
CA VAL A 81 3.49 -8.76 -9.58
C VAL A 81 4.10 -8.86 -8.18
N PHE A 82 3.91 -7.81 -7.38
CA PHE A 82 4.45 -7.78 -6.03
C PHE A 82 3.70 -8.74 -5.11
N ALA A 83 2.47 -9.07 -5.48
CA ALA A 83 1.66 -9.98 -4.68
C ALA A 83 1.95 -11.44 -5.05
N LEU A 84 2.32 -11.66 -6.31
CA LEU A 84 2.61 -13.02 -6.78
C LEU A 84 3.82 -13.61 -6.07
N VAL A 85 4.88 -12.81 -5.89
CA VAL A 85 6.08 -13.31 -5.22
C VAL A 85 5.72 -13.92 -3.88
N THR A 86 4.52 -13.61 -3.39
CA THR A 86 4.07 -14.13 -2.10
C THR A 86 4.42 -15.61 -1.99
N ALA A 87 4.59 -16.26 -3.13
CA ALA A 87 4.95 -17.68 -3.16
C ALA A 87 6.30 -17.91 -2.51
N ALA A 88 7.30 -17.14 -2.94
CA ALA A 88 8.65 -17.28 -2.39
C ALA A 88 8.67 -16.88 -0.92
N LEU A 89 7.90 -15.86 -0.58
CA LEU A 89 7.84 -15.38 0.80
C LEU A 89 7.21 -16.44 1.71
N ALA A 90 6.20 -17.14 1.20
CA ALA A 90 5.51 -18.17 1.97
C ALA A 90 6.50 -19.23 2.45
N THR A 91 7.35 -19.70 1.54
CA THR A 91 8.33 -20.73 1.88
C THR A 91 9.48 -20.13 2.69
N ASP A 92 9.44 -18.81 2.90
CA ASP A 92 10.50 -18.15 3.65
C ASP A 92 10.64 -18.75 5.04
N PHE A 93 9.52 -18.93 5.74
CA PHE A 93 9.55 -19.47 7.09
C PHE A 93 9.71 -20.99 7.07
N VAL A 94 8.96 -21.65 6.18
CA VAL A 94 9.00 -23.10 6.07
C VAL A 94 10.43 -23.63 6.19
N ARG A 95 11.40 -22.81 5.85
CA ARG A 95 12.80 -23.21 5.91
C ARG A 95 13.18 -23.62 7.33
N ARG A 96 12.57 -22.96 8.32
CA ARG A 96 12.87 -23.25 9.72
C ARG A 96 12.51 -24.71 10.05
N GLU A 97 11.61 -25.28 9.26
CA GLU A 97 11.20 -26.66 9.48
C GLU A 97 12.39 -27.61 9.28
N GLU A 98 13.22 -27.29 8.31
CA GLU A 98 14.40 -28.09 8.02
C GLU A 98 15.40 -28.00 9.17
N GLU A 99 15.51 -26.82 9.77
CA GLU A 99 16.43 -26.62 10.87
C GLU A 99 16.04 -27.48 12.07
N ARG A 100 14.73 -27.66 12.25
CA ARG A 100 14.24 -28.47 13.36
C ARG A 100 14.77 -29.90 13.25
N ARG A 101 14.74 -30.46 12.04
CA ARG A 101 15.21 -31.82 11.81
C ARG A 101 16.68 -31.81 11.39
N GLY A 102 17.24 -30.61 11.23
CA GLY A 102 18.63 -30.46 10.83
C GLY A 102 18.82 -30.76 9.35
N HIS A 103 17.74 -30.65 8.58
CA HIS A 103 17.79 -30.90 7.15
C HIS A 103 18.35 -32.30 6.88
N SER B 1 11.70 -13.87 22.07
CA SER B 1 11.45 -13.67 20.62
C SER B 1 11.43 -15.03 19.93
N ALA B 2 11.91 -15.06 18.68
CA ALA B 2 11.94 -16.30 17.92
C ALA B 2 13.00 -16.23 16.83
N ASP B 3 13.28 -17.38 16.20
CA ASP B 3 14.27 -17.44 15.14
C ASP B 3 13.87 -16.60 13.94
N HIS B 4 12.57 -16.59 13.64
CA HIS B 4 12.05 -15.82 12.51
C HIS B 4 11.94 -14.33 12.87
N GLU B 5 11.66 -14.06 14.15
CA GLU B 5 11.53 -12.69 14.62
C GLU B 5 12.88 -11.96 14.54
N ARG B 6 13.95 -12.67 14.84
CA ARG B 6 15.28 -12.07 14.79
C ARG B 6 15.62 -11.64 13.37
N GLU B 7 15.26 -12.46 12.39
CA GLU B 7 15.54 -12.12 11.01
C GLU B 7 14.75 -10.88 10.59
N ALA B 8 13.49 -10.83 11.03
CA ALA B 8 12.63 -9.69 10.71
C ALA B 8 13.15 -8.42 11.37
N GLN B 9 13.59 -8.54 12.63
CA GLN B 9 14.10 -7.39 13.36
C GLN B 9 15.39 -6.88 12.72
N LYS B 10 16.24 -7.81 12.30
CA LYS B 10 17.50 -7.45 11.67
C LYS B 10 17.24 -6.69 10.36
N ALA B 11 16.24 -7.14 9.62
CA ALA B 11 15.89 -6.51 8.36
C ALA B 11 15.51 -5.04 8.56
N GLU B 12 14.85 -4.75 9.67
CA GLU B 12 14.44 -3.38 9.96
C GLU B 12 15.65 -2.47 10.12
N GLU B 13 16.72 -3.01 10.69
CA GLU B 13 17.93 -2.23 10.90
C GLU B 13 18.53 -1.84 9.55
N GLU B 14 18.48 -2.75 8.59
CA GLU B 14 19.02 -2.49 7.27
C GLU B 14 18.26 -1.35 6.60
N LEU B 15 16.97 -1.25 6.89
CA LEU B 15 16.14 -0.21 6.30
C LEU B 15 16.63 1.16 6.77
N GLN B 16 17.05 1.24 8.02
CA GLN B 16 17.54 2.50 8.57
C GLN B 16 18.84 2.93 7.87
N LYS B 17 19.62 1.95 7.43
CA LYS B 17 20.88 2.25 6.76
C LYS B 17 20.65 3.01 5.45
N VAL B 18 19.70 2.52 4.64
CA VAL B 18 19.40 3.17 3.37
C VAL B 18 18.75 4.52 3.57
N LEU B 19 17.99 4.65 4.66
CA LEU B 19 17.31 5.92 4.95
C LEU B 19 18.36 7.01 5.13
N GLU B 20 19.44 6.70 5.82
CA GLU B 20 20.50 7.68 6.03
C GLU B 20 21.12 8.07 4.70
N GLU B 21 21.44 7.06 3.89
CA GLU B 21 22.04 7.30 2.59
C GLU B 21 21.01 7.97 1.67
N ALA B 22 19.75 7.61 1.85
CA ALA B 22 18.68 8.18 1.04
C ALA B 22 18.62 9.69 1.24
N SER B 23 18.81 10.11 2.49
CA SER B 23 18.78 11.53 2.81
C SER B 23 19.88 12.26 2.05
N LYS B 24 21.02 11.60 1.87
CA LYS B 24 22.12 12.22 1.15
C LYS B 24 21.74 12.47 -0.31
N LYS B 25 21.86 11.44 -1.14
CA LYS B 25 21.54 11.57 -2.58
C LYS B 25 20.30 12.44 -2.77
N ALA B 26 19.41 12.44 -1.78
CA ALA B 26 18.19 13.24 -1.88
C ALA B 26 18.54 14.73 -1.98
N VAL B 27 19.53 15.17 -1.18
CA VAL B 27 19.93 16.58 -1.21
C VAL B 27 20.58 16.92 -2.57
N GLU B 28 21.40 16.01 -3.06
CA GLU B 28 22.08 16.22 -4.33
C GLU B 28 21.09 16.12 -5.48
N ALA B 29 20.17 15.16 -5.39
CA ALA B 29 19.15 14.98 -6.43
C ALA B 29 18.14 16.11 -6.37
N GLU B 30 18.62 17.35 -6.52
CA GLU B 30 17.74 18.52 -6.48
C GLU B 30 18.55 19.80 -6.45
N ARG B 31 19.82 19.70 -6.12
CA ARG B 31 20.67 20.87 -6.05
C ARG B 31 20.89 21.48 -7.43
N GLY B 32 19.79 21.82 -8.11
CA GLY B 32 19.88 22.44 -9.44
C GLY B 32 18.98 21.74 -10.45
N ALA B 33 17.86 21.21 -9.96
CA ALA B 33 16.88 20.53 -10.82
C ALA B 33 15.66 21.43 -11.02
N PRO B 34 14.99 21.33 -12.15
CA PRO B 34 13.77 22.17 -12.42
C PRO B 34 12.55 21.66 -11.66
N GLY B 35 11.82 22.58 -11.04
CA GLY B 35 10.62 22.22 -10.29
C GLY B 35 10.97 21.39 -9.05
N ALA B 36 12.19 21.57 -8.55
CA ALA B 36 12.63 20.84 -7.37
C ALA B 36 11.84 21.29 -6.14
N ALA B 37 11.49 20.33 -5.28
CA ALA B 37 10.73 20.63 -4.06
C ALA B 37 11.62 20.50 -2.83
N LEU B 38 12.61 19.60 -2.89
CA LEU B 38 13.53 19.41 -1.77
C LEU B 38 14.86 20.10 -2.05
N ILE B 39 15.15 21.14 -1.28
CA ILE B 39 16.40 21.89 -1.43
C ILE B 39 16.89 22.36 -0.07
N SER B 40 17.60 21.49 0.64
CA SER B 40 18.12 21.83 1.95
C SER B 40 19.12 20.79 2.44
N TYR B 41 18.79 20.12 3.55
CA TYR B 41 19.66 19.11 4.13
C TYR B 41 18.97 18.45 5.34
N PRO B 42 18.69 19.21 6.39
CA PRO B 42 18.02 18.66 7.60
C PRO B 42 16.64 18.06 7.30
N ASP B 43 15.98 18.58 6.26
CA ASP B 43 14.66 18.08 5.89
C ASP B 43 14.79 16.87 4.97
N ALA B 44 16.01 16.59 4.53
CA ALA B 44 16.25 15.45 3.65
C ALA B 44 15.99 14.14 4.38
N ILE B 45 16.43 14.08 5.63
CA ILE B 45 16.22 12.89 6.45
C ILE B 45 14.74 12.68 6.75
N TRP B 46 14.03 13.77 6.99
CA TRP B 46 12.60 13.70 7.28
C TRP B 46 11.84 13.04 6.12
N TRP B 47 12.12 13.49 4.90
CA TRP B 47 11.47 12.92 3.73
C TRP B 47 11.85 11.44 3.58
N SER B 48 13.13 11.14 3.79
CA SER B 48 13.60 9.78 3.65
C SER B 48 12.84 8.83 4.57
N VAL B 49 12.55 9.28 5.78
CA VAL B 49 11.85 8.45 6.76
C VAL B 49 10.47 8.02 6.25
N GLU B 50 9.69 8.97 5.73
CA GLU B 50 8.36 8.64 5.24
C GLU B 50 8.45 7.94 3.87
N THR B 51 9.55 8.15 3.17
CA THR B 51 9.73 7.55 1.86
C THR B 51 9.78 6.03 1.95
N ALA B 52 10.57 5.50 2.89
CA ALA B 52 10.70 4.06 3.04
C ALA B 52 9.35 3.40 3.29
N THR B 53 8.39 4.17 3.81
CA THR B 53 7.06 3.64 4.09
C THR B 53 6.20 3.68 2.83
N THR B 54 6.79 4.07 1.71
CA THR B 54 6.05 4.15 0.46
C THR B 54 4.79 5.00 0.62
N VAL B 55 4.66 5.63 1.78
CA VAL B 55 3.50 6.48 2.05
C VAL B 55 3.45 7.66 1.08
N GLY B 56 4.59 8.33 0.90
CA GLY B 56 4.66 9.48 0.00
C GLY B 56 3.40 10.32 0.10
N TYR B 57 3.21 10.96 1.25
CA TYR B 57 2.02 11.77 1.48
C TYR B 57 1.92 12.90 0.45
N GLY B 58 3.04 13.58 0.23
CA GLY B 58 3.08 14.68 -0.74
C GLY B 58 4.10 15.74 -0.31
N ASP B 59 4.60 15.62 0.91
CA ASP B 59 5.58 16.56 1.43
C ASP B 59 6.62 16.91 0.37
N ARG B 60 7.63 16.06 0.24
CA ARG B 60 8.70 16.27 -0.74
C ARG B 60 8.75 15.10 -1.71
N TYR B 61 9.22 15.36 -2.93
CA TYR B 61 9.31 14.31 -3.95
C TYR B 61 10.29 14.75 -5.06
N PRO B 62 11.30 13.96 -5.38
CA PRO B 62 12.28 14.34 -6.45
C PRO B 62 11.67 14.30 -7.84
N VAL B 63 12.30 15.02 -8.78
CA VAL B 63 11.81 15.05 -10.16
C VAL B 63 12.72 14.24 -11.09
N THR B 64 12.56 14.43 -12.40
CA THR B 64 13.36 13.69 -13.39
C THR B 64 14.85 13.91 -13.16
N GLU B 65 15.32 15.13 -13.42
CA GLU B 65 16.73 15.43 -13.25
C GLU B 65 17.22 14.91 -11.89
N GLU B 66 16.27 14.62 -11.00
CA GLU B 66 16.60 14.10 -9.67
C GLU B 66 16.45 12.56 -9.67
N GLY B 67 16.66 12.02 -10.85
CA GLY B 67 16.61 10.59 -11.04
C GLY B 67 15.49 9.98 -10.23
N ARG B 68 14.22 10.33 -10.52
CA ARG B 68 13.05 9.82 -9.77
C ARG B 68 13.36 8.46 -9.12
N LYS B 69 14.24 7.71 -9.76
CA LYS B 69 14.66 6.45 -9.23
C LYS B 69 15.16 6.68 -7.79
N VAL B 70 15.41 7.95 -7.41
CA VAL B 70 15.86 8.22 -6.06
C VAL B 70 14.81 7.76 -5.06
N ALA B 71 13.55 8.09 -5.33
CA ALA B 71 12.45 7.70 -4.45
C ALA B 71 12.08 6.23 -4.67
N GLU B 72 12.00 5.82 -5.92
CA GLU B 72 11.63 4.44 -6.23
C GLU B 72 12.63 3.48 -5.63
N GLN B 73 13.91 3.84 -5.70
CA GLN B 73 14.96 2.99 -5.14
C GLN B 73 14.76 2.79 -3.64
N VAL B 74 14.48 3.89 -2.93
CA VAL B 74 14.29 3.81 -1.49
C VAL B 74 13.02 3.04 -1.14
N MET B 75 11.93 3.35 -1.85
CA MET B 75 10.65 2.70 -1.59
C MET B 75 10.76 1.19 -1.83
N LYS B 76 11.46 0.81 -2.90
CA LYS B 76 11.61 -0.61 -3.21
C LYS B 76 12.38 -1.31 -2.09
N ALA B 77 13.41 -0.64 -1.59
CA ALA B 77 14.23 -1.22 -0.51
C ALA B 77 13.37 -1.47 0.73
N GLY B 78 12.48 -0.54 1.01
CA GLY B 78 11.60 -0.66 2.17
C GLY B 78 10.61 -1.81 2.02
N ILE B 79 10.05 -1.95 0.82
CA ILE B 79 9.07 -3.01 0.57
C ILE B 79 9.70 -4.38 0.76
N GLU B 80 10.92 -4.56 0.26
CA GLU B 80 11.59 -5.84 0.40
C GLU B 80 11.78 -6.18 1.88
N VAL B 81 12.13 -5.17 2.68
CA VAL B 81 12.34 -5.39 4.11
C VAL B 81 11.03 -5.79 4.80
N PHE B 82 9.97 -5.03 4.56
CA PHE B 82 8.69 -5.30 5.18
C PHE B 82 8.13 -6.62 4.67
N ALA B 83 8.34 -6.89 3.39
CA ALA B 83 7.84 -8.13 2.80
C ALA B 83 8.55 -9.34 3.42
N LEU B 84 9.84 -9.20 3.71
CA LEU B 84 10.59 -10.29 4.32
C LEU B 84 10.02 -10.64 5.68
N VAL B 85 9.66 -9.61 6.45
CA VAL B 85 9.08 -9.82 7.77
C VAL B 85 7.96 -10.85 7.68
N THR B 86 7.55 -11.17 6.46
CA THR B 86 6.50 -12.14 6.25
C THR B 86 6.91 -13.46 6.88
N ALA B 87 8.18 -13.82 6.69
CA ALA B 87 8.72 -15.06 7.24
C ALA B 87 8.22 -15.27 8.68
N ALA B 88 7.77 -14.18 9.31
CA ALA B 88 7.28 -14.26 10.68
C ALA B 88 5.74 -14.22 10.69
N LEU B 89 5.16 -13.56 9.68
CA LEU B 89 3.71 -13.47 9.58
C LEU B 89 3.08 -14.82 9.25
N ALA B 90 3.68 -15.53 8.29
CA ALA B 90 3.19 -16.83 7.88
C ALA B 90 3.28 -17.81 9.03
N THR B 91 3.93 -17.38 10.10
CA THR B 91 4.10 -18.21 11.29
C THR B 91 3.10 -17.75 12.35
N ASP B 92 2.38 -16.68 12.05
CA ASP B 92 1.43 -16.14 13.01
C ASP B 92 0.34 -17.17 13.33
N PHE B 93 -0.21 -17.78 12.29
CA PHE B 93 -1.26 -18.78 12.48
C PHE B 93 -0.69 -20.13 12.89
N VAL B 94 0.50 -20.44 12.39
CA VAL B 94 1.15 -21.71 12.70
C VAL B 94 1.18 -21.96 14.21
N ARG B 95 1.26 -20.89 14.99
CA ARG B 95 1.31 -21.03 16.45
C ARG B 95 0.01 -21.62 16.99
N ARG B 96 -1.07 -21.50 16.22
CA ARG B 96 -2.36 -22.03 16.64
C ARG B 96 -2.20 -23.49 17.08
N GLU B 97 -1.44 -24.25 16.32
CA GLU B 97 -1.21 -25.66 16.63
C GLU B 97 -0.45 -25.78 17.95
N GLU B 98 0.11 -26.97 18.19
CA GLU B 98 0.86 -27.23 19.42
C GLU B 98 0.00 -26.95 20.65
N GLU B 99 -0.22 -25.69 20.95
CA GLU B 99 -1.02 -25.30 22.11
C GLU B 99 -2.43 -25.88 21.98
N ARG B 100 -3.01 -25.79 20.79
CA ARG B 100 -4.34 -26.30 20.55
C ARG B 100 -4.38 -27.82 20.71
N ARG B 101 -3.38 -28.49 20.15
CA ARG B 101 -3.29 -29.94 20.22
C ARG B 101 -2.06 -30.34 21.04
N GLY B 102 -2.31 -30.94 22.20
CA GLY B 102 -1.24 -31.39 23.09
C GLY B 102 -1.20 -30.55 24.37
N HIS B 103 -1.88 -29.42 24.36
CA HIS B 103 -1.93 -28.55 25.53
C HIS B 103 -2.96 -27.45 25.34
N SER C 1 -13.57 -21.19 17.83
CA SER C 1 -13.68 -21.52 16.39
C SER C 1 -12.31 -21.34 15.73
N ALA C 2 -11.71 -20.17 15.92
CA ALA C 2 -10.40 -19.88 15.35
C ALA C 2 -9.69 -18.78 16.12
N ASP C 3 -8.52 -19.10 16.65
CA ASP C 3 -7.73 -18.13 17.41
C ASP C 3 -7.21 -17.02 16.50
N HIS C 4 -6.69 -17.42 15.34
CA HIS C 4 -6.14 -16.47 14.38
C HIS C 4 -7.21 -15.47 13.95
N GLU C 5 -8.43 -15.96 13.71
CA GLU C 5 -9.51 -15.09 13.28
C GLU C 5 -9.86 -14.08 14.37
N ARG C 6 -9.90 -14.55 15.62
CA ARG C 6 -10.21 -13.66 16.74
C ARG C 6 -9.12 -12.62 16.90
N GLU C 7 -7.87 -13.03 16.71
CA GLU C 7 -6.74 -12.12 16.84
C GLU C 7 -6.79 -11.09 15.73
N ALA C 8 -7.15 -11.52 14.53
CA ALA C 8 -7.23 -10.62 13.39
C ALA C 8 -8.31 -9.57 13.62
N GLN C 9 -9.42 -9.98 14.23
CA GLN C 9 -10.52 -9.05 14.50
C GLN C 9 -10.04 -7.90 15.39
N LYS C 10 -9.24 -8.22 16.40
CA LYS C 10 -8.71 -7.20 17.30
C LYS C 10 -7.78 -6.25 16.54
N ALA C 11 -7.15 -6.77 15.50
CA ALA C 11 -6.23 -5.98 14.70
C ALA C 11 -6.88 -4.68 14.20
N GLU C 12 -8.10 -4.80 13.68
CA GLU C 12 -8.82 -3.63 13.17
C GLU C 12 -9.16 -2.66 14.30
N GLU C 13 -9.60 -3.20 15.43
CA GLU C 13 -9.96 -2.36 16.57
C GLU C 13 -8.75 -1.58 17.06
N GLU C 14 -7.59 -2.22 17.04
CA GLU C 14 -6.36 -1.57 17.49
C GLU C 14 -6.02 -0.40 16.56
N LEU C 15 -6.37 -0.51 15.30
CA LEU C 15 -6.08 0.54 14.33
C LEU C 15 -6.79 1.83 14.73
N GLN C 16 -8.03 1.70 15.21
CA GLN C 16 -8.79 2.87 15.62
C GLN C 16 -8.21 3.51 16.88
N LYS C 17 -7.59 2.69 17.73
CA LYS C 17 -7.02 3.20 18.98
C LYS C 17 -5.67 3.91 18.77
N VAL C 18 -4.79 3.31 17.97
CA VAL C 18 -3.46 3.89 17.74
C VAL C 18 -3.53 5.28 17.12
N LEU C 19 -4.35 5.43 16.09
CA LEU C 19 -4.47 6.70 15.40
C LEU C 19 -5.28 7.68 16.24
N GLU C 20 -6.17 7.16 17.08
CA GLU C 20 -7.00 8.01 17.94
C GLU C 20 -6.11 8.77 18.93
N GLU C 21 -5.27 8.03 19.66
CA GLU C 21 -4.38 8.65 20.62
C GLU C 21 -3.39 9.55 19.89
N ALA C 22 -2.97 9.11 18.71
CA ALA C 22 -2.04 9.88 17.91
C ALA C 22 -2.69 11.17 17.43
N SER C 23 -3.98 11.10 17.13
CA SER C 23 -4.70 12.28 16.64
C SER C 23 -4.50 13.45 17.60
N LYS C 24 -4.62 13.18 18.89
CA LYS C 24 -4.42 14.22 19.89
C LYS C 24 -2.99 14.75 19.81
N LYS C 25 -2.04 13.83 19.72
CA LYS C 25 -0.64 14.21 19.63
C LYS C 25 -0.40 15.01 18.35
N ALA C 26 -1.05 14.60 17.26
CA ALA C 26 -0.88 15.28 15.99
C ALA C 26 -1.23 16.76 16.10
N VAL C 27 -2.41 17.06 16.63
CA VAL C 27 -2.83 18.46 16.79
C VAL C 27 -1.91 19.18 17.78
N GLU C 28 -1.64 18.51 18.88
CA GLU C 28 -0.78 19.09 19.92
C GLU C 28 0.66 19.25 19.41
N ALA C 29 1.10 18.31 18.58
CA ALA C 29 2.44 18.34 18.00
C ALA C 29 2.62 19.58 17.15
N GLU C 30 1.61 19.91 16.35
CA GLU C 30 1.67 21.09 15.49
C GLU C 30 1.12 22.32 16.20
N ARG C 31 0.47 22.11 17.34
CA ARG C 31 -0.12 23.21 18.08
C ARG C 31 0.96 24.23 18.45
N GLY C 32 1.08 25.28 17.63
CA GLY C 32 2.06 26.34 17.88
C GLY C 32 3.26 26.20 16.94
N ALA C 33 3.18 25.25 16.02
CA ALA C 33 4.26 25.03 15.07
C ALA C 33 4.17 26.03 13.92
N PRO C 34 5.27 26.40 13.30
CA PRO C 34 5.26 27.36 12.17
C PRO C 34 4.76 26.73 10.87
N GLY C 35 3.96 27.48 10.12
CA GLY C 35 3.43 26.99 8.86
C GLY C 35 2.58 25.75 9.07
N ALA C 36 2.02 25.60 10.27
CA ALA C 36 1.18 24.45 10.58
C ALA C 36 -0.12 24.50 9.79
N ALA C 37 -0.57 23.34 9.31
CA ALA C 37 -1.81 23.26 8.54
C ALA C 37 -2.89 22.55 9.34
N LEU C 38 -2.50 21.52 10.09
CA LEU C 38 -3.46 20.77 10.90
C LEU C 38 -3.59 21.40 12.28
N ILE C 39 -4.17 22.61 12.32
CA ILE C 39 -4.34 23.33 13.58
C ILE C 39 -5.71 23.01 14.18
N SER C 40 -6.50 22.25 13.43
CA SER C 40 -7.83 21.87 13.90
C SER C 40 -7.74 20.77 14.96
N TYR C 41 -8.73 20.76 15.86
CA TYR C 41 -8.78 19.76 16.93
C TYR C 41 -9.78 18.64 16.58
N PRO C 42 -11.06 18.93 16.43
CA PRO C 42 -12.07 17.88 16.10
C PRO C 42 -11.75 17.14 14.79
N ASP C 43 -11.10 17.85 13.87
CA ASP C 43 -10.74 17.25 12.58
C ASP C 43 -9.43 16.48 12.67
N ALA C 44 -8.80 16.50 13.85
CA ALA C 44 -7.54 15.79 14.04
C ALA C 44 -7.72 14.30 13.79
N ILE C 45 -8.86 13.77 14.23
CA ILE C 45 -9.15 12.35 14.04
C ILE C 45 -9.34 12.03 12.56
N TRP C 46 -10.00 12.92 11.84
CA TRP C 46 -10.25 12.70 10.41
C TRP C 46 -8.93 12.48 9.67
N TRP C 47 -7.96 13.36 9.88
CA TRP C 47 -6.66 13.20 9.24
C TRP C 47 -6.00 11.91 9.75
N SER C 48 -6.15 11.64 11.03
CA SER C 48 -5.56 10.46 11.63
C SER C 48 -6.13 9.17 11.02
N VAL C 49 -7.43 9.18 10.70
CA VAL C 49 -8.07 8.00 10.14
C VAL C 49 -7.45 7.62 8.78
N GLU C 50 -7.31 8.60 7.89
CA GLU C 50 -6.75 8.32 6.57
C GLU C 50 -5.25 8.04 6.68
N THR C 51 -4.60 8.64 7.68
CA THR C 51 -3.17 8.43 7.87
C THR C 51 -2.85 6.96 8.17
N ALA C 52 -3.61 6.36 9.07
CA ALA C 52 -3.38 4.97 9.44
C ALA C 52 -3.57 4.05 8.24
N THR C 53 -4.34 4.51 7.26
CA THR C 53 -4.59 3.72 6.05
C THR C 53 -3.54 4.04 4.99
N THR C 54 -2.59 4.90 5.35
CA THR C 54 -1.52 5.29 4.42
C THR C 54 -2.11 5.86 3.13
N VAL C 55 -3.39 6.20 3.18
CA VAL C 55 -4.05 6.76 2.00
C VAL C 55 -3.43 8.10 1.61
N GLY C 56 -3.20 8.96 2.60
CA GLY C 56 -2.61 10.27 2.35
C GLY C 56 -3.18 10.88 1.07
N TYR C 57 -4.49 11.13 1.07
CA TYR C 57 -5.15 11.70 -0.10
C TYR C 57 -4.60 13.09 -0.41
N GLY C 58 -4.45 13.91 0.63
CA GLY C 58 -3.93 15.27 0.46
C GLY C 58 -4.75 16.27 1.26
N ASP C 59 -5.58 15.76 2.18
CA ASP C 59 -6.41 16.63 3.00
C ASP C 59 -5.55 17.60 3.80
N ARG C 60 -4.56 17.06 4.50
CA ARG C 60 -3.66 17.88 5.31
C ARG C 60 -2.26 17.28 5.28
N TYR C 61 -1.28 18.04 5.76
CA TYR C 61 0.10 17.55 5.77
C TYR C 61 0.85 18.04 7.03
N PRO C 62 1.40 17.15 7.85
CA PRO C 62 2.12 17.58 9.08
C PRO C 62 3.47 18.23 8.75
N VAL C 63 3.97 19.01 9.71
CA VAL C 63 5.26 19.70 9.53
C VAL C 63 6.36 18.91 10.22
N THR C 64 7.52 19.54 10.41
CA THR C 64 8.66 18.91 11.05
C THR C 64 8.67 19.21 12.54
N GLU C 65 8.18 20.38 12.90
CA GLU C 65 8.13 20.76 14.32
C GLU C 65 7.20 19.84 15.08
N GLU C 66 6.15 19.37 14.41
CA GLU C 66 5.18 18.46 15.01
C GLU C 66 5.79 17.04 15.11
N GLY C 67 7.10 17.03 15.23
CA GLY C 67 7.81 15.78 15.38
C GLY C 67 7.30 14.74 14.41
N ARG C 68 7.50 14.96 13.10
CA ARG C 68 7.02 14.01 12.06
C ARG C 68 6.85 12.61 12.61
N LYS C 69 7.69 12.28 13.58
CA LYS C 69 7.60 11.00 14.23
C LYS C 69 6.15 10.74 14.68
N VAL C 70 5.40 11.81 15.03
CA VAL C 70 4.03 11.58 15.44
C VAL C 70 3.20 11.00 14.30
N ALA C 71 3.29 11.63 13.13
CA ALA C 71 2.56 11.15 11.96
C ALA C 71 3.14 9.84 11.45
N GLU C 72 4.47 9.75 11.46
CA GLU C 72 5.13 8.55 10.99
C GLU C 72 4.79 7.34 11.86
N GLN C 73 4.70 7.58 13.17
CA GLN C 73 4.38 6.50 14.10
C GLN C 73 3.06 5.82 13.75
N VAL C 74 2.05 6.63 13.43
CA VAL C 74 0.74 6.07 13.07
C VAL C 74 0.82 5.23 11.80
N MET C 75 1.54 5.73 10.80
CA MET C 75 1.66 5.03 9.52
C MET C 75 2.20 3.62 9.73
N LYS C 76 3.23 3.49 10.55
CA LYS C 76 3.83 2.18 10.82
C LYS C 76 2.83 1.27 11.54
N ALA C 77 2.09 1.84 12.49
CA ALA C 77 1.11 1.08 13.25
C ALA C 77 0.01 0.58 12.32
N GLY C 78 -0.36 1.41 11.34
CA GLY C 78 -1.41 1.04 10.40
C GLY C 78 -0.98 -0.12 9.50
N ILE C 79 0.26 -0.07 9.02
CA ILE C 79 0.76 -1.12 8.14
C ILE C 79 0.78 -2.47 8.85
N GLU C 80 1.23 -2.47 10.10
CA GLU C 80 1.31 -3.70 10.87
C GLU C 80 -0.06 -4.37 10.98
N VAL C 81 -1.09 -3.58 11.20
CA VAL C 81 -2.44 -4.15 11.33
C VAL C 81 -2.88 -4.87 10.05
N PHE C 82 -2.72 -4.20 8.92
CA PHE C 82 -3.12 -4.79 7.65
C PHE C 82 -2.28 -6.02 7.33
N ALA C 83 -1.00 -5.97 7.70
CA ALA C 83 -0.09 -7.09 7.44
C ALA C 83 -0.24 -8.18 8.52
N LEU C 84 -0.62 -7.76 9.72
CA LEU C 84 -0.78 -8.70 10.83
C LEU C 84 -1.89 -9.71 10.54
N VAL C 85 -3.01 -9.24 10.01
CA VAL C 85 -4.12 -10.13 9.71
C VAL C 85 -3.70 -11.20 8.70
N THR C 86 -2.43 -11.16 8.31
CA THR C 86 -1.91 -12.13 7.35
C THR C 86 -2.00 -13.54 7.92
N ALA C 87 -2.09 -13.63 9.24
CA ALA C 87 -2.17 -14.92 9.91
C ALA C 87 -3.36 -15.73 9.39
N ALA C 88 -4.56 -15.20 9.56
CA ALA C 88 -5.77 -15.88 9.11
C ALA C 88 -5.77 -16.05 7.60
N LEU C 89 -5.31 -15.04 6.89
CA LEU C 89 -5.25 -15.08 5.44
C LEU C 89 -4.32 -16.17 4.97
N ALA C 90 -3.15 -16.27 5.61
CA ALA C 90 -2.16 -17.28 5.27
C ALA C 90 -2.68 -18.67 5.58
N THR C 91 -3.63 -18.74 6.50
CA THR C 91 -4.22 -20.00 6.90
C THR C 91 -5.51 -20.26 6.15
N ASP C 92 -5.92 -19.29 5.35
CA ASP C 92 -7.15 -19.41 4.58
C ASP C 92 -7.09 -20.60 3.63
N PHE C 93 -5.96 -20.77 2.97
CA PHE C 93 -5.79 -21.87 2.02
C PHE C 93 -5.77 -23.22 2.75
N VAL C 94 -5.30 -23.21 3.99
CA VAL C 94 -5.19 -24.43 4.77
C VAL C 94 -6.56 -25.09 4.97
N ARG C 95 -7.57 -24.30 5.29
CA ARG C 95 -8.91 -24.83 5.50
C ARG C 95 -9.32 -25.78 4.37
N ARG C 96 -8.68 -25.63 3.22
CA ARG C 96 -8.99 -26.48 2.08
C ARG C 96 -8.98 -27.96 2.48
N GLU C 97 -8.00 -28.33 3.30
CA GLU C 97 -7.90 -29.71 3.75
C GLU C 97 -9.23 -30.18 4.33
N GLU C 98 -9.52 -31.48 4.20
CA GLU C 98 -10.76 -32.06 4.71
C GLU C 98 -11.96 -31.45 4.00
N GLU C 99 -12.12 -30.14 4.14
CA GLU C 99 -13.23 -29.45 3.50
C GLU C 99 -13.26 -29.73 2.00
N ARG C 100 -12.09 -29.76 1.38
CA ARG C 100 -12.00 -30.04 -0.05
C ARG C 100 -12.50 -31.43 -0.36
N ARG C 101 -12.09 -32.41 0.44
CA ARG C 101 -12.51 -33.79 0.24
C ARG C 101 -13.88 -34.03 0.86
N GLY C 102 -14.31 -33.11 1.71
CA GLY C 102 -15.61 -33.23 2.38
C GLY C 102 -15.51 -34.16 3.58
N HIS C 103 -14.29 -34.44 4.01
CA HIS C 103 -14.08 -35.31 5.17
C HIS C 103 -14.92 -36.58 5.04
N SER D 1 -11.44 -24.27 -12.83
CA SER D 1 -11.34 -23.53 -11.54
C SER D 1 -11.17 -24.54 -10.40
N ALA D 2 -10.18 -24.27 -9.53
CA ALA D 2 -9.91 -25.15 -8.40
C ALA D 2 -10.91 -24.90 -7.28
N ASP D 3 -10.73 -23.79 -6.58
CA ASP D 3 -11.63 -23.45 -5.48
C ASP D 3 -11.33 -22.05 -4.95
N HIS D 4 -10.13 -21.87 -4.40
CA HIS D 4 -9.73 -20.58 -3.86
C HIS D 4 -9.79 -19.49 -4.93
N GLU D 5 -9.36 -19.86 -6.15
CA GLU D 5 -9.36 -18.90 -7.25
C GLU D 5 -10.78 -18.46 -7.57
N ARG D 6 -11.73 -19.39 -7.51
CA ARG D 6 -13.12 -19.08 -7.80
C ARG D 6 -13.65 -18.04 -6.83
N GLU D 7 -13.33 -18.22 -5.55
CA GLU D 7 -13.78 -17.28 -4.53
C GLU D 7 -13.14 -15.92 -4.74
N ALA D 8 -11.87 -15.92 -5.13
CA ALA D 8 -11.14 -14.68 -5.37
C ALA D 8 -11.79 -13.88 -6.49
N GLN D 9 -12.17 -14.57 -7.56
CA GLN D 9 -12.80 -13.90 -8.70
C GLN D 9 -14.11 -13.23 -8.26
N LYS D 10 -14.89 -13.94 -7.46
CA LYS D 10 -16.16 -13.41 -6.97
C LYS D 10 -15.95 -12.18 -6.10
N ALA D 11 -14.89 -12.22 -5.28
CA ALA D 11 -14.59 -11.11 -4.39
C ALA D 11 -14.27 -9.84 -5.18
N GLU D 12 -13.61 -10.00 -6.33
CA GLU D 12 -13.25 -8.85 -7.16
C GLU D 12 -14.51 -8.13 -7.65
N GLU D 13 -15.53 -8.92 -8.01
CA GLU D 13 -16.78 -8.35 -8.49
C GLU D 13 -17.46 -7.52 -7.41
N GLU D 14 -17.30 -7.97 -6.16
CA GLU D 14 -17.91 -7.27 -5.04
C GLU D 14 -17.29 -5.87 -4.86
N LEU D 15 -15.99 -5.76 -5.14
CA LEU D 15 -15.30 -4.49 -5.00
C LEU D 15 -15.90 -3.45 -5.94
N GLN D 16 -16.18 -3.86 -7.17
CA GLN D 16 -16.76 -2.95 -8.16
C GLN D 16 -18.15 -2.48 -7.73
N LYS D 17 -18.90 -3.37 -7.09
CA LYS D 17 -20.25 -3.02 -6.65
C LYS D 17 -20.22 -1.88 -5.63
N VAL D 18 -19.25 -1.94 -4.71
CA VAL D 18 -19.12 -0.91 -3.69
C VAL D 18 -18.80 0.44 -4.32
N LEU D 19 -17.97 0.43 -5.35
CA LEU D 19 -17.59 1.67 -6.02
C LEU D 19 -18.83 2.35 -6.59
N GLU D 20 -19.73 1.55 -7.16
CA GLU D 20 -20.96 2.09 -7.73
C GLU D 20 -21.79 2.77 -6.63
N GLU D 21 -21.91 2.10 -5.49
CA GLU D 21 -22.66 2.66 -4.37
C GLU D 21 -21.93 3.89 -3.81
N ALA D 22 -20.60 3.84 -3.84
CA ALA D 22 -19.80 4.94 -3.34
C ALA D 22 -19.99 6.18 -4.19
N SER D 23 -20.13 6.00 -5.50
CA SER D 23 -20.31 7.13 -6.40
C SER D 23 -21.56 7.93 -6.03
N LYS D 24 -22.66 7.23 -5.77
CA LYS D 24 -23.90 7.91 -5.39
C LYS D 24 -23.72 8.64 -4.07
N LYS D 25 -23.29 7.91 -3.04
CA LYS D 25 -23.11 8.51 -1.72
C LYS D 25 -22.04 9.60 -1.77
N ALA D 26 -20.96 9.36 -2.52
CA ALA D 26 -19.90 10.35 -2.61
C ALA D 26 -20.44 11.69 -3.11
N VAL D 27 -21.24 11.66 -4.17
CA VAL D 27 -21.80 12.90 -4.71
C VAL D 27 -22.69 13.58 -3.67
N GLU D 28 -23.56 12.79 -3.05
CA GLU D 28 -24.47 13.32 -2.03
C GLU D 28 -23.69 13.77 -0.79
N ALA D 29 -22.72 12.96 -0.40
CA ALA D 29 -21.89 13.26 0.77
C ALA D 29 -21.09 14.53 0.53
N GLU D 30 -20.54 14.67 -0.67
CA GLU D 30 -19.76 15.85 -1.01
C GLU D 30 -20.64 17.09 -1.10
N ARG D 31 -21.83 16.91 -1.66
CA ARG D 31 -22.76 18.03 -1.81
C ARG D 31 -23.18 18.56 -0.45
N GLY D 32 -22.87 19.83 -0.19
CA GLY D 32 -23.23 20.48 1.07
C GLY D 32 -22.02 20.61 1.99
N ALA D 33 -20.89 20.03 1.57
CA ALA D 33 -19.67 20.08 2.37
C ALA D 33 -18.79 21.26 1.93
N PRO D 34 -18.07 21.89 2.84
CA PRO D 34 -17.19 23.05 2.49
C PRO D 34 -15.91 22.61 1.78
N GLY D 35 -15.45 23.42 0.83
CA GLY D 35 -14.24 23.11 0.09
C GLY D 35 -14.38 21.81 -0.69
N ALA D 36 -15.60 21.49 -1.08
CA ALA D 36 -15.86 20.27 -1.82
C ALA D 36 -15.21 20.32 -3.20
N ALA D 37 -14.60 19.20 -3.62
CA ALA D 37 -13.94 19.13 -4.92
C ALA D 37 -14.65 18.14 -5.83
N LEU D 38 -15.16 17.05 -5.24
CA LEU D 38 -15.88 16.03 -6.02
C LEU D 38 -17.38 16.22 -5.87
N ILE D 39 -18.02 16.68 -6.95
CA ILE D 39 -19.46 16.91 -6.93
C ILE D 39 -20.05 16.74 -8.32
N SER D 40 -19.89 15.55 -8.89
CA SER D 40 -20.42 15.27 -10.22
C SER D 40 -20.61 13.77 -10.43
N TYR D 41 -21.83 13.38 -10.80
CA TYR D 41 -22.13 11.99 -11.06
C TYR D 41 -21.16 11.39 -12.09
N PRO D 42 -20.93 12.02 -13.21
CA PRO D 42 -20.01 11.46 -14.25
C PRO D 42 -18.59 11.24 -13.70
N ASP D 43 -18.16 12.12 -12.80
CA ASP D 43 -16.82 12.00 -12.22
C ASP D 43 -16.86 11.21 -10.91
N ALA D 44 -18.07 10.94 -10.43
CA ALA D 44 -18.24 10.19 -9.18
C ALA D 44 -17.72 8.77 -9.32
N ILE D 45 -18.09 8.13 -10.43
CA ILE D 45 -17.66 6.76 -10.68
C ILE D 45 -16.16 6.71 -10.94
N TRP D 46 -15.65 7.70 -11.67
CA TRP D 46 -14.23 7.76 -11.98
C TRP D 46 -13.42 7.87 -10.69
N TRP D 47 -13.81 8.77 -9.81
CA TRP D 47 -13.11 8.92 -8.54
C TRP D 47 -13.23 7.63 -7.73
N SER D 48 -14.41 7.00 -7.76
CA SER D 48 -14.62 5.76 -7.04
C SER D 48 -13.83 4.63 -7.69
N VAL D 49 -12.51 4.77 -7.72
CA VAL D 49 -11.64 3.75 -8.31
C VAL D 49 -10.30 3.71 -7.58
N GLU D 50 -9.61 4.85 -7.56
CA GLU D 50 -8.33 4.93 -6.89
C GLU D 50 -8.51 4.73 -5.39
N THR D 51 -9.68 5.07 -4.89
CA THR D 51 -9.96 4.93 -3.46
C THR D 51 -9.86 3.46 -3.05
N ALA D 52 -10.47 2.58 -3.82
CA ALA D 52 -10.41 1.16 -3.51
C ALA D 52 -8.96 0.71 -3.43
N THR D 53 -8.13 1.27 -4.30
CA THR D 53 -6.71 0.93 -4.32
C THR D 53 -5.97 1.66 -3.21
N THR D 54 -6.64 2.65 -2.61
CA THR D 54 -6.06 3.43 -1.53
C THR D 54 -4.80 4.15 -2.00
N VAL D 55 -4.56 4.15 -3.31
CA VAL D 55 -3.38 4.82 -3.86
C VAL D 55 -3.47 6.34 -3.69
N GLY D 56 -4.65 6.89 -3.96
CA GLY D 56 -4.84 8.33 -3.84
C GLY D 56 -3.84 9.08 -4.72
N TYR D 57 -4.06 9.03 -6.03
CA TYR D 57 -3.16 9.68 -6.98
C TYR D 57 -3.12 11.20 -6.72
N GLY D 58 -4.30 11.79 -6.54
CA GLY D 58 -4.40 13.23 -6.29
C GLY D 58 -5.49 13.87 -7.13
N ASP D 59 -6.30 13.03 -7.78
CA ASP D 59 -7.37 13.54 -8.63
C ASP D 59 -8.32 14.42 -7.82
N ARG D 60 -8.78 13.91 -6.69
CA ARG D 60 -9.69 14.66 -5.83
C ARG D 60 -9.50 14.24 -4.38
N TYR D 61 -10.44 14.61 -3.51
CA TYR D 61 -10.35 14.24 -2.12
C TYR D 61 -11.64 14.62 -1.37
N PRO D 62 -12.20 13.73 -0.56
CA PRO D 62 -13.45 14.04 0.20
C PRO D 62 -13.21 15.05 1.34
N VAL D 63 -14.28 15.71 1.75
CA VAL D 63 -14.20 16.70 2.83
C VAL D 63 -14.42 16.01 4.19
N THR D 64 -15.10 16.72 5.10
CA THR D 64 -15.39 16.17 6.43
C THR D 64 -16.88 15.91 6.60
N GLU D 65 -17.71 16.85 6.12
CA GLU D 65 -19.16 16.71 6.23
C GLU D 65 -19.65 15.55 5.37
N GLU D 66 -18.82 15.15 4.41
CA GLU D 66 -19.15 14.03 3.52
C GLU D 66 -18.91 12.71 4.27
N GLY D 67 -18.94 12.83 5.60
CA GLY D 67 -18.73 11.68 6.43
C GLY D 67 -17.53 10.91 5.92
N ARG D 68 -16.34 11.55 5.92
CA ARG D 68 -15.09 10.91 5.39
C ARG D 68 -15.17 9.39 5.52
N LYS D 69 -15.94 8.94 6.48
CA LYS D 69 -16.15 7.53 6.66
C LYS D 69 -16.68 6.92 5.36
N VAL D 70 -17.38 7.71 4.53
CA VAL D 70 -17.90 7.18 3.28
C VAL D 70 -16.75 6.68 2.40
N ALA D 71 -15.75 7.53 2.25
CA ALA D 71 -14.58 7.16 1.45
C ALA D 71 -13.75 6.12 2.19
N GLU D 72 -13.68 6.26 3.51
CA GLU D 72 -12.90 5.34 4.34
C GLU D 72 -13.39 3.90 4.16
N GLN D 73 -14.71 3.73 4.16
CA GLN D 73 -15.29 2.39 4.02
C GLN D 73 -14.89 1.76 2.69
N VAL D 74 -14.90 2.55 1.63
CA VAL D 74 -14.55 2.02 0.30
C VAL D 74 -13.09 1.55 0.27
N MET D 75 -12.20 2.34 0.83
CA MET D 75 -10.77 2.00 0.84
C MET D 75 -10.54 0.68 1.56
N LYS D 76 -11.19 0.51 2.72
CA LYS D 76 -11.03 -0.72 3.49
C LYS D 76 -11.61 -1.91 2.72
N ALA D 77 -12.72 -1.67 2.02
CA ALA D 77 -13.37 -2.74 1.26
C ALA D 77 -12.41 -3.30 0.21
N GLY D 78 -11.64 -2.42 -0.43
CA GLY D 78 -10.69 -2.86 -1.44
C GLY D 78 -9.58 -3.71 -0.85
N ILE D 79 -9.07 -3.29 0.30
CA ILE D 79 -8.00 -4.03 0.96
C ILE D 79 -8.44 -5.43 1.35
N GLU D 80 -9.65 -5.54 1.89
CA GLU D 80 -10.17 -6.85 2.31
C GLU D 80 -10.36 -7.78 1.11
N VAL D 81 -10.87 -7.23 0.01
CA VAL D 81 -11.10 -8.05 -1.19
C VAL D 81 -9.80 -8.60 -1.74
N PHE D 82 -8.80 -7.73 -1.92
CA PHE D 82 -7.52 -8.17 -2.46
C PHE D 82 -6.79 -9.06 -1.46
N ALA D 83 -6.87 -8.69 -0.19
CA ALA D 83 -6.22 -9.49 0.86
C ALA D 83 -6.83 -10.88 0.92
N LEU D 84 -8.13 -10.98 0.68
CA LEU D 84 -8.80 -12.27 0.72
C LEU D 84 -8.22 -13.19 -0.35
N VAL D 85 -7.95 -12.65 -1.53
CA VAL D 85 -7.40 -13.44 -2.61
C VAL D 85 -6.14 -14.14 -2.14
N THR D 86 -5.58 -13.65 -1.04
CA THR D 86 -4.35 -14.24 -0.50
C THR D 86 -4.49 -15.76 -0.42
N ALA D 87 -5.67 -16.23 -0.04
CA ALA D 87 -5.92 -17.65 0.07
C ALA D 87 -5.56 -18.37 -1.24
N ALA D 88 -5.44 -17.60 -2.31
CA ALA D 88 -5.09 -18.14 -3.63
C ALA D 88 -3.60 -17.97 -3.91
N LEU D 89 -2.93 -17.14 -3.10
CA LEU D 89 -1.50 -16.89 -3.25
C LEU D 89 -0.70 -17.86 -2.38
N ALA D 90 -1.17 -18.09 -1.17
CA ALA D 90 -0.50 -18.99 -0.24
C ALA D 90 -0.32 -20.38 -0.86
N THR D 91 -1.23 -20.73 -1.76
CA THR D 91 -1.18 -22.03 -2.42
C THR D 91 -0.18 -21.99 -3.58
N ASP D 92 0.38 -20.82 -3.85
CA ASP D 92 1.33 -20.66 -4.95
C ASP D 92 2.53 -21.57 -4.76
N PHE D 93 3.13 -21.53 -3.57
CA PHE D 93 4.31 -22.35 -3.30
C PHE D 93 3.92 -23.82 -3.12
N VAL D 94 2.78 -24.05 -2.47
CA VAL D 94 2.31 -25.41 -2.22
C VAL D 94 2.37 -26.25 -3.50
N ARG D 95 2.26 -25.61 -4.64
CA ARG D 95 2.30 -26.31 -5.92
C ARG D 95 3.67 -26.96 -6.14
N ARG D 96 4.68 -26.44 -5.46
CA ARG D 96 6.04 -26.97 -5.59
C ARG D 96 6.07 -28.47 -5.32
N GLU D 97 4.93 -29.00 -4.87
CA GLU D 97 4.81 -30.43 -4.57
C GLU D 97 3.52 -30.99 -5.17
N GLU D 98 3.47 -32.30 -5.37
CA GLU D 98 2.31 -32.95 -5.94
C GLU D 98 1.97 -32.36 -7.31
N GLU D 99 1.38 -31.17 -7.30
CA GLU D 99 1.01 -30.50 -8.54
C GLU D 99 2.25 -30.32 -9.43
N ARG D 100 3.42 -30.20 -8.79
CA ARG D 100 4.65 -30.03 -9.53
C ARG D 100 4.88 -31.21 -10.47
N ARG D 101 4.63 -32.41 -9.97
CA ARG D 101 4.79 -33.62 -10.78
C ARG D 101 3.81 -33.63 -11.94
N GLY D 102 2.59 -33.16 -11.69
CA GLY D 102 1.57 -33.11 -12.73
C GLY D 102 0.89 -34.47 -12.88
N HIS D 103 0.98 -35.29 -11.84
CA HIS D 103 0.37 -36.61 -11.86
C HIS D 103 0.76 -37.36 -13.13
N SER A 1 19.82 -20.12 -6.05
CA SER A 1 18.93 -19.68 -7.17
C SER A 1 18.04 -20.85 -7.60
N ALA A 2 16.95 -21.04 -6.87
CA ALA A 2 16.02 -22.13 -7.19
C ALA A 2 15.08 -21.73 -8.32
N ASP A 3 14.34 -22.70 -8.84
CA ASP A 3 13.40 -22.43 -9.92
C ASP A 3 12.29 -21.51 -9.46
N HIS A 4 11.86 -21.67 -8.21
CA HIS A 4 10.80 -20.83 -7.66
C HIS A 4 11.33 -19.44 -7.33
N GLU A 5 12.58 -19.36 -6.91
CA GLU A 5 13.19 -18.08 -6.57
C GLU A 5 13.27 -17.19 -7.81
N ARG A 6 13.58 -17.80 -8.95
CA ARG A 6 13.69 -17.05 -10.19
C ARG A 6 12.33 -16.46 -10.57
N GLU A 7 11.27 -17.24 -10.36
CA GLU A 7 9.93 -16.78 -10.70
C GLU A 7 9.68 -15.41 -10.07
N ALA A 8 10.07 -15.25 -8.82
CA ALA A 8 9.89 -13.98 -8.14
C ALA A 8 10.77 -12.90 -8.78
N GLN A 9 11.97 -13.29 -9.18
CA GLN A 9 12.90 -12.35 -9.81
C GLN A 9 12.32 -11.85 -11.14
N LYS A 10 11.80 -12.78 -11.94
CA LYS A 10 11.21 -12.42 -13.22
C LYS A 10 10.00 -11.53 -13.01
N ALA A 11 9.25 -11.79 -11.95
CA ALA A 11 8.05 -11.01 -11.65
C ALA A 11 8.38 -9.52 -11.63
N GLU A 12 9.44 -9.15 -10.91
CA GLU A 12 9.83 -7.75 -10.82
C GLU A 12 10.19 -7.19 -12.20
N GLU A 13 10.91 -7.98 -12.98
CA GLU A 13 11.31 -7.55 -14.32
C GLU A 13 10.08 -7.37 -15.19
N GLU A 14 9.07 -8.20 -14.97
CA GLU A 14 7.85 -8.12 -15.75
C GLU A 14 7.17 -6.77 -15.53
N LEU A 15 7.26 -6.25 -14.32
CA LEU A 15 6.64 -4.97 -14.01
C LEU A 15 7.23 -3.86 -14.86
N GLN A 16 8.56 -3.85 -14.97
CA GLN A 16 9.25 -2.84 -15.75
C GLN A 16 8.73 -2.78 -17.18
N LYS A 17 8.46 -3.94 -17.75
CA LYS A 17 7.95 -4.00 -19.12
C LYS A 17 6.57 -3.37 -19.25
N VAL A 18 5.78 -3.44 -18.19
CA VAL A 18 4.44 -2.87 -18.20
C VAL A 18 4.50 -1.36 -18.28
N LEU A 19 5.41 -0.77 -17.52
CA LEU A 19 5.55 0.68 -17.51
C LEU A 19 5.90 1.18 -18.91
N GLU A 20 6.76 0.45 -19.60
CA GLU A 20 7.16 0.84 -20.94
C GLU A 20 5.92 0.97 -21.82
N GLU A 21 5.07 -0.04 -21.80
CA GLU A 21 3.84 -0.02 -22.59
C GLU A 21 2.90 1.04 -22.05
N ALA A 22 2.87 1.19 -20.73
CA ALA A 22 2.00 2.17 -20.10
C ALA A 22 2.37 3.58 -20.56
N SER A 23 3.66 3.83 -20.71
CA SER A 23 4.12 5.15 -21.15
C SER A 23 3.54 5.47 -22.52
N LYS A 24 3.50 4.48 -23.41
CA LYS A 24 2.96 4.69 -24.74
C LYS A 24 1.51 5.17 -24.66
N LYS A 25 0.66 4.33 -24.08
CA LYS A 25 -0.76 4.67 -23.95
C LYS A 25 -0.94 5.94 -23.13
N ALA A 26 -0.22 6.05 -22.01
CA ALA A 26 -0.34 7.22 -21.16
C ALA A 26 -0.10 8.51 -21.93
N VAL A 27 0.95 8.54 -22.76
CA VAL A 27 1.24 9.75 -23.52
C VAL A 27 0.10 10.06 -24.48
N GLU A 28 -0.38 9.04 -25.19
CA GLU A 28 -1.47 9.21 -26.15
C GLU A 28 -2.78 9.48 -25.42
N ALA A 29 -3.03 8.75 -24.34
CA ALA A 29 -4.24 8.91 -23.56
C ALA A 29 -4.46 10.38 -23.25
N GLU A 30 -3.39 11.08 -22.90
CA GLU A 30 -3.48 12.51 -22.58
C GLU A 30 -3.79 13.32 -23.83
N ARG A 31 -3.10 13.03 -24.91
CA ARG A 31 -3.31 13.76 -26.16
C ARG A 31 -4.79 13.78 -26.52
N GLY A 32 -5.46 14.90 -26.22
CA GLY A 32 -6.88 15.07 -26.52
C GLY A 32 -7.70 15.27 -25.25
N ALA A 33 -7.08 15.03 -24.10
CA ALA A 33 -7.78 15.20 -22.82
C ALA A 33 -7.67 16.66 -22.34
N PRO A 34 -8.72 17.22 -21.78
CA PRO A 34 -8.70 18.63 -21.30
C PRO A 34 -7.92 18.78 -19.99
N GLY A 35 -7.23 19.91 -19.85
CA GLY A 35 -6.45 20.17 -18.64
C GLY A 35 -5.36 19.14 -18.46
N ALA A 36 -4.90 18.56 -19.56
CA ALA A 36 -3.85 17.55 -19.50
C ALA A 36 -2.55 18.17 -18.99
N ALA A 37 -1.82 17.42 -18.16
CA ALA A 37 -0.55 17.91 -17.60
C ALA A 37 0.58 16.95 -17.96
N LEU A 38 0.26 15.67 -18.09
CA LEU A 38 1.26 14.67 -18.43
C LEU A 38 1.41 14.56 -19.95
N ILE A 39 2.62 14.77 -20.42
CA ILE A 39 2.91 14.70 -21.85
C ILE A 39 4.38 14.33 -22.07
N SER A 40 4.71 13.90 -23.29
CA SER A 40 6.08 13.52 -23.61
C SER A 40 6.40 12.11 -23.11
N TYR A 41 7.03 11.31 -23.97
CA TYR A 41 7.41 9.95 -23.61
C TYR A 41 8.48 9.92 -22.50
N PRO A 42 9.52 10.74 -22.55
CA PRO A 42 10.59 10.73 -21.49
C PRO A 42 10.03 11.07 -20.10
N ASP A 43 8.99 11.89 -20.05
CA ASP A 43 8.39 12.28 -18.77
C ASP A 43 7.27 11.32 -18.38
N ALA A 44 6.63 10.72 -19.38
CA ALA A 44 5.55 9.78 -19.13
C ALA A 44 6.07 8.52 -18.44
N ILE A 45 7.25 8.08 -18.86
CA ILE A 45 7.85 6.89 -18.28
C ILE A 45 8.14 7.09 -16.80
N TRP A 46 8.57 8.29 -16.45
CA TRP A 46 8.88 8.60 -15.07
C TRP A 46 7.60 8.57 -14.23
N TRP A 47 6.50 9.05 -14.80
CA TRP A 47 5.23 9.03 -14.09
C TRP A 47 4.80 7.60 -13.80
N SER A 48 4.97 6.71 -14.78
CA SER A 48 4.58 5.32 -14.60
C SER A 48 5.31 4.70 -13.41
N VAL A 49 6.50 5.21 -13.10
CA VAL A 49 7.27 4.68 -11.97
C VAL A 49 6.53 4.93 -10.66
N GLU A 50 6.02 6.15 -10.51
CA GLU A 50 5.29 6.52 -9.29
C GLU A 50 3.86 6.01 -9.34
N THR A 51 3.51 5.34 -10.44
CA THR A 51 2.15 4.81 -10.60
C THR A 51 2.16 3.30 -10.40
N ALA A 52 3.24 2.66 -10.84
CA ALA A 52 3.36 1.23 -10.71
C ALA A 52 3.41 0.79 -9.25
N THR A 53 4.23 1.49 -8.47
CA THR A 53 4.35 1.18 -7.04
C THR A 53 3.31 1.98 -6.27
N THR A 54 2.38 2.57 -7.01
CA THR A 54 1.32 3.38 -6.42
C THR A 54 1.91 4.61 -5.73
N VAL A 55 1.43 4.89 -4.51
CA VAL A 55 1.89 6.03 -3.73
C VAL A 55 1.58 7.34 -4.44
N GLY A 56 2.14 7.52 -5.62
CA GLY A 56 1.91 8.74 -6.39
C GLY A 56 2.16 9.98 -5.54
N TYR A 57 3.39 10.49 -5.56
CA TYR A 57 3.73 11.67 -4.78
C TYR A 57 2.89 12.87 -5.23
N GLY A 58 2.75 13.04 -6.54
CA GLY A 58 1.98 14.15 -7.09
C GLY A 58 2.72 14.81 -8.26
N ASP A 59 3.71 14.11 -8.81
CA ASP A 59 4.49 14.65 -9.92
C ASP A 59 3.59 14.93 -11.11
N ARG A 60 2.80 13.92 -11.51
CA ARG A 60 1.90 14.06 -12.65
C ARG A 60 0.64 13.24 -12.40
N TYR A 61 -0.52 13.79 -12.77
CA TYR A 61 -1.79 13.09 -12.58
C TYR A 61 -2.62 13.12 -13.88
N PRO A 62 -3.08 11.98 -14.36
CA PRO A 62 -3.89 11.93 -15.62
C PRO A 62 -5.29 12.55 -15.46
N VAL A 63 -5.90 12.93 -16.58
CA VAL A 63 -7.24 13.53 -16.53
C VAL A 63 -8.31 12.43 -16.49
N THR A 64 -9.39 12.61 -17.24
CA THR A 64 -10.49 11.63 -17.29
C THR A 64 -10.60 11.00 -18.67
N GLU A 65 -10.39 11.80 -19.71
CA GLU A 65 -10.48 11.29 -21.08
C GLU A 65 -9.39 10.25 -21.32
N GLU A 66 -8.26 10.41 -20.65
CA GLU A 66 -7.14 9.48 -20.79
C GLU A 66 -7.49 8.14 -20.11
N GLY A 67 -8.78 7.85 -20.14
CA GLY A 67 -9.28 6.61 -19.58
C GLY A 67 -8.58 6.27 -18.28
N ARG A 68 -8.76 7.10 -17.22
CA ARG A 68 -8.08 6.88 -15.93
C ARG A 68 -7.71 5.43 -15.73
N LYS A 69 -8.54 4.55 -16.26
CA LYS A 69 -8.25 3.14 -16.22
C LYS A 69 -6.80 2.90 -16.69
N VAL A 70 -6.20 3.87 -17.40
CA VAL A 70 -4.83 3.70 -17.85
C VAL A 70 -3.90 3.52 -16.66
N ALA A 71 -4.03 4.41 -15.68
CA ALA A 71 -3.20 4.33 -14.47
C ALA A 71 -3.64 3.16 -13.59
N GLU A 72 -4.94 2.97 -13.48
CA GLU A 72 -5.48 1.90 -12.66
C GLU A 72 -4.96 0.54 -13.12
N GLN A 73 -4.91 0.34 -14.43
CA GLN A 73 -4.43 -0.91 -14.99
C GLN A 73 -2.98 -1.17 -14.57
N VAL A 74 -2.15 -0.15 -14.61
CA VAL A 74 -0.74 -0.31 -14.24
C VAL A 74 -0.60 -0.66 -12.75
N MET A 75 -1.35 0.06 -11.90
CA MET A 75 -1.29 -0.18 -10.46
C MET A 75 -1.57 -1.64 -10.14
N LYS A 76 -2.57 -2.22 -10.78
CA LYS A 76 -2.92 -3.62 -10.55
C LYS A 76 -1.75 -4.51 -10.95
N ALA A 77 -1.10 -4.20 -12.06
CA ALA A 77 0.03 -4.99 -12.53
C ALA A 77 1.17 -4.97 -11.51
N GLY A 78 1.43 -3.81 -10.94
CA GLY A 78 2.50 -3.67 -9.95
C GLY A 78 2.15 -4.43 -8.68
N ILE A 79 0.91 -4.28 -8.23
CA ILE A 79 0.46 -4.96 -7.01
C ILE A 79 0.52 -6.47 -7.17
N GLU A 80 0.07 -6.97 -8.32
CA GLU A 80 0.10 -8.41 -8.58
C GLU A 80 1.53 -8.93 -8.56
N VAL A 81 2.45 -8.17 -9.14
CA VAL A 81 3.85 -8.58 -9.19
C VAL A 81 4.44 -8.67 -7.79
N PHE A 82 4.26 -7.61 -7.01
CA PHE A 82 4.78 -7.57 -5.64
C PHE A 82 4.05 -8.57 -4.75
N ALA A 83 2.82 -8.91 -5.11
CA ALA A 83 2.02 -9.85 -4.32
C ALA A 83 2.25 -11.28 -4.81
N LEU A 84 2.67 -11.42 -6.06
CA LEU A 84 2.92 -12.73 -6.63
C LEU A 84 4.08 -13.43 -5.94
N VAL A 85 5.10 -12.67 -5.53
CA VAL A 85 6.25 -13.26 -4.87
C VAL A 85 5.82 -14.32 -3.85
N THR A 86 4.54 -14.25 -3.43
CA THR A 86 4.01 -15.22 -2.49
C THR A 86 4.52 -16.62 -2.81
N ALA A 87 4.92 -16.81 -4.06
CA ALA A 87 5.44 -18.11 -4.51
C ALA A 87 6.67 -18.49 -3.70
N ALA A 88 7.60 -17.54 -3.55
CA ALA A 88 8.83 -17.78 -2.78
C ALA A 88 8.80 -17.04 -1.44
N LEU A 89 8.06 -15.93 -1.41
CA LEU A 89 7.95 -15.14 -0.18
C LEU A 89 7.24 -15.93 0.91
N ALA A 90 6.22 -16.70 0.53
CA ALA A 90 5.48 -17.49 1.51
C ALA A 90 6.32 -18.63 2.04
N THR A 91 6.61 -19.59 1.19
CA THR A 91 7.40 -20.74 1.58
C THR A 91 8.66 -20.32 2.35
N ASP A 92 8.91 -19.01 2.38
CA ASP A 92 10.07 -18.49 3.10
C ASP A 92 10.18 -19.10 4.50
N PHE A 93 9.03 -19.29 5.14
CA PHE A 93 9.02 -19.86 6.50
C PHE A 93 9.18 -21.38 6.45
N VAL A 94 8.71 -21.99 5.37
CA VAL A 94 8.76 -23.45 5.23
C VAL A 94 10.20 -23.96 5.29
N ARG A 95 11.15 -23.11 4.92
CA ARG A 95 12.56 -23.49 4.94
C ARG A 95 13.00 -23.88 6.35
N ARG A 96 12.41 -23.25 7.36
CA ARG A 96 12.77 -23.53 8.75
C ARG A 96 12.57 -25.02 9.07
N GLU A 97 11.47 -25.57 8.59
CA GLU A 97 11.17 -26.98 8.84
C GLU A 97 12.08 -27.87 8.00
N GLU A 98 12.36 -29.06 8.51
CA GLU A 98 13.21 -30.00 7.81
C GLU A 98 14.68 -29.61 7.96
N GLU A 99 14.99 -28.35 7.64
CA GLU A 99 16.37 -27.87 7.75
C GLU A 99 16.82 -27.86 9.21
N ARG A 100 15.89 -27.54 10.10
CA ARG A 100 16.20 -27.50 11.53
C ARG A 100 16.61 -28.89 12.02
N ARG A 101 15.98 -29.92 11.45
CA ARG A 101 16.29 -31.29 11.85
C ARG A 101 17.73 -31.63 11.49
N GLY A 102 18.20 -31.12 10.36
CA GLY A 102 19.58 -31.38 9.91
C GLY A 102 19.64 -32.63 9.04
N HIS A 103 18.48 -33.11 8.62
CA HIS A 103 18.41 -34.30 7.78
C HIS A 103 18.68 -33.94 6.32
N SER B 1 14.87 -13.50 20.11
CA SER B 1 13.77 -13.57 19.10
C SER B 1 13.85 -14.90 18.36
N ALA B 2 12.82 -15.20 17.57
CA ALA B 2 12.79 -16.44 16.81
C ALA B 2 13.68 -16.35 15.57
N ASP B 3 13.85 -17.48 14.89
CA ASP B 3 14.69 -17.53 13.70
C ASP B 3 14.13 -16.62 12.61
N HIS B 4 12.82 -16.69 12.41
CA HIS B 4 12.15 -15.86 11.40
C HIS B 4 11.94 -14.44 11.91
N GLU B 5 11.67 -14.33 13.21
CA GLU B 5 11.45 -13.03 13.82
C GLU B 5 12.72 -12.20 13.84
N ARG B 6 13.85 -12.86 14.11
CA ARG B 6 15.14 -12.17 14.15
C ARG B 6 15.47 -11.57 12.80
N GLU B 7 15.24 -12.33 11.73
CA GLU B 7 15.53 -11.85 10.39
C GLU B 7 14.62 -10.67 10.07
N ALA B 8 13.38 -10.75 10.55
CA ALA B 8 12.41 -9.69 10.30
C ALA B 8 12.86 -8.38 10.93
N GLN B 9 13.44 -8.47 12.13
CA GLN B 9 13.92 -7.29 12.83
C GLN B 9 15.07 -6.63 12.06
N LYS B 10 15.96 -7.46 11.55
CA LYS B 10 17.11 -6.96 10.78
C LYS B 10 16.63 -6.25 9.52
N ALA B 11 15.62 -6.81 8.87
CA ALA B 11 15.10 -6.21 7.65
C ALA B 11 14.58 -4.80 7.91
N GLU B 12 13.89 -4.61 9.02
CA GLU B 12 13.34 -3.30 9.37
C GLU B 12 14.47 -2.33 9.70
N GLU B 13 15.47 -2.81 10.43
CA GLU B 13 16.60 -1.97 10.81
C GLU B 13 17.38 -1.56 9.56
N GLU B 14 17.49 -2.49 8.61
CA GLU B 14 18.21 -2.21 7.37
C GLU B 14 17.52 -1.10 6.60
N LEU B 15 16.20 -1.03 6.69
CA LEU B 15 15.44 -0.01 5.99
C LEU B 15 15.86 1.38 6.45
N GLN B 16 16.02 1.55 7.76
CA GLN B 16 16.42 2.83 8.31
C GLN B 16 17.75 3.28 7.72
N LYS B 17 18.66 2.34 7.51
CA LYS B 17 19.97 2.64 6.94
C LYS B 17 19.82 3.26 5.55
N VAL B 18 18.93 2.70 4.75
CA VAL B 18 18.70 3.19 3.40
C VAL B 18 18.16 4.61 3.42
N LEU B 19 17.37 4.93 4.43
CA LEU B 19 16.82 6.28 4.53
C LEU B 19 17.94 7.30 4.68
N GLU B 20 18.94 6.97 5.48
CA GLU B 20 20.06 7.87 5.68
C GLU B 20 20.78 8.10 4.36
N GLU B 21 21.03 7.01 3.63
CA GLU B 21 21.69 7.10 2.34
C GLU B 21 20.78 7.77 1.32
N ALA B 22 19.48 7.45 1.40
CA ALA B 22 18.51 8.03 0.49
C ALA B 22 18.37 9.52 0.74
N SER B 23 18.40 9.91 2.01
CA SER B 23 18.27 11.31 2.38
C SER B 23 19.39 12.15 1.75
N LYS B 24 20.62 11.64 1.82
CA LYS B 24 21.75 12.35 1.25
C LYS B 24 21.61 12.43 -0.26
N LYS B 25 21.09 11.37 -0.87
CA LYS B 25 20.89 11.34 -2.31
C LYS B 25 19.71 12.20 -2.73
N ALA B 26 18.63 12.17 -1.95
CA ALA B 26 17.43 12.93 -2.28
C ALA B 26 17.74 14.42 -2.43
N VAL B 27 18.43 14.98 -1.43
CA VAL B 27 18.78 16.40 -1.48
C VAL B 27 19.70 16.68 -2.66
N GLU B 28 20.67 15.81 -2.85
CA GLU B 28 21.62 15.95 -3.93
C GLU B 28 20.95 15.69 -5.28
N ALA B 29 19.82 14.99 -5.25
CA ALA B 29 19.09 14.68 -6.46
C ALA B 29 18.66 15.97 -7.17
N GLU B 30 18.28 16.97 -6.39
CA GLU B 30 17.85 18.23 -6.98
C GLU B 30 19.01 18.91 -7.68
N ARG B 31 20.19 18.84 -7.08
CA ARG B 31 21.37 19.46 -7.66
C ARG B 31 21.71 18.82 -9.00
N GLY B 32 21.11 19.33 -10.08
CA GLY B 32 21.35 18.82 -11.43
C GLY B 32 20.05 18.46 -12.14
N ALA B 33 18.94 18.44 -11.39
CA ALA B 33 17.64 18.12 -11.97
C ALA B 33 16.78 19.38 -12.13
N PRO B 34 16.00 19.51 -13.20
CA PRO B 34 15.14 20.71 -13.42
C PRO B 34 13.89 20.69 -12.54
N GLY B 35 13.47 21.88 -12.09
CA GLY B 35 12.28 21.98 -11.25
C GLY B 35 12.56 21.46 -9.85
N ALA B 36 13.77 21.71 -9.36
CA ALA B 36 14.15 21.27 -8.02
C ALA B 36 13.07 21.62 -7.01
N ALA B 37 12.94 20.81 -5.96
CA ALA B 37 11.94 21.04 -4.92
C ALA B 37 12.56 20.87 -3.54
N LEU B 38 13.34 19.79 -3.37
CA LEU B 38 13.99 19.52 -2.09
C LEU B 38 15.43 20.04 -2.11
N ILE B 39 15.62 21.28 -1.67
CA ILE B 39 16.95 21.90 -1.61
C ILE B 39 17.45 21.95 -0.17
N SER B 40 16.67 21.40 0.74
CA SER B 40 17.02 21.40 2.16
C SER B 40 17.60 20.04 2.57
N TYR B 41 18.81 20.09 3.11
CA TYR B 41 19.48 18.88 3.57
C TYR B 41 18.92 18.43 4.92
N PRO B 42 18.90 19.29 5.92
CA PRO B 42 18.39 18.91 7.28
C PRO B 42 16.94 18.42 7.24
N ASP B 43 16.18 18.89 6.25
CA ASP B 43 14.77 18.50 6.13
C ASP B 43 14.63 17.30 5.18
N ALA B 44 15.71 16.95 4.49
CA ALA B 44 15.67 15.82 3.56
C ALA B 44 15.48 14.52 4.32
N ILE B 45 16.11 14.42 5.49
CA ILE B 45 15.99 13.23 6.32
C ILE B 45 14.55 13.04 6.78
N TRP B 46 13.86 14.14 6.99
CA TRP B 46 12.47 14.08 7.46
C TRP B 46 11.59 13.41 6.41
N TRP B 47 11.70 13.85 5.16
CA TRP B 47 10.91 13.25 4.09
C TRP B 47 11.26 11.76 3.92
N SER B 48 12.54 11.46 3.97
CA SER B 48 12.98 10.07 3.80
C SER B 48 12.12 9.13 4.63
N VAL B 49 11.57 9.63 5.72
CA VAL B 49 10.73 8.81 6.59
C VAL B 49 9.31 8.68 6.03
N GLU B 50 8.89 9.65 5.24
CA GLU B 50 7.54 9.61 4.66
C GLU B 50 7.41 8.45 3.68
N THR B 51 8.45 8.24 2.87
CA THR B 51 8.43 7.16 1.89
C THR B 51 8.82 5.84 2.55
N ALA B 52 9.27 4.90 1.73
CA ALA B 52 9.67 3.59 2.25
C ALA B 52 8.45 2.79 2.71
N THR B 53 7.48 3.49 3.32
CA THR B 53 6.28 2.85 3.80
C THR B 53 5.17 2.88 2.74
N THR B 54 5.54 3.34 1.54
CA THR B 54 4.58 3.41 0.45
C THR B 54 3.32 4.15 0.88
N VAL B 55 3.48 5.45 1.17
CA VAL B 55 2.35 6.28 1.60
C VAL B 55 2.35 7.61 0.87
N GLY B 56 3.51 8.27 0.83
CA GLY B 56 3.62 9.55 0.14
C GLY B 56 2.48 10.48 0.56
N TYR B 57 2.49 10.89 1.82
CA TYR B 57 1.44 11.76 2.34
C TYR B 57 1.41 13.09 1.58
N GLY B 58 2.58 13.71 1.45
CA GLY B 58 2.67 14.99 0.75
C GLY B 58 3.95 15.72 1.12
N ASP B 59 3.85 16.64 2.07
CA ASP B 59 5.00 17.42 2.51
C ASP B 59 5.70 18.06 1.31
N ARG B 60 6.55 17.28 0.64
CA ARG B 60 7.30 17.76 -0.52
C ARG B 60 7.11 16.82 -1.71
N TYR B 61 8.01 16.90 -2.67
CA TYR B 61 7.92 16.04 -3.85
C TYR B 61 9.28 16.04 -4.60
N PRO B 62 9.80 14.89 -4.99
CA PRO B 62 11.10 14.83 -5.71
C PRO B 62 11.01 15.42 -7.12
N VAL B 63 12.13 15.43 -7.83
CA VAL B 63 12.17 15.97 -9.19
C VAL B 63 11.90 14.86 -10.21
N THR B 64 12.40 15.04 -11.44
CA THR B 64 12.19 14.06 -12.50
C THR B 64 13.51 13.39 -12.91
N GLU B 65 14.36 14.16 -13.60
CA GLU B 65 15.65 13.63 -14.09
C GLU B 65 16.24 12.64 -13.10
N GLU B 66 15.96 12.86 -11.83
CA GLU B 66 16.43 11.97 -10.77
C GLU B 66 15.35 11.83 -9.71
N GLY B 67 15.59 12.45 -8.55
CA GLY B 67 14.64 12.46 -7.42
C GLY B 67 13.61 11.33 -7.44
N ARG B 68 12.88 11.24 -8.55
CA ARG B 68 11.86 10.22 -8.74
C ARG B 68 12.53 8.86 -8.82
N LYS B 69 13.57 8.78 -9.64
CA LYS B 69 14.32 7.55 -9.78
C LYS B 69 14.96 7.25 -8.44
N VAL B 70 15.39 8.30 -7.75
CA VAL B 70 16.00 8.11 -6.43
C VAL B 70 14.97 7.57 -5.44
N ALA B 71 13.78 8.15 -5.46
CA ALA B 71 12.70 7.71 -4.57
C ALA B 71 12.28 6.29 -4.97
N GLU B 72 12.26 6.03 -6.27
CA GLU B 72 11.87 4.71 -6.76
C GLU B 72 12.62 3.61 -6.02
N GLN B 73 13.93 3.82 -5.85
CA GLN B 73 14.75 2.84 -5.14
C GLN B 73 14.33 2.72 -3.68
N VAL B 74 13.97 3.86 -3.07
CA VAL B 74 13.57 3.85 -1.67
C VAL B 74 12.30 3.05 -1.45
N MET B 75 11.30 3.25 -2.31
CA MET B 75 10.04 2.54 -2.18
C MET B 75 10.25 1.03 -2.37
N LYS B 76 11.10 0.67 -3.33
CA LYS B 76 11.36 -0.74 -3.60
C LYS B 76 11.99 -1.40 -2.37
N ALA B 77 12.90 -0.68 -1.71
CA ALA B 77 13.58 -1.21 -0.52
C ALA B 77 12.56 -1.53 0.56
N GLY B 78 11.56 -0.67 0.71
CA GLY B 78 10.52 -0.86 1.71
C GLY B 78 9.66 -2.08 1.39
N ILE B 79 9.37 -2.28 0.10
CA ILE B 79 8.53 -3.39 -0.32
C ILE B 79 9.25 -4.73 -0.15
N GLU B 80 10.55 -4.69 0.13
CA GLU B 80 11.33 -5.92 0.32
C GLU B 80 11.42 -6.29 1.80
N VAL B 81 11.87 -5.33 2.59
CA VAL B 81 12.01 -5.55 4.04
C VAL B 81 10.69 -5.89 4.70
N PHE B 82 9.69 -5.03 4.50
CA PHE B 82 8.37 -5.25 5.09
C PHE B 82 7.74 -6.53 4.56
N ALA B 83 7.85 -6.74 3.26
CA ALA B 83 7.30 -7.94 2.66
C ALA B 83 8.01 -9.18 3.18
N LEU B 84 9.32 -9.05 3.39
CA LEU B 84 10.11 -10.18 3.88
C LEU B 84 9.55 -10.67 5.20
N VAL B 85 8.99 -9.75 5.98
CA VAL B 85 8.41 -10.11 7.26
C VAL B 85 7.30 -11.12 7.06
N THR B 86 6.98 -11.43 5.78
CA THR B 86 5.94 -12.40 5.50
C THR B 86 6.32 -13.75 6.10
N ALA B 87 7.57 -14.13 5.89
CA ALA B 87 8.07 -15.39 6.42
C ALA B 87 7.77 -15.53 7.91
N ALA B 88 7.71 -14.38 8.61
CA ALA B 88 7.43 -14.39 10.05
C ALA B 88 5.92 -14.28 10.31
N LEU B 89 5.17 -13.95 9.27
CA LEU B 89 3.71 -13.83 9.38
C LEU B 89 3.04 -15.15 9.00
N ALA B 90 3.56 -15.80 7.97
CA ALA B 90 3.01 -17.06 7.50
C ALA B 90 3.00 -18.07 8.64
N THR B 91 3.91 -17.88 9.58
CA THR B 91 4.04 -18.78 10.72
C THR B 91 3.02 -18.41 11.79
N ASP B 92 2.31 -17.31 11.56
CA ASP B 92 1.32 -16.86 12.53
C ASP B 92 0.26 -17.91 12.78
N PHE B 93 -0.30 -18.46 11.69
CA PHE B 93 -1.33 -19.48 11.82
C PHE B 93 -0.73 -20.84 12.17
N VAL B 94 0.41 -21.15 11.57
CA VAL B 94 1.09 -22.43 11.79
C VAL B 94 1.13 -22.77 13.29
N ARG B 95 1.20 -21.75 14.13
CA ARG B 95 1.26 -21.98 15.58
C ARG B 95 -0.02 -22.64 16.09
N ARG B 96 -1.11 -22.51 15.35
CA ARG B 96 -2.38 -23.10 15.75
C ARG B 96 -2.21 -24.59 16.01
N GLU B 97 -1.47 -25.26 15.11
CA GLU B 97 -1.22 -26.69 15.25
C GLU B 97 -0.39 -26.97 16.50
N GLU B 98 -0.12 -28.25 16.76
CA GLU B 98 0.66 -28.64 17.93
C GLU B 98 0.03 -28.12 19.23
N GLU B 99 0.18 -26.82 19.46
CA GLU B 99 -0.37 -26.20 20.66
C GLU B 99 -1.85 -26.55 20.81
N ARG B 100 -2.48 -26.95 19.70
CA ARG B 100 -3.89 -27.30 19.73
C ARG B 100 -4.13 -28.46 20.68
N ARG B 101 -3.28 -29.48 20.61
CA ARG B 101 -3.41 -30.64 21.47
C ARG B 101 -2.69 -30.41 22.80
N GLY B 102 -1.90 -29.34 22.85
CA GLY B 102 -1.15 -29.00 24.06
C GLY B 102 0.08 -29.89 24.21
N HIS B 103 0.50 -30.51 23.10
CA HIS B 103 1.67 -31.38 23.13
C HIS B 103 1.53 -32.43 24.22
N SER C 1 -15.42 -19.76 15.77
CA SER C 1 -14.55 -18.58 16.00
C SER C 1 -13.11 -19.04 16.20
N ALA C 2 -12.33 -19.00 15.13
CA ALA C 2 -10.93 -19.42 15.21
C ALA C 2 -10.10 -18.43 16.04
N ASP C 3 -9.06 -18.94 16.68
CA ASP C 3 -8.20 -18.10 17.50
C ASP C 3 -7.52 -17.05 16.63
N HIS C 4 -7.13 -17.44 15.43
CA HIS C 4 -6.47 -16.53 14.51
C HIS C 4 -7.43 -15.43 14.04
N GLU C 5 -8.67 -15.80 13.78
CA GLU C 5 -9.66 -14.84 13.33
C GLU C 5 -9.95 -13.81 14.42
N ARG C 6 -10.06 -14.28 15.65
CA ARG C 6 -10.33 -13.39 16.78
C ARG C 6 -9.17 -12.43 16.98
N GLU C 7 -7.96 -12.93 16.76
CA GLU C 7 -6.76 -12.10 16.93
C GLU C 7 -6.78 -10.96 15.92
N ALA C 8 -7.19 -11.26 14.70
CA ALA C 8 -7.25 -10.24 13.65
C ALA C 8 -8.25 -9.15 14.02
N GLN C 9 -9.39 -9.57 14.56
CA GLN C 9 -10.43 -8.61 14.96
C GLN C 9 -9.93 -7.73 16.09
N LYS C 10 -9.24 -8.35 17.06
CA LYS C 10 -8.72 -7.61 18.20
C LYS C 10 -7.66 -6.62 17.75
N ALA C 11 -6.86 -7.03 16.77
CA ALA C 11 -5.79 -6.17 16.26
C ALA C 11 -6.36 -4.89 15.64
N GLU C 12 -7.50 -5.01 14.96
CA GLU C 12 -8.13 -3.86 14.33
C GLU C 12 -8.56 -2.82 15.37
N GLU C 13 -9.03 -3.30 16.51
CA GLU C 13 -9.48 -2.40 17.57
C GLU C 13 -8.29 -1.58 18.10
N GLU C 14 -7.12 -2.19 18.13
CA GLU C 14 -5.93 -1.51 18.63
C GLU C 14 -5.55 -0.36 17.72
N LEU C 15 -5.75 -0.52 16.42
CA LEU C 15 -5.41 0.52 15.46
C LEU C 15 -6.24 1.78 15.72
N GLN C 16 -7.52 1.59 16.00
CA GLN C 16 -8.41 2.72 16.26
C GLN C 16 -7.97 3.51 17.49
N LYS C 17 -7.44 2.81 18.49
CA LYS C 17 -6.98 3.49 19.71
C LYS C 17 -5.87 4.48 19.40
N VAL C 18 -4.97 4.10 18.50
CA VAL C 18 -3.86 4.96 18.13
C VAL C 18 -4.36 6.22 17.45
N LEU C 19 -5.44 6.10 16.68
CA LEU C 19 -5.99 7.25 15.98
C LEU C 19 -6.40 8.32 16.98
N GLU C 20 -7.00 7.89 18.08
CA GLU C 20 -7.42 8.84 19.11
C GLU C 20 -6.21 9.53 19.70
N GLU C 21 -5.16 8.75 19.96
CA GLU C 21 -3.93 9.31 20.50
C GLU C 21 -3.22 10.17 19.46
N ALA C 22 -3.29 9.75 18.20
CA ALA C 22 -2.66 10.49 17.12
C ALA C 22 -3.29 11.87 16.97
N SER C 23 -4.62 11.92 17.11
CA SER C 23 -5.33 13.19 16.99
C SER C 23 -4.86 14.17 18.04
N LYS C 24 -4.72 13.70 19.28
CA LYS C 24 -4.27 14.57 20.36
C LYS C 24 -2.89 15.14 20.04
N LYS C 25 -1.94 14.25 19.80
CA LYS C 25 -0.58 14.67 19.49
C LYS C 25 -0.57 15.52 18.22
N ALA C 26 -1.30 15.08 17.19
CA ALA C 26 -1.36 15.82 15.94
C ALA C 26 -1.85 17.25 16.17
N VAL C 27 -2.60 17.47 17.26
CA VAL C 27 -3.09 18.81 17.55
C VAL C 27 -2.00 19.64 18.22
N GLU C 28 -1.41 19.09 19.29
CA GLU C 28 -0.36 19.78 20.02
C GLU C 28 0.92 19.85 19.19
N ALA C 29 1.27 18.74 18.55
CA ALA C 29 2.47 18.68 17.73
C ALA C 29 2.47 19.81 16.70
N GLU C 30 1.37 19.94 15.96
CA GLU C 30 1.26 20.99 14.96
C GLU C 30 1.35 22.37 15.58
N ARG C 31 0.64 22.57 16.69
CA ARG C 31 0.67 23.85 17.35
C ARG C 31 2.05 24.10 17.95
N GLY C 32 2.59 25.28 17.67
CA GLY C 32 3.92 25.66 18.17
C GLY C 32 5.00 25.49 17.11
N ALA C 33 4.62 24.86 15.99
CA ALA C 33 5.56 24.63 14.89
C ALA C 33 5.48 25.78 13.88
N PRO C 34 6.53 26.08 13.16
CA PRO C 34 6.53 27.18 12.16
C PRO C 34 5.79 26.79 10.88
N GLY C 35 4.78 27.58 10.52
CA GLY C 35 3.99 27.32 9.31
C GLY C 35 2.64 26.72 9.66
N ALA C 36 2.55 26.09 10.83
CA ALA C 36 1.31 25.49 11.27
C ALA C 36 0.71 24.62 10.17
N ALA C 37 -0.43 23.98 10.46
CA ALA C 37 -1.09 23.13 9.48
C ALA C 37 -2.39 22.58 10.05
N LEU C 38 -2.32 21.38 10.65
CA LEU C 38 -3.50 20.74 11.24
C LEU C 38 -3.61 21.15 12.70
N ILE C 39 -4.64 21.94 13.01
CA ILE C 39 -4.88 22.38 14.37
C ILE C 39 -6.39 22.45 14.64
N SER C 40 -6.90 21.44 15.33
CA SER C 40 -8.32 21.41 15.65
C SER C 40 -8.73 20.03 16.13
N TYR C 41 -8.97 19.91 17.43
CA TYR C 41 -9.40 18.65 18.01
C TYR C 41 -10.57 18.05 17.21
N PRO C 42 -11.63 18.80 16.94
CA PRO C 42 -12.80 18.27 16.17
C PRO C 42 -12.39 17.75 14.78
N ASP C 43 -11.42 18.43 14.16
CA ASP C 43 -10.97 18.04 12.82
C ASP C 43 -9.69 17.21 12.89
N ALA C 44 -9.15 17.05 14.09
CA ALA C 44 -7.91 16.27 14.27
C ALA C 44 -8.16 14.79 14.01
N ILE C 45 -9.29 14.29 14.49
CA ILE C 45 -9.63 12.88 14.30
C ILE C 45 -9.85 12.58 12.83
N TRP C 46 -10.48 13.51 12.13
CA TRP C 46 -10.76 13.32 10.71
C TRP C 46 -9.47 13.09 9.93
N TRP C 47 -8.47 13.92 10.17
CA TRP C 47 -7.21 13.75 9.48
C TRP C 47 -6.53 12.46 9.94
N SER C 48 -6.88 12.02 11.14
CA SER C 48 -6.30 10.80 11.70
C SER C 48 -6.88 9.55 11.02
N VAL C 49 -8.16 9.62 10.67
CA VAL C 49 -8.83 8.48 10.05
C VAL C 49 -8.25 8.15 8.67
N GLU C 50 -8.00 9.19 7.86
CA GLU C 50 -7.47 8.95 6.52
C GLU C 50 -6.16 8.18 6.58
N THR C 51 -5.30 8.53 7.53
CA THR C 51 -4.03 7.84 7.67
C THR C 51 -4.23 6.50 8.38
N ALA C 52 -3.13 5.80 8.65
CA ALA C 52 -3.19 4.51 9.32
C ALA C 52 -3.66 3.42 8.34
N THR C 53 -4.15 3.85 7.19
CA THR C 53 -4.64 2.92 6.16
C THR C 53 -3.78 3.03 4.90
N THR C 54 -2.62 3.66 5.03
CA THR C 54 -1.71 3.84 3.91
C THR C 54 -2.43 4.48 2.72
N VAL C 55 -2.78 5.75 2.86
CA VAL C 55 -3.47 6.47 1.78
C VAL C 55 -3.00 7.93 1.76
N GLY C 56 -3.46 8.71 2.74
CA GLY C 56 -3.08 10.11 2.82
C GLY C 56 -3.34 10.81 1.49
N TYR C 57 -4.59 11.20 1.27
CA TYR C 57 -4.95 11.87 0.03
C TYR C 57 -4.18 13.17 -0.13
N GLY C 58 -4.14 13.98 0.93
CA GLY C 58 -3.43 15.26 0.90
C GLY C 58 -4.30 16.39 1.45
N ASP C 59 -5.18 16.04 2.38
CA ASP C 59 -6.07 17.03 2.98
C ASP C 59 -5.26 18.10 3.70
N ARG C 60 -4.23 17.66 4.42
CA ARG C 60 -3.37 18.58 5.18
C ARG C 60 -1.92 18.13 5.10
N TYR C 61 -1.09 18.61 6.02
CA TYR C 61 0.31 18.23 6.02
C TYR C 61 1.01 18.74 7.29
N PRO C 62 1.58 17.88 8.11
CA PRO C 62 2.26 18.33 9.36
C PRO C 62 3.58 19.06 9.08
N VAL C 63 4.02 19.87 10.04
CA VAL C 63 5.26 20.62 9.88
C VAL C 63 6.47 19.72 10.21
N THR C 64 7.48 20.31 10.85
CA THR C 64 8.70 19.57 11.22
C THR C 64 8.80 19.42 12.74
N GLU C 65 8.59 20.53 13.46
CA GLU C 65 8.67 20.51 14.90
C GLU C 65 7.66 19.51 15.46
N GLU C 66 6.60 19.26 14.71
CA GLU C 66 5.56 18.32 15.11
C GLU C 66 6.08 16.87 15.00
N GLY C 67 7.39 16.77 15.16
CA GLY C 67 8.03 15.47 15.09
C GLY C 67 7.44 14.63 13.99
N ARG C 68 7.57 15.07 12.72
CA ARG C 68 7.00 14.35 11.55
C ARG C 68 6.80 12.87 11.85
N LYS C 69 7.68 12.34 12.66
CA LYS C 69 7.55 10.96 13.08
C LYS C 69 6.13 10.72 13.60
N VAL C 70 5.39 11.80 13.93
CA VAL C 70 4.03 11.60 14.44
C VAL C 70 3.16 10.93 13.38
N ALA C 71 3.21 11.44 12.15
CA ALA C 71 2.42 10.87 11.07
C ALA C 71 2.93 9.47 10.74
N GLU C 72 4.25 9.32 10.77
CA GLU C 72 4.86 8.04 10.45
C GLU C 72 4.48 6.98 11.48
N GLN C 73 4.43 7.37 12.75
CA GLN C 73 4.09 6.43 13.82
C GLN C 73 2.75 5.75 13.55
N VAL C 74 1.76 6.52 13.09
CA VAL C 74 0.44 5.97 12.81
C VAL C 74 0.48 4.98 11.65
N MET C 75 1.23 5.32 10.60
CA MET C 75 1.31 4.46 9.42
C MET C 75 1.85 3.08 9.78
N LYS C 76 2.89 3.04 10.58
CA LYS C 76 3.49 1.77 10.97
C LYS C 76 2.49 0.93 11.79
N ALA C 77 1.75 1.59 12.68
CA ALA C 77 0.78 0.89 13.51
C ALA C 77 -0.26 0.20 12.64
N GLY C 78 -0.70 0.87 11.58
CA GLY C 78 -1.69 0.31 10.68
C GLY C 78 -1.13 -0.84 9.85
N ILE C 79 0.10 -0.68 9.37
CA ILE C 79 0.72 -1.71 8.55
C ILE C 79 0.88 -3.01 9.34
N GLU C 80 1.32 -2.89 10.58
CA GLU C 80 1.51 -4.07 11.42
C GLU C 80 0.17 -4.73 11.74
N VAL C 81 -0.84 -3.93 12.06
CA VAL C 81 -2.15 -4.48 12.41
C VAL C 81 -2.79 -5.19 11.21
N PHE C 82 -2.82 -4.51 10.06
CA PHE C 82 -3.41 -5.09 8.87
C PHE C 82 -2.59 -6.26 8.35
N ALA C 83 -1.27 -6.12 8.39
CA ALA C 83 -0.39 -7.19 7.92
C ALA C 83 -0.45 -8.40 8.85
N LEU C 84 -0.70 -8.14 10.12
CA LEU C 84 -0.77 -9.21 11.11
C LEU C 84 -1.92 -10.17 10.82
N VAL C 85 -3.08 -9.65 10.44
CA VAL C 85 -4.23 -10.49 10.16
C VAL C 85 -3.86 -11.58 9.15
N THR C 86 -2.67 -11.48 8.58
CA THR C 86 -2.23 -12.46 7.60
C THR C 86 -2.43 -13.87 8.13
N ALA C 87 -2.47 -13.99 9.44
CA ALA C 87 -2.68 -15.29 10.08
C ALA C 87 -3.98 -15.91 9.58
N ALA C 88 -5.06 -15.14 9.64
CA ALA C 88 -6.35 -15.62 9.18
C ALA C 88 -6.35 -15.84 7.67
N LEU C 89 -5.68 -14.95 6.96
CA LEU C 89 -5.59 -15.04 5.51
C LEU C 89 -4.83 -16.29 5.08
N ALA C 90 -3.78 -16.63 5.83
CA ALA C 90 -2.96 -17.80 5.51
C ALA C 90 -3.80 -19.07 5.52
N THR C 91 -4.66 -19.20 6.52
CA THR C 91 -5.52 -20.38 6.64
C THR C 91 -6.68 -20.30 5.65
N ASP C 92 -6.78 -19.17 4.94
CA ASP C 92 -7.85 -18.98 3.98
C ASP C 92 -7.86 -20.11 2.95
N PHE C 93 -6.70 -20.40 2.37
CA PHE C 93 -6.61 -21.46 1.38
C PHE C 93 -6.72 -22.84 2.04
N VAL C 94 -6.07 -23.00 3.18
CA VAL C 94 -6.08 -24.27 3.91
C VAL C 94 -7.48 -24.87 3.98
N ARG C 95 -8.50 -24.02 3.94
CA ARG C 95 -9.87 -24.49 4.01
C ARG C 95 -10.22 -25.39 2.83
N ARG C 96 -9.48 -25.25 1.74
CA ARG C 96 -9.74 -26.05 0.54
C ARG C 96 -9.71 -27.54 0.88
N GLU C 97 -8.87 -27.91 1.82
CA GLU C 97 -8.76 -29.32 2.23
C GLU C 97 -10.08 -29.78 2.87
N GLU C 98 -10.66 -28.93 3.71
CA GLU C 98 -11.91 -29.28 4.37
C GLU C 98 -13.07 -29.25 3.37
N GLU C 99 -13.05 -28.27 2.47
CA GLU C 99 -14.09 -28.13 1.46
C GLU C 99 -14.04 -29.29 0.48
N ARG C 100 -12.90 -29.98 0.44
CA ARG C 100 -12.73 -31.11 -0.46
C ARG C 100 -13.78 -32.18 -0.18
N ARG C 101 -13.99 -32.49 1.10
CA ARG C 101 -14.97 -33.50 1.50
C ARG C 101 -16.22 -32.83 2.08
N GLY C 102 -16.15 -31.52 2.27
CA GLY C 102 -17.27 -30.77 2.81
C GLY C 102 -17.43 -31.05 4.30
N HIS C 103 -16.39 -31.59 4.92
CA HIS C 103 -16.42 -31.90 6.35
C HIS C 103 -16.27 -30.63 7.18
N SER D 1 -11.10 -26.48 -11.66
CA SER D 1 -10.65 -25.15 -11.13
C SER D 1 -10.51 -25.23 -9.62
N ALA D 2 -9.53 -24.50 -9.09
CA ALA D 2 -9.28 -24.49 -7.65
C ALA D 2 -10.44 -23.82 -6.91
N ASP D 3 -10.76 -24.35 -5.73
CA ASP D 3 -11.84 -23.80 -4.93
C ASP D 3 -11.54 -22.38 -4.49
N HIS D 4 -10.28 -22.13 -4.12
CA HIS D 4 -9.88 -20.81 -3.67
C HIS D 4 -9.82 -19.82 -4.84
N GLU D 5 -9.73 -20.33 -6.06
CA GLU D 5 -9.68 -19.48 -7.23
C GLU D 5 -11.01 -18.75 -7.42
N ARG D 6 -12.10 -19.49 -7.29
CA ARG D 6 -13.43 -18.90 -7.45
C ARG D 6 -13.70 -17.88 -6.35
N GLU D 7 -13.22 -18.17 -5.15
CA GLU D 7 -13.42 -17.26 -4.03
C GLU D 7 -12.78 -15.91 -4.32
N ALA D 8 -11.58 -15.95 -4.88
CA ALA D 8 -10.86 -14.73 -5.21
C ALA D 8 -11.61 -13.93 -6.29
N GLN D 9 -12.20 -14.64 -7.24
CA GLN D 9 -12.93 -13.99 -8.32
C GLN D 9 -14.12 -13.22 -7.76
N LYS D 10 -14.83 -13.83 -6.82
CA LYS D 10 -16.00 -13.19 -6.21
C LYS D 10 -15.59 -11.91 -5.48
N ALA D 11 -14.45 -11.97 -4.79
CA ALA D 11 -13.96 -10.82 -4.04
C ALA D 11 -13.77 -9.62 -4.96
N GLU D 12 -13.29 -9.85 -6.17
CA GLU D 12 -13.06 -8.77 -7.12
C GLU D 12 -14.39 -8.14 -7.53
N GLU D 13 -15.39 -8.96 -7.78
CA GLU D 13 -16.70 -8.47 -8.19
C GLU D 13 -17.34 -7.67 -7.05
N GLU D 14 -17.16 -8.14 -5.83
CA GLU D 14 -17.73 -7.47 -4.66
C GLU D 14 -17.11 -6.08 -4.50
N LEU D 15 -15.84 -5.95 -4.86
CA LEU D 15 -15.14 -4.68 -4.75
C LEU D 15 -15.81 -3.64 -5.66
N GLN D 16 -16.23 -4.08 -6.84
CA GLN D 16 -16.88 -3.18 -7.78
C GLN D 16 -18.23 -2.72 -7.25
N LYS D 17 -18.87 -3.57 -6.44
CA LYS D 17 -20.19 -3.24 -5.89
C LYS D 17 -20.12 -2.04 -4.95
N VAL D 18 -19.07 -1.98 -4.14
CA VAL D 18 -18.91 -0.87 -3.19
C VAL D 18 -18.45 0.41 -3.90
N LEU D 19 -17.67 0.24 -4.96
CA LEU D 19 -17.17 1.40 -5.71
C LEU D 19 -18.33 2.20 -6.29
N GLU D 20 -19.30 1.51 -6.85
CA GLU D 20 -20.47 2.19 -7.41
C GLU D 20 -21.30 2.83 -6.30
N GLU D 21 -21.35 2.16 -5.15
CA GLU D 21 -22.10 2.69 -4.02
C GLU D 21 -21.46 3.98 -3.50
N ALA D 22 -20.13 4.01 -3.53
CA ALA D 22 -19.41 5.19 -3.06
C ALA D 22 -19.71 6.41 -3.92
N SER D 23 -19.80 6.20 -5.23
CA SER D 23 -20.08 7.29 -6.15
C SER D 23 -21.40 7.97 -5.82
N LYS D 24 -22.44 7.18 -5.57
CA LYS D 24 -23.74 7.74 -5.23
C LYS D 24 -23.64 8.60 -3.97
N LYS D 25 -23.30 7.96 -2.86
CA LYS D 25 -23.19 8.66 -1.58
C LYS D 25 -22.17 9.77 -1.68
N ALA D 26 -21.08 9.53 -2.41
CA ALA D 26 -20.04 10.54 -2.55
C ALA D 26 -20.60 11.82 -3.19
N VAL D 27 -21.44 11.65 -4.21
CA VAL D 27 -22.02 12.82 -4.87
C VAL D 27 -22.91 13.60 -3.92
N GLU D 28 -23.80 12.88 -3.23
CA GLU D 28 -24.72 13.50 -2.26
C GLU D 28 -23.97 13.97 -1.03
N ALA D 29 -23.06 13.13 -0.55
CA ALA D 29 -22.26 13.45 0.63
C ALA D 29 -21.61 14.82 0.45
N GLU D 30 -20.94 14.99 -0.68
CA GLU D 30 -20.26 16.25 -0.96
C GLU D 30 -21.27 17.37 -1.21
N ARG D 31 -22.37 17.02 -1.85
CA ARG D 31 -23.38 18.01 -2.17
C ARG D 31 -23.83 18.77 -0.93
N GLY D 32 -23.31 19.99 -0.78
CA GLY D 32 -23.66 20.84 0.36
C GLY D 32 -22.56 20.86 1.41
N ALA D 33 -21.35 20.52 0.99
CA ALA D 33 -20.20 20.50 1.91
C ALA D 33 -19.29 21.70 1.67
N PRO D 34 -18.68 22.25 2.70
CA PRO D 34 -17.76 23.42 2.55
C PRO D 34 -16.41 23.00 1.96
N GLY D 35 -15.88 23.84 1.07
CA GLY D 35 -14.59 23.56 0.44
C GLY D 35 -14.64 22.28 -0.39
N ALA D 36 -15.86 21.84 -0.71
CA ALA D 36 -16.03 20.63 -1.51
C ALA D 36 -15.10 20.63 -2.72
N ALA D 37 -15.13 19.54 -3.48
CA ALA D 37 -14.29 19.42 -4.65
C ALA D 37 -14.73 18.23 -5.51
N LEU D 38 -15.74 17.50 -5.04
CA LEU D 38 -16.26 16.34 -5.77
C LEU D 38 -17.76 16.52 -6.04
N ILE D 39 -18.10 16.75 -7.31
CA ILE D 39 -19.50 16.93 -7.70
C ILE D 39 -19.78 16.18 -8.99
N SER D 40 -21.06 15.91 -9.25
CA SER D 40 -21.45 15.20 -10.47
C SER D 40 -21.26 13.69 -10.29
N TYR D 41 -22.22 12.92 -10.81
CA TYR D 41 -22.16 11.48 -10.75
C TYR D 41 -21.20 10.91 -11.82
N PRO D 42 -21.16 11.47 -13.02
CA PRO D 42 -20.27 10.93 -14.10
C PRO D 42 -18.79 10.94 -13.68
N ASP D 43 -18.41 11.93 -12.86
CA ASP D 43 -17.02 12.04 -12.41
C ASP D 43 -16.86 11.42 -11.02
N ALA D 44 -17.98 11.02 -10.41
CA ALA D 44 -17.94 10.42 -9.08
C ALA D 44 -17.36 9.00 -9.14
N ILE D 45 -17.75 8.26 -10.19
CA ILE D 45 -17.26 6.90 -10.36
C ILE D 45 -15.76 6.89 -10.57
N TRP D 46 -15.27 7.86 -11.35
CA TRP D 46 -13.84 7.93 -11.62
C TRP D 46 -13.07 8.06 -10.31
N TRP D 47 -13.54 8.94 -9.43
CA TRP D 47 -12.90 9.11 -8.13
C TRP D 47 -13.00 7.80 -7.34
N SER D 48 -14.13 7.14 -7.43
CA SER D 48 -14.32 5.90 -6.69
C SER D 48 -13.25 4.88 -7.10
N VAL D 49 -12.96 4.81 -8.40
CA VAL D 49 -11.97 3.86 -8.90
C VAL D 49 -10.55 4.33 -8.62
N GLU D 50 -10.18 4.34 -7.35
CA GLU D 50 -8.83 4.74 -6.94
C GLU D 50 -8.65 4.50 -5.45
N THR D 51 -9.69 4.81 -4.68
CA THR D 51 -9.64 4.63 -3.24
C THR D 51 -9.51 3.15 -2.89
N ALA D 52 -10.29 2.32 -3.58
CA ALA D 52 -10.24 0.89 -3.35
C ALA D 52 -8.82 0.37 -3.53
N THR D 53 -8.05 1.04 -4.39
CA THR D 53 -6.67 0.65 -4.64
C THR D 53 -5.74 1.25 -3.59
N THR D 54 -6.32 2.03 -2.68
CA THR D 54 -5.55 2.66 -1.62
C THR D 54 -4.34 3.40 -2.18
N VAL D 55 -4.58 4.36 -3.07
CA VAL D 55 -3.51 5.15 -3.67
C VAL D 55 -3.77 6.64 -3.53
N GLY D 56 -4.99 7.06 -3.83
CA GLY D 56 -5.36 8.48 -3.73
C GLY D 56 -4.24 9.36 -4.26
N TYR D 57 -4.10 9.44 -5.58
CA TYR D 57 -3.06 10.23 -6.20
C TYR D 57 -3.20 11.71 -5.80
N GLY D 58 -4.44 12.21 -5.90
CA GLY D 58 -4.71 13.61 -5.56
C GLY D 58 -5.76 14.21 -6.48
N ASP D 59 -6.74 13.39 -6.87
CA ASP D 59 -7.80 13.85 -7.76
C ASP D 59 -8.90 14.55 -6.96
N ARG D 60 -9.74 13.75 -6.31
CA ARG D 60 -10.86 14.30 -5.52
C ARG D 60 -10.85 13.67 -4.13
N TYR D 61 -11.29 14.42 -3.13
CA TYR D 61 -11.31 13.90 -1.76
C TYR D 61 -12.46 14.54 -0.97
N PRO D 62 -13.23 13.77 -0.22
CA PRO D 62 -14.36 14.33 0.58
C PRO D 62 -13.88 15.19 1.75
N VAL D 63 -14.68 16.20 2.12
CA VAL D 63 -14.33 17.09 3.21
C VAL D 63 -14.66 16.43 4.55
N THR D 64 -15.44 17.12 5.39
CA THR D 64 -15.82 16.58 6.70
C THR D 64 -17.32 16.30 6.76
N GLU D 65 -18.10 17.17 6.12
CA GLU D 65 -19.56 17.00 6.11
C GLU D 65 -19.94 15.75 5.33
N GLU D 66 -19.12 15.40 4.33
CA GLU D 66 -19.37 14.22 3.51
C GLU D 66 -18.90 12.98 4.28
N GLY D 67 -19.08 13.06 5.60
CA GLY D 67 -18.69 11.98 6.46
C GLY D 67 -17.41 11.36 5.98
N ARG D 68 -16.32 12.16 5.94
CA ARG D 68 -15.01 11.70 5.43
C ARG D 68 -14.88 10.19 5.53
N LYS D 69 -15.52 9.63 6.53
CA LYS D 69 -15.52 8.20 6.69
C LYS D 69 -16.04 7.55 5.39
N VAL D 70 -16.63 8.35 4.48
CA VAL D 70 -17.12 7.78 3.24
C VAL D 70 -15.96 7.17 2.46
N ALA D 71 -14.88 7.93 2.34
CA ALA D 71 -13.70 7.45 1.64
C ALA D 71 -13.04 6.33 2.44
N GLU D 72 -13.05 6.47 3.76
CA GLU D 72 -12.44 5.48 4.64
C GLU D 72 -13.05 4.10 4.42
N GLN D 73 -14.37 4.05 4.21
CA GLN D 73 -15.05 2.78 4.01
C GLN D 73 -14.62 2.11 2.70
N VAL D 74 -14.46 2.90 1.64
CA VAL D 74 -14.08 2.34 0.34
C VAL D 74 -12.70 1.67 0.40
N MET D 75 -11.73 2.38 0.98
CA MET D 75 -10.38 1.84 1.07
C MET D 75 -10.33 0.60 1.96
N LYS D 76 -11.06 0.63 3.06
CA LYS D 76 -11.09 -0.50 3.98
C LYS D 76 -11.63 -1.75 3.29
N ALA D 77 -12.68 -1.58 2.50
CA ALA D 77 -13.28 -2.70 1.79
C ALA D 77 -12.30 -3.25 0.75
N GLY D 78 -11.57 -2.35 0.11
CA GLY D 78 -10.60 -2.75 -0.91
C GLY D 78 -9.46 -3.57 -0.31
N ILE D 79 -8.99 -3.18 0.86
CA ILE D 79 -7.90 -3.88 1.52
C ILE D 79 -8.28 -5.32 1.85
N GLU D 80 -9.49 -5.50 2.37
CA GLU D 80 -9.96 -6.83 2.74
C GLU D 80 -10.05 -7.73 1.51
N VAL D 81 -10.43 -7.15 0.38
CA VAL D 81 -10.56 -7.93 -0.85
C VAL D 81 -9.22 -8.44 -1.35
N PHE D 82 -8.27 -7.53 -1.56
CA PHE D 82 -6.96 -7.92 -2.05
C PHE D 82 -6.26 -8.85 -1.05
N ALA D 83 -6.35 -8.51 0.22
CA ALA D 83 -5.73 -9.32 1.25
C ALA D 83 -6.37 -10.70 1.30
N LEU D 84 -7.69 -10.75 1.10
CA LEU D 84 -8.40 -12.01 1.12
C LEU D 84 -7.91 -12.94 0.01
N VAL D 85 -7.70 -12.37 -1.17
CA VAL D 85 -7.22 -13.17 -2.30
C VAL D 85 -5.90 -13.84 -1.94
N THR D 86 -5.25 -13.32 -0.90
CA THR D 86 -3.97 -13.89 -0.47
C THR D 86 -4.04 -15.41 -0.44
N ALA D 87 -5.26 -15.93 -0.39
CA ALA D 87 -5.47 -17.37 -0.35
C ALA D 87 -4.91 -18.04 -1.61
N ALA D 88 -5.46 -17.66 -2.76
CA ALA D 88 -5.01 -18.23 -4.02
C ALA D 88 -3.51 -18.01 -4.21
N LEU D 89 -3.00 -16.96 -3.59
CA LEU D 89 -1.57 -16.64 -3.67
C LEU D 89 -0.78 -17.53 -2.72
N ALA D 90 -1.36 -17.80 -1.56
CA ALA D 90 -0.70 -18.63 -0.55
C ALA D 90 -0.40 -20.01 -1.13
N THR D 91 -1.29 -20.49 -1.98
CA THR D 91 -1.11 -21.80 -2.61
C THR D 91 -0.14 -21.69 -3.79
N ASP D 92 0.28 -20.46 -4.08
CA ASP D 92 1.19 -20.23 -5.20
C ASP D 92 2.48 -21.06 -5.04
N PHE D 93 3.02 -21.07 -3.83
CA PHE D 93 4.24 -21.83 -3.56
C PHE D 93 3.95 -23.33 -3.49
N VAL D 94 2.86 -23.68 -2.82
CA VAL D 94 2.47 -25.08 -2.65
C VAL D 94 2.61 -25.85 -3.96
N ARG D 95 2.50 -25.15 -5.08
CA ARG D 95 2.60 -25.78 -6.39
C ARG D 95 3.93 -26.51 -6.54
N ARG D 96 4.94 -26.06 -5.80
CA ARG D 96 6.26 -26.70 -5.87
C ARG D 96 6.16 -28.17 -5.50
N GLU D 97 5.27 -28.47 -4.56
CA GLU D 97 5.08 -29.84 -4.11
C GLU D 97 4.40 -30.66 -5.20
N GLU D 98 3.93 -31.86 -4.85
CA GLU D 98 3.26 -32.74 -5.82
C GLU D 98 4.18 -33.03 -7.00
N GLU D 99 4.35 -32.03 -7.86
CA GLU D 99 5.19 -32.19 -9.04
C GLU D 99 6.59 -32.63 -8.63
N ARG D 100 7.13 -32.01 -7.58
CA ARG D 100 8.45 -32.36 -7.08
C ARG D 100 8.49 -33.81 -6.63
N ARG D 101 7.44 -34.24 -5.94
CA ARG D 101 7.35 -35.60 -5.45
C ARG D 101 7.31 -36.59 -6.61
N GLY D 102 6.65 -36.19 -7.70
CA GLY D 102 6.56 -37.05 -8.88
C GLY D 102 5.32 -37.94 -8.81
N HIS D 103 4.40 -37.60 -7.92
CA HIS D 103 3.17 -38.38 -7.77
C HIS D 103 2.46 -38.51 -9.12
N SER A 1 17.09 -18.92 -7.56
CA SER A 1 17.90 -20.07 -8.07
C SER A 1 17.19 -21.38 -7.75
N ALA A 2 16.46 -21.40 -6.63
CA ALA A 2 15.73 -22.59 -6.22
C ALA A 2 14.68 -22.96 -7.26
N ASP A 3 13.59 -22.19 -7.29
CA ASP A 3 12.52 -22.44 -8.23
C ASP A 3 11.47 -21.33 -8.14
N HIS A 4 10.96 -21.09 -6.93
CA HIS A 4 9.96 -20.05 -6.73
C HIS A 4 10.58 -18.67 -6.82
N GLU A 5 11.85 -18.57 -6.43
CA GLU A 5 12.55 -17.29 -6.48
C GLU A 5 12.70 -16.82 -7.92
N ARG A 6 12.99 -17.75 -8.82
CA ARG A 6 13.16 -17.43 -10.22
C ARG A 6 11.87 -16.83 -10.78
N GLU A 7 10.74 -17.42 -10.41
CA GLU A 7 9.45 -16.94 -10.88
C GLU A 7 9.20 -15.52 -10.36
N ALA A 8 9.58 -15.28 -9.11
CA ALA A 8 9.38 -13.95 -8.52
C ALA A 8 10.21 -12.92 -9.27
N GLN A 9 11.42 -13.30 -9.67
CA GLN A 9 12.30 -12.38 -10.41
C GLN A 9 11.68 -12.03 -11.76
N LYS A 10 11.12 -13.03 -12.42
CA LYS A 10 10.48 -12.80 -13.71
C LYS A 10 9.30 -11.85 -13.58
N ALA A 11 8.54 -12.01 -12.51
CA ALA A 11 7.37 -11.17 -12.28
C ALA A 11 7.76 -9.70 -12.21
N GLU A 12 8.89 -9.41 -11.58
CA GLU A 12 9.36 -8.03 -11.45
C GLU A 12 9.70 -7.46 -12.82
N GLU A 13 10.41 -8.25 -13.63
CA GLU A 13 10.79 -7.81 -14.96
C GLU A 13 9.55 -7.59 -15.83
N GLU A 14 8.53 -8.42 -15.59
CA GLU A 14 7.30 -8.32 -16.37
C GLU A 14 6.62 -6.97 -16.11
N LEU A 15 6.73 -6.48 -14.87
CA LEU A 15 6.10 -5.21 -14.52
C LEU A 15 6.70 -4.08 -15.35
N GLN A 16 8.02 -4.11 -15.52
CA GLN A 16 8.70 -3.07 -16.28
C GLN A 16 8.18 -3.02 -17.72
N LYS A 17 7.83 -4.18 -18.26
CA LYS A 17 7.34 -4.24 -19.63
C LYS A 17 6.03 -3.45 -19.78
N VAL A 18 5.16 -3.58 -18.78
CA VAL A 18 3.87 -2.87 -18.82
C VAL A 18 4.09 -1.36 -18.76
N LEU A 19 5.17 -0.94 -18.12
CA LEU A 19 5.46 0.48 -18.00
C LEU A 19 5.68 1.08 -19.38
N GLU A 20 6.40 0.36 -20.23
CA GLU A 20 6.66 0.84 -21.58
C GLU A 20 5.35 0.98 -22.34
N GLU A 21 4.47 0.00 -22.19
CA GLU A 21 3.18 0.04 -22.87
C GLU A 21 2.31 1.14 -22.27
N ALA A 22 2.36 1.29 -20.95
CA ALA A 22 1.57 2.30 -20.27
C ALA A 22 2.02 3.70 -20.67
N SER A 23 3.33 3.89 -20.81
CA SER A 23 3.86 5.20 -21.20
C SER A 23 3.32 5.60 -22.56
N LYS A 24 3.28 4.65 -23.48
CA LYS A 24 2.76 4.91 -24.82
C LYS A 24 1.27 5.25 -24.78
N LYS A 25 0.57 4.68 -23.80
CA LYS A 25 -0.87 4.92 -23.66
C LYS A 25 -1.12 6.27 -22.99
N ALA A 26 -0.41 6.55 -21.90
CA ALA A 26 -0.59 7.80 -21.16
C ALA A 26 -0.36 9.02 -22.04
N VAL A 27 0.70 8.98 -22.85
CA VAL A 27 1.01 10.11 -23.72
C VAL A 27 -0.18 10.42 -24.62
N GLU A 28 -0.65 9.42 -25.36
CA GLU A 28 -1.80 9.60 -26.24
C GLU A 28 -3.07 9.86 -25.44
N ALA A 29 -3.24 9.11 -24.36
CA ALA A 29 -4.43 9.28 -23.52
C ALA A 29 -4.47 10.69 -22.95
N GLU A 30 -3.31 11.22 -22.58
CA GLU A 30 -3.21 12.57 -22.02
C GLU A 30 -2.80 13.59 -23.09
N ARG A 31 -2.87 13.20 -24.36
CA ARG A 31 -2.50 14.11 -25.43
C ARG A 31 -3.64 15.07 -25.73
N GLY A 32 -3.54 16.28 -25.20
CA GLY A 32 -4.56 17.30 -25.44
C GLY A 32 -5.74 17.14 -24.49
N ALA A 33 -5.61 16.23 -23.54
CA ALA A 33 -6.68 16.00 -22.58
C ALA A 33 -6.80 17.20 -21.62
N PRO A 34 -7.97 17.50 -21.12
CA PRO A 34 -8.16 18.65 -20.19
C PRO A 34 -7.65 18.34 -18.78
N GLY A 35 -7.03 19.35 -18.15
CA GLY A 35 -6.50 19.18 -16.80
C GLY A 35 -5.25 18.31 -16.81
N ALA A 36 -4.94 17.74 -17.98
CA ALA A 36 -3.77 16.88 -18.10
C ALA A 36 -2.50 17.72 -18.19
N ALA A 37 -1.37 17.12 -17.81
CA ALA A 37 -0.09 17.83 -17.87
C ALA A 37 1.04 16.86 -18.16
N LEU A 38 0.67 15.63 -18.53
CA LEU A 38 1.68 14.61 -18.84
C LEU A 38 2.17 14.76 -20.27
N ILE A 39 1.48 15.62 -21.05
CA ILE A 39 1.86 15.85 -22.44
C ILE A 39 3.38 15.86 -22.60
N SER A 40 3.95 14.69 -22.86
CA SER A 40 5.39 14.55 -23.02
C SER A 40 5.78 13.08 -23.07
N TYR A 41 6.65 12.73 -24.01
CA TYR A 41 7.11 11.34 -24.16
C TYR A 41 8.25 11.00 -23.20
N PRO A 42 9.30 11.81 -23.08
CA PRO A 42 10.44 11.50 -22.17
C PRO A 42 10.01 11.39 -20.70
N ASP A 43 9.00 12.15 -20.32
CA ASP A 43 8.52 12.12 -18.93
C ASP A 43 7.41 11.09 -18.76
N ALA A 44 6.97 10.49 -19.87
CA ALA A 44 5.92 9.48 -19.81
C ALA A 44 6.41 8.23 -19.12
N ILE A 45 7.62 7.80 -19.48
CA ILE A 45 8.21 6.61 -18.89
C ILE A 45 8.49 6.85 -17.40
N TRP A 46 8.98 8.04 -17.09
CA TRP A 46 9.27 8.37 -15.70
C TRP A 46 8.00 8.31 -14.87
N TRP A 47 6.93 8.88 -15.40
CA TRP A 47 5.65 8.85 -14.69
C TRP A 47 5.19 7.41 -14.52
N SER A 48 5.37 6.60 -15.56
CA SER A 48 4.97 5.21 -15.50
C SER A 48 5.67 4.48 -14.35
N VAL A 49 6.90 4.90 -14.03
CA VAL A 49 7.66 4.28 -12.94
C VAL A 49 7.07 4.65 -11.61
N GLU A 50 6.75 5.92 -11.46
CA GLU A 50 6.19 6.41 -10.22
C GLU A 50 5.00 5.58 -9.80
N THR A 51 4.14 5.23 -10.77
CA THR A 51 2.98 4.40 -10.46
C THR A 51 3.40 2.94 -10.40
N ALA A 52 2.46 2.03 -10.59
CA ALA A 52 2.77 0.60 -10.54
C ALA A 52 3.07 0.18 -9.10
N THR A 53 3.71 1.07 -8.35
CA THR A 53 4.04 0.79 -6.96
C THR A 53 2.81 1.05 -6.10
N THR A 54 1.70 1.36 -6.76
CA THR A 54 0.43 1.63 -6.07
C THR A 54 0.58 2.79 -5.10
N VAL A 55 1.53 3.69 -5.37
CA VAL A 55 1.75 4.84 -4.51
C VAL A 55 2.20 6.05 -5.32
N GLY A 56 1.24 6.77 -5.92
CA GLY A 56 1.54 7.95 -6.72
C GLY A 56 1.82 9.15 -5.82
N TYR A 57 3.07 9.61 -5.82
CA TYR A 57 3.46 10.74 -4.98
C TYR A 57 2.65 11.99 -5.37
N GLY A 58 2.55 12.24 -6.67
CA GLY A 58 1.81 13.40 -7.18
C GLY A 58 2.60 14.09 -8.29
N ASP A 59 3.42 13.33 -9.00
CA ASP A 59 4.21 13.88 -10.09
C ASP A 59 3.29 14.43 -11.19
N ARG A 60 2.24 13.67 -11.49
CA ARG A 60 1.28 14.07 -12.53
C ARG A 60 -0.14 13.95 -12.01
N TYR A 61 -1.11 14.06 -12.92
CA TYR A 61 -2.52 13.97 -12.52
C TYR A 61 -3.40 13.62 -13.72
N PRO A 62 -3.66 12.35 -13.99
CA PRO A 62 -4.51 11.95 -15.16
C PRO A 62 -5.98 12.33 -14.96
N VAL A 63 -6.72 12.45 -16.08
CA VAL A 63 -8.15 12.82 -16.03
C VAL A 63 -9.01 11.67 -16.58
N THR A 64 -10.26 11.97 -16.86
CA THR A 64 -11.18 10.98 -17.40
C THR A 64 -10.94 10.76 -18.89
N GLU A 65 -10.75 11.84 -19.63
CA GLU A 65 -10.53 11.75 -21.06
C GLU A 65 -9.42 10.74 -21.36
N GLU A 66 -8.32 10.84 -20.62
CA GLU A 66 -7.21 9.91 -20.80
C GLU A 66 -7.59 8.54 -20.16
N GLY A 67 -8.89 8.28 -20.19
CA GLY A 67 -9.37 7.02 -19.70
C GLY A 67 -8.71 6.61 -18.40
N ARG A 68 -8.95 7.37 -17.30
CA ARG A 68 -8.33 7.08 -15.99
C ARG A 68 -7.93 5.61 -15.88
N LYS A 69 -8.72 4.74 -16.50
CA LYS A 69 -8.38 3.35 -16.53
C LYS A 69 -6.91 3.17 -16.93
N VAL A 70 -6.31 4.19 -17.58
CA VAL A 70 -4.91 4.07 -17.97
C VAL A 70 -4.02 3.89 -16.73
N ALA A 71 -4.23 4.73 -15.74
CA ALA A 71 -3.45 4.64 -14.50
C ALA A 71 -3.91 3.46 -13.66
N GLU A 72 -5.22 3.25 -13.59
CA GLU A 72 -5.78 2.16 -12.81
C GLU A 72 -5.26 0.82 -13.32
N GLN A 73 -5.21 0.66 -14.64
CA GLN A 73 -4.76 -0.58 -15.24
C GLN A 73 -3.34 -0.90 -14.78
N VAL A 74 -2.47 0.12 -14.72
CA VAL A 74 -1.08 -0.11 -14.30
C VAL A 74 -1.02 -0.53 -12.83
N MET A 75 -1.82 0.12 -11.98
CA MET A 75 -1.81 -0.22 -10.55
C MET A 75 -2.14 -1.68 -10.33
N LYS A 76 -3.16 -2.19 -11.02
CA LYS A 76 -3.55 -3.58 -10.88
C LYS A 76 -2.43 -4.50 -11.36
N ALA A 77 -1.80 -4.14 -12.48
CA ALA A 77 -0.71 -4.95 -13.02
C ALA A 77 0.42 -5.09 -12.01
N GLY A 78 0.73 -4.00 -11.32
CA GLY A 78 1.78 -4.02 -10.31
C GLY A 78 1.38 -4.90 -9.12
N ILE A 79 0.15 -4.76 -8.68
CA ILE A 79 -0.35 -5.52 -7.55
C ILE A 79 -0.27 -7.03 -7.83
N GLU A 80 -0.67 -7.41 -9.03
CA GLU A 80 -0.63 -8.82 -9.39
C GLU A 80 0.80 -9.34 -9.34
N VAL A 81 1.74 -8.51 -9.81
CA VAL A 81 3.15 -8.89 -9.81
C VAL A 81 3.66 -9.03 -8.38
N PHE A 82 3.41 -8.02 -7.55
CA PHE A 82 3.87 -8.04 -6.17
C PHE A 82 3.18 -9.14 -5.37
N ALA A 83 1.89 -9.33 -5.63
CA ALA A 83 1.14 -10.35 -4.91
C ALA A 83 1.70 -11.74 -5.19
N LEU A 84 2.09 -11.98 -6.44
CA LEU A 84 2.62 -13.28 -6.83
C LEU A 84 3.91 -13.59 -6.09
N VAL A 85 4.78 -12.59 -5.94
CA VAL A 85 6.05 -12.79 -5.24
C VAL A 85 5.82 -13.54 -3.93
N THR A 86 4.56 -13.62 -3.51
CA THR A 86 4.21 -14.30 -2.27
C THR A 86 4.67 -15.75 -2.35
N ALA A 87 4.47 -16.38 -3.49
CA ALA A 87 4.87 -17.77 -3.69
C ALA A 87 6.24 -18.03 -3.05
N ALA A 88 7.10 -17.01 -3.08
CA ALA A 88 8.44 -17.13 -2.48
C ALA A 88 8.41 -16.79 -1.00
N LEU A 89 7.56 -15.83 -0.62
CA LEU A 89 7.43 -15.43 0.78
C LEU A 89 6.86 -16.56 1.62
N ALA A 90 5.89 -17.28 1.06
CA ALA A 90 5.24 -18.38 1.78
C ALA A 90 6.26 -19.44 2.20
N THR A 91 7.10 -19.82 1.25
CA THR A 91 8.12 -20.85 1.52
C THR A 91 9.24 -20.26 2.38
N ASP A 92 9.17 -18.97 2.66
CA ASP A 92 10.20 -18.32 3.47
C ASP A 92 10.32 -18.98 4.84
N PHE A 93 9.17 -19.16 5.51
CA PHE A 93 9.17 -19.77 6.84
C PHE A 93 9.38 -21.28 6.75
N VAL A 94 8.85 -21.89 5.71
CA VAL A 94 8.95 -23.34 5.53
C VAL A 94 10.36 -23.84 5.83
N ARG A 95 11.36 -23.02 5.53
CA ARG A 95 12.74 -23.39 5.78
C ARG A 95 12.98 -23.64 7.27
N ARG A 96 12.13 -23.05 8.10
CA ARG A 96 12.26 -23.21 9.55
C ARG A 96 12.21 -24.68 9.94
N GLU A 97 11.27 -25.42 9.34
CA GLU A 97 11.14 -26.85 9.63
C GLU A 97 12.01 -27.65 8.66
N GLU A 98 11.62 -27.64 7.39
CA GLU A 98 12.36 -28.37 6.37
C GLU A 98 13.65 -27.63 6.02
N GLU A 99 14.59 -28.34 5.40
CA GLU A 99 15.86 -27.76 5.00
C GLU A 99 16.73 -27.51 6.24
N ARG A 100 16.09 -27.16 7.35
CA ARG A 100 16.80 -26.91 8.60
C ARG A 100 17.56 -28.15 9.04
N ARG A 101 16.89 -29.31 8.97
CA ARG A 101 17.52 -30.57 9.37
C ARG A 101 18.13 -31.28 8.16
N GLY A 102 17.85 -30.74 6.98
CA GLY A 102 18.38 -31.32 5.74
C GLY A 102 17.63 -32.61 5.38
N HIS A 103 16.41 -32.74 5.90
CA HIS A 103 15.60 -33.93 5.63
C HIS A 103 16.37 -35.20 6.00
N SER B 1 13.68 -16.35 21.37
CA SER B 1 12.25 -16.29 20.96
C SER B 1 12.14 -16.54 19.47
N ALA B 2 11.45 -17.62 19.11
CA ALA B 2 11.28 -17.97 17.71
C ALA B 2 12.59 -17.84 16.95
N ASP B 3 12.53 -17.92 15.63
CA ASP B 3 13.73 -17.81 14.78
C ASP B 3 13.50 -16.82 13.65
N HIS B 4 12.25 -16.69 13.20
CA HIS B 4 11.92 -15.78 12.12
C HIS B 4 11.86 -14.34 12.65
N GLU B 5 11.69 -14.20 13.94
CA GLU B 5 11.61 -12.89 14.56
C GLU B 5 12.95 -12.16 14.48
N ARG B 6 14.03 -12.92 14.65
CA ARG B 6 15.38 -12.34 14.59
C ARG B 6 15.66 -11.77 13.22
N GLU B 7 15.28 -12.51 12.18
CA GLU B 7 15.50 -12.04 10.83
C GLU B 7 14.64 -10.82 10.54
N ALA B 8 13.41 -10.85 11.02
CA ALA B 8 12.49 -9.75 10.83
C ALA B 8 12.99 -8.50 11.55
N GLN B 9 13.56 -8.68 12.73
CA GLN B 9 14.07 -7.55 13.50
C GLN B 9 15.21 -6.87 12.75
N LYS B 10 16.10 -7.68 12.18
CA LYS B 10 17.23 -7.15 11.43
C LYS B 10 16.76 -6.38 10.21
N ALA B 11 15.73 -6.91 9.54
CA ALA B 11 15.19 -6.28 8.35
C ALA B 11 14.68 -4.87 8.67
N GLU B 12 14.07 -4.71 9.84
CA GLU B 12 13.56 -3.40 10.24
C GLU B 12 14.70 -2.41 10.45
N GLU B 13 15.76 -2.86 11.13
CA GLU B 13 16.90 -2.01 11.39
C GLU B 13 17.59 -1.64 10.08
N GLU B 14 17.62 -2.59 9.15
CA GLU B 14 18.24 -2.35 7.85
C GLU B 14 17.51 -1.23 7.11
N LEU B 15 16.19 -1.15 7.32
CA LEU B 15 15.40 -0.11 6.65
C LEU B 15 15.86 1.27 7.08
N GLN B 16 16.12 1.43 8.37
CA GLN B 16 16.57 2.72 8.90
C GLN B 16 17.83 3.18 8.19
N LYS B 17 18.72 2.24 7.89
CA LYS B 17 19.97 2.57 7.20
C LYS B 17 19.70 3.17 5.82
N VAL B 18 18.70 2.64 5.14
CA VAL B 18 18.33 3.10 3.80
C VAL B 18 17.83 4.54 3.85
N LEU B 19 17.05 4.87 4.88
CA LEU B 19 16.53 6.22 5.03
C LEU B 19 17.69 7.20 5.13
N GLU B 20 18.74 6.81 5.83
CA GLU B 20 19.90 7.67 5.97
C GLU B 20 20.52 7.90 4.59
N GLU B 21 20.63 6.84 3.81
CA GLU B 21 21.19 6.94 2.47
C GLU B 21 20.24 7.71 1.56
N ALA B 22 18.94 7.58 1.83
CA ALA B 22 17.94 8.27 1.04
C ALA B 22 18.19 9.77 1.06
N SER B 23 18.51 10.29 2.25
CA SER B 23 18.76 11.72 2.39
C SER B 23 19.95 12.14 1.53
N LYS B 24 21.03 11.36 1.57
CA LYS B 24 22.21 11.69 0.77
C LYS B 24 21.88 11.58 -0.72
N LYS B 25 21.29 10.46 -1.11
CA LYS B 25 20.93 10.25 -2.51
C LYS B 25 19.88 11.27 -2.95
N ALA B 26 18.89 11.51 -2.10
CA ALA B 26 17.82 12.46 -2.43
C ALA B 26 18.34 13.89 -2.49
N VAL B 27 19.05 14.32 -1.46
CA VAL B 27 19.58 15.68 -1.44
C VAL B 27 20.53 15.92 -2.60
N GLU B 28 21.42 14.96 -2.82
CA GLU B 28 22.39 15.07 -3.90
C GLU B 28 21.70 14.96 -5.25
N ALA B 29 20.49 14.42 -5.25
CA ALA B 29 19.73 14.25 -6.49
C ALA B 29 19.50 15.59 -7.17
N GLU B 30 18.98 16.55 -6.41
CA GLU B 30 18.69 17.87 -6.97
C GLU B 30 19.96 18.70 -7.01
N ARG B 31 20.03 19.72 -6.17
CA ARG B 31 21.20 20.59 -6.11
C ARG B 31 21.70 20.91 -7.52
N GLY B 32 20.79 21.35 -8.37
CA GLY B 32 21.14 21.70 -9.75
C GLY B 32 20.21 21.03 -10.77
N ALA B 33 18.99 20.70 -10.34
CA ALA B 33 18.01 20.06 -11.22
C ALA B 33 16.92 21.07 -11.60
N PRO B 34 16.33 20.93 -12.77
CA PRO B 34 15.25 21.87 -13.23
C PRO B 34 13.92 21.61 -12.53
N GLY B 35 13.32 22.67 -11.99
CA GLY B 35 12.04 22.54 -11.30
C GLY B 35 12.20 21.79 -9.98
N ALA B 36 13.40 21.84 -9.42
CA ALA B 36 13.67 21.16 -8.16
C ALA B 36 12.93 21.85 -7.01
N ALA B 37 12.82 21.15 -5.88
CA ALA B 37 12.15 21.70 -4.71
C ALA B 37 12.72 21.11 -3.43
N LEU B 38 13.15 19.85 -3.51
CA LEU B 38 13.71 19.18 -2.34
C LEU B 38 15.11 19.72 -2.03
N ILE B 39 15.22 21.05 -1.98
CA ILE B 39 16.51 21.70 -1.68
C ILE B 39 16.62 21.96 -0.19
N SER B 40 16.90 20.91 0.57
CA SER B 40 17.04 21.04 2.02
C SER B 40 17.65 19.78 2.63
N TYR B 41 18.94 19.82 2.88
CA TYR B 41 19.65 18.71 3.49
C TYR B 41 19.04 18.36 4.86
N PRO B 42 18.85 19.34 5.75
CA PRO B 42 18.27 19.07 7.09
C PRO B 42 16.88 18.43 7.02
N ASP B 43 16.10 18.78 5.99
CA ASP B 43 14.76 18.23 5.84
C ASP B 43 14.77 17.02 4.90
N ALA B 44 15.94 16.72 4.33
CA ALA B 44 16.06 15.57 3.43
C ALA B 44 15.75 14.28 4.17
N ILE B 45 16.20 14.20 5.42
CA ILE B 45 15.96 13.02 6.24
C ILE B 45 14.48 12.90 6.58
N TRP B 46 13.84 14.03 6.86
CA TRP B 46 12.43 14.04 7.21
C TRP B 46 11.59 13.55 6.03
N TRP B 47 11.94 14.00 4.83
CA TRP B 47 11.22 13.58 3.63
C TRP B 47 11.33 12.06 3.43
N SER B 48 12.53 11.54 3.63
CA SER B 48 12.76 10.12 3.46
C SER B 48 11.81 9.29 4.33
N VAL B 49 11.58 9.76 5.56
CA VAL B 49 10.70 9.06 6.49
C VAL B 49 9.25 9.05 6.03
N GLU B 50 9.03 9.08 4.72
CA GLU B 50 7.65 9.08 4.19
C GLU B 50 7.55 8.14 3.00
N THR B 51 8.68 7.85 2.36
CA THR B 51 8.71 6.96 1.20
C THR B 51 8.91 5.52 1.63
N ALA B 52 9.74 5.31 2.65
CA ALA B 52 10.02 3.96 3.13
C ALA B 52 8.75 3.27 3.63
N THR B 53 7.88 4.04 4.28
CA THR B 53 6.64 3.48 4.80
C THR B 53 5.54 3.48 3.74
N THR B 54 5.94 3.71 2.48
CA THR B 54 4.99 3.73 1.38
C THR B 54 3.81 4.64 1.71
N VAL B 55 4.05 5.96 1.66
CA VAL B 55 3.01 6.94 1.96
C VAL B 55 2.96 8.02 0.88
N GLY B 56 3.97 8.89 0.86
CA GLY B 56 4.03 9.96 -0.12
C GLY B 56 2.89 10.95 0.08
N TYR B 57 2.91 11.64 1.22
CA TYR B 57 1.86 12.60 1.54
C TYR B 57 1.82 13.73 0.51
N GLY B 58 3.01 14.27 0.18
CA GLY B 58 3.11 15.36 -0.78
C GLY B 58 3.97 16.50 -0.22
N ASP B 59 4.83 16.16 0.73
CA ASP B 59 5.70 17.17 1.34
C ASP B 59 6.65 17.76 0.30
N ARG B 60 7.18 16.88 -0.57
CA ARG B 60 8.11 17.32 -1.62
C ARG B 60 7.63 16.84 -2.99
N TYR B 61 8.46 17.07 -4.01
CA TYR B 61 8.09 16.68 -5.36
C TYR B 61 9.33 16.58 -6.25
N PRO B 62 10.05 15.47 -6.24
CA PRO B 62 11.28 15.31 -7.08
C PRO B 62 10.94 15.25 -8.57
N VAL B 63 11.90 15.69 -9.40
CA VAL B 63 11.71 15.70 -10.85
C VAL B 63 12.33 14.45 -11.48
N THR B 64 13.20 14.65 -12.48
CA THR B 64 13.84 13.53 -13.19
C THR B 64 15.35 13.50 -12.90
N GLU B 65 16.03 14.62 -13.19
CA GLU B 65 17.47 14.69 -12.98
C GLU B 65 17.85 14.08 -11.63
N GLU B 66 16.85 13.91 -10.75
CA GLU B 66 17.07 13.31 -9.43
C GLU B 66 16.83 11.79 -9.52
N GLY B 67 17.05 11.28 -10.72
CA GLY B 67 16.92 9.87 -10.96
C GLY B 67 15.73 9.28 -10.23
N ARG B 68 14.49 9.71 -10.57
CA ARG B 68 13.26 9.24 -9.88
C ARG B 68 13.49 7.87 -9.25
N LYS B 69 14.32 7.06 -9.90
CA LYS B 69 14.67 5.78 -9.34
C LYS B 69 15.05 5.97 -7.86
N VAL B 70 15.39 7.22 -7.47
CA VAL B 70 15.74 7.47 -6.09
C VAL B 70 14.55 7.21 -5.18
N ALA B 71 13.38 7.70 -5.60
CA ALA B 71 12.16 7.48 -4.82
C ALA B 71 11.75 6.02 -4.88
N GLU B 72 11.88 5.43 -6.06
CA GLU B 72 11.53 4.02 -6.24
C GLU B 72 12.46 3.14 -5.43
N GLN B 73 13.75 3.49 -5.41
CA GLN B 73 14.73 2.70 -4.66
C GLN B 73 14.38 2.65 -3.19
N VAL B 74 14.31 3.82 -2.54
CA VAL B 74 14.00 3.88 -1.12
C VAL B 74 12.58 3.38 -0.84
N MET B 75 11.63 3.82 -1.65
CA MET B 75 10.24 3.42 -1.47
C MET B 75 10.11 1.90 -1.59
N LYS B 76 10.71 1.33 -2.63
CA LYS B 76 10.64 -0.12 -2.84
C LYS B 76 11.42 -0.85 -1.75
N ALA B 77 12.50 -0.21 -1.26
CA ALA B 77 13.32 -0.82 -0.21
C ALA B 77 12.48 -1.12 1.02
N GLY B 78 11.56 -0.22 1.36
CA GLY B 78 10.71 -0.42 2.52
C GLY B 78 9.79 -1.61 2.35
N ILE B 79 9.21 -1.75 1.16
CA ILE B 79 8.30 -2.86 0.88
C ILE B 79 9.01 -4.20 1.02
N GLU B 80 10.23 -4.28 0.48
CA GLU B 80 10.99 -5.53 0.55
C GLU B 80 11.18 -5.94 2.01
N VAL B 81 11.49 -4.97 2.85
CA VAL B 81 11.70 -5.24 4.27
C VAL B 81 10.43 -5.75 4.94
N PHE B 82 9.33 -5.04 4.73
CA PHE B 82 8.06 -5.44 5.34
C PHE B 82 7.55 -6.74 4.72
N ALA B 83 7.75 -6.90 3.42
CA ALA B 83 7.31 -8.09 2.73
C ALA B 83 8.05 -9.31 3.25
N LEU B 84 9.33 -9.15 3.54
CA LEU B 84 10.14 -10.25 4.04
C LEU B 84 9.59 -10.72 5.38
N VAL B 85 9.22 -9.77 6.23
CA VAL B 85 8.67 -10.10 7.54
C VAL B 85 7.53 -11.10 7.38
N THR B 86 7.05 -11.22 6.15
CA THR B 86 5.96 -12.16 5.87
C THR B 86 6.30 -13.52 6.47
N ALA B 87 7.56 -13.92 6.32
CA ALA B 87 8.02 -15.19 6.84
C ALA B 87 7.60 -15.35 8.31
N ALA B 88 7.68 -14.25 9.06
CA ALA B 88 7.31 -14.29 10.47
C ALA B 88 5.80 -14.20 10.64
N LEU B 89 5.10 -13.86 9.55
CA LEU B 89 3.65 -13.75 9.58
C LEU B 89 3.01 -15.08 9.17
N ALA B 90 3.70 -15.82 8.33
CA ALA B 90 3.20 -17.12 7.87
C ALA B 90 3.08 -18.07 9.05
N THR B 91 4.09 -18.01 9.91
CA THR B 91 4.14 -18.87 11.08
C THR B 91 3.20 -18.35 12.16
N ASP B 92 2.61 -17.19 11.90
CA ASP B 92 1.70 -16.58 12.87
C ASP B 92 0.58 -17.54 13.27
N PHE B 93 -0.07 -18.12 12.27
CA PHE B 93 -1.16 -19.05 12.53
C PHE B 93 -0.64 -20.34 13.17
N VAL B 94 0.46 -20.86 12.64
CA VAL B 94 1.05 -22.10 13.14
C VAL B 94 0.98 -22.17 14.67
N ARG B 95 0.97 -21.02 15.32
CA ARG B 95 0.93 -20.98 16.78
C ARG B 95 -0.36 -21.59 17.32
N ARG B 96 -1.46 -21.39 16.60
CA ARG B 96 -2.74 -21.94 17.02
C ARG B 96 -2.56 -23.38 17.49
N GLU B 97 -1.57 -24.06 16.93
CA GLU B 97 -1.30 -25.46 17.28
C GLU B 97 -0.98 -25.60 18.77
N GLU B 98 -0.13 -24.72 19.28
CA GLU B 98 0.25 -24.76 20.69
C GLU B 98 -0.92 -24.33 21.56
N GLU B 99 -1.75 -23.43 21.05
CA GLU B 99 -2.91 -22.94 21.79
C GLU B 99 -3.90 -24.06 22.06
N ARG B 100 -4.01 -24.99 21.11
CA ARG B 100 -4.94 -26.11 21.26
C ARG B 100 -4.58 -26.96 22.49
N ARG B 101 -3.29 -27.24 22.65
CA ARG B 101 -2.81 -28.05 23.77
C ARG B 101 -2.26 -27.13 24.87
N GLY B 102 -2.29 -25.83 24.61
CA GLY B 102 -1.79 -24.85 25.59
C GLY B 102 -0.26 -24.79 25.57
N HIS B 103 0.35 -25.54 24.66
CA HIS B 103 1.81 -25.58 24.55
C HIS B 103 2.24 -26.42 23.36
N SER C 1 -16.83 -18.76 15.17
CA SER C 1 -15.37 -18.62 15.40
C SER C 1 -14.62 -19.65 14.57
N ALA C 2 -13.30 -19.53 14.53
CA ALA C 2 -12.47 -20.46 13.76
C ALA C 2 -11.06 -20.51 14.34
N ASP C 3 -10.89 -19.93 15.52
CA ASP C 3 -9.59 -19.92 16.17
C ASP C 3 -8.53 -19.28 15.27
N HIS C 4 -8.82 -18.05 14.81
CA HIS C 4 -7.88 -17.35 13.94
C HIS C 4 -8.35 -15.91 13.70
N GLU C 5 -9.67 -15.70 13.72
CA GLU C 5 -10.24 -14.36 13.52
C GLU C 5 -10.25 -13.57 14.82
N ARG C 6 -10.21 -14.28 15.95
CA ARG C 6 -10.21 -13.61 17.24
C ARG C 6 -8.96 -12.76 17.39
N GLU C 7 -7.83 -13.29 16.96
CA GLU C 7 -6.57 -12.58 17.05
C GLU C 7 -6.59 -11.35 16.13
N ALA C 8 -7.08 -11.54 14.91
CA ALA C 8 -7.16 -10.43 13.96
C ALA C 8 -8.13 -9.37 14.46
N GLN C 9 -9.23 -9.81 15.08
CA GLN C 9 -10.22 -8.88 15.60
C GLN C 9 -9.60 -7.96 16.65
N LYS C 10 -8.81 -8.55 17.55
CA LYS C 10 -8.15 -7.77 18.59
C LYS C 10 -7.18 -6.76 17.97
N ALA C 11 -6.58 -7.16 16.86
CA ALA C 11 -5.62 -6.30 16.17
C ALA C 11 -6.27 -5.00 15.71
N GLU C 12 -7.52 -5.10 15.25
CA GLU C 12 -8.23 -3.92 14.76
C GLU C 12 -8.38 -2.88 15.87
N GLU C 13 -8.62 -3.36 17.10
CA GLU C 13 -8.78 -2.46 18.23
C GLU C 13 -7.47 -1.72 18.52
N GLU C 14 -6.34 -2.39 18.28
CA GLU C 14 -5.04 -1.77 18.53
C GLU C 14 -4.88 -0.50 17.71
N LEU C 15 -5.25 -0.57 16.44
CA LEU C 15 -5.13 0.59 15.56
C LEU C 15 -6.02 1.73 16.06
N GLN C 16 -7.23 1.39 16.48
CA GLN C 16 -8.17 2.39 16.96
C GLN C 16 -7.60 3.18 18.13
N LYS C 17 -6.94 2.50 19.06
CA LYS C 17 -6.36 3.16 20.22
C LYS C 17 -5.28 4.16 19.80
N VAL C 18 -4.47 3.77 18.83
CA VAL C 18 -3.40 4.64 18.34
C VAL C 18 -3.96 5.91 17.73
N LEU C 19 -5.09 5.78 17.04
CA LEU C 19 -5.71 6.93 16.40
C LEU C 19 -6.08 7.97 17.44
N GLU C 20 -6.58 7.52 18.58
CA GLU C 20 -6.96 8.43 19.65
C GLU C 20 -5.74 9.24 20.10
N GLU C 21 -4.64 8.54 20.39
CA GLU C 21 -3.41 9.20 20.83
C GLU C 21 -2.80 9.99 19.66
N ALA C 22 -2.79 9.37 18.48
CA ALA C 22 -2.22 10.03 17.30
C ALA C 22 -2.99 11.32 17.00
N SER C 23 -4.31 11.25 17.04
CA SER C 23 -5.13 12.42 16.76
C SER C 23 -4.86 13.52 17.77
N LYS C 24 -4.80 13.15 19.04
CA LYS C 24 -4.53 14.14 20.08
C LYS C 24 -3.12 14.69 19.93
N LYS C 25 -2.20 13.83 19.52
CA LYS C 25 -0.83 14.26 19.32
C LYS C 25 -0.70 15.13 18.08
N ALA C 26 -1.39 14.73 17.01
CA ALA C 26 -1.33 15.46 15.74
C ALA C 26 -1.64 16.94 15.94
N VAL C 27 -2.77 17.24 16.58
CA VAL C 27 -3.14 18.64 16.80
C VAL C 27 -2.12 19.32 17.69
N GLU C 28 -1.72 18.64 18.76
CA GLU C 28 -0.74 19.19 19.68
C GLU C 28 0.62 19.35 19.00
N ALA C 29 0.95 18.40 18.13
CA ALA C 29 2.22 18.45 17.42
C ALA C 29 2.29 19.70 16.55
N GLU C 30 1.18 20.04 15.91
CA GLU C 30 1.14 21.22 15.05
C GLU C 30 1.21 22.51 15.88
N ARG C 31 0.57 22.49 17.03
CA ARG C 31 0.56 23.66 17.91
C ARG C 31 1.99 24.07 18.26
N GLY C 32 2.49 25.09 17.58
CA GLY C 32 3.85 25.60 17.83
C GLY C 32 4.74 25.42 16.59
N ALA C 33 4.26 24.63 15.63
CA ALA C 33 5.01 24.40 14.41
C ALA C 33 4.70 25.47 13.36
N PRO C 34 5.66 25.89 12.56
CA PRO C 34 5.42 26.93 11.51
C PRO C 34 4.67 26.39 10.30
N GLY C 35 3.80 27.20 9.74
CA GLY C 35 3.03 26.79 8.56
C GLY C 35 2.18 25.56 8.86
N ALA C 36 1.79 25.41 10.12
CA ALA C 36 0.96 24.27 10.51
C ALA C 36 -0.40 24.35 9.86
N ALA C 37 -0.93 23.21 9.43
CA ALA C 37 -2.24 23.15 8.78
C ALA C 37 -3.22 22.37 9.65
N LEU C 38 -2.72 21.33 10.31
CA LEU C 38 -3.57 20.51 11.18
C LEU C 38 -3.54 21.04 12.60
N ILE C 39 -4.26 22.13 12.85
CA ILE C 39 -4.31 22.73 14.19
C ILE C 39 -5.69 22.53 14.81
N SER C 40 -6.62 22.01 14.03
CA SER C 40 -7.97 21.77 14.51
C SER C 40 -8.03 20.45 15.27
N TYR C 41 -8.70 20.47 16.42
CA TYR C 41 -8.86 19.27 17.23
C TYR C 41 -9.95 18.35 16.66
N PRO C 42 -11.13 18.88 16.34
CA PRO C 42 -12.24 18.04 15.76
C PRO C 42 -11.83 17.37 14.44
N ASP C 43 -10.93 18.01 13.71
CA ASP C 43 -10.48 17.47 12.43
C ASP C 43 -9.30 16.52 12.62
N ALA C 44 -8.64 16.58 13.77
CA ALA C 44 -7.49 15.72 14.04
C ALA C 44 -7.91 14.25 14.01
N ILE C 45 -9.05 13.95 14.62
CA ILE C 45 -9.53 12.57 14.63
C ILE C 45 -9.87 12.11 13.22
N TRP C 46 -10.50 12.97 12.45
CA TRP C 46 -10.88 12.64 11.08
C TRP C 46 -9.64 12.38 10.24
N TRP C 47 -8.66 13.26 10.33
CA TRP C 47 -7.42 13.09 9.59
C TRP C 47 -6.71 11.83 10.05
N SER C 48 -6.71 11.59 11.36
CA SER C 48 -6.04 10.43 11.92
C SER C 48 -6.63 9.13 11.36
N VAL C 49 -7.94 9.12 11.13
CA VAL C 49 -8.60 7.92 10.62
C VAL C 49 -8.07 7.53 9.25
N GLU C 50 -7.99 8.50 8.33
CA GLU C 50 -7.49 8.20 6.99
C GLU C 50 -5.98 7.99 7.01
N THR C 51 -5.31 8.59 7.99
CA THR C 51 -3.86 8.47 8.10
C THR C 51 -3.44 7.03 8.32
N ALA C 52 -4.14 6.33 9.21
CA ALA C 52 -3.80 4.95 9.53
C ALA C 52 -3.79 4.10 8.25
N THR C 53 -4.46 4.58 7.21
CA THR C 53 -4.51 3.84 5.95
C THR C 53 -3.28 4.15 5.11
N THR C 54 -2.42 5.05 5.61
CA THR C 54 -1.21 5.43 4.91
C THR C 54 -1.54 6.05 3.56
N VAL C 55 -2.82 6.08 3.21
CA VAL C 55 -3.25 6.64 1.94
C VAL C 55 -2.95 8.14 1.88
N GLY C 56 -3.25 8.85 2.96
CA GLY C 56 -3.01 10.29 3.01
C GLY C 56 -3.98 11.02 2.10
N TYR C 57 -3.92 10.70 0.82
CA TYR C 57 -4.79 11.31 -0.17
C TYR C 57 -4.42 12.77 -0.40
N GLY C 58 -4.11 13.49 0.68
CA GLY C 58 -3.74 14.90 0.60
C GLY C 58 -4.70 15.76 1.42
N ASP C 59 -5.33 15.17 2.42
CA ASP C 59 -6.27 15.90 3.26
C ASP C 59 -5.55 17.04 3.99
N ARG C 60 -4.41 16.70 4.60
CA ARG C 60 -3.62 17.69 5.34
C ARG C 60 -2.14 17.41 5.15
N TYR C 61 -1.29 18.20 5.80
CA TYR C 61 0.15 18.02 5.68
C TYR C 61 0.89 18.56 6.92
N PRO C 62 1.41 17.71 7.79
CA PRO C 62 2.13 18.18 9.02
C PRO C 62 3.47 18.84 8.68
N VAL C 63 3.94 19.70 9.57
CA VAL C 63 5.22 20.39 9.36
C VAL C 63 6.38 19.49 9.77
N THR C 64 7.39 20.08 10.40
CA THR C 64 8.57 19.33 10.84
C THR C 64 8.65 19.32 12.38
N GLU C 65 8.31 20.44 13.00
CA GLU C 65 8.35 20.54 14.46
C GLU C 65 7.36 19.56 15.07
N GLU C 66 6.30 19.26 14.32
CA GLU C 66 5.27 18.32 14.78
C GLU C 66 5.82 16.88 14.75
N GLY C 67 7.11 16.80 14.95
CA GLY C 67 7.78 15.51 14.99
C GLY C 67 7.23 14.58 13.93
N ARG C 68 7.41 14.93 12.63
CA ARG C 68 6.89 14.12 11.50
C ARG C 68 6.69 12.66 11.92
N LYS C 69 7.54 12.18 12.80
CA LYS C 69 7.39 10.85 13.31
C LYS C 69 5.95 10.64 13.80
N VAL C 70 5.19 11.73 14.01
CA VAL C 70 3.81 11.58 14.46
C VAL C 70 3.00 10.79 13.43
N ALA C 71 3.15 11.15 12.15
CA ALA C 71 2.43 10.47 11.09
C ALA C 71 3.06 9.10 10.84
N GLU C 72 4.35 9.00 11.10
CA GLU C 72 5.08 7.75 10.88
C GLU C 72 4.63 6.68 11.88
N GLN C 73 4.47 7.09 13.14
CA GLN C 73 4.08 6.14 14.18
C GLN C 73 2.69 5.55 13.93
N VAL C 74 1.72 6.41 13.63
CA VAL C 74 0.36 5.92 13.39
C VAL C 74 0.30 5.03 12.15
N MET C 75 0.96 5.44 11.08
CA MET C 75 0.95 4.66 9.85
C MET C 75 1.64 3.31 10.05
N LYS C 76 2.74 3.31 10.79
CA LYS C 76 3.47 2.07 11.03
C LYS C 76 2.60 1.08 11.81
N ALA C 77 1.89 1.59 12.81
CA ALA C 77 1.02 0.73 13.62
C ALA C 77 -0.09 0.13 12.75
N GLY C 78 -0.63 0.95 11.84
CA GLY C 78 -1.70 0.50 10.96
C GLY C 78 -1.24 -0.62 10.03
N ILE C 79 -0.04 -0.46 9.48
CA ILE C 79 0.49 -1.46 8.56
C ILE C 79 0.67 -2.80 9.26
N GLU C 80 1.20 -2.76 10.48
CA GLU C 80 1.42 -3.98 11.24
C GLU C 80 0.09 -4.63 11.64
N VAL C 81 -0.89 -3.81 12.02
CA VAL C 81 -2.19 -4.34 12.42
C VAL C 81 -2.87 -5.06 11.25
N PHE C 82 -2.93 -4.41 10.10
CA PHE C 82 -3.56 -5.00 8.93
C PHE C 82 -2.73 -6.18 8.40
N ALA C 83 -1.42 -6.03 8.43
CA ALA C 83 -0.53 -7.09 7.94
C ALA C 83 -0.54 -8.28 8.90
N LEU C 84 -0.70 -8.00 10.19
CA LEU C 84 -0.71 -9.05 11.19
C LEU C 84 -1.86 -10.04 10.98
N VAL C 85 -3.05 -9.52 10.66
CA VAL C 85 -4.20 -10.39 10.45
C VAL C 85 -3.83 -11.54 9.50
N THR C 86 -2.67 -11.43 8.86
CA THR C 86 -2.23 -12.47 7.93
C THR C 86 -2.37 -13.85 8.56
N ALA C 87 -2.44 -13.87 9.89
CA ALA C 87 -2.59 -15.12 10.62
C ALA C 87 -3.87 -15.82 10.19
N ALA C 88 -4.90 -15.05 9.90
CA ALA C 88 -6.19 -15.60 9.47
C ALA C 88 -6.16 -15.93 7.98
N LEU C 89 -5.44 -15.10 7.22
CA LEU C 89 -5.34 -15.30 5.78
C LEU C 89 -4.61 -16.61 5.46
N ALA C 90 -3.56 -16.89 6.23
CA ALA C 90 -2.76 -18.10 6.02
C ALA C 90 -3.62 -19.36 6.14
N THR C 91 -4.41 -19.42 7.18
CA THR C 91 -5.28 -20.58 7.42
C THR C 91 -6.47 -20.56 6.46
N ASP C 92 -6.56 -19.49 5.67
CA ASP C 92 -7.67 -19.38 4.72
C ASP C 92 -7.70 -20.57 3.77
N PHE C 93 -6.54 -20.90 3.21
CA PHE C 93 -6.45 -22.03 2.28
C PHE C 93 -6.48 -23.36 3.03
N VAL C 94 -5.73 -23.44 4.13
CA VAL C 94 -5.66 -24.65 4.92
C VAL C 94 -7.03 -25.31 5.09
N ARG C 95 -8.08 -24.52 5.04
CA ARG C 95 -9.44 -25.03 5.20
C ARG C 95 -9.77 -26.04 4.11
N ARG C 96 -9.07 -25.97 2.99
CA ARG C 96 -9.32 -26.88 1.88
C ARG C 96 -8.78 -28.28 2.19
N GLU C 97 -8.05 -28.38 3.31
CA GLU C 97 -7.46 -29.66 3.70
C GLU C 97 -8.53 -30.74 3.85
N GLU C 98 -9.57 -30.42 4.62
CA GLU C 98 -10.66 -31.37 4.84
C GLU C 98 -11.45 -31.56 3.55
N GLU C 99 -11.59 -30.50 2.77
CA GLU C 99 -12.32 -30.56 1.52
C GLU C 99 -11.68 -31.56 0.57
N ARG C 100 -10.38 -31.80 0.76
CA ARG C 100 -9.65 -32.74 -0.10
C ARG C 100 -10.27 -34.13 0.00
N ARG C 101 -10.58 -34.56 1.22
CA ARG C 101 -11.17 -35.89 1.43
C ARG C 101 -12.66 -35.76 1.75
N GLY C 102 -13.13 -34.52 1.89
CA GLY C 102 -14.53 -34.28 2.20
C GLY C 102 -14.82 -34.49 3.67
N HIS C 103 -13.76 -34.68 4.45
CA HIS C 103 -13.91 -34.90 5.89
C HIS C 103 -14.01 -33.56 6.63
N SER D 1 -10.90 -26.56 -11.07
CA SER D 1 -9.47 -26.18 -11.23
C SER D 1 -9.09 -25.17 -10.16
N ALA D 2 -8.35 -25.64 -9.15
CA ALA D 2 -7.91 -24.78 -8.07
C ALA D 2 -9.09 -24.42 -7.16
N ASP D 3 -10.17 -23.95 -7.78
CA ASP D 3 -11.37 -23.57 -7.03
C ASP D 3 -11.14 -22.29 -6.24
N HIS D 4 -9.90 -22.09 -5.78
CA HIS D 4 -9.56 -20.90 -5.00
C HIS D 4 -9.30 -19.71 -5.92
N GLU D 5 -9.00 -19.99 -7.18
CA GLU D 5 -8.73 -18.93 -8.14
C GLU D 5 -10.00 -18.14 -8.44
N ARG D 6 -11.12 -18.86 -8.58
CA ARG D 6 -12.39 -18.22 -8.88
C ARG D 6 -12.83 -17.33 -7.72
N GLU D 7 -12.56 -17.79 -6.50
CA GLU D 7 -12.94 -17.01 -5.31
C GLU D 7 -12.21 -15.69 -5.31
N ALA D 8 -10.92 -15.72 -5.61
CA ALA D 8 -10.11 -14.51 -5.64
C ALA D 8 -10.56 -13.58 -6.76
N GLN D 9 -10.91 -14.16 -7.91
CA GLN D 9 -11.37 -13.36 -9.04
C GLN D 9 -12.69 -12.66 -8.71
N LYS D 10 -13.58 -13.39 -8.05
CA LYS D 10 -14.88 -12.83 -7.68
C LYS D 10 -14.71 -11.67 -6.71
N ALA D 11 -13.73 -11.79 -5.82
CA ALA D 11 -13.47 -10.75 -4.83
C ALA D 11 -13.14 -9.42 -5.50
N GLU D 12 -12.40 -9.47 -6.60
CA GLU D 12 -12.02 -8.26 -7.31
C GLU D 12 -13.26 -7.56 -7.87
N GLU D 13 -14.19 -8.35 -8.41
CA GLU D 13 -15.42 -7.80 -8.98
C GLU D 13 -16.27 -7.15 -7.88
N GLU D 14 -16.21 -7.72 -6.68
CA GLU D 14 -16.99 -7.20 -5.57
C GLU D 14 -16.53 -5.79 -5.22
N LEU D 15 -15.23 -5.54 -5.28
CA LEU D 15 -14.69 -4.22 -4.96
C LEU D 15 -15.25 -3.18 -5.93
N GLN D 16 -15.34 -3.55 -7.21
CA GLN D 16 -15.83 -2.63 -8.22
C GLN D 16 -17.24 -2.14 -7.89
N LYS D 17 -18.09 -3.04 -7.38
CA LYS D 17 -19.47 -2.66 -7.04
C LYS D 17 -19.50 -1.86 -5.74
N VAL D 18 -18.44 -1.94 -4.94
CA VAL D 18 -18.42 -1.26 -3.65
C VAL D 18 -18.17 0.23 -3.83
N LEU D 19 -17.07 0.56 -4.47
CA LEU D 19 -16.71 1.94 -4.71
C LEU D 19 -17.78 2.62 -5.56
N GLU D 20 -18.44 1.82 -6.39
CA GLU D 20 -19.49 2.33 -7.25
C GLU D 20 -20.66 2.85 -6.41
N GLU D 21 -21.05 2.07 -5.40
CA GLU D 21 -22.14 2.49 -4.54
C GLU D 21 -21.72 3.73 -3.74
N ALA D 22 -20.46 3.76 -3.35
CA ALA D 22 -19.95 4.90 -2.59
C ALA D 22 -19.97 6.17 -3.43
N SER D 23 -19.72 6.02 -4.72
CA SER D 23 -19.70 7.19 -5.61
C SER D 23 -21.03 7.92 -5.57
N LYS D 24 -22.12 7.17 -5.61
CA LYS D 24 -23.45 7.78 -5.58
C LYS D 24 -23.64 8.53 -4.26
N LYS D 25 -23.04 8.00 -3.20
CA LYS D 25 -23.14 8.63 -1.89
C LYS D 25 -22.10 9.74 -1.73
N ALA D 26 -20.94 9.56 -2.35
CA ALA D 26 -19.85 10.54 -2.26
C ALA D 26 -20.30 11.89 -2.81
N VAL D 27 -20.95 11.88 -3.97
CA VAL D 27 -21.42 13.13 -4.58
C VAL D 27 -22.41 13.81 -3.65
N GLU D 28 -23.35 13.03 -3.12
CA GLU D 28 -24.35 13.57 -2.22
C GLU D 28 -23.71 13.97 -0.89
N ALA D 29 -22.79 13.13 -0.41
CA ALA D 29 -22.10 13.40 0.84
C ALA D 29 -21.29 14.69 0.75
N GLU D 30 -20.57 14.85 -0.36
CA GLU D 30 -19.76 16.06 -0.56
C GLU D 30 -20.64 17.27 -0.84
N ARG D 31 -21.70 17.05 -1.60
CA ARG D 31 -22.61 18.13 -1.93
C ARG D 31 -23.32 18.65 -0.69
N GLY D 32 -23.12 19.94 -0.40
CA GLY D 32 -23.75 20.57 0.75
C GLY D 32 -22.76 20.70 1.91
N ALA D 33 -21.52 20.28 1.69
CA ALA D 33 -20.49 20.35 2.72
C ALA D 33 -19.55 21.53 2.48
N PRO D 34 -19.01 22.12 3.52
CA PRO D 34 -18.07 23.28 3.37
C PRO D 34 -16.70 22.85 2.86
N GLY D 35 -16.20 23.55 1.84
CA GLY D 35 -14.90 23.24 1.27
C GLY D 35 -15.00 22.09 0.28
N ALA D 36 -16.23 21.66 -0.02
CA ALA D 36 -16.45 20.57 -0.96
C ALA D 36 -15.59 20.76 -2.21
N ALA D 37 -15.08 19.65 -2.74
CA ALA D 37 -14.25 19.68 -3.94
C ALA D 37 -14.64 18.56 -4.89
N LEU D 38 -15.48 17.64 -4.41
CA LEU D 38 -15.93 16.51 -5.24
C LEU D 38 -17.42 16.67 -5.56
N ILE D 39 -17.73 16.75 -6.86
CA ILE D 39 -19.12 16.90 -7.31
C ILE D 39 -19.35 16.12 -8.59
N SER D 40 -20.46 16.41 -9.25
CA SER D 40 -20.79 15.73 -10.51
C SER D 40 -20.88 14.22 -10.28
N TYR D 41 -21.95 13.62 -10.80
CA TYR D 41 -22.13 12.17 -10.68
C TYR D 41 -21.19 11.43 -11.63
N PRO D 42 -21.12 11.80 -12.91
CA PRO D 42 -20.23 11.11 -13.88
C PRO D 42 -18.76 11.17 -13.45
N ASP D 43 -18.39 12.24 -12.76
CA ASP D 43 -17.02 12.42 -12.30
C ASP D 43 -16.80 11.76 -10.94
N ALA D 44 -17.87 11.62 -10.16
CA ALA D 44 -17.77 11.00 -8.85
C ALA D 44 -17.37 9.53 -8.96
N ILE D 45 -17.91 8.86 -9.97
CA ILE D 45 -17.59 7.45 -10.21
C ILE D 45 -16.11 7.29 -10.52
N TRP D 46 -15.56 8.25 -11.25
CA TRP D 46 -14.14 8.20 -11.60
C TRP D 46 -13.28 8.34 -10.35
N TRP D 47 -13.61 9.30 -9.50
CA TRP D 47 -12.86 9.50 -8.28
C TRP D 47 -12.90 8.21 -7.45
N SER D 48 -13.97 7.44 -7.60
CA SER D 48 -14.11 6.20 -6.85
C SER D 48 -13.16 5.13 -7.41
N VAL D 49 -12.96 5.15 -8.73
CA VAL D 49 -12.09 4.18 -9.38
C VAL D 49 -10.66 4.28 -8.84
N GLU D 50 -10.14 5.50 -8.78
CA GLU D 50 -8.80 5.71 -8.27
C GLU D 50 -8.74 5.29 -6.81
N THR D 51 -9.81 5.57 -6.07
CA THR D 51 -9.86 5.18 -4.67
C THR D 51 -10.19 3.69 -4.59
N ALA D 52 -10.25 3.16 -3.38
CA ALA D 52 -10.54 1.74 -3.21
C ALA D 52 -9.28 0.93 -3.49
N THR D 53 -8.32 1.55 -4.17
CA THR D 53 -7.06 0.89 -4.52
C THR D 53 -5.92 1.43 -3.65
N THR D 54 -6.27 2.23 -2.65
CA THR D 54 -5.28 2.80 -1.75
C THR D 54 -4.25 3.61 -2.52
N VAL D 55 -4.67 4.72 -3.11
CA VAL D 55 -3.77 5.59 -3.88
C VAL D 55 -4.25 7.03 -3.83
N GLY D 56 -5.23 7.36 -4.67
CA GLY D 56 -5.75 8.73 -4.71
C GLY D 56 -4.66 9.72 -5.10
N TYR D 57 -4.60 10.06 -6.38
CA TYR D 57 -3.59 11.01 -6.86
C TYR D 57 -3.76 12.36 -6.19
N GLY D 58 -5.01 12.82 -6.08
CA GLY D 58 -5.30 14.11 -5.47
C GLY D 58 -6.28 14.91 -6.32
N ASP D 59 -6.90 14.25 -7.29
CA ASP D 59 -7.85 14.92 -8.17
C ASP D 59 -9.00 15.51 -7.36
N ARG D 60 -9.59 14.69 -6.49
CA ARG D 60 -10.69 15.15 -5.66
C ARG D 60 -10.61 14.48 -4.29
N TYR D 61 -10.60 15.27 -3.23
CA TYR D 61 -10.52 14.73 -1.88
C TYR D 61 -11.81 15.01 -1.08
N PRO D 62 -12.29 14.06 -0.31
CA PRO D 62 -13.53 14.25 0.51
C PRO D 62 -13.31 15.20 1.68
N VAL D 63 -14.41 15.74 2.20
CA VAL D 63 -14.34 16.68 3.33
C VAL D 63 -14.61 15.93 4.64
N THR D 64 -15.35 16.58 5.55
CA THR D 64 -15.68 15.97 6.84
C THR D 64 -17.19 15.73 6.96
N GLU D 65 -17.99 16.70 6.53
CA GLU D 65 -19.44 16.56 6.60
C GLU D 65 -19.92 15.46 5.66
N GLU D 66 -19.10 15.12 4.68
CA GLU D 66 -19.44 14.07 3.73
C GLU D 66 -19.26 12.70 4.41
N GLY D 67 -19.39 12.73 5.73
CA GLY D 67 -19.25 11.53 6.50
C GLY D 67 -18.04 10.76 6.02
N ARG D 68 -16.83 11.35 6.16
CA ARG D 68 -15.57 10.70 5.69
C ARG D 68 -15.71 9.19 5.67
N LYS D 69 -16.56 8.68 6.55
CA LYS D 69 -16.83 7.27 6.57
C LYS D 69 -17.19 6.80 5.16
N VAL D 70 -17.74 7.70 4.32
CA VAL D 70 -18.09 7.31 2.97
C VAL D 70 -16.84 6.91 2.20
N ALA D 71 -15.82 7.76 2.27
CA ALA D 71 -14.56 7.48 1.58
C ALA D 71 -13.79 6.40 2.32
N GLU D 72 -13.60 6.60 3.62
CA GLU D 72 -12.85 5.64 4.43
C GLU D 72 -13.36 4.23 4.21
N GLN D 73 -14.68 4.07 4.11
CA GLN D 73 -15.27 2.74 3.91
C GLN D 73 -14.82 2.12 2.60
N VAL D 74 -14.73 2.93 1.54
CA VAL D 74 -14.31 2.39 0.23
C VAL D 74 -12.88 1.84 0.29
N MET D 75 -11.98 2.60 0.92
CA MET D 75 -10.58 2.17 1.01
C MET D 75 -10.45 0.89 1.83
N LYS D 76 -11.18 0.81 2.93
CA LYS D 76 -11.12 -0.36 3.80
C LYS D 76 -11.63 -1.60 3.06
N ALA D 77 -12.72 -1.44 2.32
CA ALA D 77 -13.31 -2.56 1.57
C ALA D 77 -12.33 -3.07 0.52
N GLY D 78 -11.59 -2.15 -0.08
CA GLY D 78 -10.62 -2.52 -1.11
C GLY D 78 -9.43 -3.29 -0.51
N ILE D 79 -8.96 -2.86 0.66
CA ILE D 79 -7.83 -3.51 1.31
C ILE D 79 -8.12 -4.97 1.65
N GLU D 80 -9.31 -5.22 2.20
CA GLU D 80 -9.67 -6.58 2.58
C GLU D 80 -9.81 -7.48 1.35
N VAL D 81 -10.31 -6.90 0.26
CA VAL D 81 -10.49 -7.67 -0.97
C VAL D 81 -9.16 -8.19 -1.50
N PHE D 82 -8.17 -7.31 -1.59
CA PHE D 82 -6.87 -7.71 -2.10
C PHE D 82 -6.12 -8.55 -1.08
N ALA D 83 -6.70 -8.71 0.10
CA ALA D 83 -6.09 -9.52 1.15
C ALA D 83 -6.69 -10.92 1.16
N LEU D 84 -7.96 -11.02 0.80
CA LEU D 84 -8.63 -12.31 0.76
C LEU D 84 -8.01 -13.20 -0.31
N VAL D 85 -7.68 -12.60 -1.46
CA VAL D 85 -7.08 -13.35 -2.55
C VAL D 85 -5.84 -14.09 -2.05
N THR D 86 -5.45 -13.83 -0.81
CA THR D 86 -4.30 -14.49 -0.22
C THR D 86 -4.48 -15.99 -0.25
N ALA D 87 -5.68 -16.45 0.11
CA ALA D 87 -5.97 -17.88 0.12
C ALA D 87 -5.40 -18.55 -1.12
N ALA D 88 -5.33 -17.80 -2.22
CA ALA D 88 -4.80 -18.33 -3.47
C ALA D 88 -3.28 -18.17 -3.51
N LEU D 89 -2.80 -17.10 -2.88
CA LEU D 89 -1.36 -16.84 -2.84
C LEU D 89 -0.66 -17.88 -1.99
N ALA D 90 -1.30 -18.28 -0.90
CA ALA D 90 -0.73 -19.27 0.01
C ALA D 90 -0.47 -20.58 -0.71
N THR D 91 -1.47 -21.05 -1.44
CA THR D 91 -1.35 -22.31 -2.18
C THR D 91 -0.45 -22.13 -3.40
N ASP D 92 -0.02 -20.90 -3.64
CA ASP D 92 0.83 -20.61 -4.80
C ASP D 92 2.09 -21.49 -4.78
N PHE D 93 2.76 -21.53 -3.63
CA PHE D 93 3.97 -22.34 -3.52
C PHE D 93 3.63 -23.84 -3.46
N VAL D 94 2.61 -24.17 -2.67
CA VAL D 94 2.19 -25.56 -2.52
C VAL D 94 2.17 -26.29 -3.86
N ARG D 95 1.98 -25.54 -4.93
CA ARG D 95 1.93 -26.13 -6.26
C ARG D 95 3.22 -26.88 -6.57
N ARG D 96 4.34 -26.39 -6.03
CA ARG D 96 5.63 -27.02 -6.27
C ARG D 96 5.61 -28.47 -5.79
N GLU D 97 4.87 -28.72 -4.72
CA GLU D 97 4.76 -30.07 -4.16
C GLU D 97 3.91 -30.93 -5.09
N GLU D 98 4.00 -32.25 -4.92
CA GLU D 98 3.25 -33.20 -5.73
C GLU D 98 3.75 -33.18 -7.17
N GLU D 99 4.01 -31.98 -7.68
CA GLU D 99 4.49 -31.83 -9.04
C GLU D 99 5.89 -32.42 -9.18
N ARG D 100 6.69 -32.29 -8.13
CA ARG D 100 8.05 -32.81 -8.15
C ARG D 100 8.02 -34.33 -8.34
N ARG D 101 7.12 -34.99 -7.61
CA ARG D 101 7.00 -36.45 -7.70
C ARG D 101 6.26 -36.84 -8.98
N GLY D 102 5.60 -35.86 -9.61
CA GLY D 102 4.86 -36.12 -10.84
C GLY D 102 3.48 -36.68 -10.54
N HIS D 103 3.10 -36.68 -9.27
CA HIS D 103 1.80 -37.18 -8.86
C HIS D 103 0.69 -36.23 -9.29
N SER A 1 16.66 -19.18 -7.56
CA SER A 1 17.19 -20.18 -8.53
C SER A 1 16.59 -21.55 -8.23
N ALA A 2 16.27 -21.79 -6.95
CA ALA A 2 15.69 -23.06 -6.54
C ALA A 2 14.56 -23.46 -7.50
N ASP A 3 13.43 -22.78 -7.37
CA ASP A 3 12.28 -23.06 -8.21
C ASP A 3 11.19 -22.03 -8.00
N HIS A 4 10.89 -21.73 -6.73
CA HIS A 4 9.86 -20.75 -6.41
C HIS A 4 10.40 -19.33 -6.56
N GLU A 5 11.70 -19.18 -6.34
CA GLU A 5 12.33 -17.86 -6.47
C GLU A 5 12.32 -17.40 -7.92
N ARG A 6 12.48 -18.33 -8.83
CA ARG A 6 12.48 -18.01 -10.26
C ARG A 6 11.13 -17.44 -10.67
N GLU A 7 10.06 -17.98 -10.10
CA GLU A 7 8.72 -17.52 -10.42
C GLU A 7 8.54 -16.07 -9.96
N ALA A 8 9.06 -15.76 -8.77
CA ALA A 8 8.95 -14.41 -8.24
C ALA A 8 9.74 -13.44 -9.12
N GLN A 9 10.90 -13.88 -9.59
CA GLN A 9 11.73 -13.04 -10.44
C GLN A 9 11.04 -12.77 -11.77
N LYS A 10 10.37 -13.78 -12.30
CA LYS A 10 9.66 -13.65 -13.57
C LYS A 10 8.57 -12.59 -13.46
N ALA A 11 7.86 -12.60 -12.33
CA ALA A 11 6.78 -11.65 -12.11
C ALA A 11 7.31 -10.21 -12.13
N GLU A 12 8.51 -10.02 -11.59
CA GLU A 12 9.10 -8.69 -11.55
C GLU A 12 9.36 -8.17 -12.96
N GLU A 13 9.75 -9.06 -13.86
CA GLU A 13 10.02 -8.68 -15.24
C GLU A 13 8.75 -8.21 -15.92
N GLU A 14 7.63 -8.83 -15.56
CA GLU A 14 6.34 -8.47 -16.15
C GLU A 14 5.97 -7.04 -15.78
N LEU A 15 6.30 -6.63 -14.55
CA LEU A 15 5.98 -5.29 -14.09
C LEU A 15 6.70 -4.25 -14.94
N GLN A 16 7.96 -4.51 -15.24
CA GLN A 16 8.77 -3.58 -16.03
C GLN A 16 8.18 -3.39 -17.43
N LYS A 17 7.69 -4.49 -18.02
CA LYS A 17 7.12 -4.41 -19.36
C LYS A 17 5.89 -3.50 -19.39
N VAL A 18 5.07 -3.58 -18.35
CA VAL A 18 3.86 -2.76 -18.26
C VAL A 18 4.23 -1.29 -18.21
N LEU A 19 5.34 -0.97 -17.55
CA LEU A 19 5.77 0.42 -17.44
C LEU A 19 6.05 0.99 -18.82
N GLU A 20 6.71 0.21 -19.67
CA GLU A 20 7.01 0.66 -21.02
C GLU A 20 5.73 0.84 -21.82
N GLU A 21 4.81 -0.12 -21.70
CA GLU A 21 3.55 -0.06 -22.41
C GLU A 21 2.68 1.06 -21.86
N ALA A 22 2.69 1.21 -20.54
CA ALA A 22 1.89 2.24 -19.89
C ALA A 22 2.36 3.63 -20.31
N SER A 23 3.66 3.82 -20.39
CA SER A 23 4.20 5.11 -20.78
C SER A 23 3.73 5.49 -22.18
N LYS A 24 3.74 4.52 -23.08
CA LYS A 24 3.30 4.76 -24.44
C LYS A 24 1.81 5.06 -24.49
N LYS A 25 1.05 4.44 -23.58
CA LYS A 25 -0.40 4.65 -23.54
C LYS A 25 -0.74 5.94 -22.79
N ALA A 26 -0.12 6.12 -21.63
CA ALA A 26 -0.39 7.30 -20.80
C ALA A 26 -0.16 8.60 -21.57
N VAL A 27 0.95 8.67 -22.32
CA VAL A 27 1.24 9.87 -23.08
C VAL A 27 0.11 10.13 -24.07
N GLU A 28 -0.30 9.09 -24.78
CA GLU A 28 -1.39 9.21 -25.75
C GLU A 28 -2.72 9.38 -25.04
N ALA A 29 -2.85 8.75 -23.88
CA ALA A 29 -4.09 8.83 -23.10
C ALA A 29 -4.37 10.28 -22.70
N GLU A 30 -3.32 10.99 -22.30
CA GLU A 30 -3.46 12.39 -21.89
C GLU A 30 -3.27 13.32 -23.07
N ARG A 31 -2.93 12.77 -24.23
CA ARG A 31 -2.74 13.60 -25.41
C ARG A 31 -4.07 14.05 -25.98
N GLY A 32 -4.53 15.22 -25.53
CA GLY A 32 -5.80 15.77 -26.02
C GLY A 32 -6.84 15.85 -24.90
N ALA A 33 -6.58 15.15 -23.80
CA ALA A 33 -7.51 15.17 -22.67
C ALA A 33 -7.58 16.57 -22.06
N PRO A 34 -8.70 16.98 -21.52
CA PRO A 34 -8.85 18.33 -20.91
C PRO A 34 -8.16 18.44 -19.56
N GLY A 35 -7.51 19.58 -19.33
CA GLY A 35 -6.81 19.81 -18.06
C GLY A 35 -5.59 18.90 -17.94
N ALA A 36 -5.09 18.42 -19.07
CA ALA A 36 -3.93 17.53 -19.08
C ALA A 36 -2.64 18.35 -19.07
N ALA A 37 -1.52 17.68 -18.79
CA ALA A 37 -0.22 18.35 -18.75
C ALA A 37 0.88 17.37 -19.11
N LEU A 38 0.55 16.08 -19.14
CA LEU A 38 1.52 15.06 -19.47
C LEU A 38 1.93 15.19 -20.93
N ILE A 39 1.10 15.87 -21.73
CA ILE A 39 1.38 16.06 -23.16
C ILE A 39 2.88 16.18 -23.42
N SER A 40 3.51 15.03 -23.65
CA SER A 40 4.94 14.99 -23.89
C SER A 40 5.37 13.59 -24.34
N TYR A 41 6.35 13.01 -23.63
CA TYR A 41 6.85 11.67 -23.95
C TYR A 41 7.95 11.24 -22.96
N PRO A 42 9.04 11.96 -22.83
CA PRO A 42 10.14 11.58 -21.88
C PRO A 42 9.66 11.50 -20.44
N ASP A 43 8.69 12.33 -20.08
CA ASP A 43 8.17 12.33 -18.71
C ASP A 43 7.14 11.22 -18.51
N ALA A 44 6.72 10.58 -19.60
CA ALA A 44 5.74 9.50 -19.50
C ALA A 44 6.35 8.29 -18.80
N ILE A 45 7.61 8.02 -19.12
CA ILE A 45 8.31 6.91 -18.49
C ILE A 45 8.55 7.19 -17.01
N TRP A 46 8.86 8.44 -16.69
CA TRP A 46 9.11 8.80 -15.32
C TRP A 46 7.85 8.62 -14.47
N TRP A 47 6.73 9.16 -14.94
CA TRP A 47 5.47 9.02 -14.23
C TRP A 47 5.09 7.55 -14.16
N SER A 48 5.26 6.84 -15.26
CA SER A 48 4.92 5.43 -15.32
C SER A 48 5.61 4.67 -14.18
N VAL A 49 6.83 5.06 -13.86
CA VAL A 49 7.59 4.40 -12.79
C VAL A 49 7.18 4.95 -11.43
N GLU A 50 6.33 5.98 -11.44
CA GLU A 50 5.88 6.59 -10.20
C GLU A 50 4.42 6.23 -9.92
N THR A 51 4.06 4.99 -10.24
CA THR A 51 2.70 4.52 -10.02
C THR A 51 2.70 3.02 -9.72
N ALA A 52 3.59 2.29 -10.36
CA ALA A 52 3.68 0.84 -10.15
C ALA A 52 3.97 0.54 -8.69
N THR A 53 4.58 1.49 -7.99
CA THR A 53 4.89 1.31 -6.57
C THR A 53 3.71 1.79 -5.72
N THR A 54 2.64 2.17 -6.40
CA THR A 54 1.43 2.65 -5.73
C THR A 54 1.75 3.81 -4.79
N VAL A 55 2.07 4.97 -5.37
CA VAL A 55 2.39 6.16 -4.58
C VAL A 55 1.87 7.42 -5.27
N GLY A 56 2.73 8.10 -6.02
CA GLY A 56 2.33 9.31 -6.73
C GLY A 56 2.45 10.54 -5.83
N TYR A 57 3.65 11.12 -5.76
CA TYR A 57 3.88 12.31 -4.95
C TYR A 57 3.04 13.47 -5.46
N GLY A 58 2.98 13.62 -6.78
CA GLY A 58 2.21 14.70 -7.40
C GLY A 58 2.95 15.28 -8.60
N ASP A 59 3.89 14.51 -9.15
CA ASP A 59 4.66 14.96 -10.29
C ASP A 59 3.74 15.17 -11.49
N ARG A 60 2.72 14.30 -11.61
CA ARG A 60 1.78 14.38 -12.72
C ARG A 60 0.35 14.25 -12.21
N TYR A 61 -0.60 14.32 -13.15
CA TYR A 61 -2.01 14.22 -12.78
C TYR A 61 -2.86 13.86 -14.01
N PRO A 62 -3.14 12.59 -14.27
CA PRO A 62 -3.96 12.19 -15.46
C PRO A 62 -5.42 12.61 -15.32
N VAL A 63 -6.07 12.88 -16.45
CA VAL A 63 -7.48 13.30 -16.44
C VAL A 63 -8.39 12.08 -16.44
N THR A 64 -9.52 12.18 -17.14
CA THR A 64 -10.49 11.07 -17.21
C THR A 64 -10.51 10.47 -18.61
N GLU A 65 -10.42 11.32 -19.63
CA GLU A 65 -10.42 10.84 -21.00
C GLU A 65 -9.24 9.90 -21.24
N GLU A 66 -8.22 10.03 -20.38
CA GLU A 66 -7.04 9.20 -20.47
C GLU A 66 -7.34 7.80 -19.89
N GLY A 67 -8.62 7.47 -19.94
CA GLY A 67 -9.06 6.18 -19.48
C GLY A 67 -8.39 5.81 -18.16
N ARG A 68 -8.68 6.56 -17.08
CA ARG A 68 -8.07 6.32 -15.75
C ARG A 68 -7.60 4.87 -15.62
N LYS A 69 -8.33 3.97 -16.27
CA LYS A 69 -7.95 2.58 -16.27
C LYS A 69 -6.46 2.46 -16.61
N VAL A 70 -5.90 3.46 -17.34
CA VAL A 70 -4.49 3.41 -17.67
C VAL A 70 -3.62 3.45 -16.42
N ALA A 71 -3.95 4.38 -15.51
CA ALA A 71 -3.20 4.51 -14.26
C ALA A 71 -3.50 3.35 -13.31
N GLU A 72 -4.78 3.01 -13.18
CA GLU A 72 -5.19 1.91 -12.32
C GLU A 72 -4.57 0.59 -12.76
N GLN A 73 -4.55 0.37 -14.07
CA GLN A 73 -3.99 -0.87 -14.62
C GLN A 73 -2.55 -1.07 -14.13
N VAL A 74 -1.75 -0.01 -14.16
CA VAL A 74 -0.36 -0.11 -13.73
C VAL A 74 -0.28 -0.40 -12.23
N MET A 75 -1.08 0.32 -11.45
CA MET A 75 -1.07 0.12 -10.00
C MET A 75 -1.51 -1.29 -9.64
N LYS A 76 -2.55 -1.79 -10.31
CA LYS A 76 -3.04 -3.14 -10.05
C LYS A 76 -1.99 -4.16 -10.47
N ALA A 77 -1.35 -3.92 -11.61
CA ALA A 77 -0.33 -4.83 -12.12
C ALA A 77 0.80 -4.98 -11.11
N GLY A 78 1.20 -3.87 -10.50
CA GLY A 78 2.28 -3.89 -9.52
C GLY A 78 1.87 -4.68 -8.29
N ILE A 79 0.64 -4.45 -7.83
CA ILE A 79 0.14 -5.14 -6.64
C ILE A 79 0.08 -6.64 -6.89
N GLU A 80 -0.40 -7.04 -8.07
CA GLU A 80 -0.49 -8.44 -8.40
C GLU A 80 0.91 -9.06 -8.46
N VAL A 81 1.85 -8.34 -9.07
CA VAL A 81 3.22 -8.85 -9.17
C VAL A 81 3.86 -8.95 -7.80
N PHE A 82 3.76 -7.89 -7.00
CA PHE A 82 4.35 -7.88 -5.67
C PHE A 82 3.60 -8.83 -4.75
N ALA A 83 2.28 -8.89 -4.91
CA ALA A 83 1.46 -9.77 -4.06
C ALA A 83 1.84 -11.23 -4.29
N LEU A 84 2.14 -11.58 -5.53
CA LEU A 84 2.52 -12.95 -5.86
C LEU A 84 3.83 -13.34 -5.20
N VAL A 85 4.78 -12.40 -5.14
CA VAL A 85 6.08 -12.68 -4.53
C VAL A 85 5.89 -13.42 -3.21
N THR A 86 4.66 -13.43 -2.70
CA THR A 86 4.38 -14.11 -1.44
C THR A 86 4.77 -15.59 -1.56
N ALA A 87 4.37 -16.20 -2.68
CA ALA A 87 4.69 -17.60 -2.92
C ALA A 87 6.11 -17.91 -2.49
N ALA A 88 6.95 -16.88 -2.39
CA ALA A 88 8.36 -17.06 -2.00
C ALA A 88 8.62 -16.57 -0.58
N LEU A 89 7.78 -15.64 -0.10
CA LEU A 89 7.95 -15.09 1.24
C LEU A 89 7.78 -16.16 2.31
N ALA A 90 6.79 -17.03 2.15
CA ALA A 90 6.55 -18.08 3.13
C ALA A 90 7.61 -19.16 3.07
N THR A 91 7.65 -19.87 1.95
CA THR A 91 8.61 -20.95 1.76
C THR A 91 10.01 -20.49 2.16
N ASP A 92 10.16 -19.18 2.38
CA ASP A 92 11.44 -18.61 2.77
C ASP A 92 11.89 -19.17 4.13
N PHE A 93 11.24 -18.70 5.21
CA PHE A 93 11.59 -19.14 6.56
C PHE A 93 10.85 -20.40 6.96
N VAL A 94 9.67 -20.63 6.39
CA VAL A 94 8.87 -21.80 6.72
C VAL A 94 9.74 -23.06 6.84
N ARG A 95 10.87 -23.07 6.15
CA ARG A 95 11.78 -24.22 6.21
C ARG A 95 12.28 -24.44 7.63
N ARG A 96 12.45 -23.36 8.38
CA ARG A 96 12.93 -23.44 9.76
C ARG A 96 12.33 -24.64 10.48
N GLU A 97 11.06 -24.91 10.21
CA GLU A 97 10.38 -26.04 10.84
C GLU A 97 10.95 -27.34 10.27
N GLU A 98 11.16 -27.36 8.96
CA GLU A 98 11.70 -28.55 8.29
C GLU A 98 13.14 -28.79 8.72
N GLU A 99 13.88 -27.70 8.92
CA GLU A 99 15.28 -27.81 9.32
C GLU A 99 15.39 -28.50 10.68
N ARG A 100 14.52 -28.11 11.61
CA ARG A 100 14.54 -28.71 12.95
C ARG A 100 14.16 -30.19 12.87
N ARG A 101 13.14 -30.50 12.06
CA ARG A 101 12.68 -31.88 11.90
C ARG A 101 12.53 -32.22 10.42
N GLY A 102 13.52 -32.96 9.90
CA GLY A 102 13.51 -33.37 8.50
C GLY A 102 14.56 -32.60 7.69
N HIS A 103 15.62 -32.18 8.36
CA HIS A 103 16.69 -31.44 7.71
C HIS A 103 17.05 -32.08 6.37
N SER B 1 12.27 -12.05 21.25
CA SER B 1 11.11 -12.95 21.52
C SER B 1 11.29 -14.25 20.74
N ALA B 2 11.80 -14.14 19.52
CA ALA B 2 12.01 -15.31 18.68
C ALA B 2 13.02 -15.01 17.57
N ASP B 3 13.42 -16.05 16.84
CA ASP B 3 14.37 -15.89 15.76
C ASP B 3 13.79 -15.03 14.65
N HIS B 4 12.50 -15.21 14.37
CA HIS B 4 11.84 -14.43 13.32
C HIS B 4 11.45 -13.05 13.84
N GLU B 5 11.19 -12.97 15.14
CA GLU B 5 10.80 -11.70 15.76
C GLU B 5 11.95 -10.70 15.71
N ARG B 6 13.15 -11.17 16.05
CA ARG B 6 14.32 -10.30 16.04
C ARG B 6 14.71 -9.92 14.61
N GLU B 7 14.54 -10.86 13.69
CA GLU B 7 14.88 -10.60 12.30
C GLU B 7 13.93 -9.57 11.71
N ALA B 8 12.66 -9.68 12.05
CA ALA B 8 11.65 -8.75 11.56
C ALA B 8 11.95 -7.33 12.03
N GLN B 9 12.32 -7.19 13.31
CA GLN B 9 12.65 -5.89 13.86
C GLN B 9 13.92 -5.34 13.23
N LYS B 10 14.83 -6.25 12.90
CA LYS B 10 16.11 -5.86 12.30
C LYS B 10 15.87 -5.17 10.96
N ALA B 11 14.92 -5.68 10.20
CA ALA B 11 14.61 -5.11 8.89
C ALA B 11 14.22 -3.64 9.02
N GLU B 12 13.46 -3.32 10.05
CA GLU B 12 13.04 -1.94 10.28
C GLU B 12 14.25 -1.04 10.49
N GLU B 13 15.26 -1.56 11.18
CA GLU B 13 16.47 -0.79 11.44
C GLU B 13 17.20 -0.49 10.13
N GLU B 14 17.26 -1.48 9.25
CA GLU B 14 17.92 -1.33 7.97
C GLU B 14 17.18 -0.31 7.11
N LEU B 15 15.87 -0.23 7.29
CA LEU B 15 15.06 0.71 6.53
C LEU B 15 15.50 2.14 6.80
N GLN B 16 15.77 2.44 8.06
CA GLN B 16 16.19 3.78 8.44
C GLN B 16 17.49 4.16 7.72
N LYS B 17 18.43 3.22 7.66
CA LYS B 17 19.70 3.47 7.00
C LYS B 17 19.53 3.73 5.50
N VAL B 18 18.61 3.00 4.88
CA VAL B 18 18.38 3.13 3.44
C VAL B 18 17.91 4.53 3.05
N LEU B 19 16.70 4.89 3.49
CA LEU B 19 16.14 6.19 3.18
C LEU B 19 17.10 7.28 3.64
N GLU B 20 17.84 7.01 4.71
CA GLU B 20 18.82 7.96 5.20
C GLU B 20 19.91 8.19 4.15
N GLU B 21 20.38 7.10 3.56
CA GLU B 21 21.39 7.20 2.52
C GLU B 21 20.84 7.95 1.32
N ALA B 22 19.57 7.70 1.03
CA ALA B 22 18.91 8.37 -0.09
C ALA B 22 18.87 9.87 0.17
N SER B 23 18.73 10.24 1.43
CA SER B 23 18.68 11.66 1.79
C SER B 23 19.90 12.40 1.26
N LYS B 24 21.08 11.80 1.44
CA LYS B 24 22.29 12.44 0.95
C LYS B 24 22.19 12.68 -0.55
N LYS B 25 21.95 11.60 -1.30
CA LYS B 25 21.83 11.71 -2.74
C LYS B 25 20.71 12.66 -3.12
N ALA B 26 19.60 12.61 -2.36
CA ALA B 26 18.46 13.48 -2.65
C ALA B 26 18.88 14.95 -2.63
N VAL B 27 19.72 15.34 -1.68
CA VAL B 27 20.17 16.73 -1.60
C VAL B 27 20.96 17.10 -2.85
N GLU B 28 21.92 16.26 -3.20
CA GLU B 28 22.75 16.50 -4.39
C GLU B 28 21.94 16.31 -5.67
N ALA B 29 21.03 15.34 -5.64
CA ALA B 29 20.18 15.05 -6.79
C ALA B 29 19.40 16.29 -7.19
N GLU B 30 18.80 16.96 -6.21
CA GLU B 30 18.02 18.17 -6.48
C GLU B 30 18.92 19.33 -6.89
N ARG B 31 20.04 19.47 -6.20
CA ARG B 31 20.98 20.54 -6.50
C ARG B 31 21.37 20.53 -7.97
N GLY B 32 20.67 21.33 -8.77
CA GLY B 32 20.94 21.43 -10.20
C GLY B 32 19.77 20.93 -11.02
N ALA B 33 18.63 20.71 -10.36
CA ALA B 33 17.43 20.23 -11.05
C ALA B 33 16.44 21.38 -11.30
N PRO B 34 15.83 21.47 -12.46
CA PRO B 34 14.86 22.56 -12.77
C PRO B 34 13.50 22.33 -12.09
N GLY B 35 12.92 23.40 -11.57
CA GLY B 35 11.62 23.32 -10.91
C GLY B 35 11.71 22.55 -9.59
N ALA B 36 12.93 22.15 -9.23
CA ALA B 36 13.14 21.40 -7.99
C ALA B 36 12.39 22.06 -6.84
N ALA B 37 12.45 21.43 -5.67
CA ALA B 37 11.77 21.97 -4.50
C ALA B 37 12.52 21.58 -3.23
N LEU B 38 13.21 20.44 -3.27
CA LEU B 38 13.97 19.96 -2.12
C LEU B 38 15.45 20.30 -2.29
N ILE B 39 15.98 21.09 -1.36
CA ILE B 39 17.38 21.47 -1.38
C ILE B 39 17.88 21.75 0.04
N SER B 40 17.89 20.71 0.87
CA SER B 40 18.34 20.85 2.24
C SER B 40 18.51 19.49 2.91
N TYR B 41 19.68 19.29 3.52
CA TYR B 41 19.97 18.05 4.24
C TYR B 41 18.96 17.80 5.35
N PRO B 42 18.73 18.76 6.22
CA PRO B 42 17.76 18.59 7.36
C PRO B 42 16.36 18.22 6.89
N ASP B 43 15.96 18.72 5.72
CA ASP B 43 14.64 18.42 5.19
C ASP B 43 14.68 17.21 4.26
N ALA B 44 15.87 16.93 3.71
CA ALA B 44 16.01 15.79 2.80
C ALA B 44 15.78 14.48 3.54
N ILE B 45 16.27 14.41 4.77
CA ILE B 45 16.09 13.21 5.58
C ILE B 45 14.62 12.98 5.89
N TRP B 46 13.89 14.06 6.12
CA TRP B 46 12.47 13.99 6.43
C TRP B 46 11.70 13.43 5.22
N TRP B 47 12.01 13.95 4.03
CA TRP B 47 11.35 13.48 2.83
C TRP B 47 11.62 12.00 2.60
N SER B 48 12.85 11.57 2.86
CA SER B 48 13.22 10.17 2.66
C SER B 48 12.37 9.24 3.55
N VAL B 49 12.07 9.70 4.76
CA VAL B 49 11.30 8.89 5.71
C VAL B 49 9.91 8.56 5.17
N GLU B 50 9.20 9.56 4.66
CA GLU B 50 7.86 9.33 4.13
C GLU B 50 7.92 8.47 2.87
N THR B 51 9.00 8.60 2.11
CA THR B 51 9.16 7.84 0.88
C THR B 51 9.18 6.34 1.14
N ALA B 52 9.94 5.92 2.16
CA ALA B 52 10.05 4.50 2.48
C ALA B 52 8.68 3.91 2.83
N THR B 53 7.81 4.72 3.41
CA THR B 53 6.49 4.26 3.80
C THR B 53 5.61 4.04 2.57
N THR B 54 6.12 4.43 1.40
CA THR B 54 5.37 4.29 0.16
C THR B 54 4.03 5.00 0.27
N VAL B 55 4.07 6.33 0.40
CA VAL B 55 2.85 7.12 0.51
C VAL B 55 3.05 8.52 -0.06
N GLY B 56 4.16 9.15 0.32
CA GLY B 56 4.47 10.50 -0.17
C GLY B 56 3.21 11.37 -0.16
N TYR B 57 2.91 11.96 1.00
CA TYR B 57 1.74 12.81 1.13
C TYR B 57 1.85 14.04 0.23
N GLY B 58 3.04 14.62 0.19
CA GLY B 58 3.27 15.81 -0.63
C GLY B 58 4.60 16.46 -0.28
N ASP B 59 4.58 17.38 0.67
CA ASP B 59 5.79 18.07 1.09
C ASP B 59 6.64 18.47 -0.11
N ARG B 60 7.53 17.56 -0.51
CA ARG B 60 8.42 17.80 -1.65
C ARG B 60 8.11 16.83 -2.78
N TYR B 61 8.93 16.86 -3.82
CA TYR B 61 8.73 15.97 -4.96
C TYR B 61 9.90 16.09 -5.95
N PRO B 62 10.66 15.04 -6.21
CA PRO B 62 11.82 15.12 -7.16
C PRO B 62 11.37 15.31 -8.61
N VAL B 63 12.27 15.83 -9.44
CA VAL B 63 11.96 16.07 -10.85
C VAL B 63 12.49 14.90 -11.70
N THR B 64 13.28 15.21 -12.74
CA THR B 64 13.83 14.20 -13.62
C THR B 64 15.35 14.13 -13.51
N GLU B 65 15.98 15.29 -13.33
CA GLU B 65 17.44 15.34 -13.21
C GLU B 65 17.90 14.62 -11.94
N GLU B 66 17.06 14.66 -10.90
CA GLU B 66 17.38 14.00 -9.64
C GLU B 66 17.11 12.50 -9.75
N GLY B 67 17.28 12.02 -10.98
CA GLY B 67 17.11 10.62 -11.27
C GLY B 67 15.96 10.04 -10.47
N ARG B 68 14.72 10.54 -10.68
CA ARG B 68 13.53 10.07 -9.92
C ARG B 68 13.74 8.65 -9.41
N LYS B 69 14.49 7.87 -10.18
CA LYS B 69 14.81 6.53 -9.76
C LYS B 69 15.36 6.57 -8.33
N VAL B 70 15.75 7.78 -7.86
CA VAL B 70 16.27 7.90 -6.51
C VAL B 70 15.17 7.52 -5.51
N ALA B 71 13.97 8.07 -5.74
CA ALA B 71 12.84 7.77 -4.87
C ALA B 71 12.38 6.33 -5.07
N GLU B 72 12.34 5.90 -6.33
CA GLU B 72 11.91 4.54 -6.65
C GLU B 72 12.73 3.53 -5.85
N GLN B 73 14.04 3.74 -5.79
CA GLN B 73 14.91 2.83 -5.06
C GLN B 73 14.49 2.73 -3.60
N VAL B 74 14.19 3.87 -2.99
CA VAL B 74 13.79 3.86 -1.58
C VAL B 74 12.44 3.17 -1.38
N MET B 75 11.49 3.45 -2.26
CA MET B 75 10.16 2.85 -2.16
C MET B 75 10.26 1.33 -2.20
N LYS B 76 11.05 0.80 -3.14
CA LYS B 76 11.20 -0.64 -3.27
C LYS B 76 11.86 -1.22 -2.03
N ALA B 77 12.88 -0.55 -1.52
CA ALA B 77 13.58 -1.02 -0.33
C ALA B 77 12.63 -1.11 0.86
N GLY B 78 11.76 -0.12 0.98
CA GLY B 78 10.79 -0.10 2.07
C GLY B 78 9.83 -1.29 1.99
N ILE B 79 9.46 -1.67 0.77
CA ILE B 79 8.55 -2.79 0.57
C ILE B 79 9.22 -4.12 0.89
N GLU B 80 10.53 -4.18 0.75
CA GLU B 80 11.27 -5.42 1.03
C GLU B 80 11.29 -5.73 2.53
N VAL B 81 11.68 -4.72 3.31
CA VAL B 81 11.76 -4.87 4.76
C VAL B 81 10.41 -5.22 5.36
N PHE B 82 9.38 -4.48 4.96
CA PHE B 82 8.03 -4.72 5.48
C PHE B 82 7.51 -6.07 5.02
N ALA B 83 7.87 -6.46 3.80
CA ALA B 83 7.43 -7.74 3.26
C ALA B 83 8.28 -8.88 3.79
N LEU B 84 9.51 -8.57 4.21
CA LEU B 84 10.40 -9.58 4.75
C LEU B 84 9.91 -10.06 6.10
N VAL B 85 9.11 -9.21 6.76
CA VAL B 85 8.57 -9.58 8.06
C VAL B 85 7.78 -10.87 7.93
N THR B 86 7.65 -11.38 6.70
CA THR B 86 6.92 -12.61 6.46
C THR B 86 7.39 -13.69 7.43
N ALA B 87 8.70 -13.69 7.66
CA ALA B 87 9.31 -14.66 8.57
C ALA B 87 8.49 -14.76 9.86
N ALA B 88 7.96 -13.62 10.31
CA ALA B 88 7.17 -13.59 11.55
C ALA B 88 5.71 -13.91 11.25
N LEU B 89 5.35 -13.94 9.97
CA LEU B 89 3.98 -14.26 9.56
C LEU B 89 3.76 -15.76 9.47
N ALA B 90 4.58 -16.42 8.65
CA ALA B 90 4.47 -17.87 8.48
C ALA B 90 4.26 -18.54 9.83
N THR B 91 5.02 -18.07 10.81
CA THR B 91 4.95 -18.62 12.15
C THR B 91 3.54 -18.42 12.70
N ASP B 92 2.94 -17.27 12.38
CA ASP B 92 1.61 -16.97 12.87
C ASP B 92 0.60 -18.03 12.40
N PHE B 93 0.71 -18.40 11.13
CA PHE B 93 -0.20 -19.41 10.57
C PHE B 93 -0.04 -20.74 11.30
N VAL B 94 1.21 -21.19 11.45
CA VAL B 94 1.49 -22.46 12.11
C VAL B 94 1.07 -22.45 13.58
N ARG B 95 1.39 -21.36 14.27
CA ARG B 95 1.05 -21.24 15.69
C ARG B 95 -0.38 -21.70 15.96
N ARG B 96 -1.21 -21.71 14.93
CA ARG B 96 -2.60 -22.12 15.10
C ARG B 96 -2.66 -23.50 15.79
N GLU B 97 -1.67 -24.34 15.49
CA GLU B 97 -1.60 -25.68 16.06
C GLU B 97 -0.41 -25.80 17.01
N GLU B 98 -0.10 -27.02 17.42
CA GLU B 98 1.03 -27.27 18.33
C GLU B 98 1.11 -26.18 19.41
N GLU B 99 -0.01 -25.52 19.66
CA GLU B 99 -0.06 -24.45 20.66
C GLU B 99 -1.24 -24.62 21.60
N ARG B 100 -2.42 -24.86 21.02
CA ARG B 100 -3.62 -25.03 21.83
C ARG B 100 -3.47 -26.23 22.76
N ARG B 101 -2.79 -27.26 22.28
CA ARG B 101 -2.56 -28.47 23.08
C ARG B 101 -1.70 -28.16 24.29
N GLY B 102 -0.71 -27.28 24.10
CA GLY B 102 0.18 -26.89 25.19
C GLY B 102 1.32 -27.90 25.35
N HIS B 103 1.65 -28.59 24.26
CA HIS B 103 2.73 -29.57 24.30
C HIS B 103 4.04 -28.92 24.72
N SER C 1 -15.38 -18.40 15.21
CA SER C 1 -14.99 -18.80 13.82
C SER C 1 -13.47 -18.81 13.70
N ALA C 2 -12.91 -20.01 13.63
CA ALA C 2 -11.46 -20.16 13.52
C ALA C 2 -10.76 -19.53 14.71
N ASP C 3 -9.75 -20.24 15.23
CA ASP C 3 -8.99 -19.74 16.37
C ASP C 3 -7.94 -18.73 15.92
N HIS C 4 -7.58 -18.79 14.64
CA HIS C 4 -6.58 -17.89 14.09
C HIS C 4 -7.18 -16.52 13.79
N GLU C 5 -8.48 -16.48 13.52
CA GLU C 5 -9.17 -15.23 13.23
C GLU C 5 -9.27 -14.37 14.49
N ARG C 6 -9.40 -15.01 15.64
CA ARG C 6 -9.51 -14.29 16.90
C ARG C 6 -8.29 -13.40 17.12
N GLU C 7 -7.12 -13.95 16.80
CA GLU C 7 -5.87 -13.21 16.96
C GLU C 7 -5.90 -11.95 16.10
N ALA C 8 -6.43 -12.07 14.89
CA ALA C 8 -6.51 -10.93 13.97
C ALA C 8 -7.41 -9.85 14.55
N GLN C 9 -8.49 -10.27 15.21
CA GLN C 9 -9.43 -9.31 15.79
C GLN C 9 -8.71 -8.39 16.78
N LYS C 10 -7.84 -8.98 17.60
CA LYS C 10 -7.09 -8.21 18.58
C LYS C 10 -6.19 -7.18 17.89
N ALA C 11 -5.67 -7.55 16.73
CA ALA C 11 -4.79 -6.68 15.97
C ALA C 11 -5.48 -5.35 15.63
N GLU C 12 -6.77 -5.43 15.32
CA GLU C 12 -7.53 -4.23 14.97
C GLU C 12 -7.65 -3.29 16.17
N GLU C 13 -7.70 -3.86 17.38
CA GLU C 13 -7.81 -3.05 18.58
C GLU C 13 -6.62 -2.11 18.71
N GLU C 14 -5.43 -2.63 18.42
CA GLU C 14 -4.21 -1.82 18.52
C GLU C 14 -4.23 -0.68 17.51
N LEU C 15 -4.73 -0.95 16.31
CA LEU C 15 -4.78 0.08 15.28
C LEU C 15 -5.69 1.23 15.70
N GLN C 16 -6.83 0.89 16.29
CA GLN C 16 -7.79 1.90 16.74
C GLN C 16 -7.21 2.77 17.87
N LYS C 17 -6.53 2.12 18.81
CA LYS C 17 -5.95 2.85 19.95
C LYS C 17 -4.88 3.84 19.47
N VAL C 18 -4.10 3.44 18.47
CA VAL C 18 -3.05 4.31 17.94
C VAL C 18 -3.64 5.56 17.31
N LEU C 19 -4.73 5.39 16.56
CA LEU C 19 -5.36 6.54 15.91
C LEU C 19 -5.82 7.55 16.95
N GLU C 20 -6.38 7.07 18.05
CA GLU C 20 -6.82 7.95 19.12
C GLU C 20 -5.63 8.68 19.72
N GLU C 21 -4.54 7.94 19.94
CA GLU C 21 -3.33 8.53 20.51
C GLU C 21 -2.67 9.47 19.51
N ALA C 22 -2.68 9.06 18.24
CA ALA C 22 -2.07 9.86 17.18
C ALA C 22 -2.82 11.17 16.99
N SER C 23 -4.15 11.10 17.10
CA SER C 23 -4.97 12.28 16.92
C SER C 23 -4.58 13.38 17.90
N LYS C 24 -4.40 13.01 19.17
CA LYS C 24 -4.00 13.98 20.17
C LYS C 24 -2.59 14.48 19.89
N LYS C 25 -1.74 13.59 19.39
CA LYS C 25 -0.37 13.94 19.06
C LYS C 25 -0.34 14.86 17.84
N ALA C 26 -1.17 14.55 16.84
CA ALA C 26 -1.21 15.34 15.62
C ALA C 26 -1.50 16.81 15.91
N VAL C 27 -2.55 17.07 16.69
CA VAL C 27 -2.91 18.45 17.02
C VAL C 27 -1.76 19.12 17.77
N GLU C 28 -1.19 18.42 18.74
CA GLU C 28 -0.09 18.96 19.52
C GLU C 28 1.17 19.09 18.67
N ALA C 29 1.42 18.08 17.85
CA ALA C 29 2.60 18.07 16.97
C ALA C 29 2.49 19.19 15.93
N GLU C 30 1.28 19.40 15.41
CA GLU C 30 1.06 20.44 14.42
C GLU C 30 0.96 21.82 15.08
N ARG C 31 0.95 21.85 16.40
CA ARG C 31 0.85 23.10 17.12
C ARG C 31 2.25 23.67 17.35
N GLY C 32 2.49 24.85 16.78
CA GLY C 32 3.78 25.53 16.91
C GLY C 32 4.68 25.24 15.73
N ALA C 33 4.22 24.39 14.82
CA ALA C 33 5.01 24.04 13.64
C ALA C 33 4.75 25.07 12.52
N PRO C 34 5.76 25.41 11.72
CA PRO C 34 5.58 26.40 10.62
C PRO C 34 4.85 25.80 9.42
N GLY C 35 3.94 26.57 8.85
CA GLY C 35 3.19 26.12 7.68
C GLY C 35 2.17 25.04 8.07
N ALA C 36 1.92 24.91 9.37
CA ALA C 36 0.97 23.92 9.85
C ALA C 36 -0.43 24.21 9.32
N ALA C 37 -1.22 23.17 9.12
CA ALA C 37 -2.58 23.32 8.62
C ALA C 37 -3.49 22.25 9.20
N LEU C 38 -3.33 21.96 10.48
CA LEU C 38 -4.16 20.94 11.15
C LEU C 38 -4.79 21.52 12.42
N ILE C 39 -3.95 21.84 13.41
CA ILE C 39 -4.41 22.40 14.68
C ILE C 39 -5.81 21.88 15.03
N SER C 40 -6.76 22.78 15.23
CA SER C 40 -8.12 22.39 15.53
C SER C 40 -8.15 21.34 16.65
N TYR C 41 -8.88 20.26 16.41
CA TYR C 41 -9.00 19.18 17.37
C TYR C 41 -9.95 18.10 16.86
N PRO C 42 -11.20 18.41 16.58
CA PRO C 42 -12.18 17.40 16.06
C PRO C 42 -11.71 16.77 14.74
N ASP C 43 -11.03 17.57 13.92
CA ASP C 43 -10.56 17.09 12.63
C ASP C 43 -9.30 16.23 12.78
N ALA C 44 -8.77 16.15 13.99
CA ALA C 44 -7.56 15.37 14.24
C ALA C 44 -7.80 13.88 13.99
N ILE C 45 -8.92 13.38 14.49
CA ILE C 45 -9.27 11.98 14.31
C ILE C 45 -9.53 11.68 12.84
N TRP C 46 -10.09 12.65 12.13
CA TRP C 46 -10.39 12.49 10.72
C TRP C 46 -9.10 12.27 9.92
N TRP C 47 -8.12 13.14 10.15
CA TRP C 47 -6.85 12.99 9.44
C TRP C 47 -6.17 11.69 9.85
N SER C 48 -6.21 11.39 11.14
CA SER C 48 -5.58 10.16 11.65
C SER C 48 -6.07 8.94 10.87
N VAL C 49 -7.36 8.92 10.55
CA VAL C 49 -7.94 7.80 9.82
C VAL C 49 -7.36 7.69 8.41
N GLU C 50 -7.24 8.82 7.73
CA GLU C 50 -6.72 8.81 6.36
C GLU C 50 -5.22 8.51 6.35
N THR C 51 -4.74 7.83 7.39
CA THR C 51 -3.31 7.49 7.51
C THR C 51 -3.12 6.00 7.76
N ALA C 52 -3.92 5.45 8.67
CA ALA C 52 -3.80 4.03 9.01
C ALA C 52 -4.06 3.16 7.78
N THR C 53 -4.82 3.69 6.82
CA THR C 53 -5.13 2.96 5.60
C THR C 53 -4.06 3.23 4.54
N THR C 54 -3.03 3.99 4.92
CA THR C 54 -1.95 4.32 4.01
C THR C 54 -2.49 4.91 2.71
N VAL C 55 -3.56 5.68 2.82
CA VAL C 55 -4.17 6.30 1.64
C VAL C 55 -3.34 7.49 1.16
N GLY C 56 -2.76 8.22 2.10
CA GLY C 56 -1.94 9.39 1.78
C GLY C 56 -2.73 10.67 1.97
N TYR C 57 -3.63 10.97 1.04
CA TYR C 57 -4.44 12.18 1.15
C TYR C 57 -5.30 12.12 2.39
N GLY C 58 -5.08 13.08 3.30
CA GLY C 58 -5.84 13.14 4.55
C GLY C 58 -6.30 14.56 4.82
N ASP C 59 -6.33 15.38 3.77
CA ASP C 59 -6.76 16.77 3.90
C ASP C 59 -5.72 17.60 4.64
N ARG C 60 -4.98 16.95 5.54
CA ARG C 60 -3.96 17.63 6.34
C ARG C 60 -2.61 16.97 6.09
N TYR C 61 -1.54 17.75 6.25
CA TYR C 61 -0.20 17.22 6.01
C TYR C 61 0.79 17.74 7.08
N PRO C 62 1.51 16.87 7.76
CA PRO C 62 2.47 17.32 8.82
C PRO C 62 3.68 18.05 8.23
N VAL C 63 4.28 18.94 9.01
CA VAL C 63 5.44 19.69 8.55
C VAL C 63 6.72 18.95 8.96
N THR C 64 7.63 19.67 9.64
CA THR C 64 8.88 19.08 10.11
C THR C 64 8.93 19.07 11.64
N GLU C 65 8.43 20.14 12.27
CA GLU C 65 8.44 20.25 13.73
C GLU C 65 7.50 19.21 14.34
N GLU C 66 6.36 18.99 13.70
CA GLU C 66 5.38 18.01 14.17
C GLU C 66 5.96 16.58 14.08
N GLY C 67 7.30 16.52 14.16
CA GLY C 67 7.97 15.24 14.15
C GLY C 67 7.38 14.32 13.11
N ARG C 68 7.48 14.67 11.81
CA ARG C 68 6.91 13.88 10.70
C ARG C 68 6.72 12.42 11.11
N LYS C 69 7.61 11.95 11.97
CA LYS C 69 7.50 10.61 12.48
C LYS C 69 6.08 10.38 13.02
N VAL C 70 5.32 11.48 13.26
CA VAL C 70 3.96 11.30 13.77
C VAL C 70 3.14 10.49 12.78
N ALA C 71 3.21 10.84 11.50
CA ALA C 71 2.47 10.12 10.47
C ALA C 71 3.04 8.71 10.32
N GLU C 72 4.36 8.60 10.44
CA GLU C 72 5.02 7.31 10.29
C GLU C 72 4.57 6.35 11.37
N GLN C 73 4.33 6.86 12.57
CA GLN C 73 3.90 6.01 13.68
C GLN C 73 2.55 5.35 13.38
N VAL C 74 1.61 6.13 12.85
CA VAL C 74 0.28 5.59 12.55
C VAL C 74 0.34 4.55 11.45
N MET C 75 1.06 4.85 10.38
CA MET C 75 1.18 3.93 9.26
C MET C 75 1.90 2.65 9.67
N LYS C 76 2.89 2.78 10.53
CA LYS C 76 3.65 1.62 10.98
C LYS C 76 2.73 0.60 11.66
N ALA C 77 1.86 1.07 12.54
CA ALA C 77 0.93 0.19 13.23
C ALA C 77 -0.07 -0.41 12.24
N GLY C 78 -0.50 0.41 11.27
CA GLY C 78 -1.46 -0.04 10.28
C GLY C 78 -0.87 -1.15 9.40
N ILE C 79 0.33 -0.93 8.88
CA ILE C 79 0.96 -1.92 8.03
C ILE C 79 1.20 -3.22 8.77
N GLU C 80 1.67 -3.13 10.01
CA GLU C 80 1.93 -4.32 10.81
C GLU C 80 0.63 -5.02 11.20
N VAL C 81 -0.38 -4.25 11.58
CA VAL C 81 -1.66 -4.84 11.97
C VAL C 81 -2.31 -5.57 10.80
N PHE C 82 -2.39 -4.90 9.66
CA PHE C 82 -3.02 -5.49 8.48
C PHE C 82 -2.18 -6.64 7.94
N ALA C 83 -0.86 -6.59 8.14
CA ALA C 83 0.02 -7.65 7.67
C ALA C 83 0.09 -8.79 8.68
N LEU C 84 -0.15 -8.46 9.94
CA LEU C 84 -0.11 -9.46 11.00
C LEU C 84 -1.19 -10.52 10.82
N VAL C 85 -2.40 -10.09 10.46
CA VAL C 85 -3.49 -11.03 10.28
C VAL C 85 -3.18 -12.00 9.15
N THR C 86 -2.10 -11.73 8.41
CA THR C 86 -1.70 -12.60 7.31
C THR C 86 -1.86 -14.08 7.70
N ALA C 87 -1.90 -14.34 9.00
CA ALA C 87 -2.06 -15.70 9.50
C ALA C 87 -3.40 -16.27 9.07
N ALA C 88 -4.48 -15.70 9.59
CA ALA C 88 -5.82 -16.17 9.27
C ALA C 88 -6.03 -16.18 7.77
N LEU C 89 -5.48 -15.19 7.09
CA LEU C 89 -5.59 -15.09 5.65
C LEU C 89 -4.87 -16.26 4.97
N ALA C 90 -3.73 -16.64 5.54
CA ALA C 90 -2.96 -17.75 4.96
C ALA C 90 -3.69 -19.06 5.11
N THR C 91 -3.80 -19.53 6.34
CA THR C 91 -4.50 -20.79 6.61
C THR C 91 -5.74 -20.92 5.74
N ASP C 92 -6.27 -19.79 5.27
CA ASP C 92 -7.46 -19.80 4.43
C ASP C 92 -7.43 -20.97 3.43
N PHE C 93 -6.23 -21.33 2.98
CA PHE C 93 -6.07 -22.42 2.02
C PHE C 93 -6.48 -23.77 2.62
N VAL C 94 -6.21 -23.93 3.92
CA VAL C 94 -6.50 -25.17 4.63
C VAL C 94 -7.94 -25.64 4.37
N ARG C 95 -8.85 -24.70 4.25
CA ARG C 95 -10.26 -25.02 4.02
C ARG C 95 -10.43 -25.70 2.67
N ARG C 96 -9.48 -25.51 1.77
CA ARG C 96 -9.55 -26.11 0.45
C ARG C 96 -9.63 -27.64 0.57
N GLU C 97 -8.80 -28.20 1.44
CA GLU C 97 -8.79 -29.65 1.64
C GLU C 97 -9.91 -30.08 2.59
N GLU C 98 -10.14 -31.40 2.66
CA GLU C 98 -11.19 -31.94 3.52
C GLU C 98 -12.54 -31.32 3.17
N GLU C 99 -12.61 -30.74 1.98
CA GLU C 99 -13.85 -30.10 1.50
C GLU C 99 -14.12 -30.47 0.05
N ARG C 100 -13.06 -30.85 -0.68
CA ARG C 100 -13.19 -31.23 -2.08
C ARG C 100 -14.10 -32.45 -2.22
N ARG C 101 -13.88 -33.44 -1.36
CA ARG C 101 -14.69 -34.66 -1.40
C ARG C 101 -16.14 -34.36 -0.99
N GLY C 102 -16.30 -33.45 -0.03
CA GLY C 102 -17.64 -33.08 0.45
C GLY C 102 -17.97 -33.81 1.74
N HIS C 103 -17.01 -34.57 2.26
CA HIS C 103 -17.22 -35.32 3.49
C HIS C 103 -17.06 -34.40 4.71
N SER D 1 -11.01 -21.29 -14.01
CA SER D 1 -10.70 -21.25 -12.56
C SER D 1 -10.38 -22.66 -12.07
N ALA D 2 -9.16 -22.86 -11.60
CA ALA D 2 -8.75 -24.17 -11.10
C ALA D 2 -9.63 -24.60 -9.93
N ASP D 3 -9.79 -23.72 -8.96
CA ASP D 3 -10.62 -24.02 -7.80
C ASP D 3 -10.73 -22.81 -6.88
N HIS D 4 -9.60 -22.38 -6.31
CA HIS D 4 -9.58 -21.23 -5.41
C HIS D 4 -9.60 -19.93 -6.21
N GLU D 5 -9.27 -20.01 -7.49
CA GLU D 5 -9.27 -18.83 -8.35
C GLU D 5 -10.67 -18.26 -8.49
N ARG D 6 -11.66 -19.16 -8.55
CA ARG D 6 -13.04 -18.73 -8.69
C ARG D 6 -13.47 -17.90 -7.49
N GLU D 7 -13.08 -18.35 -6.30
CA GLU D 7 -13.43 -17.64 -5.07
C GLU D 7 -12.82 -16.24 -5.09
N ALA D 8 -11.55 -16.16 -5.49
CA ALA D 8 -10.86 -14.89 -5.54
C ALA D 8 -11.48 -13.98 -6.60
N GLN D 9 -11.85 -14.58 -7.73
CA GLN D 9 -12.46 -13.80 -8.82
C GLN D 9 -13.79 -13.22 -8.39
N LYS D 10 -14.57 -14.03 -7.67
CA LYS D 10 -15.88 -13.59 -7.20
C LYS D 10 -15.73 -12.42 -6.23
N ALA D 11 -14.69 -12.47 -5.41
CA ALA D 11 -14.45 -11.41 -4.43
C ALA D 11 -14.23 -10.06 -5.12
N GLU D 12 -13.56 -10.10 -6.28
CA GLU D 12 -13.28 -8.87 -7.02
C GLU D 12 -14.59 -8.20 -7.44
N GLU D 13 -15.56 -9.01 -7.86
CA GLU D 13 -16.85 -8.48 -8.29
C GLU D 13 -17.57 -7.80 -7.13
N GLU D 14 -17.35 -8.30 -5.93
CA GLU D 14 -17.98 -7.73 -4.74
C GLU D 14 -17.51 -6.30 -4.52
N LEU D 15 -16.23 -6.04 -4.78
CA LEU D 15 -15.69 -4.70 -4.60
C LEU D 15 -16.39 -3.71 -5.52
N GLN D 16 -16.59 -4.11 -6.77
CA GLN D 16 -17.26 -3.25 -7.75
C GLN D 16 -18.63 -2.81 -7.24
N LYS D 17 -19.31 -3.71 -6.54
CA LYS D 17 -20.65 -3.40 -6.01
C LYS D 17 -20.59 -2.25 -5.01
N VAL D 18 -19.52 -2.20 -4.23
CA VAL D 18 -19.35 -1.16 -3.22
C VAL D 18 -19.12 0.20 -3.88
N LEU D 19 -18.33 0.20 -4.94
CA LEU D 19 -18.02 1.43 -5.63
C LEU D 19 -19.30 2.06 -6.17
N GLU D 20 -20.20 1.22 -6.69
CA GLU D 20 -21.45 1.72 -7.22
C GLU D 20 -22.18 2.53 -6.15
N GLU D 21 -22.30 1.95 -4.95
CA GLU D 21 -22.96 2.64 -3.86
C GLU D 21 -22.10 3.79 -3.37
N ALA D 22 -20.77 3.60 -3.41
CA ALA D 22 -19.84 4.63 -2.96
C ALA D 22 -20.04 5.92 -3.75
N SER D 23 -20.13 5.80 -5.07
CA SER D 23 -20.29 6.98 -5.92
C SER D 23 -21.57 7.73 -5.58
N LYS D 24 -22.66 6.98 -5.39
CA LYS D 24 -23.94 7.58 -5.05
C LYS D 24 -23.86 8.30 -3.72
N LYS D 25 -23.08 7.75 -2.80
CA LYS D 25 -22.92 8.36 -1.48
C LYS D 25 -21.90 9.49 -1.52
N ALA D 26 -20.77 9.26 -2.18
CA ALA D 26 -19.71 10.26 -2.27
C ALA D 26 -20.24 11.53 -2.93
N VAL D 27 -20.95 11.38 -4.04
CA VAL D 27 -21.48 12.54 -4.75
C VAL D 27 -22.43 13.31 -3.83
N GLU D 28 -23.29 12.58 -3.12
CA GLU D 28 -24.24 13.20 -2.21
C GLU D 28 -23.53 13.74 -0.96
N ALA D 29 -22.60 12.96 -0.44
CA ALA D 29 -21.84 13.37 0.75
C ALA D 29 -21.03 14.62 0.47
N GLU D 30 -20.40 14.65 -0.70
CA GLU D 30 -19.58 15.81 -1.08
C GLU D 30 -20.47 17.04 -1.25
N ARG D 31 -21.65 16.86 -1.80
CA ARG D 31 -22.56 17.96 -2.03
C ARG D 31 -23.04 18.53 -0.69
N GLY D 32 -22.78 19.82 -0.50
CA GLY D 32 -23.19 20.50 0.74
C GLY D 32 -22.03 20.65 1.70
N ALA D 33 -20.93 19.95 1.42
CA ALA D 33 -19.74 20.01 2.27
C ALA D 33 -18.85 21.20 1.87
N PRO D 34 -18.37 21.99 2.81
CA PRO D 34 -17.50 23.16 2.49
C PRO D 34 -16.08 22.74 2.12
N GLY D 35 -15.49 23.45 1.17
CA GLY D 35 -14.12 23.16 0.73
C GLY D 35 -14.09 21.87 -0.09
N ALA D 36 -15.24 21.26 -0.29
CA ALA D 36 -15.33 20.03 -1.06
C ALA D 36 -15.09 20.30 -2.54
N ALA D 37 -14.36 19.40 -3.19
CA ALA D 37 -14.06 19.53 -4.63
C ALA D 37 -14.85 18.51 -5.43
N LEU D 38 -14.72 17.24 -5.07
CA LEU D 38 -15.43 16.18 -5.78
C LEU D 38 -16.92 16.51 -5.86
N ILE D 39 -17.34 17.11 -6.96
CA ILE D 39 -18.75 17.47 -7.16
C ILE D 39 -19.22 17.08 -8.55
N SER D 40 -19.20 15.78 -8.82
CA SER D 40 -19.63 15.28 -10.11
C SER D 40 -19.99 13.80 -10.01
N TYR D 41 -21.12 13.43 -10.63
CA TYR D 41 -21.57 12.05 -10.62
C TYR D 41 -20.73 11.21 -11.58
N PRO D 42 -20.52 11.62 -12.82
CA PRO D 42 -19.69 10.83 -13.78
C PRO D 42 -18.27 10.62 -13.27
N ASP D 43 -17.77 11.58 -12.50
CA ASP D 43 -16.41 11.49 -11.95
C ASP D 43 -16.39 10.72 -10.64
N ALA D 44 -17.56 10.63 -9.98
CA ALA D 44 -17.65 9.92 -8.70
C ALA D 44 -17.27 8.45 -8.87
N ILE D 45 -17.72 7.85 -9.96
CA ILE D 45 -17.42 6.45 -10.24
C ILE D 45 -15.93 6.29 -10.51
N TRP D 46 -15.34 7.26 -11.21
CA TRP D 46 -13.92 7.20 -11.51
C TRP D 46 -13.10 7.26 -10.22
N TRP D 47 -13.45 8.18 -9.33
CA TRP D 47 -12.76 8.29 -8.05
C TRP D 47 -12.98 7.03 -7.21
N SER D 48 -14.21 6.52 -7.25
CA SER D 48 -14.55 5.33 -6.48
C SER D 48 -13.51 4.23 -6.71
N VAL D 49 -12.78 4.33 -7.81
CA VAL D 49 -11.76 3.33 -8.15
C VAL D 49 -10.39 3.81 -7.72
N GLU D 50 -10.18 5.11 -7.80
CA GLU D 50 -8.91 5.68 -7.40
C GLU D 50 -8.83 5.75 -5.88
N THR D 51 -9.72 5.02 -5.21
CA THR D 51 -9.74 5.00 -3.75
C THR D 51 -9.93 3.58 -3.23
N ALA D 52 -10.71 2.78 -3.97
CA ALA D 52 -10.95 1.41 -3.57
C ALA D 52 -9.62 0.62 -3.56
N THR D 53 -8.65 1.10 -4.34
CA THR D 53 -7.34 0.45 -4.42
C THR D 53 -6.37 1.10 -3.43
N THR D 54 -6.89 2.02 -2.62
CA THR D 54 -6.07 2.71 -1.62
C THR D 54 -4.89 3.41 -2.29
N VAL D 55 -4.92 3.50 -3.61
CA VAL D 55 -3.84 4.16 -4.35
C VAL D 55 -3.76 5.64 -3.99
N GLY D 56 -4.93 6.29 -3.92
CA GLY D 56 -4.98 7.70 -3.59
C GLY D 56 -3.87 8.47 -4.30
N TYR D 57 -4.14 8.91 -5.53
CA TYR D 57 -3.14 9.65 -6.30
C TYR D 57 -3.30 11.15 -6.06
N GLY D 58 -4.20 11.51 -5.15
CA GLY D 58 -4.43 12.91 -4.82
C GLY D 58 -5.41 13.54 -5.81
N ASP D 59 -6.14 12.70 -6.53
CA ASP D 59 -7.11 13.20 -7.50
C ASP D 59 -8.22 14.00 -6.81
N ARG D 60 -8.74 13.43 -5.72
CA ARG D 60 -9.81 14.09 -4.97
C ARG D 60 -9.52 14.03 -3.48
N TYR D 61 -10.26 14.81 -2.71
CA TYR D 61 -10.07 14.82 -1.26
C TYR D 61 -11.37 15.23 -0.54
N PRO D 62 -12.10 14.29 0.04
CA PRO D 62 -13.38 14.61 0.74
C PRO D 62 -13.16 15.39 2.04
N VAL D 63 -14.22 16.03 2.53
CA VAL D 63 -14.14 16.81 3.77
C VAL D 63 -14.60 15.98 4.95
N THR D 64 -15.32 16.60 5.89
CA THR D 64 -15.83 15.91 7.07
C THR D 64 -17.34 15.79 7.03
N GLU D 65 -18.01 16.86 6.57
CA GLU D 65 -19.47 16.85 6.48
C GLU D 65 -19.92 15.71 5.58
N GLU D 66 -19.04 15.30 4.68
CA GLU D 66 -19.33 14.20 3.76
C GLU D 66 -19.15 12.87 4.49
N GLY D 67 -19.35 12.94 5.80
CA GLY D 67 -19.21 11.76 6.64
C GLY D 67 -18.00 10.99 6.21
N ARG D 68 -16.80 11.59 6.33
CA ARG D 68 -15.53 10.96 5.91
C ARG D 68 -15.65 9.45 5.92
N LYS D 69 -16.45 8.94 6.83
CA LYS D 69 -16.70 7.52 6.89
C LYS D 69 -17.09 7.02 5.49
N VAL D 70 -17.51 7.94 4.59
CA VAL D 70 -17.88 7.52 3.25
C VAL D 70 -16.67 6.92 2.55
N ALA D 71 -15.55 7.60 2.63
CA ALA D 71 -14.32 7.11 2.00
C ALA D 71 -13.72 5.97 2.83
N GLU D 72 -13.64 6.19 4.13
CA GLU D 72 -13.07 5.18 5.04
C GLU D 72 -13.58 3.78 4.71
N GLN D 73 -14.89 3.58 4.84
CA GLN D 73 -15.48 2.27 4.57
C GLN D 73 -15.22 1.79 3.15
N VAL D 74 -15.33 2.69 2.18
CA VAL D 74 -15.11 2.30 0.78
C VAL D 74 -13.69 1.79 0.55
N MET D 75 -12.71 2.53 1.05
CA MET D 75 -11.32 2.13 0.88
C MET D 75 -11.02 0.83 1.62
N LYS D 76 -11.55 0.71 2.84
CA LYS D 76 -11.33 -0.49 3.63
C LYS D 76 -11.95 -1.72 2.95
N ALA D 77 -13.09 -1.52 2.30
CA ALA D 77 -13.77 -2.62 1.62
C ALA D 77 -12.86 -3.24 0.57
N GLY D 78 -12.09 -2.40 -0.11
CA GLY D 78 -11.17 -2.87 -1.14
C GLY D 78 -10.05 -3.72 -0.54
N ILE D 79 -9.51 -3.28 0.60
CA ILE D 79 -8.43 -4.00 1.25
C ILE D 79 -8.86 -5.41 1.68
N GLU D 80 -10.06 -5.50 2.25
CA GLU D 80 -10.56 -6.79 2.71
C GLU D 80 -10.74 -7.76 1.55
N VAL D 81 -11.21 -7.25 0.41
CA VAL D 81 -11.45 -8.08 -0.77
C VAL D 81 -10.13 -8.68 -1.27
N PHE D 82 -9.12 -7.83 -1.41
CA PHE D 82 -7.83 -8.30 -1.90
C PHE D 82 -7.16 -9.21 -0.89
N ALA D 83 -7.33 -8.90 0.39
CA ALA D 83 -6.73 -9.72 1.44
C ALA D 83 -7.28 -11.14 1.38
N LEU D 84 -8.55 -11.27 1.07
CA LEU D 84 -9.16 -12.60 0.97
C LEU D 84 -8.49 -13.40 -0.14
N VAL D 85 -8.19 -12.74 -1.25
CA VAL D 85 -7.56 -13.41 -2.37
C VAL D 85 -6.22 -14.01 -1.93
N THR D 86 -5.86 -13.77 -0.66
CA THR D 86 -4.61 -14.30 -0.14
C THR D 86 -4.59 -15.83 -0.23
N ALA D 87 -5.71 -16.45 0.15
CA ALA D 87 -5.82 -17.90 0.09
C ALA D 87 -5.19 -18.44 -1.19
N ALA D 88 -5.69 -17.96 -2.33
CA ALA D 88 -5.16 -18.40 -3.62
C ALA D 88 -3.67 -18.12 -3.70
N LEU D 89 -3.21 -17.13 -2.94
CA LEU D 89 -1.79 -16.78 -2.92
C LEU D 89 -1.09 -17.60 -1.84
N ALA D 90 -1.87 -18.16 -0.93
CA ALA D 90 -1.33 -18.96 0.16
C ALA D 90 -1.02 -20.37 -0.33
N THR D 91 -2.01 -20.98 -0.99
CA THR D 91 -1.82 -22.33 -1.50
C THR D 91 -0.53 -22.41 -2.32
N ASP D 92 0.07 -21.25 -2.60
CA ASP D 92 1.30 -21.21 -3.37
C ASP D 92 2.42 -21.95 -2.65
N PHE D 93 2.65 -21.59 -1.39
CA PHE D 93 3.70 -22.23 -0.60
C PHE D 93 3.64 -23.75 -0.77
N VAL D 94 2.43 -24.27 -0.92
CA VAL D 94 2.23 -25.72 -1.08
C VAL D 94 2.27 -26.12 -2.56
N ARG D 95 1.92 -25.19 -3.44
CA ARG D 95 1.90 -25.46 -4.87
C ARG D 95 3.30 -25.86 -5.37
N ARG D 96 4.31 -25.15 -4.88
CA ARG D 96 5.68 -25.44 -5.30
C ARG D 96 5.98 -26.93 -5.15
N GLU D 97 5.47 -27.52 -4.08
CA GLU D 97 5.68 -28.95 -3.84
C GLU D 97 5.02 -29.79 -4.93
N GLU D 98 3.85 -29.35 -5.39
CA GLU D 98 3.14 -30.07 -6.45
C GLU D 98 3.92 -30.01 -7.75
N GLU D 99 4.64 -28.91 -7.95
CA GLU D 99 5.44 -28.73 -9.16
C GLU D 99 6.50 -29.82 -9.27
N ARG D 100 7.08 -30.18 -8.13
CA ARG D 100 8.10 -31.21 -8.10
C ARG D 100 7.55 -32.55 -8.60
N ARG D 101 6.34 -32.87 -8.15
CA ARG D 101 5.69 -34.12 -8.55
C ARG D 101 5.30 -34.06 -10.02
N GLY D 102 5.11 -32.85 -10.53
CA GLY D 102 4.73 -32.67 -11.92
C GLY D 102 3.21 -32.78 -12.10
N HIS D 103 2.49 -32.79 -10.99
CA HIS D 103 1.04 -32.90 -11.04
C HIS D 103 0.61 -34.02 -11.98
N SER A 1 19.12 -19.58 -6.63
CA SER A 1 17.94 -19.24 -7.46
C SER A 1 17.00 -20.44 -7.53
N ALA A 2 16.28 -20.69 -6.45
CA ALA A 2 15.35 -21.81 -6.39
C ALA A 2 14.31 -21.71 -7.51
N ASP A 3 13.46 -22.72 -7.61
CA ASP A 3 12.42 -22.74 -8.63
C ASP A 3 11.47 -21.56 -8.44
N HIS A 4 11.07 -21.31 -7.19
CA HIS A 4 10.16 -20.21 -6.90
C HIS A 4 10.87 -18.87 -7.04
N GLU A 5 12.16 -18.84 -6.74
CA GLU A 5 12.94 -17.61 -6.84
C GLU A 5 13.03 -17.15 -8.29
N ARG A 6 13.12 -18.12 -9.20
CA ARG A 6 13.22 -17.81 -10.62
C ARG A 6 11.95 -17.12 -11.09
N GLU A 7 10.81 -17.58 -10.59
CA GLU A 7 9.53 -17.00 -10.98
C GLU A 7 9.43 -15.57 -10.43
N ALA A 8 9.92 -15.37 -9.23
CA ALA A 8 9.88 -14.04 -8.62
C ALA A 8 10.73 -13.06 -9.42
N GLN A 9 11.86 -13.54 -9.93
CA GLN A 9 12.74 -12.69 -10.72
C GLN A 9 12.03 -12.21 -11.98
N LYS A 10 11.35 -13.13 -12.65
CA LYS A 10 10.62 -12.79 -13.87
C LYS A 10 9.51 -11.80 -13.56
N ALA A 11 8.88 -11.97 -12.41
CA ALA A 11 7.79 -11.09 -12.01
C ALA A 11 8.22 -9.62 -12.04
N GLU A 12 9.40 -9.34 -11.51
CA GLU A 12 9.91 -7.97 -11.49
C GLU A 12 10.17 -7.48 -12.92
N GLU A 13 10.76 -8.35 -13.73
CA GLU A 13 11.06 -8.00 -15.11
C GLU A 13 9.76 -7.77 -15.90
N GLU A 14 8.72 -8.51 -15.53
CA GLU A 14 7.43 -8.39 -16.21
C GLU A 14 6.85 -7.00 -16.00
N LEU A 15 7.04 -6.44 -14.81
CA LEU A 15 6.52 -5.11 -14.51
C LEU A 15 7.15 -4.07 -15.43
N GLN A 16 8.45 -4.18 -15.65
CA GLN A 16 9.15 -3.24 -16.51
C GLN A 16 8.55 -3.20 -17.91
N LYS A 17 8.18 -4.37 -18.42
CA LYS A 17 7.61 -4.45 -19.76
C LYS A 17 6.31 -3.66 -19.85
N VAL A 18 5.47 -3.79 -18.83
CA VAL A 18 4.19 -3.08 -18.80
C VAL A 18 4.41 -1.58 -18.75
N LEU A 19 5.40 -1.16 -17.95
CA LEU A 19 5.68 0.26 -17.82
C LEU A 19 6.03 0.84 -19.19
N GLU A 20 6.79 0.10 -19.97
CA GLU A 20 7.16 0.57 -21.30
C GLU A 20 5.91 0.83 -22.13
N GLU A 21 4.99 -0.13 -22.11
CA GLU A 21 3.75 0.02 -22.85
C GLU A 21 2.90 1.13 -22.23
N ALA A 22 3.00 1.27 -20.91
CA ALA A 22 2.25 2.29 -20.20
C ALA A 22 2.66 3.68 -20.68
N SER A 23 3.95 3.86 -20.93
CA SER A 23 4.44 5.15 -21.40
C SER A 23 3.77 5.53 -22.70
N LYS A 24 3.67 4.58 -23.62
CA LYS A 24 3.04 4.85 -24.91
C LYS A 24 1.55 5.12 -24.73
N LYS A 25 0.86 4.19 -24.08
CA LYS A 25 -0.58 4.33 -23.86
C LYS A 25 -0.89 5.59 -23.05
N ALA A 26 -0.13 5.82 -21.97
CA ALA A 26 -0.36 6.99 -21.13
C ALA A 26 -0.14 8.29 -21.91
N VAL A 27 0.87 8.30 -22.78
CA VAL A 27 1.13 9.50 -23.58
C VAL A 27 -0.03 9.78 -24.52
N GLU A 28 -0.50 8.73 -25.20
CA GLU A 28 -1.61 8.86 -26.12
C GLU A 28 -2.93 8.92 -25.37
N ALA A 29 -2.94 8.38 -24.16
CA ALA A 29 -4.15 8.38 -23.35
C ALA A 29 -4.73 9.78 -23.25
N GLU A 30 -3.88 10.74 -22.91
CA GLU A 30 -4.32 12.12 -22.80
C GLU A 30 -4.64 12.71 -24.16
N ARG A 31 -3.84 12.38 -25.15
CA ARG A 31 -4.04 12.90 -26.50
C ARG A 31 -5.31 12.32 -27.11
N GLY A 32 -6.42 13.06 -26.95
CA GLY A 32 -7.72 12.63 -27.50
C GLY A 32 -8.79 12.63 -26.43
N ALA A 33 -8.39 12.67 -25.15
CA ALA A 33 -9.35 12.69 -24.05
C ALA A 33 -9.44 14.09 -23.45
N PRO A 34 -10.59 14.48 -22.92
CA PRO A 34 -10.76 15.83 -22.32
C PRO A 34 -10.11 15.95 -20.94
N GLY A 35 -9.36 17.03 -20.72
CA GLY A 35 -8.69 17.26 -19.44
C GLY A 35 -7.25 16.79 -19.48
N ALA A 36 -6.78 16.43 -20.68
CA ALA A 36 -5.39 15.95 -20.85
C ALA A 36 -4.45 16.69 -19.91
N ALA A 37 -3.33 16.05 -19.58
CA ALA A 37 -2.34 16.66 -18.70
C ALA A 37 -0.96 16.08 -18.95
N LEU A 38 -0.88 14.75 -18.98
CA LEU A 38 0.40 14.09 -19.22
C LEU A 38 0.65 13.93 -20.72
N ILE A 39 1.62 14.67 -21.22
CA ILE A 39 1.99 14.62 -22.64
C ILE A 39 3.50 14.75 -22.81
N SER A 40 4.22 13.69 -22.45
CA SER A 40 5.68 13.71 -22.56
C SER A 40 6.25 12.29 -22.52
N TYR A 41 6.54 11.73 -23.70
CA TYR A 41 7.11 10.40 -23.79
C TYR A 41 8.34 10.22 -22.88
N PRO A 42 9.31 11.11 -22.90
CA PRO A 42 10.53 10.96 -22.03
C PRO A 42 10.17 10.94 -20.54
N ASP A 43 9.16 11.72 -20.16
CA ASP A 43 8.73 11.78 -18.75
C ASP A 43 7.55 10.85 -18.49
N ALA A 44 7.01 10.26 -19.55
CA ALA A 44 5.89 9.35 -19.42
C ALA A 44 6.30 8.11 -18.64
N ILE A 45 7.46 7.57 -18.98
CA ILE A 45 7.97 6.38 -18.30
C ILE A 45 8.25 6.69 -16.84
N TRP A 46 8.69 7.90 -16.56
CA TRP A 46 8.99 8.31 -15.20
C TRP A 46 7.72 8.22 -14.34
N TRP A 47 6.62 8.74 -14.86
CA TRP A 47 5.36 8.68 -14.13
C TRP A 47 4.89 7.23 -14.03
N SER A 48 5.06 6.48 -15.12
CA SER A 48 4.64 5.09 -15.14
C SER A 48 5.27 4.31 -13.98
N VAL A 49 6.48 4.69 -13.60
CA VAL A 49 7.16 4.02 -12.50
C VAL A 49 6.35 4.17 -11.21
N GLU A 50 5.91 5.40 -10.94
CA GLU A 50 5.15 5.67 -9.74
C GLU A 50 3.79 4.97 -9.80
N THR A 51 3.25 4.86 -11.02
CA THR A 51 1.94 4.22 -11.20
C THR A 51 2.01 2.76 -10.77
N ALA A 52 3.05 2.05 -11.21
CA ALA A 52 3.20 0.65 -10.86
C ALA A 52 3.35 0.51 -9.34
N THR A 53 4.03 1.46 -8.72
CA THR A 53 4.21 1.42 -7.27
C THR A 53 2.90 1.81 -6.59
N THR A 54 1.95 2.28 -7.39
CA THR A 54 0.65 2.68 -6.88
C THR A 54 0.78 3.88 -5.95
N VAL A 55 2.02 4.28 -5.68
CA VAL A 55 2.26 5.41 -4.80
C VAL A 55 1.71 6.72 -5.39
N GLY A 56 1.97 6.93 -6.69
CA GLY A 56 1.49 8.15 -7.35
C GLY A 56 1.59 9.36 -6.43
N TYR A 57 2.77 9.97 -6.36
CA TYR A 57 2.97 11.14 -5.52
C TYR A 57 2.06 12.29 -5.96
N GLY A 58 1.95 12.48 -7.27
CA GLY A 58 1.10 13.55 -7.81
C GLY A 58 1.85 14.34 -8.88
N ASP A 59 3.02 13.84 -9.28
CA ASP A 59 3.83 14.53 -10.28
C ASP A 59 3.02 14.72 -11.57
N ARG A 60 2.44 13.62 -12.06
CA ARG A 60 1.62 13.67 -13.27
C ARG A 60 0.33 12.90 -13.05
N TYR A 61 -0.80 13.54 -13.31
CA TYR A 61 -2.11 12.91 -13.12
C TYR A 61 -2.76 12.59 -14.46
N PRO A 62 -3.31 11.40 -14.65
CA PRO A 62 -3.98 11.02 -15.93
C PRO A 62 -5.29 11.76 -16.16
N VAL A 63 -5.76 11.77 -17.40
CA VAL A 63 -7.01 12.44 -17.73
C VAL A 63 -8.20 11.70 -17.13
N THR A 64 -9.32 11.71 -17.84
CA THR A 64 -10.54 11.05 -17.37
C THR A 64 -10.89 9.86 -18.27
N GLU A 65 -11.40 10.14 -19.47
CA GLU A 65 -11.80 9.08 -20.40
C GLU A 65 -10.80 7.93 -20.34
N GLU A 66 -9.68 8.09 -21.03
CA GLU A 66 -8.65 7.07 -21.02
C GLU A 66 -7.87 7.16 -19.72
N GLY A 67 -6.64 7.67 -19.81
CA GLY A 67 -5.74 7.89 -18.66
C GLY A 67 -6.11 7.11 -17.41
N ARG A 68 -7.36 7.30 -16.97
CA ARG A 68 -7.90 6.63 -15.80
C ARG A 68 -7.93 5.14 -16.04
N LYS A 69 -8.49 4.75 -17.18
CA LYS A 69 -8.57 3.34 -17.53
C LYS A 69 -7.17 2.80 -17.71
N VAL A 70 -6.31 3.60 -18.35
CA VAL A 70 -4.93 3.16 -18.58
C VAL A 70 -4.17 3.01 -17.26
N ALA A 71 -4.31 4.01 -16.40
CA ALA A 71 -3.64 3.98 -15.09
C ALA A 71 -4.20 2.84 -14.23
N GLU A 72 -5.49 2.61 -14.35
CA GLU A 72 -6.14 1.55 -13.58
C GLU A 72 -5.55 0.19 -13.96
N GLN A 73 -5.25 0.01 -15.24
CA GLN A 73 -4.71 -1.26 -15.71
C GLN A 73 -3.24 -1.43 -15.29
N VAL A 74 -2.39 -0.47 -15.64
CA VAL A 74 -0.97 -0.55 -15.31
C VAL A 74 -0.76 -0.57 -13.79
N MET A 75 -1.45 0.32 -13.09
CA MET A 75 -1.33 0.39 -11.64
C MET A 75 -1.65 -0.96 -11.00
N LYS A 76 -2.74 -1.58 -11.46
CA LYS A 76 -3.12 -2.88 -10.94
C LYS A 76 -2.09 -3.94 -11.29
N ALA A 77 -1.45 -3.77 -12.45
CA ALA A 77 -0.44 -4.73 -12.90
C ALA A 77 0.70 -4.81 -11.90
N GLY A 78 1.08 -3.67 -11.33
CA GLY A 78 2.17 -3.64 -10.36
C GLY A 78 1.81 -4.46 -9.13
N ILE A 79 0.57 -4.34 -8.67
CA ILE A 79 0.11 -5.07 -7.50
C ILE A 79 0.16 -6.58 -7.75
N GLU A 80 -0.28 -6.99 -8.93
CA GLU A 80 -0.28 -8.41 -9.28
C GLU A 80 1.14 -8.95 -9.25
N VAL A 81 2.09 -8.12 -9.66
CA VAL A 81 3.49 -8.54 -9.68
C VAL A 81 4.04 -8.70 -8.26
N PHE A 82 4.29 -7.58 -7.59
CA PHE A 82 4.84 -7.60 -6.24
C PHE A 82 4.11 -8.63 -5.38
N ALA A 83 2.79 -8.74 -5.56
CA ALA A 83 2.00 -9.68 -4.78
C ALA A 83 2.42 -11.13 -5.10
N LEU A 84 2.74 -11.38 -6.36
CA LEU A 84 3.12 -12.72 -6.79
C LEU A 84 4.41 -13.17 -6.10
N VAL A 85 5.36 -12.26 -5.92
CA VAL A 85 6.62 -12.60 -5.27
C VAL A 85 6.36 -13.42 -4.00
N THR A 86 5.11 -13.43 -3.56
CA THR A 86 4.76 -14.18 -2.36
C THR A 86 5.26 -15.61 -2.48
N ALA A 87 5.07 -16.20 -3.66
CA ALA A 87 5.51 -17.57 -3.90
C ALA A 87 6.92 -17.77 -3.36
N ALA A 88 7.65 -16.67 -3.15
CA ALA A 88 9.03 -16.74 -2.65
C ALA A 88 9.09 -16.31 -1.18
N LEU A 89 8.05 -15.61 -0.73
CA LEU A 89 8.00 -15.14 0.67
C LEU A 89 7.28 -16.16 1.55
N ALA A 90 6.18 -16.70 1.05
CA ALA A 90 5.40 -17.68 1.81
C ALA A 90 6.26 -18.88 2.18
N THR A 91 7.25 -19.16 1.36
CA THR A 91 8.15 -20.30 1.61
C THR A 91 9.22 -19.93 2.63
N ASP A 92 9.21 -18.66 3.05
CA ASP A 92 10.20 -18.20 4.03
C ASP A 92 10.08 -18.97 5.34
N PHE A 93 8.86 -19.11 5.85
CA PHE A 93 8.62 -19.81 7.10
C PHE A 93 8.72 -21.33 6.91
N VAL A 94 8.56 -21.78 5.67
CA VAL A 94 8.59 -23.21 5.37
C VAL A 94 9.95 -23.80 5.72
N ARG A 95 11.02 -23.10 5.36
CA ARG A 95 12.37 -23.59 5.63
C ARG A 95 12.59 -23.77 7.13
N ARG A 96 11.79 -23.08 7.94
CA ARG A 96 11.93 -23.17 9.39
C ARG A 96 11.78 -24.62 9.86
N GLU A 97 10.79 -25.31 9.31
CA GLU A 97 10.56 -26.70 9.68
C GLU A 97 11.60 -27.59 8.99
N GLU A 98 11.77 -28.80 9.50
CA GLU A 98 12.73 -29.75 8.94
C GLU A 98 14.16 -29.28 9.18
N GLU A 99 14.40 -27.98 9.02
CA GLU A 99 15.72 -27.43 9.23
C GLU A 99 16.14 -27.56 10.69
N ARG A 100 15.25 -27.15 11.59
CA ARG A 100 15.53 -27.23 13.03
C ARG A 100 15.62 -28.68 13.47
N ARG A 101 14.73 -29.52 12.93
CA ARG A 101 14.71 -30.94 13.27
C ARG A 101 15.21 -31.77 12.09
N GLY A 102 16.35 -32.42 12.28
CA GLY A 102 16.95 -33.25 11.23
C GLY A 102 18.12 -32.54 10.57
N HIS A 103 18.31 -31.27 10.90
CA HIS A 103 19.39 -30.49 10.33
C HIS A 103 19.65 -29.24 11.16
N SER B 1 14.70 -17.19 21.16
CA SER B 1 13.40 -16.52 20.88
C SER B 1 13.11 -16.58 19.39
N ALA B 2 12.35 -17.60 18.98
CA ALA B 2 12.01 -17.77 17.56
C ALA B 2 13.25 -17.58 16.69
N ASP B 3 13.04 -17.60 15.38
CA ASP B 3 14.15 -17.44 14.43
C ASP B 3 13.75 -16.50 13.29
N HIS B 4 12.48 -16.57 12.88
CA HIS B 4 11.99 -15.74 11.80
C HIS B 4 11.72 -14.32 12.30
N GLU B 5 11.49 -14.19 13.60
CA GLU B 5 11.21 -12.89 14.19
C GLU B 5 12.45 -12.00 14.14
N ARG B 6 13.61 -12.59 14.40
CA ARG B 6 14.86 -11.84 14.37
C ARG B 6 15.15 -11.30 12.97
N GLU B 7 14.84 -12.12 11.97
CA GLU B 7 15.07 -11.70 10.59
C GLU B 7 14.17 -10.52 10.23
N ALA B 8 12.92 -10.60 10.69
CA ALA B 8 11.96 -9.53 10.43
C ALA B 8 12.38 -8.24 11.11
N GLN B 9 12.87 -8.35 12.34
CA GLN B 9 13.29 -7.17 13.09
C GLN B 9 14.50 -6.53 12.41
N LYS B 10 15.42 -7.37 11.95
CA LYS B 10 16.62 -6.87 11.29
C LYS B 10 16.27 -6.15 10.00
N ALA B 11 15.25 -6.66 9.31
CA ALA B 11 14.80 -6.07 8.05
C ALA B 11 14.40 -4.61 8.26
N GLU B 12 13.75 -4.31 9.38
CA GLU B 12 13.32 -2.96 9.67
C GLU B 12 14.52 -2.06 9.98
N GLU B 13 15.56 -2.65 10.59
CA GLU B 13 16.76 -1.88 10.93
C GLU B 13 17.44 -1.36 9.68
N GLU B 14 17.66 -2.25 8.72
CA GLU B 14 18.31 -1.87 7.47
C GLU B 14 17.44 -0.89 6.69
N LEU B 15 16.13 -1.00 6.86
CA LEU B 15 15.22 -0.10 6.15
C LEU B 15 15.49 1.36 6.53
N GLN B 16 15.71 1.59 7.82
CA GLN B 16 15.98 2.95 8.28
C GLN B 16 17.26 3.47 7.65
N LYS B 17 18.28 2.64 7.60
CA LYS B 17 19.55 3.05 7.01
C LYS B 17 19.41 3.31 5.51
N VAL B 18 18.55 2.56 4.84
CA VAL B 18 18.36 2.70 3.40
C VAL B 18 17.70 4.03 3.04
N LEU B 19 16.55 4.30 3.63
CA LEU B 19 15.84 5.53 3.35
C LEU B 19 16.66 6.72 3.85
N GLU B 20 17.38 6.51 4.94
CA GLU B 20 18.22 7.56 5.51
C GLU B 20 19.32 7.92 4.51
N GLU B 21 19.88 6.92 3.86
CA GLU B 21 20.92 7.15 2.88
C GLU B 21 20.36 7.95 1.70
N ALA B 22 19.15 7.59 1.30
CA ALA B 22 18.48 8.29 0.21
C ALA B 22 18.25 9.75 0.60
N SER B 23 17.99 9.96 1.88
CA SER B 23 17.73 11.31 2.39
C SER B 23 18.89 12.23 2.03
N LYS B 24 20.11 11.74 2.20
CA LYS B 24 21.29 12.55 1.87
C LYS B 24 21.23 12.96 0.41
N LYS B 25 21.14 11.98 -0.47
CA LYS B 25 21.08 12.24 -1.91
C LYS B 25 19.85 13.10 -2.25
N ALA B 26 18.80 12.95 -1.46
CA ALA B 26 17.57 13.71 -1.71
C ALA B 26 17.86 15.21 -1.76
N VAL B 27 18.78 15.68 -0.92
CA VAL B 27 19.12 17.11 -0.91
C VAL B 27 19.70 17.51 -2.26
N GLU B 28 20.59 16.69 -2.78
CA GLU B 28 21.22 16.96 -4.06
C GLU B 28 20.24 16.69 -5.20
N ALA B 29 19.37 15.71 -5.00
CA ALA B 29 18.37 15.34 -5.99
C ALA B 29 17.30 16.44 -6.09
N GLU B 30 17.74 17.70 -6.13
CA GLU B 30 16.80 18.83 -6.21
C GLU B 30 17.56 20.15 -6.21
N ARG B 31 18.84 20.09 -5.89
CA ARG B 31 19.66 21.29 -5.86
C ARG B 31 20.09 21.69 -7.27
N GLY B 32 19.16 22.29 -8.01
CA GLY B 32 19.45 22.76 -9.37
C GLY B 32 18.41 22.27 -10.38
N ALA B 33 17.43 21.52 -9.89
CA ALA B 33 16.38 20.98 -10.76
C ALA B 33 15.07 21.75 -10.53
N PRO B 34 14.21 21.83 -11.55
CA PRO B 34 12.91 22.56 -11.42
C PRO B 34 11.88 21.77 -10.62
N GLY B 35 11.06 22.47 -9.84
CA GLY B 35 10.03 21.82 -9.04
C GLY B 35 10.65 20.99 -7.93
N ALA B 36 11.79 21.45 -7.42
CA ALA B 36 12.47 20.74 -6.34
C ALA B 36 11.50 20.38 -5.22
N ALA B 37 10.89 21.40 -4.62
CA ALA B 37 9.95 21.17 -3.53
C ALA B 37 10.64 20.48 -2.36
N LEU B 38 11.96 20.30 -2.48
CA LEU B 38 12.74 19.65 -1.42
C LEU B 38 14.13 20.28 -1.34
N ILE B 39 14.19 21.60 -1.17
CA ILE B 39 15.46 22.31 -1.08
C ILE B 39 15.88 22.44 0.38
N SER B 40 15.90 21.32 1.10
CA SER B 40 16.29 21.33 2.51
C SER B 40 16.91 20.00 2.92
N TYR B 41 17.95 20.08 3.73
CA TYR B 41 18.64 18.90 4.23
C TYR B 41 17.90 18.31 5.45
N PRO B 42 17.64 19.08 6.47
CA PRO B 42 16.95 18.57 7.70
C PRO B 42 15.59 17.93 7.39
N ASP B 43 14.93 18.42 6.34
CA ASP B 43 13.62 17.88 5.97
C ASP B 43 13.76 16.69 5.02
N ALA B 44 15.00 16.40 4.61
CA ALA B 44 15.26 15.30 3.71
C ALA B 44 14.89 13.97 4.36
N ILE B 45 15.19 13.85 5.64
CA ILE B 45 14.89 12.65 6.39
C ILE B 45 13.37 12.47 6.53
N TRP B 46 12.67 13.59 6.72
CA TRP B 46 11.23 13.54 6.89
C TRP B 46 10.58 12.85 5.68
N TRP B 47 10.90 13.33 4.49
CA TRP B 47 10.35 12.75 3.27
C TRP B 47 10.82 11.31 3.11
N SER B 48 12.09 11.05 3.38
CA SER B 48 12.65 9.71 3.23
C SER B 48 11.80 8.68 3.97
N VAL B 49 11.32 9.05 5.14
CA VAL B 49 10.49 8.14 5.93
C VAL B 49 9.17 7.82 5.24
N GLU B 50 8.52 8.83 4.69
CA GLU B 50 7.24 8.63 4.01
C GLU B 50 7.36 7.67 2.84
N THR B 51 8.32 7.93 1.96
CA THR B 51 8.52 7.07 0.79
C THR B 51 8.82 5.63 1.21
N ALA B 52 9.64 5.48 2.25
CA ALA B 52 10.00 4.15 2.73
C ALA B 52 8.77 3.39 3.25
N THR B 53 7.75 4.13 3.67
CA THR B 53 6.53 3.52 4.19
C THR B 53 5.52 3.28 3.08
N THR B 54 5.94 3.53 1.83
CA THR B 54 5.06 3.35 0.69
C THR B 54 3.74 4.09 0.90
N VAL B 55 3.82 5.42 1.01
CA VAL B 55 2.63 6.25 1.22
C VAL B 55 2.69 7.50 0.37
N GLY B 56 3.79 8.24 0.50
CA GLY B 56 3.97 9.47 -0.27
C GLY B 56 2.81 10.43 -0.05
N TYR B 57 2.87 11.18 1.05
CA TYR B 57 1.81 12.14 1.37
C TYR B 57 1.73 13.24 0.31
N GLY B 58 2.89 13.69 -0.15
CA GLY B 58 2.94 14.75 -1.16
C GLY B 58 3.69 15.96 -0.62
N ASP B 59 4.23 15.83 0.59
CA ASP B 59 4.97 16.91 1.21
C ASP B 59 6.16 17.32 0.35
N ARG B 60 6.95 16.33 -0.07
CA ARG B 60 8.12 16.59 -0.90
C ARG B 60 8.32 15.45 -1.90
N TYR B 61 9.03 15.73 -3.00
CA TYR B 61 9.29 14.70 -4.00
C TYR B 61 10.27 15.24 -5.06
N PRO B 62 11.30 14.49 -5.42
CA PRO B 62 12.29 14.97 -6.44
C PRO B 62 11.66 15.01 -7.84
N VAL B 63 12.51 15.29 -8.83
CA VAL B 63 12.05 15.37 -10.23
C VAL B 63 13.00 14.61 -11.15
N THR B 64 12.56 14.35 -12.37
CA THR B 64 13.38 13.62 -13.35
C THR B 64 14.82 14.05 -13.29
N GLU B 65 15.07 15.33 -13.59
CA GLU B 65 16.43 15.84 -13.56
C GLU B 65 17.15 15.38 -12.28
N GLU B 66 16.37 14.87 -11.32
CA GLU B 66 16.90 14.37 -10.04
C GLU B 66 16.66 12.86 -9.90
N GLY B 67 16.90 12.21 -11.04
CA GLY B 67 16.78 10.77 -11.12
C GLY B 67 15.59 10.26 -10.31
N ARG B 68 14.37 10.72 -10.64
CA ARG B 68 13.16 10.31 -9.91
C ARG B 68 13.33 8.92 -9.31
N LYS B 69 14.17 8.13 -9.95
CA LYS B 69 14.47 6.82 -9.45
C LYS B 69 14.91 6.95 -7.99
N VAL B 70 15.19 8.19 -7.54
CA VAL B 70 15.60 8.36 -6.16
C VAL B 70 14.50 7.83 -5.23
N ALA B 71 13.25 8.17 -5.52
CA ALA B 71 12.14 7.70 -4.72
C ALA B 71 11.90 6.21 -4.93
N GLU B 72 11.85 5.81 -6.19
CA GLU B 72 11.62 4.40 -6.53
C GLU B 72 12.62 3.53 -5.78
N GLN B 73 13.85 4.01 -5.66
CA GLN B 73 14.89 3.24 -4.98
C GLN B 73 14.49 2.95 -3.54
N VAL B 74 14.10 3.98 -2.80
CA VAL B 74 13.71 3.80 -1.40
C VAL B 74 12.42 2.98 -1.27
N MET B 75 11.45 3.27 -2.12
CA MET B 75 10.18 2.55 -2.09
C MET B 75 10.39 1.06 -2.35
N LYS B 76 11.25 0.74 -3.31
CA LYS B 76 11.50 -0.65 -3.65
C LYS B 76 12.09 -1.38 -2.44
N ALA B 77 13.04 -0.75 -1.76
CA ALA B 77 13.66 -1.36 -0.58
C ALA B 77 12.66 -1.50 0.55
N GLY B 78 11.80 -0.50 0.72
CA GLY B 78 10.80 -0.53 1.79
C GLY B 78 9.79 -1.65 1.55
N ILE B 79 9.34 -1.80 0.30
CA ILE B 79 8.36 -2.83 -0.03
C ILE B 79 8.92 -4.24 0.20
N GLU B 80 10.16 -4.46 -0.21
CA GLU B 80 10.79 -5.78 -0.05
C GLU B 80 10.92 -6.11 1.44
N VAL B 81 11.22 -5.10 2.23
CA VAL B 81 11.38 -5.29 3.67
C VAL B 81 10.09 -5.81 4.31
N PHE B 82 9.08 -4.95 4.34
CA PHE B 82 7.81 -5.32 4.95
C PHE B 82 7.26 -6.59 4.33
N ALA B 83 7.45 -6.74 3.02
CA ALA B 83 6.97 -7.93 2.33
C ALA B 83 7.69 -9.18 2.83
N LEU B 84 8.98 -9.04 3.12
CA LEU B 84 9.76 -10.16 3.62
C LEU B 84 9.21 -10.62 4.97
N VAL B 85 8.86 -9.65 5.81
CA VAL B 85 8.32 -9.97 7.12
C VAL B 85 7.15 -10.93 6.97
N THR B 86 6.60 -11.01 5.76
CA THR B 86 5.49 -11.91 5.50
C THR B 86 5.74 -13.26 6.16
N ALA B 87 7.00 -13.66 6.18
CA ALA B 87 7.39 -14.93 6.77
C ALA B 87 6.85 -15.06 8.19
N ALA B 88 7.27 -14.15 9.07
CA ALA B 88 6.83 -14.19 10.46
C ALA B 88 5.31 -14.15 10.54
N LEU B 89 4.68 -13.55 9.53
CA LEU B 89 3.23 -13.47 9.49
C LEU B 89 2.65 -14.80 9.03
N ALA B 90 3.38 -15.49 8.17
CA ALA B 90 2.95 -16.78 7.66
C ALA B 90 2.81 -17.79 8.79
N THR B 91 3.83 -17.82 9.63
CA THR B 91 3.87 -18.73 10.77
C THR B 91 2.89 -18.26 11.85
N ASP B 92 2.28 -17.10 11.63
CA ASP B 92 1.35 -16.54 12.61
C ASP B 92 0.22 -17.53 12.91
N PHE B 93 -0.39 -18.07 11.87
CA PHE B 93 -1.49 -19.01 12.06
C PHE B 93 -0.99 -20.33 12.64
N VAL B 94 0.17 -20.77 12.18
CA VAL B 94 0.75 -22.04 12.65
C VAL B 94 0.63 -22.19 14.17
N ARG B 95 0.62 -21.06 14.88
CA ARG B 95 0.54 -21.10 16.33
C ARG B 95 -0.76 -21.77 16.80
N ARG B 96 -1.79 -21.71 15.97
CA ARG B 96 -3.06 -22.33 16.32
C ARG B 96 -2.86 -23.80 16.68
N GLU B 97 -2.04 -24.48 15.89
CA GLU B 97 -1.76 -25.89 16.12
C GLU B 97 -1.13 -26.12 17.49
N GLU B 98 -0.14 -25.30 17.84
CA GLU B 98 0.53 -25.43 19.12
C GLU B 98 -0.41 -25.06 20.27
N GLU B 99 -1.20 -24.00 20.05
CA GLU B 99 -2.14 -23.54 21.07
C GLU B 99 -3.25 -24.56 21.29
N ARG B 100 -3.64 -25.24 20.22
CA ARG B 100 -4.70 -26.24 20.31
C ARG B 100 -4.30 -27.35 21.27
N ARG B 101 -3.06 -27.83 21.15
CA ARG B 101 -2.56 -28.90 22.01
C ARG B 101 -1.80 -28.32 23.21
N GLY B 102 -1.55 -27.01 23.15
CA GLY B 102 -0.83 -26.33 24.23
C GLY B 102 0.65 -26.67 24.20
N HIS B 103 1.11 -27.22 23.08
CA HIS B 103 2.51 -27.58 22.93
C HIS B 103 2.94 -28.51 24.07
N SER C 1 -16.46 -17.75 15.33
CA SER C 1 -15.13 -17.15 15.04
C SER C 1 -14.03 -18.04 15.61
N ALA C 2 -12.96 -18.22 14.84
CA ALA C 2 -11.84 -19.05 15.28
C ALA C 2 -10.93 -18.28 16.22
N ASP C 3 -9.90 -18.96 16.73
CA ASP C 3 -8.96 -18.34 17.64
C ASP C 3 -8.20 -17.22 16.93
N HIS C 4 -7.89 -17.42 15.65
CA HIS C 4 -7.18 -16.43 14.87
C HIS C 4 -8.12 -15.35 14.36
N GLU C 5 -9.39 -15.71 14.13
CA GLU C 5 -10.37 -14.77 13.64
C GLU C 5 -10.64 -13.68 14.68
N ARG C 6 -10.79 -14.09 15.93
CA ARG C 6 -11.05 -13.14 17.01
C ARG C 6 -9.83 -12.24 17.20
N GLU C 7 -8.64 -12.81 17.04
CA GLU C 7 -7.41 -12.05 17.21
C GLU C 7 -7.32 -10.96 16.15
N ALA C 8 -7.67 -11.30 14.92
CA ALA C 8 -7.61 -10.33 13.83
C ALA C 8 -8.62 -9.20 14.07
N GLN C 9 -9.79 -9.56 14.57
CA GLN C 9 -10.83 -8.58 14.85
C GLN C 9 -10.39 -7.64 15.97
N LYS C 10 -9.74 -8.21 16.98
CA LYS C 10 -9.26 -7.41 18.10
C LYS C 10 -8.21 -6.41 17.64
N ALA C 11 -7.42 -6.80 16.66
CA ALA C 11 -6.37 -5.93 16.12
C ALA C 11 -6.95 -4.63 15.58
N GLU C 12 -8.14 -4.73 14.97
CA GLU C 12 -8.79 -3.54 14.40
C GLU C 12 -9.17 -2.54 15.50
N GLU C 13 -9.57 -3.06 16.66
CA GLU C 13 -9.96 -2.20 17.76
C GLU C 13 -8.78 -1.37 18.25
N GLU C 14 -7.61 -2.00 18.33
CA GLU C 14 -6.41 -1.31 18.78
C GLU C 14 -6.01 -0.23 17.78
N LEU C 15 -6.34 -0.43 16.51
CA LEU C 15 -5.99 0.53 15.48
C LEU C 15 -6.70 1.86 15.74
N GLN C 16 -7.94 1.79 16.18
CA GLN C 16 -8.70 3.01 16.47
C GLN C 16 -8.18 3.71 17.72
N LYS C 17 -7.61 2.94 18.65
CA LYS C 17 -7.09 3.52 19.89
C LYS C 17 -5.94 4.48 19.62
N VAL C 18 -5.00 4.05 18.78
CA VAL C 18 -3.83 4.88 18.45
C VAL C 18 -4.26 6.14 17.72
N LEU C 19 -5.27 6.03 16.86
CA LEU C 19 -5.75 7.17 16.10
C LEU C 19 -6.25 8.25 17.06
N GLU C 20 -6.97 7.83 18.09
CA GLU C 20 -7.48 8.78 19.07
C GLU C 20 -6.31 9.51 19.73
N GLU C 21 -5.30 8.75 20.12
CA GLU C 21 -4.11 9.34 20.74
C GLU C 21 -3.32 10.14 19.71
N ALA C 22 -3.33 9.67 18.47
CA ALA C 22 -2.60 10.35 17.41
C ALA C 22 -3.11 11.77 17.24
N SER C 23 -4.43 11.93 17.28
CA SER C 23 -5.03 13.25 17.13
C SER C 23 -4.58 14.19 18.23
N LYS C 24 -4.61 13.71 19.47
CA LYS C 24 -4.19 14.53 20.61
C LYS C 24 -2.71 14.88 20.47
N LYS C 25 -1.88 13.85 20.35
CA LYS C 25 -0.45 14.05 20.23
C LYS C 25 -0.14 14.89 18.99
N ALA C 26 -0.82 14.58 17.89
CA ALA C 26 -0.61 15.31 16.64
C ALA C 26 -0.83 16.81 16.84
N VAL C 27 -1.90 17.17 17.54
CA VAL C 27 -2.19 18.58 17.78
C VAL C 27 -1.08 19.20 18.62
N GLU C 28 -0.68 18.50 19.68
CA GLU C 28 0.37 18.99 20.57
C GLU C 28 1.72 18.98 19.84
N ALA C 29 1.92 17.98 18.98
CA ALA C 29 3.17 17.86 18.24
C ALA C 29 3.45 19.15 17.46
N GLU C 30 2.44 19.66 16.77
CA GLU C 30 2.60 20.89 16.00
C GLU C 30 2.76 22.09 16.94
N ARG C 31 2.11 22.05 18.10
CA ARG C 31 2.19 23.14 19.04
C ARG C 31 3.64 23.46 19.37
N GLY C 32 4.21 24.44 18.66
CA GLY C 32 5.60 24.86 18.88
C GLY C 32 6.46 24.58 17.66
N ALA C 33 5.86 24.00 16.63
CA ALA C 33 6.59 23.68 15.39
C ALA C 33 6.43 24.82 14.37
N PRO C 34 7.42 25.08 13.55
CA PRO C 34 7.33 26.15 12.53
C PRO C 34 6.47 25.76 11.33
N GLY C 35 5.71 26.72 10.81
CA GLY C 35 4.86 26.45 9.66
C GLY C 35 3.83 25.36 9.97
N ALA C 36 3.46 25.26 11.24
CA ALA C 36 2.48 24.24 11.65
C ALA C 36 1.15 24.48 10.96
N ALA C 37 0.47 23.39 10.62
CA ALA C 37 -0.84 23.48 9.96
C ALA C 37 -1.79 22.43 10.53
N LEU C 38 -1.23 21.38 11.12
CA LEU C 38 -2.04 20.30 11.69
C LEU C 38 -2.89 20.86 12.83
N ILE C 39 -2.31 21.75 13.63
CA ILE C 39 -3.01 22.35 14.76
C ILE C 39 -4.49 22.51 14.47
N SER C 40 -5.27 21.54 14.91
CA SER C 40 -6.70 21.57 14.69
C SER C 40 -7.40 20.50 15.53
N TYR C 41 -7.57 20.79 16.80
CA TYR C 41 -8.26 19.86 17.70
C TYR C 41 -9.43 19.15 16.99
N PRO C 42 -10.38 19.89 16.46
CA PRO C 42 -11.55 19.27 15.75
C PRO C 42 -11.14 18.40 14.57
N ASP C 43 -10.36 18.99 13.65
CA ASP C 43 -9.92 18.26 12.46
C ASP C 43 -8.75 17.34 12.77
N ALA C 44 -8.31 17.33 14.03
CA ALA C 44 -7.18 16.49 14.42
C ALA C 44 -7.47 15.02 14.12
N ILE C 45 -8.69 14.59 14.43
CA ILE C 45 -9.09 13.21 14.20
C ILE C 45 -9.18 12.92 12.70
N TRP C 46 -9.71 13.88 11.96
CA TRP C 46 -9.86 13.71 10.52
C TRP C 46 -8.50 13.37 9.89
N TRP C 47 -7.48 14.12 10.24
CA TRP C 47 -6.15 13.84 9.72
C TRP C 47 -5.66 12.49 10.22
N SER C 48 -5.94 12.19 11.48
CA SER C 48 -5.51 10.93 12.07
C SER C 48 -6.11 9.75 11.31
N VAL C 49 -7.38 9.87 10.93
CA VAL C 49 -8.05 8.78 10.22
C VAL C 49 -7.70 8.78 8.73
N GLU C 50 -6.45 8.44 8.41
CA GLU C 50 -6.04 8.39 7.02
C GLU C 50 -4.69 7.67 6.87
N THR C 51 -3.77 7.96 7.77
CA THR C 51 -2.44 7.35 7.74
C THR C 51 -2.50 5.87 8.10
N ALA C 52 -3.38 5.53 9.04
CA ALA C 52 -3.51 4.14 9.48
C ALA C 52 -3.84 3.25 8.30
N THR C 53 -4.49 3.80 7.27
CA THR C 53 -4.85 3.04 6.08
C THR C 53 -3.79 3.21 5.00
N THR C 54 -2.73 3.92 5.34
CA THR C 54 -1.63 4.16 4.40
C THR C 54 -2.16 4.82 3.12
N VAL C 55 -2.59 6.08 3.23
CA VAL C 55 -3.11 6.82 2.09
C VAL C 55 -2.81 8.31 2.25
N GLY C 56 -3.64 9.00 3.01
CA GLY C 56 -3.45 10.43 3.23
C GLY C 56 -3.57 11.19 1.91
N TYR C 57 -4.75 11.74 1.65
CA TYR C 57 -4.97 12.49 0.42
C TYR C 57 -4.07 13.71 0.35
N GLY C 58 -3.95 14.42 1.47
CA GLY C 58 -3.11 15.63 1.54
C GLY C 58 -3.86 16.78 2.19
N ASP C 59 -4.81 16.45 3.06
CA ASP C 59 -5.60 17.47 3.74
C ASP C 59 -4.70 18.33 4.61
N ARG C 60 -3.80 17.70 5.34
CA ARG C 60 -2.87 18.41 6.21
C ARG C 60 -1.50 17.74 6.17
N TYR C 61 -0.46 18.47 6.59
CA TYR C 61 0.90 17.91 6.57
C TYR C 61 1.68 18.37 7.82
N PRO C 62 2.13 17.46 8.67
CA PRO C 62 2.91 17.84 9.89
C PRO C 62 4.30 18.37 9.56
N VAL C 63 4.86 19.14 10.49
CA VAL C 63 6.20 19.71 10.28
C VAL C 63 7.28 18.71 10.69
N THR C 64 8.30 19.19 11.38
CA THR C 64 9.40 18.34 11.84
C THR C 64 9.42 18.25 13.36
N GLU C 65 9.37 19.41 14.02
CA GLU C 65 9.40 19.45 15.47
C GLU C 65 8.29 18.56 16.03
N GLU C 66 7.26 18.35 15.22
CA GLU C 66 6.15 17.50 15.62
C GLU C 66 6.58 16.02 15.56
N GLY C 67 7.83 15.81 15.95
CA GLY C 67 8.34 14.46 16.00
C GLY C 67 7.99 13.69 14.76
N ARG C 68 8.51 14.09 13.60
CA ARG C 68 8.21 13.45 12.30
C ARG C 68 7.70 12.02 12.46
N LYS C 69 8.20 11.37 13.49
CA LYS C 69 7.81 10.03 13.79
C LYS C 69 6.32 9.97 14.15
N VAL C 70 5.67 11.14 14.34
CA VAL C 70 4.26 11.14 14.67
C VAL C 70 3.44 10.51 13.56
N ALA C 71 3.69 10.93 12.32
CA ALA C 71 2.97 10.37 11.19
C ALA C 71 3.39 8.93 10.95
N GLU C 72 4.69 8.69 11.01
CA GLU C 72 5.22 7.34 10.77
C GLU C 72 4.68 6.36 11.80
N GLN C 73 4.58 6.81 13.06
CA GLN C 73 4.10 5.93 14.13
C GLN C 73 2.71 5.39 13.81
N VAL C 74 1.82 6.25 13.30
CA VAL C 74 0.46 5.81 12.98
C VAL C 74 0.45 4.82 11.81
N MET C 75 1.24 5.11 10.77
CA MET C 75 1.29 4.25 9.59
C MET C 75 1.77 2.85 9.96
N LYS C 76 2.79 2.77 10.81
CA LYS C 76 3.31 1.47 11.22
C LYS C 76 2.26 0.69 12.00
N ALA C 77 1.50 1.37 12.84
CA ALA C 77 0.47 0.72 13.62
C ALA C 77 -0.57 0.08 12.71
N GLY C 78 -0.91 0.77 11.63
CA GLY C 78 -1.89 0.27 10.67
C GLY C 78 -1.40 -0.97 9.94
N ILE C 79 -0.12 -0.96 9.57
CA ILE C 79 0.46 -2.07 8.84
C ILE C 79 0.44 -3.35 9.70
N GLU C 80 0.80 -3.20 10.97
CA GLU C 80 0.84 -4.34 11.88
C GLU C 80 -0.54 -5.01 12.00
N VAL C 81 -1.55 -4.23 12.34
CA VAL C 81 -2.90 -4.77 12.51
C VAL C 81 -3.42 -5.37 11.22
N PHE C 82 -3.28 -4.65 10.12
CA PHE C 82 -3.75 -5.15 8.82
C PHE C 82 -2.92 -6.34 8.35
N ALA C 83 -1.65 -6.36 8.71
CA ALA C 83 -0.76 -7.46 8.31
C ALA C 83 -0.88 -8.62 9.29
N LEU C 84 -1.28 -8.33 10.52
CA LEU C 84 -1.41 -9.35 11.55
C LEU C 84 -2.49 -10.37 11.18
N VAL C 85 -3.62 -9.89 10.65
CA VAL C 85 -4.71 -10.79 10.29
C VAL C 85 -4.23 -11.80 9.25
N THR C 86 -3.14 -11.49 8.57
CA THR C 86 -2.59 -12.39 7.56
C THR C 86 -2.66 -13.84 8.03
N ALA C 87 -2.68 -14.02 9.35
CA ALA C 87 -2.74 -15.35 9.94
C ALA C 87 -4.05 -16.04 9.54
N ALA C 88 -5.17 -15.34 9.76
CA ALA C 88 -6.47 -15.88 9.44
C ALA C 88 -6.59 -16.10 7.93
N LEU C 89 -6.01 -15.20 7.17
CA LEU C 89 -6.04 -15.29 5.71
C LEU C 89 -5.16 -16.44 5.23
N ALA C 90 -4.03 -16.63 5.89
CA ALA C 90 -3.08 -17.69 5.52
C ALA C 90 -3.75 -19.06 5.55
N THR C 91 -4.67 -19.23 6.48
CA THR C 91 -5.38 -20.50 6.63
C THR C 91 -6.44 -20.64 5.55
N ASP C 92 -6.61 -19.60 4.74
CA ASP C 92 -7.62 -19.63 3.70
C ASP C 92 -7.40 -20.81 2.76
N PHE C 93 -6.16 -21.01 2.32
CA PHE C 93 -5.83 -22.11 1.42
C PHE C 93 -5.84 -23.43 2.17
N VAL C 94 -5.92 -23.37 3.50
CA VAL C 94 -5.92 -24.58 4.33
C VAL C 94 -7.33 -25.13 4.54
N ARG C 95 -8.30 -24.23 4.70
CA ARG C 95 -9.68 -24.64 4.92
C ARG C 95 -10.20 -25.51 3.77
N ARG C 96 -9.66 -25.29 2.57
CA ARG C 96 -10.09 -26.05 1.40
C ARG C 96 -10.06 -27.55 1.70
N GLU C 97 -9.01 -28.00 2.38
CA GLU C 97 -8.88 -29.41 2.72
C GLU C 97 -10.00 -29.83 3.66
N GLU C 98 -10.19 -31.14 3.79
CA GLU C 98 -11.24 -31.70 4.65
C GLU C 98 -12.63 -31.28 4.17
N GLU C 99 -12.89 -29.98 4.19
CA GLU C 99 -14.17 -29.45 3.75
C GLU C 99 -14.48 -29.93 2.33
N ARG C 100 -13.46 -29.93 1.48
CA ARG C 100 -13.63 -30.36 0.09
C ARG C 100 -14.02 -31.83 0.04
N ARG C 101 -13.36 -32.66 0.86
CA ARG C 101 -13.64 -34.09 0.91
C ARG C 101 -13.68 -34.58 2.36
N GLY C 102 -14.90 -34.74 2.87
CA GLY C 102 -15.09 -35.23 4.24
C GLY C 102 -15.58 -34.10 5.15
N HIS C 103 -16.35 -33.18 4.57
CA HIS C 103 -16.87 -32.06 5.34
C HIS C 103 -17.63 -32.55 6.57
N SER D 1 -9.48 -25.32 -13.02
CA SER D 1 -10.14 -24.23 -12.24
C SER D 1 -10.03 -24.53 -10.75
N ALA D 2 -9.01 -23.97 -10.11
CA ALA D 2 -8.80 -24.18 -8.68
C ALA D 2 -9.93 -23.56 -7.87
N ASP D 3 -10.34 -24.24 -6.80
CA ASP D 3 -11.41 -23.75 -5.96
C ASP D 3 -11.01 -22.44 -5.28
N HIS D 4 -9.75 -22.33 -4.90
CA HIS D 4 -9.26 -21.13 -4.24
C HIS D 4 -9.29 -19.93 -5.20
N GLU D 5 -8.97 -20.17 -6.47
CA GLU D 5 -8.98 -19.12 -7.46
C GLU D 5 -10.39 -18.57 -7.66
N ARG D 6 -11.38 -19.47 -7.57
CA ARG D 6 -12.77 -19.05 -7.75
C ARG D 6 -13.17 -18.03 -6.68
N GLU D 7 -12.73 -18.26 -5.44
CA GLU D 7 -13.04 -17.34 -4.36
C GLU D 7 -12.38 -15.99 -4.62
N ALA D 8 -11.18 -16.02 -5.17
CA ALA D 8 -10.45 -14.80 -5.46
C ALA D 8 -11.18 -13.95 -6.50
N GLN D 9 -11.80 -14.62 -7.47
CA GLN D 9 -12.54 -13.92 -8.52
C GLN D 9 -13.69 -13.13 -7.93
N LYS D 10 -14.37 -13.73 -6.97
CA LYS D 10 -15.52 -13.09 -6.32
C LYS D 10 -15.06 -11.82 -5.58
N ALA D 11 -13.93 -11.92 -4.91
CA ALA D 11 -13.41 -10.78 -4.15
C ALA D 11 -13.12 -9.60 -5.08
N GLU D 12 -12.57 -9.89 -6.26
CA GLU D 12 -12.26 -8.85 -7.23
C GLU D 12 -13.54 -8.22 -7.79
N GLU D 13 -14.50 -9.06 -8.14
CA GLU D 13 -15.77 -8.57 -8.68
C GLU D 13 -16.55 -7.82 -7.61
N GLU D 14 -16.45 -8.29 -6.38
CA GLU D 14 -17.16 -7.65 -5.27
C GLU D 14 -16.67 -6.21 -5.07
N LEU D 15 -15.36 -6.00 -5.26
CA LEU D 15 -14.79 -4.67 -5.10
C LEU D 15 -15.40 -3.70 -6.12
N GLN D 16 -15.56 -4.18 -7.35
CA GLN D 16 -16.13 -3.35 -8.40
C GLN D 16 -17.50 -2.82 -8.01
N LYS D 17 -18.29 -3.66 -7.35
CA LYS D 17 -19.64 -3.27 -6.93
C LYS D 17 -19.58 -2.10 -5.95
N VAL D 18 -18.63 -2.15 -5.02
CA VAL D 18 -18.48 -1.11 -4.02
C VAL D 18 -18.14 0.23 -4.68
N LEU D 19 -17.36 0.17 -5.75
CA LEU D 19 -16.97 1.39 -6.46
C LEU D 19 -18.22 2.10 -6.98
N GLU D 20 -19.17 1.31 -7.49
CA GLU D 20 -20.40 1.88 -8.00
C GLU D 20 -21.14 2.65 -6.91
N GLU D 21 -21.30 2.00 -5.74
CA GLU D 21 -21.97 2.64 -4.62
C GLU D 21 -21.12 3.80 -4.09
N ALA D 22 -19.81 3.63 -4.15
CA ALA D 22 -18.90 4.66 -3.68
C ALA D 22 -19.03 5.93 -4.50
N SER D 23 -19.20 5.78 -5.81
CA SER D 23 -19.32 6.93 -6.70
C SER D 23 -20.53 7.78 -6.30
N LYS D 24 -21.66 7.15 -6.06
CA LYS D 24 -22.86 7.90 -5.69
C LYS D 24 -22.66 8.56 -4.32
N LYS D 25 -22.28 7.75 -3.35
CA LYS D 25 -22.06 8.26 -1.99
C LYS D 25 -20.99 9.35 -1.98
N ALA D 26 -19.92 9.14 -2.74
CA ALA D 26 -18.84 10.12 -2.80
C ALA D 26 -19.38 11.53 -2.97
N VAL D 27 -20.13 11.76 -4.05
CA VAL D 27 -20.69 13.07 -4.30
C VAL D 27 -21.64 13.46 -3.17
N GLU D 28 -22.49 12.53 -2.77
CA GLU D 28 -23.45 12.80 -1.69
C GLU D 28 -22.72 13.26 -0.44
N ALA D 29 -21.51 12.74 -0.24
CA ALA D 29 -20.71 13.10 0.93
C ALA D 29 -20.50 14.62 0.98
N GLU D 30 -20.16 15.21 -0.16
CA GLU D 30 -19.93 16.65 -0.21
C GLU D 30 -21.23 17.41 0.04
N ARG D 31 -22.34 16.86 -0.44
CA ARG D 31 -23.63 17.49 -0.27
C ARG D 31 -23.98 17.63 1.21
N GLY D 32 -23.51 18.72 1.82
CA GLY D 32 -23.78 18.98 3.24
C GLY D 32 -22.49 19.22 4.01
N ALA D 33 -21.35 19.04 3.34
CA ALA D 33 -20.05 19.25 3.99
C ALA D 33 -19.41 20.56 3.51
N PRO D 34 -18.71 21.27 4.38
CA PRO D 34 -18.06 22.56 4.00
C PRO D 34 -16.80 22.35 3.16
N GLY D 35 -16.46 23.35 2.36
CA GLY D 35 -15.28 23.27 1.51
C GLY D 35 -15.38 22.10 0.54
N ALA D 36 -16.60 21.82 0.07
CA ALA D 36 -16.82 20.72 -0.87
C ALA D 36 -15.99 20.93 -2.13
N ALA D 37 -15.50 19.83 -2.69
CA ALA D 37 -14.70 19.87 -3.92
C ALA D 37 -15.15 18.80 -4.89
N LEU D 38 -15.84 17.78 -4.39
CA LEU D 38 -16.34 16.69 -5.23
C LEU D 38 -17.86 16.74 -5.32
N ILE D 39 -18.37 17.46 -6.33
CA ILE D 39 -19.82 17.60 -6.54
C ILE D 39 -20.17 17.37 -8.00
N SER D 40 -20.70 16.19 -8.30
CA SER D 40 -21.08 15.84 -9.66
C SER D 40 -21.79 14.49 -9.69
N TYR D 41 -21.21 13.53 -10.39
CA TYR D 41 -21.79 12.20 -10.50
C TYR D 41 -20.98 11.36 -11.50
N PRO D 42 -20.92 11.75 -12.77
CA PRO D 42 -20.16 10.98 -13.79
C PRO D 42 -18.69 10.82 -13.42
N ASP D 43 -18.11 11.87 -12.83
CA ASP D 43 -16.70 11.84 -12.44
C ASP D 43 -16.55 11.31 -11.01
N ALA D 44 -17.66 11.04 -10.33
CA ALA D 44 -17.60 10.54 -8.97
C ALA D 44 -16.95 9.15 -8.95
N ILE D 45 -17.26 8.34 -9.94
CA ILE D 45 -16.69 6.99 -10.03
C ILE D 45 -15.19 7.08 -10.27
N TRP D 46 -14.78 8.01 -11.11
CA TRP D 46 -13.37 8.16 -11.43
C TRP D 46 -12.56 8.30 -10.14
N TRP D 47 -13.03 9.15 -9.22
CA TRP D 47 -12.35 9.31 -7.95
C TRP D 47 -12.36 8.00 -7.17
N SER D 48 -13.50 7.33 -7.16
CA SER D 48 -13.63 6.08 -6.43
C SER D 48 -12.68 5.02 -6.99
N VAL D 49 -12.47 5.04 -8.31
CA VAL D 49 -11.58 4.08 -8.95
C VAL D 49 -10.15 4.25 -8.45
N GLU D 50 -9.66 5.49 -8.42
CA GLU D 50 -8.31 5.75 -7.96
C GLU D 50 -8.30 5.88 -6.44
N THR D 51 -9.20 5.13 -5.78
CA THR D 51 -9.31 5.14 -4.32
C THR D 51 -9.37 3.71 -3.79
N ALA D 52 -10.20 2.88 -4.40
CA ALA D 52 -10.33 1.50 -3.96
C ALA D 52 -8.96 0.81 -4.00
N THR D 53 -8.06 1.34 -4.82
CA THR D 53 -6.71 0.79 -4.94
C THR D 53 -5.75 1.53 -4.02
N THR D 54 -6.29 2.44 -3.21
CA THR D 54 -5.48 3.21 -2.28
C THR D 54 -4.31 3.90 -3.00
N VAL D 55 -4.61 4.96 -3.73
CA VAL D 55 -3.58 5.71 -4.46
C VAL D 55 -3.81 7.22 -4.36
N GLY D 56 -5.03 7.65 -4.68
CA GLY D 56 -5.36 9.07 -4.63
C GLY D 56 -4.33 9.89 -5.38
N TYR D 57 -4.47 9.97 -6.70
CA TYR D 57 -3.53 10.74 -7.52
C TYR D 57 -3.54 12.21 -7.12
N GLY D 58 -4.74 12.76 -6.93
CA GLY D 58 -4.88 14.17 -6.55
C GLY D 58 -6.00 14.84 -7.36
N ASP D 59 -6.67 14.06 -8.20
CA ASP D 59 -7.75 14.60 -9.01
C ASP D 59 -8.84 15.20 -8.13
N ARG D 60 -9.28 14.44 -7.14
CA ARG D 60 -10.31 14.91 -6.22
C ARG D 60 -10.07 14.32 -4.83
N TYR D 61 -10.55 15.01 -3.80
CA TYR D 61 -10.38 14.54 -2.43
C TYR D 61 -11.49 15.09 -1.53
N PRO D 62 -11.90 14.36 -0.52
CA PRO D 62 -12.96 14.81 0.42
C PRO D 62 -12.47 15.94 1.33
N VAL D 63 -13.40 16.50 2.09
CA VAL D 63 -13.06 17.60 3.02
C VAL D 63 -13.07 17.09 4.47
N THR D 64 -14.11 17.46 5.22
CA THR D 64 -14.24 17.05 6.61
C THR D 64 -15.50 16.21 6.82
N GLU D 65 -16.62 16.88 7.04
CA GLU D 65 -17.88 16.19 7.25
C GLU D 65 -18.06 15.11 6.19
N GLU D 66 -18.28 13.90 6.65
CA GLU D 66 -18.45 12.78 5.74
C GLU D 66 -17.22 12.65 4.86
N GLY D 67 -17.33 13.09 3.61
CA GLY D 67 -16.24 13.08 2.62
C GLY D 67 -15.17 12.02 2.89
N ARG D 68 -14.58 12.11 4.09
CA ARG D 68 -13.54 11.19 4.52
C ARG D 68 -14.17 9.89 5.00
N LYS D 69 -15.07 10.01 5.97
CA LYS D 69 -15.75 8.83 6.52
C LYS D 69 -16.27 7.99 5.37
N VAL D 70 -16.59 8.65 4.26
CA VAL D 70 -17.07 7.94 3.09
C VAL D 70 -15.92 7.33 2.31
N ALA D 71 -14.74 7.96 2.42
CA ALA D 71 -13.56 7.46 1.72
C ALA D 71 -12.95 6.27 2.46
N GLU D 72 -12.72 6.44 3.76
CA GLU D 72 -12.14 5.39 4.58
C GLU D 72 -12.90 4.08 4.39
N GLN D 73 -14.23 4.17 4.35
CA GLN D 73 -15.05 2.98 4.20
C GLN D 73 -14.82 2.29 2.85
N VAL D 74 -14.74 3.08 1.77
CA VAL D 74 -14.53 2.51 0.44
C VAL D 74 -13.15 1.86 0.32
N MET D 75 -12.13 2.56 0.79
CA MET D 75 -10.75 2.05 0.72
C MET D 75 -10.60 0.78 1.54
N LYS D 76 -11.24 0.73 2.70
CA LYS D 76 -11.15 -0.44 3.56
C LYS D 76 -11.61 -1.69 2.83
N ALA D 77 -12.68 -1.56 2.04
CA ALA D 77 -13.20 -2.69 1.29
C ALA D 77 -12.17 -3.18 0.27
N GLY D 78 -11.51 -2.24 -0.39
CA GLY D 78 -10.49 -2.58 -1.39
C GLY D 78 -9.27 -3.24 -0.75
N ILE D 79 -8.86 -2.73 0.40
CA ILE D 79 -7.69 -3.26 1.09
C ILE D 79 -7.89 -4.73 1.49
N GLU D 80 -9.07 -5.04 2.01
CA GLU D 80 -9.36 -6.41 2.43
C GLU D 80 -9.41 -7.35 1.23
N VAL D 81 -9.92 -6.85 0.11
CA VAL D 81 -10.03 -7.65 -1.10
C VAL D 81 -8.66 -8.12 -1.60
N PHE D 82 -7.72 -7.19 -1.64
CA PHE D 82 -6.37 -7.51 -2.11
C PHE D 82 -5.71 -8.52 -1.19
N ALA D 83 -6.03 -8.44 0.11
CA ALA D 83 -5.45 -9.37 1.08
C ALA D 83 -6.22 -10.69 1.08
N LEU D 84 -7.47 -10.65 0.66
CA LEU D 84 -8.29 -11.86 0.62
C LEU D 84 -7.72 -12.85 -0.39
N VAL D 85 -7.32 -12.36 -1.55
CA VAL D 85 -6.77 -13.22 -2.59
C VAL D 85 -5.49 -13.88 -2.08
N THR D 86 -4.94 -13.36 -0.99
CA THR D 86 -3.72 -13.91 -0.41
C THR D 86 -3.74 -15.43 -0.48
N ALA D 87 -4.91 -16.01 -0.24
CA ALA D 87 -5.06 -17.46 -0.26
C ALA D 87 -4.53 -18.03 -1.58
N ALA D 88 -5.11 -17.58 -2.69
CA ALA D 88 -4.69 -18.05 -4.00
C ALA D 88 -3.19 -17.85 -4.17
N LEU D 89 -2.64 -16.88 -3.45
CA LEU D 89 -1.22 -16.60 -3.50
C LEU D 89 -0.46 -17.47 -2.49
N ALA D 90 -1.16 -17.83 -1.42
CA ALA D 90 -0.56 -18.66 -0.38
C ALA D 90 -0.25 -20.06 -0.92
N THR D 91 -1.14 -20.55 -1.77
CA THR D 91 -0.98 -21.88 -2.35
C THR D 91 0.15 -21.87 -3.37
N ASP D 92 0.70 -20.70 -3.64
CA ASP D 92 1.77 -20.57 -4.61
C ASP D 92 2.95 -21.49 -4.28
N PHE D 93 3.42 -21.40 -3.04
CA PHE D 93 4.55 -22.22 -2.61
C PHE D 93 4.12 -23.67 -2.39
N VAL D 94 2.80 -23.89 -2.38
CA VAL D 94 2.25 -25.23 -2.17
C VAL D 94 2.08 -25.98 -3.49
N ARG D 95 1.77 -25.25 -4.55
CA ARG D 95 1.56 -25.87 -5.86
C ARG D 95 2.87 -26.47 -6.40
N ARG D 96 4.00 -25.97 -5.90
CA ARG D 96 5.29 -26.47 -6.34
C ARG D 96 5.48 -27.92 -5.91
N GLU D 97 4.69 -28.33 -4.91
CA GLU D 97 4.78 -29.68 -4.39
C GLU D 97 4.51 -30.71 -5.48
N GLU D 98 3.80 -30.29 -6.54
CA GLU D 98 3.50 -31.18 -7.66
C GLU D 98 4.49 -30.95 -8.81
N GLU D 99 5.01 -29.73 -8.88
CA GLU D 99 5.96 -29.37 -9.93
C GLU D 99 7.28 -30.11 -9.71
N ARG D 100 7.66 -30.25 -8.46
CA ARG D 100 8.90 -30.95 -8.11
C ARG D 100 8.86 -32.39 -8.60
N ARG D 101 7.68 -32.99 -8.53
CA ARG D 101 7.51 -34.37 -8.98
C ARG D 101 7.76 -34.48 -10.48
N GLY D 102 7.31 -33.48 -11.23
CA GLY D 102 7.48 -33.47 -12.67
C GLY D 102 6.41 -34.32 -13.35
N HIS D 103 5.28 -34.50 -12.67
CA HIS D 103 4.18 -35.29 -13.23
C HIS D 103 2.87 -34.91 -12.56
N SER A 1 18.84 -19.65 -6.03
CA SER A 1 18.26 -20.49 -7.11
C SER A 1 17.10 -21.30 -6.56
N ALA A 2 15.88 -20.90 -6.93
CA ALA A 2 14.69 -21.60 -6.48
C ALA A 2 13.53 -21.36 -7.43
N ASP A 3 12.58 -22.29 -7.44
CA ASP A 3 11.42 -22.19 -8.31
C ASP A 3 10.60 -20.95 -7.96
N HIS A 4 10.44 -20.69 -6.67
CA HIS A 4 9.67 -19.54 -6.22
C HIS A 4 10.38 -18.24 -6.60
N GLU A 5 11.69 -18.20 -6.37
CA GLU A 5 12.49 -17.02 -6.68
C GLU A 5 12.48 -16.77 -8.18
N ARG A 6 12.62 -17.84 -8.95
CA ARG A 6 12.64 -17.73 -10.41
C ARG A 6 11.28 -17.25 -10.90
N GLU A 7 10.21 -17.77 -10.30
CA GLU A 7 8.86 -17.38 -10.69
C GLU A 7 8.60 -15.93 -10.29
N ALA A 8 9.01 -15.57 -9.09
CA ALA A 8 8.83 -14.21 -8.60
C ALA A 8 9.66 -13.23 -9.41
N GLN A 9 10.87 -13.65 -9.77
CA GLN A 9 11.77 -12.79 -10.56
C GLN A 9 11.17 -12.54 -11.93
N LYS A 10 10.59 -13.58 -12.52
CA LYS A 10 9.97 -13.46 -13.84
C LYS A 10 8.80 -12.48 -13.78
N ALA A 11 8.07 -12.50 -12.67
CA ALA A 11 6.91 -11.63 -12.51
C ALA A 11 7.34 -10.16 -12.56
N GLU A 12 8.52 -9.85 -12.02
CA GLU A 12 9.01 -8.49 -12.01
C GLU A 12 9.19 -7.98 -13.44
N GLU A 13 9.65 -8.85 -14.32
CA GLU A 13 9.85 -8.47 -15.72
C GLU A 13 8.53 -8.08 -16.37
N GLU A 14 7.46 -8.76 -15.97
CA GLU A 14 6.14 -8.48 -16.51
C GLU A 14 5.70 -7.07 -16.15
N LEU A 15 6.10 -6.62 -14.95
CA LEU A 15 5.73 -5.28 -14.51
C LEU A 15 6.35 -4.24 -15.44
N GLN A 16 7.57 -4.49 -15.88
CA GLN A 16 8.25 -3.55 -16.76
C GLN A 16 7.52 -3.43 -18.10
N LYS A 17 6.88 -4.51 -18.55
CA LYS A 17 6.16 -4.49 -19.80
C LYS A 17 5.02 -3.46 -19.78
N VAL A 18 4.20 -3.52 -18.73
CA VAL A 18 3.08 -2.60 -18.61
C VAL A 18 3.56 -1.18 -18.40
N LEU A 19 4.70 -1.04 -17.72
CA LEU A 19 5.25 0.28 -17.47
C LEU A 19 5.59 0.97 -18.78
N GLU A 20 6.17 0.22 -19.72
CA GLU A 20 6.52 0.79 -21.01
C GLU A 20 5.27 1.21 -21.76
N GLU A 21 4.26 0.33 -21.76
CA GLU A 21 3.01 0.64 -22.45
C GLU A 21 2.24 1.71 -21.69
N ALA A 22 2.26 1.63 -20.37
CA ALA A 22 1.55 2.60 -19.54
C ALA A 22 2.06 4.01 -19.80
N SER A 23 3.37 4.19 -19.75
CA SER A 23 3.97 5.50 -19.98
C SER A 23 3.64 5.98 -21.39
N LYS A 24 3.78 5.08 -22.35
CA LYS A 24 3.50 5.41 -23.75
C LYS A 24 2.04 5.82 -23.90
N LYS A 25 1.17 5.21 -23.10
CA LYS A 25 -0.25 5.53 -23.16
C LYS A 25 -0.56 6.79 -22.35
N ALA A 26 0.08 6.93 -21.19
CA ALA A 26 -0.14 8.10 -20.33
C ALA A 26 0.17 9.40 -21.05
N VAL A 27 1.31 9.46 -21.73
CA VAL A 27 1.67 10.67 -22.43
C VAL A 27 0.58 11.02 -23.46
N GLU A 28 0.15 10.02 -24.21
CA GLU A 28 -0.91 10.21 -25.22
C GLU A 28 -2.25 10.47 -24.55
N ALA A 29 -2.54 9.73 -23.48
CA ALA A 29 -3.79 9.88 -22.75
C ALA A 29 -3.87 11.28 -22.13
N GLU A 30 -2.73 11.77 -21.64
CA GLU A 30 -2.67 13.09 -21.04
C GLU A 30 -2.62 14.18 -22.11
N ARG A 31 -1.90 13.91 -23.19
CA ARG A 31 -1.78 14.88 -24.28
C ARG A 31 -3.12 15.08 -24.97
N GLY A 32 -3.64 16.31 -24.87
CA GLY A 32 -4.90 16.67 -25.50
C GLY A 32 -6.06 16.56 -24.52
N ALA A 33 -5.74 16.23 -23.28
CA ALA A 33 -6.76 16.09 -22.24
C ALA A 33 -6.76 17.31 -21.32
N PRO A 34 -7.91 17.76 -20.84
CA PRO A 34 -7.99 18.95 -19.94
C PRO A 34 -7.52 18.64 -18.52
N GLY A 35 -6.92 19.64 -17.87
CA GLY A 35 -6.44 19.47 -16.51
C GLY A 35 -5.19 18.61 -16.48
N ALA A 36 -4.73 18.20 -17.65
CA ALA A 36 -3.54 17.37 -17.75
C ALA A 36 -2.30 18.16 -17.37
N ALA A 37 -1.32 17.48 -16.76
CA ALA A 37 -0.08 18.13 -16.34
C ALA A 37 1.13 17.37 -16.88
N LEU A 38 0.90 16.14 -17.36
CA LEU A 38 1.99 15.33 -17.89
C LEU A 38 2.20 15.65 -19.37
N ILE A 39 2.01 16.91 -19.73
CA ILE A 39 2.20 17.34 -21.11
C ILE A 39 3.67 17.29 -21.49
N SER A 40 4.19 16.08 -21.68
CA SER A 40 5.59 15.90 -22.04
C SER A 40 5.82 14.53 -22.65
N TYR A 41 6.79 13.78 -22.11
CA TYR A 41 7.11 12.45 -22.61
C TYR A 41 8.27 11.81 -21.82
N PRO A 42 9.43 12.45 -21.74
CA PRO A 42 10.59 11.86 -20.99
C PRO A 42 10.28 11.61 -19.51
N ASP A 43 9.30 12.33 -18.98
CA ASP A 43 8.93 12.17 -17.56
C ASP A 43 7.73 11.24 -17.41
N ALA A 44 7.21 10.77 -18.54
CA ALA A 44 6.06 9.87 -18.51
C ALA A 44 6.50 8.45 -18.17
N ILE A 45 7.79 8.18 -18.38
CA ILE A 45 8.34 6.86 -18.09
C ILE A 45 8.36 6.60 -16.58
N TRP A 46 8.83 7.59 -15.83
CA TRP A 46 8.90 7.44 -14.39
C TRP A 46 7.52 7.54 -13.76
N TRP A 47 6.66 8.35 -14.36
CA TRP A 47 5.31 8.52 -13.84
C TRP A 47 4.65 7.15 -13.70
N SER A 48 4.85 6.29 -14.68
CA SER A 48 4.28 4.95 -14.65
C SER A 48 4.86 4.15 -13.48
N VAL A 49 6.06 4.52 -13.03
CA VAL A 49 6.70 3.84 -11.91
C VAL A 49 6.16 4.34 -10.59
N GLU A 50 5.68 5.58 -10.58
CA GLU A 50 5.14 6.18 -9.38
C GLU A 50 3.73 5.66 -9.11
N THR A 51 3.27 4.73 -9.95
CA THR A 51 1.92 4.15 -9.80
C THR A 51 1.98 2.64 -9.77
N ALA A 52 2.93 2.07 -10.50
CA ALA A 52 3.10 0.62 -10.53
C ALA A 52 3.35 0.09 -9.13
N THR A 53 3.89 0.95 -8.26
CA THR A 53 4.17 0.56 -6.88
C THR A 53 3.03 1.02 -5.97
N THR A 54 1.96 1.51 -6.60
CA THR A 54 0.79 1.99 -5.87
C THR A 54 1.16 3.12 -4.92
N VAL A 55 2.37 3.63 -5.05
CA VAL A 55 2.83 4.71 -4.19
C VAL A 55 2.05 6.00 -4.46
N GLY A 56 1.81 6.30 -5.73
CA GLY A 56 1.06 7.51 -6.09
C GLY A 56 1.60 8.72 -5.35
N TYR A 57 2.85 9.08 -5.63
CA TYR A 57 3.47 10.22 -4.98
C TYR A 57 2.73 11.51 -5.33
N GLY A 58 1.99 11.48 -6.45
CA GLY A 58 1.24 12.65 -6.88
C GLY A 58 2.10 13.57 -7.74
N ASP A 59 3.02 12.97 -8.50
CA ASP A 59 3.91 13.75 -9.36
C ASP A 59 3.11 14.51 -10.41
N ARG A 60 2.04 13.88 -10.91
CA ARG A 60 1.20 14.48 -11.94
C ARG A 60 -0.26 14.49 -11.47
N TYR A 61 -1.17 14.65 -12.42
CA TYR A 61 -2.59 14.68 -12.09
C TYR A 61 -3.44 14.30 -13.31
N PRO A 62 -3.62 13.02 -13.60
CA PRO A 62 -4.44 12.58 -14.76
C PRO A 62 -5.93 12.86 -14.57
N VAL A 63 -6.64 13.03 -15.69
CA VAL A 63 -8.09 13.30 -15.64
C VAL A 63 -8.88 12.08 -16.12
N THR A 64 -10.09 12.30 -16.62
CA THR A 64 -10.94 11.20 -17.10
C THR A 64 -10.71 10.92 -18.58
N GLU A 65 -10.61 11.97 -19.38
CA GLU A 65 -10.39 11.81 -20.81
C GLU A 65 -9.19 10.90 -21.06
N GLU A 66 -8.17 11.04 -20.23
CA GLU A 66 -6.98 10.21 -20.34
C GLU A 66 -7.30 8.78 -19.82
N GLY A 67 -8.58 8.46 -19.92
CA GLY A 67 -9.03 7.16 -19.53
C GLY A 67 -8.42 6.72 -18.23
N ARG A 68 -8.73 7.41 -17.11
CA ARG A 68 -8.15 7.09 -15.78
C ARG A 68 -7.71 5.64 -15.72
N LYS A 69 -8.44 4.77 -16.42
CA LYS A 69 -8.07 3.38 -16.49
C LYS A 69 -6.58 3.26 -16.87
N VAL A 70 -5.99 4.31 -17.47
CA VAL A 70 -4.58 4.22 -17.83
C VAL A 70 -3.72 4.03 -16.57
N ALA A 71 -3.99 4.83 -15.55
CA ALA A 71 -3.25 4.73 -14.29
C ALA A 71 -3.75 3.56 -13.45
N GLU A 72 -5.00 3.15 -13.71
CA GLU A 72 -5.59 2.03 -12.97
C GLU A 72 -4.99 0.70 -13.43
N GLN A 73 -4.87 0.54 -14.75
CA GLN A 73 -4.34 -0.69 -15.32
C GLN A 73 -2.92 -0.95 -14.84
N VAL A 74 -2.07 0.08 -14.91
CA VAL A 74 -0.69 -0.09 -14.48
C VAL A 74 -0.61 -0.32 -12.97
N MET A 75 -1.44 0.40 -12.21
CA MET A 75 -1.44 0.27 -10.76
C MET A 75 -1.85 -1.15 -10.33
N LYS A 76 -2.94 -1.65 -10.91
CA LYS A 76 -3.41 -2.99 -10.57
C LYS A 76 -2.40 -4.04 -11.02
N ALA A 77 -1.79 -3.83 -12.18
CA ALA A 77 -0.81 -4.76 -12.71
C ALA A 77 0.34 -4.95 -11.72
N GLY A 78 0.71 -3.86 -11.05
CA GLY A 78 1.80 -3.93 -10.07
C GLY A 78 1.40 -4.79 -8.87
N ILE A 79 0.18 -4.61 -8.39
CA ILE A 79 -0.30 -5.36 -7.25
C ILE A 79 -0.30 -6.85 -7.56
N GLU A 80 -0.77 -7.20 -8.76
CA GLU A 80 -0.81 -8.60 -9.16
C GLU A 80 0.59 -9.19 -9.18
N VAL A 81 1.55 -8.42 -9.69
CA VAL A 81 2.94 -8.89 -9.76
C VAL A 81 3.52 -9.08 -8.36
N PHE A 82 3.39 -8.05 -7.53
CA PHE A 82 3.94 -8.11 -6.17
C PHE A 82 3.18 -9.15 -5.33
N ALA A 83 1.87 -9.23 -5.52
CA ALA A 83 1.06 -10.19 -4.77
C ALA A 83 1.47 -11.62 -5.10
N LEU A 84 1.80 -11.86 -6.37
CA LEU A 84 2.20 -13.19 -6.81
C LEU A 84 3.46 -13.66 -6.10
N VAL A 85 4.42 -12.74 -5.90
CA VAL A 85 5.66 -13.10 -5.23
C VAL A 85 5.39 -13.90 -3.95
N THR A 86 4.12 -13.95 -3.55
CA THR A 86 3.75 -14.71 -2.36
C THR A 86 4.32 -16.12 -2.43
N ALA A 87 4.21 -16.74 -3.60
CA ALA A 87 4.74 -18.08 -3.81
C ALA A 87 6.12 -18.23 -3.16
N ALA A 88 6.78 -17.10 -2.92
CA ALA A 88 8.11 -17.10 -2.31
C ALA A 88 8.03 -16.68 -0.84
N LEU A 89 7.15 -15.73 -0.55
CA LEU A 89 6.98 -15.25 0.84
C LEU A 89 6.38 -16.33 1.73
N ALA A 90 5.42 -17.07 1.21
CA ALA A 90 4.76 -18.12 1.98
C ALA A 90 5.75 -19.20 2.40
N THR A 91 6.62 -19.57 1.48
CA THR A 91 7.62 -20.59 1.77
C THR A 91 8.71 -20.02 2.68
N ASP A 92 8.62 -18.72 2.97
CA ASP A 92 9.62 -18.07 3.81
C ASP A 92 9.64 -18.70 5.21
N PHE A 93 8.45 -18.95 5.76
CA PHE A 93 8.35 -19.54 7.09
C PHE A 93 8.57 -21.05 7.05
N VAL A 94 8.30 -21.66 5.90
CA VAL A 94 8.44 -23.10 5.74
C VAL A 94 9.88 -23.54 5.97
N ARG A 95 10.83 -22.64 5.71
CA ARG A 95 12.24 -22.95 5.90
C ARG A 95 12.58 -23.10 7.38
N ARG A 96 11.73 -22.54 8.24
CA ARG A 96 11.96 -22.61 9.68
C ARG A 96 12.14 -24.05 10.13
N GLU A 97 11.47 -24.98 9.46
CA GLU A 97 11.58 -26.39 9.80
C GLU A 97 13.04 -26.85 9.62
N GLU A 98 13.65 -26.39 8.54
CA GLU A 98 15.04 -26.74 8.23
C GLU A 98 15.97 -26.17 9.29
N GLU A 99 15.72 -24.93 9.69
CA GLU A 99 16.56 -24.27 10.69
C GLU A 99 16.41 -24.96 12.04
N ARG A 100 15.19 -25.43 12.33
CA ARG A 100 14.93 -26.11 13.59
C ARG A 100 15.81 -27.35 13.72
N ARG A 101 15.89 -28.13 12.65
CA ARG A 101 16.70 -29.35 12.65
C ARG A 101 18.06 -29.10 12.00
N GLY A 102 18.24 -27.88 11.49
CA GLY A 102 19.50 -27.52 10.85
C GLY A 102 19.67 -28.23 9.52
N HIS A 103 18.55 -28.66 8.94
CA HIS A 103 18.59 -29.35 7.65
C HIS A 103 17.25 -29.25 6.95
N SER B 1 10.43 -12.02 20.38
CA SER B 1 9.78 -13.18 21.06
C SER B 1 10.08 -14.45 20.29
N ALA B 2 9.41 -14.61 19.15
CA ALA B 2 9.61 -15.79 18.32
C ALA B 2 10.95 -15.73 17.60
N ASP B 3 11.48 -16.90 17.25
CA ASP B 3 12.77 -16.97 16.57
C ASP B 3 12.70 -16.26 15.22
N HIS B 4 11.59 -16.46 14.51
CA HIS B 4 11.43 -15.84 13.19
C HIS B 4 11.15 -14.34 13.33
N GLU B 5 10.64 -13.94 14.48
CA GLU B 5 10.35 -12.55 14.73
C GLU B 5 11.62 -11.71 14.77
N ARG B 6 12.70 -12.32 15.27
CA ARG B 6 13.98 -11.62 15.37
C ARG B 6 14.49 -11.22 13.99
N GLU B 7 14.28 -12.11 13.02
CA GLU B 7 14.73 -11.83 11.66
C GLU B 7 13.97 -10.64 11.09
N ALA B 8 12.67 -10.61 11.34
CA ALA B 8 11.82 -9.53 10.86
C ALA B 8 12.21 -8.21 11.52
N GLN B 9 12.58 -8.27 12.80
CA GLN B 9 12.96 -7.07 13.54
C GLN B 9 14.11 -6.36 12.82
N LYS B 10 15.08 -7.13 12.35
CA LYS B 10 16.21 -6.57 11.63
C LYS B 10 15.77 -5.88 10.35
N ALA B 11 14.78 -6.47 9.69
CA ALA B 11 14.27 -5.90 8.44
C ALA B 11 13.90 -4.43 8.62
N GLU B 12 13.26 -4.11 9.74
CA GLU B 12 12.87 -2.73 10.00
C GLU B 12 14.09 -1.84 10.18
N GLU B 13 15.10 -2.37 10.89
CA GLU B 13 16.32 -1.60 11.11
C GLU B 13 17.07 -1.40 9.80
N GLU B 14 17.04 -2.40 8.94
CA GLU B 14 17.72 -2.32 7.66
C GLU B 14 17.10 -1.23 6.80
N LEU B 15 15.79 -1.04 6.92
CA LEU B 15 15.10 -0.02 6.15
C LEU B 15 15.63 1.37 6.50
N GLN B 16 15.85 1.60 7.80
CA GLN B 16 16.35 2.89 8.26
C GLN B 16 17.71 3.19 7.64
N LYS B 17 18.50 2.14 7.42
CA LYS B 17 19.83 2.30 6.83
C LYS B 17 19.73 2.92 5.43
N VAL B 18 18.76 2.44 4.65
CA VAL B 18 18.56 2.94 3.30
C VAL B 18 18.18 4.42 3.32
N LEU B 19 17.39 4.81 4.30
CA LEU B 19 16.96 6.20 4.41
C LEU B 19 18.18 7.11 4.58
N GLU B 20 19.15 6.65 5.38
CA GLU B 20 20.37 7.42 5.59
C GLU B 20 21.10 7.62 4.28
N GLU B 21 21.22 6.55 3.50
CA GLU B 21 21.89 6.62 2.21
C GLU B 21 21.05 7.43 1.24
N ALA B 22 19.74 7.24 1.30
CA ALA B 22 18.82 7.96 0.43
C ALA B 22 18.83 9.45 0.75
N SER B 23 18.93 9.78 2.04
CA SER B 23 18.93 11.17 2.47
C SER B 23 20.06 11.94 1.79
N LYS B 24 21.23 11.31 1.69
CA LYS B 24 22.36 11.96 1.05
C LYS B 24 22.12 12.09 -0.46
N LYS B 25 22.29 10.98 -1.18
CA LYS B 25 22.10 10.99 -2.63
C LYS B 25 20.90 11.85 -3.02
N ALA B 26 19.85 11.83 -2.20
CA ALA B 26 18.64 12.60 -2.49
C ALA B 26 18.97 14.06 -2.79
N VAL B 27 19.58 14.76 -1.83
CA VAL B 27 19.91 16.16 -2.03
C VAL B 27 20.88 16.31 -3.20
N GLU B 28 21.84 15.41 -3.26
CA GLU B 28 22.83 15.43 -4.34
C GLU B 28 22.21 14.98 -5.66
N ALA B 29 21.00 14.41 -5.59
CA ALA B 29 20.32 13.93 -6.79
C ALA B 29 20.04 15.08 -7.75
N GLU B 30 19.50 16.19 -7.23
CA GLU B 30 19.18 17.34 -8.06
C GLU B 30 20.44 18.18 -8.30
N ARG B 31 20.58 19.25 -7.53
CA ARG B 31 21.73 20.14 -7.66
C ARG B 31 21.98 20.47 -9.13
N GLY B 32 20.92 20.90 -9.83
CA GLY B 32 21.02 21.27 -11.24
C GLY B 32 19.97 20.55 -12.08
N ALA B 33 18.85 20.21 -11.46
CA ALA B 33 17.76 19.51 -12.14
C ALA B 33 16.73 20.53 -12.65
N PRO B 34 16.01 20.21 -13.70
CA PRO B 34 14.99 21.14 -14.27
C PRO B 34 13.72 21.18 -13.41
N GLY B 35 13.44 22.37 -12.86
CA GLY B 35 12.26 22.55 -12.02
C GLY B 35 12.57 22.27 -10.56
N ALA B 36 13.60 21.47 -10.33
CA ALA B 36 13.99 21.12 -8.97
C ALA B 36 12.77 20.75 -8.13
N ALA B 37 12.99 20.50 -6.85
CA ALA B 37 11.90 20.14 -5.95
C ALA B 37 12.44 19.81 -4.56
N LEU B 38 13.20 18.72 -4.47
CA LEU B 38 13.78 18.29 -3.20
C LEU B 38 15.19 18.86 -3.04
N ILE B 39 15.38 19.63 -1.98
CA ILE B 39 16.69 20.21 -1.70
C ILE B 39 16.93 20.22 -0.19
N SER B 40 17.86 21.06 0.24
CA SER B 40 18.18 21.15 1.66
C SER B 40 18.59 19.79 2.22
N TYR B 41 19.84 19.69 2.62
CA TYR B 41 20.36 18.45 3.20
C TYR B 41 19.64 18.13 4.52
N PRO B 42 19.58 19.04 5.48
CA PRO B 42 18.91 18.76 6.79
C PRO B 42 17.45 18.37 6.63
N ASP B 43 16.81 18.83 5.55
CA ASP B 43 15.40 18.52 5.30
C ASP B 43 15.28 17.33 4.35
N ALA B 44 16.37 17.00 3.65
CA ALA B 44 16.37 15.88 2.73
C ALA B 44 16.10 14.57 3.47
N ILE B 45 16.66 14.46 4.67
CA ILE B 45 16.45 13.26 5.48
C ILE B 45 14.99 13.06 5.82
N TRP B 46 14.29 14.17 6.06
CA TRP B 46 12.87 14.11 6.38
C TRP B 46 12.07 13.55 5.20
N TRP B 47 12.38 14.01 3.99
CA TRP B 47 11.67 13.53 2.81
C TRP B 47 11.91 12.02 2.66
N SER B 48 12.97 11.52 3.26
CA SER B 48 13.29 10.09 3.16
C SER B 48 12.39 9.28 4.11
N VAL B 49 12.03 9.88 5.25
CA VAL B 49 11.20 9.20 6.25
C VAL B 49 9.77 8.95 5.74
N GLU B 50 9.15 9.95 5.13
CA GLU B 50 7.77 9.80 4.65
C GLU B 50 7.68 8.64 3.67
N THR B 51 8.65 8.53 2.79
CA THR B 51 8.65 7.45 1.80
C THR B 51 9.02 6.13 2.47
N ALA B 52 9.26 5.10 1.67
CA ALA B 52 9.61 3.78 2.20
C ALA B 52 8.37 3.10 2.79
N THR B 53 7.38 3.91 3.19
CA THR B 53 6.15 3.39 3.78
C THR B 53 5.01 3.44 2.77
N THR B 54 5.33 3.75 1.52
CA THR B 54 4.31 3.82 0.47
C THR B 54 3.18 4.76 0.88
N VAL B 55 3.49 6.04 1.03
CA VAL B 55 2.51 7.04 1.43
C VAL B 55 2.68 8.32 0.63
N GLY B 56 3.90 8.86 0.62
CA GLY B 56 4.18 10.09 -0.12
C GLY B 56 3.05 11.09 0.07
N TYR B 57 3.08 11.82 1.18
CA TYR B 57 2.04 12.81 1.46
C TYR B 57 1.99 13.88 0.36
N GLY B 58 3.17 14.35 -0.05
CA GLY B 58 3.26 15.38 -1.08
C GLY B 58 4.25 16.47 -0.68
N ASP B 59 4.97 16.24 0.41
CA ASP B 59 5.94 17.22 0.90
C ASP B 59 6.88 17.64 -0.22
N ARG B 60 7.72 16.69 -0.66
CA ARG B 60 8.68 16.97 -1.74
C ARG B 60 8.80 15.76 -2.65
N TYR B 61 9.10 15.99 -3.93
CA TYR B 61 9.24 14.89 -4.90
C TYR B 61 10.40 15.19 -5.86
N PRO B 62 11.33 14.26 -6.05
CA PRO B 62 12.50 14.51 -6.97
C PRO B 62 12.07 14.57 -8.45
N VAL B 63 12.79 15.37 -9.24
CA VAL B 63 12.45 15.50 -10.67
C VAL B 63 12.93 14.26 -11.43
N THR B 64 13.76 14.47 -12.47
CA THR B 64 14.26 13.35 -13.28
C THR B 64 15.78 13.19 -13.12
N GLU B 65 16.52 14.21 -13.57
CA GLU B 65 17.97 14.18 -13.47
C GLU B 65 18.42 13.59 -12.14
N GLU B 66 17.52 13.64 -11.15
CA GLU B 66 17.80 13.10 -9.83
C GLU B 66 17.59 11.58 -9.85
N GLY B 67 17.85 11.03 -11.03
CA GLY B 67 17.76 9.61 -11.21
C GLY B 67 16.55 9.04 -10.50
N ARG B 68 15.33 9.42 -10.94
CA ARG B 68 14.08 8.96 -10.28
C ARG B 68 14.31 7.65 -9.53
N LYS B 69 15.20 6.82 -10.06
CA LYS B 69 15.57 5.60 -9.39
C LYS B 69 15.81 5.90 -7.90
N VAL B 70 16.10 7.18 -7.57
CA VAL B 70 16.31 7.53 -6.18
C VAL B 70 15.05 7.29 -5.37
N ALA B 71 13.90 7.73 -5.90
CA ALA B 71 12.63 7.53 -5.22
C ALA B 71 12.17 6.08 -5.31
N GLU B 72 12.18 5.54 -6.53
CA GLU B 72 11.76 4.16 -6.75
C GLU B 72 12.52 3.22 -5.82
N GLN B 73 13.84 3.40 -5.75
CA GLN B 73 14.67 2.55 -4.92
C GLN B 73 14.21 2.61 -3.47
N VAL B 74 13.96 3.82 -2.97
CA VAL B 74 13.53 3.97 -1.58
C VAL B 74 12.15 3.36 -1.36
N MET B 75 11.21 3.67 -2.24
CA MET B 75 9.86 3.13 -2.11
C MET B 75 9.86 1.61 -2.28
N LYS B 76 10.61 1.14 -3.27
CA LYS B 76 10.69 -0.30 -3.53
C LYS B 76 11.40 -1.00 -2.37
N ALA B 77 12.37 -0.34 -1.77
CA ALA B 77 13.12 -0.91 -0.67
C ALA B 77 12.18 -1.31 0.46
N GLY B 78 11.18 -0.47 0.71
CA GLY B 78 10.20 -0.74 1.76
C GLY B 78 9.40 -2.01 1.47
N ILE B 79 9.08 -2.23 0.19
CA ILE B 79 8.29 -3.40 -0.19
C ILE B 79 9.12 -4.68 -0.05
N GLU B 80 10.40 -4.54 0.31
CA GLU B 80 11.27 -5.71 0.46
C GLU B 80 11.39 -6.13 1.92
N VAL B 81 11.76 -5.19 2.78
CA VAL B 81 11.93 -5.48 4.21
C VAL B 81 10.60 -5.95 4.83
N PHE B 82 9.54 -5.18 4.61
CA PHE B 82 8.24 -5.52 5.17
C PHE B 82 7.71 -6.81 4.55
N ALA B 83 7.96 -7.01 3.27
CA ALA B 83 7.52 -8.21 2.59
C ALA B 83 8.16 -9.45 3.20
N LEU B 84 9.43 -9.32 3.58
CA LEU B 84 10.15 -10.44 4.19
C LEU B 84 9.48 -10.83 5.50
N VAL B 85 9.07 -9.84 6.28
CA VAL B 85 8.41 -10.10 7.55
C VAL B 85 7.19 -10.99 7.34
N THR B 86 6.73 -11.05 6.08
CA THR B 86 5.57 -11.88 5.75
C THR B 86 5.67 -13.22 6.46
N ALA B 87 6.89 -13.75 6.54
CA ALA B 87 7.12 -15.03 7.20
C ALA B 87 6.47 -15.04 8.58
N ALA B 88 6.94 -14.17 9.47
CA ALA B 88 6.39 -14.11 10.82
C ALA B 88 4.87 -14.03 10.77
N LEU B 89 4.34 -13.29 9.79
CA LEU B 89 2.90 -13.15 9.62
C LEU B 89 2.31 -14.49 9.16
N ALA B 90 3.08 -15.21 8.35
CA ALA B 90 2.63 -16.50 7.84
C ALA B 90 2.51 -17.50 8.99
N THR B 91 3.65 -17.84 9.58
CA THR B 91 3.68 -18.77 10.70
C THR B 91 2.69 -18.35 11.78
N ASP B 92 2.11 -17.16 11.62
CA ASP B 92 1.17 -16.65 12.61
C ASP B 92 0.00 -17.62 12.81
N PHE B 93 -0.60 -18.06 11.71
CA PHE B 93 -1.72 -18.98 11.78
C PHE B 93 -1.27 -20.39 12.16
N VAL B 94 -0.04 -20.73 11.76
CA VAL B 94 0.51 -22.06 12.03
C VAL B 94 0.61 -22.33 13.54
N ARG B 95 0.86 -21.28 14.32
CA ARG B 95 0.98 -21.44 15.76
C ARG B 95 -0.28 -22.04 16.36
N ARG B 96 -1.40 -21.92 15.66
CA ARG B 96 -2.67 -22.46 16.15
C ARG B 96 -2.50 -23.94 16.48
N GLU B 97 -1.54 -24.58 15.84
CA GLU B 97 -1.28 -25.99 16.06
C GLU B 97 -0.85 -26.26 17.51
N GLU B 98 -0.11 -25.33 18.09
CA GLU B 98 0.35 -25.48 19.47
C GLU B 98 -0.83 -25.53 20.43
N GLU B 99 -1.79 -24.65 20.21
CA GLU B 99 -2.98 -24.59 21.06
C GLU B 99 -3.86 -25.82 20.85
N ARG B 100 -3.90 -26.31 19.61
CA ARG B 100 -4.70 -27.48 19.29
C ARG B 100 -4.24 -28.69 20.10
N ARG B 101 -2.93 -28.88 20.17
CA ARG B 101 -2.37 -30.00 20.91
C ARG B 101 -1.97 -29.57 22.33
N GLY B 102 -2.03 -28.27 22.57
CA GLY B 102 -1.69 -27.74 23.89
C GLY B 102 -0.17 -27.76 24.11
N HIS B 103 0.58 -27.93 23.04
CA HIS B 103 2.03 -27.98 23.14
C HIS B 103 2.55 -26.79 23.94
N SER C 1 -15.33 -21.78 15.73
CA SER C 1 -15.44 -21.13 14.39
C SER C 1 -14.22 -20.24 14.16
N ALA C 2 -13.09 -20.87 13.86
CA ALA C 2 -11.87 -20.13 13.60
C ALA C 2 -11.50 -19.24 14.79
N ASP C 3 -10.36 -19.51 15.41
CA ASP C 3 -9.91 -18.72 16.55
C ASP C 3 -9.04 -17.55 16.08
N HIS C 4 -8.76 -17.52 14.78
CA HIS C 4 -7.94 -16.46 14.19
C HIS C 4 -8.80 -15.26 13.79
N GLU C 5 -10.07 -15.51 13.50
CA GLU C 5 -10.98 -14.44 13.12
C GLU C 5 -11.22 -13.48 14.28
N ARG C 6 -11.36 -14.04 15.48
CA ARG C 6 -11.58 -13.21 16.66
C ARG C 6 -10.37 -12.32 16.92
N GLU C 7 -9.19 -12.86 16.69
CA GLU C 7 -7.97 -12.10 16.91
C GLU C 7 -7.89 -10.93 15.93
N ALA C 8 -8.29 -11.19 14.69
CA ALA C 8 -8.27 -10.15 13.66
C ALA C 8 -9.23 -9.03 14.02
N GLN C 9 -10.40 -9.39 14.55
CA GLN C 9 -11.40 -8.40 14.92
C GLN C 9 -10.86 -7.50 16.02
N LYS C 10 -10.20 -8.10 17.00
CA LYS C 10 -9.63 -7.34 18.10
C LYS C 10 -8.53 -6.41 17.60
N ALA C 11 -7.80 -6.87 16.59
CA ALA C 11 -6.70 -6.09 16.02
C ALA C 11 -7.19 -4.74 15.51
N GLU C 12 -8.37 -4.72 14.89
CA GLU C 12 -8.93 -3.47 14.36
C GLU C 12 -9.16 -2.46 15.49
N GLU C 13 -9.57 -2.96 16.64
CA GLU C 13 -9.83 -2.09 17.79
C GLU C 13 -8.55 -1.41 18.24
N GLU C 14 -7.42 -2.11 18.09
CA GLU C 14 -6.14 -1.55 18.50
C GLU C 14 -5.78 -0.33 17.67
N LEU C 15 -6.10 -0.37 16.37
CA LEU C 15 -5.79 0.74 15.50
C LEU C 15 -6.54 2.00 15.94
N GLN C 16 -7.80 1.83 16.31
CA GLN C 16 -8.61 2.97 16.74
C GLN C 16 -8.03 3.63 17.99
N LYS C 17 -7.50 2.82 18.91
CA LYS C 17 -6.93 3.34 20.13
C LYS C 17 -5.71 4.23 19.83
N VAL C 18 -4.90 3.79 18.88
CA VAL C 18 -3.71 4.56 18.51
C VAL C 18 -4.09 5.92 17.94
N LEU C 19 -5.16 5.95 17.15
CA LEU C 19 -5.60 7.19 16.54
C LEU C 19 -5.90 8.23 17.63
N GLU C 20 -6.53 7.78 18.72
CA GLU C 20 -6.85 8.69 19.81
C GLU C 20 -5.57 9.38 20.30
N GLU C 21 -4.54 8.58 20.52
CA GLU C 21 -3.26 9.13 20.98
C GLU C 21 -2.61 9.95 19.87
N ALA C 22 -2.81 9.52 18.63
CA ALA C 22 -2.25 10.22 17.48
C ALA C 22 -2.81 11.63 17.39
N SER C 23 -4.11 11.77 17.63
CA SER C 23 -4.76 13.08 17.57
C SER C 23 -4.12 14.04 18.56
N LYS C 24 -3.81 13.53 19.75
CA LYS C 24 -3.21 14.37 20.78
C LYS C 24 -1.82 14.82 20.31
N LYS C 25 -1.15 13.95 19.56
CA LYS C 25 0.18 14.28 19.05
C LYS C 25 0.05 15.20 17.84
N ALA C 26 -0.92 14.91 16.98
CA ALA C 26 -1.12 15.71 15.77
C ALA C 26 -1.44 17.16 16.11
N VAL C 27 -2.35 17.38 17.05
CA VAL C 27 -2.72 18.74 17.44
C VAL C 27 -1.49 19.48 17.95
N GLU C 28 -0.77 18.84 18.85
CA GLU C 28 0.44 19.42 19.42
C GLU C 28 1.53 19.51 18.38
N ALA C 29 1.58 18.50 17.51
CA ALA C 29 2.57 18.45 16.44
C ALA C 29 2.02 19.14 15.19
N GLU C 30 1.79 20.46 15.29
CA GLU C 30 1.28 21.24 14.15
C GLU C 30 0.72 22.58 14.63
N ARG C 31 1.01 22.96 15.88
CA ARG C 31 0.52 24.20 16.43
C ARG C 31 1.68 25.20 16.57
N GLY C 32 2.22 25.66 15.44
CA GLY C 32 3.31 26.64 15.46
C GLY C 32 4.50 26.18 14.62
N ALA C 33 4.22 25.43 13.55
CA ALA C 33 5.26 24.95 12.65
C ALA C 33 5.26 25.78 11.37
N PRO C 34 6.34 25.75 10.62
CA PRO C 34 6.43 26.52 9.35
C PRO C 34 5.65 25.82 8.23
N GLY C 35 4.62 26.49 7.72
CA GLY C 35 3.80 25.93 6.66
C GLY C 35 2.77 24.95 7.20
N ALA C 36 2.60 24.93 8.52
CA ALA C 36 1.63 24.03 9.14
C ALA C 36 0.23 24.27 8.55
N ALA C 37 -0.57 23.21 8.52
CA ALA C 37 -1.93 23.29 7.99
C ALA C 37 -2.92 22.62 8.95
N LEU C 38 -2.40 21.73 9.81
CA LEU C 38 -3.25 21.02 10.76
C LEU C 38 -3.38 21.83 12.05
N ILE C 39 -3.51 23.15 11.91
CA ILE C 39 -3.66 24.03 13.06
C ILE C 39 -5.09 24.01 13.58
N SER C 40 -5.41 22.98 14.35
CA SER C 40 -6.76 22.84 14.90
C SER C 40 -6.73 21.96 16.15
N TYR C 41 -7.70 21.06 16.27
CA TYR C 41 -7.79 20.17 17.42
C TYR C 41 -9.01 19.24 17.29
N PRO C 42 -10.22 19.75 17.14
CA PRO C 42 -11.43 18.89 16.99
C PRO C 42 -11.36 17.98 15.76
N ASP C 43 -10.73 18.47 14.69
CA ASP C 43 -10.60 17.69 13.46
C ASP C 43 -9.28 16.94 13.41
N ALA C 44 -8.52 16.99 14.50
CA ALA C 44 -7.23 16.31 14.55
C ALA C 44 -7.42 14.81 14.35
N ILE C 45 -8.46 14.26 14.96
CA ILE C 45 -8.74 12.84 14.83
C ILE C 45 -9.15 12.49 13.40
N TRP C 46 -9.82 13.43 12.74
CA TRP C 46 -10.28 13.22 11.39
C TRP C 46 -9.11 12.92 10.45
N TRP C 47 -8.07 13.75 10.52
CA TRP C 47 -6.88 13.53 9.69
C TRP C 47 -6.18 12.23 10.13
N SER C 48 -6.35 11.90 11.40
CA SER C 48 -5.72 10.71 11.96
C SER C 48 -6.27 9.45 11.30
N VAL C 49 -7.56 9.47 10.96
CA VAL C 49 -8.19 8.30 10.34
C VAL C 49 -7.54 7.95 9.00
N GLU C 50 -7.34 8.96 8.16
CA GLU C 50 -6.73 8.71 6.85
C GLU C 50 -5.24 8.37 7.00
N THR C 51 -4.61 8.89 8.04
CA THR C 51 -3.19 8.63 8.27
C THR C 51 -2.92 7.15 8.47
N ALA C 52 -3.74 6.49 9.28
CA ALA C 52 -3.56 5.07 9.55
C ALA C 52 -3.59 4.26 8.26
N THR C 53 -4.41 4.69 7.30
CA THR C 53 -4.51 3.99 6.03
C THR C 53 -3.28 4.27 5.18
N THR C 54 -2.44 5.19 5.65
CA THR C 54 -1.22 5.56 4.95
C THR C 54 -1.55 6.14 3.58
N VAL C 55 -2.84 6.34 3.33
CA VAL C 55 -3.27 6.90 2.05
C VAL C 55 -2.77 8.33 1.89
N GLY C 56 -2.82 9.11 2.96
CA GLY C 56 -2.36 10.50 2.90
C GLY C 56 -2.92 11.19 1.67
N TYR C 57 -4.18 11.62 1.74
CA TYR C 57 -4.81 12.31 0.62
C TYR C 57 -4.08 13.61 0.28
N GLY C 58 -3.69 14.35 1.32
CA GLY C 58 -2.98 15.63 1.12
C GLY C 58 -3.66 16.75 1.88
N ASP C 59 -4.71 16.43 2.61
CA ASP C 59 -5.43 17.43 3.37
C ASP C 59 -4.49 18.14 4.34
N ARG C 60 -3.97 17.37 5.30
CA ARG C 60 -3.04 17.93 6.29
C ARG C 60 -1.85 16.99 6.49
N TYR C 61 -0.69 17.57 6.78
CA TYR C 61 0.52 16.77 6.97
C TYR C 61 1.48 17.47 7.94
N PRO C 62 2.26 16.72 8.69
CA PRO C 62 3.23 17.32 9.67
C PRO C 62 4.39 18.02 8.96
N VAL C 63 5.34 18.51 9.74
CA VAL C 63 6.51 19.21 9.21
C VAL C 63 7.78 18.72 9.89
N THR C 64 8.76 19.61 10.04
CA THR C 64 10.03 19.27 10.68
C THR C 64 9.94 19.49 12.18
N GLU C 65 9.35 20.60 12.58
CA GLU C 65 9.19 20.90 14.00
C GLU C 65 8.11 20.00 14.61
N GLU C 66 7.32 19.36 13.75
CA GLU C 66 6.24 18.47 14.19
C GLU C 66 6.69 17.01 14.12
N GLY C 67 7.98 16.85 14.35
CA GLY C 67 8.59 15.54 14.38
C GLY C 67 7.97 14.62 13.34
N ARG C 68 8.09 14.97 12.04
CA ARG C 68 7.48 14.18 10.94
C ARG C 68 7.26 12.74 11.34
N LYS C 69 8.11 12.25 12.23
CA LYS C 69 7.96 10.91 12.73
C LYS C 69 6.57 10.75 13.35
N VAL C 70 5.82 11.87 13.56
CA VAL C 70 4.50 11.72 14.14
C VAL C 70 3.62 10.85 13.24
N ALA C 71 3.61 11.13 11.95
CA ALA C 71 2.82 10.35 11.00
C ALA C 71 3.42 8.96 10.83
N GLU C 72 4.75 8.89 10.87
CA GLU C 72 5.46 7.61 10.69
C GLU C 72 4.93 6.56 11.66
N GLN C 73 4.83 6.93 12.93
CA GLN C 73 4.36 6.00 13.95
C GLN C 73 2.90 5.59 13.71
N VAL C 74 2.07 6.56 13.34
CA VAL C 74 0.65 6.27 13.11
C VAL C 74 0.47 5.33 11.93
N MET C 75 1.19 5.59 10.84
CA MET C 75 1.08 4.77 9.63
C MET C 75 1.48 3.33 9.92
N LYS C 76 2.54 3.14 10.70
CA LYS C 76 3.01 1.80 11.02
C LYS C 76 1.92 1.04 11.78
N ALA C 77 1.20 1.73 12.65
CA ALA C 77 0.15 1.11 13.43
C ALA C 77 -0.93 0.55 12.50
N GLY C 78 -1.22 1.28 11.42
CA GLY C 78 -2.24 0.83 10.48
C GLY C 78 -1.81 -0.43 9.73
N ILE C 79 -0.64 -0.37 9.11
CA ILE C 79 -0.14 -1.52 8.36
C ILE C 79 0.10 -2.71 9.28
N GLU C 80 0.67 -2.44 10.44
CA GLU C 80 0.95 -3.50 11.41
C GLU C 80 -0.34 -4.22 11.82
N VAL C 81 -1.38 -3.45 12.13
CA VAL C 81 -2.66 -4.04 12.53
C VAL C 81 -3.29 -4.84 11.39
N PHE C 82 -3.37 -4.24 10.22
CA PHE C 82 -3.97 -4.91 9.06
C PHE C 82 -3.10 -6.09 8.61
N ALA C 83 -1.78 -5.92 8.69
CA ALA C 83 -0.87 -6.99 8.29
C ALA C 83 -1.06 -8.21 9.18
N LEU C 84 -1.35 -7.98 10.45
CA LEU C 84 -1.54 -9.06 11.41
C LEU C 84 -2.72 -9.95 11.01
N VAL C 85 -3.82 -9.33 10.59
CA VAL C 85 -5.00 -10.10 10.19
C VAL C 85 -4.62 -11.21 9.24
N THR C 86 -3.42 -11.11 8.66
CA THR C 86 -2.94 -12.13 7.72
C THR C 86 -3.15 -13.52 8.29
N ALA C 87 -3.02 -13.65 9.61
CA ALA C 87 -3.19 -14.93 10.27
C ALA C 87 -4.53 -15.55 9.89
N ALA C 88 -5.46 -14.71 9.46
CA ALA C 88 -6.80 -15.17 9.06
C ALA C 88 -6.88 -15.38 7.55
N LEU C 89 -5.85 -14.92 6.83
CA LEU C 89 -5.81 -15.06 5.37
C LEU C 89 -5.21 -16.40 4.97
N ALA C 90 -3.97 -16.63 5.36
CA ALA C 90 -3.28 -17.88 5.04
C ALA C 90 -4.20 -19.08 5.24
N THR C 91 -4.82 -19.14 6.42
CA THR C 91 -5.72 -20.25 6.74
C THR C 91 -6.65 -20.52 5.57
N ASP C 92 -6.73 -19.58 4.64
CA ASP C 92 -7.62 -19.74 3.49
C ASP C 92 -7.20 -20.97 2.68
N PHE C 93 -5.91 -21.07 2.40
CA PHE C 93 -5.37 -22.19 1.63
C PHE C 93 -5.68 -23.53 2.32
N VAL C 94 -5.47 -23.55 3.63
CA VAL C 94 -5.68 -24.77 4.41
C VAL C 94 -6.99 -25.45 4.03
N ARG C 95 -8.02 -24.67 3.79
CA ARG C 95 -9.33 -25.23 3.42
C ARG C 95 -9.22 -26.07 2.15
N ARG C 96 -8.20 -25.83 1.35
CA ARG C 96 -8.00 -26.58 0.11
C ARG C 96 -7.97 -28.08 0.40
N GLU C 97 -7.25 -28.47 1.45
CA GLU C 97 -7.16 -29.88 1.80
C GLU C 97 -8.40 -30.32 2.58
N GLU C 98 -8.42 -31.58 3.00
CA GLU C 98 -9.56 -32.13 3.76
C GLU C 98 -10.84 -32.03 2.94
N GLU C 99 -11.33 -30.82 2.75
CA GLU C 99 -12.55 -30.62 1.98
C GLU C 99 -12.44 -31.24 0.60
N ARG C 100 -11.31 -30.99 -0.06
CA ARG C 100 -11.09 -31.55 -1.40
C ARG C 100 -11.04 -33.07 -1.34
N ARG C 101 -10.32 -33.59 -0.35
CA ARG C 101 -10.18 -35.03 -0.19
C ARG C 101 -10.81 -35.50 1.11
N GLY C 102 -11.93 -36.22 0.99
CA GLY C 102 -12.65 -36.73 2.16
C GLY C 102 -14.01 -36.07 2.28
N HIS C 103 -14.23 -35.02 1.52
CA HIS C 103 -15.49 -34.30 1.56
C HIS C 103 -15.60 -33.30 0.41
N SER D 1 -10.51 -21.59 -11.65
CA SER D 1 -11.05 -22.91 -12.05
C SER D 1 -11.07 -23.84 -10.84
N ALA D 2 -10.10 -23.67 -9.95
CA ALA D 2 -10.00 -24.49 -8.75
C ALA D 2 -10.95 -23.97 -7.67
N ASP D 3 -11.08 -24.73 -6.59
CA ASP D 3 -11.95 -24.33 -5.49
C ASP D 3 -11.50 -23.01 -4.88
N HIS D 4 -10.20 -22.89 -4.62
CA HIS D 4 -9.66 -21.67 -4.03
C HIS D 4 -9.74 -20.51 -5.02
N GLU D 5 -9.54 -20.80 -6.31
CA GLU D 5 -9.60 -19.77 -7.33
C GLU D 5 -11.00 -19.18 -7.44
N ARG D 6 -12.01 -20.05 -7.35
CA ARG D 6 -13.39 -19.62 -7.44
C ARG D 6 -13.73 -18.70 -6.27
N GLU D 7 -13.28 -19.07 -5.07
CA GLU D 7 -13.55 -18.26 -3.90
C GLU D 7 -12.72 -17.00 -3.93
N ALA D 8 -11.48 -17.13 -4.38
CA ALA D 8 -10.57 -15.99 -4.45
C ALA D 8 -11.11 -14.94 -5.42
N GLN D 9 -11.71 -15.40 -6.52
CA GLN D 9 -12.26 -14.48 -7.51
C GLN D 9 -13.59 -13.89 -7.03
N LYS D 10 -14.24 -14.59 -6.11
CA LYS D 10 -15.52 -14.12 -5.59
C LYS D 10 -15.34 -12.78 -4.87
N ALA D 11 -14.27 -12.66 -4.12
CA ALA D 11 -13.99 -11.43 -3.37
C ALA D 11 -13.85 -10.25 -4.32
N GLU D 12 -13.23 -10.48 -5.48
CA GLU D 12 -13.04 -9.42 -6.47
C GLU D 12 -14.37 -8.83 -6.89
N GLU D 13 -15.38 -9.68 -7.04
CA GLU D 13 -16.70 -9.22 -7.46
C GLU D 13 -17.30 -8.30 -6.38
N GLU D 14 -16.98 -8.58 -5.12
CA GLU D 14 -17.48 -7.78 -4.01
C GLU D 14 -16.94 -6.36 -4.07
N LEU D 15 -15.69 -6.21 -4.51
CA LEU D 15 -15.07 -4.90 -4.60
C LEU D 15 -15.82 -4.01 -5.58
N GLN D 16 -16.21 -4.59 -6.71
CA GLN D 16 -16.92 -3.83 -7.73
C GLN D 16 -18.24 -3.29 -7.19
N LYS D 17 -18.95 -4.11 -6.43
CA LYS D 17 -20.23 -3.70 -5.85
C LYS D 17 -20.04 -2.52 -4.91
N VAL D 18 -18.99 -2.58 -4.09
CA VAL D 18 -18.71 -1.51 -3.13
C VAL D 18 -18.43 -0.19 -3.85
N LEU D 19 -17.64 -0.26 -4.90
CA LEU D 19 -17.30 0.96 -5.65
C LEU D 19 -18.56 1.59 -6.22
N GLU D 20 -19.45 0.75 -6.75
CA GLU D 20 -20.69 1.25 -7.32
C GLU D 20 -21.55 1.93 -6.24
N GLU D 21 -21.76 1.22 -5.14
CA GLU D 21 -22.55 1.77 -4.04
C GLU D 21 -21.82 2.95 -3.41
N ALA D 22 -20.50 2.84 -3.27
CA ALA D 22 -19.71 3.90 -2.69
C ALA D 22 -19.75 5.16 -3.54
N SER D 23 -19.78 4.98 -4.86
CA SER D 23 -19.81 6.12 -5.77
C SER D 23 -21.01 7.01 -5.48
N LYS D 24 -22.17 6.40 -5.29
CA LYS D 24 -23.38 7.17 -5.01
C LYS D 24 -23.19 7.98 -3.72
N LYS D 25 -22.73 7.31 -2.67
CA LYS D 25 -22.51 7.99 -1.40
C LYS D 25 -21.46 9.09 -1.55
N ALA D 26 -20.43 8.83 -2.37
CA ALA D 26 -19.37 9.82 -2.57
C ALA D 26 -19.95 11.16 -3.01
N VAL D 27 -21.03 11.14 -3.80
CA VAL D 27 -21.65 12.38 -4.26
C VAL D 27 -22.79 12.80 -3.31
N GLU D 28 -23.63 11.84 -2.94
CA GLU D 28 -24.75 12.15 -2.03
C GLU D 28 -24.25 12.62 -0.67
N ALA D 29 -23.19 11.97 -0.18
CA ALA D 29 -22.61 12.33 1.12
C ALA D 29 -22.26 13.82 1.14
N GLU D 30 -21.88 14.37 -0.01
CA GLU D 30 -21.55 15.79 -0.10
C GLU D 30 -22.81 16.63 -0.27
N ARG D 31 -22.95 17.25 -1.44
CA ARG D 31 -24.11 18.10 -1.73
C ARG D 31 -24.43 18.99 -0.53
N GLY D 32 -23.62 20.04 -0.34
CA GLY D 32 -23.82 20.98 0.77
C GLY D 32 -22.60 21.05 1.67
N ALA D 33 -21.63 20.18 1.43
CA ALA D 33 -20.40 20.16 2.22
C ALA D 33 -19.63 21.47 2.03
N PRO D 34 -18.93 21.94 3.05
CA PRO D 34 -18.15 23.20 2.95
C PRO D 34 -16.86 23.01 2.14
N GLY D 35 -16.77 23.73 1.02
CA GLY D 35 -15.59 23.63 0.16
C GLY D 35 -15.69 22.45 -0.79
N ALA D 36 -16.61 21.54 -0.49
CA ALA D 36 -16.81 20.35 -1.31
C ALA D 36 -15.48 19.76 -1.76
N ALA D 37 -15.54 18.83 -2.71
CA ALA D 37 -14.33 18.19 -3.22
C ALA D 37 -14.69 17.09 -4.21
N LEU D 38 -15.97 16.72 -4.26
CA LEU D 38 -16.42 15.67 -5.18
C LEU D 38 -17.89 15.89 -5.56
N ILE D 39 -18.24 17.14 -5.84
CA ILE D 39 -19.62 17.48 -6.23
C ILE D 39 -19.79 17.36 -7.73
N SER D 40 -20.64 16.40 -8.14
CA SER D 40 -20.90 16.18 -9.56
C SER D 40 -21.85 14.99 -9.73
N TYR D 41 -21.42 13.97 -10.47
CA TYR D 41 -22.24 12.79 -10.70
C TYR D 41 -21.49 11.74 -11.52
N PRO D 42 -21.17 12.02 -12.76
CA PRO D 42 -20.43 11.06 -13.63
C PRO D 42 -19.06 10.71 -13.06
N ASP D 43 -18.47 11.64 -12.32
CA ASP D 43 -17.15 11.41 -11.73
C ASP D 43 -17.27 10.58 -10.46
N ALA D 44 -18.50 10.31 -10.03
CA ALA D 44 -18.70 9.53 -8.81
C ALA D 44 -18.11 8.13 -8.97
N ILE D 45 -18.40 7.49 -10.09
CA ILE D 45 -17.88 6.16 -10.37
C ILE D 45 -16.40 6.23 -10.72
N TRP D 46 -16.03 7.25 -11.47
CA TRP D 46 -14.65 7.40 -11.90
C TRP D 46 -13.73 7.54 -10.68
N TRP D 47 -14.11 8.42 -9.75
CA TRP D 47 -13.31 8.61 -8.54
C TRP D 47 -13.27 7.29 -7.74
N SER D 48 -14.42 6.62 -7.67
CA SER D 48 -14.50 5.37 -6.93
C SER D 48 -13.77 4.27 -7.70
N VAL D 49 -12.45 4.35 -7.73
CA VAL D 49 -11.64 3.36 -8.43
C VAL D 49 -10.26 3.23 -7.78
N GLU D 50 -9.49 4.31 -7.82
CA GLU D 50 -8.16 4.30 -7.23
C GLU D 50 -8.26 4.15 -5.71
N THR D 51 -9.38 4.60 -5.15
CA THR D 51 -9.57 4.50 -3.70
C THR D 51 -9.53 3.05 -3.26
N ALA D 52 -10.21 2.18 -4.01
CA ALA D 52 -10.22 0.76 -3.68
C ALA D 52 -8.79 0.22 -3.69
N THR D 53 -7.92 0.85 -4.48
CA THR D 53 -6.53 0.42 -4.58
C THR D 53 -5.69 1.10 -3.51
N THR D 54 -6.35 1.87 -2.65
CA THR D 54 -5.67 2.58 -1.58
C THR D 54 -4.51 3.42 -2.11
N VAL D 55 -4.83 4.52 -2.77
CA VAL D 55 -3.81 5.41 -3.32
C VAL D 55 -4.31 6.85 -3.36
N GLY D 56 -5.49 7.06 -3.94
CA GLY D 56 -6.07 8.38 -4.03
C GLY D 56 -5.35 9.20 -5.11
N TYR D 57 -4.02 9.20 -5.04
CA TYR D 57 -3.20 9.93 -6.01
C TYR D 57 -3.37 11.44 -5.82
N GLY D 58 -4.41 11.84 -5.08
CA GLY D 58 -4.69 13.26 -4.83
C GLY D 58 -5.78 13.78 -5.76
N ASP D 59 -6.55 12.86 -6.33
CA ASP D 59 -7.64 13.26 -7.23
C ASP D 59 -8.66 14.10 -6.50
N ARG D 60 -9.36 13.47 -5.56
CA ARG D 60 -10.39 14.16 -4.79
C ARG D 60 -10.14 13.98 -3.30
N TYR D 61 -10.75 14.82 -2.47
CA TYR D 61 -10.56 14.73 -1.02
C TYR D 61 -11.89 14.99 -0.29
N PRO D 62 -12.54 13.98 0.26
CA PRO D 62 -13.84 14.19 0.97
C PRO D 62 -13.68 14.93 2.30
N VAL D 63 -14.79 15.44 2.84
CA VAL D 63 -14.77 16.17 4.12
C VAL D 63 -15.51 15.37 5.20
N THR D 64 -15.62 15.96 6.39
CA THR D 64 -16.30 15.31 7.49
C THR D 64 -17.80 15.22 7.23
N GLU D 65 -18.38 16.31 6.74
CA GLU D 65 -19.80 16.33 6.46
C GLU D 65 -20.19 15.13 5.60
N GLU D 66 -19.42 14.87 4.55
CA GLU D 66 -19.69 13.72 3.70
C GLU D 66 -19.12 12.46 4.36
N GLY D 67 -19.25 12.47 5.69
CA GLY D 67 -18.78 11.36 6.50
C GLY D 67 -17.48 10.84 5.93
N ARG D 68 -16.44 11.71 5.90
CA ARG D 68 -15.11 11.36 5.33
C ARG D 68 -14.88 9.86 5.36
N LYS D 69 -15.48 9.22 6.35
CA LYS D 69 -15.39 7.80 6.45
C LYS D 69 -15.90 7.17 5.16
N VAL D 70 -16.52 7.97 4.25
CA VAL D 70 -17.01 7.40 3.01
C VAL D 70 -15.84 6.77 2.24
N ALA D 71 -14.75 7.53 2.13
CA ALA D 71 -13.56 7.03 1.44
C ALA D 71 -12.93 5.89 2.24
N GLU D 72 -13.01 6.00 3.57
CA GLU D 72 -12.44 4.99 4.45
C GLU D 72 -13.09 3.63 4.22
N GLN D 73 -14.40 3.64 3.99
CA GLN D 73 -15.12 2.38 3.78
C GLN D 73 -14.66 1.68 2.50
N VAL D 74 -14.43 2.45 1.43
CA VAL D 74 -13.99 1.86 0.17
C VAL D 74 -12.64 1.17 0.32
N MET D 75 -11.70 1.87 0.96
CA MET D 75 -10.36 1.32 1.17
C MET D 75 -10.41 0.06 2.02
N LYS D 76 -11.26 0.06 3.05
CA LYS D 76 -11.35 -1.10 3.93
C LYS D 76 -11.78 -2.33 3.15
N ALA D 77 -12.80 -2.17 2.30
CA ALA D 77 -13.29 -3.29 1.49
C ALA D 77 -12.22 -3.72 0.48
N GLY D 78 -11.50 -2.74 -0.06
CA GLY D 78 -10.47 -3.02 -1.04
C GLY D 78 -9.31 -3.81 -0.43
N ILE D 79 -8.87 -3.40 0.75
CA ILE D 79 -7.75 -4.07 1.43
C ILE D 79 -8.10 -5.53 1.73
N GLU D 80 -9.30 -5.76 2.22
CA GLU D 80 -9.72 -7.12 2.56
C GLU D 80 -9.79 -7.98 1.30
N VAL D 81 -10.29 -7.41 0.21
CA VAL D 81 -10.42 -8.15 -1.04
C VAL D 81 -9.05 -8.56 -1.60
N PHE D 82 -8.12 -7.59 -1.68
CA PHE D 82 -6.80 -7.89 -2.21
C PHE D 82 -6.12 -8.93 -1.34
N ALA D 83 -6.20 -8.74 -0.04
CA ALA D 83 -5.59 -9.68 0.89
C ALA D 83 -6.27 -11.04 0.78
N LEU D 84 -7.58 -11.04 0.54
CA LEU D 84 -8.31 -12.31 0.41
C LEU D 84 -7.76 -13.10 -0.76
N VAL D 85 -7.71 -12.48 -1.92
CA VAL D 85 -7.19 -13.16 -3.11
C VAL D 85 -5.91 -13.91 -2.77
N THR D 86 -5.32 -13.60 -1.63
CA THR D 86 -4.09 -14.26 -1.21
C THR D 86 -4.28 -15.78 -1.26
N ALA D 87 -5.42 -16.25 -0.80
CA ALA D 87 -5.71 -17.69 -0.81
C ALA D 87 -5.15 -18.37 -2.05
N ALA D 88 -5.69 -18.02 -3.22
CA ALA D 88 -5.24 -18.60 -4.46
C ALA D 88 -3.73 -18.43 -4.62
N LEU D 89 -3.18 -17.42 -3.93
CA LEU D 89 -1.75 -17.14 -3.99
C LEU D 89 -1.02 -17.88 -2.86
N ALA D 90 -1.76 -18.22 -1.81
CA ALA D 90 -1.20 -18.92 -0.67
C ALA D 90 -0.91 -20.37 -1.03
N THR D 91 -1.77 -20.96 -1.84
CA THR D 91 -1.60 -22.34 -2.26
C THR D 91 -0.47 -22.45 -3.29
N ASP D 92 0.10 -21.30 -3.65
CA ASP D 92 1.19 -21.28 -4.62
C ASP D 92 2.35 -22.15 -4.18
N PHE D 93 2.76 -22.00 -2.93
CA PHE D 93 3.87 -22.79 -2.40
C PHE D 93 3.44 -24.24 -2.16
N VAL D 94 2.14 -24.51 -2.29
CA VAL D 94 1.61 -25.85 -2.08
C VAL D 94 1.59 -26.65 -3.39
N ARG D 95 1.30 -25.97 -4.49
CA ARG D 95 1.24 -26.62 -5.79
C ARG D 95 2.63 -27.10 -6.23
N ARG D 96 3.67 -26.51 -5.66
CA ARG D 96 5.04 -26.89 -6.01
C ARG D 96 5.24 -28.39 -5.80
N GLU D 97 4.54 -28.95 -4.82
CA GLU D 97 4.64 -30.36 -4.52
C GLU D 97 4.19 -31.21 -5.71
N GLU D 98 4.81 -32.37 -5.89
CA GLU D 98 4.47 -33.25 -7.01
C GLU D 98 4.43 -32.45 -8.32
N GLU D 99 5.15 -31.33 -8.33
CA GLU D 99 5.20 -30.47 -9.52
C GLU D 99 6.62 -29.97 -9.75
N ARG D 100 7.33 -29.71 -8.65
CA ARG D 100 8.71 -29.24 -8.74
C ARG D 100 9.62 -30.35 -9.27
N ARG D 101 9.19 -31.59 -9.09
CA ARG D 101 9.96 -32.74 -9.55
C ARG D 101 10.06 -32.74 -11.07
N GLY D 102 8.99 -32.32 -11.74
CA GLY D 102 8.95 -32.28 -13.20
C GLY D 102 8.46 -33.60 -13.77
N HIS D 103 7.84 -34.41 -12.92
CA HIS D 103 7.32 -35.71 -13.36
C HIS D 103 6.50 -35.55 -14.63
N SER A 1 15.97 -24.89 -8.75
CA SER A 1 16.20 -24.92 -7.29
C SER A 1 15.02 -24.27 -6.57
N ALA A 2 15.15 -22.97 -6.29
CA ALA A 2 14.08 -22.25 -5.60
C ALA A 2 12.82 -22.23 -6.46
N ASP A 3 13.01 -22.06 -7.77
CA ASP A 3 11.87 -22.01 -8.70
C ASP A 3 11.01 -20.79 -8.42
N HIS A 4 10.37 -20.77 -7.25
CA HIS A 4 9.51 -19.66 -6.87
C HIS A 4 10.28 -18.33 -6.91
N GLU A 5 11.52 -18.36 -6.42
CA GLU A 5 12.34 -17.16 -6.41
C GLU A 5 12.61 -16.69 -7.83
N ARG A 6 12.85 -17.63 -8.74
CA ARG A 6 13.13 -17.30 -10.13
C ARG A 6 11.90 -16.65 -10.76
N GLU A 7 10.72 -17.15 -10.40
CA GLU A 7 9.48 -16.61 -10.94
C GLU A 7 9.29 -15.18 -10.46
N ALA A 8 9.65 -14.92 -9.21
CA ALA A 8 9.51 -13.58 -8.65
C ALA A 8 10.34 -12.58 -9.44
N GLN A 9 11.56 -12.99 -9.81
CA GLN A 9 12.45 -12.13 -10.58
C GLN A 9 11.89 -11.90 -11.98
N LYS A 10 11.34 -12.96 -12.56
CA LYS A 10 10.77 -12.87 -13.90
C LYS A 10 9.59 -11.90 -13.91
N ALA A 11 8.80 -11.94 -12.85
CA ALA A 11 7.62 -11.07 -12.74
C ALA A 11 8.03 -9.60 -12.76
N GLU A 12 9.16 -9.29 -12.12
CA GLU A 12 9.64 -7.91 -12.07
C GLU A 12 9.94 -7.40 -13.47
N GLU A 13 10.50 -8.27 -14.30
CA GLU A 13 10.84 -7.88 -15.68
C GLU A 13 9.58 -7.52 -16.47
N GLU A 14 8.51 -8.27 -16.22
CA GLU A 14 7.25 -8.03 -16.91
C GLU A 14 6.68 -6.67 -16.52
N LEU A 15 6.92 -6.26 -15.28
CA LEU A 15 6.41 -4.97 -14.80
C LEU A 15 7.00 -3.83 -15.62
N GLN A 16 8.29 -3.92 -15.91
CA GLN A 16 8.98 -2.89 -16.68
C GLN A 16 8.37 -2.74 -18.06
N LYS A 17 8.01 -3.85 -18.67
CA LYS A 17 7.43 -3.82 -20.01
C LYS A 17 6.11 -3.06 -20.02
N VAL A 18 5.30 -3.25 -18.99
CA VAL A 18 4.01 -2.57 -18.91
C VAL A 18 4.19 -1.07 -18.82
N LEU A 19 5.28 -0.64 -18.18
CA LEU A 19 5.55 0.78 -18.04
C LEU A 19 5.73 1.41 -19.41
N GLU A 20 6.42 0.71 -20.31
CA GLU A 20 6.64 1.22 -21.65
C GLU A 20 5.29 1.50 -22.31
N GLU A 21 4.39 0.52 -22.25
CA GLU A 21 3.07 0.68 -22.84
C GLU A 21 2.27 1.74 -22.08
N ALA A 22 2.52 1.83 -20.77
CA ALA A 22 1.82 2.80 -19.95
C ALA A 22 2.11 4.22 -20.40
N SER A 23 3.37 4.47 -20.76
CA SER A 23 3.76 5.79 -21.23
C SER A 23 2.99 6.17 -22.48
N LYS A 24 2.84 5.20 -23.40
CA LYS A 24 2.10 5.45 -24.63
C LYS A 24 0.63 5.74 -24.32
N LYS A 25 0.02 4.87 -23.53
CA LYS A 25 -1.38 5.05 -23.19
C LYS A 25 -1.58 6.36 -22.41
N ALA A 26 -0.67 6.63 -21.48
CA ALA A 26 -0.76 7.87 -20.68
C ALA A 26 -0.57 9.10 -21.54
N VAL A 27 0.51 9.17 -22.30
CA VAL A 27 0.74 10.34 -23.14
C VAL A 27 -0.39 10.51 -24.15
N GLU A 28 -0.78 9.39 -24.76
CA GLU A 28 -1.87 9.42 -25.75
C GLU A 28 -3.20 9.75 -25.10
N ALA A 29 -3.48 9.10 -23.97
CA ALA A 29 -4.72 9.35 -23.24
C ALA A 29 -4.73 10.76 -22.66
N GLU A 30 -3.58 11.20 -22.15
CA GLU A 30 -3.45 12.53 -21.57
C GLU A 30 -3.56 13.61 -22.64
N ARG A 31 -3.00 13.34 -23.81
CA ARG A 31 -3.04 14.30 -24.89
C ARG A 31 -4.46 14.47 -25.41
N GLY A 32 -4.90 15.71 -25.53
CA GLY A 32 -6.23 16.02 -26.03
C GLY A 32 -7.25 16.04 -24.89
N ALA A 33 -6.77 15.88 -23.65
CA ALA A 33 -7.65 15.89 -22.48
C ALA A 33 -7.52 17.21 -21.72
N PRO A 34 -8.60 17.75 -21.19
CA PRO A 34 -8.55 19.05 -20.44
C PRO A 34 -7.96 18.86 -19.03
N GLY A 35 -7.08 19.78 -18.64
CA GLY A 35 -6.46 19.71 -17.32
C GLY A 35 -5.69 18.41 -17.14
N ALA A 36 -5.15 17.89 -18.24
CA ALA A 36 -4.40 16.64 -18.19
C ALA A 36 -3.15 16.80 -17.32
N ALA A 37 -2.55 17.98 -17.37
CA ALA A 37 -1.35 18.26 -16.60
C ALA A 37 -0.15 17.50 -17.19
N LEU A 38 -0.39 16.27 -17.63
CA LEU A 38 0.68 15.45 -18.21
C LEU A 38 0.65 15.59 -19.74
N ILE A 39 1.77 16.04 -20.29
CA ILE A 39 1.88 16.23 -21.73
C ILE A 39 3.35 16.15 -22.17
N SER A 40 3.98 15.02 -21.91
CA SER A 40 5.38 14.82 -22.27
C SER A 40 5.68 13.31 -22.44
N TYR A 41 6.45 12.98 -23.46
CA TYR A 41 6.80 11.60 -23.74
C TYR A 41 7.89 11.09 -22.78
N PRO A 42 9.06 11.69 -22.73
CA PRO A 42 10.16 11.24 -21.83
C PRO A 42 9.75 11.28 -20.35
N ASP A 43 8.84 12.20 -20.01
CA ASP A 43 8.38 12.33 -18.62
C ASP A 43 7.21 11.41 -18.35
N ALA A 44 6.51 10.99 -19.40
CA ALA A 44 5.36 10.10 -19.24
C ALA A 44 5.79 8.80 -18.57
N ILE A 45 6.97 8.33 -18.94
CA ILE A 45 7.51 7.11 -18.35
C ILE A 45 7.81 7.32 -16.87
N TRP A 46 8.30 8.51 -16.54
CA TRP A 46 8.63 8.82 -15.15
C TRP A 46 7.39 8.65 -14.27
N TRP A 47 6.27 9.19 -14.73
CA TRP A 47 5.03 9.06 -13.98
C TRP A 47 4.62 7.59 -13.91
N SER A 48 4.80 6.88 -15.01
CA SER A 48 4.43 5.47 -15.07
C SER A 48 5.23 4.65 -14.06
N VAL A 49 6.48 5.06 -13.81
CA VAL A 49 7.33 4.33 -12.87
C VAL A 49 6.72 4.35 -11.47
N GLU A 50 6.33 5.53 -11.01
CA GLU A 50 5.74 5.66 -9.69
C GLU A 50 4.34 5.07 -9.68
N THR A 51 3.71 5.04 -10.84
CA THR A 51 2.36 4.48 -10.94
C THR A 51 2.37 3.01 -10.60
N ALA A 52 3.31 2.27 -11.19
CA ALA A 52 3.40 0.84 -10.92
C ALA A 52 3.64 0.57 -9.44
N THR A 53 4.41 1.44 -8.80
CA THR A 53 4.69 1.29 -7.38
C THR A 53 3.46 1.71 -6.58
N THR A 54 2.44 2.16 -7.30
CA THR A 54 1.19 2.59 -6.67
C THR A 54 1.44 3.61 -5.58
N VAL A 55 2.44 4.48 -5.79
CA VAL A 55 2.79 5.51 -4.81
C VAL A 55 2.25 6.88 -5.24
N GLY A 56 2.52 7.26 -6.48
CA GLY A 56 2.04 8.56 -6.98
C GLY A 56 2.29 9.66 -5.96
N TYR A 57 3.49 10.22 -5.98
CA TYR A 57 3.84 11.28 -5.04
C TYR A 57 2.93 12.49 -5.23
N GLY A 58 2.73 12.88 -6.49
CA GLY A 58 1.87 14.03 -6.81
C GLY A 58 2.44 14.82 -7.99
N ASP A 59 3.49 14.29 -8.62
CA ASP A 59 4.10 14.97 -9.75
C ASP A 59 3.10 15.14 -10.88
N ARG A 60 2.40 14.05 -11.21
CA ARG A 60 1.40 14.08 -12.28
C ARG A 60 0.18 13.24 -11.88
N TYR A 61 -0.98 13.56 -12.45
CA TYR A 61 -2.21 12.83 -12.15
C TYR A 61 -3.16 12.83 -13.35
N PRO A 62 -3.77 11.71 -13.68
CA PRO A 62 -4.71 11.63 -14.83
C PRO A 62 -6.01 12.39 -14.57
N VAL A 63 -6.94 12.28 -15.52
CA VAL A 63 -8.25 12.96 -15.40
C VAL A 63 -9.38 11.97 -15.73
N THR A 64 -10.32 12.40 -16.59
CA THR A 64 -11.44 11.56 -16.98
C THR A 64 -11.37 11.20 -18.47
N GLU A 65 -11.08 12.18 -19.31
CA GLU A 65 -10.99 11.94 -20.74
C GLU A 65 -9.90 10.91 -21.05
N GLU A 66 -8.77 11.03 -20.35
CA GLU A 66 -7.66 10.12 -20.54
C GLU A 66 -8.01 8.74 -19.92
N GLY A 67 -9.30 8.44 -19.98
CA GLY A 67 -9.80 7.17 -19.49
C GLY A 67 -9.09 6.75 -18.21
N ARG A 68 -9.25 7.52 -17.11
CA ARG A 68 -8.58 7.20 -15.82
C ARG A 68 -8.21 5.74 -15.74
N LYS A 69 -9.06 4.89 -16.30
CA LYS A 69 -8.78 3.48 -16.34
C LYS A 69 -7.37 3.24 -16.88
N VAL A 70 -6.76 4.26 -17.53
CA VAL A 70 -5.42 4.09 -18.06
C VAL A 70 -4.44 3.78 -16.93
N ALA A 71 -4.51 4.57 -15.86
CA ALA A 71 -3.63 4.36 -14.72
C ALA A 71 -4.08 3.15 -13.89
N GLU A 72 -5.39 2.98 -13.78
CA GLU A 72 -5.94 1.87 -13.01
C GLU A 72 -5.31 0.55 -13.45
N GLN A 73 -5.24 0.34 -14.76
CA GLN A 73 -4.65 -0.89 -15.28
C GLN A 73 -3.16 -0.97 -14.96
N VAL A 74 -2.45 0.14 -15.08
CA VAL A 74 -1.01 0.14 -14.81
C VAL A 74 -0.74 -0.19 -13.34
N MET A 75 -1.46 0.47 -12.43
CA MET A 75 -1.27 0.24 -11.01
C MET A 75 -1.63 -1.20 -10.63
N LYS A 76 -2.70 -1.72 -11.22
CA LYS A 76 -3.13 -3.08 -10.95
C LYS A 76 -2.06 -4.08 -11.39
N ALA A 77 -1.42 -3.78 -12.52
CA ALA A 77 -0.38 -4.67 -13.05
C ALA A 77 0.78 -4.77 -12.06
N GLY A 78 1.11 -3.66 -11.40
CA GLY A 78 2.20 -3.65 -10.43
C GLY A 78 1.83 -4.47 -9.20
N ILE A 79 0.59 -4.33 -8.75
CA ILE A 79 0.12 -5.05 -7.57
C ILE A 79 0.18 -6.55 -7.81
N GLU A 80 -0.26 -6.98 -8.99
CA GLU A 80 -0.25 -8.40 -9.31
C GLU A 80 1.18 -8.92 -9.26
N VAL A 81 2.13 -8.13 -9.76
CA VAL A 81 3.53 -8.53 -9.76
C VAL A 81 4.07 -8.63 -8.34
N PHE A 82 3.81 -7.59 -7.54
CA PHE A 82 4.29 -7.58 -6.16
C PHE A 82 3.60 -8.66 -5.32
N ALA A 83 2.31 -8.84 -5.55
CA ALA A 83 1.55 -9.85 -4.81
C ALA A 83 2.04 -11.26 -5.14
N LEU A 84 2.42 -11.47 -6.39
CA LEU A 84 2.89 -12.79 -6.82
C LEU A 84 4.15 -13.19 -6.08
N VAL A 85 5.07 -12.26 -5.90
CA VAL A 85 6.32 -12.55 -5.20
C VAL A 85 6.03 -13.27 -3.89
N THR A 86 4.76 -13.26 -3.48
CA THR A 86 4.36 -13.93 -2.25
C THR A 86 4.85 -15.38 -2.26
N ALA A 87 4.78 -16.01 -3.42
CA ALA A 87 5.22 -17.39 -3.55
C ALA A 87 6.63 -17.56 -2.98
N ALA A 88 7.39 -16.46 -2.94
CA ALA A 88 8.76 -16.50 -2.42
C ALA A 88 8.79 -16.04 -0.97
N LEU A 89 7.68 -15.46 -0.50
CA LEU A 89 7.60 -14.98 0.87
C LEU A 89 7.10 -16.08 1.82
N ALA A 90 5.99 -16.72 1.44
CA ALA A 90 5.42 -17.77 2.28
C ALA A 90 6.46 -18.82 2.62
N THR A 91 7.36 -19.07 1.69
CA THR A 91 8.40 -20.07 1.89
C THR A 91 9.41 -19.59 2.93
N ASP A 92 9.34 -18.31 3.27
CA ASP A 92 10.27 -17.74 4.24
C ASP A 92 10.18 -18.47 5.58
N PHE A 93 8.96 -18.62 6.10
CA PHE A 93 8.75 -19.28 7.38
C PHE A 93 8.91 -20.80 7.25
N VAL A 94 8.73 -21.31 6.04
CA VAL A 94 8.82 -22.74 5.80
C VAL A 94 10.21 -23.27 6.15
N ARG A 95 11.24 -22.54 5.75
CA ARG A 95 12.61 -22.95 6.04
C ARG A 95 12.84 -23.05 7.55
N ARG A 96 12.02 -22.34 8.32
CA ARG A 96 12.15 -22.36 9.78
C ARG A 96 12.41 -23.77 10.28
N GLU A 97 11.75 -24.75 9.69
CA GLU A 97 11.94 -26.14 10.10
C GLU A 97 13.39 -26.55 9.87
N GLU A 98 13.93 -26.14 8.73
CA GLU A 98 15.32 -26.46 8.40
C GLU A 98 16.28 -25.69 9.30
N GLU A 99 15.93 -24.43 9.58
CA GLU A 99 16.77 -23.58 10.43
C GLU A 99 16.81 -24.13 11.85
N ARG A 100 15.72 -24.78 12.26
CA ARG A 100 15.64 -25.33 13.61
C ARG A 100 16.76 -26.34 13.84
N ARG A 101 16.99 -27.20 12.85
CA ARG A 101 18.05 -28.20 12.95
C ARG A 101 19.42 -27.53 12.99
N GLY A 102 19.57 -26.46 12.22
CA GLY A 102 20.84 -25.74 12.18
C GLY A 102 21.86 -26.47 11.31
N HIS A 103 21.37 -27.26 10.36
CA HIS A 103 22.25 -28.01 9.48
C HIS A 103 21.52 -28.39 8.19
N SER B 1 10.76 -12.60 20.01
CA SER B 1 11.66 -13.71 20.43
C SER B 1 11.07 -15.03 19.99
N ALA B 2 11.33 -15.42 18.75
CA ALA B 2 10.82 -16.68 18.22
C ALA B 2 11.67 -17.16 17.06
N ASP B 3 12.97 -16.87 17.13
CA ASP B 3 13.91 -17.28 16.08
C ASP B 3 13.60 -16.56 14.77
N HIS B 4 12.44 -16.84 14.20
CA HIS B 4 12.05 -16.21 12.94
C HIS B 4 11.65 -14.76 13.17
N GLU B 5 11.35 -14.41 14.41
CA GLU B 5 10.96 -13.05 14.74
C GLU B 5 12.15 -12.11 14.60
N ARG B 6 13.34 -12.59 14.94
CA ARG B 6 14.54 -11.76 14.85
C ARG B 6 14.80 -11.36 13.41
N GLU B 7 14.55 -12.28 12.48
CA GLU B 7 14.76 -11.99 11.07
C GLU B 7 13.94 -10.79 10.65
N ALA B 8 12.71 -10.72 11.16
CA ALA B 8 11.82 -9.60 10.83
C ALA B 8 12.39 -8.29 11.36
N GLN B 9 13.00 -8.34 12.54
CA GLN B 9 13.59 -7.15 13.14
C GLN B 9 14.77 -6.65 12.31
N LYS B 10 15.54 -7.60 11.77
CA LYS B 10 16.70 -7.26 10.96
C LYS B 10 16.27 -6.45 9.73
N ALA B 11 15.16 -6.84 9.13
CA ALA B 11 14.66 -6.16 7.94
C ALA B 11 14.40 -4.69 8.24
N GLU B 12 13.87 -4.40 9.41
CA GLU B 12 13.58 -3.03 9.80
C GLU B 12 14.87 -2.23 9.95
N GLU B 13 15.89 -2.86 10.50
CA GLU B 13 17.18 -2.18 10.69
C GLU B 13 17.78 -1.82 9.34
N GLU B 14 17.62 -2.70 8.36
CA GLU B 14 18.15 -2.45 7.02
C GLU B 14 17.43 -1.27 6.38
N LEU B 15 16.16 -1.09 6.72
CA LEU B 15 15.37 0.01 6.18
C LEU B 15 15.97 1.36 6.60
N GLN B 16 16.45 1.42 7.83
CA GLN B 16 17.03 2.65 8.35
C GLN B 16 18.35 2.98 7.62
N LYS B 17 19.11 1.95 7.29
CA LYS B 17 20.40 2.15 6.61
C LYS B 17 20.21 2.80 5.23
N VAL B 18 19.26 2.28 4.46
CA VAL B 18 19.01 2.81 3.12
C VAL B 18 18.48 4.24 3.21
N LEU B 19 17.72 4.53 4.25
CA LEU B 19 17.17 5.87 4.42
C LEU B 19 18.31 6.87 4.54
N GLU B 20 19.37 6.47 5.24
CA GLU B 20 20.52 7.34 5.41
C GLU B 20 21.19 7.55 4.05
N GLU B 21 21.32 6.46 3.30
CA GLU B 21 21.92 6.53 1.97
C GLU B 21 21.02 7.31 1.02
N ALA B 22 19.70 7.19 1.23
CA ALA B 22 18.74 7.88 0.39
C ALA B 22 18.98 9.39 0.47
N SER B 23 19.32 9.86 1.67
CA SER B 23 19.58 11.29 1.86
C SER B 23 20.74 11.75 0.99
N LYS B 24 21.82 10.96 0.97
CA LYS B 24 22.97 11.32 0.15
C LYS B 24 22.58 11.36 -1.33
N LYS B 25 21.98 10.28 -1.80
CA LYS B 25 21.57 10.23 -3.20
C LYS B 25 20.52 11.29 -3.48
N ALA B 26 19.56 11.46 -2.59
CA ALA B 26 18.51 12.46 -2.78
C ALA B 26 19.08 13.87 -2.88
N VAL B 27 19.92 14.26 -1.92
CA VAL B 27 20.50 15.59 -1.94
C VAL B 27 21.41 15.76 -3.16
N GLU B 28 22.20 14.72 -3.43
CA GLU B 28 23.13 14.74 -4.56
C GLU B 28 22.39 14.70 -5.89
N ALA B 29 21.40 13.83 -5.97
CA ALA B 29 20.59 13.68 -7.19
C ALA B 29 19.80 14.96 -7.46
N GLU B 30 19.32 15.60 -6.39
CA GLU B 30 18.56 16.84 -6.52
C GLU B 30 19.45 17.96 -7.05
N ARG B 31 20.71 17.95 -6.65
CA ARG B 31 21.64 18.97 -7.10
C ARG B 31 21.95 18.80 -8.59
N GLY B 32 21.80 19.89 -9.34
CA GLY B 32 22.08 19.87 -10.78
C GLY B 32 20.80 19.62 -11.57
N ALA B 33 19.67 19.53 -10.88
CA ALA B 33 18.39 19.28 -11.54
C ALA B 33 17.65 20.62 -11.79
N PRO B 34 16.88 20.72 -12.85
CA PRO B 34 16.13 21.98 -13.17
C PRO B 34 14.91 22.16 -12.28
N GLY B 35 14.64 23.41 -11.89
CA GLY B 35 13.50 23.72 -11.03
C GLY B 35 13.71 23.20 -9.62
N ALA B 36 14.56 22.18 -9.48
CA ALA B 36 14.83 21.60 -8.18
C ALA B 36 13.53 21.37 -7.41
N ALA B 37 13.65 20.96 -6.15
CA ALA B 37 12.47 20.71 -5.33
C ALA B 37 12.90 20.28 -3.93
N LEU B 38 14.03 19.59 -3.83
CA LEU B 38 14.56 19.13 -2.55
C LEU B 38 16.06 19.36 -2.48
N ILE B 39 16.47 20.41 -1.75
CA ILE B 39 17.88 20.74 -1.58
C ILE B 39 18.18 20.99 -0.12
N SER B 40 18.83 20.01 0.54
CA SER B 40 19.16 20.15 1.95
C SER B 40 19.54 18.79 2.54
N TYR B 41 20.51 18.80 3.45
CA TYR B 41 20.97 17.59 4.10
C TYR B 41 20.03 17.19 5.26
N PRO B 42 19.89 18.02 6.26
CA PRO B 42 19.02 17.72 7.44
C PRO B 42 17.57 17.47 7.04
N ASP B 43 17.13 18.06 5.92
CA ASP B 43 15.76 17.88 5.45
C ASP B 43 15.67 16.73 4.46
N ALA B 44 16.80 16.38 3.84
CA ALA B 44 16.82 15.29 2.87
C ALA B 44 16.44 13.98 3.56
N ILE B 45 16.95 13.77 4.76
CA ILE B 45 16.65 12.56 5.51
C ILE B 45 15.19 12.51 5.90
N TRP B 46 14.62 13.65 6.25
CA TRP B 46 13.24 13.71 6.67
C TRP B 46 12.31 13.25 5.54
N TRP B 47 12.55 13.76 4.32
CA TRP B 47 11.74 13.37 3.17
C TRP B 47 11.98 11.88 2.84
N SER B 48 13.15 11.38 3.21
CA SER B 48 13.48 9.99 2.93
C SER B 48 12.64 9.05 3.79
N VAL B 49 12.37 9.45 5.03
CA VAL B 49 11.61 8.61 5.96
C VAL B 49 10.19 8.33 5.44
N GLU B 50 9.51 9.36 4.96
CA GLU B 50 8.15 9.19 4.46
C GLU B 50 8.17 8.34 3.18
N THR B 51 9.25 8.46 2.42
CA THR B 51 9.38 7.72 1.17
C THR B 51 9.39 6.21 1.42
N ALA B 52 10.19 5.77 2.38
CA ALA B 52 10.30 4.35 2.69
C ALA B 52 8.93 3.76 3.06
N THR B 53 8.06 4.60 3.63
CA THR B 53 6.73 4.13 4.02
C THR B 53 5.74 4.32 2.88
N THR B 54 6.24 4.75 1.72
CA THR B 54 5.39 4.95 0.56
C THR B 54 4.13 5.72 0.93
N VAL B 55 4.30 6.98 1.32
CA VAL B 55 3.17 7.83 1.70
C VAL B 55 3.45 9.28 1.35
N GLY B 56 4.51 9.52 0.58
CA GLY B 56 4.89 10.89 0.19
C GLY B 56 3.63 11.72 -0.10
N TYR B 57 3.30 12.62 0.82
CA TYR B 57 2.13 13.47 0.65
C TYR B 57 2.39 14.56 -0.38
N GLY B 58 2.64 15.77 0.09
CA GLY B 58 2.91 16.90 -0.81
C GLY B 58 4.06 17.76 -0.29
N ASP B 59 4.76 17.25 0.72
CA ASP B 59 5.88 17.98 1.31
C ASP B 59 6.91 18.32 0.24
N ARG B 60 7.57 17.28 -0.30
CA ARG B 60 8.59 17.47 -1.33
C ARG B 60 8.55 16.30 -2.31
N TYR B 61 9.06 16.53 -3.52
CA TYR B 61 9.08 15.48 -4.54
C TYR B 61 10.27 15.70 -5.49
N PRO B 62 10.94 14.65 -5.92
CA PRO B 62 12.12 14.79 -6.85
C PRO B 62 11.69 15.23 -8.24
N VAL B 63 12.67 15.56 -9.08
CA VAL B 63 12.38 16.00 -10.46
C VAL B 63 12.62 14.84 -11.42
N THR B 64 13.37 15.11 -12.51
CA THR B 64 13.67 14.09 -13.51
C THR B 64 15.18 13.78 -13.55
N GLU B 65 15.99 14.83 -13.47
CA GLU B 65 17.45 14.65 -13.53
C GLU B 65 17.94 13.87 -12.32
N GLU B 66 17.35 14.12 -11.17
CA GLU B 66 17.72 13.42 -9.93
C GLU B 66 17.34 11.93 -10.03
N GLY B 67 17.33 11.47 -11.28
CA GLY B 67 17.04 10.08 -11.55
C GLY B 67 15.90 9.57 -10.67
N ARG B 68 14.68 10.13 -10.80
CA ARG B 68 13.53 9.72 -9.96
C ARG B 68 13.71 8.31 -9.44
N LYS B 69 14.36 7.48 -10.24
CA LYS B 69 14.65 6.14 -9.82
C LYS B 69 15.29 6.17 -8.43
N VAL B 70 15.80 7.35 -8.02
CA VAL B 70 16.41 7.45 -6.71
C VAL B 70 15.36 7.15 -5.64
N ALA B 71 14.20 7.78 -5.76
CA ALA B 71 13.13 7.57 -4.81
C ALA B 71 12.55 6.17 -4.99
N GLU B 72 12.42 5.74 -6.24
CA GLU B 72 11.88 4.43 -6.54
C GLU B 72 12.63 3.36 -5.75
N GLN B 73 13.96 3.47 -5.74
CA GLN B 73 14.79 2.52 -5.02
C GLN B 73 14.38 2.47 -3.54
N VAL B 74 14.16 3.64 -2.95
CA VAL B 74 13.79 3.70 -1.53
C VAL B 74 12.39 3.10 -1.31
N MET B 75 11.45 3.44 -2.18
CA MET B 75 10.08 2.93 -2.05
C MET B 75 10.07 1.40 -2.13
N LYS B 76 10.83 0.86 -3.08
CA LYS B 76 10.92 -0.59 -3.23
C LYS B 76 11.53 -1.23 -1.99
N ALA B 77 12.53 -0.56 -1.42
CA ALA B 77 13.19 -1.08 -0.22
C ALA B 77 12.19 -1.26 0.92
N GLY B 78 11.29 -0.29 1.06
CA GLY B 78 10.29 -0.34 2.11
C GLY B 78 9.33 -1.51 1.90
N ILE B 79 8.79 -1.62 0.69
CA ILE B 79 7.84 -2.68 0.39
C ILE B 79 8.52 -4.05 0.41
N GLU B 80 9.84 -4.06 0.61
CA GLU B 80 10.60 -5.33 0.65
C GLU B 80 10.76 -5.81 2.09
N VAL B 81 11.26 -4.93 2.93
CA VAL B 81 11.49 -5.26 4.33
C VAL B 81 10.18 -5.64 5.03
N PHE B 82 9.16 -4.81 4.85
CA PHE B 82 7.87 -5.06 5.47
C PHE B 82 7.22 -6.31 4.89
N ALA B 83 7.38 -6.51 3.59
CA ALA B 83 6.80 -7.68 2.94
C ALA B 83 7.46 -8.95 3.45
N LEU B 84 8.76 -8.88 3.73
CA LEU B 84 9.49 -10.04 4.23
C LEU B 84 8.91 -10.48 5.56
N VAL B 85 8.59 -9.51 6.41
CA VAL B 85 8.02 -9.83 7.72
C VAL B 85 6.91 -10.86 7.56
N THR B 86 6.39 -10.96 6.35
CA THR B 86 5.34 -11.93 6.07
C THR B 86 5.77 -13.31 6.58
N ALA B 87 7.06 -13.48 6.76
CA ALA B 87 7.62 -14.74 7.24
C ALA B 87 7.16 -15.04 8.66
N ALA B 88 7.58 -14.21 9.61
CA ALA B 88 7.21 -14.41 11.01
C ALA B 88 5.71 -14.16 11.22
N LEU B 89 5.08 -13.57 10.21
CA LEU B 89 3.65 -13.28 10.29
C LEU B 89 2.86 -14.36 9.56
N ALA B 90 3.57 -15.26 8.90
CA ALA B 90 2.94 -16.37 8.19
C ALA B 90 2.74 -17.54 9.16
N THR B 91 3.60 -17.59 10.16
CA THR B 91 3.54 -18.64 11.17
C THR B 91 2.43 -18.33 12.18
N ASP B 92 1.81 -17.18 12.01
CA ASP B 92 0.74 -16.75 12.92
C ASP B 92 -0.34 -17.82 13.02
N PHE B 93 -0.79 -18.32 11.87
CA PHE B 93 -1.84 -19.34 11.85
C PHE B 93 -1.28 -20.71 12.27
N VAL B 94 -0.01 -20.93 11.98
CA VAL B 94 0.63 -22.22 12.30
C VAL B 94 0.60 -22.49 13.81
N ARG B 95 0.91 -21.48 14.61
CA ARG B 95 0.92 -21.65 16.05
C ARG B 95 -0.31 -22.39 16.55
N ARG B 96 -1.37 -22.38 15.74
CA ARG B 96 -2.61 -23.06 16.12
C ARG B 96 -2.34 -24.55 16.33
N GLU B 97 -1.54 -25.13 15.43
CA GLU B 97 -1.21 -26.54 15.50
C GLU B 97 -0.47 -26.88 16.79
N GLU B 98 0.42 -25.99 17.21
CA GLU B 98 1.19 -26.23 18.44
C GLU B 98 0.26 -26.21 19.66
N GLU B 99 -0.72 -25.31 19.65
CA GLU B 99 -1.65 -25.20 20.76
C GLU B 99 -2.51 -26.45 20.86
N ARG B 100 -3.06 -26.89 19.72
CA ARG B 100 -3.91 -28.08 19.71
C ARG B 100 -3.08 -29.32 20.02
N ARG B 101 -1.88 -29.39 19.44
CA ARG B 101 -0.99 -30.53 19.67
C ARG B 101 0.11 -30.15 20.66
N GLY B 102 0.10 -30.80 21.82
CA GLY B 102 1.09 -30.54 22.85
C GLY B 102 0.51 -29.67 23.96
N HIS B 103 -0.64 -29.07 23.68
CA HIS B 103 -1.30 -28.21 24.67
C HIS B 103 -2.78 -28.06 24.35
N SER C 1 -15.68 -21.52 14.60
CA SER C 1 -14.96 -20.78 15.67
C SER C 1 -13.86 -19.92 15.05
N ALA C 2 -12.85 -20.57 14.50
CA ALA C 2 -11.75 -19.86 13.86
C ALA C 2 -11.14 -18.84 14.81
N ASP C 3 -10.12 -19.25 15.55
CA ASP C 3 -9.45 -18.37 16.49
C ASP C 3 -8.81 -17.20 15.77
N HIS C 4 -8.22 -17.48 14.61
CA HIS C 4 -7.57 -16.44 13.81
C HIS C 4 -8.56 -15.32 13.48
N GLU C 5 -9.78 -15.70 13.12
CA GLU C 5 -10.80 -14.71 12.79
C GLU C 5 -11.15 -13.84 13.99
N ARG C 6 -11.29 -14.47 15.15
CA ARG C 6 -11.62 -13.74 16.37
C ARG C 6 -10.48 -12.79 16.73
N GLU C 7 -9.26 -13.27 16.60
CA GLU C 7 -8.09 -12.45 16.91
C GLU C 7 -7.97 -11.30 15.92
N ALA C 8 -8.29 -11.57 14.66
CA ALA C 8 -8.22 -10.55 13.63
C ALA C 8 -9.23 -9.43 13.92
N GLN C 9 -10.42 -9.81 14.34
CA GLN C 9 -11.45 -8.83 14.64
C GLN C 9 -11.04 -7.97 15.83
N LYS C 10 -10.47 -8.61 16.85
CA LYS C 10 -10.02 -7.91 18.04
C LYS C 10 -8.90 -6.93 17.69
N ALA C 11 -8.03 -7.36 16.77
CA ALA C 11 -6.90 -6.53 16.36
C ALA C 11 -7.37 -5.20 15.76
N GLU C 12 -8.51 -5.22 15.09
CA GLU C 12 -9.05 -4.02 14.49
C GLU C 12 -9.39 -2.97 15.55
N GLU C 13 -9.90 -3.43 16.68
CA GLU C 13 -10.27 -2.53 17.76
C GLU C 13 -9.02 -1.83 18.31
N GLU C 14 -7.90 -2.54 18.31
CA GLU C 14 -6.66 -1.98 18.82
C GLU C 14 -6.19 -0.82 17.94
N LEU C 15 -6.44 -0.92 16.64
CA LEU C 15 -6.04 0.13 15.72
C LEU C 15 -6.75 1.44 16.05
N GLN C 16 -8.04 1.34 16.37
CA GLN C 16 -8.82 2.52 16.70
C GLN C 16 -8.28 3.23 17.94
N LYS C 17 -7.85 2.46 18.93
CA LYS C 17 -7.31 3.03 20.16
C LYS C 17 -6.06 3.85 19.88
N VAL C 18 -5.20 3.34 19.01
CA VAL C 18 -3.96 4.02 18.66
C VAL C 18 -4.25 5.37 18.00
N LEU C 19 -5.26 5.39 17.15
CA LEU C 19 -5.62 6.63 16.45
C LEU C 19 -6.01 7.71 17.46
N GLU C 20 -6.75 7.31 18.49
CA GLU C 20 -7.16 8.27 19.50
C GLU C 20 -5.93 9.01 20.03
N GLU C 21 -4.90 8.26 20.38
CA GLU C 21 -3.67 8.87 20.88
C GLU C 21 -2.97 9.63 19.76
N ALA C 22 -3.11 9.13 18.54
CA ALA C 22 -2.49 9.78 17.39
C ALA C 22 -3.02 11.19 17.21
N SER C 23 -4.33 11.35 17.35
CA SER C 23 -4.95 12.67 17.20
C SER C 23 -4.36 13.65 18.19
N LYS C 24 -4.19 13.21 19.44
CA LYS C 24 -3.62 14.07 20.46
C LYS C 24 -2.20 14.46 20.07
N LYS C 25 -1.39 13.47 19.74
CA LYS C 25 -0.02 13.73 19.35
C LYS C 25 0.01 14.61 18.09
N ALA C 26 -0.87 14.32 17.14
CA ALA C 26 -0.92 15.09 15.90
C ALA C 26 -1.29 16.55 16.17
N VAL C 27 -2.39 16.77 16.88
CA VAL C 27 -2.83 18.12 17.19
C VAL C 27 -1.80 18.80 18.09
N GLU C 28 -1.29 18.06 19.07
CA GLU C 28 -0.31 18.59 19.99
C GLU C 28 1.00 18.90 19.27
N ALA C 29 1.44 17.98 18.42
CA ALA C 29 2.66 18.16 17.65
C ALA C 29 2.48 19.30 16.65
N GLU C 30 1.28 19.39 16.07
CA GLU C 30 0.98 20.45 15.11
C GLU C 30 0.87 21.81 15.81
N ARG C 31 0.35 21.80 17.03
CA ARG C 31 0.19 23.03 17.77
C ARG C 31 1.53 23.63 18.13
N GLY C 32 1.77 24.86 17.69
CA GLY C 32 3.01 25.56 17.98
C GLY C 32 4.01 25.40 16.83
N ALA C 33 3.58 24.73 15.75
CA ALA C 33 4.44 24.52 14.60
C ALA C 33 4.04 25.45 13.44
N PRO C 34 4.99 25.97 12.69
CA PRO C 34 4.67 26.88 11.55
C PRO C 34 4.14 26.14 10.32
N GLY C 35 3.21 26.76 9.61
CA GLY C 35 2.64 26.15 8.42
C GLY C 35 1.81 24.92 8.77
N ALA C 36 1.54 24.75 10.06
CA ALA C 36 0.76 23.60 10.52
C ALA C 36 -0.63 23.61 9.88
N ALA C 37 -0.76 22.93 8.74
CA ALA C 37 -2.05 22.87 8.05
C ALA C 37 -3.08 22.14 8.92
N LEU C 38 -2.63 21.11 9.62
CA LEU C 38 -3.52 20.34 10.49
C LEU C 38 -3.59 20.98 11.87
N ILE C 39 -4.78 21.40 12.26
CA ILE C 39 -4.99 22.04 13.56
C ILE C 39 -6.36 21.67 14.11
N SER C 40 -6.55 21.90 15.40
CA SER C 40 -7.82 21.59 16.05
C SER C 40 -7.89 20.11 16.43
N TYR C 41 -8.48 19.84 17.58
CA TYR C 41 -8.66 18.47 18.04
C TYR C 41 -9.87 17.80 17.37
N PRO C 42 -10.98 18.51 17.14
CA PRO C 42 -12.17 17.89 16.48
C PRO C 42 -11.87 17.37 15.08
N ASP C 43 -10.94 18.04 14.38
CA ASP C 43 -10.59 17.63 13.02
C ASP C 43 -9.35 16.73 13.03
N ALA C 44 -8.69 16.63 14.17
CA ALA C 44 -7.49 15.81 14.29
C ALA C 44 -7.84 14.33 14.17
N ILE C 45 -8.97 13.94 14.74
CA ILE C 45 -9.40 12.56 14.69
C ILE C 45 -9.72 12.15 13.25
N TRP C 46 -10.29 13.09 12.49
CA TRP C 46 -10.63 12.80 11.09
C TRP C 46 -9.39 12.45 10.29
N TRP C 47 -8.33 13.25 10.43
CA TRP C 47 -7.10 12.97 9.71
C TRP C 47 -6.43 11.74 10.33
N SER C 48 -6.82 11.40 11.55
CA SER C 48 -6.24 10.26 12.24
C SER C 48 -6.88 8.95 11.78
N VAL C 49 -6.97 8.76 10.46
CA VAL C 49 -7.57 7.55 9.91
C VAL C 49 -6.90 7.14 8.61
N GLU C 50 -6.62 8.11 7.75
CA GLU C 50 -5.98 7.81 6.46
C GLU C 50 -4.56 7.28 6.67
N THR C 51 -3.89 7.80 7.69
CA THR C 51 -2.52 7.36 7.97
C THR C 51 -2.47 5.90 8.41
N ALA C 52 -3.39 5.51 9.29
CA ALA C 52 -3.43 4.13 9.79
C ALA C 52 -3.66 3.17 8.63
N THR C 53 -4.46 3.58 7.66
CA THR C 53 -4.75 2.73 6.50
C THR C 53 -3.70 2.95 5.41
N THR C 54 -2.71 3.79 5.72
CA THR C 54 -1.64 4.09 4.78
C THR C 54 -2.22 4.51 3.42
N VAL C 55 -2.72 5.74 3.37
CA VAL C 55 -3.30 6.28 2.13
C VAL C 55 -2.95 7.76 1.98
N GLY C 56 -3.49 8.59 2.87
CA GLY C 56 -3.23 10.02 2.82
C GLY C 56 -4.14 10.69 1.79
N TYR C 57 -4.01 10.25 0.55
CA TYR C 57 -4.82 10.78 -0.54
C TYR C 57 -4.43 12.24 -0.85
N GLY C 58 -4.13 13.01 0.19
CA GLY C 58 -3.73 14.40 0.03
C GLY C 58 -4.64 15.31 0.86
N ASP C 59 -5.30 14.73 1.86
CA ASP C 59 -6.19 15.52 2.71
C ASP C 59 -5.41 16.63 3.41
N ARG C 60 -4.28 16.27 4.02
CA ARG C 60 -3.45 17.23 4.72
C ARG C 60 -1.99 16.85 4.60
N TYR C 61 -1.14 17.45 5.42
CA TYR C 61 0.29 17.13 5.39
C TYR C 61 1.02 17.77 6.57
N PRO C 62 1.55 17.00 7.51
CA PRO C 62 2.27 17.59 8.69
C PRO C 62 3.61 18.21 8.29
N VAL C 63 4.39 18.60 9.30
CA VAL C 63 5.69 19.22 9.07
C VAL C 63 6.78 18.51 9.90
N THR C 64 7.99 19.03 9.84
CA THR C 64 9.10 18.44 10.57
C THR C 64 9.06 18.87 12.03
N GLU C 65 8.45 20.02 12.29
CA GLU C 65 8.35 20.53 13.64
C GLU C 65 7.46 19.62 14.49
N GLU C 66 6.32 19.19 13.92
CA GLU C 66 5.39 18.30 14.61
C GLU C 66 5.94 16.86 14.59
N GLY C 67 7.25 16.81 14.61
CA GLY C 67 7.94 15.54 14.64
C GLY C 67 7.31 14.55 13.68
N ARG C 68 7.37 14.83 12.35
CA ARG C 68 6.76 13.96 11.33
C ARG C 68 6.64 12.54 11.81
N LYS C 69 7.58 12.13 12.65
CA LYS C 69 7.54 10.81 13.22
C LYS C 69 6.15 10.54 13.80
N VAL C 70 5.38 11.61 14.11
CA VAL C 70 4.06 11.40 14.66
C VAL C 70 3.18 10.64 13.67
N ALA C 71 3.17 11.09 12.42
CA ALA C 71 2.37 10.43 11.39
C ALA C 71 2.95 9.06 11.04
N GLU C 72 4.28 8.99 11.00
CA GLU C 72 4.95 7.73 10.66
C GLU C 72 4.61 6.65 11.68
N GLN C 73 4.65 6.99 12.97
CA GLN C 73 4.36 6.03 14.02
C GLN C 73 2.97 5.41 13.83
N VAL C 74 2.01 6.21 13.39
CA VAL C 74 0.65 5.70 13.19
C VAL C 74 0.60 4.64 12.10
N MET C 75 1.30 4.90 10.99
CA MET C 75 1.31 3.98 9.86
C MET C 75 1.87 2.62 10.28
N LYS C 76 2.94 2.63 11.07
CA LYS C 76 3.56 1.39 11.52
C LYS C 76 2.58 0.58 12.35
N ALA C 77 1.83 1.26 13.22
CA ALA C 77 0.86 0.57 14.07
C ALA C 77 -0.24 -0.07 13.22
N GLY C 78 -0.65 0.64 12.17
CA GLY C 78 -1.71 0.14 11.29
C GLY C 78 -1.25 -1.09 10.51
N ILE C 79 -0.01 -1.05 10.01
CA ILE C 79 0.51 -2.17 9.22
C ILE C 79 0.54 -3.44 10.06
N GLU C 80 0.98 -3.33 11.30
CA GLU C 80 1.05 -4.50 12.18
C GLU C 80 -0.32 -5.13 12.36
N VAL C 81 -1.34 -4.31 12.59
CA VAL C 81 -2.69 -4.83 12.79
C VAL C 81 -3.21 -5.54 11.54
N PHE C 82 -3.08 -4.89 10.39
CA PHE C 82 -3.57 -5.49 9.14
C PHE C 82 -2.72 -6.70 8.75
N ALA C 83 -1.42 -6.61 8.97
CA ALA C 83 -0.52 -7.71 8.62
C ALA C 83 -0.83 -8.94 9.48
N LEU C 84 -1.17 -8.70 10.74
CA LEU C 84 -1.47 -9.79 11.67
C LEU C 84 -2.70 -10.58 11.23
N VAL C 85 -3.72 -9.88 10.74
CA VAL C 85 -4.94 -10.56 10.31
C VAL C 85 -4.61 -11.69 9.35
N THR C 86 -3.42 -11.64 8.75
CA THR C 86 -3.00 -12.68 7.83
C THR C 86 -3.19 -14.06 8.45
N ALA C 87 -3.23 -14.09 9.77
CA ALA C 87 -3.40 -15.35 10.50
C ALA C 87 -4.67 -16.05 10.02
N ALA C 88 -5.63 -15.28 9.52
CA ALA C 88 -6.89 -15.83 9.04
C ALA C 88 -6.87 -16.00 7.52
N LEU C 89 -5.91 -15.33 6.87
CA LEU C 89 -5.78 -15.41 5.41
C LEU C 89 -4.94 -16.61 4.99
N ALA C 90 -3.80 -16.79 5.64
CA ALA C 90 -2.90 -17.89 5.32
C ALA C 90 -3.62 -19.23 5.43
N THR C 91 -4.62 -19.28 6.29
CA THR C 91 -5.40 -20.51 6.49
C THR C 91 -6.58 -20.54 5.53
N ASP C 92 -6.74 -19.47 4.76
CA ASP C 92 -7.84 -19.39 3.81
C ASP C 92 -7.80 -20.56 2.84
N PHE C 93 -6.63 -20.85 2.30
CA PHE C 93 -6.48 -21.96 1.36
C PHE C 93 -6.49 -23.31 2.10
N VAL C 94 -5.88 -23.34 3.26
CA VAL C 94 -5.81 -24.56 4.06
C VAL C 94 -7.15 -25.27 4.13
N ARG C 95 -8.24 -24.51 4.02
CA ARG C 95 -9.57 -25.10 4.09
C ARG C 95 -9.87 -25.96 2.86
N ARG C 96 -9.18 -25.69 1.76
CA ARG C 96 -9.41 -26.43 0.52
C ARG C 96 -9.55 -27.93 0.80
N GLU C 97 -8.77 -28.43 1.76
CA GLU C 97 -8.81 -29.84 2.12
C GLU C 97 -9.98 -30.12 3.07
N GLU C 98 -10.41 -29.09 3.80
CA GLU C 98 -11.51 -29.24 4.76
C GLU C 98 -12.82 -28.78 4.12
N GLU C 99 -12.99 -29.08 2.84
CA GLU C 99 -14.20 -28.69 2.11
C GLU C 99 -14.63 -29.82 1.16
N ARG C 100 -13.67 -30.41 0.48
CA ARG C 100 -13.96 -31.50 -0.45
C ARG C 100 -14.52 -32.71 0.30
N ARG C 101 -13.96 -32.98 1.48
CA ARG C 101 -14.40 -34.11 2.29
C ARG C 101 -15.84 -33.91 2.76
N GLY C 102 -16.19 -32.68 3.06
CA GLY C 102 -17.55 -32.37 3.52
C GLY C 102 -17.64 -32.40 5.04
N HIS C 103 -16.47 -32.37 5.69
CA HIS C 103 -16.43 -32.38 7.15
C HIS C 103 -16.93 -31.07 7.72
N SER D 1 -9.00 -20.61 -12.48
CA SER D 1 -9.37 -21.96 -13.00
C SER D 1 -9.46 -22.95 -11.84
N ALA D 2 -8.62 -22.75 -10.84
CA ALA D 2 -8.60 -23.62 -9.67
C ALA D 2 -9.68 -23.22 -8.67
N ASP D 3 -9.91 -24.06 -7.67
CA ASP D 3 -10.92 -23.78 -6.65
C ASP D 3 -10.59 -22.50 -5.89
N HIS D 4 -9.32 -22.34 -5.52
CA HIS D 4 -8.89 -21.16 -4.79
C HIS D 4 -8.95 -19.92 -5.69
N GLU D 5 -8.59 -20.09 -6.95
CA GLU D 5 -8.62 -18.97 -7.90
C GLU D 5 -10.04 -18.48 -8.10
N ARG D 6 -11.00 -19.40 -8.11
CA ARG D 6 -12.39 -19.03 -8.31
C ARG D 6 -12.86 -18.12 -7.18
N GLU D 7 -12.47 -18.45 -5.95
CA GLU D 7 -12.87 -17.65 -4.80
C GLU D 7 -12.28 -16.25 -4.91
N ALA D 8 -11.02 -16.18 -5.30
CA ALA D 8 -10.34 -14.90 -5.46
C ALA D 8 -10.96 -14.08 -6.58
N GLN D 9 -11.35 -14.77 -7.65
CA GLN D 9 -11.95 -14.08 -8.80
C GLN D 9 -13.27 -13.43 -8.40
N LYS D 10 -14.04 -14.12 -7.57
CA LYS D 10 -15.33 -13.60 -7.13
C LYS D 10 -15.13 -12.33 -6.30
N ALA D 11 -14.06 -12.31 -5.51
CA ALA D 11 -13.78 -11.16 -4.65
C ALA D 11 -13.61 -9.88 -5.48
N GLU D 12 -13.18 -10.04 -6.73
CA GLU D 12 -12.98 -8.88 -7.59
C GLU D 12 -14.30 -8.18 -7.87
N GLU D 13 -15.36 -8.96 -8.06
CA GLU D 13 -16.68 -8.39 -8.33
C GLU D 13 -17.20 -7.64 -7.11
N GLU D 14 -16.87 -8.13 -5.93
CA GLU D 14 -17.32 -7.50 -4.70
C GLU D 14 -16.75 -6.08 -4.60
N LEU D 15 -15.51 -5.90 -5.03
CA LEU D 15 -14.87 -4.60 -4.97
C LEU D 15 -15.64 -3.60 -5.83
N GLN D 16 -16.04 -4.04 -7.02
CA GLN D 16 -16.78 -3.17 -7.93
C GLN D 16 -18.11 -2.72 -7.31
N LYS D 17 -18.71 -3.58 -6.49
CA LYS D 17 -19.98 -3.25 -5.85
C LYS D 17 -19.82 -2.04 -4.94
N VAL D 18 -18.70 -1.97 -4.24
CA VAL D 18 -18.44 -0.87 -3.33
C VAL D 18 -18.18 0.42 -4.10
N LEU D 19 -17.47 0.31 -5.22
CA LEU D 19 -17.14 1.50 -6.00
C LEU D 19 -18.41 2.16 -6.52
N GLU D 20 -19.33 1.36 -7.05
CA GLU D 20 -20.59 1.89 -7.56
C GLU D 20 -21.48 2.35 -6.41
N GLU D 21 -21.52 1.55 -5.35
CA GLU D 21 -22.34 1.89 -4.19
C GLU D 21 -21.76 3.11 -3.47
N ALA D 22 -20.43 3.15 -3.39
CA ALA D 22 -19.76 4.27 -2.73
C ALA D 22 -19.94 5.55 -3.52
N SER D 23 -19.91 5.45 -4.85
CA SER D 23 -20.06 6.62 -5.70
C SER D 23 -21.34 7.38 -5.36
N LYS D 24 -22.43 6.64 -5.18
CA LYS D 24 -23.70 7.26 -4.85
C LYS D 24 -23.63 7.91 -3.46
N LYS D 25 -22.84 7.31 -2.58
CA LYS D 25 -22.68 7.84 -1.24
C LYS D 25 -21.75 9.06 -1.25
N ALA D 26 -20.64 8.96 -1.98
CA ALA D 26 -19.67 10.06 -2.05
C ALA D 26 -20.30 11.32 -2.61
N VAL D 27 -20.99 11.19 -3.74
CA VAL D 27 -21.63 12.36 -4.35
C VAL D 27 -22.65 12.95 -3.39
N GLU D 28 -23.45 12.09 -2.78
CA GLU D 28 -24.45 12.54 -1.83
C GLU D 28 -23.80 13.10 -0.57
N ALA D 29 -22.76 12.42 -0.08
CA ALA D 29 -22.05 12.86 1.11
C ALA D 29 -21.37 14.21 0.87
N GLU D 30 -20.72 14.36 -0.27
CA GLU D 30 -20.05 15.61 -0.61
C GLU D 30 -21.07 16.71 -0.91
N ARG D 31 -22.19 16.31 -1.50
CA ARG D 31 -23.23 17.27 -1.84
C ARG D 31 -23.90 17.81 -0.57
N GLY D 32 -23.86 19.12 -0.41
CA GLY D 32 -24.47 19.78 0.75
C GLY D 32 -23.43 20.12 1.81
N ALA D 33 -22.18 19.73 1.55
CA ALA D 33 -21.09 20.00 2.50
C ALA D 33 -20.31 21.25 2.08
N PRO D 34 -19.75 21.98 3.02
CA PRO D 34 -18.96 23.21 2.70
C PRO D 34 -17.59 22.88 2.12
N GLY D 35 -17.14 23.70 1.16
CA GLY D 35 -15.84 23.48 0.54
C GLY D 35 -15.86 22.26 -0.36
N ALA D 36 -17.04 21.89 -0.85
CA ALA D 36 -17.18 20.74 -1.72
C ALA D 36 -16.41 20.95 -3.03
N ALA D 37 -15.81 19.87 -3.54
CA ALA D 37 -15.06 19.94 -4.79
C ALA D 37 -15.44 18.79 -5.72
N LEU D 38 -15.98 17.72 -5.14
CA LEU D 38 -16.39 16.56 -5.93
C LEU D 38 -17.62 16.89 -6.77
N ILE D 39 -18.81 16.67 -6.20
CA ILE D 39 -20.05 16.95 -6.91
C ILE D 39 -20.08 16.24 -8.26
N SER D 40 -21.26 16.11 -8.81
CA SER D 40 -21.43 15.45 -10.09
C SER D 40 -21.33 13.93 -9.95
N TYR D 41 -22.29 13.22 -10.50
CA TYR D 41 -22.31 11.77 -10.46
C TYR D 41 -21.32 11.18 -11.48
N PRO D 42 -21.26 11.68 -12.70
CA PRO D 42 -20.32 11.13 -13.72
C PRO D 42 -18.85 11.22 -13.26
N ASP D 43 -18.55 12.23 -12.44
CA ASP D 43 -17.19 12.41 -11.95
C ASP D 43 -16.97 11.65 -10.64
N ALA D 44 -18.03 11.52 -9.85
CA ALA D 44 -17.93 10.81 -8.57
C ALA D 44 -17.54 9.36 -8.78
N ILE D 45 -18.04 8.75 -9.85
CA ILE D 45 -17.71 7.38 -10.16
C ILE D 45 -16.22 7.25 -10.45
N TRP D 46 -15.66 8.25 -11.11
CA TRP D 46 -14.24 8.23 -11.45
C TRP D 46 -13.40 8.32 -10.17
N TRP D 47 -13.81 9.18 -9.26
CA TRP D 47 -13.09 9.33 -7.99
C TRP D 47 -13.07 7.99 -7.25
N SER D 48 -14.17 7.26 -7.34
CA SER D 48 -14.24 5.96 -6.67
C SER D 48 -13.24 4.98 -7.30
N VAL D 49 -13.02 5.12 -8.61
CA VAL D 49 -12.09 4.23 -9.32
C VAL D 49 -10.64 4.64 -9.11
N GLU D 50 -10.20 4.57 -7.86
CA GLU D 50 -8.82 4.90 -7.52
C GLU D 50 -8.61 4.75 -6.02
N THR D 51 -9.65 5.05 -5.25
CA THR D 51 -9.57 4.93 -3.81
C THR D 51 -9.39 3.47 -3.41
N ALA D 52 -10.12 2.58 -4.08
CA ALA D 52 -10.02 1.15 -3.79
C ALA D 52 -8.56 0.70 -3.90
N THR D 53 -7.79 1.41 -4.71
CA THR D 53 -6.39 1.07 -4.91
C THR D 53 -5.54 1.67 -3.79
N THR D 54 -6.21 2.35 -2.86
CA THR D 54 -5.52 2.97 -1.73
C THR D 54 -4.45 3.96 -2.21
N VAL D 55 -4.47 4.27 -3.50
CA VAL D 55 -3.50 5.21 -4.06
C VAL D 55 -4.04 6.64 -4.02
N GLY D 56 -5.22 6.84 -4.61
CA GLY D 56 -5.84 8.15 -4.64
C GLY D 56 -5.09 9.08 -5.60
N TYR D 57 -3.76 9.00 -5.55
CA TYR D 57 -2.91 9.83 -6.41
C TYR D 57 -3.23 11.31 -6.22
N GLY D 58 -4.36 11.74 -6.76
CA GLY D 58 -4.78 13.13 -6.66
C GLY D 58 -6.28 13.27 -6.89
N ASP D 59 -6.66 13.49 -8.13
CA ASP D 59 -8.08 13.66 -8.47
C ASP D 59 -8.77 14.57 -7.47
N ARG D 60 -9.77 14.04 -6.77
CA ARG D 60 -10.51 14.82 -5.78
C ARG D 60 -10.27 14.25 -4.40
N TYR D 61 -10.70 14.98 -3.37
CA TYR D 61 -10.50 14.54 -1.99
C TYR D 61 -11.76 14.77 -1.16
N PRO D 62 -12.17 13.82 -0.35
CA PRO D 62 -13.40 13.97 0.51
C PRO D 62 -13.18 14.99 1.64
N VAL D 63 -14.29 15.58 2.10
CA VAL D 63 -14.23 16.55 3.19
C VAL D 63 -14.47 15.85 4.53
N THR D 64 -15.14 16.54 5.46
CA THR D 64 -15.41 15.98 6.78
C THR D 64 -16.92 15.76 6.95
N GLU D 65 -17.73 16.73 6.49
CA GLU D 65 -19.17 16.62 6.62
C GLU D 65 -19.68 15.45 5.76
N GLU D 66 -18.94 15.11 4.72
CA GLU D 66 -19.31 13.99 3.86
C GLU D 66 -19.02 12.67 4.59
N GLY D 67 -19.13 12.75 5.91
CA GLY D 67 -18.90 11.59 6.72
C GLY D 67 -17.65 10.88 6.25
N ARG D 68 -16.49 11.57 6.30
CA ARG D 68 -15.21 11.00 5.83
C ARG D 68 -15.25 9.48 5.86
N LYS D 69 -15.96 8.95 6.84
CA LYS D 69 -16.12 7.53 6.95
C LYS D 69 -16.60 6.97 5.60
N VAL D 70 -17.16 7.83 4.71
CA VAL D 70 -17.62 7.36 3.43
C VAL D 70 -16.45 6.79 2.63
N ALA D 71 -15.38 7.57 2.54
CA ALA D 71 -14.21 7.13 1.81
C ALA D 71 -13.50 6.01 2.58
N GLU D 72 -13.37 6.18 3.88
CA GLU D 72 -12.71 5.20 4.74
C GLU D 72 -13.10 3.78 4.35
N GLN D 73 -14.39 3.55 4.10
CA GLN D 73 -14.86 2.24 3.73
C GLN D 73 -14.40 1.84 2.32
N VAL D 74 -14.35 2.81 1.41
CA VAL D 74 -13.99 2.49 0.03
C VAL D 74 -12.58 1.88 -0.06
N MET D 75 -11.60 2.55 0.54
CA MET D 75 -10.23 2.05 0.53
C MET D 75 -10.09 0.82 1.42
N LYS D 76 -10.75 0.85 2.57
CA LYS D 76 -10.67 -0.27 3.51
C LYS D 76 -11.21 -1.55 2.86
N ALA D 77 -12.32 -1.42 2.14
CA ALA D 77 -12.92 -2.57 1.48
C ALA D 77 -11.97 -3.11 0.41
N GLY D 78 -11.27 -2.20 -0.25
CA GLY D 78 -10.33 -2.59 -1.30
C GLY D 78 -9.18 -3.43 -0.76
N ILE D 79 -8.67 -3.04 0.41
CA ILE D 79 -7.56 -3.76 1.02
C ILE D 79 -7.96 -5.19 1.35
N GLU D 80 -9.16 -5.37 1.90
CA GLU D 80 -9.62 -6.71 2.26
C GLU D 80 -9.70 -7.62 1.04
N VAL D 81 -10.19 -7.08 -0.07
CA VAL D 81 -10.33 -7.86 -1.29
C VAL D 81 -8.97 -8.30 -1.81
N PHE D 82 -8.03 -7.38 -1.89
CA PHE D 82 -6.69 -7.70 -2.39
C PHE D 82 -5.93 -8.55 -1.38
N ALA D 83 -6.45 -8.63 -0.16
CA ALA D 83 -5.80 -9.43 0.89
C ALA D 83 -6.43 -10.81 0.95
N LEU D 84 -7.72 -10.90 0.62
CA LEU D 84 -8.41 -12.20 0.63
C LEU D 84 -7.81 -13.12 -0.42
N VAL D 85 -7.52 -12.57 -1.59
CA VAL D 85 -6.95 -13.36 -2.67
C VAL D 85 -5.63 -13.99 -2.22
N THR D 86 -5.22 -13.67 -1.00
CA THR D 86 -3.98 -14.21 -0.46
C THR D 86 -4.06 -15.74 -0.41
N ALA D 87 -5.28 -16.26 -0.39
CA ALA D 87 -5.48 -17.70 -0.37
C ALA D 87 -4.82 -18.35 -1.57
N ALA D 88 -5.08 -17.79 -2.75
CA ALA D 88 -4.51 -18.32 -3.98
C ALA D 88 -2.99 -18.17 -3.95
N LEU D 89 -2.53 -17.05 -3.38
CA LEU D 89 -1.10 -16.77 -3.27
C LEU D 89 -0.42 -17.79 -2.37
N ALA D 90 -1.11 -18.15 -1.28
CA ALA D 90 -0.57 -19.10 -0.32
C ALA D 90 -0.22 -20.42 -0.99
N THR D 91 -1.13 -20.90 -1.83
CA THR D 91 -0.92 -22.16 -2.52
C THR D 91 0.12 -21.99 -3.63
N ASP D 92 0.49 -20.75 -3.90
CA ASP D 92 1.46 -20.47 -4.95
C ASP D 92 2.77 -21.23 -4.72
N PHE D 93 3.29 -21.15 -3.49
CA PHE D 93 4.53 -21.84 -3.16
C PHE D 93 4.29 -23.35 -3.00
N VAL D 94 3.10 -23.70 -2.54
CA VAL D 94 2.75 -25.10 -2.32
C VAL D 94 2.80 -25.91 -3.62
N ARG D 95 2.60 -25.22 -4.74
CA ARG D 95 2.60 -25.89 -6.04
C ARG D 95 3.94 -26.60 -6.27
N ARG D 96 5.02 -26.03 -5.74
CA ARG D 96 6.34 -26.63 -5.91
C ARG D 96 6.35 -28.06 -5.36
N GLU D 97 5.67 -28.25 -4.24
CA GLU D 97 5.60 -29.56 -3.60
C GLU D 97 4.90 -30.56 -4.52
N GLU D 98 3.83 -30.12 -5.17
CA GLU D 98 3.10 -31.01 -6.08
C GLU D 98 3.96 -31.36 -7.28
N GLU D 99 4.66 -30.38 -7.81
CA GLU D 99 5.53 -30.58 -8.96
C GLU D 99 6.72 -31.47 -8.57
N ARG D 100 7.23 -31.25 -7.37
CA ARG D 100 8.36 -32.03 -6.89
C ARG D 100 8.00 -33.51 -6.83
N ARG D 101 6.84 -33.81 -6.26
CA ARG D 101 6.39 -35.19 -6.16
C ARG D 101 6.03 -35.74 -7.53
N GLY D 102 5.44 -34.89 -8.37
CA GLY D 102 5.04 -35.31 -9.70
C GLY D 102 3.66 -35.94 -9.69
N HIS D 103 2.83 -35.54 -8.72
CA HIS D 103 1.48 -36.08 -8.61
C HIS D 103 1.51 -37.60 -8.49
N SER A 1 19.49 -21.71 -5.84
CA SER A 1 18.80 -21.32 -4.58
C SER A 1 17.30 -21.23 -4.83
N ALA A 2 16.59 -22.30 -4.47
CA ALA A 2 15.14 -22.35 -4.65
C ALA A 2 14.78 -22.13 -6.12
N ASP A 3 13.63 -22.64 -6.52
CA ASP A 3 13.17 -22.49 -7.90
C ASP A 3 12.01 -21.49 -7.97
N HIS A 4 11.51 -21.08 -6.81
CA HIS A 4 10.40 -20.12 -6.76
C HIS A 4 10.94 -18.69 -6.77
N GLU A 5 12.22 -18.54 -6.42
CA GLU A 5 12.83 -17.21 -6.41
C GLU A 5 12.92 -16.65 -7.82
N ARG A 6 13.23 -17.51 -8.78
CA ARG A 6 13.35 -17.09 -10.17
C ARG A 6 12.00 -16.61 -10.68
N GLU A 7 10.93 -17.29 -10.27
CA GLU A 7 9.59 -16.93 -10.70
C GLU A 7 9.24 -15.53 -10.19
N ALA A 8 9.62 -15.23 -8.95
CA ALA A 8 9.34 -13.93 -8.38
C ALA A 8 10.09 -12.83 -9.14
N GLN A 9 11.35 -13.12 -9.48
CA GLN A 9 12.16 -12.16 -10.21
C GLN A 9 11.59 -11.92 -11.60
N LYS A 10 11.08 -13.00 -12.21
CA LYS A 10 10.50 -12.90 -13.54
C LYS A 10 9.31 -11.95 -13.54
N ALA A 11 8.53 -12.00 -12.47
CA ALA A 11 7.35 -11.15 -12.36
C ALA A 11 7.73 -9.67 -12.41
N GLU A 12 8.88 -9.34 -11.83
CA GLU A 12 9.34 -7.96 -11.81
C GLU A 12 9.60 -7.46 -13.24
N GLU A 13 10.14 -8.32 -14.07
CA GLU A 13 10.43 -7.95 -15.46
C GLU A 13 9.15 -7.61 -16.19
N GLU A 14 8.06 -8.30 -15.84
CA GLU A 14 6.77 -8.06 -16.48
C GLU A 14 6.27 -6.66 -16.14
N LEU A 15 6.57 -6.19 -14.93
CA LEU A 15 6.13 -4.87 -14.50
C LEU A 15 6.76 -3.79 -15.38
N GLN A 16 8.02 -3.98 -15.74
CA GLN A 16 8.71 -3.00 -16.57
C GLN A 16 8.09 -2.94 -17.98
N LYS A 17 7.63 -4.07 -18.48
CA LYS A 17 7.04 -4.11 -19.83
C LYS A 17 5.77 -3.28 -19.92
N VAL A 18 4.87 -3.45 -18.94
CA VAL A 18 3.61 -2.71 -18.94
C VAL A 18 3.87 -1.22 -18.82
N LEU A 19 4.89 -0.85 -18.04
CA LEU A 19 5.23 0.56 -17.87
C LEU A 19 5.62 1.18 -19.20
N GLU A 20 6.42 0.44 -19.97
CA GLU A 20 6.84 0.94 -21.27
C GLU A 20 5.65 1.02 -22.22
N GLU A 21 4.83 -0.02 -22.24
CA GLU A 21 3.65 -0.04 -23.09
C GLU A 21 2.62 0.96 -22.60
N ALA A 22 2.49 1.06 -21.28
CA ALA A 22 1.54 1.99 -20.68
C ALA A 22 1.93 3.43 -20.98
N SER A 23 3.23 3.71 -21.00
CA SER A 23 3.70 5.06 -21.27
C SER A 23 3.19 5.54 -22.62
N LYS A 24 3.27 4.65 -23.61
CA LYS A 24 2.80 4.98 -24.94
C LYS A 24 1.29 5.18 -24.95
N LYS A 25 0.60 4.44 -24.07
CA LYS A 25 -0.85 4.55 -23.99
C LYS A 25 -1.27 5.82 -23.25
N ALA A 26 -0.66 6.05 -22.09
CA ALA A 26 -0.99 7.23 -21.28
C ALA A 26 -0.82 8.52 -22.07
N VAL A 27 0.31 8.67 -22.75
CA VAL A 27 0.55 9.87 -23.52
C VAL A 27 -0.50 10.00 -24.61
N GLU A 28 -0.77 8.89 -25.28
CA GLU A 28 -1.76 8.87 -26.35
C GLU A 28 -3.17 9.03 -25.77
N ALA A 29 -3.36 8.53 -24.55
CA ALA A 29 -4.65 8.61 -23.89
C ALA A 29 -5.10 10.07 -23.79
N GLU A 30 -4.15 10.96 -23.53
CA GLU A 30 -4.47 12.38 -23.42
C GLU A 30 -4.91 12.96 -24.76
N ARG A 31 -4.25 12.53 -25.84
CA ARG A 31 -4.58 13.01 -27.16
C ARG A 31 -6.06 12.79 -27.47
N GLY A 32 -6.85 13.86 -27.33
CA GLY A 32 -8.28 13.79 -27.60
C GLY A 32 -9.09 14.01 -26.32
N ALA A 33 -8.41 14.17 -25.18
CA ALA A 33 -9.09 14.37 -23.91
C ALA A 33 -9.06 15.86 -23.52
N PRO A 34 -10.11 16.38 -22.93
CA PRO A 34 -10.16 17.82 -22.53
C PRO A 34 -9.33 18.09 -21.27
N GLY A 35 -8.70 19.26 -21.23
CA GLY A 35 -7.88 19.63 -20.07
C GLY A 35 -6.68 18.70 -19.94
N ALA A 36 -6.25 18.12 -21.05
CA ALA A 36 -5.11 17.21 -21.04
C ALA A 36 -3.95 17.82 -20.25
N ALA A 37 -3.13 16.96 -19.66
CA ALA A 37 -1.97 17.41 -18.87
C ALA A 37 -0.77 16.52 -19.14
N LEU A 38 -0.95 15.22 -18.97
CA LEU A 38 0.14 14.27 -19.21
C LEU A 38 0.42 14.14 -20.70
N ILE A 39 0.64 15.28 -21.35
CA ILE A 39 0.94 15.30 -22.80
C ILE A 39 2.42 15.58 -23.03
N SER A 40 3.19 14.51 -23.24
CA SER A 40 4.63 14.65 -23.47
C SER A 40 5.22 13.32 -23.93
N TYR A 41 6.23 12.82 -23.20
CA TYR A 41 6.86 11.55 -23.56
C TYR A 41 7.84 11.09 -22.47
N PRO A 42 8.94 11.76 -22.27
CA PRO A 42 9.94 11.36 -21.23
C PRO A 42 9.34 11.36 -19.82
N ASP A 43 8.40 12.26 -19.58
CA ASP A 43 7.76 12.36 -18.27
C ASP A 43 6.58 11.40 -18.16
N ALA A 44 6.06 10.96 -19.31
CA ALA A 44 4.93 10.05 -19.31
C ALA A 44 5.32 8.72 -18.67
N ILE A 45 6.54 8.27 -18.95
CA ILE A 45 7.03 7.02 -18.37
C ILE A 45 7.23 7.18 -16.87
N TRP A 46 7.73 8.33 -16.46
CA TRP A 46 7.97 8.58 -15.04
C TRP A 46 6.67 8.46 -14.27
N TRP A 47 5.60 9.03 -14.80
CA TRP A 47 4.30 8.95 -14.16
C TRP A 47 3.90 7.48 -14.01
N SER A 48 4.19 6.69 -15.05
CA SER A 48 3.85 5.28 -15.02
C SER A 48 4.64 4.53 -13.96
N VAL A 49 5.91 4.91 -13.76
CA VAL A 49 6.76 4.25 -12.77
C VAL A 49 6.15 4.35 -11.38
N GLU A 50 5.75 5.56 -11.00
CA GLU A 50 5.16 5.78 -9.69
C GLU A 50 3.79 5.13 -9.61
N THR A 51 3.09 5.08 -10.74
CA THR A 51 1.76 4.47 -10.78
C THR A 51 1.85 3.00 -10.42
N ALA A 52 2.83 2.29 -11.00
CA ALA A 52 3.00 0.87 -10.72
C ALA A 52 3.24 0.64 -9.23
N THR A 53 3.84 1.62 -8.57
CA THR A 53 4.10 1.51 -7.13
C THR A 53 2.91 2.07 -6.35
N THR A 54 1.82 2.29 -7.06
CA THR A 54 0.59 2.81 -6.46
C THR A 54 0.90 3.90 -5.45
N VAL A 55 1.83 4.79 -5.80
CA VAL A 55 2.20 5.88 -4.92
C VAL A 55 1.21 7.04 -5.01
N GLY A 56 0.94 7.49 -6.24
CA GLY A 56 -0.01 8.58 -6.46
C GLY A 56 0.68 9.96 -6.37
N TYR A 57 1.11 10.32 -5.17
CA TYR A 57 1.76 11.61 -4.96
C TYR A 57 0.88 12.74 -5.49
N GLY A 58 0.97 13.01 -6.79
CA GLY A 58 0.19 14.07 -7.41
C GLY A 58 1.02 14.81 -8.47
N ASP A 59 1.98 14.12 -9.05
CA ASP A 59 2.83 14.73 -10.06
C ASP A 59 2.00 15.16 -11.27
N ARG A 60 1.10 14.28 -11.69
CA ARG A 60 0.24 14.56 -12.84
C ARG A 60 -1.21 14.25 -12.51
N TYR A 61 -2.10 14.44 -13.49
CA TYR A 61 -3.52 14.18 -13.27
C TYR A 61 -4.23 13.92 -14.62
N PRO A 62 -4.43 12.67 -15.01
CA PRO A 62 -5.12 12.36 -16.31
C PRO A 62 -6.60 12.72 -16.30
N VAL A 63 -7.16 12.95 -17.48
CA VAL A 63 -8.58 13.30 -17.59
C VAL A 63 -9.45 12.04 -17.49
N THR A 64 -10.52 11.99 -18.29
CA THR A 64 -11.43 10.84 -18.28
C THR A 64 -11.39 10.11 -19.62
N GLU A 65 -11.36 10.88 -20.72
CA GLU A 65 -11.32 10.29 -22.05
C GLU A 65 -10.05 9.46 -22.18
N GLU A 66 -9.04 9.82 -21.39
CA GLU A 66 -7.78 9.10 -21.41
C GLU A 66 -7.98 7.73 -20.74
N GLY A 67 -9.13 7.14 -21.06
CA GLY A 67 -9.43 5.83 -20.57
C GLY A 67 -9.24 5.74 -19.06
N ARG A 68 -10.06 6.44 -18.26
CA ARG A 68 -9.95 6.41 -16.78
C ARG A 68 -9.28 5.14 -16.27
N LYS A 69 -9.43 4.07 -17.04
CA LYS A 69 -8.84 2.80 -16.70
C LYS A 69 -7.33 2.79 -16.99
N VAL A 70 -6.80 3.86 -17.63
CA VAL A 70 -5.38 3.89 -17.95
C VAL A 70 -4.56 3.77 -16.68
N ALA A 71 -4.89 4.56 -15.68
CA ALA A 71 -4.15 4.50 -14.42
C ALA A 71 -4.46 3.21 -13.67
N GLU A 72 -5.74 2.84 -13.66
CA GLU A 72 -6.17 1.63 -12.98
C GLU A 72 -5.48 0.41 -13.56
N GLN A 73 -5.28 0.42 -14.88
CA GLN A 73 -4.64 -0.72 -15.55
C GLN A 73 -3.25 -0.98 -14.99
N VAL A 74 -2.40 0.05 -14.97
CA VAL A 74 -1.05 -0.10 -14.44
C VAL A 74 -1.06 -0.36 -12.93
N MET A 75 -1.92 0.36 -12.22
CA MET A 75 -2.00 0.22 -10.77
C MET A 75 -2.18 -1.25 -10.38
N LYS A 76 -3.17 -1.90 -11.00
CA LYS A 76 -3.42 -3.31 -10.70
C LYS A 76 -2.24 -4.17 -11.13
N ALA A 77 -1.68 -3.86 -12.29
CA ALA A 77 -0.55 -4.64 -12.80
C ALA A 77 0.57 -4.70 -11.78
N GLY A 78 0.90 -3.56 -11.17
CA GLY A 78 1.95 -3.53 -10.17
C GLY A 78 1.58 -4.37 -8.95
N ILE A 79 0.34 -4.24 -8.51
CA ILE A 79 -0.13 -5.00 -7.36
C ILE A 79 -0.06 -6.50 -7.63
N GLU A 80 -0.48 -6.90 -8.82
CA GLU A 80 -0.45 -8.31 -9.19
C GLU A 80 0.98 -8.85 -9.15
N VAL A 81 1.90 -8.07 -9.69
CA VAL A 81 3.30 -8.48 -9.71
C VAL A 81 3.87 -8.59 -8.29
N PHE A 82 3.64 -7.56 -7.49
CA PHE A 82 4.16 -7.55 -6.12
C PHE A 82 3.37 -8.51 -5.24
N ALA A 83 2.26 -9.03 -5.76
CA ALA A 83 1.43 -9.96 -5.00
C ALA A 83 1.87 -11.40 -5.24
N LEU A 84 2.23 -11.71 -6.49
CA LEU A 84 2.66 -13.06 -6.84
C LEU A 84 3.94 -13.45 -6.10
N VAL A 85 4.90 -12.52 -6.01
CA VAL A 85 6.16 -12.82 -5.33
C VAL A 85 5.89 -13.40 -3.94
N THR A 86 4.63 -13.35 -3.52
CA THR A 86 4.25 -13.89 -2.23
C THR A 86 4.62 -15.36 -2.14
N ALA A 87 4.45 -16.08 -3.25
CA ALA A 87 4.77 -17.50 -3.29
C ALA A 87 6.18 -17.73 -2.72
N ALA A 88 7.06 -16.78 -2.94
CA ALA A 88 8.44 -16.89 -2.45
C ALA A 88 8.54 -16.42 -1.00
N LEU A 89 7.47 -15.79 -0.52
CA LEU A 89 7.45 -15.28 0.85
C LEU A 89 6.85 -16.32 1.81
N ALA A 90 5.74 -16.91 1.42
CA ALA A 90 5.07 -17.92 2.24
C ALA A 90 6.03 -19.06 2.55
N THR A 91 7.01 -19.25 1.68
CA THR A 91 7.98 -20.33 1.85
C THR A 91 9.14 -19.88 2.75
N ASP A 92 9.12 -18.61 3.15
CA ASP A 92 10.18 -18.07 4.00
C ASP A 92 10.22 -18.79 5.35
N PHE A 93 9.05 -19.02 5.93
CA PHE A 93 8.97 -19.69 7.24
C PHE A 93 9.24 -21.19 7.10
N VAL A 94 8.86 -21.76 5.97
CA VAL A 94 9.01 -23.19 5.74
C VAL A 94 10.48 -23.61 5.87
N ARG A 95 11.40 -22.69 5.62
CA ARG A 95 12.82 -22.98 5.72
C ARG A 95 13.21 -23.34 7.15
N ARG A 96 12.39 -22.90 8.12
CA ARG A 96 12.67 -23.16 9.52
C ARG A 96 12.71 -24.67 9.79
N GLU A 97 11.88 -25.42 9.06
CA GLU A 97 11.83 -26.87 9.24
C GLU A 97 13.20 -27.47 8.97
N GLU A 98 13.86 -26.96 7.93
CA GLU A 98 15.18 -27.45 7.56
C GLU A 98 16.19 -27.15 8.66
N GLU A 99 16.17 -25.92 9.17
CA GLU A 99 17.07 -25.51 10.23
C GLU A 99 16.69 -26.19 11.54
N ARG A 100 15.39 -26.39 11.74
CA ARG A 100 14.90 -27.02 12.95
C ARG A 100 15.47 -28.44 13.09
N ARG A 101 15.46 -29.18 11.99
CA ARG A 101 15.98 -30.55 12.01
C ARG A 101 17.47 -30.56 11.66
N GLY A 102 17.96 -29.44 11.15
CA GLY A 102 19.37 -29.33 10.80
C GLY A 102 19.71 -30.25 9.65
N HIS A 103 18.72 -30.56 8.81
CA HIS A 103 18.95 -31.43 7.67
C HIS A 103 19.53 -32.76 8.12
N SER B 1 14.23 -13.06 16.79
CA SER B 1 14.58 -13.36 18.21
C SER B 1 14.56 -14.87 18.43
N ALA B 2 13.37 -15.44 18.51
CA ALA B 2 13.22 -16.87 18.71
C ALA B 2 13.79 -17.65 17.52
N ASP B 3 13.53 -17.14 16.32
CA ASP B 3 14.02 -17.80 15.11
C ASP B 3 13.74 -16.94 13.88
N HIS B 4 12.50 -17.00 13.39
CA HIS B 4 12.12 -16.23 12.22
C HIS B 4 11.92 -14.75 12.58
N GLU B 5 11.74 -14.50 13.87
CA GLU B 5 11.53 -13.14 14.35
C GLU B 5 12.80 -12.30 14.14
N ARG B 6 13.96 -12.92 14.32
CA ARG B 6 15.23 -12.21 14.16
C ARG B 6 15.37 -11.70 12.73
N GLU B 7 15.04 -12.56 11.77
CA GLU B 7 15.14 -12.17 10.37
C GLU B 7 14.26 -10.95 10.10
N ALA B 8 13.07 -10.96 10.69
CA ALA B 8 12.14 -9.84 10.52
C ALA B 8 12.70 -8.58 11.17
N GLN B 9 13.36 -8.73 12.30
CA GLN B 9 13.93 -7.59 13.01
C GLN B 9 14.98 -6.89 12.13
N LYS B 10 15.81 -7.68 11.47
CA LYS B 10 16.86 -7.15 10.60
C LYS B 10 16.22 -6.36 9.45
N ALA B 11 15.10 -6.86 8.95
CA ALA B 11 14.42 -6.20 7.84
C ALA B 11 14.11 -4.75 8.18
N GLU B 12 13.63 -4.50 9.39
CA GLU B 12 13.31 -3.15 9.81
C GLU B 12 14.56 -2.29 9.93
N GLU B 13 15.63 -2.89 10.44
CA GLU B 13 16.89 -2.17 10.60
C GLU B 13 17.46 -1.81 9.23
N GLU B 14 17.29 -2.70 8.28
CA GLU B 14 17.79 -2.46 6.93
C GLU B 14 17.05 -1.30 6.28
N LEU B 15 15.78 -1.14 6.62
CA LEU B 15 14.97 -0.06 6.06
C LEU B 15 15.56 1.29 6.45
N GLN B 16 15.99 1.41 7.70
CA GLN B 16 16.57 2.65 8.20
C GLN B 16 17.85 3.01 7.44
N LYS B 17 18.62 1.99 7.09
CA LYS B 17 19.88 2.21 6.37
C LYS B 17 19.62 2.84 5.00
N VAL B 18 18.59 2.35 4.33
CA VAL B 18 18.24 2.85 3.00
C VAL B 18 17.81 4.31 3.08
N LEU B 19 17.05 4.66 4.11
CA LEU B 19 16.59 6.03 4.28
C LEU B 19 17.79 6.96 4.44
N GLU B 20 18.79 6.51 5.20
CA GLU B 20 19.99 7.30 5.41
C GLU B 20 20.76 7.47 4.10
N GLU B 21 20.88 6.38 3.34
CA GLU B 21 21.57 6.43 2.06
C GLU B 21 20.73 7.17 1.03
N ALA B 22 19.42 6.94 1.07
CA ALA B 22 18.50 7.59 0.14
C ALA B 22 18.42 9.08 0.43
N SER B 23 18.49 9.43 1.72
CA SER B 23 18.41 10.83 2.12
C SER B 23 19.50 11.64 1.44
N LYS B 24 20.72 11.12 1.45
CA LYS B 24 21.83 11.83 0.83
C LYS B 24 21.62 11.91 -0.68
N LYS B 25 21.04 10.87 -1.25
CA LYS B 25 20.79 10.84 -2.68
C LYS B 25 19.70 11.85 -3.06
N ALA B 26 18.60 11.86 -2.29
CA ALA B 26 17.48 12.77 -2.56
C ALA B 26 17.95 14.22 -2.65
N VAL B 27 18.71 14.66 -1.65
CA VAL B 27 19.20 16.04 -1.66
C VAL B 27 20.07 16.29 -2.88
N GLU B 28 20.97 15.36 -3.14
CA GLU B 28 21.87 15.48 -4.29
C GLU B 28 21.09 15.34 -5.60
N ALA B 29 20.08 14.48 -5.60
CA ALA B 29 19.26 14.26 -6.78
C ALA B 29 18.62 15.57 -7.24
N GLU B 30 18.03 16.30 -6.30
CA GLU B 30 17.39 17.57 -6.64
C GLU B 30 18.43 18.60 -7.06
N ARG B 31 19.58 18.57 -6.40
CA ARG B 31 20.63 19.53 -6.71
C ARG B 31 21.01 19.44 -8.19
N GLY B 32 20.43 20.35 -8.99
CA GLY B 32 20.71 20.40 -10.42
C GLY B 32 19.44 20.14 -11.24
N ALA B 33 18.37 19.75 -10.56
CA ALA B 33 17.10 19.47 -11.24
C ALA B 33 16.22 20.73 -11.30
N PRO B 34 15.44 20.92 -12.33
CA PRO B 34 14.57 22.12 -12.46
C PRO B 34 13.33 22.05 -11.56
N GLY B 35 12.94 23.19 -11.01
CA GLY B 35 11.77 23.24 -10.14
C GLY B 35 11.96 22.36 -8.91
N ALA B 36 13.20 22.19 -8.48
CA ALA B 36 13.48 21.36 -7.32
C ALA B 36 12.75 21.89 -6.10
N ALA B 37 12.31 20.99 -5.22
CA ALA B 37 11.59 21.37 -4.01
C ALA B 37 12.25 20.75 -2.78
N LEU B 38 12.94 19.63 -2.97
CA LEU B 38 13.61 18.94 -1.86
C LEU B 38 15.10 19.22 -1.90
N ILE B 39 15.61 19.83 -0.84
CA ILE B 39 17.04 20.17 -0.74
C ILE B 39 17.44 20.22 0.73
N SER B 40 18.32 21.17 1.08
CA SER B 40 18.77 21.30 2.47
C SER B 40 19.44 20.01 2.94
N TYR B 41 18.99 19.51 4.07
CA TYR B 41 19.55 18.29 4.64
C TYR B 41 18.61 17.71 5.70
N PRO B 42 18.37 18.44 6.77
CA PRO B 42 17.46 17.98 7.87
C PRO B 42 16.05 17.68 7.36
N ASP B 43 15.68 18.30 6.25
CA ASP B 43 14.35 18.08 5.67
C ASP B 43 14.35 16.91 4.69
N ALA B 44 15.50 16.69 4.05
CA ALA B 44 15.62 15.59 3.10
C ALA B 44 15.55 14.24 3.81
N ILE B 45 16.19 14.16 4.97
CA ILE B 45 16.19 12.93 5.75
C ILE B 45 14.79 12.60 6.25
N TRP B 46 14.09 13.63 6.73
CA TRP B 46 12.74 13.44 7.23
C TRP B 46 11.79 13.03 6.09
N TRP B 47 12.00 13.60 4.90
CA TRP B 47 11.18 13.27 3.75
C TRP B 47 11.31 11.78 3.40
N SER B 48 12.53 11.26 3.49
CA SER B 48 12.77 9.87 3.16
C SER B 48 11.91 8.94 4.03
N VAL B 49 11.61 9.39 5.25
CA VAL B 49 10.80 8.59 6.17
C VAL B 49 9.41 8.32 5.63
N GLU B 50 8.75 9.35 5.10
CA GLU B 50 7.41 9.18 4.55
C GLU B 50 7.43 8.29 3.31
N THR B 51 8.51 8.39 2.54
CA THR B 51 8.63 7.59 1.32
C THR B 51 8.59 6.11 1.61
N ALA B 52 9.32 5.68 2.64
CA ALA B 52 9.35 4.27 3.01
C ALA B 52 7.95 3.75 3.30
N THR B 53 7.04 4.65 3.69
CA THR B 53 5.67 4.27 4.01
C THR B 53 4.79 4.34 2.76
N THR B 54 5.39 4.70 1.63
CA THR B 54 4.64 4.81 0.38
C THR B 54 3.41 5.69 0.56
N VAL B 55 3.48 6.59 1.54
CA VAL B 55 2.36 7.50 1.80
C VAL B 55 2.39 8.70 0.86
N GLY B 56 3.57 9.30 0.72
CA GLY B 56 3.72 10.46 -0.14
C GLY B 56 3.07 11.70 0.47
N TYR B 57 1.98 11.49 1.21
CA TYR B 57 1.27 12.60 1.86
C TYR B 57 1.18 13.81 0.92
N GLY B 58 2.19 14.66 0.98
CA GLY B 58 2.23 15.85 0.14
C GLY B 58 3.23 16.87 0.67
N ASP B 59 4.17 16.42 1.50
CA ASP B 59 5.17 17.30 2.06
C ASP B 59 6.05 17.87 0.96
N ARG B 60 6.49 17.02 0.05
CA ARG B 60 7.35 17.46 -1.06
C ARG B 60 7.08 16.62 -2.30
N TYR B 61 7.86 16.85 -3.35
CA TYR B 61 7.69 16.11 -4.60
C TYR B 61 8.95 16.22 -5.48
N PRO B 62 9.68 15.15 -5.72
CA PRO B 62 10.92 15.23 -6.55
C PRO B 62 10.61 15.51 -8.03
N VAL B 63 11.58 16.13 -8.71
CA VAL B 63 11.40 16.46 -10.13
C VAL B 63 11.60 15.20 -10.99
N THR B 64 12.30 15.36 -12.11
CA THR B 64 12.56 14.23 -13.02
C THR B 64 14.05 13.92 -13.09
N GLU B 65 14.88 14.97 -13.11
CA GLU B 65 16.33 14.79 -13.19
C GLU B 65 16.84 14.10 -11.93
N GLU B 66 16.09 14.23 -10.83
CA GLU B 66 16.47 13.60 -9.57
C GLU B 66 16.20 12.09 -9.64
N GLY B 67 16.25 11.60 -10.87
CA GLY B 67 16.05 10.19 -11.11
C GLY B 67 14.95 9.63 -10.24
N ARG B 68 13.70 10.10 -10.41
CA ARG B 68 12.55 9.65 -9.58
C ARG B 68 12.80 8.26 -9.02
N LYS B 69 13.54 7.46 -9.78
CA LYS B 69 13.91 6.15 -9.32
C LYS B 69 14.48 6.26 -7.91
N VAL B 70 14.92 7.48 -7.52
CA VAL B 70 15.45 7.66 -6.18
C VAL B 70 14.37 7.35 -5.15
N ALA B 71 13.19 7.92 -5.36
CA ALA B 71 12.07 7.69 -4.46
C ALA B 71 11.60 6.24 -4.58
N GLU B 72 11.61 5.72 -5.80
CA GLU B 72 11.18 4.35 -6.04
C GLU B 72 12.06 3.38 -5.27
N GLN B 73 13.36 3.64 -5.25
CA GLN B 73 14.30 2.77 -4.54
C GLN B 73 13.89 2.62 -3.07
N VAL B 74 13.53 3.74 -2.43
CA VAL B 74 13.12 3.70 -1.03
C VAL B 74 11.82 2.92 -0.86
N MET B 75 10.85 3.17 -1.73
CA MET B 75 9.56 2.48 -1.63
C MET B 75 9.75 0.96 -1.62
N LYS B 76 10.57 0.46 -2.54
CA LYS B 76 10.83 -0.97 -2.60
C LYS B 76 11.52 -1.45 -1.33
N ALA B 77 12.49 -0.67 -0.86
CA ALA B 77 13.21 -1.04 0.34
C ALA B 77 12.25 -1.15 1.52
N GLY B 78 11.12 -0.45 1.44
CA GLY B 78 10.12 -0.47 2.50
C GLY B 78 9.10 -1.59 2.27
N ILE B 79 8.67 -1.77 1.03
CA ILE B 79 7.70 -2.80 0.72
C ILE B 79 8.26 -4.21 0.99
N GLU B 80 9.51 -4.43 0.56
CA GLU B 80 10.14 -5.74 0.73
C GLU B 80 10.22 -6.12 2.22
N VAL B 81 10.78 -5.22 3.02
CA VAL B 81 10.92 -5.47 4.45
C VAL B 81 9.57 -5.68 5.12
N PHE B 82 8.61 -4.82 4.80
CA PHE B 82 7.29 -4.93 5.40
C PHE B 82 6.50 -6.09 4.79
N ALA B 83 7.15 -6.83 3.90
CA ALA B 83 6.50 -7.98 3.26
C ALA B 83 7.24 -9.26 3.61
N LEU B 84 8.55 -9.15 3.84
CA LEU B 84 9.35 -10.31 4.21
C LEU B 84 8.89 -10.87 5.54
N VAL B 85 8.58 -9.98 6.48
CA VAL B 85 8.13 -10.39 7.80
C VAL B 85 7.03 -11.43 7.66
N THR B 86 6.47 -11.53 6.46
CA THR B 86 5.42 -12.51 6.20
C THR B 86 5.86 -13.88 6.70
N ALA B 87 7.18 -14.04 6.81
CA ALA B 87 7.74 -15.29 7.29
C ALA B 87 7.35 -15.54 8.74
N ALA B 88 7.41 -14.49 9.55
CA ALA B 88 7.07 -14.60 10.96
C ALA B 88 5.56 -14.57 11.16
N LEU B 89 4.84 -14.22 10.10
CA LEU B 89 3.39 -14.16 10.15
C LEU B 89 2.78 -15.50 9.73
N ALA B 90 3.38 -16.13 8.74
CA ALA B 90 2.89 -17.42 8.27
C ALA B 90 2.82 -18.39 9.43
N THR B 91 3.76 -18.25 10.35
CA THR B 91 3.81 -19.10 11.53
C THR B 91 2.79 -18.63 12.57
N ASP B 92 2.18 -17.48 12.31
CA ASP B 92 1.20 -16.92 13.25
C ASP B 92 0.09 -17.92 13.52
N PHE B 93 -0.51 -18.45 12.46
CA PHE B 93 -1.59 -19.40 12.62
C PHE B 93 -1.09 -20.75 13.13
N VAL B 94 0.04 -21.20 12.58
CA VAL B 94 0.61 -22.48 12.97
C VAL B 94 0.60 -22.67 14.48
N ARG B 95 0.81 -21.59 15.22
CA ARG B 95 0.83 -21.66 16.68
C ARG B 95 -0.52 -22.09 17.24
N ARG B 96 -1.57 -21.88 16.47
CA ARG B 96 -2.92 -22.26 16.90
C ARG B 96 -2.91 -23.66 17.49
N GLU B 97 -1.99 -24.49 16.99
CA GLU B 97 -1.87 -25.87 17.46
C GLU B 97 -1.47 -25.92 18.94
N GLU B 98 -0.51 -25.09 19.32
CA GLU B 98 -0.05 -25.05 20.71
C GLU B 98 -1.14 -24.50 21.63
N GLU B 99 -1.85 -23.49 21.14
CA GLU B 99 -2.92 -22.87 21.92
C GLU B 99 -4.07 -23.85 22.13
N ARG B 100 -4.28 -24.73 21.17
CA ARG B 100 -5.37 -25.70 21.26
C ARG B 100 -5.19 -26.57 22.50
N ARG B 101 -3.98 -27.07 22.72
CA ARG B 101 -3.69 -27.91 23.87
C ARG B 101 -3.55 -27.06 25.12
N GLY B 102 -3.27 -25.77 24.93
CA GLY B 102 -3.11 -24.85 26.06
C GLY B 102 -1.74 -25.02 26.71
N HIS B 103 -0.84 -25.72 26.02
CA HIS B 103 0.50 -25.94 26.56
C HIS B 103 1.36 -24.70 26.40
N SER C 1 -16.60 -18.96 16.48
CA SER C 1 -15.37 -18.16 16.77
C SER C 1 -14.31 -19.05 17.38
N ALA C 2 -13.48 -19.66 16.54
CA ALA C 2 -12.43 -20.54 17.02
C ALA C 2 -11.51 -19.81 18.00
N ASP C 3 -10.31 -19.47 17.54
CA ASP C 3 -9.33 -18.76 18.37
C ASP C 3 -8.68 -17.65 17.57
N HIS C 4 -8.27 -17.97 16.34
CA HIS C 4 -7.63 -16.99 15.47
C HIS C 4 -8.67 -16.11 14.77
N GLU C 5 -9.91 -16.60 14.72
CA GLU C 5 -10.98 -15.84 14.08
C GLU C 5 -11.32 -14.59 14.87
N ARG C 6 -11.38 -14.72 16.19
CA ARG C 6 -11.68 -13.58 17.05
C ARG C 6 -10.47 -12.66 17.16
N GLU C 7 -9.29 -13.25 17.06
CA GLU C 7 -8.06 -12.48 17.16
C GLU C 7 -7.95 -11.51 16.00
N ALA C 8 -8.28 -11.98 14.81
CA ALA C 8 -8.22 -11.14 13.63
C ALA C 8 -9.19 -9.97 13.74
N GLN C 9 -10.41 -10.26 14.21
CA GLN C 9 -11.43 -9.23 14.37
C GLN C 9 -11.00 -8.24 15.45
N LYS C 10 -10.44 -8.77 16.54
CA LYS C 10 -10.00 -7.93 17.64
C LYS C 10 -8.88 -7.01 17.19
N ALA C 11 -8.04 -7.51 16.30
CA ALA C 11 -6.90 -6.74 15.81
C ALA C 11 -7.37 -5.45 15.14
N GLU C 12 -8.43 -5.54 14.35
CA GLU C 12 -8.95 -4.36 13.66
C GLU C 12 -9.43 -3.31 14.66
N GLU C 13 -10.08 -3.77 15.72
CA GLU C 13 -10.61 -2.86 16.74
C GLU C 13 -9.46 -2.15 17.45
N GLU C 14 -8.33 -2.84 17.58
CA GLU C 14 -7.18 -2.25 18.26
C GLU C 14 -6.66 -1.04 17.47
N LEU C 15 -6.72 -1.13 16.14
CA LEU C 15 -6.24 -0.02 15.31
C LEU C 15 -7.05 1.24 15.57
N GLN C 16 -8.36 1.08 15.70
CA GLN C 16 -9.25 2.22 15.95
C GLN C 16 -8.86 2.96 17.24
N LYS C 17 -8.50 2.21 18.28
CA LYS C 17 -8.12 2.81 19.56
C LYS C 17 -6.89 3.70 19.40
N VAL C 18 -5.94 3.25 18.59
CA VAL C 18 -4.71 4.01 18.35
C VAL C 18 -5.02 5.33 17.66
N LEU C 19 -6.04 5.34 16.82
CA LEU C 19 -6.41 6.57 16.11
C LEU C 19 -6.81 7.65 17.10
N GLU C 20 -7.55 7.27 18.12
CA GLU C 20 -7.97 8.24 19.13
C GLU C 20 -6.74 8.88 19.77
N GLU C 21 -5.76 8.05 20.13
CA GLU C 21 -4.54 8.56 20.73
C GLU C 21 -3.70 9.30 19.69
N ALA C 22 -3.65 8.75 18.48
CA ALA C 22 -2.87 9.37 17.41
C ALA C 22 -3.42 10.75 17.07
N SER C 23 -4.74 10.88 17.08
CA SER C 23 -5.37 12.16 16.76
C SER C 23 -4.93 13.24 17.76
N LYS C 24 -4.93 12.89 19.03
CA LYS C 24 -4.52 13.84 20.06
C LYS C 24 -3.03 14.14 19.93
N LYS C 25 -2.25 13.11 19.66
CA LYS C 25 -0.81 13.28 19.49
C LYS C 25 -0.50 14.11 18.24
N ALA C 26 -1.22 13.85 17.15
CA ALA C 26 -1.01 14.56 15.89
C ALA C 26 -1.16 16.07 16.10
N VAL C 27 -2.26 16.50 16.70
CA VAL C 27 -2.48 17.93 16.93
C VAL C 27 -1.41 18.48 17.85
N GLU C 28 -0.95 17.64 18.76
CA GLU C 28 0.09 18.05 19.70
C GLU C 28 1.47 17.88 19.05
N ALA C 29 1.54 17.04 18.03
CA ALA C 29 2.81 16.79 17.33
C ALA C 29 3.30 18.05 16.63
N GLU C 30 2.42 18.66 15.85
CA GLU C 30 2.78 19.87 15.12
C GLU C 30 3.23 20.97 16.07
N ARG C 31 2.69 20.96 17.28
CA ARG C 31 3.04 21.97 18.26
C ARG C 31 4.53 21.88 18.58
N GLY C 32 5.26 22.97 18.29
CA GLY C 32 6.69 23.04 18.55
C GLY C 32 7.49 22.73 17.30
N ALA C 33 6.81 22.27 16.25
CA ALA C 33 7.46 21.94 14.98
C ALA C 33 7.32 23.11 14.00
N PRO C 34 8.29 23.32 13.12
CA PRO C 34 8.22 24.43 12.14
C PRO C 34 7.26 24.14 10.99
N GLY C 35 6.32 25.06 10.76
CA GLY C 35 5.34 24.89 9.67
C GLY C 35 4.09 24.19 10.18
N ALA C 36 3.68 24.50 11.41
CA ALA C 36 2.51 23.89 11.99
C ALA C 36 1.29 24.06 11.08
N ALA C 37 0.45 23.03 11.02
CA ALA C 37 -0.75 23.07 10.18
C ALA C 37 -1.84 22.19 10.78
N LEU C 38 -1.46 21.01 11.25
CA LEU C 38 -2.42 20.08 11.84
C LEU C 38 -2.79 20.53 13.26
N ILE C 39 -2.66 21.83 13.50
CA ILE C 39 -2.98 22.37 14.82
C ILE C 39 -4.45 22.16 15.14
N SER C 40 -5.26 22.02 14.10
CA SER C 40 -6.70 21.83 14.29
C SER C 40 -6.95 20.56 15.11
N TYR C 41 -7.77 20.70 16.15
CA TYR C 41 -8.13 19.59 17.02
C TYR C 41 -9.33 18.82 16.45
N PRO C 42 -10.43 19.48 16.11
CA PRO C 42 -11.63 18.77 15.55
C PRO C 42 -11.31 18.03 14.25
N ASP C 43 -10.41 18.58 13.46
CA ASP C 43 -10.03 17.97 12.18
C ASP C 43 -8.91 16.95 12.37
N ALA C 44 -8.34 16.89 13.57
CA ALA C 44 -7.26 15.96 13.84
C ALA C 44 -7.74 14.51 13.76
N ILE C 45 -8.95 14.28 14.23
CA ILE C 45 -9.53 12.94 14.20
C ILE C 45 -9.75 12.48 12.77
N TRP C 46 -10.07 13.43 11.90
CA TRP C 46 -10.32 13.11 10.49
C TRP C 46 -9.01 12.72 9.79
N TRP C 47 -7.97 13.51 10.00
CA TRP C 47 -6.68 13.20 9.38
C TRP C 47 -6.19 11.84 9.88
N SER C 48 -6.39 11.58 11.16
CA SER C 48 -5.95 10.32 11.76
C SER C 48 -6.49 9.14 10.96
N VAL C 49 -7.56 9.37 10.21
CA VAL C 49 -8.15 8.30 9.41
C VAL C 49 -7.31 7.98 8.17
N GLU C 50 -6.84 9.01 7.49
CA GLU C 50 -6.04 8.81 6.26
C GLU C 50 -4.55 8.71 6.57
N THR C 51 -4.19 7.75 7.42
CA THR C 51 -2.78 7.55 7.78
C THR C 51 -2.54 6.15 8.32
N ALA C 52 -3.44 5.68 9.17
CA ALA C 52 -3.31 4.35 9.76
C ALA C 52 -3.37 3.27 8.69
N THR C 53 -4.22 3.47 7.69
CA THR C 53 -4.36 2.49 6.61
C THR C 53 -3.45 2.87 5.43
N THR C 54 -2.46 3.70 5.71
CA THR C 54 -1.52 4.15 4.68
C THR C 54 -2.28 4.78 3.52
N VAL C 55 -2.65 6.05 3.66
CA VAL C 55 -3.37 6.78 2.62
C VAL C 55 -2.63 8.04 2.22
N GLY C 56 -2.85 9.13 2.97
CA GLY C 56 -2.18 10.38 2.69
C GLY C 56 -2.76 11.02 1.42
N TYR C 57 -4.08 11.01 1.31
CA TYR C 57 -4.73 11.55 0.13
C TYR C 57 -4.38 13.04 -0.04
N GLY C 58 -4.50 13.79 1.05
CA GLY C 58 -4.20 15.22 1.01
C GLY C 58 -4.75 15.91 2.23
N ASP C 59 -5.90 16.57 2.08
CA ASP C 59 -6.55 17.28 3.18
C ASP C 59 -5.51 17.98 4.07
N ARG C 60 -4.99 17.24 5.04
CA ARG C 60 -3.98 17.76 5.97
C ARG C 60 -2.73 16.88 5.91
N TYR C 61 -1.59 17.44 6.32
CA TYR C 61 -0.33 16.71 6.29
C TYR C 61 0.51 17.06 7.52
N PRO C 62 1.27 16.12 8.05
CA PRO C 62 2.12 16.37 9.25
C PRO C 62 3.28 17.31 8.94
N VAL C 63 3.75 18.04 9.95
CA VAL C 63 4.85 18.96 9.77
C VAL C 63 6.11 18.19 9.41
N THR C 64 7.25 18.61 9.97
CA THR C 64 8.53 17.96 9.71
C THR C 64 9.07 17.30 10.97
N GLU C 65 9.63 18.11 11.86
CA GLU C 65 10.21 17.61 13.11
C GLU C 65 9.37 16.46 13.66
N GLU C 66 8.33 16.79 14.40
CA GLU C 66 7.46 15.78 14.96
C GLU C 66 6.60 15.20 13.85
N GLY C 67 5.33 15.62 13.82
CA GLY C 67 4.35 15.22 12.80
C GLY C 67 4.71 13.94 12.04
N ARG C 68 5.89 13.95 11.44
CA ARG C 68 6.40 12.81 10.67
C ARG C 68 6.75 11.68 11.62
N LYS C 69 7.45 12.02 12.70
CA LYS C 69 7.81 11.03 13.68
C LYS C 69 6.56 10.42 14.28
N VAL C 70 5.58 11.28 14.57
CA VAL C 70 4.33 10.78 15.15
C VAL C 70 3.50 10.03 14.10
N ALA C 71 3.39 10.60 12.91
CA ALA C 71 2.63 9.97 11.83
C ALA C 71 3.25 8.63 11.49
N GLU C 72 4.55 8.52 11.70
CA GLU C 72 5.26 7.28 11.40
C GLU C 72 4.85 6.18 12.39
N GLN C 73 4.66 6.55 13.66
CA GLN C 73 4.29 5.58 14.68
C GLN C 73 2.93 4.95 14.40
N VAL C 74 1.92 5.77 14.13
CA VAL C 74 0.58 5.26 13.86
C VAL C 74 0.56 4.40 12.59
N MET C 75 1.41 4.74 11.64
CA MET C 75 1.47 4.00 10.38
C MET C 75 1.85 2.54 10.63
N LYS C 76 2.85 2.33 11.50
CA LYS C 76 3.31 0.99 11.81
C LYS C 76 2.21 0.18 12.47
N ALA C 77 1.43 0.83 13.34
CA ALA C 77 0.35 0.14 14.04
C ALA C 77 -0.61 -0.50 13.04
N GLY C 78 -1.00 0.26 12.02
CA GLY C 78 -1.92 -0.25 11.01
C GLY C 78 -1.32 -1.40 10.23
N ILE C 79 -0.05 -1.29 9.87
CA ILE C 79 0.62 -2.33 9.10
C ILE C 79 0.64 -3.65 9.88
N GLU C 80 0.95 -3.56 11.17
CA GLU C 80 1.00 -4.75 12.01
C GLU C 80 -0.38 -5.38 12.17
N VAL C 81 -1.40 -4.54 12.35
CA VAL C 81 -2.75 -5.05 12.54
C VAL C 81 -3.26 -5.79 11.30
N PHE C 82 -3.14 -5.15 10.14
CA PHE C 82 -3.59 -5.77 8.90
C PHE C 82 -2.74 -6.98 8.55
N ALA C 83 -1.43 -6.86 8.74
CA ALA C 83 -0.52 -7.96 8.44
C ALA C 83 -0.75 -9.12 9.39
N LEU C 84 -1.14 -8.80 10.62
CA LEU C 84 -1.38 -9.82 11.65
C LEU C 84 -2.52 -10.75 11.25
N VAL C 85 -3.54 -10.21 10.58
CA VAL C 85 -4.69 -11.01 10.16
C VAL C 85 -4.22 -12.39 9.66
N THR C 86 -2.96 -12.47 9.22
CA THR C 86 -2.41 -13.74 8.74
C THR C 86 -2.84 -14.88 9.66
N ALA C 87 -3.21 -14.53 10.88
CA ALA C 87 -3.66 -15.53 11.85
C ALA C 87 -4.69 -16.45 11.18
N ALA C 88 -5.71 -15.86 10.57
CA ALA C 88 -6.75 -16.63 9.89
C ALA C 88 -6.63 -16.50 8.37
N LEU C 89 -6.18 -15.34 7.91
CA LEU C 89 -6.03 -15.11 6.47
C LEU C 89 -5.00 -16.06 5.87
N ALA C 90 -3.86 -16.21 6.55
CA ALA C 90 -2.81 -17.08 6.06
C ALA C 90 -3.17 -18.54 6.27
N THR C 91 -4.17 -18.79 7.09
CA THR C 91 -4.61 -20.15 7.37
C THR C 91 -5.72 -20.56 6.42
N ASP C 92 -6.13 -19.63 5.56
CA ASP C 92 -7.20 -19.90 4.61
C ASP C 92 -6.83 -21.07 3.71
N PHE C 93 -5.58 -21.08 3.24
CA PHE C 93 -5.11 -22.16 2.36
C PHE C 93 -5.05 -23.50 3.11
N VAL C 94 -4.77 -23.43 4.40
CA VAL C 94 -4.65 -24.64 5.21
C VAL C 94 -5.94 -25.45 5.20
N ARG C 95 -7.07 -24.76 5.34
CA ARG C 95 -8.37 -25.43 5.35
C ARG C 95 -8.58 -26.22 4.06
N ARG C 96 -7.85 -25.87 3.01
CA ARG C 96 -7.99 -26.55 1.73
C ARG C 96 -7.84 -28.06 1.91
N GLU C 97 -6.85 -28.47 2.70
CA GLU C 97 -6.62 -29.90 2.94
C GLU C 97 -7.83 -30.51 3.64
N GLU C 98 -7.86 -31.84 3.70
CA GLU C 98 -8.96 -32.57 4.34
C GLU C 98 -10.29 -32.22 3.68
N GLU C 99 -10.77 -31.01 3.96
CA GLU C 99 -12.03 -30.55 3.38
C GLU C 99 -12.03 -30.73 1.87
N ARG C 100 -10.85 -30.99 1.31
CA ARG C 100 -10.73 -31.17 -0.14
C ARG C 100 -11.61 -32.34 -0.61
N ARG C 101 -11.44 -33.49 0.05
CA ARG C 101 -12.21 -34.68 -0.32
C ARG C 101 -13.67 -34.51 0.12
N GLY C 102 -13.88 -33.87 1.26
CA GLY C 102 -15.22 -33.65 1.78
C GLY C 102 -15.70 -34.84 2.59
N HIS C 103 -14.74 -35.65 3.06
CA HIS C 103 -15.07 -36.84 3.85
C HIS C 103 -16.15 -37.66 3.17
N SER D 1 -11.69 -21.42 -12.58
CA SER D 1 -10.90 -22.69 -12.63
C SER D 1 -10.78 -23.26 -11.23
N ALA D 2 -9.69 -22.94 -10.55
CA ALA D 2 -9.47 -23.43 -9.19
C ALA D 2 -10.48 -22.82 -8.22
N ASP D 3 -10.85 -23.59 -7.21
CA ASP D 3 -11.82 -23.11 -6.23
C ASP D 3 -11.27 -21.89 -5.48
N HIS D 4 -9.99 -21.93 -5.15
CA HIS D 4 -9.36 -20.83 -4.44
C HIS D 4 -9.32 -19.56 -5.30
N GLU D 5 -9.03 -19.73 -6.58
CA GLU D 5 -8.98 -18.60 -7.49
C GLU D 5 -10.35 -17.96 -7.64
N ARG D 6 -11.38 -18.80 -7.65
CA ARG D 6 -12.75 -18.29 -7.77
C ARG D 6 -13.08 -17.36 -6.63
N GLU D 7 -12.70 -17.75 -5.41
CA GLU D 7 -12.97 -16.93 -4.25
C GLU D 7 -12.23 -15.61 -4.35
N ALA D 8 -10.98 -15.67 -4.81
CA ALA D 8 -10.17 -14.47 -4.97
C ALA D 8 -10.75 -13.56 -6.04
N GLN D 9 -11.22 -14.15 -7.15
CA GLN D 9 -11.80 -13.38 -8.23
C GLN D 9 -13.13 -12.77 -7.80
N LYS D 10 -13.90 -13.53 -7.02
CA LYS D 10 -15.20 -13.07 -6.56
C LYS D 10 -15.05 -11.80 -5.73
N ALA D 11 -14.01 -11.77 -4.89
CA ALA D 11 -13.77 -10.61 -4.04
C ALA D 11 -13.54 -9.35 -4.87
N GLU D 12 -12.89 -9.52 -6.02
CA GLU D 12 -12.61 -8.38 -6.89
C GLU D 12 -13.91 -7.77 -7.40
N GLU D 13 -14.90 -8.63 -7.67
CA GLU D 13 -16.19 -8.16 -8.17
C GLU D 13 -16.88 -7.28 -7.13
N GLU D 14 -16.77 -7.67 -5.86
CA GLU D 14 -17.39 -6.92 -4.79
C GLU D 14 -16.74 -5.54 -4.65
N LEU D 15 -15.44 -5.48 -4.88
CA LEU D 15 -14.70 -4.22 -4.77
C LEU D 15 -15.23 -3.22 -5.81
N GLN D 16 -15.47 -3.71 -7.01
CA GLN D 16 -15.97 -2.85 -8.09
C GLN D 16 -17.31 -2.22 -7.72
N LYS D 17 -18.16 -2.97 -7.03
CA LYS D 17 -19.47 -2.47 -6.63
C LYS D 17 -19.32 -1.29 -5.67
N VAL D 18 -18.33 -1.35 -4.80
CA VAL D 18 -18.09 -0.29 -3.83
C VAL D 18 -17.73 1.01 -4.54
N LEU D 19 -16.92 0.91 -5.59
CA LEU D 19 -16.51 2.09 -6.34
C LEU D 19 -17.75 2.77 -6.92
N GLU D 20 -18.68 1.99 -7.43
CA GLU D 20 -19.89 2.53 -8.00
C GLU D 20 -20.68 3.28 -6.92
N GLU D 21 -20.86 2.64 -5.77
CA GLU D 21 -21.59 3.28 -4.67
C GLU D 21 -20.79 4.44 -4.12
N ALA D 22 -19.46 4.32 -4.17
CA ALA D 22 -18.58 5.37 -3.67
C ALA D 22 -18.77 6.65 -4.47
N SER D 23 -18.94 6.52 -5.79
CA SER D 23 -19.12 7.69 -6.64
C SER D 23 -20.36 8.47 -6.24
N LYS D 24 -21.46 7.76 -6.03
CA LYS D 24 -22.70 8.42 -5.64
C LYS D 24 -22.58 8.99 -4.23
N LYS D 25 -21.86 8.29 -3.37
CA LYS D 25 -21.67 8.74 -2.00
C LYS D 25 -20.73 9.94 -1.94
N ALA D 26 -19.61 9.86 -2.67
CA ALA D 26 -18.64 10.95 -2.66
C ALA D 26 -19.27 12.24 -3.17
N VAL D 27 -19.96 12.16 -4.31
CA VAL D 27 -20.60 13.34 -4.87
C VAL D 27 -21.71 13.84 -3.94
N GLU D 28 -22.48 12.89 -3.42
CA GLU D 28 -23.59 13.24 -2.53
C GLU D 28 -23.05 13.73 -1.18
N ALA D 29 -22.01 13.05 -0.67
CA ALA D 29 -21.42 13.41 0.62
C ALA D 29 -20.77 14.80 0.56
N GLU D 30 -20.02 15.06 -0.50
CA GLU D 30 -19.36 16.36 -0.65
C GLU D 30 -20.35 17.45 -1.05
N ARG D 31 -21.51 17.03 -1.57
CA ARG D 31 -22.52 17.99 -1.99
C ARG D 31 -23.09 18.72 -0.77
N GLY D 32 -22.75 20.00 -0.66
CA GLY D 32 -23.23 20.83 0.45
C GLY D 32 -22.14 21.04 1.50
N ALA D 33 -21.02 20.31 1.36
CA ALA D 33 -19.93 20.44 2.31
C ALA D 33 -19.12 21.72 2.02
N PRO D 34 -18.54 22.33 3.03
CA PRO D 34 -17.74 23.57 2.85
C PRO D 34 -16.37 23.31 2.21
N GLY D 35 -15.93 24.22 1.35
CA GLY D 35 -14.65 24.08 0.69
C GLY D 35 -14.63 22.86 -0.23
N ALA D 36 -15.82 22.42 -0.64
CA ALA D 36 -15.93 21.26 -1.51
C ALA D 36 -15.35 21.57 -2.89
N ALA D 37 -14.70 20.57 -3.49
CA ALA D 37 -14.09 20.74 -4.82
C ALA D 37 -14.46 19.57 -5.72
N LEU D 38 -14.73 18.41 -5.12
CA LEU D 38 -15.10 17.23 -5.89
C LEU D 38 -16.45 17.43 -6.56
N ILE D 39 -17.21 18.43 -6.09
CA ILE D 39 -18.52 18.72 -6.66
C ILE D 39 -18.53 18.52 -8.18
N SER D 40 -19.15 17.43 -8.60
CA SER D 40 -19.23 17.11 -10.03
C SER D 40 -20.12 15.89 -10.25
N TYR D 41 -19.64 14.96 -11.07
CA TYR D 41 -20.40 13.75 -11.35
C TYR D 41 -19.60 12.81 -12.27
N PRO D 42 -19.34 13.20 -13.49
CA PRO D 42 -18.57 12.36 -14.44
C PRO D 42 -17.17 12.04 -13.91
N ASP D 43 -16.60 12.98 -13.15
CA ASP D 43 -15.27 12.81 -12.59
C ASP D 43 -15.33 12.23 -11.18
N ALA D 44 -16.54 12.12 -10.63
CA ALA D 44 -16.70 11.59 -9.27
C ALA D 44 -16.22 10.15 -9.20
N ILE D 45 -16.47 9.39 -10.26
CA ILE D 45 -16.04 7.99 -10.31
C ILE D 45 -14.52 7.92 -10.44
N TRP D 46 -13.94 8.86 -11.18
CA TRP D 46 -12.49 8.86 -11.38
C TRP D 46 -11.78 8.88 -10.02
N TRP D 47 -12.19 9.78 -9.14
CA TRP D 47 -11.60 9.85 -7.81
C TRP D 47 -11.81 8.52 -7.06
N SER D 48 -12.99 7.95 -7.21
CA SER D 48 -13.29 6.69 -6.53
C SER D 48 -12.35 5.58 -7.00
N VAL D 49 -12.00 5.61 -8.29
CA VAL D 49 -11.10 4.59 -8.83
C VAL D 49 -9.72 4.66 -8.17
N GLU D 50 -9.16 5.87 -8.09
CA GLU D 50 -7.85 6.04 -7.48
C GLU D 50 -7.99 6.16 -5.96
N THR D 51 -8.81 5.29 -5.38
CA THR D 51 -9.03 5.29 -3.94
C THR D 51 -9.07 3.86 -3.41
N ALA D 52 -9.83 2.98 -4.08
CA ALA D 52 -9.91 1.59 -3.65
C ALA D 52 -8.53 0.94 -3.68
N THR D 53 -7.66 1.46 -4.54
CA THR D 53 -6.31 0.92 -4.68
C THR D 53 -5.37 1.62 -3.70
N THR D 54 -5.94 2.42 -2.80
CA THR D 54 -5.15 3.14 -1.81
C THR D 54 -4.02 3.92 -2.48
N VAL D 55 -4.39 4.99 -3.20
CA VAL D 55 -3.41 5.82 -3.89
C VAL D 55 -3.80 7.30 -3.81
N GLY D 56 -4.76 7.69 -4.64
CA GLY D 56 -5.21 9.08 -4.66
C GLY D 56 -4.09 10.00 -5.13
N TYR D 57 -4.07 10.31 -6.43
CA TYR D 57 -3.05 11.17 -6.99
C TYR D 57 -3.10 12.57 -6.36
N GLY D 58 -4.32 13.08 -6.17
CA GLY D 58 -4.50 14.40 -5.58
C GLY D 58 -5.47 15.24 -6.42
N ASP D 59 -6.10 14.60 -7.40
CA ASP D 59 -7.04 15.30 -8.27
C ASP D 59 -8.18 15.89 -7.46
N ARG D 60 -8.75 15.07 -6.58
CA ARG D 60 -9.86 15.53 -5.73
C ARG D 60 -9.71 14.96 -4.33
N TYR D 61 -10.18 15.70 -3.33
CA TYR D 61 -10.09 15.24 -1.94
C TYR D 61 -11.40 15.51 -1.20
N PRO D 62 -11.87 14.58 -0.39
CA PRO D 62 -13.15 14.75 0.38
C PRO D 62 -13.00 15.78 1.51
N VAL D 63 -14.13 16.38 1.90
CA VAL D 63 -14.13 17.37 2.98
C VAL D 63 -14.31 16.67 4.34
N THR D 64 -15.07 17.31 5.23
CA THR D 64 -15.33 16.74 6.56
C THR D 64 -16.82 16.38 6.70
N GLU D 65 -17.69 17.26 6.22
CA GLU D 65 -19.13 17.01 6.31
C GLU D 65 -19.51 15.83 5.40
N GLU D 66 -18.63 15.53 4.44
CA GLU D 66 -18.86 14.42 3.52
C GLU D 66 -18.59 13.10 4.25
N GLY D 67 -18.76 13.15 5.56
CA GLY D 67 -18.54 11.99 6.38
C GLY D 67 -17.28 11.30 5.92
N ARG D 68 -16.13 12.01 5.96
CA ARG D 68 -14.83 11.46 5.50
C ARG D 68 -14.81 9.96 5.61
N LYS D 69 -15.56 9.44 6.56
CA LYS D 69 -15.69 8.01 6.71
C LYS D 69 -16.11 7.40 5.37
N VAL D 70 -16.65 8.23 4.44
CA VAL D 70 -17.06 7.69 3.15
C VAL D 70 -15.85 7.14 2.41
N ALA D 71 -14.78 7.93 2.40
CA ALA D 71 -13.54 7.50 1.74
C ALA D 71 -12.89 6.38 2.53
N GLU D 72 -12.98 6.46 3.86
CA GLU D 72 -12.38 5.46 4.72
C GLU D 72 -12.90 4.06 4.40
N GLN D 73 -14.22 3.93 4.25
CA GLN D 73 -14.83 2.64 3.95
C GLN D 73 -14.35 2.08 2.61
N VAL D 74 -14.25 2.94 1.60
CA VAL D 74 -13.83 2.50 0.27
C VAL D 74 -12.39 1.96 0.31
N MET D 75 -11.50 2.70 0.96
CA MET D 75 -10.10 2.29 1.04
C MET D 75 -9.97 0.97 1.81
N LYS D 76 -10.72 0.84 2.89
CA LYS D 76 -10.67 -0.37 3.70
C LYS D 76 -11.16 -1.58 2.88
N ALA D 77 -12.18 -1.35 2.07
CA ALA D 77 -12.73 -2.44 1.25
C ALA D 77 -11.66 -2.98 0.31
N GLY D 78 -10.88 -2.08 -0.27
CA GLY D 78 -9.81 -2.49 -1.19
C GLY D 78 -8.70 -3.23 -0.46
N ILE D 79 -8.32 -2.75 0.72
CA ILE D 79 -7.25 -3.38 1.48
C ILE D 79 -7.62 -4.82 1.85
N GLU D 80 -8.86 -5.02 2.28
CA GLU D 80 -9.31 -6.35 2.66
C GLU D 80 -9.37 -7.27 1.44
N VAL D 81 -9.90 -6.77 0.34
CA VAL D 81 -10.02 -7.57 -0.88
C VAL D 81 -8.64 -7.94 -1.43
N PHE D 82 -7.78 -6.93 -1.56
CA PHE D 82 -6.44 -7.17 -2.10
C PHE D 82 -5.61 -8.04 -1.15
N ALA D 83 -6.18 -8.34 0.02
CA ALA D 83 -5.50 -9.19 1.00
C ALA D 83 -6.20 -10.53 1.10
N LEU D 84 -7.53 -10.51 1.03
CA LEU D 84 -8.28 -11.76 1.11
C LEU D 84 -7.83 -12.73 0.03
N VAL D 85 -7.13 -12.21 -0.97
CA VAL D 85 -6.65 -13.06 -2.05
C VAL D 85 -5.44 -13.89 -1.59
N THR D 86 -5.02 -13.70 -0.34
CA THR D 86 -3.88 -14.44 0.18
C THR D 86 -4.17 -15.94 0.10
N ALA D 87 -5.39 -16.32 0.44
CA ALA D 87 -5.77 -17.72 0.40
C ALA D 87 -5.37 -18.35 -0.94
N ALA D 88 -5.08 -17.51 -1.93
CA ALA D 88 -4.67 -17.98 -3.26
C ALA D 88 -3.17 -17.79 -3.47
N LEU D 89 -2.55 -17.02 -2.58
CA LEU D 89 -1.12 -16.75 -2.65
C LEU D 89 -0.32 -17.82 -1.90
N ALA D 90 -0.70 -18.08 -0.66
CA ALA D 90 -0.01 -19.08 0.16
C ALA D 90 0.02 -20.42 -0.56
N THR D 91 -0.98 -20.65 -1.39
CA THR D 91 -1.08 -21.90 -2.15
C THR D 91 -0.30 -21.76 -3.45
N ASP D 92 0.32 -20.62 -3.66
CA ASP D 92 1.09 -20.37 -4.87
C ASP D 92 2.41 -21.17 -4.86
N PHE D 93 3.03 -21.28 -3.68
CA PHE D 93 4.31 -21.99 -3.56
C PHE D 93 4.12 -23.51 -3.60
N VAL D 94 3.11 -24.00 -2.90
CA VAL D 94 2.83 -25.43 -2.82
C VAL D 94 3.05 -26.12 -4.17
N ARG D 95 2.77 -25.39 -5.24
CA ARG D 95 2.91 -25.93 -6.59
C ARG D 95 4.32 -26.47 -6.80
N ARG D 96 5.27 -25.99 -5.99
CA ARG D 96 6.65 -26.43 -6.09
C ARG D 96 6.73 -27.95 -5.95
N GLU D 97 5.85 -28.50 -5.12
CA GLU D 97 5.82 -29.95 -4.90
C GLU D 97 5.23 -30.63 -6.12
N GLU D 98 5.57 -31.91 -6.30
CA GLU D 98 5.06 -32.70 -7.44
C GLU D 98 5.62 -32.15 -8.75
N GLU D 99 5.74 -30.83 -8.84
CA GLU D 99 6.25 -30.18 -10.03
C GLU D 99 7.73 -30.49 -10.20
N ARG D 100 8.44 -30.65 -9.08
CA ARG D 100 9.87 -30.95 -9.12
C ARG D 100 10.10 -32.26 -9.87
N ARG D 101 9.21 -33.21 -9.68
CA ARG D 101 9.32 -34.51 -10.34
C ARG D 101 9.20 -34.35 -11.85
N GLY D 102 8.32 -33.45 -12.28
CA GLY D 102 8.11 -33.21 -13.71
C GLY D 102 6.98 -34.08 -14.25
N HIS D 103 6.29 -34.78 -13.35
CA HIS D 103 5.18 -35.64 -13.76
C HIS D 103 3.90 -34.83 -13.92
N SER A 1 17.16 -18.36 -8.34
CA SER A 1 18.15 -19.46 -8.54
C SER A 1 17.48 -20.80 -8.23
N ALA A 2 16.77 -20.86 -7.11
CA ALA A 2 16.09 -22.08 -6.72
C ALA A 2 15.10 -22.52 -7.80
N ASP A 3 13.81 -22.28 -7.54
CA ASP A 3 12.77 -22.64 -8.50
C ASP A 3 11.69 -21.56 -8.55
N HIS A 4 11.19 -21.17 -7.39
CA HIS A 4 10.17 -20.13 -7.31
C HIS A 4 10.79 -18.75 -7.38
N GLU A 5 12.09 -18.68 -7.09
CA GLU A 5 12.80 -17.40 -7.12
C GLU A 5 12.88 -16.88 -8.55
N ARG A 6 13.09 -17.79 -9.50
CA ARG A 6 13.19 -17.41 -10.90
C ARG A 6 11.86 -16.84 -11.39
N GLU A 7 10.77 -17.43 -10.93
CA GLU A 7 9.44 -16.98 -11.33
C GLU A 7 9.19 -15.56 -10.80
N ALA A 8 9.63 -15.31 -9.58
CA ALA A 8 9.45 -14.00 -8.98
C ALA A 8 10.24 -12.95 -9.76
N GLN A 9 11.46 -13.31 -10.15
CA GLN A 9 12.30 -12.39 -10.92
C GLN A 9 11.73 -12.17 -12.32
N LYS A 10 11.20 -13.24 -12.90
CA LYS A 10 10.62 -13.16 -14.24
C LYS A 10 9.41 -12.22 -14.23
N ALA A 11 8.63 -12.28 -13.16
CA ALA A 11 7.44 -11.44 -13.04
C ALA A 11 7.83 -9.96 -13.04
N GLU A 12 8.96 -9.65 -12.44
CA GLU A 12 9.42 -8.26 -12.39
C GLU A 12 9.67 -7.72 -13.80
N GLU A 13 10.17 -8.57 -14.68
CA GLU A 13 10.45 -8.17 -16.06
C GLU A 13 9.14 -7.81 -16.77
N GLU A 14 8.08 -8.54 -16.43
CA GLU A 14 6.78 -8.30 -17.04
C GLU A 14 6.25 -6.91 -16.68
N LEU A 15 6.54 -6.47 -15.46
CA LEU A 15 6.09 -5.15 -15.02
C LEU A 15 6.72 -4.06 -15.87
N GLN A 16 7.99 -4.21 -16.18
CA GLN A 16 8.70 -3.22 -16.99
C GLN A 16 8.06 -3.06 -18.36
N LYS A 17 7.66 -4.18 -18.96
CA LYS A 17 7.04 -4.13 -20.29
C LYS A 17 5.74 -3.34 -20.25
N VAL A 18 4.92 -3.58 -19.22
CA VAL A 18 3.65 -2.87 -19.10
C VAL A 18 3.88 -1.38 -18.91
N LEU A 19 4.87 -1.04 -18.09
CA LEU A 19 5.18 0.36 -17.84
C LEU A 19 5.55 1.08 -19.13
N GLU A 20 6.35 0.41 -19.97
CA GLU A 20 6.76 1.00 -21.24
C GLU A 20 5.54 1.18 -22.14
N GLU A 21 4.68 0.18 -22.19
CA GLU A 21 3.47 0.25 -23.02
C GLU A 21 2.50 1.28 -22.45
N ALA A 22 2.28 1.21 -21.14
CA ALA A 22 1.37 2.14 -20.46
C ALA A 22 1.93 3.55 -20.45
N SER A 23 3.25 3.67 -20.30
CA SER A 23 3.89 4.99 -20.26
C SER A 23 3.49 5.78 -21.49
N LYS A 24 3.48 5.11 -22.64
CA LYS A 24 3.09 5.78 -23.87
C LYS A 24 1.62 6.18 -23.81
N LYS A 25 0.74 5.18 -23.95
CA LYS A 25 -0.71 5.43 -23.91
C LYS A 25 -1.06 6.53 -22.90
N ALA A 26 -0.22 6.70 -21.88
CA ALA A 26 -0.47 7.74 -20.88
C ALA A 26 -0.47 9.13 -21.53
N VAL A 27 0.50 9.38 -22.42
CA VAL A 27 0.58 10.68 -23.08
C VAL A 27 -0.60 10.88 -24.02
N GLU A 28 -0.87 9.87 -24.82
CA GLU A 28 -1.97 9.91 -25.77
C GLU A 28 -3.31 9.94 -25.04
N ALA A 29 -3.38 9.25 -23.91
CA ALA A 29 -4.61 9.20 -23.13
C ALA A 29 -5.09 10.61 -22.83
N GLU A 30 -4.15 11.54 -22.73
CA GLU A 30 -4.48 12.93 -22.46
C GLU A 30 -5.24 13.52 -23.64
N ARG A 31 -4.79 13.20 -24.85
CA ARG A 31 -5.42 13.72 -26.05
C ARG A 31 -6.77 13.03 -26.32
N GLY A 32 -7.86 13.72 -25.98
CA GLY A 32 -9.22 13.20 -26.19
C GLY A 32 -10.05 13.27 -24.91
N ALA A 33 -9.38 13.23 -23.76
CA ALA A 33 -10.07 13.29 -22.47
C ALA A 33 -9.86 14.69 -21.83
N PRO A 34 -10.79 15.14 -21.01
CA PRO A 34 -10.68 16.47 -20.34
C PRO A 34 -9.67 16.48 -19.19
N GLY A 35 -9.02 17.63 -18.99
CA GLY A 35 -8.03 17.76 -17.91
C GLY A 35 -6.64 17.37 -18.40
N ALA A 36 -6.34 17.71 -19.65
CA ALA A 36 -5.03 17.39 -20.22
C ALA A 36 -3.91 17.94 -19.35
N ALA A 37 -2.81 17.19 -19.26
CA ALA A 37 -1.68 17.61 -18.45
C ALA A 37 -0.42 16.84 -18.82
N LEU A 38 -0.48 15.51 -18.72
CA LEU A 38 0.65 14.66 -19.05
C LEU A 38 0.85 14.61 -20.56
N ILE A 39 1.05 15.78 -21.17
CA ILE A 39 1.24 15.85 -22.62
C ILE A 39 2.72 15.63 -22.96
N SER A 40 3.54 15.53 -21.92
CA SER A 40 4.98 15.33 -22.11
C SER A 40 5.25 13.89 -22.57
N TYR A 41 6.35 13.72 -23.32
CA TYR A 41 6.72 12.40 -23.84
C TYR A 41 7.79 11.72 -22.96
N PRO A 42 8.98 12.28 -22.83
CA PRO A 42 10.05 11.66 -22.00
C PRO A 42 9.65 11.51 -20.53
N ASP A 43 8.79 12.41 -20.06
CA ASP A 43 8.35 12.36 -18.66
C ASP A 43 7.22 11.35 -18.49
N ALA A 44 6.76 10.78 -19.61
CA ALA A 44 5.69 9.79 -19.57
C ALA A 44 6.14 8.55 -18.82
N ILE A 45 7.37 8.11 -19.09
CA ILE A 45 7.92 6.93 -18.43
C ILE A 45 8.16 7.21 -16.94
N TRP A 46 8.63 8.41 -16.63
CA TRP A 46 8.88 8.78 -15.24
C TRP A 46 7.58 8.67 -14.43
N TRP A 47 6.49 9.15 -15.00
CA TRP A 47 5.20 9.06 -14.32
C TRP A 47 4.81 7.59 -14.13
N SER A 48 5.08 6.79 -15.15
CA SER A 48 4.74 5.37 -15.10
C SER A 48 5.50 4.67 -13.96
N VAL A 49 6.72 5.14 -13.69
CA VAL A 49 7.52 4.54 -12.63
C VAL A 49 6.80 4.63 -11.29
N GLU A 50 6.27 5.81 -10.99
CA GLU A 50 5.54 6.02 -9.73
C GLU A 50 4.09 5.54 -9.86
N THR A 51 3.82 4.79 -10.93
CA THR A 51 2.47 4.25 -11.14
C THR A 51 2.39 2.79 -10.72
N ALA A 52 3.33 1.99 -11.18
CA ALA A 52 3.35 0.56 -10.83
C ALA A 52 3.50 0.39 -9.31
N THR A 53 4.10 1.38 -8.66
CA THR A 53 4.29 1.33 -7.21
C THR A 53 3.04 1.85 -6.52
N THR A 54 2.02 2.13 -7.32
CA THR A 54 0.75 2.63 -6.82
C THR A 54 0.97 3.69 -5.73
N VAL A 55 1.64 4.78 -6.11
CA VAL A 55 1.89 5.87 -5.17
C VAL A 55 1.53 7.22 -5.78
N GLY A 56 1.98 7.47 -7.00
CA GLY A 56 1.69 8.73 -7.68
C GLY A 56 1.73 9.91 -6.72
N TYR A 57 2.88 10.60 -6.67
CA TYR A 57 3.04 11.75 -5.78
C TYR A 57 2.29 12.95 -6.34
N GLY A 58 3.04 13.88 -6.94
CA GLY A 58 2.44 15.08 -7.51
C GLY A 58 3.25 15.56 -8.71
N ASP A 59 4.06 14.68 -9.27
CA ASP A 59 4.88 15.04 -10.42
C ASP A 59 4.01 15.48 -11.59
N ARG A 60 2.97 14.68 -11.86
CA ARG A 60 2.05 14.98 -12.97
C ARG A 60 0.61 14.79 -12.49
N TYR A 61 -0.32 14.69 -13.44
CA TYR A 61 -1.72 14.50 -13.09
C TYR A 61 -2.50 13.95 -14.29
N PRO A 62 -2.79 12.65 -14.36
CA PRO A 62 -3.54 12.08 -15.51
C PRO A 62 -5.01 12.53 -15.54
N VAL A 63 -5.56 12.62 -16.74
CA VAL A 63 -6.96 13.03 -16.91
C VAL A 63 -7.87 12.16 -16.05
N THR A 64 -9.17 12.30 -16.26
CA THR A 64 -10.16 11.54 -15.52
C THR A 64 -10.71 10.38 -16.35
N GLU A 65 -11.52 10.72 -17.37
CA GLU A 65 -12.12 9.70 -18.24
C GLU A 65 -11.12 8.58 -18.49
N GLU A 66 -10.08 8.88 -19.26
CA GLU A 66 -9.05 7.89 -19.53
C GLU A 66 -8.06 7.91 -18.37
N GLY A 67 -6.87 8.46 -18.63
CA GLY A 67 -5.80 8.65 -17.64
C GLY A 67 -5.90 7.76 -16.41
N ARG A 68 -7.06 7.83 -15.76
CA ARG A 68 -7.34 7.06 -14.57
C ARG A 68 -7.38 5.58 -14.92
N LYS A 69 -8.46 5.17 -15.57
CA LYS A 69 -8.59 3.77 -15.97
C LYS A 69 -7.27 3.29 -16.55
N VAL A 70 -6.60 4.16 -17.28
CA VAL A 70 -5.32 3.77 -17.87
C VAL A 70 -4.31 3.49 -16.74
N ALA A 71 -4.24 4.41 -15.78
CA ALA A 71 -3.32 4.26 -14.65
C ALA A 71 -3.73 3.06 -13.79
N GLU A 72 -5.03 2.86 -13.66
CA GLU A 72 -5.55 1.76 -12.85
C GLU A 72 -5.01 0.43 -13.35
N GLN A 73 -4.89 0.29 -14.66
CA GLN A 73 -4.40 -0.94 -15.25
C GLN A 73 -2.94 -1.19 -14.82
N VAL A 74 -2.13 -0.13 -14.85
CA VAL A 74 -0.72 -0.27 -14.46
C VAL A 74 -0.60 -0.67 -12.99
N MET A 75 -1.37 0.00 -12.14
CA MET A 75 -1.32 -0.28 -10.71
C MET A 75 -1.72 -1.72 -10.42
N LYS A 76 -2.77 -2.19 -11.09
CA LYS A 76 -3.23 -3.56 -10.90
C LYS A 76 -2.15 -4.55 -11.34
N ALA A 77 -1.53 -4.26 -12.48
CA ALA A 77 -0.48 -5.15 -12.99
C ALA A 77 0.69 -5.21 -12.03
N GLY A 78 1.03 -4.06 -11.45
CA GLY A 78 2.15 -4.00 -10.51
C GLY A 78 1.85 -4.83 -9.26
N ILE A 79 0.63 -4.69 -8.75
CA ILE A 79 0.23 -5.43 -7.56
C ILE A 79 0.27 -6.93 -7.82
N GLU A 80 -0.22 -7.34 -8.98
CA GLU A 80 -0.22 -8.75 -9.32
C GLU A 80 1.21 -9.29 -9.38
N VAL A 81 2.11 -8.51 -9.97
CA VAL A 81 3.51 -8.91 -10.09
C VAL A 81 4.16 -9.02 -8.70
N PHE A 82 4.01 -7.96 -7.90
CA PHE A 82 4.60 -7.96 -6.55
C PHE A 82 3.89 -8.96 -5.64
N ALA A 83 2.57 -9.05 -5.77
CA ALA A 83 1.78 -9.98 -4.97
C ALA A 83 2.14 -11.44 -5.28
N LEU A 84 2.41 -11.72 -6.55
CA LEU A 84 2.76 -13.07 -6.96
C LEU A 84 4.03 -13.56 -6.28
N VAL A 85 5.03 -12.69 -6.19
CA VAL A 85 6.29 -13.08 -5.56
C VAL A 85 6.03 -13.76 -4.22
N THR A 86 4.80 -13.60 -3.71
CA THR A 86 4.43 -14.21 -2.44
C THR A 86 4.77 -15.69 -2.45
N ALA A 87 4.88 -16.26 -3.65
CA ALA A 87 5.21 -17.66 -3.81
C ALA A 87 6.59 -17.96 -3.22
N ALA A 88 7.50 -17.00 -3.34
CA ALA A 88 8.86 -17.16 -2.82
C ALA A 88 8.94 -16.67 -1.37
N LEU A 89 7.93 -15.93 -0.92
CA LEU A 89 7.90 -15.41 0.45
C LEU A 89 7.39 -16.45 1.44
N ALA A 90 6.34 -17.16 1.08
CA ALA A 90 5.76 -18.18 1.95
C ALA A 90 6.78 -19.25 2.33
N THR A 91 7.71 -19.49 1.42
CA THR A 91 8.75 -20.51 1.66
C THR A 91 9.88 -19.93 2.52
N ASP A 92 9.79 -18.64 2.84
CA ASP A 92 10.82 -18.00 3.65
C ASP A 92 10.92 -18.69 5.01
N PHE A 93 9.78 -18.84 5.69
CA PHE A 93 9.78 -19.46 7.00
C PHE A 93 10.03 -20.97 6.91
N VAL A 94 9.38 -21.62 5.94
CA VAL A 94 9.51 -23.06 5.76
C VAL A 94 10.96 -23.52 5.96
N ARG A 95 11.91 -22.69 5.58
CA ARG A 95 13.31 -23.03 5.72
C ARG A 95 13.68 -23.20 7.20
N ARG A 96 13.06 -22.39 8.05
CA ARG A 96 13.32 -22.44 9.49
C ARG A 96 13.50 -23.88 9.96
N GLU A 97 12.65 -24.77 9.47
CA GLU A 97 12.71 -26.17 9.85
C GLU A 97 13.95 -26.81 9.24
N GLU A 98 14.01 -28.14 9.24
CA GLU A 98 15.15 -28.86 8.67
C GLU A 98 16.45 -28.40 9.32
N GLU A 99 16.95 -27.25 8.87
CA GLU A 99 18.20 -26.71 9.42
C GLU A 99 18.08 -26.55 10.93
N ARG A 100 16.85 -26.57 11.44
CA ARG A 100 16.63 -26.43 12.87
C ARG A 100 17.32 -27.55 13.65
N ARG A 101 17.16 -28.78 13.15
CA ARG A 101 17.77 -29.94 13.80
C ARG A 101 19.17 -30.18 13.26
N GLY A 102 19.48 -29.57 12.12
CA GLY A 102 20.79 -29.72 11.51
C GLY A 102 20.91 -31.06 10.78
N HIS A 103 19.78 -31.74 10.60
CA HIS A 103 19.76 -33.02 9.91
C HIS A 103 18.35 -33.36 9.43
N SER B 1 10.26 -14.69 22.49
CA SER B 1 9.42 -14.24 21.34
C SER B 1 9.31 -15.40 20.33
N ALA B 2 9.80 -15.16 19.12
CA ALA B 2 9.75 -16.18 18.07
C ALA B 2 10.86 -15.96 17.04
N ASP B 3 11.35 -17.04 16.47
CA ASP B 3 12.42 -16.96 15.48
C ASP B 3 11.94 -16.22 14.23
N HIS B 4 10.69 -16.47 13.83
CA HIS B 4 10.14 -15.83 12.64
C HIS B 4 10.11 -14.31 12.82
N GLU B 5 9.72 -13.88 14.02
CA GLU B 5 9.63 -12.46 14.32
C GLU B 5 11.02 -11.81 14.30
N ARG B 6 12.03 -12.57 14.69
CA ARG B 6 13.40 -12.05 14.72
C ARG B 6 13.84 -11.67 13.30
N GLU B 7 13.51 -12.51 12.33
CA GLU B 7 13.87 -12.23 10.94
C GLU B 7 13.12 -11.01 10.44
N ALA B 8 11.83 -10.95 10.75
CA ALA B 8 11.00 -9.83 10.32
C ALA B 8 11.42 -8.55 11.02
N GLN B 9 11.71 -8.66 12.32
CA GLN B 9 12.13 -7.51 13.10
C GLN B 9 13.47 -6.97 12.62
N LYS B 10 14.36 -7.89 12.25
CA LYS B 10 15.69 -7.50 11.76
C LYS B 10 15.57 -6.69 10.47
N ALA B 11 14.62 -7.07 9.63
CA ALA B 11 14.42 -6.38 8.35
C ALA B 11 14.09 -4.91 8.58
N GLU B 12 13.35 -4.62 9.65
CA GLU B 12 12.98 -3.24 9.96
C GLU B 12 14.23 -2.39 10.19
N GLU B 13 15.25 -2.99 10.79
CA GLU B 13 16.49 -2.28 11.06
C GLU B 13 17.19 -1.89 9.76
N GLU B 14 17.10 -2.79 8.77
CA GLU B 14 17.72 -2.54 7.47
C GLU B 14 17.07 -1.34 6.79
N LEU B 15 15.77 -1.17 7.01
CA LEU B 15 15.04 -0.06 6.40
C LEU B 15 15.59 1.28 6.88
N GLN B 16 15.89 1.36 8.18
CA GLN B 16 16.42 2.59 8.75
C GLN B 16 17.73 2.98 8.07
N LYS B 17 18.57 1.99 7.79
CA LYS B 17 19.84 2.24 7.14
C LYS B 17 19.64 2.83 5.75
N VAL B 18 18.62 2.32 5.05
CA VAL B 18 18.34 2.79 3.69
C VAL B 18 17.94 4.26 3.71
N LEU B 19 17.13 4.65 4.69
CA LEU B 19 16.70 6.04 4.78
C LEU B 19 17.91 6.96 4.92
N GLU B 20 18.88 6.53 5.72
CA GLU B 20 20.09 7.33 5.91
C GLU B 20 20.82 7.49 4.58
N GLU B 21 20.94 6.38 3.86
CA GLU B 21 21.61 6.39 2.55
C GLU B 21 20.78 7.16 1.53
N ALA B 22 19.46 7.00 1.61
CA ALA B 22 18.55 7.69 0.70
C ALA B 22 18.63 9.20 0.88
N SER B 23 18.78 9.62 2.13
CA SER B 23 18.89 11.03 2.45
C SER B 23 20.06 11.66 1.71
N LYS B 24 21.21 10.98 1.75
CA LYS B 24 22.39 11.49 1.07
C LYS B 24 22.17 11.52 -0.44
N LYS B 25 21.43 10.54 -0.95
CA LYS B 25 21.16 10.46 -2.38
C LYS B 25 20.19 11.57 -2.79
N ALA B 26 19.13 11.77 -2.02
CA ALA B 26 18.14 12.80 -2.35
C ALA B 26 18.77 14.19 -2.40
N VAL B 27 19.52 14.56 -1.37
CA VAL B 27 20.14 15.88 -1.37
C VAL B 27 21.04 16.06 -2.58
N GLU B 28 21.88 15.06 -2.87
CA GLU B 28 22.79 15.13 -4.02
C GLU B 28 22.00 15.07 -5.34
N ALA B 29 21.01 14.19 -5.39
CA ALA B 29 20.20 14.04 -6.59
C ALA B 29 19.41 15.32 -6.87
N GLU B 30 18.94 15.95 -5.80
CA GLU B 30 18.18 17.20 -5.95
C GLU B 30 19.05 18.30 -6.52
N ARG B 31 20.25 18.47 -5.96
CA ARG B 31 21.16 19.50 -6.44
C ARG B 31 21.54 19.22 -7.90
N GLY B 32 21.44 20.26 -8.72
CA GLY B 32 21.77 20.16 -10.14
C GLY B 32 20.54 19.82 -10.97
N ALA B 33 19.39 19.69 -10.31
CA ALA B 33 18.14 19.37 -11.00
C ALA B 33 17.26 20.64 -11.11
N PRO B 34 16.54 20.81 -12.21
CA PRO B 34 15.67 22.01 -12.39
C PRO B 34 14.38 21.90 -11.58
N GLY B 35 13.93 23.04 -11.04
CA GLY B 35 12.71 23.06 -10.26
C GLY B 35 12.88 22.32 -8.94
N ALA B 36 14.13 22.14 -8.52
CA ALA B 36 14.41 21.44 -7.27
C ALA B 36 13.79 22.19 -6.09
N ALA B 37 13.34 21.43 -5.10
CA ALA B 37 12.71 22.01 -3.90
C ALA B 37 13.24 21.34 -2.64
N LEU B 38 13.53 20.04 -2.74
CA LEU B 38 14.05 19.30 -1.59
C LEU B 38 15.55 19.52 -1.45
N ILE B 39 15.96 19.96 -0.26
CA ILE B 39 17.36 20.20 0.03
C ILE B 39 17.62 20.01 1.51
N SER B 40 18.78 20.45 1.97
CA SER B 40 19.12 20.34 3.39
C SER B 40 19.14 18.88 3.83
N TYR B 41 20.18 18.51 4.58
CA TYR B 41 20.31 17.15 5.09
C TYR B 41 19.20 16.84 6.10
N PRO B 42 18.95 17.69 7.10
CA PRO B 42 17.90 17.41 8.12
C PRO B 42 16.50 17.22 7.51
N ASP B 43 16.25 17.87 6.37
CA ASP B 43 14.93 17.75 5.72
C ASP B 43 14.91 16.57 4.76
N ALA B 44 16.09 16.18 4.28
CA ALA B 44 16.20 15.05 3.36
C ALA B 44 15.73 13.76 4.01
N ILE B 45 16.13 13.58 5.27
CA ILE B 45 15.75 12.39 6.02
C ILE B 45 14.24 12.35 6.23
N TRP B 46 13.66 13.51 6.50
CA TRP B 46 12.22 13.59 6.73
C TRP B 46 11.46 13.09 5.50
N TRP B 47 11.85 13.58 4.32
CA TRP B 47 11.19 13.16 3.10
C TRP B 47 11.36 11.65 2.88
N SER B 48 12.57 11.15 3.16
CA SER B 48 12.86 9.74 2.99
C SER B 48 12.03 8.88 3.95
N VAL B 49 11.87 9.35 5.19
CA VAL B 49 11.12 8.62 6.20
C VAL B 49 9.67 8.40 5.77
N GLU B 50 9.01 9.45 5.31
CA GLU B 50 7.61 9.34 4.89
C GLU B 50 7.49 8.46 3.65
N THR B 51 8.51 8.50 2.80
CA THR B 51 8.49 7.70 1.57
C THR B 51 8.52 6.20 1.88
N ALA B 52 9.36 5.82 2.84
CA ALA B 52 9.49 4.41 3.21
C ALA B 52 8.13 3.81 3.58
N THR B 53 7.21 4.67 4.03
CA THR B 53 5.87 4.21 4.41
C THR B 53 4.93 4.23 3.21
N THR B 54 5.47 4.60 2.05
CA THR B 54 4.67 4.66 0.84
C THR B 54 3.40 5.49 1.06
N VAL B 55 3.58 6.79 1.30
CA VAL B 55 2.44 7.69 1.53
C VAL B 55 2.60 8.97 0.72
N GLY B 56 3.75 9.61 0.85
CA GLY B 56 4.01 10.86 0.12
C GLY B 56 2.84 11.81 0.27
N TYR B 57 2.75 12.47 1.43
CA TYR B 57 1.66 13.41 1.68
C TYR B 57 1.70 14.56 0.68
N GLY B 58 2.91 15.07 0.41
CA GLY B 58 3.08 16.18 -0.52
C GLY B 58 4.01 17.26 0.06
N ASP B 59 4.81 16.86 1.04
CA ASP B 59 5.75 17.79 1.67
C ASP B 59 6.76 18.31 0.66
N ARG B 60 7.25 17.42 -0.19
CA ARG B 60 8.24 17.78 -1.21
C ARG B 60 7.84 17.21 -2.56
N TYR B 61 8.70 17.40 -3.56
CA TYR B 61 8.42 16.90 -4.90
C TYR B 61 9.73 16.78 -5.71
N PRO B 62 10.32 15.59 -5.85
CA PRO B 62 11.58 15.45 -6.64
C PRO B 62 11.37 15.66 -8.13
N VAL B 63 12.46 15.99 -8.83
CA VAL B 63 12.40 16.24 -10.28
C VAL B 63 12.77 14.95 -11.04
N THR B 64 13.27 15.11 -12.27
CA THR B 64 13.66 13.97 -13.10
C THR B 64 15.18 13.79 -13.09
N GLU B 65 15.91 14.89 -13.10
CA GLU B 65 17.37 14.82 -13.10
C GLU B 65 17.86 14.12 -11.83
N GLU B 66 17.12 14.30 -10.74
CA GLU B 66 17.47 13.68 -9.47
C GLU B 66 17.16 12.16 -9.55
N GLY B 67 17.21 11.66 -10.78
CA GLY B 67 16.99 10.26 -11.02
C GLY B 67 15.82 9.76 -10.22
N ARG B 68 14.59 10.25 -10.49
CA ARG B 68 13.39 9.84 -9.72
C ARG B 68 13.58 8.45 -9.12
N LYS B 69 14.34 7.63 -9.81
CA LYS B 69 14.66 6.32 -9.30
C LYS B 69 15.16 6.44 -7.85
N VAL B 70 15.58 7.66 -7.45
CA VAL B 70 16.04 7.84 -6.08
C VAL B 70 14.92 7.48 -5.10
N ALA B 71 13.73 8.01 -5.37
CA ALA B 71 12.58 7.71 -4.52
C ALA B 71 12.18 6.25 -4.66
N GLU B 72 11.94 5.82 -5.90
CA GLU B 72 11.54 4.44 -6.15
C GLU B 72 12.37 3.49 -5.32
N GLN B 73 13.64 3.83 -5.11
CA GLN B 73 14.53 3.01 -4.32
C GLN B 73 14.09 2.98 -2.86
N VAL B 74 13.67 4.13 -2.35
CA VAL B 74 13.25 4.23 -0.95
C VAL B 74 11.97 3.43 -0.69
N MET B 75 10.92 3.68 -1.48
CA MET B 75 9.65 2.98 -1.31
C MET B 75 9.82 1.49 -1.60
N LYS B 76 10.55 1.17 -2.66
CA LYS B 76 10.76 -0.22 -3.03
C LYS B 76 11.44 -0.96 -1.89
N ALA B 77 12.45 -0.34 -1.30
CA ALA B 77 13.16 -0.97 -0.19
C ALA B 77 12.24 -1.16 1.00
N GLY B 78 11.38 -0.17 1.25
CA GLY B 78 10.44 -0.23 2.37
C GLY B 78 9.40 -1.32 2.17
N ILE B 79 8.88 -1.42 0.95
CA ILE B 79 7.85 -2.42 0.65
C ILE B 79 8.41 -3.83 0.84
N GLU B 80 9.62 -4.06 0.36
CA GLU B 80 10.24 -5.38 0.50
C GLU B 80 10.38 -5.75 1.97
N VAL B 81 10.78 -4.78 2.78
CA VAL B 81 10.95 -5.01 4.22
C VAL B 81 9.63 -5.37 4.89
N PHE B 82 8.59 -4.57 4.63
CA PHE B 82 7.28 -4.81 5.24
C PHE B 82 6.58 -5.97 4.55
N ALA B 83 7.11 -6.39 3.41
CA ALA B 83 6.53 -7.50 2.66
C ALA B 83 7.32 -8.78 2.94
N LEU B 84 8.60 -8.61 3.28
CA LEU B 84 9.45 -9.76 3.58
C LEU B 84 8.93 -10.49 4.81
N VAL B 85 8.51 -9.71 5.81
CA VAL B 85 7.98 -10.31 7.03
C VAL B 85 6.98 -11.41 6.68
N THR B 86 6.36 -11.27 5.49
CA THR B 86 5.39 -12.25 5.00
C THR B 86 5.77 -13.65 5.44
N ALA B 87 7.07 -13.86 5.63
CA ALA B 87 7.59 -15.14 6.06
C ALA B 87 6.87 -15.57 7.33
N ALA B 88 6.87 -14.69 8.33
CA ALA B 88 6.21 -14.99 9.60
C ALA B 88 4.69 -15.00 9.44
N LEU B 89 4.17 -14.20 8.51
CA LEU B 89 2.72 -14.13 8.30
C LEU B 89 2.20 -15.50 7.88
N ALA B 90 2.93 -16.15 6.98
CA ALA B 90 2.53 -17.48 6.52
C ALA B 90 2.79 -18.49 7.61
N THR B 91 3.62 -18.11 8.58
CA THR B 91 3.96 -18.98 9.69
C THR B 91 3.14 -18.61 10.93
N ASP B 92 2.48 -17.46 10.87
CA ASP B 92 1.68 -16.99 11.99
C ASP B 92 0.52 -17.95 12.28
N PHE B 93 -0.13 -18.43 11.22
CA PHE B 93 -1.26 -19.34 11.37
C PHE B 93 -0.82 -20.67 12.00
N VAL B 94 0.42 -21.06 11.74
CA VAL B 94 0.96 -22.32 12.25
C VAL B 94 0.92 -22.36 13.78
N ARG B 95 1.32 -21.28 14.41
CA ARG B 95 1.33 -21.21 15.88
C ARG B 95 0.01 -21.71 16.46
N ARG B 96 -1.06 -21.69 15.66
CA ARG B 96 -2.36 -22.15 16.13
C ARG B 96 -2.27 -23.56 16.67
N GLU B 97 -1.36 -24.35 16.08
CA GLU B 97 -1.18 -25.73 16.48
C GLU B 97 -0.71 -25.82 17.94
N GLU B 98 0.10 -24.85 18.37
CA GLU B 98 0.62 -24.84 19.74
C GLU B 98 0.21 -23.56 20.46
N GLU B 99 -0.87 -22.93 19.99
CA GLU B 99 -1.35 -21.68 20.60
C GLU B 99 -2.86 -21.74 20.83
N ARG B 100 -3.56 -22.50 19.99
CA ARG B 100 -5.01 -22.63 20.12
C ARG B 100 -5.37 -23.23 21.46
N ARG B 101 -4.67 -24.30 21.82
CA ARG B 101 -4.91 -24.99 23.09
C ARG B 101 -3.97 -24.47 24.18
N GLY B 102 -3.07 -23.56 23.79
CA GLY B 102 -2.12 -22.98 24.74
C GLY B 102 -0.92 -23.91 24.93
N HIS B 103 -0.83 -24.94 24.12
CA HIS B 103 0.27 -25.89 24.21
C HIS B 103 0.44 -26.66 22.91
N SER C 1 -16.21 -21.12 15.58
CA SER C 1 -16.05 -20.44 14.27
C SER C 1 -14.58 -20.46 13.87
N ALA C 2 -13.85 -19.42 14.25
CA ALA C 2 -12.43 -19.33 13.92
C ALA C 2 -11.71 -18.42 14.91
N ASP C 3 -10.88 -19.03 15.77
CA ASP C 3 -10.13 -18.28 16.76
C ASP C 3 -9.14 -17.34 16.07
N HIS C 4 -8.50 -17.84 15.02
CA HIS C 4 -7.53 -17.05 14.28
C HIS C 4 -8.17 -15.77 13.73
N GLU C 5 -9.39 -15.89 13.22
CA GLU C 5 -10.09 -14.73 12.68
C GLU C 5 -10.41 -13.72 13.78
N ARG C 6 -10.74 -14.22 14.97
CA ARG C 6 -11.04 -13.34 16.09
C ARG C 6 -9.83 -12.52 16.48
N GLU C 7 -8.66 -13.15 16.44
CA GLU C 7 -7.42 -12.47 16.79
C GLU C 7 -7.15 -11.33 15.82
N ALA C 8 -7.44 -11.57 14.54
CA ALA C 8 -7.23 -10.56 13.52
C ALA C 8 -8.12 -9.34 13.79
N GLN C 9 -9.37 -9.60 14.19
CA GLN C 9 -10.30 -8.52 14.49
C GLN C 9 -9.85 -7.74 15.72
N LYS C 10 -9.29 -8.44 16.69
CA LYS C 10 -8.82 -7.80 17.92
C LYS C 10 -7.72 -6.79 17.61
N ALA C 11 -6.85 -7.15 16.66
CA ALA C 11 -5.75 -6.28 16.28
C ALA C 11 -6.27 -4.94 15.74
N GLU C 12 -7.41 -4.98 15.07
CA GLU C 12 -7.99 -3.76 14.50
C GLU C 12 -8.37 -2.79 15.61
N GLU C 13 -8.84 -3.31 16.73
CA GLU C 13 -9.23 -2.47 17.86
C GLU C 13 -8.03 -1.71 18.42
N GLU C 14 -6.90 -2.40 18.49
CA GLU C 14 -5.68 -1.79 19.01
C GLU C 14 -5.24 -0.62 18.14
N LEU C 15 -5.43 -0.75 16.83
CA LEU C 15 -5.03 0.30 15.90
C LEU C 15 -5.83 1.57 16.17
N GLN C 16 -7.09 1.40 16.53
CA GLN C 16 -7.95 2.55 16.81
C GLN C 16 -7.48 3.31 18.05
N LYS C 17 -6.95 2.57 19.03
CA LYS C 17 -6.49 3.18 20.28
C LYS C 17 -5.36 4.20 20.02
N VAL C 18 -4.37 3.80 19.22
CA VAL C 18 -3.25 4.68 18.93
C VAL C 18 -3.72 5.88 18.12
N LEU C 19 -4.68 5.66 17.24
CA LEU C 19 -5.20 6.74 16.42
C LEU C 19 -5.82 7.83 17.29
N GLU C 20 -6.54 7.42 18.33
CA GLU C 20 -7.16 8.39 19.23
C GLU C 20 -6.08 9.23 19.91
N GLU C 21 -5.01 8.58 20.35
CA GLU C 21 -3.92 9.27 21.00
C GLU C 21 -3.17 10.16 20.00
N ALA C 22 -2.90 9.60 18.82
CA ALA C 22 -2.20 10.35 17.78
C ALA C 22 -3.07 11.48 17.25
N SER C 23 -4.37 11.23 17.17
CA SER C 23 -5.30 12.22 16.65
C SER C 23 -5.20 13.52 17.45
N LYS C 24 -5.14 13.40 18.77
CA LYS C 24 -5.03 14.59 19.61
C LYS C 24 -3.57 15.06 19.63
N LYS C 25 -2.67 14.23 20.14
CA LYS C 25 -1.25 14.57 20.19
C LYS C 25 -0.81 15.26 18.90
N ALA C 26 -1.47 14.94 17.79
CA ALA C 26 -1.13 15.55 16.50
C ALA C 26 -1.44 17.05 16.51
N VAL C 27 -2.51 17.44 17.22
CA VAL C 27 -2.91 18.85 17.27
C VAL C 27 -1.83 19.68 17.94
N GLU C 28 -1.28 19.16 19.02
CA GLU C 28 -0.24 19.86 19.77
C GLU C 28 1.11 19.66 19.09
N ALA C 29 1.23 18.57 18.33
CA ALA C 29 2.48 18.26 17.63
C ALA C 29 2.88 19.40 16.70
N GLU C 30 1.95 19.84 15.87
CA GLU C 30 2.22 20.93 14.94
C GLU C 30 2.39 22.24 15.71
N ARG C 31 1.60 22.43 16.76
CA ARG C 31 1.67 23.65 17.56
C ARG C 31 3.10 23.91 18.04
N GLY C 32 3.86 24.67 17.24
CA GLY C 32 5.24 25.03 17.58
C GLY C 32 6.21 24.63 16.49
N ALA C 33 5.68 23.94 15.48
CA ALA C 33 6.48 23.48 14.35
C ALA C 33 6.20 24.32 13.11
N PRO C 34 7.14 24.49 12.22
CA PRO C 34 6.92 25.29 10.98
C PRO C 34 6.06 24.55 9.96
N GLY C 35 5.18 25.29 9.28
CA GLY C 35 4.31 24.68 8.29
C GLY C 35 3.16 23.93 8.95
N ALA C 36 2.64 24.47 10.04
CA ALA C 36 1.53 23.84 10.75
C ALA C 36 0.46 23.41 9.77
N ALA C 37 -0.26 22.34 10.13
CA ALA C 37 -1.33 21.80 9.30
C ALA C 37 -2.58 21.55 10.14
N LEU C 38 -2.98 20.29 10.25
CA LEU C 38 -4.16 19.95 11.02
C LEU C 38 -4.05 20.48 12.45
N ILE C 39 -5.18 20.51 13.15
CA ILE C 39 -5.23 21.00 14.52
C ILE C 39 -6.38 20.35 15.27
N SER C 40 -6.68 20.85 16.47
CA SER C 40 -7.79 20.31 17.28
C SER C 40 -9.07 20.28 16.47
N TYR C 41 -10.19 20.09 17.17
CA TYR C 41 -11.49 20.05 16.52
C TYR C 41 -11.65 18.69 15.85
N PRO C 42 -12.85 18.28 15.53
CA PRO C 42 -13.10 16.96 14.88
C PRO C 42 -12.31 16.78 13.59
N ASP C 43 -11.43 17.75 13.30
CA ASP C 43 -10.60 17.71 12.11
C ASP C 43 -9.34 16.87 12.34
N ALA C 44 -8.83 16.88 13.57
CA ALA C 44 -7.61 16.13 13.91
C ALA C 44 -7.81 14.63 13.66
N ILE C 45 -8.95 14.11 14.11
CA ILE C 45 -9.25 12.69 13.94
C ILE C 45 -9.36 12.34 12.46
N TRP C 46 -9.94 13.24 11.68
CA TRP C 46 -10.11 12.99 10.25
C TRP C 46 -8.76 12.65 9.61
N TRP C 47 -7.74 13.46 9.87
CA TRP C 47 -6.42 13.18 9.33
C TRP C 47 -5.91 11.85 9.90
N SER C 48 -6.03 11.70 11.21
CA SER C 48 -5.58 10.50 11.89
C SER C 48 -6.13 9.24 11.22
N VAL C 49 -7.30 9.33 10.61
CA VAL C 49 -7.93 8.18 9.96
C VAL C 49 -7.49 8.09 8.52
N GLU C 50 -6.21 7.90 8.31
CA GLU C 50 -5.71 7.83 6.96
C GLU C 50 -4.23 7.44 6.95
N THR C 51 -3.46 7.96 7.92
CA THR C 51 -2.04 7.65 8.01
C THR C 51 -1.81 6.21 8.48
N ALA C 52 -2.64 5.77 9.43
CA ALA C 52 -2.52 4.42 9.97
C ALA C 52 -2.73 3.37 8.87
N THR C 53 -3.52 3.73 7.86
CA THR C 53 -3.80 2.81 6.75
C THR C 53 -2.81 3.04 5.62
N THR C 54 -1.88 3.97 5.82
CA THR C 54 -0.88 4.29 4.83
C THR C 54 -1.50 4.54 3.46
N VAL C 55 -2.42 5.49 3.39
CA VAL C 55 -3.07 5.84 2.14
C VAL C 55 -3.37 7.34 2.11
N GLY C 56 -2.39 8.15 2.50
CA GLY C 56 -2.56 9.59 2.50
C GLY C 56 -3.22 10.05 1.21
N TYR C 57 -4.54 10.15 1.23
CA TYR C 57 -5.30 10.56 0.05
C TYR C 57 -4.90 11.97 -0.35
N GLY C 58 -4.78 12.86 0.63
CA GLY C 58 -4.41 14.26 0.37
C GLY C 58 -5.25 15.22 1.20
N ASP C 59 -5.91 14.70 2.23
CA ASP C 59 -6.74 15.54 3.08
C ASP C 59 -5.91 16.63 3.76
N ARG C 60 -4.82 16.21 4.41
CA ARG C 60 -3.94 17.14 5.10
C ARG C 60 -2.53 16.58 5.14
N TYR C 61 -1.69 17.11 6.02
CA TYR C 61 -0.32 16.62 6.12
C TYR C 61 0.35 17.13 7.40
N PRO C 62 1.05 16.29 8.15
CA PRO C 62 1.72 16.73 9.41
C PRO C 62 2.91 17.66 9.14
N VAL C 63 3.52 18.15 10.22
CA VAL C 63 4.67 19.05 10.10
C VAL C 63 5.96 18.25 10.01
N THR C 64 7.09 18.91 10.25
CA THR C 64 8.40 18.26 10.19
C THR C 64 9.00 18.14 11.59
N GLU C 65 9.23 19.28 12.23
CA GLU C 65 9.83 19.29 13.56
C GLU C 65 9.21 18.21 14.44
N GLU C 66 7.94 17.89 14.18
CA GLU C 66 7.22 16.88 14.94
C GLU C 66 6.27 16.12 14.03
N GLY C 67 4.99 16.43 14.15
CA GLY C 67 3.90 15.85 13.33
C GLY C 67 4.27 14.54 12.61
N ARG C 68 5.35 14.60 11.84
CA ARG C 68 5.82 13.46 11.07
C ARG C 68 6.41 12.42 12.00
N LYS C 69 7.18 12.89 12.97
CA LYS C 69 7.79 12.01 13.94
C LYS C 69 6.68 11.30 14.67
N VAL C 70 5.67 12.06 15.07
CA VAL C 70 4.54 11.46 15.78
C VAL C 70 3.78 10.49 14.87
N ALA C 71 3.50 10.94 13.65
CA ALA C 71 2.80 10.10 12.69
C ALA C 71 3.63 8.87 12.35
N GLU C 72 4.93 9.06 12.23
CA GLU C 72 5.85 7.97 11.91
C GLU C 72 5.51 6.73 12.72
N GLN C 73 5.37 6.91 14.03
CA GLN C 73 5.04 5.78 14.90
C GLN C 73 3.68 5.21 14.55
N VAL C 74 2.74 6.08 14.17
CA VAL C 74 1.39 5.62 13.82
C VAL C 74 1.39 4.72 12.58
N MET C 75 2.16 5.11 11.56
CA MET C 75 2.19 4.32 10.34
C MET C 75 2.67 2.90 10.61
N LYS C 76 3.71 2.76 11.41
CA LYS C 76 4.23 1.44 11.74
C LYS C 76 3.20 0.64 12.52
N ALA C 77 2.54 1.31 13.45
CA ALA C 77 1.54 0.64 14.27
C ALA C 77 0.41 0.09 13.41
N GLY C 78 0.22 0.67 12.23
CA GLY C 78 -0.84 0.23 11.32
C GLY C 78 -0.35 -0.86 10.37
N ILE C 79 0.89 -0.73 9.91
CA ILE C 79 1.44 -1.71 8.99
C ILE C 79 1.52 -3.09 9.64
N GLU C 80 1.96 -3.13 10.88
CA GLU C 80 2.08 -4.40 11.60
C GLU C 80 0.70 -5.02 11.84
N VAL C 81 -0.29 -4.18 12.13
CA VAL C 81 -1.64 -4.66 12.39
C VAL C 81 -2.23 -5.35 11.15
N PHE C 82 -2.09 -4.71 9.98
CA PHE C 82 -2.65 -5.29 8.76
C PHE C 82 -1.80 -6.48 8.28
N ALA C 83 -0.65 -6.70 8.92
CA ALA C 83 0.22 -7.80 8.55
C ALA C 83 -0.16 -9.06 9.33
N LEU C 84 -0.46 -8.88 10.62
CA LEU C 84 -0.84 -9.98 11.48
C LEU C 84 -2.11 -10.67 11.03
N VAL C 85 -3.11 -9.88 10.63
CA VAL C 85 -4.37 -10.45 10.19
C VAL C 85 -4.14 -11.47 9.08
N THR C 86 -2.94 -11.45 8.51
CA THR C 86 -2.60 -12.39 7.45
C THR C 86 -2.69 -13.81 7.95
N ALA C 87 -2.25 -14.04 9.19
CA ALA C 87 -2.30 -15.37 9.79
C ALA C 87 -3.59 -16.09 9.40
N ALA C 88 -4.72 -15.43 9.59
CA ALA C 88 -6.00 -16.01 9.24
C ALA C 88 -6.09 -16.23 7.73
N LEU C 89 -5.54 -15.29 6.97
CA LEU C 89 -5.54 -15.38 5.52
C LEU C 89 -4.68 -16.54 5.02
N ALA C 90 -3.55 -16.75 5.69
CA ALA C 90 -2.63 -17.83 5.29
C ALA C 90 -3.31 -19.18 5.40
N THR C 91 -4.14 -19.35 6.42
CA THR C 91 -4.84 -20.62 6.63
C THR C 91 -6.08 -20.68 5.74
N ASP C 92 -6.35 -19.59 5.02
CA ASP C 92 -7.51 -19.53 4.15
C ASP C 92 -7.50 -20.69 3.15
N PHE C 93 -6.36 -20.87 2.49
CA PHE C 93 -6.23 -21.95 1.51
C PHE C 93 -6.24 -23.31 2.19
N VAL C 94 -5.70 -23.37 3.40
CA VAL C 94 -5.61 -24.62 4.16
C VAL C 94 -6.99 -25.23 4.40
N ARG C 95 -8.01 -24.38 4.47
CA ARG C 95 -9.37 -24.86 4.72
C ARG C 95 -9.86 -25.77 3.59
N ARG C 96 -9.26 -25.62 2.41
CA ARG C 96 -9.64 -26.43 1.26
C ARG C 96 -9.50 -27.92 1.57
N GLU C 97 -8.53 -28.25 2.42
CA GLU C 97 -8.30 -29.64 2.80
C GLU C 97 -9.52 -30.22 3.50
N GLU C 98 -10.22 -29.37 4.26
CA GLU C 98 -11.42 -29.83 4.97
C GLU C 98 -12.63 -29.82 4.03
N GLU C 99 -12.56 -28.99 2.99
CA GLU C 99 -13.66 -28.89 2.03
C GLU C 99 -13.80 -30.17 1.22
N ARG C 100 -12.66 -30.69 0.76
CA ARG C 100 -12.67 -31.93 -0.03
C ARG C 100 -13.14 -33.10 0.82
N ARG C 101 -12.75 -33.09 2.09
CA ARG C 101 -13.14 -34.16 3.01
C ARG C 101 -14.65 -34.17 3.21
N GLY C 102 -15.24 -32.99 3.26
CA GLY C 102 -16.68 -32.87 3.46
C GLY C 102 -17.05 -32.93 4.93
N HIS C 103 -16.11 -32.51 5.79
CA HIS C 103 -16.33 -32.52 7.22
C HIS C 103 -15.51 -31.43 7.90
N SER D 1 -10.11 -21.67 -12.18
CA SER D 1 -11.25 -21.99 -11.28
C SER D 1 -11.02 -23.36 -10.64
N ALA D 2 -9.77 -23.62 -10.27
CA ALA D 2 -9.41 -24.91 -9.66
C ALA D 2 -10.21 -25.12 -8.37
N ASP D 3 -10.22 -24.10 -7.51
CA ASP D 3 -10.95 -24.18 -6.25
C ASP D 3 -10.93 -22.84 -5.52
N HIS D 4 -9.74 -22.43 -5.08
CA HIS D 4 -9.59 -21.16 -4.37
C HIS D 4 -9.59 -19.99 -5.34
N GLU D 5 -9.32 -20.28 -6.62
CA GLU D 5 -9.29 -19.23 -7.63
C GLU D 5 -10.68 -18.65 -7.83
N ARG D 6 -11.69 -19.51 -7.80
CA ARG D 6 -13.08 -19.07 -7.98
C ARG D 6 -13.46 -18.07 -6.89
N GLU D 7 -13.06 -18.36 -5.66
CA GLU D 7 -13.38 -17.47 -4.54
C GLU D 7 -12.72 -16.12 -4.73
N ALA D 8 -11.49 -16.13 -5.24
CA ALA D 8 -10.75 -14.90 -5.47
C ALA D 8 -11.45 -14.04 -6.52
N GLN D 9 -11.94 -14.68 -7.58
CA GLN D 9 -12.62 -13.96 -8.64
C GLN D 9 -13.92 -13.35 -8.13
N LYS D 10 -14.62 -14.09 -7.28
CA LYS D 10 -15.88 -13.61 -6.72
C LYS D 10 -15.66 -12.36 -5.88
N ALA D 11 -14.58 -12.34 -5.12
CA ALA D 11 -14.27 -11.20 -4.27
C ALA D 11 -14.08 -9.93 -5.11
N GLU D 12 -13.51 -10.09 -6.30
CA GLU D 12 -13.28 -8.94 -7.18
C GLU D 12 -14.60 -8.29 -7.58
N GLU D 13 -15.61 -9.12 -7.81
CA GLU D 13 -16.92 -8.60 -8.21
C GLU D 13 -17.50 -7.72 -7.12
N GLU D 14 -17.27 -8.11 -5.86
CA GLU D 14 -17.78 -7.34 -4.74
C GLU D 14 -17.10 -5.97 -4.67
N LEU D 15 -15.85 -5.90 -5.10
CA LEU D 15 -15.11 -4.65 -5.08
C LEU D 15 -15.80 -3.62 -5.99
N GLN D 16 -16.28 -4.07 -7.12
CA GLN D 16 -16.96 -3.18 -8.06
C GLN D 16 -18.29 -2.69 -7.49
N LYS D 17 -18.96 -3.56 -6.73
CA LYS D 17 -20.26 -3.21 -6.13
C LYS D 17 -20.13 -2.06 -5.14
N VAL D 18 -19.15 -2.13 -4.25
CA VAL D 18 -18.95 -1.09 -3.26
C VAL D 18 -18.60 0.24 -3.92
N LEU D 19 -17.83 0.18 -4.99
CA LEU D 19 -17.46 1.39 -5.70
C LEU D 19 -18.69 2.09 -6.24
N GLU D 20 -19.63 1.31 -6.77
CA GLU D 20 -20.86 1.88 -7.31
C GLU D 20 -21.67 2.53 -6.19
N GLU D 21 -21.81 1.82 -5.09
CA GLU D 21 -22.57 2.34 -3.95
C GLU D 21 -21.81 3.49 -3.30
N ALA D 22 -20.49 3.38 -3.29
CA ALA D 22 -19.64 4.41 -2.69
C ALA D 22 -19.75 5.72 -3.46
N SER D 23 -19.83 5.62 -4.78
CA SER D 23 -19.93 6.80 -5.63
C SER D 23 -21.16 7.61 -5.25
N LYS D 24 -22.28 6.93 -5.04
CA LYS D 24 -23.51 7.60 -4.66
C LYS D 24 -23.33 8.26 -3.30
N LYS D 25 -22.52 7.65 -2.44
CA LYS D 25 -22.28 8.22 -1.13
C LYS D 25 -21.39 9.45 -1.24
N ALA D 26 -20.31 9.36 -2.03
CA ALA D 26 -19.39 10.48 -2.18
C ALA D 26 -20.09 11.71 -2.76
N VAL D 27 -20.83 11.53 -3.84
CA VAL D 27 -21.54 12.66 -4.45
C VAL D 27 -22.53 13.25 -3.45
N GLU D 28 -23.28 12.38 -2.79
CA GLU D 28 -24.26 12.83 -1.81
C GLU D 28 -23.58 13.43 -0.58
N ALA D 29 -22.52 12.77 -0.13
CA ALA D 29 -21.74 13.23 1.03
C ALA D 29 -21.04 14.55 0.70
N GLU D 30 -20.56 14.67 -0.53
CA GLU D 30 -19.87 15.87 -0.97
C GLU D 30 -20.83 17.05 -1.06
N ARG D 31 -22.06 16.79 -1.51
CA ARG D 31 -23.04 17.84 -1.65
C ARG D 31 -23.38 18.43 -0.28
N GLY D 32 -23.22 19.74 -0.16
CA GLY D 32 -23.52 20.46 1.08
C GLY D 32 -22.27 20.63 1.94
N ALA D 33 -21.16 20.02 1.51
CA ALA D 33 -19.90 20.12 2.24
C ALA D 33 -19.02 21.25 1.66
N PRO D 34 -18.35 22.03 2.47
CA PRO D 34 -17.48 23.15 1.98
C PRO D 34 -16.16 22.64 1.39
N GLY D 35 -15.69 23.32 0.35
CA GLY D 35 -14.44 22.95 -0.29
C GLY D 35 -14.55 21.59 -0.97
N ALA D 36 -15.78 21.18 -1.29
CA ALA D 36 -16.01 19.89 -1.93
C ALA D 36 -16.00 20.03 -3.45
N ALA D 37 -14.82 19.93 -4.04
CA ALA D 37 -14.69 20.04 -5.49
C ALA D 37 -15.41 18.89 -6.20
N LEU D 38 -15.32 17.69 -5.61
CA LEU D 38 -15.96 16.54 -6.22
C LEU D 38 -17.47 16.72 -6.15
N ILE D 39 -18.05 17.15 -7.27
CA ILE D 39 -19.49 17.37 -7.35
C ILE D 39 -20.02 16.98 -8.73
N SER D 40 -20.46 15.73 -8.85
CA SER D 40 -20.98 15.24 -10.12
C SER D 40 -21.17 13.72 -10.07
N TYR D 41 -22.13 13.22 -10.84
CA TYR D 41 -22.41 11.80 -10.89
C TYR D 41 -21.37 11.08 -11.75
N PRO D 42 -21.21 11.43 -13.02
CA PRO D 42 -20.21 10.78 -13.90
C PRO D 42 -18.78 10.93 -13.35
N ASP D 43 -18.55 11.98 -12.57
CA ASP D 43 -17.23 12.21 -11.99
C ASP D 43 -17.05 11.39 -10.72
N ALA D 44 -18.12 11.23 -9.94
CA ALA D 44 -18.05 10.47 -8.70
C ALA D 44 -17.69 9.00 -8.96
N ILE D 45 -18.25 8.45 -10.03
CA ILE D 45 -17.98 7.05 -10.36
C ILE D 45 -16.50 6.87 -10.70
N TRP D 46 -15.96 7.79 -11.49
CA TRP D 46 -14.55 7.71 -11.86
C TRP D 46 -13.68 7.84 -10.61
N TRP D 47 -14.03 8.75 -9.70
CA TRP D 47 -13.26 8.91 -8.48
C TRP D 47 -13.31 7.62 -7.65
N SER D 48 -14.49 6.98 -7.61
CA SER D 48 -14.64 5.73 -6.86
C SER D 48 -13.98 4.57 -7.62
N VAL D 49 -12.65 4.59 -7.68
CA VAL D 49 -11.93 3.53 -8.37
C VAL D 49 -10.51 3.41 -7.82
N GLU D 50 -9.74 4.49 -7.96
CA GLU D 50 -8.37 4.50 -7.47
C GLU D 50 -8.34 4.32 -5.95
N THR D 51 -9.37 4.83 -5.28
CA THR D 51 -9.43 4.73 -3.83
C THR D 51 -9.46 3.26 -3.41
N ALA D 52 -10.24 2.44 -4.13
CA ALA D 52 -10.33 1.02 -3.80
C ALA D 52 -8.95 0.37 -3.94
N THR D 53 -8.17 0.85 -4.91
CA THR D 53 -6.84 0.30 -5.15
C THR D 53 -5.85 0.91 -4.15
N THR D 54 -6.38 1.62 -3.16
CA THR D 54 -5.56 2.23 -2.14
C THR D 54 -4.44 3.07 -2.76
N VAL D 55 -4.82 4.02 -3.60
CA VAL D 55 -3.84 4.88 -4.25
C VAL D 55 -4.52 6.09 -4.90
N GLY D 56 -4.67 7.17 -4.13
CA GLY D 56 -5.28 8.39 -4.64
C GLY D 56 -4.23 9.29 -5.27
N TYR D 57 -4.28 9.41 -6.59
CA TYR D 57 -3.33 10.25 -7.32
C TYR D 57 -3.46 11.70 -6.86
N GLY D 58 -4.70 12.18 -6.75
CA GLY D 58 -4.95 13.56 -6.33
C GLY D 58 -5.98 14.22 -7.23
N ASP D 59 -6.84 13.40 -7.86
CA ASP D 59 -7.86 13.93 -8.74
C ASP D 59 -8.83 14.83 -7.97
N ARG D 60 -9.23 14.39 -6.78
CA ARG D 60 -10.13 15.16 -5.94
C ARG D 60 -9.77 14.95 -4.47
N TYR D 61 -10.55 15.56 -3.57
CA TYR D 61 -10.30 15.42 -2.14
C TYR D 61 -11.58 15.66 -1.32
N PRO D 62 -11.96 14.78 -0.41
CA PRO D 62 -13.19 14.98 0.42
C PRO D 62 -13.01 16.11 1.44
N VAL D 63 -13.98 16.24 2.34
CA VAL D 63 -13.95 17.28 3.38
C VAL D 63 -14.18 16.66 4.76
N THR D 64 -14.84 17.40 5.64
CA THR D 64 -15.13 16.92 7.00
C THR D 64 -16.63 16.73 7.21
N GLU D 65 -17.42 17.19 6.25
CA GLU D 65 -18.88 17.05 6.33
C GLU D 65 -19.34 15.85 5.50
N GLU D 66 -18.56 15.52 4.46
CA GLU D 66 -18.88 14.37 3.61
C GLU D 66 -18.43 13.08 4.31
N GLY D 67 -18.48 13.15 5.63
CA GLY D 67 -18.08 12.03 6.46
C GLY D 67 -16.83 11.40 5.87
N ARG D 68 -15.73 12.17 5.82
CA ARG D 68 -14.47 11.70 5.23
C ARG D 68 -14.36 10.18 5.30
N LYS D 69 -14.96 9.62 6.33
CA LYS D 69 -14.99 8.19 6.46
C LYS D 69 -15.52 7.57 5.17
N VAL D 70 -16.11 8.39 4.26
CA VAL D 70 -16.61 7.83 3.01
C VAL D 70 -15.45 7.18 2.25
N ALA D 71 -14.35 7.90 2.14
CA ALA D 71 -13.17 7.38 1.45
C ALA D 71 -12.57 6.21 2.23
N GLU D 72 -12.63 6.30 3.55
CA GLU D 72 -12.07 5.27 4.42
C GLU D 72 -12.72 3.92 4.15
N GLN D 73 -14.04 3.91 3.97
CA GLN D 73 -14.76 2.67 3.74
C GLN D 73 -14.29 2.00 2.44
N VAL D 74 -14.15 2.79 1.39
CA VAL D 74 -13.72 2.24 0.10
C VAL D 74 -12.32 1.66 0.18
N MET D 75 -11.39 2.41 0.77
CA MET D 75 -10.01 1.97 0.88
C MET D 75 -9.90 0.69 1.72
N LYS D 76 -10.60 0.66 2.85
CA LYS D 76 -10.56 -0.51 3.73
C LYS D 76 -11.20 -1.71 3.04
N ALA D 77 -12.31 -1.48 2.36
CA ALA D 77 -13.02 -2.56 1.68
C ALA D 77 -12.13 -3.19 0.60
N GLY D 78 -11.36 -2.36 -0.09
CA GLY D 78 -10.48 -2.85 -1.14
C GLY D 78 -9.36 -3.70 -0.58
N ILE D 79 -8.82 -3.29 0.58
CA ILE D 79 -7.73 -4.04 1.20
C ILE D 79 -8.17 -5.44 1.58
N GLU D 80 -9.36 -5.56 2.14
CA GLU D 80 -9.87 -6.86 2.56
C GLU D 80 -10.06 -7.78 1.35
N VAL D 81 -10.53 -7.22 0.24
CA VAL D 81 -10.76 -8.03 -0.96
C VAL D 81 -9.46 -8.61 -1.51
N PHE D 82 -8.48 -7.75 -1.76
CA PHE D 82 -7.21 -8.21 -2.30
C PHE D 82 -6.48 -9.09 -1.29
N ALA D 83 -6.54 -8.73 -0.02
CA ALA D 83 -5.88 -9.50 1.03
C ALA D 83 -6.49 -10.90 1.11
N LEU D 84 -7.79 -11.00 0.87
CA LEU D 84 -8.47 -12.28 0.92
C LEU D 84 -7.91 -13.23 -0.14
N VAL D 85 -7.64 -12.69 -1.32
CA VAL D 85 -7.11 -13.50 -2.40
C VAL D 85 -5.81 -14.16 -1.95
N THR D 86 -5.16 -13.57 -0.95
CA THR D 86 -3.91 -14.11 -0.43
C THR D 86 -3.97 -15.64 -0.36
N ALA D 87 -5.19 -16.16 -0.27
CA ALA D 87 -5.39 -17.60 -0.20
C ALA D 87 -4.92 -18.27 -1.50
N ALA D 88 -5.25 -17.66 -2.63
CA ALA D 88 -4.86 -18.21 -3.91
C ALA D 88 -3.35 -18.02 -4.14
N LEU D 89 -2.75 -17.14 -3.33
CA LEU D 89 -1.31 -16.88 -3.43
C LEU D 89 -0.50 -17.89 -2.62
N ALA D 90 -1.00 -18.22 -1.43
CA ALA D 90 -0.31 -19.15 -0.55
C ALA D 90 -0.12 -20.50 -1.24
N THR D 91 -1.12 -20.88 -2.02
CA THR D 91 -1.05 -22.14 -2.74
C THR D 91 0.06 -22.09 -3.80
N ASP D 92 0.54 -20.89 -4.09
CA ASP D 92 1.58 -20.75 -5.12
C ASP D 92 2.80 -21.58 -4.77
N PHE D 93 3.32 -21.41 -3.55
CA PHE D 93 4.51 -22.14 -3.12
C PHE D 93 4.18 -23.62 -2.87
N VAL D 94 2.94 -23.88 -2.50
CA VAL D 94 2.50 -25.25 -2.21
C VAL D 94 2.65 -26.14 -3.44
N ARG D 95 2.41 -25.57 -4.62
CA ARG D 95 2.52 -26.33 -5.86
C ARG D 95 3.94 -26.88 -6.06
N ARG D 96 4.90 -26.25 -5.39
CA ARG D 96 6.30 -26.68 -5.51
C ARG D 96 6.41 -28.19 -5.32
N GLU D 97 5.60 -28.71 -4.41
CA GLU D 97 5.62 -30.14 -4.13
C GLU D 97 5.21 -30.95 -5.36
N GLU D 98 4.37 -30.35 -6.21
CA GLU D 98 3.92 -31.01 -7.43
C GLU D 98 4.91 -30.76 -8.57
N GLU D 99 5.67 -29.67 -8.45
CA GLU D 99 6.65 -29.31 -9.48
C GLU D 99 7.77 -30.34 -9.53
N ARG D 100 8.26 -30.73 -8.37
CA ARG D 100 9.34 -31.71 -8.28
C ARG D 100 8.85 -33.07 -8.78
N ARG D 101 7.58 -33.35 -8.54
CA ARG D 101 6.99 -34.62 -8.97
C ARG D 101 7.03 -34.73 -10.49
N GLY D 102 6.83 -33.62 -11.18
CA GLY D 102 6.85 -33.61 -12.64
C GLY D 102 5.47 -33.97 -13.20
N HIS D 103 4.44 -33.79 -12.39
CA HIS D 103 3.09 -34.10 -12.82
C HIS D 103 2.63 -33.13 -13.90
N SER A 1 18.01 -19.74 -8.34
CA SER A 1 18.20 -21.15 -7.88
C SER A 1 16.85 -21.77 -7.56
N ALA A 2 16.21 -21.26 -6.52
CA ALA A 2 14.91 -21.77 -6.11
C ALA A 2 13.85 -21.44 -7.15
N ASP A 3 12.90 -22.36 -7.33
CA ASP A 3 11.83 -22.16 -8.30
C ASP A 3 10.99 -20.94 -7.93
N HIS A 4 10.73 -20.78 -6.63
CA HIS A 4 9.93 -19.65 -6.17
C HIS A 4 10.63 -18.33 -6.50
N GLU A 5 11.92 -18.28 -6.21
CA GLU A 5 12.70 -17.07 -6.49
C GLU A 5 12.78 -16.82 -7.99
N ARG A 6 12.98 -17.88 -8.76
CA ARG A 6 13.08 -17.76 -10.20
C ARG A 6 11.75 -17.26 -10.77
N GLU A 7 10.66 -17.83 -10.28
CA GLU A 7 9.34 -17.43 -10.76
C GLU A 7 9.05 -15.99 -10.35
N ALA A 8 9.37 -15.65 -9.12
CA ALA A 8 9.15 -14.30 -8.62
C ALA A 8 10.02 -13.30 -9.38
N GLN A 9 11.25 -13.71 -9.66
CA GLN A 9 12.18 -12.85 -10.39
C GLN A 9 11.66 -12.59 -11.80
N LYS A 10 11.10 -13.63 -12.41
CA LYS A 10 10.56 -13.50 -13.76
C LYS A 10 9.45 -12.46 -13.81
N ALA A 11 8.60 -12.48 -12.78
CA ALA A 11 7.48 -11.53 -12.71
C ALA A 11 7.99 -10.09 -12.68
N GLU A 12 9.12 -9.88 -12.01
CA GLU A 12 9.69 -8.54 -11.91
C GLU A 12 10.04 -8.01 -13.30
N GLU A 13 10.53 -8.88 -14.17
CA GLU A 13 10.90 -8.49 -15.53
C GLU A 13 9.66 -8.04 -16.30
N GLU A 14 8.55 -8.73 -16.08
CA GLU A 14 7.31 -8.40 -16.77
C GLU A 14 6.81 -7.03 -16.32
N LEU A 15 7.06 -6.69 -15.06
CA LEU A 15 6.61 -5.41 -14.52
C LEU A 15 7.27 -4.26 -15.28
N GLN A 16 8.54 -4.44 -15.62
CA GLN A 16 9.26 -3.40 -16.34
C GLN A 16 8.73 -3.24 -17.77
N LYS A 17 8.30 -4.35 -18.38
CA LYS A 17 7.80 -4.30 -19.74
C LYS A 17 6.52 -3.46 -19.86
N VAL A 18 5.58 -3.66 -18.94
CA VAL A 18 4.34 -2.91 -18.97
C VAL A 18 4.59 -1.41 -18.78
N LEU A 19 5.61 -1.09 -18.00
CA LEU A 19 5.94 0.31 -17.76
C LEU A 19 6.29 1.00 -19.08
N GLU A 20 7.04 0.30 -19.92
CA GLU A 20 7.42 0.86 -21.21
C GLU A 20 6.16 1.11 -22.06
N GLU A 21 5.29 0.11 -22.11
CA GLU A 21 4.05 0.24 -22.87
C GLU A 21 3.14 1.27 -22.21
N ALA A 22 3.16 1.29 -20.88
CA ALA A 22 2.33 2.23 -20.13
C ALA A 22 2.71 3.67 -20.47
N SER A 23 4.00 3.92 -20.66
CA SER A 23 4.45 5.26 -20.98
C SER A 23 3.80 5.75 -22.26
N LYS A 24 3.83 4.91 -23.29
CA LYS A 24 3.22 5.28 -24.56
C LYS A 24 1.70 5.38 -24.43
N LYS A 25 1.11 4.41 -23.76
CA LYS A 25 -0.33 4.40 -23.58
C LYS A 25 -0.78 5.60 -22.74
N ALA A 26 -0.02 5.91 -21.69
CA ALA A 26 -0.38 7.04 -20.82
C ALA A 26 -0.37 8.36 -21.57
N VAL A 27 0.73 8.64 -22.29
CA VAL A 27 0.82 9.89 -23.05
C VAL A 27 -0.24 9.90 -24.15
N GLU A 28 -0.38 8.77 -24.82
CA GLU A 28 -1.35 8.64 -25.90
C GLU A 28 -2.78 8.65 -25.35
N ALA A 29 -2.95 8.07 -24.16
CA ALA A 29 -4.26 8.02 -23.52
C ALA A 29 -4.86 9.41 -23.39
N GLU A 30 -4.08 10.32 -22.83
CA GLU A 30 -4.54 11.69 -22.65
C GLU A 30 -4.73 12.39 -23.99
N ARG A 31 -3.84 12.09 -24.94
CA ARG A 31 -3.93 12.70 -26.26
C ARG A 31 -5.31 12.48 -26.88
N GLY A 32 -6.24 13.39 -26.58
CA GLY A 32 -7.61 13.30 -27.12
C GLY A 32 -8.65 13.38 -26.01
N ALA A 33 -8.20 13.33 -24.76
CA ALA A 33 -9.10 13.40 -23.61
C ALA A 33 -9.01 14.78 -22.94
N PRO A 34 -10.10 15.33 -22.46
CA PRO A 34 -10.09 16.67 -21.80
C PRO A 34 -9.52 16.61 -20.38
N GLY A 35 -8.42 17.33 -20.15
CA GLY A 35 -7.78 17.36 -18.83
C GLY A 35 -6.40 16.72 -18.89
N ALA A 36 -5.89 16.48 -20.10
CA ALA A 36 -4.58 15.87 -20.26
C ALA A 36 -3.58 16.42 -19.26
N ALA A 37 -2.45 15.74 -19.10
CA ALA A 37 -1.43 16.17 -18.15
C ALA A 37 -0.03 15.85 -18.67
N LEU A 38 0.43 14.63 -18.39
CA LEU A 38 1.75 14.21 -18.82
C LEU A 38 1.77 13.98 -20.33
N ILE A 39 1.41 15.02 -21.10
CA ILE A 39 1.39 14.93 -22.55
C ILE A 39 2.80 14.68 -23.09
N SER A 40 3.79 14.98 -22.26
CA SER A 40 5.18 14.77 -22.65
C SER A 40 5.52 13.28 -22.69
N TYR A 41 6.40 12.91 -23.61
CA TYR A 41 6.83 11.52 -23.76
C TYR A 41 7.95 11.16 -22.77
N PRO A 42 9.04 11.91 -22.69
CA PRO A 42 10.15 11.59 -21.74
C PRO A 42 9.71 11.57 -20.29
N ASP A 43 8.70 12.39 -19.96
CA ASP A 43 8.19 12.47 -18.59
C ASP A 43 7.10 11.42 -18.36
N ALA A 44 6.45 10.98 -19.44
CA ALA A 44 5.39 9.99 -19.31
C ALA A 44 5.96 8.69 -18.76
N ILE A 45 7.15 8.33 -19.20
CA ILE A 45 7.80 7.12 -18.74
C ILE A 45 8.12 7.23 -17.25
N TRP A 46 8.55 8.40 -16.82
CA TRP A 46 8.88 8.63 -15.43
C TRP A 46 7.64 8.41 -14.55
N TRP A 47 6.52 8.98 -14.97
CA TRP A 47 5.27 8.81 -14.24
C TRP A 47 4.91 7.32 -14.16
N SER A 48 5.16 6.61 -15.25
CA SER A 48 4.84 5.19 -15.31
C SER A 48 5.54 4.44 -14.18
N VAL A 49 6.71 4.93 -13.78
CA VAL A 49 7.46 4.29 -12.69
C VAL A 49 6.93 4.77 -11.35
N GLU A 50 6.01 5.71 -11.39
CA GLU A 50 5.43 6.26 -10.15
C GLU A 50 3.98 5.79 -10.00
N THR A 51 3.70 4.57 -10.46
CA THR A 51 2.36 4.01 -10.36
C THR A 51 2.42 2.50 -10.15
N ALA A 52 3.36 1.85 -10.84
CA ALA A 52 3.51 0.40 -10.72
C ALA A 52 3.82 0.02 -9.27
N THR A 53 4.39 0.95 -8.51
CA THR A 53 4.71 0.70 -7.12
C THR A 53 3.49 1.00 -6.24
N THR A 54 2.43 1.47 -6.90
CA THR A 54 1.18 1.79 -6.21
C THR A 54 1.44 2.75 -5.05
N VAL A 55 1.70 4.02 -5.39
CA VAL A 55 1.96 5.04 -4.36
C VAL A 55 1.30 6.36 -4.75
N GLY A 56 1.60 6.85 -5.95
CA GLY A 56 1.02 8.11 -6.42
C GLY A 56 1.43 9.27 -5.53
N TYR A 57 2.74 9.56 -5.50
CA TYR A 57 3.25 10.65 -4.67
C TYR A 57 2.63 11.99 -5.10
N GLY A 58 2.67 12.24 -6.41
CA GLY A 58 2.13 13.48 -6.94
C GLY A 58 2.66 13.74 -8.35
N ASP A 59 3.82 14.40 -8.43
CA ASP A 59 4.42 14.70 -9.72
C ASP A 59 3.36 15.16 -10.71
N ARG A 60 2.82 14.21 -11.48
CA ARG A 60 1.79 14.51 -12.47
C ARG A 60 0.48 13.82 -12.08
N TYR A 61 -0.50 13.90 -12.98
CA TYR A 61 -1.79 13.28 -12.72
C TYR A 61 -2.52 12.99 -14.04
N PRO A 62 -3.02 11.78 -14.25
CA PRO A 62 -3.74 11.42 -15.51
C PRO A 62 -5.10 12.11 -15.62
N VAL A 63 -5.71 12.03 -16.81
CA VAL A 63 -7.02 12.63 -17.04
C VAL A 63 -8.13 11.73 -16.51
N THR A 64 -9.33 11.87 -17.06
CA THR A 64 -10.47 11.06 -16.65
C THR A 64 -10.93 10.12 -17.76
N GLU A 65 -11.40 10.70 -18.87
CA GLU A 65 -11.90 9.91 -20.00
C GLU A 65 -11.06 8.65 -20.17
N GLU A 66 -9.74 8.82 -20.01
CA GLU A 66 -8.81 7.69 -20.13
C GLU A 66 -7.80 7.75 -18.99
N GLY A 67 -6.58 8.18 -19.33
CA GLY A 67 -5.47 8.34 -18.37
C GLY A 67 -5.62 7.53 -17.08
N ARG A 68 -6.73 7.78 -16.38
CA ARG A 68 -7.03 7.10 -15.12
C ARG A 68 -7.39 5.65 -15.40
N LYS A 69 -8.27 5.45 -16.37
CA LYS A 69 -8.69 4.11 -16.74
C LYS A 69 -7.46 3.33 -17.19
N VAL A 70 -6.65 3.96 -18.01
CA VAL A 70 -5.44 3.30 -18.50
C VAL A 70 -4.45 3.10 -17.35
N ALA A 71 -4.30 4.13 -16.52
CA ALA A 71 -3.40 4.04 -15.38
C ALA A 71 -3.87 2.95 -14.42
N GLU A 72 -5.18 2.83 -14.27
CA GLU A 72 -5.74 1.82 -13.38
C GLU A 72 -5.19 0.44 -13.72
N GLN A 73 -5.11 0.14 -15.01
CA GLN A 73 -4.60 -1.15 -15.45
C GLN A 73 -3.10 -1.28 -15.15
N VAL A 74 -2.36 -0.18 -15.25
CA VAL A 74 -0.92 -0.21 -15.00
C VAL A 74 -0.62 -0.63 -13.56
N MET A 75 -1.29 0.02 -12.60
CA MET A 75 -1.09 -0.30 -11.20
C MET A 75 -1.55 -1.73 -10.88
N LYS A 76 -2.63 -2.14 -11.53
CA LYS A 76 -3.16 -3.48 -11.30
C LYS A 76 -2.12 -4.53 -11.67
N ALA A 77 -1.44 -4.31 -12.79
CA ALA A 77 -0.41 -5.24 -13.24
C ALA A 77 0.72 -5.34 -12.22
N GLY A 78 0.97 -4.24 -11.51
CA GLY A 78 2.01 -4.23 -10.50
C GLY A 78 1.57 -4.93 -9.22
N ILE A 79 0.30 -4.75 -8.86
CA ILE A 79 -0.24 -5.36 -7.66
C ILE A 79 -0.16 -6.88 -7.74
N GLU A 80 -0.53 -7.43 -8.90
CA GLU A 80 -0.49 -8.87 -9.08
C GLU A 80 0.96 -9.37 -9.00
N VAL A 81 1.89 -8.57 -9.53
CA VAL A 81 3.30 -8.95 -9.51
C VAL A 81 3.81 -9.04 -8.06
N PHE A 82 3.53 -8.01 -7.28
CA PHE A 82 3.97 -7.97 -5.89
C PHE A 82 3.27 -9.03 -5.06
N ALA A 83 2.04 -9.36 -5.43
CA ALA A 83 1.27 -10.36 -4.69
C ALA A 83 1.62 -11.77 -5.16
N LEU A 84 2.06 -11.88 -6.41
CA LEU A 84 2.41 -13.18 -6.97
C LEU A 84 3.59 -13.82 -6.25
N VAL A 85 4.62 -13.03 -5.96
CA VAL A 85 5.80 -13.55 -5.29
C VAL A 85 5.42 -14.08 -3.91
N THR A 86 4.24 -13.67 -3.42
CA THR A 86 3.77 -14.10 -2.11
C THR A 86 4.17 -15.55 -1.84
N ALA A 87 4.21 -16.34 -2.91
CA ALA A 87 4.60 -17.74 -2.79
C ALA A 87 5.97 -17.87 -2.13
N ALA A 88 6.97 -17.24 -2.74
CA ALA A 88 8.33 -17.29 -2.21
C ALA A 88 8.36 -16.78 -0.77
N LEU A 89 7.50 -15.82 -0.46
CA LEU A 89 7.44 -15.27 0.87
C LEU A 89 6.88 -16.28 1.87
N ALA A 90 5.92 -17.10 1.42
CA ALA A 90 5.31 -18.10 2.28
C ALA A 90 6.31 -19.19 2.67
N THR A 91 6.90 -19.81 1.66
CA THR A 91 7.87 -20.88 1.90
C THR A 91 8.95 -20.43 2.88
N ASP A 92 8.91 -19.15 3.27
CA ASP A 92 9.90 -18.63 4.21
C ASP A 92 9.86 -19.39 5.53
N PHE A 93 8.66 -19.56 6.08
CA PHE A 93 8.49 -20.27 7.35
C PHE A 93 8.79 -21.77 7.19
N VAL A 94 8.58 -22.29 5.99
CA VAL A 94 8.81 -23.71 5.74
C VAL A 94 10.25 -24.09 6.02
N ARG A 95 11.19 -23.29 5.52
CA ARG A 95 12.61 -23.56 5.74
C ARG A 95 12.98 -23.38 7.21
N ARG A 96 12.17 -22.61 7.93
CA ARG A 96 12.43 -22.36 9.35
C ARG A 96 12.81 -23.65 10.07
N GLU A 97 12.41 -24.78 9.52
CA GLU A 97 12.74 -26.07 10.11
C GLU A 97 14.24 -26.29 10.06
N GLU A 98 14.85 -25.88 8.95
CA GLU A 98 16.29 -26.03 8.77
C GLU A 98 17.04 -25.14 9.76
N GLU A 99 16.50 -23.97 10.04
CA GLU A 99 17.12 -23.04 10.97
C GLU A 99 17.18 -23.63 12.37
N ARG A 100 16.13 -24.38 12.72
CA ARG A 100 16.06 -25.00 14.04
C ARG A 100 17.23 -25.95 14.25
N ARG A 101 17.50 -26.79 13.24
CA ARG A 101 18.59 -27.76 13.33
C ARG A 101 19.93 -27.04 13.23
N GLY A 102 19.92 -25.87 12.59
CA GLY A 102 21.14 -25.08 12.42
C GLY A 102 21.89 -25.49 11.17
N HIS A 103 21.25 -26.32 10.34
CA HIS A 103 21.88 -26.79 9.11
C HIS A 103 22.45 -25.61 8.32
N SER B 1 12.32 -16.03 22.46
CA SER B 1 11.40 -15.47 21.43
C SER B 1 11.53 -16.29 20.15
N ALA B 2 10.60 -16.08 19.22
CA ALA B 2 10.62 -16.80 17.96
C ALA B 2 11.81 -16.39 17.10
N ASP B 3 12.43 -17.36 16.45
CA ASP B 3 13.59 -17.09 15.60
C ASP B 3 13.21 -16.23 14.40
N HIS B 4 12.04 -16.52 13.82
CA HIS B 4 11.57 -15.77 12.67
C HIS B 4 11.33 -14.31 13.03
N GLU B 5 10.96 -14.06 14.28
CA GLU B 5 10.69 -12.71 14.74
C GLU B 5 11.98 -11.88 14.71
N ARG B 6 13.09 -12.49 15.09
CA ARG B 6 14.37 -11.78 15.11
C ARG B 6 14.77 -11.37 13.70
N GLU B 7 14.53 -12.24 12.73
CA GLU B 7 14.86 -11.95 11.34
C GLU B 7 14.05 -10.76 10.85
N ALA B 8 12.78 -10.73 11.23
CA ALA B 8 11.89 -9.65 10.82
C ALA B 8 12.37 -8.31 11.37
N GLN B 9 12.84 -8.32 12.62
CA GLN B 9 13.33 -7.10 13.25
C GLN B 9 14.59 -6.62 12.56
N LYS B 10 15.44 -7.56 12.16
CA LYS B 10 16.69 -7.23 11.49
C LYS B 10 16.41 -6.54 10.15
N ALA B 11 15.39 -7.01 9.45
CA ALA B 11 15.03 -6.44 8.16
C ALA B 11 14.61 -4.97 8.32
N GLU B 12 13.95 -4.66 9.42
CA GLU B 12 13.50 -3.30 9.67
C GLU B 12 14.70 -2.36 9.80
N GLU B 13 15.79 -2.88 10.38
CA GLU B 13 16.99 -2.07 10.55
C GLU B 13 17.57 -1.69 9.20
N GLU B 14 17.48 -2.61 8.24
CA GLU B 14 18.00 -2.37 6.90
C GLU B 14 17.26 -1.20 6.24
N LEU B 15 15.96 -1.12 6.49
CA LEU B 15 15.15 -0.05 5.91
C LEU B 15 15.63 1.30 6.42
N GLN B 16 15.96 1.37 7.70
CA GLN B 16 16.44 2.61 8.30
C GLN B 16 17.75 3.06 7.66
N LYS B 17 18.62 2.10 7.36
CA LYS B 17 19.91 2.40 6.75
C LYS B 17 19.72 3.02 5.37
N VAL B 18 18.73 2.54 4.63
CA VAL B 18 18.44 3.05 3.29
C VAL B 18 18.03 4.52 3.36
N LEU B 19 17.22 4.86 4.37
CA LEU B 19 16.76 6.23 4.51
C LEU B 19 17.95 7.16 4.68
N GLU B 20 18.93 6.72 5.46
CA GLU B 20 20.13 7.53 5.69
C GLU B 20 20.80 7.83 4.36
N GLU B 21 21.00 6.79 3.56
CA GLU B 21 21.62 6.97 2.26
C GLU B 21 20.68 7.71 1.32
N ALA B 22 19.39 7.42 1.44
CA ALA B 22 18.39 8.07 0.60
C ALA B 22 18.54 9.58 0.67
N SER B 23 18.74 10.09 1.88
CA SER B 23 18.91 11.52 2.08
C SER B 23 20.15 12.03 1.36
N LYS B 24 21.22 11.24 1.41
CA LYS B 24 22.46 11.63 0.75
C LYS B 24 22.28 11.68 -0.76
N LYS B 25 21.41 10.81 -1.29
CA LYS B 25 21.17 10.77 -2.73
C LYS B 25 20.13 11.81 -3.12
N ALA B 26 18.99 11.80 -2.42
CA ALA B 26 17.90 12.74 -2.73
C ALA B 26 18.40 14.18 -2.70
N VAL B 27 19.21 14.52 -1.71
CA VAL B 27 19.73 15.87 -1.59
C VAL B 27 20.58 16.21 -2.82
N GLU B 28 21.45 15.27 -3.19
CA GLU B 28 22.33 15.47 -4.34
C GLU B 28 21.56 15.33 -5.65
N ALA B 29 20.54 14.47 -5.64
CA ALA B 29 19.73 14.25 -6.84
C ALA B 29 19.10 15.55 -7.31
N GLU B 30 18.68 16.38 -6.36
CA GLU B 30 18.07 17.66 -6.71
C GLU B 30 19.10 18.61 -7.30
N ARG B 31 20.32 18.57 -6.76
CA ARG B 31 21.38 19.45 -7.24
C ARG B 31 21.57 19.30 -8.74
N GLY B 32 20.94 20.18 -9.50
CA GLY B 32 21.05 20.17 -10.97
C GLY B 32 19.70 19.95 -11.62
N ALA B 33 18.68 19.65 -10.81
CA ALA B 33 17.34 19.42 -11.34
C ALA B 33 16.49 20.71 -11.30
N PRO B 34 15.71 21.00 -12.32
CA PRO B 34 14.86 22.22 -12.35
C PRO B 34 13.62 22.10 -11.45
N GLY B 35 13.21 23.22 -10.89
CA GLY B 35 12.04 23.25 -10.01
C GLY B 35 12.29 22.47 -8.73
N ALA B 36 13.57 22.28 -8.40
CA ALA B 36 13.93 21.54 -7.19
C ALA B 36 13.43 22.29 -5.96
N ALA B 37 13.02 21.54 -4.93
CA ALA B 37 12.53 22.13 -3.69
C ALA B 37 13.00 21.31 -2.49
N LEU B 38 13.08 20.01 -2.66
CA LEU B 38 13.51 19.12 -1.59
C LEU B 38 14.95 19.45 -1.19
N ILE B 39 15.74 19.92 -2.16
CA ILE B 39 17.13 20.27 -1.91
C ILE B 39 17.31 20.85 -0.50
N SER B 40 18.12 20.18 0.32
CA SER B 40 18.34 20.64 1.68
C SER B 40 19.37 19.75 2.37
N TYR B 41 19.00 19.22 3.53
CA TYR B 41 19.90 18.35 4.29
C TYR B 41 19.24 17.96 5.61
N PRO B 42 19.00 18.90 6.49
CA PRO B 42 18.36 18.60 7.82
C PRO B 42 17.00 17.94 7.67
N ASP B 43 16.23 18.38 6.68
CA ASP B 43 14.89 17.83 6.44
C ASP B 43 14.91 16.83 5.27
N ALA B 44 16.08 16.60 4.70
CA ALA B 44 16.20 15.66 3.58
C ALA B 44 15.76 14.27 4.00
N ILE B 45 16.17 13.87 5.20
CA ILE B 45 15.81 12.56 5.73
C ILE B 45 14.33 12.51 6.06
N TRP B 46 13.77 13.64 6.47
CA TRP B 46 12.37 13.70 6.84
C TRP B 46 11.48 13.17 5.70
N TRP B 47 11.71 13.67 4.49
CA TRP B 47 10.94 13.22 3.34
C TRP B 47 11.22 11.74 3.08
N SER B 48 12.46 11.33 3.23
CA SER B 48 12.83 9.95 2.96
C SER B 48 12.04 8.99 3.85
N VAL B 49 11.78 9.40 5.09
CA VAL B 49 11.07 8.54 6.04
C VAL B 49 9.66 8.20 5.54
N GLU B 50 8.91 9.21 5.10
CA GLU B 50 7.56 8.96 4.61
C GLU B 50 7.59 8.19 3.30
N THR B 51 8.64 8.40 2.51
CA THR B 51 8.76 7.71 1.24
C THR B 51 8.83 6.20 1.42
N ALA B 52 9.65 5.75 2.38
CA ALA B 52 9.81 4.33 2.62
C ALA B 52 8.48 3.69 3.03
N THR B 53 7.59 4.48 3.63
CA THR B 53 6.29 3.97 4.06
C THR B 53 5.28 4.06 2.92
N THR B 54 5.73 4.49 1.76
CA THR B 54 4.85 4.61 0.60
C THR B 54 3.59 5.40 0.97
N VAL B 55 3.73 6.72 1.11
CA VAL B 55 2.61 7.59 1.46
C VAL B 55 2.71 8.91 0.71
N GLY B 56 3.81 9.62 0.89
CA GLY B 56 4.01 10.90 0.22
C GLY B 56 2.77 11.78 0.36
N TYR B 57 2.67 12.46 1.50
CA TYR B 57 1.53 13.34 1.75
C TYR B 57 1.48 14.47 0.74
N GLY B 58 2.64 15.04 0.42
CA GLY B 58 2.72 16.15 -0.55
C GLY B 58 3.67 17.23 -0.05
N ASP B 59 4.41 16.93 1.01
CA ASP B 59 5.35 17.90 1.56
C ASP B 59 6.41 18.27 0.52
N ARG B 60 7.01 17.25 -0.09
CA ARG B 60 8.02 17.47 -1.12
C ARG B 60 7.92 16.40 -2.20
N TYR B 61 8.20 16.79 -3.44
CA TYR B 61 8.13 15.86 -4.57
C TYR B 61 9.39 16.00 -5.45
N PRO B 62 10.11 14.93 -5.75
CA PRO B 62 11.34 15.02 -6.59
C PRO B 62 11.02 15.34 -8.04
N VAL B 63 12.00 15.90 -8.75
CA VAL B 63 11.81 16.25 -10.16
C VAL B 63 12.05 15.03 -11.04
N THR B 64 12.74 15.23 -12.18
CA THR B 64 13.04 14.14 -13.10
C THR B 64 14.54 13.87 -13.18
N GLU B 65 15.33 14.94 -13.16
CA GLU B 65 16.78 14.79 -13.24
C GLU B 65 17.31 14.10 -11.98
N GLU B 66 16.54 14.17 -10.90
CA GLU B 66 16.94 13.54 -9.64
C GLU B 66 16.73 12.03 -9.74
N GLY B 67 16.84 11.54 -10.97
CA GLY B 67 16.71 10.12 -11.23
C GLY B 67 15.60 9.50 -10.41
N ARG B 68 14.34 9.90 -10.65
CA ARG B 68 13.19 9.37 -9.88
C ARG B 68 13.50 8.02 -9.26
N LYS B 69 14.32 7.25 -9.96
CA LYS B 69 14.76 5.98 -9.44
C LYS B 69 15.20 6.16 -7.98
N VAL B 70 15.54 7.42 -7.61
CA VAL B 70 15.95 7.68 -6.24
C VAL B 70 14.79 7.36 -5.30
N ALA B 71 13.60 7.83 -5.66
CA ALA B 71 12.41 7.59 -4.86
C ALA B 71 11.92 6.16 -5.06
N GLU B 72 12.00 5.68 -6.30
CA GLU B 72 11.55 4.33 -6.61
C GLU B 72 12.32 3.31 -5.80
N GLN B 73 13.63 3.53 -5.68
CA GLN B 73 14.48 2.61 -4.93
C GLN B 73 14.08 2.59 -3.46
N VAL B 74 13.85 3.76 -2.87
CA VAL B 74 13.48 3.85 -1.47
C VAL B 74 12.12 3.19 -1.21
N MET B 75 11.15 3.48 -2.06
CA MET B 75 9.81 2.91 -1.89
C MET B 75 9.85 1.39 -2.03
N LYS B 76 10.60 0.90 -3.00
CA LYS B 76 10.70 -0.54 -3.22
C LYS B 76 11.41 -1.21 -2.04
N ALA B 77 12.43 -0.53 -1.51
CA ALA B 77 13.18 -1.06 -0.38
C ALA B 77 12.27 -1.33 0.80
N GLY B 78 11.37 -0.40 1.08
CA GLY B 78 10.45 -0.54 2.20
C GLY B 78 9.48 -1.70 1.96
N ILE B 79 8.97 -1.80 0.74
CA ILE B 79 8.01 -2.85 0.40
C ILE B 79 8.64 -4.23 0.58
N GLU B 80 9.88 -4.39 0.12
CA GLU B 80 10.56 -5.68 0.23
C GLU B 80 10.77 -6.04 1.69
N VAL B 81 11.18 -5.06 2.49
CA VAL B 81 11.43 -5.27 3.91
C VAL B 81 10.14 -5.66 4.65
N PHE B 82 9.08 -4.91 4.39
CA PHE B 82 7.80 -5.17 5.05
C PHE B 82 7.14 -6.41 4.46
N ALA B 83 7.80 -7.04 3.50
CA ALA B 83 7.26 -8.25 2.87
C ALA B 83 7.98 -9.49 3.40
N LEU B 84 9.27 -9.35 3.69
CA LEU B 84 10.05 -10.46 4.22
C LEU B 84 9.51 -10.85 5.58
N VAL B 85 9.14 -9.86 6.39
CA VAL B 85 8.62 -10.13 7.72
C VAL B 85 7.53 -11.20 7.64
N THR B 86 7.06 -11.48 6.43
CA THR B 86 6.04 -12.49 6.22
C THR B 86 6.44 -13.76 6.96
N ALA B 87 7.71 -14.12 6.83
CA ALA B 87 8.23 -15.32 7.49
C ALA B 87 7.77 -15.38 8.95
N ALA B 88 7.31 -14.25 9.48
CA ALA B 88 6.85 -14.19 10.87
C ALA B 88 5.33 -14.14 10.93
N LEU B 89 4.69 -13.78 9.82
CA LEU B 89 3.23 -13.70 9.75
C LEU B 89 2.66 -14.99 9.18
N ALA B 90 3.25 -15.46 8.09
CA ALA B 90 2.80 -16.68 7.45
C ALA B 90 2.81 -17.83 8.45
N THR B 91 3.70 -17.73 9.41
CA THR B 91 3.84 -18.76 10.44
C THR B 91 2.76 -18.58 11.51
N ASP B 92 1.96 -17.52 11.39
CA ASP B 92 0.91 -17.25 12.37
C ASP B 92 -0.09 -18.41 12.44
N PHE B 93 -0.58 -18.83 11.27
CA PHE B 93 -1.55 -19.92 11.22
C PHE B 93 -0.89 -21.25 11.59
N VAL B 94 0.40 -21.35 11.34
CA VAL B 94 1.14 -22.59 11.62
C VAL B 94 1.10 -22.92 13.12
N ARG B 95 1.32 -21.91 13.95
CA ARG B 95 1.32 -22.12 15.40
C ARG B 95 -0.05 -22.54 15.90
N ARG B 96 -1.08 -22.26 15.11
CA ARG B 96 -2.44 -22.62 15.50
C ARG B 96 -2.49 -24.07 15.97
N GLU B 97 -1.76 -24.93 15.27
CA GLU B 97 -1.72 -26.35 15.63
C GLU B 97 -1.08 -26.56 17.01
N GLU B 98 0.00 -25.82 17.26
CA GLU B 98 0.69 -25.94 18.55
C GLU B 98 -0.17 -25.40 19.68
N GLU B 99 -0.92 -24.34 19.40
CA GLU B 99 -1.79 -23.72 20.40
C GLU B 99 -2.90 -24.69 20.81
N ARG B 100 -3.32 -25.55 19.89
CA ARG B 100 -4.37 -26.52 20.17
C ARG B 100 -3.97 -27.43 21.33
N ARG B 101 -2.73 -27.90 21.30
CA ARG B 101 -2.23 -28.78 22.36
C ARG B 101 -1.86 -27.96 23.60
N GLY B 102 -1.73 -26.64 23.42
CA GLY B 102 -1.38 -25.76 24.52
C GLY B 102 0.12 -25.75 24.76
N HIS B 103 0.88 -26.31 23.81
CA HIS B 103 2.33 -26.36 23.94
C HIS B 103 2.76 -26.69 25.36
N SER C 1 -15.60 -16.16 13.59
CA SER C 1 -15.19 -16.12 15.02
C SER C 1 -14.40 -17.38 15.36
N ALA C 2 -13.79 -17.99 14.35
CA ALA C 2 -13.00 -19.20 14.54
C ALA C 2 -11.67 -18.87 15.20
N ASP C 3 -11.69 -18.68 16.51
CA ASP C 3 -10.48 -18.35 17.26
C ASP C 3 -9.62 -17.35 16.50
N HIS C 4 -8.69 -17.86 15.69
CA HIS C 4 -7.80 -17.00 14.91
C HIS C 4 -8.57 -15.81 14.33
N GLU C 5 -9.83 -16.03 13.97
CA GLU C 5 -10.65 -14.97 13.40
C GLU C 5 -10.93 -13.88 14.44
N ARG C 6 -11.14 -14.30 15.68
CA ARG C 6 -11.42 -13.35 16.75
C ARG C 6 -10.21 -12.44 16.97
N GLU C 7 -9.02 -13.01 16.83
CA GLU C 7 -7.79 -12.25 17.01
C GLU C 7 -7.72 -11.12 15.99
N ALA C 8 -8.12 -11.41 14.75
CA ALA C 8 -8.08 -10.42 13.69
C ALA C 8 -9.06 -9.28 14.00
N GLN C 9 -10.24 -9.64 14.51
CA GLN C 9 -11.24 -8.64 14.85
C GLN C 9 -10.75 -7.75 15.98
N LYS C 10 -10.09 -8.35 16.96
CA LYS C 10 -9.56 -7.60 18.10
C LYS C 10 -8.50 -6.61 17.63
N ALA C 11 -7.72 -7.03 16.64
CA ALA C 11 -6.65 -6.17 16.10
C ALA C 11 -7.22 -4.89 15.52
N GLU C 12 -8.39 -4.97 14.91
CA GLU C 12 -9.01 -3.79 14.29
C GLU C 12 -9.29 -2.72 15.35
N GLU C 13 -9.79 -3.14 16.51
CA GLU C 13 -10.10 -2.20 17.58
C GLU C 13 -8.84 -1.47 18.03
N GLU C 14 -7.71 -2.18 18.02
CA GLU C 14 -6.45 -1.59 18.43
C GLU C 14 -6.05 -0.47 17.48
N LEU C 15 -6.42 -0.61 16.21
CA LEU C 15 -6.07 0.41 15.21
C LEU C 15 -6.74 1.72 15.55
N GLN C 16 -7.99 1.66 15.99
CA GLN C 16 -8.72 2.88 16.35
C GLN C 16 -8.17 3.51 17.62
N LYS C 17 -7.56 2.70 18.48
CA LYS C 17 -7.01 3.21 19.74
C LYS C 17 -5.66 3.89 19.57
N VAL C 18 -4.76 3.26 18.81
CA VAL C 18 -3.41 3.80 18.60
C VAL C 18 -3.44 5.18 17.94
N LEU C 19 -4.21 5.31 16.87
CA LEU C 19 -4.28 6.58 16.16
C LEU C 19 -5.11 7.59 16.94
N GLU C 20 -6.03 7.08 17.76
CA GLU C 20 -6.87 7.95 18.55
C GLU C 20 -6.00 8.80 19.48
N GLU C 21 -5.07 8.14 20.18
CA GLU C 21 -4.18 8.85 21.08
C GLU C 21 -3.28 9.79 20.30
N ALA C 22 -2.81 9.31 19.15
CA ALA C 22 -1.94 10.11 18.30
C ALA C 22 -2.70 11.33 17.76
N SER C 23 -3.99 11.16 17.52
CA SER C 23 -4.81 12.23 16.99
C SER C 23 -4.75 13.47 17.90
N LYS C 24 -4.92 13.25 19.19
CA LYS C 24 -4.86 14.36 20.14
C LYS C 24 -3.45 14.94 20.17
N LYS C 25 -2.46 14.06 20.12
CA LYS C 25 -1.07 14.50 20.15
C LYS C 25 -0.67 15.12 18.81
N ALA C 26 -1.38 14.73 17.74
CA ALA C 26 -1.08 15.27 16.41
C ALA C 26 -1.29 16.79 16.38
N VAL C 27 -2.39 17.26 16.96
CA VAL C 27 -2.66 18.69 16.98
C VAL C 27 -1.61 19.41 17.82
N GLU C 28 -1.33 18.85 18.99
CA GLU C 28 -0.34 19.45 19.89
C GLU C 28 1.06 19.28 19.32
N ALA C 29 1.28 18.17 18.65
CA ALA C 29 2.60 17.89 18.07
C ALA C 29 3.03 19.00 17.13
N GLU C 30 2.18 19.34 16.17
CA GLU C 30 2.49 20.39 15.22
C GLU C 30 2.44 21.76 15.88
N ARG C 31 1.51 21.94 16.81
CA ARG C 31 1.37 23.19 17.50
C ARG C 31 2.67 23.57 18.21
N GLY C 32 3.52 24.30 17.51
CA GLY C 32 4.81 24.73 18.07
C GLY C 32 5.97 24.38 17.16
N ALA C 33 5.71 23.49 16.20
CA ALA C 33 6.75 23.06 15.24
C ALA C 33 6.59 23.83 13.92
N PRO C 34 7.63 23.94 13.13
CA PRO C 34 7.57 24.67 11.84
C PRO C 34 6.84 23.88 10.76
N GLY C 35 6.16 24.58 9.86
CA GLY C 35 5.43 23.94 8.78
C GLY C 35 4.06 23.46 9.26
N ALA C 36 3.52 24.10 10.29
CA ALA C 36 2.23 23.73 10.83
C ALA C 36 1.15 23.78 9.74
N ALA C 37 0.22 22.84 9.80
CA ALA C 37 -0.85 22.78 8.81
C ALA C 37 -2.03 21.98 9.34
N LEU C 38 -1.84 21.36 10.51
CA LEU C 38 -2.89 20.56 11.14
C LEU C 38 -3.23 21.11 12.51
N ILE C 39 -4.53 21.22 12.79
CA ILE C 39 -4.98 21.75 14.07
C ILE C 39 -6.36 21.20 14.40
N SER C 40 -7.05 21.84 15.34
CA SER C 40 -8.39 21.41 15.72
C SER C 40 -8.37 19.97 16.25
N TYR C 41 -8.91 19.77 17.44
CA TYR C 41 -9.00 18.45 18.03
C TYR C 41 -10.04 17.58 17.30
N PRO C 42 -11.23 18.12 16.98
CA PRO C 42 -12.28 17.31 16.27
C PRO C 42 -11.81 16.76 14.92
N ASP C 43 -11.10 17.59 14.15
CA ASP C 43 -10.63 17.17 12.83
C ASP C 43 -9.31 16.40 12.94
N ALA C 44 -8.74 16.34 14.14
CA ALA C 44 -7.48 15.64 14.35
C ALA C 44 -7.64 14.16 14.00
N ILE C 45 -8.74 13.56 14.44
CA ILE C 45 -9.00 12.15 14.17
C ILE C 45 -9.19 11.93 12.67
N TRP C 46 -9.81 12.89 12.00
CA TRP C 46 -10.06 12.78 10.58
C TRP C 46 -8.76 12.54 9.82
N TRP C 47 -7.68 13.17 10.27
CA TRP C 47 -6.39 12.98 9.62
C TRP C 47 -5.71 11.72 10.18
N SER C 48 -6.02 11.41 11.44
CA SER C 48 -5.43 10.24 12.09
C SER C 48 -5.93 8.94 11.48
N VAL C 49 -7.22 8.88 11.15
CA VAL C 49 -7.82 7.68 10.58
C VAL C 49 -7.17 7.30 9.26
N GLU C 50 -6.96 8.28 8.40
CA GLU C 50 -6.35 8.01 7.10
C GLU C 50 -4.87 7.65 7.26
N THR C 51 -4.22 8.26 8.25
CA THR C 51 -2.81 7.99 8.49
C THR C 51 -2.56 6.53 8.86
N ALA C 52 -3.36 6.01 9.79
CA ALA C 52 -3.21 4.64 10.23
C ALA C 52 -3.47 3.66 9.07
N THR C 53 -4.23 4.12 8.08
CA THR C 53 -4.56 3.29 6.92
C THR C 53 -3.58 3.57 5.78
N THR C 54 -2.61 4.44 6.06
CA THR C 54 -1.60 4.80 5.06
C THR C 54 -2.27 5.28 3.78
N VAL C 55 -2.82 6.50 3.81
CA VAL C 55 -3.48 7.08 2.65
C VAL C 55 -3.09 8.56 2.50
N GLY C 56 -3.58 9.38 3.43
CA GLY C 56 -3.28 10.81 3.39
C GLY C 56 -4.11 11.50 2.32
N TYR C 57 -3.95 11.04 1.07
CA TYR C 57 -4.68 11.59 -0.05
C TYR C 57 -4.18 13.00 -0.40
N GLY C 58 -4.05 13.85 0.63
CA GLY C 58 -3.58 15.22 0.43
C GLY C 58 -4.27 16.17 1.39
N ASP C 59 -5.30 15.68 2.09
CA ASP C 59 -6.03 16.50 3.05
C ASP C 59 -5.07 17.35 3.88
N ARG C 60 -4.52 16.74 4.93
CA ARG C 60 -3.58 17.42 5.82
C ARG C 60 -2.28 16.63 5.90
N TYR C 61 -1.19 17.32 6.22
CA TYR C 61 0.12 16.67 6.32
C TYR C 61 0.83 17.04 7.62
N PRO C 62 1.44 16.10 8.32
CA PRO C 62 2.14 16.39 9.61
C PRO C 62 3.41 17.22 9.39
N VAL C 63 3.82 17.95 10.43
CA VAL C 63 5.02 18.76 10.35
C VAL C 63 6.26 17.87 10.25
N THR C 64 7.42 18.44 10.56
CA THR C 64 8.67 17.69 10.51
C THR C 64 9.25 17.48 11.91
N GLU C 65 9.66 18.56 12.56
CA GLU C 65 10.23 18.47 13.90
C GLU C 65 9.51 17.42 14.73
N GLU C 66 8.18 17.42 14.66
CA GLU C 66 7.35 16.45 15.37
C GLU C 66 6.51 15.69 14.36
N GLY C 67 5.25 16.12 14.22
CA GLY C 67 4.29 15.56 13.25
C GLY C 67 4.66 14.18 12.73
N ARG C 68 5.87 14.09 12.16
CA ARG C 68 6.39 12.86 11.59
C ARG C 68 6.62 11.84 12.69
N LYS C 69 7.59 12.13 13.56
CA LYS C 69 7.90 11.22 14.65
C LYS C 69 6.61 10.69 15.26
N VAL C 70 5.61 11.56 15.36
CA VAL C 70 4.32 11.13 15.91
C VAL C 70 3.52 10.32 14.88
N ALA C 71 3.41 10.86 13.66
CA ALA C 71 2.67 10.18 12.60
C ALA C 71 3.36 8.87 12.21
N GLU C 72 4.67 8.98 11.95
CA GLU C 72 5.46 7.82 11.57
C GLU C 72 5.14 6.63 12.46
N GLN C 73 5.04 6.87 13.76
CA GLN C 73 4.75 5.80 14.71
C GLN C 73 3.37 5.18 14.43
N VAL C 74 2.39 6.01 14.11
CA VAL C 74 1.03 5.51 13.84
C VAL C 74 1.01 4.65 12.58
N MET C 75 1.71 5.09 11.54
CA MET C 75 1.73 4.36 10.27
C MET C 75 2.27 2.95 10.48
N LYS C 76 3.33 2.82 11.26
CA LYS C 76 3.91 1.51 11.52
C LYS C 76 2.92 0.60 12.24
N ALA C 77 2.21 1.16 13.23
CA ALA C 77 1.23 0.40 13.98
C ALA C 77 0.09 -0.05 13.08
N GLY C 78 -0.30 0.81 12.15
CA GLY C 78 -1.38 0.50 11.24
C GLY C 78 -1.04 -0.67 10.32
N ILE C 79 0.18 -0.66 9.78
CA ILE C 79 0.62 -1.73 8.88
C ILE C 79 0.63 -3.08 9.60
N GLU C 80 1.14 -3.08 10.83
CA GLU C 80 1.22 -4.31 11.61
C GLU C 80 -0.16 -4.93 11.82
N VAL C 81 -1.16 -4.09 12.06
CA VAL C 81 -2.52 -4.60 12.30
C VAL C 81 -3.06 -5.32 11.08
N PHE C 82 -2.95 -4.69 9.92
CA PHE C 82 -3.46 -5.30 8.68
C PHE C 82 -2.66 -6.55 8.34
N ALA C 83 -1.34 -6.49 8.51
CA ALA C 83 -0.49 -7.64 8.20
C ALA C 83 -0.79 -8.80 9.14
N LEU C 84 -1.16 -8.47 10.37
CA LEU C 84 -1.46 -9.48 11.38
C LEU C 84 -2.63 -10.37 10.95
N VAL C 85 -3.67 -9.76 10.39
CA VAL C 85 -4.84 -10.52 9.97
C VAL C 85 -4.42 -11.56 8.93
N THR C 86 -3.26 -11.38 8.33
CA THR C 86 -2.76 -12.32 7.32
C THR C 86 -3.01 -13.75 7.78
N ALA C 87 -2.79 -14.01 9.07
CA ALA C 87 -2.99 -15.35 9.61
C ALA C 87 -4.33 -15.92 9.17
N ALA C 88 -5.41 -15.28 9.59
CA ALA C 88 -6.76 -15.74 9.24
C ALA C 88 -6.85 -15.96 7.73
N LEU C 89 -6.16 -15.14 6.97
CA LEU C 89 -6.17 -15.24 5.51
C LEU C 89 -5.27 -16.40 5.06
N ALA C 90 -4.19 -16.63 5.79
CA ALA C 90 -3.25 -17.69 5.45
C ALA C 90 -3.91 -19.06 5.55
N THR C 91 -4.79 -19.21 6.52
CA THR C 91 -5.48 -20.48 6.73
C THR C 91 -6.55 -20.67 5.66
N ASP C 92 -6.74 -19.67 4.81
CA ASP C 92 -7.75 -19.75 3.77
C ASP C 92 -7.53 -20.98 2.89
N PHE C 93 -6.32 -21.15 2.39
CA PHE C 93 -5.99 -22.29 1.54
C PHE C 93 -6.01 -23.58 2.33
N VAL C 94 -5.68 -23.49 3.61
CA VAL C 94 -5.63 -24.65 4.49
C VAL C 94 -6.99 -25.35 4.57
N ARG C 95 -8.06 -24.56 4.68
CA ARG C 95 -9.40 -25.12 4.79
C ARG C 95 -9.73 -26.02 3.60
N ARG C 96 -9.03 -25.80 2.47
CA ARG C 96 -9.28 -26.59 1.26
C ARG C 96 -9.42 -28.08 1.61
N GLU C 97 -8.66 -28.51 2.63
CA GLU C 97 -8.71 -29.90 3.06
C GLU C 97 -10.08 -30.26 3.63
N GLU C 98 -10.67 -29.32 4.36
CA GLU C 98 -11.99 -29.54 4.95
C GLU C 98 -13.04 -29.68 3.86
N GLU C 99 -12.92 -28.85 2.83
CA GLU C 99 -13.87 -28.89 1.72
C GLU C 99 -13.72 -30.19 0.93
N ARG C 100 -12.48 -30.62 0.75
CA ARG C 100 -12.21 -31.85 0.01
C ARG C 100 -12.78 -33.06 0.76
N ARG C 101 -12.58 -33.09 2.08
CA ARG C 101 -13.08 -34.20 2.88
C ARG C 101 -13.72 -33.69 4.16
N GLY C 102 -15.06 -33.64 4.17
CA GLY C 102 -15.80 -33.17 5.35
C GLY C 102 -16.34 -31.76 5.12
N HIS C 103 -16.73 -31.47 3.88
CA HIS C 103 -17.27 -30.15 3.55
C HIS C 103 -18.50 -29.86 4.40
N SER D 1 -10.00 -22.62 -12.01
CA SER D 1 -11.11 -22.92 -11.07
C SER D 1 -10.63 -23.93 -10.03
N ALA D 2 -9.49 -23.64 -9.40
CA ALA D 2 -8.94 -24.54 -8.40
C ALA D 2 -9.70 -24.41 -7.09
N ASP D 3 -10.98 -24.08 -7.19
CA ASP D 3 -11.84 -23.92 -6.01
C ASP D 3 -11.63 -22.56 -5.35
N HIS D 4 -10.39 -22.28 -4.95
CA HIS D 4 -10.08 -21.01 -4.31
C HIS D 4 -9.95 -19.90 -5.34
N GLU D 5 -9.71 -20.27 -6.59
CA GLU D 5 -9.57 -19.29 -7.66
C GLU D 5 -10.90 -18.60 -7.92
N ARG D 6 -11.99 -19.35 -7.83
CA ARG D 6 -13.32 -18.80 -8.07
C ARG D 6 -13.65 -17.75 -7.01
N GLU D 7 -13.24 -18.02 -5.77
CA GLU D 7 -13.51 -17.09 -4.68
C GLU D 7 -12.76 -15.78 -4.92
N ALA D 8 -11.52 -15.90 -5.39
CA ALA D 8 -10.70 -14.72 -5.67
C ALA D 8 -11.32 -13.88 -6.78
N GLN D 9 -11.80 -14.54 -7.82
CA GLN D 9 -12.42 -13.83 -8.94
C GLN D 9 -13.72 -13.17 -8.51
N LYS D 10 -14.48 -13.87 -7.66
CA LYS D 10 -15.75 -13.36 -7.18
C LYS D 10 -15.54 -12.08 -6.36
N ALA D 11 -14.46 -12.06 -5.58
CA ALA D 11 -14.16 -10.91 -4.75
C ALA D 11 -13.94 -9.66 -5.59
N GLU D 12 -13.34 -9.84 -6.77
CA GLU D 12 -13.06 -8.72 -7.66
C GLU D 12 -14.37 -8.06 -8.11
N GLU D 13 -15.39 -8.89 -8.35
CA GLU D 13 -16.68 -8.37 -8.78
C GLU D 13 -17.33 -7.54 -7.69
N GLU D 14 -17.09 -7.93 -6.44
CA GLU D 14 -17.66 -7.21 -5.30
C GLU D 14 -17.09 -5.80 -5.21
N LEU D 15 -15.81 -5.66 -5.54
CA LEU D 15 -15.17 -4.35 -5.49
C LEU D 15 -15.85 -3.39 -6.46
N GLN D 16 -16.17 -3.88 -7.65
CA GLN D 16 -16.81 -3.05 -8.66
C GLN D 16 -18.17 -2.55 -8.17
N LYS D 17 -18.92 -3.42 -7.50
CA LYS D 17 -20.24 -3.04 -6.99
C LYS D 17 -20.13 -1.93 -5.95
N VAL D 18 -19.09 -1.99 -5.14
CA VAL D 18 -18.87 -0.98 -4.10
C VAL D 18 -18.65 0.40 -4.72
N LEU D 19 -17.92 0.44 -5.83
CA LEU D 19 -17.66 1.71 -6.50
C LEU D 19 -18.97 2.37 -6.89
N GLU D 20 -19.91 1.56 -7.39
CA GLU D 20 -21.21 2.08 -7.78
C GLU D 20 -21.91 2.71 -6.58
N GLU D 21 -21.98 1.96 -5.48
CA GLU D 21 -22.61 2.47 -4.27
C GLU D 21 -21.80 3.63 -3.71
N ALA D 22 -20.49 3.57 -3.90
CA ALA D 22 -19.60 4.63 -3.41
C ALA D 22 -19.94 5.97 -4.05
N SER D 23 -20.23 5.94 -5.36
CA SER D 23 -20.57 7.17 -6.07
C SER D 23 -21.77 7.85 -5.44
N LYS D 24 -22.77 7.05 -5.06
CA LYS D 24 -23.96 7.62 -4.44
C LYS D 24 -23.61 8.28 -3.11
N LYS D 25 -22.62 7.71 -2.42
CA LYS D 25 -22.19 8.26 -1.13
C LYS D 25 -21.27 9.47 -1.35
N ALA D 26 -20.40 9.37 -2.35
CA ALA D 26 -19.47 10.46 -2.65
C ALA D 26 -20.22 11.71 -3.10
N VAL D 27 -21.17 11.54 -4.03
CA VAL D 27 -21.94 12.67 -4.53
C VAL D 27 -22.74 13.29 -3.39
N GLU D 28 -23.41 12.45 -2.61
CA GLU D 28 -24.20 12.93 -1.48
C GLU D 28 -23.27 13.48 -0.40
N ALA D 29 -22.18 12.77 -0.15
CA ALA D 29 -21.21 13.20 0.85
C ALA D 29 -20.21 14.16 0.21
N GLU D 30 -20.65 15.37 -0.10
CA GLU D 30 -19.78 16.38 -0.70
C GLU D 30 -20.32 17.79 -0.45
N ARG D 31 -21.55 18.03 -0.90
CA ARG D 31 -22.16 19.33 -0.72
C ARG D 31 -22.71 19.47 0.69
N GLY D 32 -22.26 20.52 1.37
CA GLY D 32 -22.70 20.81 2.73
C GLY D 32 -21.52 20.98 3.69
N ALA D 33 -20.34 20.57 3.26
CA ALA D 33 -19.14 20.68 4.09
C ALA D 33 -18.25 21.83 3.63
N PRO D 34 -17.48 22.43 4.49
CA PRO D 34 -16.59 23.56 4.12
C PRO D 34 -15.36 23.09 3.35
N GLY D 35 -15.23 23.54 2.10
CA GLY D 35 -14.09 23.16 1.27
C GLY D 35 -14.41 21.96 0.38
N ALA D 36 -15.69 21.84 0.00
CA ALA D 36 -16.12 20.74 -0.85
C ALA D 36 -15.58 20.92 -2.27
N ALA D 37 -15.16 19.80 -2.88
CA ALA D 37 -14.62 19.84 -4.25
C ALA D 37 -15.53 19.05 -5.19
N LEU D 38 -15.54 17.73 -5.04
CA LEU D 38 -16.39 16.89 -5.89
C LEU D 38 -17.85 17.24 -5.69
N ILE D 39 -18.56 17.47 -6.80
CA ILE D 39 -19.97 17.83 -6.74
C ILE D 39 -20.70 17.35 -7.99
N SER D 40 -20.21 16.25 -8.56
CA SER D 40 -20.81 15.68 -9.76
C SER D 40 -20.96 14.16 -9.62
N TYR D 41 -22.11 13.66 -10.05
CA TYR D 41 -22.40 12.24 -10.00
C TYR D 41 -21.64 11.48 -11.10
N PRO D 42 -21.68 11.93 -12.35
CA PRO D 42 -20.95 11.22 -13.45
C PRO D 42 -19.46 11.14 -13.18
N ASP D 43 -18.91 12.12 -12.47
CA ASP D 43 -17.48 12.15 -12.16
C ASP D 43 -17.20 11.50 -10.80
N ALA D 44 -18.24 11.36 -9.98
CA ALA D 44 -18.07 10.77 -8.65
C ALA D 44 -17.60 9.32 -8.75
N ILE D 45 -18.12 8.61 -9.73
CA ILE D 45 -17.74 7.21 -9.92
C ILE D 45 -16.27 7.13 -10.30
N TRP D 46 -15.83 8.05 -11.16
CA TRP D 46 -14.46 8.06 -11.62
C TRP D 46 -13.50 8.23 -10.44
N TRP D 47 -13.80 9.19 -9.57
CA TRP D 47 -12.98 9.41 -8.38
C TRP D 47 -12.99 8.15 -7.51
N SER D 48 -14.11 7.45 -7.51
CA SER D 48 -14.25 6.23 -6.72
C SER D 48 -13.32 5.13 -7.24
N VAL D 49 -13.08 5.11 -8.55
CA VAL D 49 -12.22 4.09 -9.15
C VAL D 49 -10.82 4.16 -8.56
N GLU D 50 -10.26 5.36 -8.51
CA GLU D 50 -8.93 5.52 -7.94
C GLU D 50 -8.95 5.28 -6.44
N THR D 51 -10.08 5.60 -5.81
CA THR D 51 -10.20 5.41 -4.38
C THR D 51 -10.03 3.94 -4.01
N ALA D 52 -10.71 3.07 -4.75
CA ALA D 52 -10.62 1.64 -4.48
C ALA D 52 -9.16 1.18 -4.60
N THR D 53 -8.44 1.78 -5.54
CA THR D 53 -7.04 1.42 -5.76
C THR D 53 -6.17 2.02 -4.66
N THR D 54 -6.80 2.72 -3.72
CA THR D 54 -6.08 3.33 -2.60
C THR D 54 -4.94 4.21 -3.12
N VAL D 55 -4.89 4.43 -4.43
CA VAL D 55 -3.84 5.25 -5.01
C VAL D 55 -3.95 6.70 -4.52
N GLY D 56 -5.17 7.20 -4.43
CA GLY D 56 -5.40 8.56 -3.97
C GLY D 56 -4.41 9.52 -4.63
N TYR D 57 -4.37 9.53 -5.95
CA TYR D 57 -3.45 10.41 -6.67
C TYR D 57 -3.76 11.87 -6.36
N GLY D 58 -5.03 12.23 -6.43
CA GLY D 58 -5.43 13.60 -6.15
C GLY D 58 -6.81 13.87 -6.74
N ASP D 59 -6.82 14.57 -7.86
CA ASP D 59 -8.07 14.91 -8.55
C ASP D 59 -9.04 15.59 -7.60
N ARG D 60 -9.67 14.81 -6.71
CA ARG D 60 -10.63 15.35 -5.75
C ARG D 60 -10.45 14.65 -4.41
N TYR D 61 -11.26 15.04 -3.42
CA TYR D 61 -11.19 14.43 -2.10
C TYR D 61 -12.32 14.96 -1.21
N PRO D 62 -12.88 14.13 -0.34
CA PRO D 62 -13.98 14.56 0.57
C PRO D 62 -13.48 15.50 1.67
N VAL D 63 -14.42 16.19 2.32
CA VAL D 63 -14.08 17.13 3.39
C VAL D 63 -14.16 16.43 4.75
N THR D 64 -14.88 17.05 5.70
CA THR D 64 -15.04 16.48 7.04
C THR D 64 -16.49 16.08 7.29
N GLU D 65 -17.40 17.04 7.12
CA GLU D 65 -18.81 16.76 7.33
C GLU D 65 -19.29 15.68 6.36
N GLU D 66 -18.51 15.46 5.29
CA GLU D 66 -18.85 14.44 4.30
C GLU D 66 -18.45 13.07 4.86
N GLY D 67 -18.61 12.97 6.16
CA GLY D 67 -18.29 11.75 6.88
C GLY D 67 -17.05 11.14 6.28
N ARG D 68 -15.93 11.90 6.27
CA ARG D 68 -14.66 11.45 5.66
C ARG D 68 -14.55 9.93 5.67
N LYS D 69 -15.19 9.33 6.65
CA LYS D 69 -15.22 7.89 6.72
C LYS D 69 -15.80 7.34 5.41
N VAL D 70 -16.39 8.22 4.57
CA VAL D 70 -16.95 7.73 3.32
C VAL D 70 -15.85 7.14 2.45
N ALA D 71 -14.74 7.87 2.35
CA ALA D 71 -13.60 7.39 1.57
C ALA D 71 -12.97 6.19 2.25
N GLU D 72 -12.93 6.21 3.58
CA GLU D 72 -12.34 5.12 4.33
C GLU D 72 -13.00 3.78 4.00
N GLN D 73 -14.33 3.79 3.89
CA GLN D 73 -15.06 2.56 3.59
C GLN D 73 -14.71 2.02 2.20
N VAL D 74 -14.63 2.90 1.20
CA VAL D 74 -14.32 2.48 -0.16
C VAL D 74 -12.92 1.87 -0.25
N MET D 75 -11.93 2.55 0.33
CA MET D 75 -10.56 2.08 0.30
C MET D 75 -10.42 0.75 1.05
N LYS D 76 -11.09 0.65 2.19
CA LYS D 76 -11.04 -0.57 2.99
C LYS D 76 -11.58 -1.75 2.20
N ALA D 77 -12.66 -1.54 1.46
CA ALA D 77 -13.26 -2.60 0.68
C ALA D 77 -12.26 -3.13 -0.36
N GLY D 78 -11.52 -2.21 -0.97
CA GLY D 78 -10.54 -2.58 -1.99
C GLY D 78 -9.39 -3.37 -1.38
N ILE D 79 -8.94 -2.95 -0.20
CA ILE D 79 -7.83 -3.62 0.47
C ILE D 79 -8.18 -5.07 0.82
N GLU D 80 -9.38 -5.27 1.33
CA GLU D 80 -9.82 -6.62 1.71
C GLU D 80 -9.94 -7.52 0.48
N VAL D 81 -10.51 -6.98 -0.59
CA VAL D 81 -10.70 -7.75 -1.82
C VAL D 81 -9.35 -8.17 -2.40
N PHE D 82 -8.41 -7.23 -2.49
CA PHE D 82 -7.11 -7.53 -3.04
C PHE D 82 -6.26 -8.32 -2.05
N ALA D 83 -6.76 -8.46 -0.82
CA ALA D 83 -6.04 -9.20 0.21
C ALA D 83 -6.64 -10.59 0.37
N LEU D 84 -7.93 -10.71 0.11
CA LEU D 84 -8.61 -11.99 0.23
C LEU D 84 -8.05 -12.97 -0.81
N VAL D 85 -7.75 -12.45 -2.00
CA VAL D 85 -7.20 -13.29 -3.06
C VAL D 85 -6.06 -14.15 -2.53
N THR D 86 -5.62 -13.87 -1.31
CA THR D 86 -4.54 -14.62 -0.69
C THR D 86 -4.81 -16.12 -0.82
N ALA D 87 -6.06 -16.50 -0.59
CA ALA D 87 -6.45 -17.91 -0.68
C ALA D 87 -5.97 -18.51 -1.99
N ALA D 88 -5.66 -17.65 -2.97
CA ALA D 88 -5.20 -18.11 -4.28
C ALA D 88 -3.69 -17.88 -4.42
N LEU D 89 -3.12 -17.11 -3.48
CA LEU D 89 -1.69 -16.82 -3.50
C LEU D 89 -0.95 -17.79 -2.57
N ALA D 90 -1.49 -17.98 -1.38
CA ALA D 90 -0.86 -18.88 -0.40
C ALA D 90 -0.74 -20.28 -0.98
N THR D 91 -1.46 -20.54 -2.05
CA THR D 91 -1.43 -21.85 -2.71
C THR D 91 -0.45 -21.82 -3.87
N ASP D 92 0.19 -20.68 -4.08
CA ASP D 92 1.15 -20.55 -5.19
C ASP D 92 2.44 -21.33 -4.90
N PHE D 93 2.77 -21.49 -3.62
CA PHE D 93 4.01 -22.19 -3.25
C PHE D 93 3.85 -23.71 -3.32
N VAL D 94 2.72 -24.20 -2.81
CA VAL D 94 2.46 -25.64 -2.78
C VAL D 94 2.89 -26.33 -4.07
N ARG D 95 2.77 -25.62 -5.17
CA ARG D 95 3.16 -26.16 -6.48
C ARG D 95 4.57 -26.74 -6.41
N ARG D 96 5.35 -26.28 -5.45
CA ARG D 96 6.72 -26.77 -5.29
C ARG D 96 6.72 -28.30 -5.17
N GLU D 97 5.58 -28.86 -4.78
CA GLU D 97 5.45 -30.30 -4.64
C GLU D 97 5.39 -30.99 -6.01
N GLU D 98 4.41 -30.61 -6.83
CA GLU D 98 4.28 -31.21 -8.15
C GLU D 98 5.44 -30.79 -9.05
N GLU D 99 5.86 -29.53 -8.89
CA GLU D 99 6.96 -29.00 -9.68
C GLU D 99 8.25 -29.76 -9.39
N ARG D 100 8.29 -30.43 -8.25
CA ARG D 100 9.46 -31.20 -7.86
C ARG D 100 9.77 -32.27 -8.90
N ARG D 101 8.73 -32.98 -9.33
CA ARG D 101 8.88 -34.04 -10.32
C ARG D 101 8.63 -33.50 -11.73
N GLY D 102 8.19 -32.25 -11.80
CA GLY D 102 7.92 -31.62 -13.10
C GLY D 102 6.54 -32.04 -13.63
N HIS D 103 5.80 -32.80 -12.82
CA HIS D 103 4.47 -33.27 -13.22
C HIS D 103 3.39 -32.45 -12.51
N SER A 1 17.63 -20.95 -7.82
CA SER A 1 17.26 -22.36 -7.50
C SER A 1 15.78 -22.42 -7.13
N ALA A 2 15.42 -23.41 -6.32
CA ALA A 2 14.04 -23.57 -5.89
C ALA A 2 13.09 -23.43 -7.08
N ASP A 3 11.78 -23.39 -6.80
CA ASP A 3 10.78 -23.25 -7.85
C ASP A 3 9.78 -22.17 -7.48
N HIS A 4 10.28 -21.02 -7.02
CA HIS A 4 9.41 -19.91 -6.64
C HIS A 4 10.16 -18.58 -6.74
N GLU A 5 11.41 -18.57 -6.29
CA GLU A 5 12.22 -17.35 -6.34
C GLU A 5 12.48 -16.94 -7.79
N ARG A 6 12.73 -17.93 -8.63
CA ARG A 6 12.99 -17.66 -10.04
C ARG A 6 11.77 -17.06 -10.71
N GLU A 7 10.59 -17.55 -10.32
CA GLU A 7 9.35 -17.06 -10.88
C GLU A 7 9.14 -15.60 -10.49
N ALA A 8 9.49 -15.26 -9.25
CA ALA A 8 9.34 -13.90 -8.77
C ALA A 8 10.24 -12.95 -9.58
N GLN A 9 11.42 -13.43 -9.92
CA GLN A 9 12.36 -12.62 -10.71
C GLN A 9 11.77 -12.33 -12.09
N LYS A 10 11.16 -13.34 -12.69
CA LYS A 10 10.56 -13.18 -14.02
C LYS A 10 9.42 -12.16 -13.96
N ALA A 11 8.68 -12.18 -12.86
CA ALA A 11 7.55 -11.27 -12.69
C ALA A 11 8.01 -9.81 -12.71
N GLU A 12 9.20 -9.57 -12.15
CA GLU A 12 9.73 -8.20 -12.12
C GLU A 12 9.91 -7.65 -13.53
N GLU A 13 10.38 -8.51 -14.44
CA GLU A 13 10.58 -8.10 -15.82
C GLU A 13 9.25 -7.74 -16.47
N GLU A 14 8.20 -8.46 -16.08
CA GLU A 14 6.87 -8.21 -16.63
C GLU A 14 6.37 -6.82 -16.21
N LEU A 15 6.74 -6.41 -15.00
CA LEU A 15 6.31 -5.11 -14.49
C LEU A 15 6.87 -3.99 -15.37
N GLN A 16 8.11 -4.15 -15.80
CA GLN A 16 8.75 -3.14 -16.64
C GLN A 16 8.12 -3.10 -18.03
N LYS A 17 7.70 -4.25 -18.53
CA LYS A 17 7.09 -4.33 -19.86
C LYS A 17 5.78 -3.55 -19.94
N VAL A 18 4.92 -3.73 -18.94
CA VAL A 18 3.63 -3.05 -18.92
C VAL A 18 3.83 -1.54 -18.83
N LEU A 19 4.85 -1.12 -18.08
CA LEU A 19 5.13 0.31 -17.93
C LEU A 19 5.45 0.91 -19.29
N GLU A 20 6.22 0.19 -20.09
CA GLU A 20 6.57 0.68 -21.42
C GLU A 20 5.31 0.79 -22.27
N GLU A 21 4.45 -0.21 -22.18
CA GLU A 21 3.21 -0.19 -22.94
C GLU A 21 2.28 0.89 -22.40
N ALA A 22 2.25 1.04 -21.08
CA ALA A 22 1.40 2.04 -20.45
C ALA A 22 1.90 3.44 -20.76
N SER A 23 3.22 3.62 -20.76
CA SER A 23 3.79 4.92 -21.04
C SER A 23 3.21 5.48 -22.33
N LYS A 24 3.08 4.62 -23.34
CA LYS A 24 2.52 5.05 -24.61
C LYS A 24 1.09 5.52 -24.42
N LYS A 25 0.29 4.72 -23.71
CA LYS A 25 -1.11 5.06 -23.48
C LYS A 25 -1.23 6.39 -22.75
N ALA A 26 -0.37 6.61 -21.74
CA ALA A 26 -0.41 7.86 -20.99
C ALA A 26 -0.16 9.05 -21.90
N VAL A 27 0.78 8.93 -22.83
CA VAL A 27 1.07 10.02 -23.75
C VAL A 27 -0.14 10.32 -24.63
N GLU A 28 -0.72 9.25 -25.19
CA GLU A 28 -1.89 9.41 -26.04
C GLU A 28 -3.08 9.89 -25.22
N ALA A 29 -3.24 9.33 -24.02
CA ALA A 29 -4.33 9.72 -23.13
C ALA A 29 -4.05 11.10 -22.54
N GLU A 30 -3.96 12.10 -23.40
CA GLU A 30 -3.70 13.47 -22.95
C GLU A 30 -3.80 14.45 -24.11
N ARG A 31 -3.21 14.08 -25.24
CA ARG A 31 -3.23 14.94 -26.41
C ARG A 31 -4.66 15.18 -26.88
N GLY A 32 -5.33 16.15 -26.26
CA GLY A 32 -6.72 16.48 -26.64
C GLY A 32 -7.63 16.49 -25.43
N ALA A 33 -7.06 16.28 -24.24
CA ALA A 33 -7.85 16.27 -23.01
C ALA A 33 -7.73 17.63 -22.30
N PRO A 34 -8.83 18.22 -21.85
CA PRO A 34 -8.78 19.55 -21.16
C PRO A 34 -8.26 19.44 -19.72
N GLY A 35 -7.31 20.31 -19.37
CA GLY A 35 -6.75 20.32 -18.03
C GLY A 35 -6.13 18.98 -17.68
N ALA A 36 -5.52 18.34 -18.67
CA ALA A 36 -4.88 17.03 -18.45
C ALA A 36 -3.36 17.16 -18.44
N ALA A 37 -2.75 16.60 -17.40
CA ALA A 37 -1.29 16.65 -17.27
C ALA A 37 -0.67 15.38 -17.85
N LEU A 38 0.60 15.16 -17.54
CA LEU A 38 1.30 13.98 -18.04
C LEU A 38 1.30 13.97 -19.57
N ILE A 39 2.29 14.62 -20.15
CA ILE A 39 2.41 14.69 -21.62
C ILE A 39 3.86 14.44 -22.04
N SER A 40 4.05 14.07 -23.30
CA SER A 40 5.39 13.80 -23.81
C SER A 40 5.88 12.41 -23.38
N TYR A 41 6.49 11.70 -24.32
CA TYR A 41 7.01 10.36 -24.05
C TYR A 41 8.14 10.37 -23.01
N PRO A 42 9.13 11.25 -23.13
CA PRO A 42 10.27 11.28 -22.14
C PRO A 42 9.80 11.56 -20.71
N ASP A 43 8.72 12.33 -20.56
CA ASP A 43 8.20 12.65 -19.23
C ASP A 43 7.10 11.66 -18.84
N ALA A 44 6.37 11.16 -19.82
CA ALA A 44 5.29 10.22 -19.54
C ALA A 44 5.85 8.89 -19.03
N ILE A 45 6.97 8.47 -19.61
CA ILE A 45 7.60 7.23 -19.20
C ILE A 45 8.06 7.32 -17.75
N TRP A 46 8.59 8.48 -17.39
CA TRP A 46 9.07 8.68 -16.03
C TRP A 46 7.93 8.47 -15.04
N TRP A 47 6.77 9.05 -15.34
CA TRP A 47 5.61 8.89 -14.48
C TRP A 47 5.24 7.40 -14.40
N SER A 48 5.36 6.71 -15.54
CA SER A 48 5.03 5.29 -15.59
C SER A 48 6.03 4.47 -14.77
N VAL A 49 6.04 4.68 -13.46
CA VAL A 49 6.96 3.96 -12.58
C VAL A 49 6.39 3.88 -11.17
N GLU A 50 6.11 5.05 -10.59
CA GLU A 50 5.56 5.11 -9.25
C GLU A 50 4.15 4.53 -9.23
N THR A 51 3.43 4.68 -10.33
CA THR A 51 2.07 4.16 -10.43
C THR A 51 2.07 2.64 -10.25
N ALA A 52 3.03 1.98 -10.91
CA ALA A 52 3.14 0.52 -10.82
C ALA A 52 3.38 0.11 -9.37
N THR A 53 4.16 0.90 -8.64
CA THR A 53 4.43 0.60 -7.25
C THR A 53 3.27 1.04 -6.38
N THR A 54 2.13 1.28 -7.04
CA THR A 54 0.91 1.73 -6.36
C THR A 54 1.22 2.60 -5.14
N VAL A 55 1.74 3.81 -5.39
CA VAL A 55 2.09 4.72 -4.31
C VAL A 55 1.62 6.14 -4.63
N GLY A 56 1.73 6.54 -5.90
CA GLY A 56 1.32 7.87 -6.30
C GLY A 56 1.90 8.93 -5.37
N TYR A 57 3.19 9.18 -5.50
CA TYR A 57 3.87 10.15 -4.64
C TYR A 57 3.25 11.54 -4.82
N GLY A 58 3.05 11.94 -6.08
CA GLY A 58 2.46 13.24 -6.39
C GLY A 58 3.22 13.93 -7.53
N ASP A 59 3.86 13.13 -8.38
CA ASP A 59 4.61 13.68 -9.50
C ASP A 59 3.67 14.40 -10.45
N ARG A 60 2.51 13.80 -10.70
CA ARG A 60 1.52 14.39 -11.61
C ARG A 60 0.12 13.98 -11.20
N TYR A 61 -0.82 14.10 -12.13
CA TYR A 61 -2.20 13.73 -11.84
C TYR A 61 -3.04 13.73 -13.14
N PRO A 62 -3.31 12.58 -13.74
CA PRO A 62 -4.12 12.53 -15.00
C PRO A 62 -5.59 12.88 -14.76
N VAL A 63 -6.33 13.14 -15.85
CA VAL A 63 -7.75 13.48 -15.76
C VAL A 63 -8.61 12.26 -16.09
N THR A 64 -9.87 12.48 -16.45
CA THR A 64 -10.78 11.41 -16.79
C THR A 64 -10.76 11.12 -18.29
N GLU A 65 -10.77 12.18 -19.10
CA GLU A 65 -10.76 12.00 -20.56
C GLU A 65 -9.65 11.04 -20.95
N GLU A 66 -8.54 11.11 -20.22
CA GLU A 66 -7.40 10.22 -20.47
C GLU A 66 -7.74 8.80 -19.98
N GLY A 67 -9.04 8.54 -19.94
CA GLY A 67 -9.50 7.23 -19.56
C GLY A 67 -8.80 6.73 -18.31
N ARG A 68 -9.02 7.36 -17.13
CA ARG A 68 -8.36 6.98 -15.86
C ARG A 68 -7.91 5.51 -15.90
N LYS A 69 -8.67 4.70 -16.61
CA LYS A 69 -8.30 3.32 -16.78
C LYS A 69 -6.84 3.22 -17.20
N VAL A 70 -6.32 4.22 -17.93
CA VAL A 70 -4.92 4.16 -18.35
C VAL A 70 -4.00 4.17 -17.13
N ALA A 71 -4.24 5.12 -16.22
CA ALA A 71 -3.44 5.21 -15.01
C ALA A 71 -3.73 4.06 -14.08
N GLU A 72 -5.01 3.71 -13.96
CA GLU A 72 -5.42 2.62 -13.08
C GLU A 72 -4.87 1.29 -13.60
N GLN A 73 -4.80 1.15 -14.91
CA GLN A 73 -4.30 -0.08 -15.51
C GLN A 73 -2.90 -0.40 -14.98
N VAL A 74 -2.05 0.61 -14.87
CA VAL A 74 -0.69 0.39 -14.38
C VAL A 74 -0.71 -0.06 -12.91
N MET A 75 -1.55 0.58 -12.11
CA MET A 75 -1.62 0.25 -10.68
C MET A 75 -1.81 -1.24 -10.45
N LYS A 76 -2.86 -1.81 -11.03
CA LYS A 76 -3.14 -3.23 -10.88
C LYS A 76 -2.02 -4.05 -11.49
N ALA A 77 -1.48 -3.57 -12.61
CA ALA A 77 -0.40 -4.28 -13.31
C ALA A 77 0.73 -4.59 -12.34
N GLY A 78 0.80 -3.83 -11.24
CA GLY A 78 1.85 -4.04 -10.24
C GLY A 78 1.34 -4.88 -9.08
N ILE A 79 0.04 -4.80 -8.83
CA ILE A 79 -0.57 -5.54 -7.74
C ILE A 79 -0.43 -7.04 -7.98
N GLU A 80 -0.68 -7.48 -9.20
CA GLU A 80 -0.57 -8.90 -9.52
C GLU A 80 0.88 -9.36 -9.37
N VAL A 81 1.81 -8.49 -9.76
CA VAL A 81 3.23 -8.82 -9.67
C VAL A 81 3.68 -8.96 -8.21
N PHE A 82 3.77 -7.83 -7.52
CA PHE A 82 4.21 -7.83 -6.13
C PHE A 82 3.40 -8.82 -5.29
N ALA A 83 2.31 -9.32 -5.86
CA ALA A 83 1.46 -10.27 -5.15
C ALA A 83 1.93 -11.71 -5.39
N LEU A 84 2.26 -12.02 -6.64
CA LEU A 84 2.71 -13.37 -6.99
C LEU A 84 4.02 -13.71 -6.29
N VAL A 85 4.95 -12.77 -6.23
CA VAL A 85 6.23 -13.02 -5.58
C VAL A 85 6.01 -13.60 -4.18
N THR A 86 4.76 -13.60 -3.73
CA THR A 86 4.44 -14.13 -2.41
C THR A 86 4.80 -15.61 -2.34
N ALA A 87 4.79 -16.27 -3.50
CA ALA A 87 5.13 -17.68 -3.58
C ALA A 87 6.52 -17.93 -2.99
N ALA A 88 7.36 -16.90 -3.01
CA ALA A 88 8.72 -17.01 -2.49
C ALA A 88 8.81 -16.48 -1.06
N LEU A 89 7.74 -15.81 -0.61
CA LEU A 89 7.70 -15.27 0.74
C LEU A 89 7.12 -16.26 1.73
N ALA A 90 6.01 -16.90 1.35
CA ALA A 90 5.35 -17.87 2.23
C ALA A 90 6.32 -18.97 2.64
N THR A 91 7.30 -19.22 1.80
CA THR A 91 8.29 -20.28 2.06
C THR A 91 9.41 -19.74 2.96
N ASP A 92 9.36 -18.44 3.27
CA ASP A 92 10.39 -17.84 4.11
C ASP A 92 10.39 -18.47 5.51
N PHE A 93 9.20 -18.63 6.08
CA PHE A 93 9.08 -19.22 7.42
C PHE A 93 9.28 -20.73 7.39
N VAL A 94 8.95 -21.34 6.27
CA VAL A 94 9.06 -22.79 6.13
C VAL A 94 10.50 -23.27 6.34
N ARG A 95 11.45 -22.52 5.82
CA ARG A 95 12.86 -22.89 5.96
C ARG A 95 13.24 -23.03 7.44
N ARG A 96 12.49 -22.38 8.32
CA ARG A 96 12.78 -22.44 9.76
C ARG A 96 13.13 -23.87 10.17
N GLU A 97 12.42 -24.84 9.61
CA GLU A 97 12.68 -26.23 9.94
C GLU A 97 14.08 -26.62 9.51
N GLU A 98 14.45 -26.24 8.29
CA GLU A 98 15.77 -26.53 7.76
C GLU A 98 16.83 -25.75 8.53
N GLU A 99 16.55 -24.49 8.81
CA GLU A 99 17.49 -23.63 9.54
C GLU A 99 17.66 -24.11 10.97
N ARG A 100 16.55 -24.50 11.59
CA ARG A 100 16.59 -24.97 12.96
C ARG A 100 17.45 -26.23 13.07
N ARG A 101 17.26 -27.16 12.13
CA ARG A 101 18.02 -28.39 12.13
C ARG A 101 19.49 -28.10 11.87
N GLY A 102 19.76 -27.14 11.00
CA GLY A 102 21.14 -26.76 10.66
C GLY A 102 21.66 -27.60 9.50
N HIS A 103 20.74 -28.15 8.71
CA HIS A 103 21.11 -28.97 7.56
C HIS A 103 20.06 -28.88 6.46
N SER B 1 13.01 -12.36 18.87
CA SER B 1 13.71 -13.33 19.74
C SER B 1 13.67 -14.72 19.09
N ALA B 2 12.60 -14.97 18.33
CA ALA B 2 12.44 -16.26 17.66
C ALA B 2 13.25 -16.30 16.37
N ASP B 3 13.28 -17.47 15.74
CA ASP B 3 14.03 -17.63 14.49
C ASP B 3 13.50 -16.71 13.40
N HIS B 4 12.18 -16.61 13.31
CA HIS B 4 11.55 -15.75 12.30
C HIS B 4 11.60 -14.28 12.73
N GLU B 5 11.55 -14.06 14.04
CA GLU B 5 11.58 -12.69 14.57
C GLU B 5 12.93 -12.04 14.29
N ARG B 6 14.00 -12.80 14.48
CA ARG B 6 15.34 -12.27 14.25
C ARG B 6 15.53 -11.90 12.78
N GLU B 7 15.01 -12.73 11.89
CA GLU B 7 15.14 -12.47 10.46
C GLU B 7 14.37 -11.21 10.09
N ALA B 8 13.16 -11.08 10.63
CA ALA B 8 12.32 -9.92 10.36
C ALA B 8 12.95 -8.66 10.94
N GLN B 9 13.60 -8.80 12.11
CA GLN B 9 14.23 -7.66 12.76
C GLN B 9 15.30 -7.05 11.85
N LYS B 10 16.05 -7.92 11.17
CA LYS B 10 17.10 -7.47 10.27
C LYS B 10 16.49 -6.64 9.14
N ALA B 11 15.34 -7.07 8.63
CA ALA B 11 14.68 -6.37 7.54
C ALA B 11 14.39 -4.92 7.92
N GLU B 12 14.10 -4.69 9.20
CA GLU B 12 13.82 -3.33 9.68
C GLU B 12 15.11 -2.54 9.85
N GLU B 13 16.16 -3.22 10.33
CA GLU B 13 17.44 -2.55 10.55
C GLU B 13 18.04 -2.07 9.23
N GLU B 14 18.01 -2.95 8.23
CA GLU B 14 18.56 -2.59 6.92
C GLU B 14 17.74 -1.47 6.29
N LEU B 15 16.46 -1.41 6.65
CA LEU B 15 15.59 -0.36 6.10
C LEU B 15 16.10 1.01 6.49
N GLN B 16 16.58 1.15 7.72
CA GLN B 16 17.10 2.43 8.18
C GLN B 16 18.42 2.77 7.47
N LYS B 17 19.16 1.73 7.07
CA LYS B 17 20.43 1.94 6.40
C LYS B 17 20.25 2.68 5.06
N VAL B 18 19.28 2.24 4.27
CA VAL B 18 19.02 2.84 2.97
C VAL B 18 18.52 4.27 3.12
N LEU B 19 17.80 4.53 4.21
CA LEU B 19 17.28 5.86 4.45
C LEU B 19 18.42 6.87 4.56
N GLU B 20 19.49 6.45 5.24
CA GLU B 20 20.64 7.32 5.40
C GLU B 20 21.21 7.67 4.03
N GLU B 21 21.41 6.66 3.20
CA GLU B 21 21.93 6.86 1.85
C GLU B 21 20.91 7.59 1.00
N ALA B 22 19.64 7.30 1.23
CA ALA B 22 18.56 7.95 0.48
C ALA B 22 18.63 9.46 0.64
N SER B 23 18.81 9.89 1.88
CA SER B 23 18.88 11.33 2.17
C SER B 23 20.05 11.96 1.42
N LYS B 24 21.22 11.33 1.47
CA LYS B 24 22.37 11.88 0.78
C LYS B 24 22.12 11.96 -0.73
N LYS B 25 21.73 10.82 -1.30
CA LYS B 25 21.47 10.77 -2.74
C LYS B 25 20.38 11.76 -3.14
N ALA B 26 19.30 11.82 -2.36
CA ALA B 26 18.19 12.73 -2.66
C ALA B 26 18.68 14.18 -2.68
N VAL B 27 19.59 14.53 -1.77
CA VAL B 27 20.10 15.90 -1.72
C VAL B 27 20.93 16.21 -2.97
N GLU B 28 21.79 15.26 -3.36
CA GLU B 28 22.63 15.44 -4.53
C GLU B 28 21.88 15.07 -5.80
N ALA B 29 20.70 14.47 -5.63
CA ALA B 29 19.89 14.07 -6.78
C ALA B 29 19.50 15.29 -7.61
N GLU B 30 19.18 16.40 -6.93
CA GLU B 30 18.80 17.62 -7.63
C GLU B 30 19.99 18.21 -8.36
N ARG B 31 21.16 18.12 -7.75
CA ARG B 31 22.37 18.66 -8.35
C ARG B 31 22.60 18.08 -9.75
N GLY B 32 21.93 18.68 -10.74
CA GLY B 32 22.06 18.25 -12.14
C GLY B 32 20.70 17.99 -12.77
N ALA B 33 19.67 17.90 -11.94
CA ALA B 33 18.31 17.65 -12.43
C ALA B 33 17.46 18.92 -12.37
N PRO B 34 16.58 19.15 -13.33
CA PRO B 34 15.70 20.37 -13.33
C PRO B 34 14.56 20.25 -12.31
N GLY B 35 14.03 21.40 -11.90
CA GLY B 35 12.92 21.43 -10.96
C GLY B 35 13.38 21.01 -9.56
N ALA B 36 14.59 21.42 -9.19
CA ALA B 36 15.13 21.08 -7.88
C ALA B 36 14.16 21.48 -6.78
N ALA B 37 14.08 20.65 -5.73
CA ALA B 37 13.18 20.94 -4.62
C ALA B 37 13.59 20.12 -3.40
N LEU B 38 13.89 18.85 -3.62
CA LEU B 38 14.29 17.97 -2.52
C LEU B 38 15.59 18.48 -1.90
N ILE B 39 16.43 19.12 -2.72
CA ILE B 39 17.71 19.65 -2.24
C ILE B 39 17.55 20.23 -0.83
N SER B 40 18.10 19.53 0.14
CA SER B 40 18.02 19.98 1.54
C SER B 40 18.35 18.83 2.50
N TYR B 41 19.56 18.86 3.03
CA TYR B 41 20.02 17.87 3.99
C TYR B 41 19.08 17.78 5.21
N PRO B 42 18.69 18.90 5.81
CA PRO B 42 17.82 18.86 7.03
C PRO B 42 16.49 18.14 6.79
N ASP B 43 15.91 18.29 5.60
CA ASP B 43 14.64 17.64 5.28
C ASP B 43 14.86 16.39 4.45
N ALA B 44 16.13 16.09 4.13
CA ALA B 44 16.44 14.91 3.34
C ALA B 44 16.07 13.64 4.08
N ILE B 45 16.41 13.59 5.36
CA ILE B 45 16.10 12.44 6.19
C ILE B 45 14.60 12.34 6.43
N TRP B 46 13.96 13.48 6.67
CA TRP B 46 12.53 13.51 6.91
C TRP B 46 11.77 12.99 5.69
N TRP B 47 12.15 13.44 4.52
CA TRP B 47 11.51 12.99 3.29
C TRP B 47 11.73 11.48 3.08
N SER B 48 12.95 11.03 3.33
CA SER B 48 13.27 9.62 3.16
C SER B 48 12.50 8.75 4.16
N VAL B 49 12.13 9.34 5.29
CA VAL B 49 11.40 8.59 6.32
C VAL B 49 9.97 8.29 5.89
N GLU B 50 9.42 9.11 5.01
CA GLU B 50 8.03 8.92 4.55
C GLU B 50 7.99 8.19 3.21
N THR B 51 9.15 8.03 2.59
CA THR B 51 9.23 7.35 1.29
C THR B 51 9.33 5.83 1.47
N ALA B 52 10.06 5.41 2.51
CA ALA B 52 10.24 3.99 2.77
C ALA B 52 8.94 3.33 3.21
N THR B 53 8.02 4.11 3.74
CA THR B 53 6.75 3.58 4.20
C THR B 53 5.76 3.45 3.04
N THR B 54 6.20 3.83 1.84
CA THR B 54 5.35 3.76 0.66
C THR B 54 4.01 4.44 0.92
N VAL B 55 4.06 5.74 1.23
CA VAL B 55 2.86 6.51 1.51
C VAL B 55 2.88 7.85 0.75
N GLY B 56 4.01 8.54 0.84
CA GLY B 56 4.15 9.83 0.17
C GLY B 56 3.00 10.76 0.53
N TYR B 57 3.06 11.32 1.73
CA TYR B 57 2.01 12.22 2.20
C TYR B 57 1.87 13.43 1.27
N GLY B 58 3.00 14.05 0.94
CA GLY B 58 3.00 15.23 0.06
C GLY B 58 3.91 16.32 0.61
N ASP B 59 4.89 15.94 1.42
CA ASP B 59 5.81 16.90 2.01
C ASP B 59 6.60 17.62 0.93
N ARG B 60 7.17 16.85 0.00
CA ARG B 60 7.96 17.42 -1.10
C ARG B 60 7.75 16.62 -2.37
N TYR B 61 8.63 16.80 -3.34
CA TYR B 61 8.53 16.09 -4.61
C TYR B 61 9.93 15.91 -5.24
N PRO B 62 10.39 14.69 -5.45
CA PRO B 62 11.74 14.46 -6.07
C PRO B 62 11.76 14.87 -7.54
N VAL B 63 12.95 15.24 -8.02
CA VAL B 63 13.11 15.64 -9.42
C VAL B 63 12.77 14.48 -10.34
N THR B 64 13.09 14.63 -11.63
CA THR B 64 12.82 13.60 -12.63
C THR B 64 14.11 12.92 -13.09
N GLU B 65 15.00 13.69 -13.71
CA GLU B 65 16.26 13.15 -14.22
C GLU B 65 16.84 12.14 -13.24
N GLU B 66 16.55 12.32 -11.97
CA GLU B 66 17.02 11.42 -10.92
C GLU B 66 15.94 11.28 -9.85
N GLY B 67 16.11 11.99 -8.74
CA GLY B 67 15.15 12.02 -7.61
C GLY B 67 14.24 10.79 -7.54
N ARG B 68 13.53 10.54 -8.64
CA ARG B 68 12.63 9.41 -8.74
C ARG B 68 13.44 8.14 -8.70
N LYS B 69 14.16 7.85 -9.79
CA LYS B 69 15.00 6.66 -9.84
C LYS B 69 15.72 6.50 -8.52
N VAL B 70 16.11 7.63 -7.93
CA VAL B 70 16.77 7.59 -6.64
C VAL B 70 15.79 7.12 -5.56
N ALA B 71 14.59 7.69 -5.58
CA ALA B 71 13.56 7.30 -4.61
C ALA B 71 13.04 5.90 -4.92
N GLU B 72 12.78 5.64 -6.20
CA GLU B 72 12.28 4.34 -6.63
C GLU B 72 13.08 3.22 -5.96
N GLN B 73 14.40 3.33 -6.02
CA GLN B 73 15.26 2.33 -5.41
C GLN B 73 15.02 2.25 -3.90
N VAL B 74 14.93 3.41 -3.26
CA VAL B 74 14.71 3.44 -1.80
C VAL B 74 13.33 2.89 -1.45
N MET B 75 12.31 3.34 -2.17
CA MET B 75 10.94 2.90 -1.90
C MET B 75 10.82 1.40 -2.16
N LYS B 76 11.46 0.92 -3.21
CA LYS B 76 11.41 -0.50 -3.55
C LYS B 76 12.00 -1.34 -2.42
N ALA B 77 13.08 -0.83 -1.82
CA ALA B 77 13.74 -1.54 -0.74
C ALA B 77 12.78 -1.72 0.44
N GLY B 78 11.97 -0.70 0.69
CA GLY B 78 11.01 -0.75 1.79
C GLY B 78 9.93 -1.79 1.54
N ILE B 79 9.52 -1.94 0.29
CA ILE B 79 8.48 -2.90 -0.05
C ILE B 79 8.95 -4.33 0.25
N GLU B 80 10.18 -4.64 -0.11
CA GLU B 80 10.72 -5.98 0.12
C GLU B 80 10.79 -6.25 1.63
N VAL B 81 11.15 -5.24 2.39
CA VAL B 81 11.27 -5.37 3.84
C VAL B 81 9.91 -5.70 4.46
N PHE B 82 9.01 -4.73 4.45
CA PHE B 82 7.68 -4.91 5.03
C PHE B 82 6.99 -6.13 4.44
N ALA B 83 7.51 -6.62 3.31
CA ALA B 83 6.93 -7.79 2.65
C ALA B 83 7.68 -9.05 3.06
N LEU B 84 8.98 -8.93 3.27
CA LEU B 84 9.79 -10.08 3.68
C LEU B 84 9.34 -10.58 5.04
N VAL B 85 9.06 -9.64 5.94
CA VAL B 85 8.61 -10.01 7.28
C VAL B 85 7.40 -10.92 7.18
N THR B 86 6.76 -10.94 6.01
CA THR B 86 5.60 -11.79 5.80
C THR B 86 5.86 -13.17 6.38
N ALA B 87 7.14 -13.52 6.48
CA ALA B 87 7.54 -14.80 7.02
C ALA B 87 7.10 -14.95 8.47
N ALA B 88 7.32 -13.89 9.26
CA ALA B 88 6.95 -13.92 10.66
C ALA B 88 5.43 -13.85 10.81
N LEU B 89 4.74 -13.52 9.72
CA LEU B 89 3.29 -13.42 9.73
C LEU B 89 2.67 -14.75 9.33
N ALA B 90 3.42 -15.53 8.55
CA ALA B 90 2.94 -16.83 8.11
C ALA B 90 2.83 -17.78 9.30
N THR B 91 3.81 -17.69 10.17
CA THR B 91 3.86 -18.55 11.36
C THR B 91 2.69 -18.22 12.29
N ASP B 92 2.06 -17.07 12.06
CA ASP B 92 0.95 -16.64 12.88
C ASP B 92 -0.02 -17.78 13.16
N PHE B 93 -0.66 -18.27 12.10
CA PHE B 93 -1.62 -19.37 12.24
C PHE B 93 -0.93 -20.64 12.71
N VAL B 94 0.19 -20.98 12.09
CA VAL B 94 0.93 -22.20 12.44
C VAL B 94 0.91 -22.45 13.94
N ARG B 95 0.81 -21.40 14.73
CA ARG B 95 0.79 -21.54 16.19
C ARG B 95 -0.43 -22.32 16.65
N ARG B 96 -1.57 -22.10 16.00
CA ARG B 96 -2.80 -22.80 16.37
C ARG B 96 -2.52 -24.29 16.55
N GLU B 97 -1.38 -24.75 16.04
CA GLU B 97 -1.00 -26.15 16.13
C GLU B 97 -0.82 -26.57 17.59
N GLU B 98 -0.19 -25.71 18.39
CA GLU B 98 0.03 -26.02 19.80
C GLU B 98 -1.29 -26.06 20.56
N GLU B 99 -2.18 -25.12 20.25
CA GLU B 99 -3.48 -25.05 20.90
C GLU B 99 -4.36 -26.23 20.49
N ARG B 100 -4.24 -26.64 19.23
CA ARG B 100 -5.05 -27.75 18.73
C ARG B 100 -4.75 -29.03 19.51
N ARG B 101 -3.46 -29.28 19.72
CA ARG B 101 -3.03 -30.46 20.46
C ARG B 101 -3.17 -30.26 21.96
N GLY B 102 -3.34 -29.00 22.36
CA GLY B 102 -3.49 -28.66 23.77
C GLY B 102 -2.15 -28.68 24.49
N HIS B 103 -1.07 -28.55 23.72
CA HIS B 103 0.28 -28.56 24.29
C HIS B 103 0.40 -29.64 25.36
N SER C 1 -17.07 -17.89 13.03
CA SER C 1 -16.16 -17.36 14.09
C SER C 1 -15.08 -18.39 14.39
N ALA C 2 -13.88 -17.91 14.70
CA ALA C 2 -12.76 -18.80 15.00
C ALA C 2 -11.70 -18.08 15.84
N ASP C 3 -10.73 -18.84 16.33
CA ASP C 3 -9.68 -18.26 17.15
C ASP C 3 -8.96 -17.15 16.38
N HIS C 4 -8.55 -17.45 15.16
CA HIS C 4 -7.86 -16.47 14.33
C HIS C 4 -8.81 -15.36 13.90
N GLU C 5 -10.06 -15.73 13.61
CA GLU C 5 -11.05 -14.74 13.18
C GLU C 5 -11.34 -13.74 14.30
N ARG C 6 -11.51 -14.25 15.51
CA ARG C 6 -11.79 -13.38 16.65
C ARG C 6 -10.59 -12.47 16.92
N GLU C 7 -9.40 -13.03 16.78
CA GLU C 7 -8.19 -12.25 17.01
C GLU C 7 -8.07 -11.13 15.99
N ALA C 8 -8.42 -11.42 14.75
CA ALA C 8 -8.36 -10.42 13.69
C ALA C 8 -9.34 -9.30 13.97
N GLN C 9 -10.53 -9.66 14.45
CA GLN C 9 -11.56 -8.67 14.75
C GLN C 9 -11.10 -7.77 15.89
N LYS C 10 -10.50 -8.37 16.90
CA LYS C 10 -10.01 -7.62 18.06
C LYS C 10 -8.91 -6.65 17.64
N ALA C 11 -8.06 -7.09 16.72
CA ALA C 11 -6.96 -6.26 16.25
C ALA C 11 -7.48 -4.96 15.64
N GLU C 12 -8.63 -5.03 14.98
CA GLU C 12 -9.21 -3.83 14.36
C GLU C 12 -9.55 -2.78 15.42
N GLU C 13 -10.07 -3.23 16.55
CA GLU C 13 -10.44 -2.31 17.62
C GLU C 13 -9.20 -1.58 18.14
N GLU C 14 -8.06 -2.27 18.13
CA GLU C 14 -6.83 -1.66 18.61
C GLU C 14 -6.40 -0.50 17.72
N LEU C 15 -6.67 -0.63 16.42
CA LEU C 15 -6.30 0.42 15.47
C LEU C 15 -7.01 1.72 15.81
N GLN C 16 -8.31 1.62 16.14
CA GLN C 16 -9.09 2.80 16.47
C GLN C 16 -8.55 3.51 17.70
N LYS C 17 -8.12 2.73 18.70
CA LYS C 17 -7.59 3.29 19.93
C LYS C 17 -6.35 4.13 19.66
N VAL C 18 -5.51 3.66 18.75
CA VAL C 18 -4.27 4.36 18.41
C VAL C 18 -4.59 5.74 17.82
N LEU C 19 -5.58 5.79 16.94
CA LEU C 19 -5.95 7.05 16.31
C LEU C 19 -6.40 8.06 17.36
N GLU C 20 -7.14 7.59 18.36
CA GLU C 20 -7.62 8.48 19.42
C GLU C 20 -6.44 9.21 20.06
N GLU C 21 -5.47 8.46 20.54
CA GLU C 21 -4.29 9.05 21.17
C GLU C 21 -3.47 9.81 20.15
N ALA C 22 -3.38 9.28 18.93
CA ALA C 22 -2.61 9.94 17.89
C ALA C 22 -3.20 11.30 17.56
N SER C 23 -4.53 11.40 17.56
CA SER C 23 -5.20 12.65 17.25
C SER C 23 -4.77 13.73 18.23
N LYS C 24 -4.68 13.38 19.50
CA LYS C 24 -4.27 14.33 20.52
C LYS C 24 -2.81 14.74 20.28
N LYS C 25 -2.01 13.81 19.78
CA LYS C 25 -0.61 14.10 19.53
C LYS C 25 -0.48 15.04 18.35
N ALA C 26 -1.20 14.75 17.25
CA ALA C 26 -1.14 15.58 16.04
C ALA C 26 -1.45 17.04 16.34
N VAL C 27 -2.57 17.28 17.04
CA VAL C 27 -2.94 18.65 17.38
C VAL C 27 -1.86 19.28 18.23
N GLU C 28 -1.42 18.55 19.24
CA GLU C 28 -0.38 19.04 20.14
C GLU C 28 0.96 19.13 19.41
N ALA C 29 1.13 18.27 18.41
CA ALA C 29 2.38 18.24 17.63
C ALA C 29 2.72 19.63 17.12
N GLU C 30 1.76 20.30 16.50
CA GLU C 30 1.98 21.66 15.98
C GLU C 30 1.48 22.70 16.98
N ARG C 31 0.29 23.23 16.74
CA ARG C 31 -0.29 24.24 17.62
C ARG C 31 0.75 25.32 17.93
N GLY C 32 1.25 25.98 16.90
CA GLY C 32 2.24 27.05 17.07
C GLY C 32 3.51 26.77 16.26
N ALA C 33 3.47 25.70 15.48
CA ALA C 33 4.63 25.32 14.67
C ALA C 33 4.59 26.08 13.34
N PRO C 34 5.72 26.27 12.70
CA PRO C 34 5.78 26.99 11.40
C PRO C 34 5.28 26.12 10.24
N GLY C 35 4.23 26.59 9.57
CA GLY C 35 3.66 25.84 8.44
C GLY C 35 2.60 24.86 8.92
N ALA C 36 2.17 25.01 10.16
CA ALA C 36 1.15 24.13 10.71
C ALA C 36 -0.15 24.25 9.91
N ALA C 37 -0.88 23.15 9.80
CA ALA C 37 -2.14 23.12 9.06
C ALA C 37 -3.25 22.49 9.90
N LEU C 38 -2.86 21.56 10.77
CA LEU C 38 -3.83 20.88 11.63
C LEU C 38 -4.03 21.66 12.92
N ILE C 39 -4.31 22.96 12.78
CA ILE C 39 -4.52 23.82 13.94
C ILE C 39 -5.93 23.65 14.49
N SER C 40 -6.58 22.56 14.10
CA SER C 40 -7.94 22.26 14.55
C SER C 40 -7.96 21.01 15.42
N TYR C 41 -8.52 21.14 16.61
CA TYR C 41 -8.63 20.03 17.55
C TYR C 41 -9.78 19.10 17.16
N PRO C 42 -10.98 19.59 16.91
CA PRO C 42 -12.13 18.71 16.52
C PRO C 42 -11.86 17.94 15.23
N ASP C 43 -11.03 18.50 14.35
CA ASP C 43 -10.72 17.87 13.07
C ASP C 43 -9.50 16.96 13.21
N ALA C 44 -8.89 16.95 14.40
CA ALA C 44 -7.70 16.12 14.62
C ALA C 44 -8.05 14.64 14.51
N ILE C 45 -9.21 14.28 15.05
CA ILE C 45 -9.65 12.88 14.99
C ILE C 45 -9.92 12.47 13.54
N TRP C 46 -10.52 13.37 12.78
CA TRP C 46 -10.83 13.08 11.39
C TRP C 46 -9.56 12.87 10.59
N TRP C 47 -8.57 13.74 10.78
CA TRP C 47 -7.32 13.59 10.06
C TRP C 47 -6.67 12.25 10.44
N SER C 48 -6.73 11.91 11.72
CA SER C 48 -6.15 10.67 12.20
C SER C 48 -6.98 9.47 11.74
N VAL C 49 -7.05 9.24 10.42
CA VAL C 49 -7.83 8.13 9.90
C VAL C 49 -7.22 7.59 8.61
N GLU C 50 -6.94 8.47 7.65
CA GLU C 50 -6.37 8.03 6.38
C GLU C 50 -4.95 7.49 6.58
N THR C 51 -4.24 8.05 7.55
CA THR C 51 -2.87 7.62 7.81
C THR C 51 -2.82 6.13 8.16
N ALA C 52 -3.74 5.70 9.00
CA ALA C 52 -3.77 4.29 9.42
C ALA C 52 -3.89 3.37 8.19
N THR C 53 -4.47 3.89 7.11
CA THR C 53 -4.63 3.10 5.90
C THR C 53 -3.38 3.23 5.02
N THR C 54 -2.44 4.07 5.46
CA THR C 54 -1.21 4.29 4.73
C THR C 54 -1.49 4.63 3.28
N VAL C 55 -2.40 5.59 3.06
CA VAL C 55 -2.75 6.02 1.71
C VAL C 55 -2.24 7.44 1.47
N GLY C 56 -2.14 8.22 2.54
CA GLY C 56 -1.66 9.60 2.41
C GLY C 56 -2.41 10.34 1.31
N TYR C 57 -3.73 10.42 1.47
CA TYR C 57 -4.55 11.08 0.47
C TYR C 57 -4.15 12.55 0.32
N GLY C 58 -4.02 13.24 1.45
CA GLY C 58 -3.64 14.66 1.45
C GLY C 58 -4.71 15.52 2.12
N ASP C 59 -5.30 15.00 3.19
CA ASP C 59 -6.33 15.73 3.93
C ASP C 59 -5.74 16.99 4.57
N ARG C 60 -4.54 16.86 5.11
CA ARG C 60 -3.85 17.98 5.76
C ARG C 60 -2.43 18.10 5.23
N TYR C 61 -1.59 18.80 5.98
CA TYR C 61 -0.21 18.99 5.55
C TYR C 61 0.69 19.34 6.76
N PRO C 62 1.03 18.37 7.59
CA PRO C 62 1.88 18.61 8.78
C PRO C 62 3.33 18.95 8.40
N VAL C 63 4.04 19.65 9.29
CA VAL C 63 5.43 20.03 9.03
C VAL C 63 6.38 19.09 9.79
N THR C 64 7.58 19.56 10.08
CA THR C 64 8.57 18.75 10.79
C THR C 64 8.42 18.95 12.30
N GLU C 65 8.31 20.21 12.73
CA GLU C 65 8.18 20.51 14.15
C GLU C 65 7.19 19.55 14.80
N GLU C 66 6.10 19.26 14.09
CA GLU C 66 5.09 18.33 14.57
C GLU C 66 5.65 16.89 14.57
N GLY C 67 6.97 16.83 14.64
CA GLY C 67 7.62 15.54 14.71
C GLY C 67 7.04 14.56 13.71
N ARG C 68 7.20 14.81 12.40
CA ARG C 68 6.65 13.93 11.33
C ARG C 68 6.47 12.50 11.84
N LYS C 69 7.30 12.13 12.80
CA LYS C 69 7.18 10.83 13.40
C LYS C 69 5.73 10.61 13.86
N VAL C 70 5.00 11.70 14.18
CA VAL C 70 3.62 11.53 14.62
C VAL C 70 2.79 10.87 13.53
N ALA C 71 2.90 11.36 12.31
CA ALA C 71 2.15 10.79 11.19
C ALA C 71 2.65 9.39 10.87
N GLU C 72 3.96 9.21 10.94
CA GLU C 72 4.55 7.91 10.63
C GLU C 72 4.14 6.86 11.68
N GLN C 73 4.06 7.29 12.94
CA GLN C 73 3.69 6.38 14.02
C GLN C 73 2.35 5.71 13.75
N VAL C 74 1.37 6.49 13.30
CA VAL C 74 0.04 5.94 13.00
C VAL C 74 0.09 4.94 11.85
N MET C 75 0.83 5.30 10.79
CA MET C 75 0.93 4.44 9.63
C MET C 75 1.52 3.08 10.00
N LYS C 76 2.56 3.09 10.82
CA LYS C 76 3.19 1.84 11.25
C LYS C 76 2.23 0.99 12.07
N ALA C 77 1.47 1.64 12.95
CA ALA C 77 0.52 0.93 13.80
C ALA C 77 -0.55 0.27 12.94
N GLY C 78 -0.97 0.95 11.89
CA GLY C 78 -2.00 0.42 11.01
C GLY C 78 -1.51 -0.82 10.26
N ILE C 79 -0.27 -0.79 9.80
CA ILE C 79 0.30 -1.91 9.06
C ILE C 79 0.33 -3.17 9.93
N GLU C 80 0.73 -3.02 11.17
CA GLU C 80 0.82 -4.15 12.09
C GLU C 80 -0.56 -4.81 12.27
N VAL C 81 -1.59 -4.00 12.45
CA VAL C 81 -2.93 -4.53 12.64
C VAL C 81 -3.42 -5.29 11.41
N PHE C 82 -3.29 -4.67 10.25
CA PHE C 82 -3.73 -5.30 9.01
C PHE C 82 -2.85 -6.50 8.65
N ALA C 83 -1.55 -6.37 8.89
CA ALA C 83 -0.62 -7.46 8.59
C ALA C 83 -0.92 -8.68 9.46
N LEU C 84 -1.32 -8.43 10.71
CA LEU C 84 -1.63 -9.51 11.63
C LEU C 84 -2.82 -10.34 11.14
N VAL C 85 -3.84 -9.67 10.63
CA VAL C 85 -5.03 -10.38 10.14
C VAL C 85 -4.62 -11.53 9.22
N THR C 86 -3.35 -11.53 8.80
CA THR C 86 -2.85 -12.58 7.93
C THR C 86 -2.99 -13.95 8.60
N ALA C 87 -3.09 -13.94 9.92
CA ALA C 87 -3.24 -15.17 10.68
C ALA C 87 -4.50 -15.92 10.23
N ALA C 88 -5.54 -15.17 9.91
CA ALA C 88 -6.80 -15.76 9.46
C ALA C 88 -6.76 -16.06 7.97
N LEU C 89 -6.13 -15.16 7.21
CA LEU C 89 -6.02 -15.34 5.76
C LEU C 89 -5.14 -16.54 5.41
N ALA C 90 -4.07 -16.72 6.18
CA ALA C 90 -3.14 -17.83 5.95
C ALA C 90 -3.86 -19.17 6.05
N THR C 91 -4.83 -19.26 6.94
CA THR C 91 -5.58 -20.49 7.14
C THR C 91 -6.69 -20.59 6.10
N ASP C 92 -6.84 -19.53 5.30
CA ASP C 92 -7.88 -19.51 4.28
C ASP C 92 -7.72 -20.69 3.32
N PHE C 93 -6.50 -20.90 2.84
CA PHE C 93 -6.23 -22.00 1.90
C PHE C 93 -6.40 -23.36 2.57
N VAL C 94 -5.97 -23.45 3.83
CA VAL C 94 -6.06 -24.71 4.58
C VAL C 94 -7.40 -25.40 4.38
N ARG C 95 -8.47 -24.61 4.28
CA ARG C 95 -9.80 -25.17 4.10
C ARG C 95 -9.90 -25.95 2.80
N ARG C 96 -9.02 -25.64 1.85
CA ARG C 96 -9.03 -26.31 0.56
C ARG C 96 -8.87 -27.82 0.74
N GLU C 97 -7.98 -28.22 1.64
CA GLU C 97 -7.76 -29.63 1.90
C GLU C 97 -9.04 -30.29 2.45
N GLU C 98 -9.75 -29.56 3.32
CA GLU C 98 -10.97 -30.08 3.90
C GLU C 98 -12.05 -30.23 2.82
N GLU C 99 -12.10 -29.25 1.92
CA GLU C 99 -13.09 -29.28 0.85
C GLU C 99 -12.80 -30.43 -0.11
N ARG C 100 -11.52 -30.73 -0.32
CA ARG C 100 -11.13 -31.80 -1.22
C ARG C 100 -11.69 -33.14 -0.72
N ARG C 101 -11.57 -33.38 0.58
CA ARG C 101 -12.07 -34.62 1.16
C ARG C 101 -13.59 -34.67 1.08
N GLY C 102 -14.23 -33.51 1.27
CA GLY C 102 -15.69 -33.43 1.22
C GLY C 102 -16.30 -33.82 2.56
N HIS C 103 -15.51 -33.70 3.63
CA HIS C 103 -15.99 -34.02 4.96
C HIS C 103 -15.18 -33.30 6.03
N SER D 1 -9.89 -20.55 -12.00
CA SER D 1 -9.21 -21.82 -12.38
C SER D 1 -9.37 -22.85 -11.27
N ALA D 2 -8.53 -22.74 -10.24
CA ALA D 2 -8.60 -23.66 -9.12
C ALA D 2 -9.72 -23.27 -8.16
N ASP D 3 -9.94 -24.10 -7.14
CA ASP D 3 -10.99 -23.83 -6.17
C ASP D 3 -10.72 -22.53 -5.42
N HIS D 4 -9.46 -22.32 -5.03
CA HIS D 4 -9.09 -21.10 -4.30
C HIS D 4 -9.07 -19.90 -5.24
N GLU D 5 -8.72 -20.13 -6.50
CA GLU D 5 -8.67 -19.04 -7.47
C GLU D 5 -10.07 -18.49 -7.72
N ARG D 6 -11.05 -19.37 -7.73
CA ARG D 6 -12.42 -18.95 -7.96
C ARG D 6 -12.86 -17.96 -6.89
N GLU D 7 -12.54 -18.26 -5.64
CA GLU D 7 -12.90 -17.39 -4.54
C GLU D 7 -12.18 -16.05 -4.67
N ALA D 8 -10.94 -16.10 -5.12
CA ALA D 8 -10.15 -14.89 -5.29
C ALA D 8 -10.80 -13.97 -6.32
N GLN D 9 -11.27 -14.55 -7.42
CA GLN D 9 -11.92 -13.77 -8.47
C GLN D 9 -13.22 -13.16 -7.97
N LYS D 10 -13.93 -13.92 -7.14
CA LYS D 10 -15.20 -13.45 -6.59
C LYS D 10 -14.99 -12.20 -5.75
N ALA D 11 -13.88 -12.16 -5.01
CA ALA D 11 -13.57 -11.02 -4.16
C ALA D 11 -13.42 -9.74 -4.99
N GLU D 12 -12.87 -9.88 -6.19
CA GLU D 12 -12.67 -8.72 -7.06
C GLU D 12 -14.01 -8.12 -7.47
N GLU D 13 -15.00 -8.99 -7.67
CA GLU D 13 -16.34 -8.54 -8.07
C GLU D 13 -16.96 -7.68 -6.97
N GLU D 14 -16.74 -8.08 -5.72
CA GLU D 14 -17.29 -7.33 -4.59
C GLU D 14 -16.72 -5.93 -4.53
N LEU D 15 -15.46 -5.78 -4.95
CA LEU D 15 -14.81 -4.48 -4.94
C LEU D 15 -15.55 -3.50 -5.86
N GLN D 16 -15.95 -4.00 -7.02
CA GLN D 16 -16.66 -3.16 -7.99
C GLN D 16 -17.99 -2.69 -7.43
N LYS D 17 -18.61 -3.52 -6.60
CA LYS D 17 -19.91 -3.18 -6.00
C LYS D 17 -19.79 -1.94 -5.12
N VAL D 18 -18.73 -1.89 -4.33
CA VAL D 18 -18.51 -0.77 -3.43
C VAL D 18 -18.31 0.53 -4.21
N LEU D 19 -17.66 0.43 -5.36
CA LEU D 19 -17.41 1.61 -6.17
C LEU D 19 -18.74 2.23 -6.61
N GLU D 20 -19.69 1.39 -6.98
CA GLU D 20 -20.99 1.86 -7.41
C GLU D 20 -21.74 2.49 -6.22
N GLU D 21 -21.79 1.77 -5.11
CA GLU D 21 -22.48 2.28 -3.93
C GLU D 21 -21.72 3.47 -3.35
N ALA D 22 -20.40 3.38 -3.36
CA ALA D 22 -19.56 4.45 -2.83
C ALA D 22 -19.70 5.72 -3.66
N SER D 23 -19.82 5.55 -4.97
CA SER D 23 -19.95 6.71 -5.86
C SER D 23 -21.14 7.57 -5.47
N LYS D 24 -22.28 6.93 -5.21
CA LYS D 24 -23.47 7.67 -4.82
C LYS D 24 -23.29 8.30 -3.44
N LYS D 25 -22.58 7.59 -2.56
CA LYS D 25 -22.34 8.10 -1.22
C LYS D 25 -21.41 9.30 -1.25
N ALA D 26 -20.31 9.21 -2.00
CA ALA D 26 -19.36 10.30 -2.08
C ALA D 26 -20.03 11.60 -2.53
N VAL D 27 -20.77 11.54 -3.63
CA VAL D 27 -21.46 12.72 -4.13
C VAL D 27 -22.49 13.20 -3.10
N GLU D 28 -23.25 12.25 -2.59
CA GLU D 28 -24.28 12.57 -1.60
C GLU D 28 -23.65 13.12 -0.32
N ALA D 29 -22.53 12.53 0.08
CA ALA D 29 -21.83 12.96 1.28
C ALA D 29 -21.39 14.42 1.15
N GLU D 30 -20.98 14.81 -0.04
CA GLU D 30 -20.54 16.19 -0.28
C GLU D 30 -21.72 17.15 -0.16
N ARG D 31 -22.86 16.75 -0.71
CA ARG D 31 -24.05 17.60 -0.67
C ARG D 31 -24.41 17.94 0.78
N GLY D 32 -24.17 19.19 1.15
CA GLY D 32 -24.49 19.66 2.50
C GLY D 32 -23.22 19.98 3.29
N ALA D 33 -22.08 19.54 2.78
CA ALA D 33 -20.81 19.79 3.45
C ALA D 33 -20.15 21.07 2.92
N PRO D 34 -19.48 21.83 3.76
CA PRO D 34 -18.81 23.10 3.33
C PRO D 34 -17.54 22.84 2.53
N GLY D 35 -17.29 23.68 1.53
CA GLY D 35 -16.10 23.54 0.70
C GLY D 35 -16.13 22.23 -0.08
N ALA D 36 -17.33 21.73 -0.35
CA ALA D 36 -17.47 20.48 -1.09
C ALA D 36 -16.92 20.63 -2.50
N ALA D 37 -16.31 19.56 -3.01
CA ALA D 37 -15.74 19.57 -4.36
C ALA D 37 -15.99 18.23 -5.05
N LEU D 38 -16.32 17.20 -4.28
CA LEU D 38 -16.57 15.88 -4.84
C LEU D 38 -18.02 15.77 -5.31
N ILE D 39 -18.58 16.90 -5.74
CA ILE D 39 -19.95 16.93 -6.22
C ILE D 39 -20.04 16.37 -7.64
N SER D 40 -21.09 16.74 -8.36
CA SER D 40 -21.28 16.28 -9.73
C SER D 40 -21.86 14.86 -9.74
N TYR D 41 -21.34 14.02 -10.63
CA TYR D 41 -21.83 12.65 -10.74
C TYR D 41 -20.88 11.82 -11.61
N PRO D 42 -20.67 12.19 -12.86
CA PRO D 42 -19.77 11.42 -13.77
C PRO D 42 -18.35 11.33 -13.22
N ASP D 43 -17.93 12.37 -12.49
CA ASP D 43 -16.58 12.39 -11.91
C ASP D 43 -16.56 11.72 -10.53
N ALA D 44 -17.72 11.66 -9.88
CA ALA D 44 -17.80 11.06 -8.56
C ALA D 44 -17.46 9.57 -8.62
N ILE D 45 -17.96 8.90 -9.65
CA ILE D 45 -17.69 7.47 -9.82
C ILE D 45 -16.21 7.26 -10.15
N TRP D 46 -15.67 8.11 -11.00
CA TRP D 46 -14.27 8.01 -11.38
C TRP D 46 -13.37 8.16 -10.15
N TRP D 47 -13.77 9.03 -9.24
CA TRP D 47 -13.00 9.22 -8.02
C TRP D 47 -12.97 7.91 -7.22
N SER D 48 -14.10 7.21 -7.19
CA SER D 48 -14.16 5.96 -6.45
C SER D 48 -13.25 4.90 -7.08
N VAL D 49 -13.06 4.99 -8.39
CA VAL D 49 -12.22 4.02 -9.10
C VAL D 49 -10.79 4.05 -8.58
N GLU D 50 -10.22 5.24 -8.47
CA GLU D 50 -8.86 5.38 -7.97
C GLU D 50 -8.81 4.98 -6.49
N THR D 51 -9.92 5.20 -5.79
CA THR D 51 -10.02 4.87 -4.37
C THR D 51 -10.53 3.45 -4.20
N ALA D 52 -9.62 2.49 -4.18
CA ALA D 52 -10.00 1.10 -4.03
C ALA D 52 -8.80 0.19 -4.29
N THR D 53 -7.83 0.69 -5.05
CA THR D 53 -6.63 -0.08 -5.38
C THR D 53 -5.40 0.50 -4.68
N THR D 54 -5.63 1.10 -3.52
CA THR D 54 -4.55 1.70 -2.74
C THR D 54 -3.74 2.66 -3.60
N VAL D 55 -4.34 3.81 -3.94
CA VAL D 55 -3.67 4.82 -4.77
C VAL D 55 -3.65 6.17 -4.05
N GLY D 56 -4.83 6.76 -3.87
CA GLY D 56 -4.93 8.05 -3.21
C GLY D 56 -3.98 9.07 -3.86
N TYR D 57 -4.09 9.21 -5.18
CA TYR D 57 -3.22 10.12 -5.91
C TYR D 57 -3.40 11.56 -5.40
N GLY D 58 -4.66 11.99 -5.28
CA GLY D 58 -4.97 13.34 -4.80
C GLY D 58 -5.84 14.09 -5.81
N ASP D 59 -6.66 13.34 -6.55
CA ASP D 59 -7.53 13.95 -7.54
C ASP D 59 -8.53 14.87 -6.88
N ARG D 60 -9.11 14.42 -5.76
CA ARG D 60 -10.10 15.21 -5.03
C ARG D 60 -9.88 15.05 -3.53
N TYR D 61 -10.55 15.88 -2.73
CA TYR D 61 -10.41 15.80 -1.28
C TYR D 61 -11.78 16.04 -0.59
N PRO D 62 -12.36 15.03 0.03
CA PRO D 62 -13.69 15.20 0.72
C PRO D 62 -13.60 16.07 1.96
N VAL D 63 -14.72 16.68 2.35
CA VAL D 63 -14.76 17.54 3.52
C VAL D 63 -14.86 16.69 4.79
N THR D 64 -15.63 17.17 5.77
CA THR D 64 -15.82 16.45 7.04
C THR D 64 -17.26 15.97 7.18
N GLU D 65 -18.21 16.87 6.93
CA GLU D 65 -19.63 16.50 7.05
C GLU D 65 -19.94 15.35 6.11
N GLU D 66 -19.09 15.17 5.11
CA GLU D 66 -19.26 14.08 4.16
C GLU D 66 -18.82 12.76 4.82
N GLY D 67 -18.95 12.75 6.14
CA GLY D 67 -18.58 11.58 6.90
C GLY D 67 -17.29 11.01 6.38
N ARG D 68 -16.18 11.80 6.44
CA ARG D 68 -14.87 11.37 5.92
C ARG D 68 -14.75 9.86 5.90
N LYS D 69 -15.43 9.22 6.83
CA LYS D 69 -15.44 7.78 6.88
C LYS D 69 -15.94 7.25 5.54
N VAL D 70 -16.54 8.11 4.69
CA VAL D 70 -17.00 7.64 3.40
C VAL D 70 -15.83 7.14 2.59
N ALA D 71 -14.77 7.93 2.54
CA ALA D 71 -13.57 7.56 1.81
C ALA D 71 -12.91 6.35 2.46
N GLU D 72 -12.93 6.32 3.78
CA GLU D 72 -12.33 5.23 4.54
C GLU D 72 -12.97 3.90 4.18
N GLN D 73 -14.29 3.90 3.97
CA GLN D 73 -15.01 2.68 3.64
C GLN D 73 -14.55 2.09 2.30
N VAL D 74 -14.38 2.94 1.29
CA VAL D 74 -13.96 2.45 -0.03
C VAL D 74 -12.55 1.86 0.02
N MET D 75 -11.63 2.58 0.66
CA MET D 75 -10.25 2.11 0.76
C MET D 75 -10.16 0.83 1.59
N LYS D 76 -10.93 0.77 2.68
CA LYS D 76 -10.90 -0.40 3.54
C LYS D 76 -11.37 -1.65 2.79
N ALA D 77 -12.45 -1.49 2.01
CA ALA D 77 -12.99 -2.62 1.25
C ALA D 77 -11.97 -3.10 0.22
N GLY D 78 -11.27 -2.16 -0.40
CA GLY D 78 -10.27 -2.50 -1.41
C GLY D 78 -9.12 -3.29 -0.81
N ILE D 79 -8.65 -2.88 0.36
CA ILE D 79 -7.54 -3.56 1.02
C ILE D 79 -7.91 -4.99 1.39
N GLU D 80 -9.12 -5.19 1.91
CA GLU D 80 -9.56 -6.52 2.31
C GLU D 80 -9.65 -7.46 1.11
N VAL D 81 -10.16 -6.95 -0.01
CA VAL D 81 -10.32 -7.75 -1.21
C VAL D 81 -8.97 -8.25 -1.72
N PHE D 82 -8.00 -7.35 -1.82
CA PHE D 82 -6.68 -7.73 -2.30
C PHE D 82 -5.90 -8.49 -1.24
N ALA D 83 -6.47 -8.60 -0.05
CA ALA D 83 -5.83 -9.33 1.05
C ALA D 83 -6.38 -10.75 1.14
N LEU D 84 -7.67 -10.89 0.90
CA LEU D 84 -8.30 -12.22 0.96
C LEU D 84 -7.69 -13.14 -0.09
N VAL D 85 -7.47 -12.60 -1.29
CA VAL D 85 -6.89 -13.40 -2.36
C VAL D 85 -5.65 -14.12 -1.87
N THR D 86 -5.17 -13.74 -0.67
CA THR D 86 -3.99 -14.36 -0.09
C THR D 86 -4.20 -15.86 0.04
N ALA D 87 -5.47 -16.28 0.03
CA ALA D 87 -5.79 -17.69 0.13
C ALA D 87 -5.21 -18.47 -1.04
N ALA D 88 -5.22 -17.83 -2.21
CA ALA D 88 -4.69 -18.48 -3.41
C ALA D 88 -3.17 -18.30 -3.47
N LEU D 89 -2.69 -17.21 -2.87
CA LEU D 89 -1.25 -16.94 -2.84
C LEU D 89 -0.53 -17.93 -1.94
N ALA D 90 -1.17 -18.30 -0.84
CA ALA D 90 -0.60 -19.23 0.11
C ALA D 90 -0.27 -20.57 -0.54
N THR D 91 -1.20 -21.05 -1.34
CA THR D 91 -1.01 -22.35 -2.02
C THR D 91 -0.06 -22.18 -3.21
N ASP D 92 0.32 -20.93 -3.48
CA ASP D 92 1.22 -20.65 -4.61
C ASP D 92 2.54 -21.40 -4.44
N PHE D 93 3.14 -21.27 -3.26
CA PHE D 93 4.41 -21.94 -3.00
C PHE D 93 4.21 -23.43 -2.77
N VAL D 94 3.03 -23.80 -2.27
CA VAL D 94 2.72 -25.21 -1.99
C VAL D 94 2.79 -26.05 -3.25
N ARG D 95 2.22 -25.54 -4.34
CA ARG D 95 2.23 -26.28 -5.60
C ARG D 95 3.60 -26.87 -5.89
N ARG D 96 4.65 -26.21 -5.38
CA ARG D 96 6.01 -26.69 -5.61
C ARG D 96 6.11 -28.19 -5.31
N GLU D 97 5.30 -28.64 -4.36
CA GLU D 97 5.30 -30.04 -3.97
C GLU D 97 5.01 -30.95 -5.16
N GLU D 98 4.33 -30.39 -6.18
CA GLU D 98 4.00 -31.17 -7.37
C GLU D 98 5.18 -31.21 -8.33
N GLU D 99 5.86 -30.08 -8.47
CA GLU D 99 7.01 -29.98 -9.36
C GLU D 99 8.17 -30.83 -8.84
N ARG D 100 8.38 -30.77 -7.53
CA ARG D 100 9.47 -31.53 -6.92
C ARG D 100 9.25 -33.03 -7.17
N ARG D 101 8.03 -33.48 -6.93
CA ARG D 101 7.70 -34.89 -7.13
C ARG D 101 7.73 -35.24 -8.61
N GLY D 102 7.31 -34.31 -9.44
CA GLY D 102 7.29 -34.52 -10.89
C GLY D 102 5.96 -35.12 -11.33
N HIS D 103 4.94 -34.96 -10.49
CA HIS D 103 3.61 -35.49 -10.82
C HIS D 103 2.59 -35.02 -9.81
N SER A 1 16.89 -18.01 -6.91
CA SER A 1 17.99 -19.02 -7.00
C SER A 1 17.46 -20.38 -6.55
N ALA A 2 16.54 -20.36 -5.58
CA ALA A 2 15.96 -21.60 -5.08
C ALA A 2 14.95 -22.17 -6.06
N ASP A 3 13.79 -21.53 -6.14
CA ASP A 3 12.75 -21.98 -7.05
C ASP A 3 11.60 -20.97 -7.09
N HIS A 4 11.13 -20.57 -5.91
CA HIS A 4 10.04 -19.60 -5.82
C HIS A 4 10.55 -18.18 -6.08
N GLU A 5 11.84 -17.98 -5.82
CA GLU A 5 12.45 -16.66 -6.03
C GLU A 5 12.45 -16.31 -7.52
N ARG A 6 12.64 -17.32 -8.35
CA ARG A 6 12.67 -17.09 -9.79
C ARG A 6 11.29 -16.61 -10.27
N GLU A 7 10.25 -17.18 -9.70
CA GLU A 7 8.89 -16.79 -10.06
C GLU A 7 8.64 -15.33 -9.67
N ALA A 8 9.05 -14.97 -8.47
CA ALA A 8 8.86 -13.61 -7.99
C ALA A 8 9.72 -12.64 -8.82
N GLN A 9 10.93 -13.06 -9.15
CA GLN A 9 11.83 -12.23 -9.94
C GLN A 9 11.26 -12.01 -11.34
N LYS A 10 10.70 -13.06 -11.92
CA LYS A 10 10.12 -12.98 -13.25
C LYS A 10 8.94 -12.01 -13.25
N ALA A 11 8.14 -12.06 -12.18
CA ALA A 11 6.97 -11.20 -12.06
C ALA A 11 7.35 -9.74 -12.24
N GLU A 12 8.52 -9.36 -11.74
CA GLU A 12 8.97 -7.99 -11.84
C GLU A 12 9.13 -7.59 -13.31
N GLU A 13 9.50 -8.55 -14.15
CA GLU A 13 9.67 -8.28 -15.58
C GLU A 13 8.34 -7.91 -16.21
N GLU A 14 7.27 -8.56 -15.78
CA GLU A 14 5.94 -8.28 -16.32
C GLU A 14 5.56 -6.82 -16.05
N LEU A 15 5.84 -6.34 -14.85
CA LEU A 15 5.51 -4.97 -14.50
C LEU A 15 6.27 -3.99 -15.39
N GLN A 16 7.55 -4.27 -15.61
CA GLN A 16 8.38 -3.40 -16.42
C GLN A 16 7.81 -3.20 -17.82
N LYS A 17 7.32 -4.29 -18.41
CA LYS A 17 6.75 -4.22 -19.76
C LYS A 17 5.50 -3.33 -19.80
N VAL A 18 4.68 -3.42 -18.76
CA VAL A 18 3.47 -2.63 -18.68
C VAL A 18 3.80 -1.14 -18.61
N LEU A 19 4.90 -0.81 -17.92
CA LEU A 19 5.30 0.58 -17.79
C LEU A 19 5.57 1.17 -19.17
N GLU A 20 6.21 0.40 -20.03
CA GLU A 20 6.51 0.87 -21.37
C GLU A 20 5.20 1.23 -22.09
N GLU A 21 4.23 0.32 -22.01
CA GLU A 21 2.94 0.56 -22.64
C GLU A 21 2.19 1.67 -21.91
N ALA A 22 2.39 1.75 -20.60
CA ALA A 22 1.73 2.77 -19.80
C ALA A 22 2.07 4.16 -20.32
N SER A 23 3.35 4.39 -20.58
CA SER A 23 3.78 5.69 -21.09
C SER A 23 3.07 6.00 -22.41
N LYS A 24 2.98 5.00 -23.28
CA LYS A 24 2.32 5.21 -24.57
C LYS A 24 0.85 5.57 -24.37
N LYS A 25 0.10 4.68 -23.75
CA LYS A 25 -1.32 4.90 -23.51
C LYS A 25 -1.54 6.14 -22.64
N ALA A 26 -0.74 6.27 -21.59
CA ALA A 26 -0.88 7.41 -20.68
C ALA A 26 -0.65 8.73 -21.42
N VAL A 27 0.34 8.76 -22.32
CA VAL A 27 0.62 9.98 -23.06
C VAL A 27 -0.57 10.36 -23.96
N GLU A 28 -1.07 9.37 -24.69
CA GLU A 28 -2.21 9.59 -25.59
C GLU A 28 -3.48 9.76 -24.79
N ALA A 29 -3.50 9.22 -23.57
CA ALA A 29 -4.68 9.31 -22.74
C ALA A 29 -5.16 10.75 -22.67
N GLU A 30 -4.25 11.68 -22.40
CA GLU A 30 -4.61 13.09 -22.32
C GLU A 30 -5.00 13.62 -23.69
N ARG A 31 -4.31 13.15 -24.73
CA ARG A 31 -4.58 13.60 -26.08
C ARG A 31 -5.97 13.15 -26.54
N GLY A 32 -6.98 13.96 -26.25
CA GLY A 32 -8.36 13.65 -26.65
C GLY A 32 -9.32 13.74 -25.47
N ALA A 33 -8.77 13.76 -24.25
CA ALA A 33 -9.58 13.85 -23.04
C ALA A 33 -9.50 15.26 -22.44
N PRO A 34 -10.50 15.69 -21.70
CA PRO A 34 -10.50 17.04 -21.09
C PRO A 34 -9.58 17.13 -19.87
N GLY A 35 -9.04 18.32 -19.63
CA GLY A 35 -8.14 18.53 -18.50
C GLY A 35 -6.79 17.87 -18.75
N ALA A 36 -6.38 17.85 -20.01
CA ALA A 36 -5.10 17.24 -20.38
C ALA A 36 -3.97 17.84 -19.55
N ALA A 37 -2.97 17.01 -19.23
CA ALA A 37 -1.82 17.47 -18.45
C ALA A 37 -0.59 16.62 -18.75
N LEU A 38 -0.66 15.34 -18.42
CA LEU A 38 0.46 14.44 -18.67
C LEU A 38 0.67 14.26 -20.16
N ILE A 39 1.30 15.26 -20.80
CA ILE A 39 1.57 15.21 -22.24
C ILE A 39 3.08 15.32 -22.50
N SER A 40 3.77 14.19 -22.32
CA SER A 40 5.20 14.17 -22.54
C SER A 40 5.74 12.73 -22.47
N TYR A 41 6.03 12.16 -23.64
CA TYR A 41 6.55 10.79 -23.71
C TYR A 41 7.81 10.63 -22.85
N PRO A 42 8.83 11.48 -22.96
CA PRO A 42 10.07 11.35 -22.14
C PRO A 42 9.80 11.42 -20.63
N ASP A 43 8.82 12.23 -20.24
CA ASP A 43 8.49 12.39 -18.82
C ASP A 43 7.37 11.43 -18.41
N ALA A 44 6.58 10.97 -19.39
CA ALA A 44 5.48 10.06 -19.11
C ALA A 44 6.01 8.78 -18.47
N ILE A 45 7.16 8.32 -18.97
CA ILE A 45 7.76 7.11 -18.43
C ILE A 45 8.07 7.29 -16.95
N TRP A 46 8.48 8.50 -16.57
CA TRP A 46 8.81 8.78 -15.18
C TRP A 46 7.56 8.61 -14.32
N TRP A 47 6.43 9.17 -14.77
CA TRP A 47 5.19 9.04 -14.03
C TRP A 47 4.79 7.58 -13.96
N SER A 48 4.96 6.86 -15.07
CA SER A 48 4.57 5.46 -15.13
C SER A 48 5.35 4.64 -14.09
N VAL A 49 6.62 5.00 -13.87
CA VAL A 49 7.44 4.27 -12.90
C VAL A 49 6.83 4.33 -11.51
N GLU A 50 6.48 5.53 -11.08
CA GLU A 50 5.88 5.72 -9.77
C GLU A 50 4.42 5.26 -9.76
N THR A 51 3.80 5.25 -10.94
CA THR A 51 2.41 4.84 -11.04
C THR A 51 2.27 3.38 -10.61
N ALA A 52 3.16 2.52 -11.10
CA ALA A 52 3.11 1.12 -10.76
C ALA A 52 3.24 0.93 -9.26
N THR A 53 4.06 1.76 -8.61
CA THR A 53 4.23 1.67 -7.18
C THR A 53 2.98 2.22 -6.48
N THR A 54 2.02 2.67 -7.29
CA THR A 54 0.77 3.23 -6.78
C THR A 54 1.04 4.33 -5.77
N VAL A 55 2.32 4.69 -5.61
CA VAL A 55 2.69 5.73 -4.65
C VAL A 55 2.15 7.10 -5.10
N GLY A 56 2.25 7.38 -6.40
CA GLY A 56 1.77 8.66 -6.94
C GLY A 56 2.05 9.81 -5.97
N TYR A 57 3.28 10.31 -5.99
CA TYR A 57 3.67 11.41 -5.11
C TYR A 57 2.81 12.64 -5.37
N GLY A 58 2.63 12.97 -6.65
CA GLY A 58 1.83 14.12 -7.03
C GLY A 58 2.52 14.95 -8.12
N ASP A 59 3.51 14.34 -8.77
CA ASP A 59 4.26 15.03 -9.81
C ASP A 59 3.33 15.42 -10.96
N ARG A 60 2.48 14.47 -11.38
CA ARG A 60 1.54 14.70 -12.46
C ARG A 60 0.22 14.00 -12.15
N TYR A 61 -0.88 14.57 -12.64
CA TYR A 61 -2.20 13.99 -12.40
C TYR A 61 -2.87 13.60 -13.73
N PRO A 62 -3.23 12.34 -13.94
CA PRO A 62 -3.88 11.91 -15.22
C PRO A 62 -5.30 12.45 -15.37
N VAL A 63 -5.75 12.57 -16.62
CA VAL A 63 -7.10 13.07 -16.89
C VAL A 63 -8.14 12.16 -16.25
N THR A 64 -9.40 12.35 -16.61
CA THR A 64 -10.50 11.54 -16.07
C THR A 64 -11.08 10.60 -17.13
N GLU A 65 -11.63 11.19 -18.19
CA GLU A 65 -12.25 10.39 -19.25
C GLU A 65 -11.39 9.17 -19.57
N GLU A 66 -10.08 9.33 -19.40
CA GLU A 66 -9.14 8.25 -19.65
C GLU A 66 -8.08 8.24 -18.55
N GLY A 67 -6.88 8.70 -18.90
CA GLY A 67 -5.74 8.81 -17.97
C GLY A 67 -5.85 7.94 -16.72
N ARG A 68 -6.96 8.11 -15.99
CA ARG A 68 -7.21 7.36 -14.77
C ARG A 68 -7.53 5.92 -15.13
N LYS A 69 -8.38 5.74 -16.12
CA LYS A 69 -8.75 4.42 -16.57
C LYS A 69 -7.50 3.71 -17.08
N VAL A 70 -6.66 4.45 -17.81
CA VAL A 70 -5.44 3.87 -18.34
C VAL A 70 -4.49 3.46 -17.20
N ALA A 71 -4.34 4.37 -16.23
CA ALA A 71 -3.48 4.10 -15.08
C ALA A 71 -4.06 2.96 -14.25
N GLU A 72 -5.39 2.91 -14.17
CA GLU A 72 -6.06 1.88 -13.39
C GLU A 72 -5.50 0.50 -13.73
N GLN A 73 -5.43 0.20 -15.02
CA GLN A 73 -4.92 -1.10 -15.46
C GLN A 73 -3.44 -1.25 -15.11
N VAL A 74 -2.66 -0.19 -15.27
CA VAL A 74 -1.24 -0.25 -14.96
C VAL A 74 -0.99 -0.51 -13.48
N MET A 75 -1.72 0.22 -12.62
CA MET A 75 -1.58 0.06 -11.19
C MET A 75 -1.97 -1.35 -10.75
N LYS A 76 -3.02 -1.88 -11.35
CA LYS A 76 -3.48 -3.22 -11.01
C LYS A 76 -2.39 -4.25 -11.26
N ALA A 77 -1.70 -4.11 -12.40
CA ALA A 77 -0.63 -5.04 -12.75
C ALA A 77 0.48 -5.00 -11.71
N GLY A 78 0.81 -3.79 -11.24
CA GLY A 78 1.85 -3.64 -10.23
C GLY A 78 1.43 -4.27 -8.91
N ILE A 79 0.17 -4.08 -8.54
CA ILE A 79 -0.35 -4.63 -7.29
C ILE A 79 -0.30 -6.15 -7.33
N GLU A 80 -0.70 -6.73 -8.45
CA GLU A 80 -0.67 -8.18 -8.59
C GLU A 80 0.76 -8.70 -8.54
N VAL A 81 1.65 -8.03 -9.26
CA VAL A 81 3.05 -8.44 -9.29
C VAL A 81 3.68 -8.31 -7.90
N PHE A 82 3.46 -7.15 -7.26
CA PHE A 82 4.01 -6.91 -5.94
C PHE A 82 3.36 -7.80 -4.89
N ALA A 83 2.11 -8.19 -5.13
CA ALA A 83 1.38 -9.04 -4.19
C ALA A 83 1.60 -10.52 -4.51
N LEU A 84 1.90 -10.80 -5.78
CA LEU A 84 2.12 -12.18 -6.21
C LEU A 84 3.33 -12.80 -5.52
N VAL A 85 4.41 -12.04 -5.40
CA VAL A 85 5.62 -12.55 -4.77
C VAL A 85 5.28 -13.22 -3.44
N THR A 86 4.14 -12.83 -2.86
CA THR A 86 3.68 -13.41 -1.60
C THR A 86 4.03 -14.90 -1.53
N ALA A 87 4.17 -15.53 -2.70
CA ALA A 87 4.53 -16.93 -2.76
C ALA A 87 5.87 -17.16 -2.07
N ALA A 88 6.81 -16.26 -2.31
CA ALA A 88 8.13 -16.38 -1.71
C ALA A 88 8.12 -15.92 -0.25
N LEU A 89 7.12 -15.11 0.10
CA LEU A 89 6.98 -14.61 1.46
C LEU A 89 6.68 -15.74 2.44
N ALA A 90 5.87 -16.70 2.01
CA ALA A 90 5.49 -17.82 2.87
C ALA A 90 6.68 -18.73 3.16
N THR A 91 7.22 -19.32 2.11
CA THR A 91 8.35 -20.23 2.25
C THR A 91 9.44 -19.64 3.17
N ASP A 92 9.29 -18.37 3.52
CA ASP A 92 10.27 -17.72 4.39
C ASP A 92 10.38 -18.46 5.73
N PHE A 93 9.24 -18.71 6.36
CA PHE A 93 9.24 -19.41 7.65
C PHE A 93 9.63 -20.88 7.49
N VAL A 94 9.34 -21.45 6.33
CA VAL A 94 9.63 -22.86 6.08
C VAL A 94 11.13 -23.14 6.20
N ARG A 95 11.94 -22.25 5.66
CA ARG A 95 13.40 -22.43 5.72
C ARG A 95 13.86 -22.67 7.15
N ARG A 96 13.06 -22.25 8.12
CA ARG A 96 13.42 -22.42 9.53
C ARG A 96 13.74 -23.89 9.83
N GLU A 97 13.05 -24.79 9.13
CA GLU A 97 13.28 -26.21 9.34
C GLU A 97 14.74 -26.56 9.11
N GLU A 98 15.31 -25.97 8.05
CA GLU A 98 16.71 -26.20 7.72
C GLU A 98 17.61 -25.57 8.78
N GLU A 99 17.18 -24.45 9.33
CA GLU A 99 17.96 -23.75 10.35
C GLU A 99 18.08 -24.61 11.61
N ARG A 100 17.06 -25.43 11.85
CA ARG A 100 17.04 -26.30 13.02
C ARG A 100 18.27 -27.22 13.01
N ARG A 101 18.54 -27.82 11.85
CA ARG A 101 19.69 -28.71 11.71
C ARG A 101 20.99 -27.94 11.88
N GLY A 102 21.02 -26.72 11.34
CA GLY A 102 22.21 -25.88 11.42
C GLY A 102 23.09 -26.05 10.19
N HIS A 103 22.57 -26.75 9.19
CA HIS A 103 23.32 -26.99 7.96
C HIS A 103 23.29 -25.76 7.06
N SER B 1 11.68 -13.85 21.43
CA SER B 1 12.56 -13.64 20.25
C SER B 1 12.71 -14.94 19.47
N ALA B 2 11.78 -15.18 18.55
CA ALA B 2 11.80 -16.40 17.74
C ALA B 2 12.79 -16.25 16.58
N ASP B 3 13.01 -17.35 15.86
CA ASP B 3 13.92 -17.33 14.72
C ASP B 3 13.41 -16.41 13.62
N HIS B 4 12.10 -16.37 13.44
CA HIS B 4 11.49 -15.52 12.42
C HIS B 4 11.38 -14.08 12.91
N GLU B 5 11.18 -13.92 14.22
CA GLU B 5 11.06 -12.59 14.81
C GLU B 5 12.38 -11.83 14.70
N ARG B 6 13.49 -12.51 14.97
CA ARG B 6 14.80 -11.87 14.90
C ARG B 6 15.12 -11.46 13.47
N GLU B 7 14.75 -12.31 12.51
CA GLU B 7 15.01 -12.01 11.11
C GLU B 7 14.18 -10.81 10.67
N ALA B 8 12.93 -10.76 11.14
CA ALA B 8 12.03 -9.66 10.80
C ALA B 8 12.57 -8.34 11.36
N GLN B 9 13.11 -8.40 12.57
CA GLN B 9 13.65 -7.19 13.20
C GLN B 9 14.88 -6.69 12.43
N LYS B 10 15.68 -7.64 11.96
CA LYS B 10 16.89 -7.28 11.20
C LYS B 10 16.53 -6.52 9.95
N ALA B 11 15.45 -6.93 9.28
CA ALA B 11 15.02 -6.28 8.06
C ALA B 11 14.68 -4.81 8.31
N GLU B 12 14.11 -4.53 9.47
CA GLU B 12 13.73 -3.17 9.81
C GLU B 12 14.99 -2.29 9.93
N GLU B 13 16.05 -2.86 10.49
CA GLU B 13 17.29 -2.12 10.64
C GLU B 13 17.87 -1.76 9.28
N GLU B 14 17.71 -2.67 8.33
CA GLU B 14 18.21 -2.43 6.97
C GLU B 14 17.45 -1.27 6.33
N LEU B 15 16.18 -1.14 6.66
CA LEU B 15 15.36 -0.07 6.09
C LEU B 15 15.91 1.30 6.51
N GLN B 16 16.30 1.42 7.77
CA GLN B 16 16.83 2.69 8.28
C GLN B 16 18.14 3.05 7.59
N LYS B 17 18.97 2.04 7.34
CA LYS B 17 20.26 2.27 6.67
C LYS B 17 20.06 2.84 5.27
N VAL B 18 19.05 2.33 4.56
CA VAL B 18 18.75 2.79 3.22
C VAL B 18 18.36 4.26 3.22
N LEU B 19 17.55 4.65 4.20
CA LEU B 19 17.10 6.04 4.29
C LEU B 19 18.32 6.95 4.46
N GLU B 20 19.27 6.52 5.27
CA GLU B 20 20.48 7.30 5.50
C GLU B 20 21.18 7.55 4.16
N GLU B 21 21.37 6.48 3.40
CA GLU B 21 22.02 6.58 2.09
C GLU B 21 21.13 7.36 1.13
N ALA B 22 19.82 7.12 1.21
CA ALA B 22 18.88 7.80 0.35
C ALA B 22 18.85 9.30 0.68
N SER B 23 19.01 9.62 1.95
CA SER B 23 19.00 11.01 2.39
C SER B 23 20.03 11.82 1.61
N LYS B 24 21.24 11.28 1.49
CA LYS B 24 22.29 11.97 0.75
C LYS B 24 21.93 12.04 -0.73
N LYS B 25 21.40 10.93 -1.25
CA LYS B 25 21.03 10.88 -2.65
C LYS B 25 19.91 11.89 -2.94
N ALA B 26 18.95 12.00 -2.03
CA ALA B 26 17.85 12.95 -2.23
C ALA B 26 18.38 14.37 -2.44
N VAL B 27 19.22 14.83 -1.52
CA VAL B 27 19.78 16.17 -1.64
C VAL B 27 20.76 16.25 -2.80
N GLU B 28 21.61 15.24 -2.90
CA GLU B 28 22.62 15.19 -3.95
C GLU B 28 21.97 15.13 -5.34
N ALA B 29 20.94 14.29 -5.46
CA ALA B 29 20.20 14.13 -6.71
C ALA B 29 19.48 15.43 -7.05
N GLU B 30 18.99 16.12 -6.04
CA GLU B 30 18.29 17.40 -6.24
C GLU B 30 19.26 18.57 -6.25
N ARG B 31 20.52 18.30 -5.92
CA ARG B 31 21.51 19.35 -5.90
C ARG B 31 22.07 19.58 -7.30
N GLY B 32 21.69 20.70 -7.91
CA GLY B 32 22.16 21.05 -9.25
C GLY B 32 21.12 20.74 -10.31
N ALA B 33 20.00 20.16 -9.89
CA ALA B 33 18.93 19.82 -10.82
C ALA B 33 17.99 21.02 -11.00
N PRO B 34 17.36 21.17 -12.15
CA PRO B 34 16.43 22.30 -12.41
C PRO B 34 15.08 22.11 -11.72
N GLY B 35 14.51 23.20 -11.21
CA GLY B 35 13.21 23.14 -10.54
C GLY B 35 13.27 22.23 -9.32
N ALA B 36 14.47 22.03 -8.79
CA ALA B 36 14.64 21.17 -7.62
C ALA B 36 14.01 21.83 -6.39
N ALA B 37 13.43 20.99 -5.53
CA ALA B 37 12.80 21.49 -4.30
C ALA B 37 13.66 21.18 -3.08
N LEU B 38 14.21 19.97 -3.05
CA LEU B 38 15.04 19.54 -1.92
C LEU B 38 16.51 19.86 -2.21
N ILE B 39 16.86 21.13 -2.12
CA ILE B 39 18.24 21.58 -2.34
C ILE B 39 18.94 21.85 -1.01
N SER B 40 18.24 21.59 0.08
CA SER B 40 18.81 21.82 1.41
C SER B 40 19.83 20.72 1.75
N TYR B 41 19.57 19.99 2.83
CA TYR B 41 20.46 18.94 3.27
C TYR B 41 20.01 18.42 4.66
N PRO B 42 19.97 19.28 5.66
CA PRO B 42 19.57 18.85 7.04
C PRO B 42 18.17 18.22 7.07
N ASP B 43 17.28 18.67 6.19
CA ASP B 43 15.92 18.13 6.14
C ASP B 43 15.83 16.97 5.16
N ALA B 44 16.95 16.63 4.53
CA ALA B 44 16.98 15.53 3.57
C ALA B 44 16.68 14.21 4.28
N ILE B 45 17.19 14.07 5.50
CA ILE B 45 16.97 12.86 6.29
C ILE B 45 15.50 12.72 6.67
N TRP B 46 14.91 13.83 7.07
CA TRP B 46 13.52 13.81 7.49
C TRP B 46 12.61 13.35 6.34
N TRP B 47 12.83 13.91 5.15
CA TRP B 47 12.04 13.53 3.98
C TRP B 47 12.24 12.04 3.68
N SER B 48 13.47 11.56 3.81
CA SER B 48 13.77 10.16 3.55
C SER B 48 13.20 9.28 4.67
N VAL B 49 11.88 9.28 4.81
CA VAL B 49 11.23 8.48 5.84
C VAL B 49 9.83 8.05 5.42
N GLU B 50 9.02 9.01 4.97
CA GLU B 50 7.65 8.70 4.53
C GLU B 50 7.67 7.84 3.28
N THR B 51 8.68 8.04 2.44
CA THR B 51 8.80 7.28 1.20
C THR B 51 8.86 5.78 1.47
N ALA B 52 9.69 5.39 2.44
CA ALA B 52 9.83 3.97 2.77
C ALA B 52 8.48 3.37 3.16
N THR B 53 7.58 4.20 3.67
CA THR B 53 6.25 3.72 4.09
C THR B 53 5.27 3.79 2.92
N THR B 54 5.77 4.16 1.75
CA THR B 54 4.91 4.27 0.56
C THR B 54 3.75 5.22 0.83
N VAL B 55 4.04 6.53 0.81
CA VAL B 55 3.01 7.54 1.04
C VAL B 55 3.29 8.79 0.23
N GLY B 56 4.15 9.66 0.76
CA GLY B 56 4.51 10.90 0.08
C GLY B 56 3.36 11.89 0.14
N TYR B 57 3.21 12.54 1.29
CA TYR B 57 2.14 13.52 1.48
C TYR B 57 2.27 14.67 0.50
N GLY B 58 3.50 15.18 0.34
CA GLY B 58 3.76 16.30 -0.58
C GLY B 58 4.73 17.31 0.05
N ASP B 59 5.58 16.82 0.95
CA ASP B 59 6.54 17.70 1.61
C ASP B 59 7.53 18.28 0.60
N ARG B 60 8.09 17.41 -0.24
CA ARG B 60 9.07 17.83 -1.25
C ARG B 60 8.50 17.61 -2.66
N TYR B 61 9.37 17.71 -3.66
CA TYR B 61 8.95 17.53 -5.04
C TYR B 61 10.15 17.29 -5.95
N PRO B 62 10.71 16.10 -5.98
CA PRO B 62 11.88 15.80 -6.86
C PRO B 62 11.52 15.83 -8.35
N VAL B 63 12.52 16.08 -9.20
CA VAL B 63 12.30 16.13 -10.65
C VAL B 63 12.80 14.85 -11.31
N THR B 64 13.24 14.96 -12.56
CA THR B 64 13.74 13.81 -13.30
C THR B 64 15.27 13.74 -13.22
N GLU B 65 15.92 14.89 -13.30
CA GLU B 65 17.38 14.92 -13.24
C GLU B 65 17.87 14.23 -11.97
N GLU B 66 17.11 14.38 -10.90
CA GLU B 66 17.46 13.75 -9.62
C GLU B 66 17.18 12.24 -9.69
N GLY B 67 17.23 11.74 -10.92
CA GLY B 67 17.03 10.33 -11.14
C GLY B 67 15.89 9.79 -10.30
N ARG B 68 14.64 10.23 -10.56
CA ARG B 68 13.46 9.79 -9.78
C ARG B 68 13.70 8.43 -9.14
N LYS B 69 14.48 7.61 -9.83
CA LYS B 69 14.87 6.33 -9.30
C LYS B 69 15.27 6.50 -7.83
N VAL B 70 15.70 7.74 -7.46
CA VAL B 70 16.09 7.98 -6.08
C VAL B 70 14.89 7.78 -5.16
N ALA B 71 13.76 8.38 -5.54
CA ALA B 71 12.54 8.25 -4.74
C ALA B 71 12.03 6.82 -4.79
N GLU B 72 12.07 6.23 -5.98
CA GLU B 72 11.62 4.85 -6.15
C GLU B 72 12.51 3.90 -5.36
N GLN B 73 13.81 4.17 -5.37
CA GLN B 73 14.76 3.32 -4.66
C GLN B 73 14.26 3.03 -3.25
N VAL B 74 13.97 4.09 -2.50
CA VAL B 74 13.48 3.92 -1.12
C VAL B 74 12.11 3.24 -1.10
N MET B 75 11.23 3.67 -1.99
CA MET B 75 9.87 3.10 -2.03
C MET B 75 9.93 1.58 -2.19
N LYS B 76 10.73 1.12 -3.15
CA LYS B 76 10.86 -0.31 -3.39
C LYS B 76 11.54 -0.99 -2.22
N ALA B 77 12.58 -0.35 -1.67
CA ALA B 77 13.32 -0.91 -0.55
C ALA B 77 12.39 -1.19 0.62
N GLY B 78 11.43 -0.29 0.85
CA GLY B 78 10.49 -0.47 1.94
C GLY B 78 9.60 -1.69 1.73
N ILE B 79 9.15 -1.88 0.51
CA ILE B 79 8.29 -3.02 0.19
C ILE B 79 9.03 -4.35 0.37
N GLU B 80 10.35 -4.32 0.25
CA GLU B 80 11.15 -5.54 0.40
C GLU B 80 11.20 -5.99 1.85
N VAL B 81 11.59 -5.07 2.72
CA VAL B 81 11.69 -5.36 4.15
C VAL B 81 10.34 -5.75 4.74
N PHE B 82 9.32 -4.96 4.41
CA PHE B 82 7.98 -5.22 4.94
C PHE B 82 7.45 -6.56 4.43
N ALA B 83 7.75 -6.88 3.17
CA ALA B 83 7.28 -8.14 2.59
C ALA B 83 7.93 -9.32 3.31
N LEU B 84 9.21 -9.20 3.63
CA LEU B 84 9.90 -10.27 4.33
C LEU B 84 9.30 -10.49 5.71
N VAL B 85 8.98 -9.39 6.39
CA VAL B 85 8.39 -9.49 7.72
C VAL B 85 7.19 -10.41 7.69
N THR B 86 6.76 -10.76 6.48
CA THR B 86 5.63 -11.66 6.32
C THR B 86 5.96 -13.00 6.97
N ALA B 87 7.20 -13.42 6.82
CA ALA B 87 7.65 -14.70 7.39
C ALA B 87 7.04 -14.91 8.78
N ALA B 88 7.37 -14.02 9.72
CA ALA B 88 6.84 -14.12 11.08
C ALA B 88 5.32 -14.10 11.07
N LEU B 89 4.74 -13.64 9.96
CA LEU B 89 3.29 -13.58 9.81
C LEU B 89 2.81 -14.79 9.02
N ALA B 90 3.75 -15.60 8.55
CA ALA B 90 3.44 -16.81 7.79
C ALA B 90 3.35 -18.00 8.73
N THR B 91 4.05 -17.90 9.85
CA THR B 91 4.06 -18.97 10.85
C THR B 91 2.85 -18.85 11.77
N ASP B 92 2.08 -17.79 11.58
CA ASP B 92 0.89 -17.56 12.40
C ASP B 92 -0.09 -18.74 12.31
N PHE B 93 -0.36 -19.18 11.09
CA PHE B 93 -1.28 -20.30 10.88
C PHE B 93 -0.70 -21.61 11.43
N VAL B 94 0.63 -21.73 11.38
CA VAL B 94 1.30 -22.93 11.84
C VAL B 94 1.01 -23.21 13.31
N ARG B 95 1.06 -22.19 14.14
CA ARG B 95 0.81 -22.35 15.57
C ARG B 95 -0.65 -22.74 15.81
N ARG B 96 -1.53 -22.45 14.85
CA ARG B 96 -2.93 -22.80 14.99
C ARG B 96 -3.08 -24.30 15.18
N GLU B 97 -2.33 -25.08 14.40
CA GLU B 97 -2.39 -26.53 14.48
C GLU B 97 -2.28 -27.01 15.93
N GLU B 98 -1.19 -26.64 16.60
CA GLU B 98 -0.98 -27.04 17.99
C GLU B 98 -2.01 -26.38 18.90
N GLU B 99 -2.42 -25.17 18.55
CA GLU B 99 -3.39 -24.45 19.35
C GLU B 99 -4.72 -25.21 19.40
N ARG B 100 -5.15 -25.70 18.25
CA ARG B 100 -6.41 -26.45 18.18
C ARG B 100 -6.26 -27.80 18.87
N ARG B 101 -5.14 -28.48 18.61
CA ARG B 101 -4.89 -29.78 19.21
C ARG B 101 -3.83 -29.68 20.30
N GLY B 102 -4.22 -30.00 21.53
CA GLY B 102 -3.30 -29.95 22.67
C GLY B 102 -3.73 -28.88 23.67
N HIS B 103 -4.50 -27.91 23.21
CA HIS B 103 -4.98 -26.84 24.07
C HIS B 103 -6.19 -27.30 24.88
N SER C 1 -15.39 -17.21 16.18
CA SER C 1 -15.38 -16.66 14.80
C SER C 1 -14.21 -17.24 14.02
N ALA C 2 -14.42 -18.41 13.43
CA ALA C 2 -13.38 -19.08 12.66
C ALA C 2 -12.04 -19.01 13.38
N ASP C 3 -12.09 -18.71 14.68
CA ASP C 3 -10.87 -18.60 15.49
C ASP C 3 -9.91 -17.57 14.90
N HIS C 4 -9.28 -17.94 13.79
CA HIS C 4 -8.34 -17.06 13.13
C HIS C 4 -8.97 -15.69 12.82
N GLU C 5 -10.21 -15.71 12.34
CA GLU C 5 -10.90 -14.48 12.02
C GLU C 5 -11.12 -13.65 13.27
N ARG C 6 -11.36 -14.31 14.39
CA ARG C 6 -11.59 -13.61 15.65
C ARG C 6 -10.36 -12.76 16.00
N GLU C 7 -9.19 -13.36 15.88
CA GLU C 7 -7.96 -12.65 16.19
C GLU C 7 -7.77 -11.47 15.24
N ALA C 8 -8.04 -11.71 13.97
CA ALA C 8 -7.91 -10.66 12.96
C ALA C 8 -8.92 -9.53 13.23
N GLN C 9 -10.13 -9.91 13.62
CA GLN C 9 -11.17 -8.93 13.90
C GLN C 9 -10.78 -8.09 15.12
N LYS C 10 -10.25 -8.74 16.15
CA LYS C 10 -9.83 -8.04 17.35
C LYS C 10 -8.69 -7.07 17.04
N ALA C 11 -7.82 -7.48 16.12
CA ALA C 11 -6.67 -6.66 15.73
C ALA C 11 -7.13 -5.33 15.11
N GLU C 12 -8.22 -5.37 14.36
CA GLU C 12 -8.74 -4.17 13.72
C GLU C 12 -9.19 -3.16 14.76
N GLU C 13 -9.77 -3.64 15.86
CA GLU C 13 -10.24 -2.77 16.92
C GLU C 13 -9.08 -2.01 17.56
N GLU C 14 -7.94 -2.69 17.66
CA GLU C 14 -6.76 -2.08 18.27
C GLU C 14 -6.28 -0.90 17.43
N LEU C 15 -6.38 -1.02 16.11
CA LEU C 15 -5.94 0.05 15.22
C LEU C 15 -6.75 1.32 15.47
N GLN C 16 -8.06 1.15 15.68
CA GLN C 16 -8.94 2.29 15.93
C GLN C 16 -8.50 3.06 17.17
N LYS C 17 -8.07 2.35 18.20
CA LYS C 17 -7.63 2.98 19.43
C LYS C 17 -6.42 3.89 19.18
N VAL C 18 -5.51 3.42 18.34
CA VAL C 18 -4.31 4.18 18.02
C VAL C 18 -4.67 5.49 17.34
N LEU C 19 -5.74 5.48 16.54
CA LEU C 19 -6.16 6.68 15.83
C LEU C 19 -6.53 7.77 16.84
N GLU C 20 -7.23 7.37 17.89
CA GLU C 20 -7.64 8.32 18.92
C GLU C 20 -6.41 8.93 19.57
N GLU C 21 -5.44 8.08 19.93
CA GLU C 21 -4.22 8.54 20.55
C GLU C 21 -3.37 9.31 19.54
N ALA C 22 -3.34 8.82 18.31
CA ALA C 22 -2.57 9.47 17.27
C ALA C 22 -3.11 10.87 16.98
N SER C 23 -4.43 11.01 17.06
CA SER C 23 -5.05 12.30 16.81
C SER C 23 -4.54 13.36 17.78
N LYS C 24 -4.48 13.00 19.06
CA LYS C 24 -4.00 13.93 20.06
C LYS C 24 -2.53 14.23 19.85
N LYS C 25 -1.79 13.20 19.45
CA LYS C 25 -0.36 13.36 19.20
C LYS C 25 -0.14 14.21 17.93
N ALA C 26 -0.96 13.96 16.91
CA ALA C 26 -0.84 14.70 15.66
C ALA C 26 -1.04 16.19 15.87
N VAL C 27 -2.16 16.56 16.52
CA VAL C 27 -2.44 17.97 16.77
C VAL C 27 -1.38 18.55 17.71
N GLU C 28 -1.06 17.78 18.74
CA GLU C 28 -0.06 18.22 19.71
C GLU C 28 1.31 18.30 19.05
N ALA C 29 1.58 17.39 18.13
CA ALA C 29 2.86 17.38 17.43
C ALA C 29 3.12 18.70 16.72
N GLU C 30 2.04 19.39 16.37
CA GLU C 30 2.17 20.67 15.67
C GLU C 30 2.81 21.72 16.58
N ARG C 31 2.46 21.67 17.86
CA ARG C 31 2.99 22.61 18.83
C ARG C 31 4.47 22.33 19.10
N GLY C 32 5.34 23.13 18.48
CA GLY C 32 6.78 22.99 18.65
C GLY C 32 7.49 22.85 17.31
N ALA C 33 6.75 22.42 16.29
CA ALA C 33 7.31 22.25 14.95
C ALA C 33 6.98 23.46 14.07
N PRO C 34 7.88 23.89 13.20
CA PRO C 34 7.64 25.07 12.31
C PRO C 34 6.68 24.75 11.17
N GLY C 35 5.78 25.67 10.87
CA GLY C 35 4.82 25.46 9.78
C GLY C 35 3.63 24.64 10.24
N ALA C 36 3.20 24.85 11.49
CA ALA C 36 2.07 24.11 12.04
C ALA C 36 0.82 24.32 11.17
N ALA C 37 0.00 23.28 11.08
CA ALA C 37 -1.23 23.34 10.29
C ALA C 37 -2.30 22.44 10.90
N LEU C 38 -1.90 21.27 11.38
CA LEU C 38 -2.84 20.33 11.98
C LEU C 38 -3.31 20.86 13.33
N ILE C 39 -3.01 22.12 13.61
CA ILE C 39 -3.40 22.73 14.87
C ILE C 39 -4.85 22.42 15.20
N SER C 40 -5.58 21.91 14.20
CA SER C 40 -6.98 21.56 14.39
C SER C 40 -7.11 20.40 15.38
N TYR C 41 -8.18 20.42 16.17
CA TYR C 41 -8.43 19.38 17.16
C TYR C 41 -9.50 18.38 16.65
N PRO C 42 -10.73 18.82 16.42
CA PRO C 42 -11.80 17.91 15.92
C PRO C 42 -11.44 17.27 14.57
N ASP C 43 -10.74 18.02 13.73
CA ASP C 43 -10.36 17.52 12.41
C ASP C 43 -9.07 16.69 12.49
N ALA C 44 -8.44 16.67 13.66
CA ALA C 44 -7.20 15.90 13.84
C ALA C 44 -7.46 14.41 13.65
N ILE C 45 -8.61 13.94 14.14
CA ILE C 45 -8.96 12.53 14.02
C ILE C 45 -9.12 12.15 12.55
N TRP C 46 -9.58 13.09 11.75
CA TRP C 46 -9.79 12.83 10.32
C TRP C 46 -8.45 12.51 9.65
N TRP C 47 -7.43 13.30 9.93
CA TRP C 47 -6.11 13.03 9.35
C TRP C 47 -5.61 11.67 9.81
N SER C 48 -5.85 11.36 11.09
CA SER C 48 -5.40 10.10 11.65
C SER C 48 -6.00 8.91 10.90
N VAL C 49 -7.24 9.05 10.46
CA VAL C 49 -7.92 7.96 9.76
C VAL C 49 -7.18 7.59 8.47
N GLU C 50 -6.83 8.58 7.67
CA GLU C 50 -6.11 8.30 6.43
C GLU C 50 -4.67 7.88 6.71
N THR C 51 -4.13 8.33 7.83
CA THR C 51 -2.75 8.00 8.18
C THR C 51 -2.57 6.51 8.40
N ALA C 52 -3.44 5.91 9.20
CA ALA C 52 -3.33 4.49 9.49
C ALA C 52 -3.44 3.67 8.21
N THR C 53 -4.11 4.21 7.21
CA THR C 53 -4.26 3.51 5.94
C THR C 53 -3.08 3.83 5.02
N THR C 54 -2.16 4.66 5.50
CA THR C 54 -0.99 5.04 4.73
C THR C 54 -1.41 5.65 3.40
N VAL C 55 -2.71 5.85 3.21
CA VAL C 55 -3.23 6.43 1.99
C VAL C 55 -2.75 7.86 1.83
N GLY C 56 -2.80 8.64 2.92
CA GLY C 56 -2.37 10.04 2.87
C GLY C 56 -2.97 10.73 1.65
N TYR C 57 -4.28 10.73 1.56
CA TYR C 57 -4.96 11.35 0.42
C TYR C 57 -4.60 12.84 0.34
N GLY C 58 -4.73 13.52 1.47
CA GLY C 58 -4.42 14.95 1.51
C GLY C 58 -4.98 15.58 2.77
N ASP C 59 -6.13 16.24 2.62
CA ASP C 59 -6.78 16.88 3.76
C ASP C 59 -5.81 17.81 4.50
N ARG C 60 -4.96 17.21 5.34
CA ARG C 60 -3.99 17.97 6.12
C ARG C 60 -2.58 17.51 5.75
N TYR C 61 -1.60 17.91 6.54
CA TYR C 61 -0.22 17.52 6.27
C TYR C 61 0.64 17.68 7.54
N PRO C 62 1.40 16.68 7.93
CA PRO C 62 2.26 16.76 9.14
C PRO C 62 3.44 17.72 8.94
N VAL C 63 4.04 18.15 10.04
CA VAL C 63 5.18 19.06 9.97
C VAL C 63 6.48 18.27 9.82
N THR C 64 7.58 18.85 10.29
CA THR C 64 8.88 18.18 10.20
C THR C 64 9.39 17.80 11.59
N GLU C 65 9.82 18.79 12.37
CA GLU C 65 10.35 18.54 13.72
C GLU C 65 9.67 17.35 14.36
N GLU C 66 8.39 17.18 14.05
CA GLU C 66 7.60 16.06 14.57
C GLU C 66 6.71 15.51 13.46
N GLY C 67 5.43 15.88 13.51
CA GLY C 67 4.40 15.48 12.53
C GLY C 67 4.72 14.20 11.76
N ARG C 68 5.88 14.20 11.11
CA ARG C 68 6.33 13.07 10.33
C ARG C 68 6.73 11.92 11.23
N LYS C 69 7.83 12.10 11.95
CA LYS C 69 8.31 11.06 12.86
C LYS C 69 7.13 10.56 13.69
N VAL C 70 6.24 11.46 14.07
CA VAL C 70 5.07 11.05 14.85
C VAL C 70 4.14 10.19 13.99
N ALA C 71 3.90 10.63 12.75
CA ALA C 71 3.05 9.88 11.84
C ALA C 71 3.68 8.53 11.51
N GLU C 72 5.00 8.52 11.42
CA GLU C 72 5.72 7.29 11.10
C GLU C 72 5.25 6.15 11.99
N GLN C 73 5.18 6.40 13.30
CA GLN C 73 4.76 5.37 14.23
C GLN C 73 3.29 4.99 14.01
N VAL C 74 2.44 5.98 13.73
CA VAL C 74 1.02 5.70 13.53
C VAL C 74 0.78 4.81 12.31
N MET C 75 1.45 5.12 11.21
CA MET C 75 1.31 4.34 9.98
C MET C 75 1.77 2.91 10.18
N LYS C 76 2.87 2.74 10.91
CA LYS C 76 3.39 1.40 11.17
C LYS C 76 2.38 0.56 11.95
N ALA C 77 1.68 1.19 12.87
CA ALA C 77 0.69 0.47 13.68
C ALA C 77 -0.36 -0.16 12.78
N GLY C 78 -0.81 0.58 11.77
CA GLY C 78 -1.82 0.08 10.85
C GLY C 78 -1.28 -1.05 9.99
N ILE C 79 -0.05 -0.91 9.50
CA ILE C 79 0.56 -1.92 8.65
C ILE C 79 0.67 -3.25 9.39
N GLU C 80 1.10 -3.18 10.65
CA GLU C 80 1.26 -4.40 11.45
C GLU C 80 -0.09 -5.08 11.68
N VAL C 81 -1.12 -4.29 11.98
CA VAL C 81 -2.44 -4.85 12.22
C VAL C 81 -3.00 -5.52 10.98
N PHE C 82 -2.93 -4.84 9.84
CA PHE C 82 -3.44 -5.40 8.59
C PHE C 82 -2.62 -6.61 8.16
N ALA C 83 -1.31 -6.54 8.33
CA ALA C 83 -0.45 -7.66 7.95
C ALA C 83 -0.63 -8.84 8.91
N LEU C 84 -1.00 -8.53 10.14
CA LEU C 84 -1.20 -9.57 11.15
C LEU C 84 -2.34 -10.50 10.78
N VAL C 85 -3.42 -9.96 10.21
CA VAL C 85 -4.56 -10.79 9.84
C VAL C 85 -4.12 -11.98 8.98
N THR C 86 -2.83 -12.02 8.64
CA THR C 86 -2.30 -13.10 7.82
C THR C 86 -2.75 -14.45 8.39
N ALA C 87 -2.77 -14.54 9.71
CA ALA C 87 -3.19 -15.77 10.37
C ALA C 87 -4.50 -16.27 9.77
N ALA C 88 -5.21 -15.39 9.07
CA ALA C 88 -6.49 -15.77 8.44
C ALA C 88 -6.32 -15.91 6.92
N LEU C 89 -5.20 -15.41 6.41
CA LEU C 89 -4.93 -15.48 4.97
C LEU C 89 -4.30 -16.81 4.57
N ALA C 90 -3.23 -17.18 5.26
CA ALA C 90 -2.54 -18.43 4.97
C ALA C 90 -3.48 -19.63 5.07
N THR C 91 -4.26 -19.67 6.14
CA THR C 91 -5.19 -20.77 6.36
C THR C 91 -6.43 -20.60 5.48
N ASP C 92 -6.50 -19.48 4.77
CA ASP C 92 -7.64 -19.22 3.89
C ASP C 92 -7.82 -20.35 2.88
N PHE C 93 -6.72 -20.72 2.23
CA PHE C 93 -6.77 -21.79 1.24
C PHE C 93 -6.91 -23.15 1.90
N VAL C 94 -6.21 -23.34 3.01
CA VAL C 94 -6.23 -24.61 3.73
C VAL C 94 -7.66 -25.16 3.86
N ARG C 95 -8.64 -24.28 3.84
CA ARG C 95 -10.03 -24.71 3.98
C ARG C 95 -10.43 -25.64 2.83
N ARG C 96 -9.71 -25.55 1.72
CA ARG C 96 -10.01 -26.39 0.55
C ARG C 96 -9.81 -27.86 0.89
N GLU C 97 -8.79 -28.15 1.70
CA GLU C 97 -8.51 -29.53 2.09
C GLU C 97 -9.63 -30.09 2.94
N GLU C 98 -10.27 -29.23 3.74
CA GLU C 98 -11.38 -29.65 4.59
C GLU C 98 -12.70 -29.13 4.02
N GLU C 99 -13.79 -29.38 4.75
CA GLU C 99 -15.12 -28.94 4.32
C GLU C 99 -15.55 -29.68 3.05
N ARG C 100 -14.74 -29.59 2.00
CA ARG C 100 -15.03 -30.26 0.74
C ARG C 100 -15.17 -31.77 0.96
N ARG C 101 -14.25 -32.34 1.74
CA ARG C 101 -14.27 -33.77 2.01
C ARG C 101 -15.53 -34.13 2.80
N GLY C 102 -15.94 -33.25 3.70
CA GLY C 102 -17.13 -33.50 4.53
C GLY C 102 -16.75 -34.23 5.81
N HIS C 103 -15.49 -34.10 6.22
CA HIS C 103 -15.02 -34.76 7.44
C HIS C 103 -15.91 -34.40 8.61
N SER D 1 -12.79 -26.42 -11.10
CA SER D 1 -11.49 -25.90 -11.61
C SER D 1 -10.88 -24.98 -10.55
N ALA D 2 -9.94 -25.53 -9.77
CA ALA D 2 -9.28 -24.75 -8.72
C ALA D 2 -10.29 -23.93 -7.95
N ASP D 3 -10.86 -24.52 -6.90
CA ASP D 3 -11.84 -23.84 -6.08
C ASP D 3 -11.23 -22.62 -5.39
N HIS D 4 -9.98 -22.78 -4.93
CA HIS D 4 -9.29 -21.69 -4.24
C HIS D 4 -9.15 -20.47 -5.15
N GLU D 5 -8.73 -20.70 -6.39
CA GLU D 5 -8.56 -19.61 -7.34
C GLU D 5 -9.89 -18.93 -7.62
N ARG D 6 -10.94 -19.73 -7.72
CA ARG D 6 -12.28 -19.20 -7.98
C ARG D 6 -12.72 -18.29 -6.84
N GLU D 7 -12.43 -18.70 -5.61
CA GLU D 7 -12.81 -17.92 -4.45
C GLU D 7 -12.16 -16.55 -4.51
N ALA D 8 -10.90 -16.52 -4.94
CA ALA D 8 -10.18 -15.26 -5.05
C ALA D 8 -10.85 -14.33 -6.06
N GLN D 9 -11.28 -14.89 -7.18
CA GLN D 9 -11.93 -14.09 -8.21
C GLN D 9 -13.27 -13.55 -7.71
N LYS D 10 -13.98 -14.36 -6.95
CA LYS D 10 -15.27 -13.95 -6.40
C LYS D 10 -15.11 -12.76 -5.46
N ALA D 11 -13.99 -12.74 -4.74
CA ALA D 11 -13.74 -11.65 -3.80
C ALA D 11 -13.75 -10.30 -4.50
N GLU D 12 -13.22 -10.26 -5.72
CA GLU D 12 -13.18 -9.02 -6.49
C GLU D 12 -14.59 -8.49 -6.72
N GLU D 13 -15.53 -9.39 -6.96
CA GLU D 13 -16.91 -9.00 -7.20
C GLU D 13 -17.50 -8.34 -5.97
N GLU D 14 -17.07 -8.79 -4.79
CA GLU D 14 -17.57 -8.22 -3.54
C GLU D 14 -17.22 -6.74 -3.44
N LEU D 15 -16.02 -6.38 -3.86
CA LEU D 15 -15.60 -5.00 -3.80
C LEU D 15 -16.47 -4.13 -4.69
N GLN D 16 -16.80 -4.64 -5.88
CA GLN D 16 -17.63 -3.89 -6.82
C GLN D 16 -18.92 -3.43 -6.16
N LYS D 17 -19.55 -4.31 -5.40
CA LYS D 17 -20.81 -3.95 -4.73
C LYS D 17 -20.62 -2.79 -3.77
N VAL D 18 -19.50 -2.78 -3.05
CA VAL D 18 -19.22 -1.74 -2.06
C VAL D 18 -18.64 -0.50 -2.72
N LEU D 19 -17.70 -0.69 -3.64
CA LEU D 19 -17.09 0.43 -4.32
C LEU D 19 -18.15 1.20 -5.09
N GLU D 20 -18.98 0.47 -5.83
CA GLU D 20 -20.04 1.10 -6.61
C GLU D 20 -20.94 1.93 -5.70
N GLU D 21 -21.25 1.38 -4.54
CA GLU D 21 -22.09 2.10 -3.59
C GLU D 21 -21.39 3.38 -3.14
N ALA D 22 -20.06 3.35 -3.16
CA ALA D 22 -19.28 4.51 -2.75
C ALA D 22 -19.62 5.73 -3.61
N SER D 23 -19.66 5.52 -4.92
CA SER D 23 -19.96 6.62 -5.84
C SER D 23 -21.34 7.20 -5.57
N LYS D 24 -22.30 6.33 -5.30
CA LYS D 24 -23.66 6.79 -5.04
C LYS D 24 -23.69 7.67 -3.78
N LYS D 25 -22.84 7.35 -2.82
CA LYS D 25 -22.78 8.14 -1.58
C LYS D 25 -21.85 9.33 -1.74
N ALA D 26 -20.69 9.11 -2.34
CA ALA D 26 -19.70 10.18 -2.53
C ALA D 26 -20.32 11.39 -3.23
N VAL D 27 -21.13 11.13 -4.26
CA VAL D 27 -21.76 12.23 -4.98
C VAL D 27 -22.64 13.04 -4.02
N GLU D 28 -23.44 12.33 -3.23
CA GLU D 28 -24.34 12.99 -2.28
C GLU D 28 -23.53 13.63 -1.14
N ALA D 29 -22.52 12.92 -0.68
CA ALA D 29 -21.66 13.41 0.40
C ALA D 29 -21.05 14.76 0.01
N GLU D 30 -20.94 15.01 -1.29
CA GLU D 30 -20.35 16.26 -1.77
C GLU D 30 -21.43 17.28 -2.12
N ARG D 31 -22.51 16.80 -2.72
CA ARG D 31 -23.61 17.68 -3.10
C ARG D 31 -24.18 18.41 -1.88
N GLY D 32 -23.50 19.45 -1.45
CA GLY D 32 -23.96 20.26 -0.30
C GLY D 32 -22.86 20.43 0.73
N ALA D 33 -21.61 20.28 0.29
CA ALA D 33 -20.46 20.44 1.19
C ALA D 33 -19.74 21.76 0.91
N PRO D 34 -19.06 22.32 1.89
CA PRO D 34 -18.32 23.59 1.71
C PRO D 34 -17.03 23.40 0.90
N GLY D 35 -16.75 24.34 0.01
CA GLY D 35 -15.54 24.26 -0.82
C GLY D 35 -15.64 23.14 -1.84
N ALA D 36 -16.47 22.14 -1.54
CA ALA D 36 -16.65 21.00 -2.44
C ALA D 36 -15.31 20.53 -3.00
N ALA D 37 -15.38 19.63 -3.98
CA ALA D 37 -14.17 19.10 -4.60
C ALA D 37 -14.53 18.01 -5.61
N LEU D 38 -15.38 17.06 -5.18
CA LEU D 38 -15.81 15.96 -6.05
C LEU D 38 -17.32 16.05 -6.30
N ILE D 39 -17.68 16.19 -7.57
CA ILE D 39 -19.09 16.29 -7.96
C ILE D 39 -19.34 15.54 -9.26
N SER D 40 -20.61 15.38 -9.60
CA SER D 40 -20.98 14.68 -10.82
C SER D 40 -20.88 13.17 -10.63
N TYR D 41 -21.88 12.45 -11.14
CA TYR D 41 -21.88 11.01 -11.05
C TYR D 41 -20.85 10.40 -12.00
N PRO D 42 -20.77 10.83 -13.25
CA PRO D 42 -19.78 10.26 -14.23
C PRO D 42 -18.35 10.42 -13.75
N ASP D 43 -18.09 11.49 -12.99
CA ASP D 43 -16.74 11.76 -12.49
C ASP D 43 -16.54 11.13 -11.11
N ALA D 44 -17.61 11.10 -10.31
CA ALA D 44 -17.53 10.54 -8.96
C ALA D 44 -17.18 9.06 -9.01
N ILE D 45 -17.66 8.37 -10.04
CA ILE D 45 -17.36 6.96 -10.21
C ILE D 45 -15.87 6.74 -10.43
N TRP D 46 -15.24 7.66 -11.17
CA TRP D 46 -13.83 7.56 -11.46
C TRP D 46 -13.01 7.68 -10.16
N TRP D 47 -13.37 8.66 -9.33
CA TRP D 47 -12.68 8.83 -8.06
C TRP D 47 -12.89 7.60 -7.19
N SER D 48 -14.09 7.04 -7.25
CA SER D 48 -14.41 5.85 -6.46
C SER D 48 -13.50 4.69 -6.85
N VAL D 49 -13.22 4.55 -8.14
CA VAL D 49 -12.40 3.45 -8.63
C VAL D 49 -11.01 3.48 -7.97
N GLU D 50 -10.36 4.63 -8.00
CA GLU D 50 -9.04 4.75 -7.41
C GLU D 50 -9.14 4.63 -5.89
N THR D 51 -10.24 5.13 -5.34
CA THR D 51 -10.45 5.05 -3.89
C THR D 51 -10.50 3.60 -3.43
N ALA D 52 -11.26 2.77 -4.14
CA ALA D 52 -11.37 1.37 -3.78
C ALA D 52 -10.01 0.69 -3.85
N THR D 53 -9.14 1.20 -4.73
CA THR D 53 -7.80 0.65 -4.89
C THR D 53 -6.82 1.35 -3.95
N THR D 54 -7.35 2.24 -3.11
CA THR D 54 -6.51 2.98 -2.17
C THR D 54 -5.35 3.66 -2.88
N VAL D 55 -5.65 4.68 -3.67
CA VAL D 55 -4.62 5.42 -4.40
C VAL D 55 -4.83 6.93 -4.26
N GLY D 56 -5.99 7.40 -4.69
CA GLY D 56 -6.30 8.82 -4.61
C GLY D 56 -5.48 9.62 -5.61
N TYR D 57 -4.16 9.54 -5.49
CA TYR D 57 -3.26 10.24 -6.39
C TYR D 57 -3.30 11.75 -6.10
N GLY D 58 -4.49 12.26 -5.79
CA GLY D 58 -4.66 13.68 -5.51
C GLY D 58 -5.60 14.32 -6.52
N ASP D 59 -6.26 13.49 -7.34
CA ASP D 59 -7.18 14.01 -8.34
C ASP D 59 -8.30 14.79 -7.69
N ARG D 60 -8.97 14.15 -6.73
CA ARG D 60 -10.06 14.80 -6.01
C ARG D 60 -10.08 14.33 -4.57
N TYR D 61 -10.43 15.25 -3.66
CA TYR D 61 -10.48 14.93 -2.24
C TYR D 61 -11.75 15.52 -1.59
N PRO D 62 -12.59 14.70 -0.98
CA PRO D 62 -13.84 15.21 -0.33
C PRO D 62 -13.55 16.01 0.95
N VAL D 63 -14.60 16.34 1.68
CA VAL D 63 -14.47 17.11 2.93
C VAL D 63 -15.05 16.33 4.11
N THR D 64 -15.01 16.93 5.29
CA THR D 64 -15.53 16.28 6.49
C THR D 64 -17.03 16.02 6.36
N GLU D 65 -17.77 17.02 5.89
CA GLU D 65 -19.21 16.87 5.74
C GLU D 65 -19.53 15.62 4.93
N GLU D 66 -18.63 15.24 4.02
CA GLU D 66 -18.83 14.02 3.24
C GLU D 66 -18.52 12.82 4.15
N GLY D 67 -18.51 13.11 5.43
CA GLY D 67 -18.26 12.06 6.38
C GLY D 67 -17.05 11.26 5.94
N ARG D 68 -15.88 11.91 5.85
CA ARG D 68 -14.63 11.26 5.38
C ARG D 68 -14.67 9.75 5.61
N LYS D 69 -15.42 9.37 6.63
CA LYS D 69 -15.61 7.97 6.93
C LYS D 69 -16.10 7.26 5.66
N VAL D 70 -16.70 8.02 4.72
CA VAL D 70 -17.19 7.41 3.49
C VAL D 70 -16.03 6.76 2.75
N ALA D 71 -14.92 7.48 2.66
CA ALA D 71 -13.74 6.94 2.00
C ALA D 71 -13.14 5.79 2.80
N GLU D 72 -12.98 6.02 4.10
CA GLU D 72 -12.41 4.99 4.98
C GLU D 72 -13.06 3.63 4.78
N GLN D 73 -14.35 3.54 5.08
CA GLN D 73 -15.07 2.27 4.95
C GLN D 73 -14.93 1.68 3.54
N VAL D 74 -15.06 2.52 2.51
CA VAL D 74 -14.96 2.03 1.14
C VAL D 74 -13.60 1.42 0.86
N MET D 75 -12.55 2.14 1.23
CA MET D 75 -11.18 1.67 1.02
C MET D 75 -10.93 0.40 1.82
N LYS D 76 -11.47 0.33 3.03
CA LYS D 76 -11.28 -0.84 3.87
C LYS D 76 -11.81 -2.10 3.17
N ALA D 77 -12.96 -1.98 2.53
CA ALA D 77 -13.55 -3.12 1.84
C ALA D 77 -12.60 -3.61 0.74
N GLY D 78 -11.97 -2.67 0.04
CA GLY D 78 -11.05 -3.01 -1.03
C GLY D 78 -9.79 -3.70 -0.49
N ILE D 79 -9.28 -3.19 0.63
CA ILE D 79 -8.08 -3.75 1.23
C ILE D 79 -8.28 -5.20 1.64
N GLU D 80 -9.42 -5.49 2.26
CA GLU D 80 -9.72 -6.85 2.71
C GLU D 80 -9.93 -7.78 1.51
N VAL D 81 -10.62 -7.27 0.49
CA VAL D 81 -10.88 -8.08 -0.69
C VAL D 81 -9.59 -8.45 -1.41
N PHE D 82 -8.72 -7.48 -1.62
CA PHE D 82 -7.46 -7.73 -2.30
C PHE D 82 -6.52 -8.54 -1.42
N ALA D 83 -6.90 -8.70 -0.15
CA ALA D 83 -6.07 -9.47 0.79
C ALA D 83 -6.58 -10.90 0.87
N LEU D 84 -7.89 -11.09 0.67
CA LEU D 84 -8.48 -12.41 0.72
C LEU D 84 -7.90 -13.30 -0.37
N VAL D 85 -7.77 -12.73 -1.57
CA VAL D 85 -7.21 -13.49 -2.69
C VAL D 85 -5.86 -14.08 -2.31
N THR D 86 -5.37 -13.70 -1.14
CA THR D 86 -4.09 -14.20 -0.66
C THR D 86 -4.13 -15.72 -0.52
N ALA D 87 -5.34 -16.26 -0.44
CA ALA D 87 -5.50 -17.71 -0.30
C ALA D 87 -4.75 -18.44 -1.39
N ALA D 88 -5.05 -18.10 -2.64
CA ALA D 88 -4.38 -18.75 -3.76
C ALA D 88 -2.89 -18.41 -3.76
N LEU D 89 -2.58 -17.17 -3.42
CA LEU D 89 -1.18 -16.73 -3.37
C LEU D 89 -0.44 -17.51 -2.28
N ALA D 90 -1.10 -17.70 -1.14
CA ALA D 90 -0.52 -18.42 -0.02
C ALA D 90 -0.28 -19.88 -0.40
N THR D 91 -1.19 -20.43 -1.17
CA THR D 91 -1.07 -21.82 -1.60
C THR D 91 -0.06 -21.93 -2.75
N ASP D 92 0.43 -20.78 -3.20
CA ASP D 92 1.40 -20.76 -4.31
C ASP D 92 2.65 -21.53 -3.96
N PHE D 93 3.25 -21.21 -2.81
CA PHE D 93 4.47 -21.89 -2.38
C PHE D 93 4.20 -23.38 -2.13
N VAL D 94 2.99 -23.69 -1.67
CA VAL D 94 2.63 -25.08 -1.37
C VAL D 94 2.75 -25.97 -2.61
N ARG D 95 2.32 -25.46 -3.75
CA ARG D 95 2.38 -26.23 -4.99
C ARG D 95 3.82 -26.68 -5.29
N ARG D 96 4.79 -25.95 -4.75
CA ARG D 96 6.20 -26.28 -4.98
C ARG D 96 6.49 -27.70 -4.48
N GLU D 97 5.52 -28.28 -3.79
CA GLU D 97 5.68 -29.62 -3.23
C GLU D 97 5.32 -30.70 -4.27
N GLU D 98 4.91 -30.26 -5.45
CA GLU D 98 4.54 -31.19 -6.53
C GLU D 98 5.19 -30.77 -7.84
N GLU D 99 5.54 -29.49 -7.94
CA GLU D 99 6.17 -28.97 -9.15
C GLU D 99 7.56 -29.60 -9.33
N ARG D 100 8.29 -29.72 -8.23
CA ARG D 100 9.63 -30.29 -8.28
C ARG D 100 9.57 -31.73 -8.79
N ARG D 101 8.68 -32.52 -8.20
CA ARG D 101 8.51 -33.92 -8.60
C ARG D 101 7.90 -34.01 -9.99
N GLY D 102 6.97 -33.09 -10.28
CA GLY D 102 6.30 -33.08 -11.57
C GLY D 102 5.02 -33.91 -11.54
N HIS D 103 4.46 -34.08 -10.35
CA HIS D 103 3.23 -34.86 -10.19
C HIS D 103 2.62 -34.63 -8.81
N SER A 1 15.08 -26.89 -6.42
CA SER A 1 15.66 -25.88 -5.48
C SER A 1 14.53 -25.01 -4.92
N ALA A 2 13.70 -24.48 -5.81
CA ALA A 2 12.59 -23.63 -5.39
C ALA A 2 11.59 -23.46 -6.53
N ASP A 3 12.09 -22.97 -7.67
CA ASP A 3 11.23 -22.76 -8.84
C ASP A 3 10.25 -21.61 -8.60
N HIS A 4 9.75 -21.52 -7.37
CA HIS A 4 8.81 -20.47 -7.02
C HIS A 4 9.48 -19.10 -7.06
N GLU A 5 10.72 -19.04 -6.57
CA GLU A 5 11.46 -17.78 -6.57
C GLU A 5 11.75 -17.32 -8.00
N ARG A 6 12.01 -18.28 -8.87
CA ARG A 6 12.30 -17.96 -10.27
C ARG A 6 11.08 -17.33 -10.92
N GLU A 7 9.91 -17.84 -10.60
CA GLU A 7 8.68 -17.31 -11.16
C GLU A 7 8.44 -15.88 -10.67
N ALA A 8 8.82 -15.63 -9.41
CA ALA A 8 8.64 -14.31 -8.84
C ALA A 8 9.43 -13.27 -9.64
N GLN A 9 10.64 -13.65 -10.05
CA GLN A 9 11.49 -12.76 -10.83
C GLN A 9 10.83 -12.47 -12.18
N LYS A 10 10.19 -13.49 -12.76
CA LYS A 10 9.53 -13.34 -14.05
C LYS A 10 8.42 -12.30 -13.96
N ALA A 11 7.69 -12.30 -12.85
CA ALA A 11 6.59 -11.37 -12.65
C ALA A 11 7.08 -9.93 -12.70
N GLU A 12 8.26 -9.69 -12.12
CA GLU A 12 8.82 -8.34 -12.11
C GLU A 12 9.11 -7.86 -13.53
N GLU A 13 9.58 -8.77 -14.37
CA GLU A 13 9.88 -8.43 -15.75
C GLU A 13 8.62 -8.00 -16.49
N GLU A 14 7.50 -8.63 -16.13
CA GLU A 14 6.22 -8.32 -16.75
C GLU A 14 5.80 -6.88 -16.43
N LEU A 15 6.13 -6.43 -15.23
CA LEU A 15 5.76 -5.08 -14.81
C LEU A 15 6.43 -4.04 -15.72
N GLN A 16 7.69 -4.26 -16.03
CA GLN A 16 8.43 -3.34 -16.89
C GLN A 16 7.79 -3.23 -18.27
N LYS A 17 7.34 -4.35 -18.81
CA LYS A 17 6.71 -4.35 -20.13
C LYS A 17 5.45 -3.50 -20.13
N VAL A 18 4.65 -3.62 -19.07
CA VAL A 18 3.42 -2.85 -18.97
C VAL A 18 3.73 -1.36 -18.90
N LEU A 19 4.76 -1.00 -18.14
CA LEU A 19 5.14 0.39 -18.00
C LEU A 19 5.48 0.98 -19.36
N GLU A 20 6.20 0.21 -20.18
CA GLU A 20 6.58 0.68 -21.51
C GLU A 20 5.32 0.95 -22.34
N GLU A 21 4.39 0.01 -22.31
CA GLU A 21 3.14 0.17 -23.04
C GLU A 21 2.28 1.26 -22.41
N ALA A 22 2.35 1.34 -21.08
CA ALA A 22 1.60 2.35 -20.34
C ALA A 22 2.05 3.75 -20.70
N SER A 23 3.35 3.92 -20.91
CA SER A 23 3.88 5.23 -21.27
C SER A 23 3.25 5.70 -22.57
N LYS A 24 3.16 4.79 -23.53
CA LYS A 24 2.56 5.14 -24.81
C LYS A 24 1.07 5.42 -24.64
N LYS A 25 0.43 4.69 -23.76
CA LYS A 25 -1.00 4.91 -23.52
C LYS A 25 -1.23 6.22 -22.78
N ALA A 26 -0.45 6.46 -21.73
CA ALA A 26 -0.59 7.67 -20.95
C ALA A 26 -0.33 8.92 -21.79
N VAL A 27 0.79 8.94 -22.52
CA VAL A 27 1.11 10.09 -23.35
C VAL A 27 0.04 10.29 -24.42
N GLU A 28 -0.33 9.19 -25.08
CA GLU A 28 -1.35 9.24 -26.12
C GLU A 28 -2.71 9.62 -25.53
N ALA A 29 -3.04 9.00 -24.41
CA ALA A 29 -4.31 9.28 -23.73
C ALA A 29 -4.33 10.74 -23.27
N GLU A 30 -3.20 11.22 -22.77
CA GLU A 30 -3.11 12.60 -22.31
C GLU A 30 -3.09 13.57 -23.49
N ARG A 31 -2.48 13.15 -24.59
CA ARG A 31 -2.39 14.00 -25.77
C ARG A 31 -3.78 14.22 -26.38
N GLY A 32 -4.18 15.49 -26.47
CA GLY A 32 -5.47 15.85 -27.05
C GLY A 32 -6.55 15.95 -25.98
N ALA A 33 -6.14 15.86 -24.71
CA ALA A 33 -7.07 15.95 -23.59
C ALA A 33 -6.98 17.32 -22.91
N PRO A 34 -8.04 17.81 -22.32
CA PRO A 34 -8.03 19.13 -21.63
C PRO A 34 -7.31 19.07 -20.29
N GLY A 35 -6.55 20.12 -19.98
CA GLY A 35 -5.82 20.16 -18.72
C GLY A 35 -4.67 19.18 -18.71
N ALA A 36 -4.41 18.55 -19.87
CA ALA A 36 -3.34 17.57 -19.99
C ALA A 36 -2.11 18.00 -19.19
N ALA A 37 -1.87 17.34 -18.07
CA ALA A 37 -0.72 17.65 -17.23
C ALA A 37 0.51 16.88 -17.69
N LEU A 38 0.30 15.70 -18.27
CA LEU A 38 1.40 14.88 -18.76
C LEU A 38 1.53 15.01 -20.28
N ILE A 39 2.14 16.12 -20.72
CA ILE A 39 2.34 16.37 -22.15
C ILE A 39 3.79 16.11 -22.53
N SER A 40 4.41 15.17 -21.82
CA SER A 40 5.83 14.83 -22.08
C SER A 40 5.98 13.34 -22.33
N TYR A 41 6.52 12.99 -23.50
CA TYR A 41 6.73 11.59 -23.86
C TYR A 41 7.93 10.99 -23.10
N PRO A 42 9.10 11.61 -23.13
CA PRO A 42 10.29 11.04 -22.40
C PRO A 42 10.04 10.90 -20.90
N ASP A 43 9.22 11.79 -20.34
CA ASP A 43 8.93 11.75 -18.91
C ASP A 43 7.68 10.93 -18.63
N ALA A 44 7.02 10.44 -19.68
CA ALA A 44 5.82 9.63 -19.51
C ALA A 44 6.15 8.37 -18.72
N ILE A 45 7.31 7.78 -19.02
CA ILE A 45 7.74 6.59 -18.32
C ILE A 45 8.04 6.91 -16.85
N TRP A 46 8.51 8.12 -16.60
CA TRP A 46 8.83 8.54 -15.24
C TRP A 46 7.60 8.44 -14.36
N TRP A 47 6.47 8.94 -14.86
CA TRP A 47 5.23 8.87 -14.09
C TRP A 47 4.71 7.43 -14.09
N SER A 48 5.10 6.66 -15.09
CA SER A 48 4.64 5.28 -15.21
C SER A 48 5.27 4.39 -14.13
N VAL A 49 6.56 4.59 -13.86
CA VAL A 49 7.25 3.78 -12.86
C VAL A 49 6.61 3.96 -11.49
N GLU A 50 6.38 5.20 -11.10
CA GLU A 50 5.78 5.48 -9.81
C GLU A 50 4.33 5.00 -9.78
N THR A 51 3.69 5.03 -10.94
CA THR A 51 2.30 4.58 -11.02
C THR A 51 2.19 3.11 -10.63
N ALA A 52 3.08 2.28 -11.17
CA ALA A 52 3.06 0.86 -10.85
C ALA A 52 3.19 0.64 -9.34
N THR A 53 3.82 1.59 -8.65
CA THR A 53 3.97 1.49 -7.21
C THR A 53 2.74 2.06 -6.52
N THR A 54 1.74 2.37 -7.33
CA THR A 54 0.48 2.94 -6.84
C THR A 54 0.73 3.95 -5.73
N VAL A 55 1.84 4.67 -5.82
CA VAL A 55 2.19 5.67 -4.82
C VAL A 55 1.74 7.07 -5.26
N GLY A 56 2.01 7.40 -6.52
CA GLY A 56 1.62 8.70 -7.05
C GLY A 56 2.06 9.83 -6.12
N TYR A 57 3.31 10.25 -6.24
CA TYR A 57 3.84 11.32 -5.39
C TYR A 57 3.05 12.62 -5.60
N GLY A 58 2.82 12.96 -6.87
CA GLY A 58 2.07 14.19 -7.21
C GLY A 58 2.75 14.94 -8.35
N ASP A 59 3.82 14.34 -8.89
CA ASP A 59 4.55 14.98 -9.98
C ASP A 59 3.63 15.23 -11.16
N ARG A 60 2.90 14.19 -11.57
CA ARG A 60 1.97 14.29 -12.69
C ARG A 60 0.66 13.59 -12.34
N TYR A 61 -0.44 14.07 -12.89
CA TYR A 61 -1.74 13.47 -12.62
C TYR A 61 -2.61 13.45 -13.89
N PRO A 62 -3.21 12.33 -14.24
CA PRO A 62 -4.07 12.24 -15.46
C PRO A 62 -5.39 13.00 -15.29
N VAL A 63 -6.29 12.83 -16.27
CA VAL A 63 -7.60 13.48 -16.23
C VAL A 63 -8.70 12.46 -16.52
N THR A 64 -9.76 12.88 -17.22
CA THR A 64 -10.88 11.99 -17.53
C THR A 64 -10.85 11.55 -18.99
N GLU A 65 -10.53 12.48 -19.87
CA GLU A 65 -10.48 12.17 -21.30
C GLU A 65 -9.43 11.10 -21.56
N GLU A 66 -8.31 11.19 -20.86
CA GLU A 66 -7.22 10.21 -21.01
C GLU A 66 -7.62 8.89 -20.32
N GLY A 67 -8.91 8.61 -20.40
CA GLY A 67 -9.45 7.39 -19.85
C GLY A 67 -8.81 7.08 -18.53
N ARG A 68 -8.99 7.96 -17.52
CA ARG A 68 -8.36 7.77 -16.19
C ARG A 68 -8.08 6.30 -15.92
N LYS A 69 -8.94 5.45 -16.46
CA LYS A 69 -8.76 4.03 -16.35
C LYS A 69 -7.32 3.68 -16.74
N VAL A 70 -6.61 4.62 -17.41
CA VAL A 70 -5.24 4.32 -17.79
C VAL A 70 -4.39 4.06 -16.54
N ALA A 71 -4.54 4.91 -15.53
CA ALA A 71 -3.79 4.74 -14.27
C ALA A 71 -4.24 3.50 -13.52
N GLU A 72 -5.55 3.28 -13.46
CA GLU A 72 -6.09 2.13 -12.73
C GLU A 72 -5.53 0.82 -13.28
N GLN A 73 -5.45 0.72 -14.59
CA GLN A 73 -4.94 -0.49 -15.21
C GLN A 73 -3.48 -0.73 -14.85
N VAL A 74 -2.68 0.34 -14.86
CA VAL A 74 -1.26 0.21 -14.53
C VAL A 74 -1.06 -0.14 -13.06
N MET A 75 -1.79 0.56 -12.18
CA MET A 75 -1.69 0.32 -10.75
C MET A 75 -2.08 -1.11 -10.41
N LYS A 76 -3.13 -1.60 -11.06
CA LYS A 76 -3.61 -2.95 -10.80
C LYS A 76 -2.52 -3.96 -11.16
N ALA A 77 -1.85 -3.73 -12.28
CA ALA A 77 -0.79 -4.64 -12.71
C ALA A 77 0.30 -4.74 -11.65
N GLY A 78 0.60 -3.62 -11.00
CA GLY A 78 1.62 -3.61 -9.95
C GLY A 78 1.17 -4.45 -8.77
N ILE A 79 -0.11 -4.36 -8.43
CA ILE A 79 -0.65 -5.11 -7.29
C ILE A 79 -0.74 -6.60 -7.62
N GLU A 80 -0.49 -6.97 -8.87
CA GLU A 80 -0.53 -8.37 -9.29
C GLU A 80 0.86 -9.00 -9.25
N VAL A 81 1.82 -8.34 -9.89
CA VAL A 81 3.19 -8.85 -9.93
C VAL A 81 3.77 -8.95 -8.53
N PHE A 82 3.67 -7.86 -7.77
CA PHE A 82 4.20 -7.84 -6.40
C PHE A 82 3.45 -8.83 -5.52
N ALA A 83 2.13 -8.90 -5.68
CA ALA A 83 1.32 -9.80 -4.88
C ALA A 83 1.67 -11.25 -5.18
N LEU A 84 1.98 -11.56 -6.43
CA LEU A 84 2.33 -12.92 -6.82
C LEU A 84 3.60 -13.38 -6.11
N VAL A 85 4.61 -12.51 -6.07
CA VAL A 85 5.87 -12.88 -5.41
C VAL A 85 5.61 -13.33 -3.98
N THR A 86 4.36 -13.25 -3.56
CA THR A 86 4.00 -13.66 -2.21
C THR A 86 4.38 -15.12 -2.01
N ALA A 87 4.11 -15.94 -3.01
CA ALA A 87 4.43 -17.36 -2.94
C ALA A 87 5.79 -17.60 -2.28
N ALA A 88 6.85 -17.09 -2.92
CA ALA A 88 8.20 -17.27 -2.41
C ALA A 88 8.35 -16.64 -1.03
N LEU A 89 7.73 -15.49 -0.84
CA LEU A 89 7.81 -14.78 0.44
C LEU A 89 7.19 -15.62 1.56
N ALA A 90 6.03 -16.21 1.28
CA ALA A 90 5.35 -17.05 2.26
C ALA A 90 6.16 -18.29 2.54
N THR A 91 6.84 -18.77 1.52
CA THR A 91 7.66 -19.96 1.67
C THR A 91 8.96 -19.64 2.40
N ASP A 92 9.15 -18.36 2.71
CA ASP A 92 10.36 -17.92 3.39
C ASP A 92 10.54 -18.65 4.73
N PHE A 93 9.49 -18.69 5.53
CA PHE A 93 9.56 -19.34 6.82
C PHE A 93 9.79 -20.86 6.68
N VAL A 94 9.18 -21.44 5.66
CA VAL A 94 9.29 -22.88 5.42
C VAL A 94 10.75 -23.33 5.47
N ARG A 95 11.67 -22.43 5.12
CA ARG A 95 13.10 -22.76 5.13
C ARG A 95 13.62 -22.88 6.56
N ARG A 96 12.90 -22.26 7.50
CA ARG A 96 13.31 -22.30 8.90
C ARG A 96 13.59 -23.73 9.35
N GLU A 97 12.75 -24.66 8.91
CA GLU A 97 12.92 -26.07 9.26
C GLU A 97 14.06 -26.66 8.46
N GLU A 98 14.48 -27.87 8.85
CA GLU A 98 15.57 -28.55 8.16
C GLU A 98 16.84 -27.71 8.19
N GLU A 99 16.76 -26.54 8.81
CA GLU A 99 17.90 -25.64 8.91
C GLU A 99 18.55 -25.74 10.28
N ARG A 100 17.72 -26.01 11.30
CA ARG A 100 18.22 -26.14 12.66
C ARG A 100 19.21 -27.28 12.76
N ARG A 101 18.86 -28.42 12.16
CA ARG A 101 19.72 -29.60 12.19
C ARG A 101 20.83 -29.46 11.15
N GLY A 102 20.64 -28.56 10.19
CA GLY A 102 21.62 -28.34 9.14
C GLY A 102 21.51 -29.40 8.06
N HIS A 103 20.40 -30.13 8.06
CA HIS A 103 20.19 -31.19 7.07
C HIS A 103 18.70 -31.53 6.98
N SER B 1 8.50 -14.37 21.15
CA SER B 1 9.34 -14.29 19.93
C SER B 1 9.79 -15.69 19.54
N ALA B 2 10.75 -15.77 18.62
CA ALA B 2 11.25 -17.06 18.17
C ALA B 2 12.47 -16.87 17.26
N ASP B 3 12.30 -17.13 15.97
CA ASP B 3 13.39 -16.98 15.00
C ASP B 3 12.91 -16.23 13.76
N HIS B 4 11.74 -16.60 13.25
CA HIS B 4 11.18 -15.95 12.08
C HIS B 4 10.66 -14.55 12.44
N GLU B 5 10.20 -14.40 13.66
CA GLU B 5 9.68 -13.11 14.13
C GLU B 5 10.78 -12.06 14.19
N ARG B 6 11.97 -12.48 14.62
CA ARG B 6 13.09 -11.57 14.73
C ARG B 6 13.51 -11.07 13.35
N GLU B 7 13.46 -11.95 12.36
CA GLU B 7 13.85 -11.59 11.00
C GLU B 7 12.98 -10.42 10.52
N ALA B 8 11.68 -10.52 10.79
CA ALA B 8 10.75 -9.47 10.39
C ALA B 8 11.06 -8.17 11.11
N GLN B 9 11.35 -8.28 12.40
CA GLN B 9 11.66 -7.09 13.21
C GLN B 9 13.00 -6.49 12.75
N LYS B 10 13.96 -7.36 12.47
CA LYS B 10 15.28 -6.92 12.03
C LYS B 10 15.19 -6.19 10.69
N ALA B 11 14.27 -6.65 9.85
CA ALA B 11 14.09 -6.05 8.53
C ALA B 11 13.78 -4.56 8.64
N GLU B 12 13.01 -4.20 9.67
CA GLU B 12 12.65 -2.80 9.87
C GLU B 12 13.90 -1.95 10.11
N GLU B 13 14.89 -2.52 10.80
CA GLU B 13 16.12 -1.80 11.07
C GLU B 13 16.87 -1.52 9.77
N GLU B 14 16.80 -2.46 8.83
CA GLU B 14 17.47 -2.31 7.55
C GLU B 14 16.85 -1.15 6.77
N LEU B 15 15.55 -0.95 6.95
CA LEU B 15 14.84 0.13 6.24
C LEU B 15 15.40 1.49 6.65
N GLN B 16 15.68 1.65 7.94
CA GLN B 16 16.21 2.91 8.45
C GLN B 16 17.57 3.22 7.81
N LYS B 17 18.39 2.18 7.63
CA LYS B 17 19.71 2.35 7.05
C LYS B 17 19.60 2.88 5.62
N VAL B 18 18.62 2.38 4.88
CA VAL B 18 18.43 2.81 3.49
C VAL B 18 18.09 4.29 3.43
N LEU B 19 17.22 4.74 4.33
CA LEU B 19 16.83 6.15 4.35
C LEU B 19 18.05 7.02 4.58
N GLU B 20 18.93 6.59 5.48
CA GLU B 20 20.14 7.35 5.77
C GLU B 20 20.97 7.50 4.50
N GLU B 21 21.16 6.40 3.79
CA GLU B 21 21.93 6.44 2.55
C GLU B 21 21.15 7.19 1.49
N ALA B 22 19.84 6.99 1.47
CA ALA B 22 18.98 7.67 0.50
C ALA B 22 19.00 9.18 0.71
N SER B 23 19.03 9.60 1.98
CA SER B 23 19.04 11.02 2.30
C SER B 23 20.21 11.70 1.60
N LYS B 24 21.37 11.06 1.63
CA LYS B 24 22.55 11.63 0.99
C LYS B 24 22.34 11.69 -0.53
N LYS B 25 21.65 10.69 -1.07
CA LYS B 25 21.40 10.66 -2.51
C LYS B 25 20.35 11.71 -2.88
N ALA B 26 19.29 11.81 -2.08
CA ALA B 26 18.23 12.77 -2.38
C ALA B 26 18.77 14.21 -2.41
N VAL B 27 19.50 14.61 -1.38
CA VAL B 27 20.04 15.97 -1.34
C VAL B 27 21.03 16.18 -2.50
N GLU B 28 21.92 15.22 -2.69
CA GLU B 28 22.92 15.32 -3.76
C GLU B 28 22.24 15.23 -5.13
N ALA B 29 21.31 14.30 -5.27
CA ALA B 29 20.58 14.11 -6.53
C ALA B 29 19.66 15.30 -6.80
N GLU B 30 19.04 15.82 -5.74
CA GLU B 30 18.15 16.97 -5.87
C GLU B 30 18.91 18.20 -6.32
N ARG B 31 20.11 18.38 -5.78
CA ARG B 31 20.94 19.53 -6.13
C ARG B 31 21.32 19.47 -7.61
N GLY B 32 21.13 20.59 -8.31
CA GLY B 32 21.47 20.67 -9.73
C GLY B 32 20.29 20.22 -10.60
N ALA B 33 19.17 19.87 -9.96
CA ALA B 33 17.97 19.43 -10.69
C ALA B 33 16.91 20.53 -10.70
N PRO B 34 16.12 20.65 -11.74
CA PRO B 34 15.06 21.70 -11.82
C PRO B 34 13.84 21.36 -10.97
N GLY B 35 13.25 22.38 -10.35
CA GLY B 35 12.08 22.18 -9.51
C GLY B 35 12.42 21.38 -8.26
N ALA B 36 13.70 21.33 -7.93
CA ALA B 36 14.14 20.59 -6.75
C ALA B 36 13.60 21.23 -5.48
N ALA B 37 12.35 20.93 -5.15
CA ALA B 37 11.72 21.47 -3.95
C ALA B 37 12.46 21.01 -2.70
N LEU B 38 13.10 19.84 -2.79
CA LEU B 38 13.84 19.29 -1.66
C LEU B 38 15.27 19.75 -1.69
N ILE B 39 15.67 20.46 -0.64
CA ILE B 39 17.03 20.99 -0.52
C ILE B 39 17.48 20.92 0.93
N SER B 40 18.76 21.13 1.16
CA SER B 40 19.31 21.10 2.51
C SER B 40 19.52 19.66 2.98
N TYR B 41 20.72 19.39 3.48
CA TYR B 41 21.05 18.07 3.99
C TYR B 41 20.35 17.81 5.34
N PRO B 42 20.38 18.73 6.28
CA PRO B 42 19.73 18.51 7.61
C PRO B 42 18.22 18.22 7.50
N ASP B 43 17.57 18.79 6.49
CA ASP B 43 16.12 18.57 6.31
C ASP B 43 15.88 17.45 5.29
N ALA B 44 16.93 17.05 4.58
CA ALA B 44 16.80 15.98 3.59
C ALA B 44 16.42 14.67 4.27
N ILE B 45 17.00 14.43 5.44
CA ILE B 45 16.71 13.22 6.19
C ILE B 45 15.25 13.20 6.62
N TRP B 46 14.70 14.39 6.84
CA TRP B 46 13.32 14.51 7.27
C TRP B 46 12.36 13.89 6.24
N TRP B 47 12.54 14.26 4.97
CA TRP B 47 11.70 13.73 3.91
C TRP B 47 11.99 12.24 3.71
N SER B 48 13.25 11.86 3.89
CA SER B 48 13.66 10.46 3.71
C SER B 48 13.03 9.58 4.79
N VAL B 49 11.71 9.64 4.91
CA VAL B 49 11.00 8.83 5.91
C VAL B 49 9.61 8.42 5.39
N GLU B 50 8.83 9.40 4.95
CA GLU B 50 7.49 9.11 4.44
C GLU B 50 7.57 8.31 3.14
N THR B 51 8.62 8.55 2.35
CA THR B 51 8.79 7.85 1.09
C THR B 51 8.82 6.34 1.29
N ALA B 52 9.56 5.88 2.29
CA ALA B 52 9.67 4.46 2.57
C ALA B 52 8.28 3.84 2.81
N THR B 53 7.33 4.66 3.27
CA THR B 53 5.98 4.17 3.53
C THR B 53 5.11 4.27 2.28
N THR B 54 5.69 4.78 1.21
CA THR B 54 4.96 4.92 -0.05
C THR B 54 3.63 5.65 0.17
N VAL B 55 3.71 6.92 0.58
CA VAL B 55 2.52 7.73 0.82
C VAL B 55 2.66 9.10 0.18
N GLY B 56 3.81 9.75 0.40
CA GLY B 56 4.06 11.07 -0.16
C GLY B 56 2.81 11.94 -0.08
N TYR B 57 2.60 12.54 1.09
CA TYR B 57 1.43 13.40 1.30
C TYR B 57 1.46 14.60 0.36
N GLY B 58 2.64 15.20 0.20
CA GLY B 58 2.80 16.37 -0.67
C GLY B 58 3.93 17.28 -0.19
N ASP B 59 4.55 16.92 0.93
CA ASP B 59 5.63 17.71 1.50
C ASP B 59 6.65 18.06 0.42
N ARG B 60 7.34 17.04 -0.10
CA ARG B 60 8.35 17.25 -1.15
C ARG B 60 8.23 16.16 -2.20
N TYR B 61 8.79 16.41 -3.39
CA TYR B 61 8.74 15.45 -4.48
C TYR B 61 10.01 15.54 -5.33
N PRO B 62 10.59 14.43 -5.74
CA PRO B 62 11.83 14.45 -6.58
C PRO B 62 11.56 14.99 -7.98
N VAL B 63 12.57 14.89 -8.84
CA VAL B 63 12.47 15.36 -10.22
C VAL B 63 12.91 14.26 -11.19
N THR B 64 13.58 14.66 -12.27
CA THR B 64 14.05 13.69 -13.28
C THR B 64 15.57 13.59 -13.26
N GLU B 65 16.24 14.74 -13.15
CA GLU B 65 17.70 14.76 -13.12
C GLU B 65 18.22 14.06 -11.87
N GLU B 66 17.48 14.20 -10.77
CA GLU B 66 17.86 13.58 -9.50
C GLU B 66 17.54 12.06 -9.55
N GLY B 67 17.71 11.54 -10.76
CA GLY B 67 17.50 10.13 -11.00
C GLY B 67 16.32 9.61 -10.21
N ARG B 68 15.10 10.12 -10.50
CA ARG B 68 13.88 9.70 -9.75
C ARG B 68 14.07 8.33 -9.12
N LYS B 69 14.82 7.49 -9.79
CA LYS B 69 15.13 6.20 -9.26
C LYS B 69 15.60 6.35 -7.80
N VAL B 70 16.00 7.58 -7.40
CA VAL B 70 16.43 7.78 -6.03
C VAL B 70 15.28 7.47 -5.06
N ALA B 71 14.12 8.05 -5.34
CA ALA B 71 12.94 7.81 -4.51
C ALA B 71 12.38 6.41 -4.76
N GLU B 72 12.41 5.98 -6.02
CA GLU B 72 11.90 4.67 -6.39
C GLU B 72 12.60 3.60 -5.57
N GLN B 73 13.90 3.75 -5.41
CA GLN B 73 14.67 2.78 -4.64
C GLN B 73 14.18 2.73 -3.19
N VAL B 74 13.93 3.91 -2.62
CA VAL B 74 13.44 3.97 -1.24
C VAL B 74 12.07 3.31 -1.10
N MET B 75 11.16 3.64 -2.01
CA MET B 75 9.81 3.07 -1.94
C MET B 75 9.86 1.56 -2.12
N LYS B 76 10.66 1.10 -3.07
CA LYS B 76 10.78 -0.33 -3.32
C LYS B 76 11.41 -1.02 -2.11
N ALA B 77 12.44 -0.40 -1.55
CA ALA B 77 13.11 -0.98 -0.39
C ALA B 77 12.16 -1.11 0.79
N GLY B 78 11.31 -0.10 0.97
CA GLY B 78 10.35 -0.11 2.06
C GLY B 78 9.31 -1.22 1.87
N ILE B 79 8.83 -1.39 0.64
CA ILE B 79 7.83 -2.42 0.36
C ILE B 79 8.40 -3.81 0.63
N GLU B 80 9.63 -4.05 0.20
CA GLU B 80 10.25 -5.34 0.41
C GLU B 80 10.32 -5.67 1.90
N VAL B 81 10.75 -4.69 2.69
CA VAL B 81 10.87 -4.88 4.13
C VAL B 81 9.51 -5.17 4.78
N PHE B 82 8.52 -4.36 4.45
CA PHE B 82 7.19 -4.53 4.99
C PHE B 82 6.53 -5.77 4.40
N ALA B 83 6.99 -6.19 3.22
CA ALA B 83 6.44 -7.37 2.58
C ALA B 83 7.24 -8.61 2.95
N LEU B 84 8.49 -8.40 3.37
CA LEU B 84 9.35 -9.53 3.77
C LEU B 84 8.77 -10.22 4.98
N VAL B 85 8.27 -9.44 5.93
CA VAL B 85 7.70 -10.02 7.13
C VAL B 85 6.69 -11.11 6.76
N THR B 86 6.08 -10.97 5.57
CA THR B 86 5.11 -11.94 5.06
C THR B 86 5.49 -13.35 5.53
N ALA B 87 6.80 -13.56 5.68
CA ALA B 87 7.28 -14.84 6.15
C ALA B 87 6.57 -15.24 7.43
N ALA B 88 6.67 -14.39 8.44
CA ALA B 88 6.03 -14.65 9.73
C ALA B 88 4.51 -14.66 9.58
N LEU B 89 3.98 -13.83 8.69
CA LEU B 89 2.54 -13.76 8.49
C LEU B 89 2.00 -15.12 8.05
N ALA B 90 2.72 -15.75 7.12
CA ALA B 90 2.33 -17.05 6.63
C ALA B 90 2.62 -18.12 7.67
N THR B 91 3.50 -17.77 8.62
CA THR B 91 3.88 -18.69 9.68
C THR B 91 3.11 -18.38 10.97
N ASP B 92 2.43 -17.24 10.97
CA ASP B 92 1.65 -16.83 12.13
C ASP B 92 0.54 -17.84 12.42
N PHE B 93 -0.12 -18.31 11.36
CA PHE B 93 -1.20 -19.26 11.52
C PHE B 93 -0.68 -20.64 11.95
N VAL B 94 0.55 -20.95 11.54
CA VAL B 94 1.16 -22.24 11.86
C VAL B 94 1.28 -22.45 13.37
N ARG B 95 1.72 -21.42 14.08
CA ARG B 95 1.89 -21.54 15.53
C ARG B 95 0.73 -22.32 16.17
N ARG B 96 -0.41 -22.36 15.49
CA ARG B 96 -1.58 -23.06 16.02
C ARG B 96 -1.28 -24.56 16.14
N GLU B 97 -0.52 -25.08 15.17
CA GLU B 97 -0.15 -26.48 15.16
C GLU B 97 0.62 -26.86 16.41
N GLU B 98 1.46 -25.95 16.89
CA GLU B 98 2.26 -26.21 18.09
C GLU B 98 1.35 -26.40 19.30
N GLU B 99 0.26 -25.64 19.35
CA GLU B 99 -0.68 -25.73 20.45
C GLU B 99 -1.36 -27.11 20.48
N ARG B 100 -1.52 -27.70 19.30
CA ARG B 100 -2.16 -29.01 19.20
C ARG B 100 -1.38 -30.05 20.01
N ARG B 101 -0.06 -30.02 19.88
CA ARG B 101 0.78 -30.97 20.61
C ARG B 101 0.92 -30.54 22.06
N GLY B 102 0.63 -29.28 22.34
CA GLY B 102 0.72 -28.76 23.69
C GLY B 102 2.15 -28.38 24.05
N HIS B 103 3.00 -28.29 23.03
CA HIS B 103 4.40 -27.93 23.24
C HIS B 103 5.00 -28.79 24.37
N SER C 1 -16.73 -18.62 15.84
CA SER C 1 -16.29 -18.88 14.45
C SER C 1 -14.97 -19.64 14.44
N ALA C 2 -13.90 -18.96 14.81
CA ALA C 2 -12.58 -19.58 14.85
C ALA C 2 -11.68 -18.88 15.86
N ASP C 3 -10.74 -19.62 16.44
CA ASP C 3 -9.82 -19.05 17.41
C ASP C 3 -8.92 -18.01 16.76
N HIS C 4 -8.54 -18.27 15.50
CA HIS C 4 -7.68 -17.35 14.76
C HIS C 4 -8.41 -16.04 14.47
N GLU C 5 -9.69 -16.13 14.15
CA GLU C 5 -10.48 -14.96 13.85
C GLU C 5 -10.58 -14.04 15.07
N ARG C 6 -10.66 -14.63 16.24
CA ARG C 6 -10.75 -13.85 17.47
C ARG C 6 -9.50 -13.01 17.65
N GLU C 7 -8.35 -13.60 17.33
CA GLU C 7 -7.09 -12.88 17.46
C GLU C 7 -7.03 -11.72 16.47
N ALA C 8 -7.52 -11.96 15.26
CA ALA C 8 -7.52 -10.92 14.24
C ALA C 8 -8.44 -9.77 14.65
N GLN C 9 -9.58 -10.10 15.25
CA GLN C 9 -10.53 -9.09 15.69
C GLN C 9 -9.91 -8.25 16.80
N LYS C 10 -9.06 -8.87 17.62
CA LYS C 10 -8.41 -8.17 18.72
C LYS C 10 -7.53 -7.04 18.18
N ALA C 11 -6.86 -7.31 17.06
CA ALA C 11 -5.98 -6.31 16.46
C ALA C 11 -6.78 -5.13 15.89
N GLU C 12 -8.05 -5.37 15.55
CA GLU C 12 -8.89 -4.32 14.98
C GLU C 12 -9.19 -3.21 15.99
N GLU C 13 -9.72 -3.61 17.16
CA GLU C 13 -10.06 -2.63 18.19
C GLU C 13 -8.80 -1.88 18.64
N GLU C 14 -7.66 -2.55 18.56
CA GLU C 14 -6.40 -1.94 18.96
C GLU C 14 -6.07 -0.76 18.06
N LEU C 15 -6.37 -0.88 16.77
CA LEU C 15 -6.08 0.19 15.82
C LEU C 15 -6.89 1.43 16.18
N GLN C 16 -8.12 1.23 16.64
CA GLN C 16 -8.98 2.35 17.01
C GLN C 16 -8.43 3.10 18.24
N LYS C 17 -7.78 2.36 19.14
CA LYS C 17 -7.23 2.96 20.35
C LYS C 17 -6.13 3.99 20.04
N VAL C 18 -5.20 3.62 19.17
CA VAL C 18 -4.11 4.51 18.80
C VAL C 18 -4.63 5.74 18.07
N LEU C 19 -5.70 5.56 17.31
CA LEU C 19 -6.28 6.66 16.56
C LEU C 19 -6.70 7.78 17.51
N GLU C 20 -7.28 7.39 18.65
CA GLU C 20 -7.71 8.37 19.63
C GLU C 20 -6.50 9.16 20.12
N GLU C 21 -5.41 8.45 20.38
CA GLU C 21 -4.19 9.10 20.84
C GLU C 21 -3.59 9.94 19.71
N ALA C 22 -3.75 9.47 18.48
CA ALA C 22 -3.23 10.17 17.32
C ALA C 22 -3.85 11.56 17.20
N SER C 23 -5.16 11.64 17.45
CA SER C 23 -5.87 12.91 17.36
C SER C 23 -5.31 13.89 18.38
N LYS C 24 -4.98 13.39 19.56
CA LYS C 24 -4.43 14.25 20.60
C LYS C 24 -3.08 14.80 20.17
N LYS C 25 -2.05 13.97 20.20
CA LYS C 25 -0.72 14.41 19.82
C LYS C 25 -0.77 15.19 18.51
N ALA C 26 -1.69 14.80 17.62
CA ALA C 26 -1.80 15.47 16.33
C ALA C 26 -1.99 16.98 16.49
N VAL C 27 -2.96 17.39 17.30
CA VAL C 27 -3.21 18.82 17.50
C VAL C 27 -2.03 19.45 18.24
N GLU C 28 -1.51 18.73 19.22
CA GLU C 28 -0.38 19.21 20.01
C GLU C 28 0.88 19.32 19.15
N ALA C 29 1.01 18.43 18.18
CA ALA C 29 2.19 18.45 17.30
C ALA C 29 2.35 19.82 16.67
N GLU C 30 1.24 20.43 16.28
CA GLU C 30 1.27 21.75 15.67
C GLU C 30 1.05 22.85 16.71
N ARG C 31 0.22 23.82 16.36
CA ARG C 31 -0.08 24.91 17.26
C ARG C 31 1.18 25.67 17.65
N GLY C 32 1.90 26.18 16.64
CA GLY C 32 3.13 26.94 16.89
C GLY C 32 4.28 26.46 16.02
N ALA C 33 3.96 25.61 15.04
CA ALA C 33 4.98 25.10 14.11
C ALA C 33 4.81 25.77 12.73
N PRO C 34 5.88 25.98 12.00
CA PRO C 34 5.81 26.63 10.65
C PRO C 34 5.29 25.66 9.59
N GLY C 35 4.57 26.20 8.61
CA GLY C 35 4.03 25.37 7.54
C GLY C 35 2.98 24.39 8.06
N ALA C 36 2.51 24.64 9.27
CA ALA C 36 1.50 23.78 9.88
C ALA C 36 0.23 23.77 9.05
N ALA C 37 -0.40 22.60 8.94
CA ALA C 37 -1.63 22.46 8.15
C ALA C 37 -2.76 21.93 9.04
N LEU C 38 -2.40 21.28 10.14
CA LEU C 38 -3.41 20.73 11.07
C LEU C 38 -3.45 21.57 12.34
N ILE C 39 -4.23 22.65 12.31
CA ILE C 39 -4.37 23.54 13.45
C ILE C 39 -5.79 23.49 13.99
N SER C 40 -6.40 22.31 13.95
CA SER C 40 -7.78 22.13 14.42
C SER C 40 -7.88 20.87 15.27
N TYR C 41 -8.67 20.97 16.35
CA TYR C 41 -8.89 19.84 17.24
C TYR C 41 -10.02 18.94 16.73
N PRO C 42 -11.20 19.46 16.42
CA PRO C 42 -12.32 18.62 15.90
C PRO C 42 -11.96 17.89 14.60
N ASP C 43 -11.13 18.53 13.78
CA ASP C 43 -10.72 17.94 12.51
C ASP C 43 -9.46 17.10 12.66
N ALA C 44 -8.90 17.08 13.86
CA ALA C 44 -7.69 16.30 14.11
C ALA C 44 -7.97 14.81 13.95
N ILE C 45 -9.14 14.37 14.41
CA ILE C 45 -9.50 12.97 14.30
C ILE C 45 -9.70 12.57 12.83
N TRP C 46 -10.16 13.51 12.02
CA TRP C 46 -10.38 13.23 10.61
C TRP C 46 -9.06 12.90 9.91
N TRP C 47 -8.03 13.70 10.15
CA TRP C 47 -6.74 13.44 9.54
C TRP C 47 -6.17 12.12 10.09
N SER C 48 -6.52 11.81 11.33
CA SER C 48 -6.03 10.59 11.97
C SER C 48 -6.65 9.35 11.34
N VAL C 49 -7.64 9.55 10.48
CA VAL C 49 -8.31 8.42 9.83
C VAL C 49 -7.62 8.06 8.50
N GLU C 50 -7.37 9.06 7.66
CA GLU C 50 -6.74 8.81 6.37
C GLU C 50 -5.24 8.55 6.51
N THR C 51 -4.84 7.95 7.64
CA THR C 51 -3.42 7.66 7.88
C THR C 51 -3.22 6.23 8.39
N ALA C 52 -4.11 5.79 9.28
CA ALA C 52 -4.01 4.43 9.84
C ALA C 52 -4.25 3.38 8.76
N THR C 53 -4.79 3.81 7.62
CA THR C 53 -5.07 2.89 6.51
C THR C 53 -3.96 2.99 5.46
N THR C 54 -2.89 3.71 5.80
CA THR C 54 -1.76 3.89 4.90
C THR C 54 -2.21 4.41 3.56
N VAL C 55 -3.09 5.42 3.58
CA VAL C 55 -3.60 6.03 2.35
C VAL C 55 -2.93 7.38 2.09
N GLY C 56 -2.82 8.20 3.14
CA GLY C 56 -2.20 9.51 3.00
C GLY C 56 -2.69 10.22 1.75
N TYR C 57 -3.94 10.68 1.79
CA TYR C 57 -4.53 11.38 0.66
C TYR C 57 -3.75 12.67 0.35
N GLY C 58 -3.41 13.41 1.40
CA GLY C 58 -2.67 14.67 1.25
C GLY C 58 -3.46 15.85 1.78
N ASP C 59 -4.54 15.55 2.49
CA ASP C 59 -5.39 16.60 3.05
C ASP C 59 -4.58 17.45 4.03
N ARG C 60 -3.88 16.79 4.94
CA ARG C 60 -3.07 17.47 5.94
C ARG C 60 -1.85 16.63 6.29
N TYR C 61 -0.85 17.25 6.90
CA TYR C 61 0.37 16.53 7.26
C TYR C 61 1.19 17.33 8.28
N PRO C 62 1.72 16.72 9.31
CA PRO C 62 2.53 17.45 10.33
C PRO C 62 3.88 17.93 9.78
N VAL C 63 4.49 18.89 10.48
CA VAL C 63 5.79 19.44 10.06
C VAL C 63 6.88 19.01 11.05
N THR C 64 8.14 19.19 10.66
CA THR C 64 9.26 18.80 11.51
C THR C 64 9.01 19.17 12.95
N GLU C 65 8.96 20.45 13.23
CA GLU C 65 8.70 20.90 14.60
C GLU C 65 7.53 20.12 15.21
N GLU C 66 6.73 19.48 14.34
CA GLU C 66 5.57 18.70 14.80
C GLU C 66 5.94 17.18 14.79
N GLY C 67 7.23 16.96 14.97
CA GLY C 67 7.75 15.61 15.04
C GLY C 67 7.09 14.70 14.05
N ARG C 68 7.24 14.96 12.73
CA ARG C 68 6.58 14.15 11.67
C ARG C 68 6.27 12.77 12.20
N LYS C 69 7.19 12.28 12.99
CA LYS C 69 7.01 10.99 13.60
C LYS C 69 5.58 10.84 14.11
N VAL C 70 4.85 11.97 14.29
CA VAL C 70 3.49 11.85 14.76
C VAL C 70 2.65 11.04 13.76
N ALA C 71 2.78 11.36 12.47
CA ALA C 71 2.03 10.64 11.43
C ALA C 71 2.60 9.25 11.18
N GLU C 72 3.93 9.17 11.08
CA GLU C 72 4.58 7.90 10.81
C GLU C 72 4.35 6.91 11.94
N GLN C 73 4.42 7.40 13.18
CA GLN C 73 4.22 6.53 14.34
C GLN C 73 2.86 5.85 14.30
N VAL C 74 1.81 6.63 14.08
CA VAL C 74 0.46 6.07 14.04
C VAL C 74 0.28 5.18 12.81
N MET C 75 0.77 5.63 11.65
CA MET C 75 0.63 4.88 10.42
C MET C 75 1.29 3.51 10.54
N LYS C 76 2.45 3.47 11.20
CA LYS C 76 3.17 2.22 11.36
C LYS C 76 2.33 1.21 12.14
N ALA C 77 1.60 1.70 13.14
CA ALA C 77 0.76 0.83 13.95
C ALA C 77 -0.31 0.16 13.09
N GLY C 78 -0.83 0.90 12.11
CA GLY C 78 -1.86 0.37 11.23
C GLY C 78 -1.35 -0.80 10.39
N ILE C 79 -0.11 -0.68 9.90
CA ILE C 79 0.48 -1.73 9.08
C ILE C 79 0.60 -3.04 9.86
N GLU C 80 1.04 -2.93 11.11
CA GLU C 80 1.19 -4.11 11.94
C GLU C 80 -0.15 -4.81 12.17
N VAL C 81 -1.19 -4.02 12.40
CA VAL C 81 -2.52 -4.58 12.64
C VAL C 81 -3.03 -5.36 11.42
N PHE C 82 -2.94 -4.75 10.24
CA PHE C 82 -3.41 -5.40 9.02
C PHE C 82 -2.45 -6.49 8.56
N ALA C 83 -1.28 -6.58 9.20
CA ALA C 83 -0.30 -7.61 8.84
C ALA C 83 -0.57 -8.89 9.61
N LEU C 84 -0.82 -8.75 10.91
CA LEU C 84 -1.07 -9.91 11.76
C LEU C 84 -2.33 -10.67 11.34
N VAL C 85 -3.40 -9.92 11.02
CA VAL C 85 -4.65 -10.56 10.62
C VAL C 85 -4.40 -11.57 9.50
N THR C 86 -3.20 -11.53 8.92
CA THR C 86 -2.86 -12.44 7.84
C THR C 86 -2.86 -13.88 8.36
N ALA C 87 -2.64 -14.04 9.65
CA ALA C 87 -2.63 -15.37 10.25
C ALA C 87 -3.95 -16.09 9.99
N ALA C 88 -5.02 -15.31 9.83
CA ALA C 88 -6.34 -15.89 9.57
C ALA C 88 -6.58 -16.02 8.07
N LEU C 89 -5.73 -15.37 7.27
CA LEU C 89 -5.85 -15.42 5.82
C LEU C 89 -5.15 -16.66 5.25
N ALA C 90 -4.07 -17.07 5.90
CA ALA C 90 -3.30 -18.24 5.45
C ALA C 90 -4.15 -19.49 5.57
N THR C 91 -4.94 -19.56 6.63
CA THR C 91 -5.79 -20.73 6.86
C THR C 91 -6.94 -20.74 5.85
N ASP C 92 -7.03 -19.68 5.06
CA ASP C 92 -8.10 -19.58 4.06
C ASP C 92 -7.97 -20.68 3.01
N PHE C 93 -6.75 -20.92 2.55
CA PHE C 93 -6.50 -21.94 1.53
C PHE C 93 -6.33 -23.33 2.15
N VAL C 94 -5.87 -23.37 3.38
CA VAL C 94 -5.64 -24.63 4.07
C VAL C 94 -6.92 -25.44 4.18
N ARG C 95 -8.02 -24.77 4.50
CA ARG C 95 -9.31 -25.45 4.65
C ARG C 95 -9.61 -26.31 3.41
N ARG C 96 -8.99 -25.97 2.28
CA ARG C 96 -9.24 -26.70 1.04
C ARG C 96 -9.09 -28.21 1.28
N GLU C 97 -8.03 -28.60 1.98
CA GLU C 97 -7.80 -30.01 2.28
C GLU C 97 -8.53 -30.43 3.54
N GLU C 98 -8.69 -31.74 3.72
CA GLU C 98 -9.39 -32.29 4.89
C GLU C 98 -10.88 -32.03 4.76
N GLU C 99 -11.23 -30.86 4.25
CA GLU C 99 -12.63 -30.49 4.08
C GLU C 99 -13.31 -31.39 3.04
N ARG C 100 -12.70 -31.52 1.88
CA ARG C 100 -13.27 -32.35 0.82
C ARG C 100 -13.25 -33.81 1.23
N ARG C 101 -12.14 -34.24 1.81
CA ARG C 101 -12.00 -35.62 2.25
C ARG C 101 -12.95 -35.92 3.40
N GLY C 102 -13.14 -34.93 4.28
CA GLY C 102 -14.02 -35.09 5.44
C GLY C 102 -13.22 -35.46 6.68
N HIS C 103 -11.92 -35.21 6.65
CA HIS C 103 -11.05 -35.51 7.78
C HIS C 103 -11.35 -36.90 8.32
N SER D 1 -10.82 -22.19 -13.13
CA SER D 1 -10.01 -23.44 -13.10
C SER D 1 -9.84 -23.91 -11.65
N ALA D 2 -8.82 -23.39 -10.99
CA ALA D 2 -8.55 -23.75 -9.61
C ALA D 2 -9.67 -23.24 -8.70
N ASP D 3 -9.99 -24.01 -7.67
CA ASP D 3 -11.04 -23.63 -6.73
C ASP D 3 -10.68 -22.33 -6.01
N HIS D 4 -9.42 -22.20 -5.64
CA HIS D 4 -8.97 -21.00 -4.93
C HIS D 4 -9.02 -19.78 -5.86
N GLU D 5 -8.64 -19.97 -7.12
CA GLU D 5 -8.66 -18.88 -8.08
C GLU D 5 -10.08 -18.36 -8.26
N ARG D 6 -11.04 -19.27 -8.28
CA ARG D 6 -12.43 -18.88 -8.46
C ARG D 6 -12.88 -17.96 -7.34
N GLU D 7 -12.48 -18.30 -6.11
CA GLU D 7 -12.85 -17.48 -4.95
C GLU D 7 -12.23 -16.10 -5.08
N ALA D 8 -10.98 -16.05 -5.52
CA ALA D 8 -10.28 -14.78 -5.68
C ALA D 8 -10.94 -13.93 -6.76
N GLN D 9 -11.35 -14.56 -7.85
CA GLN D 9 -11.99 -13.84 -8.95
C GLN D 9 -13.33 -13.28 -8.50
N LYS D 10 -14.07 -14.07 -7.74
CA LYS D 10 -15.39 -13.65 -7.25
C LYS D 10 -15.24 -12.45 -6.31
N ALA D 11 -14.13 -12.43 -5.57
CA ALA D 11 -13.88 -11.35 -4.62
C ALA D 11 -13.86 -9.99 -5.33
N GLU D 12 -13.33 -9.97 -6.56
CA GLU D 12 -13.26 -8.72 -7.32
C GLU D 12 -14.67 -8.17 -7.58
N GLU D 13 -15.63 -9.07 -7.80
CA GLU D 13 -17.00 -8.65 -8.07
C GLU D 13 -17.59 -7.96 -6.84
N GLU D 14 -17.25 -8.47 -5.66
CA GLU D 14 -17.77 -7.89 -4.43
C GLU D 14 -17.30 -6.45 -4.28
N LEU D 15 -16.10 -6.16 -4.74
CA LEU D 15 -15.57 -4.81 -4.64
C LEU D 15 -16.44 -3.85 -5.45
N GLN D 16 -16.81 -4.24 -6.65
CA GLN D 16 -17.63 -3.39 -7.51
C GLN D 16 -18.94 -3.01 -6.81
N LYS D 17 -19.47 -3.92 -6.00
CA LYS D 17 -20.71 -3.65 -5.29
C LYS D 17 -20.57 -2.44 -4.36
N VAL D 18 -19.47 -2.40 -3.61
CA VAL D 18 -19.25 -1.31 -2.65
C VAL D 18 -18.58 -0.11 -3.31
N LEU D 19 -17.67 -0.39 -4.24
CA LEU D 19 -16.97 0.67 -4.92
C LEU D 19 -17.98 1.53 -5.68
N GLU D 20 -18.87 0.86 -6.40
CA GLU D 20 -19.89 1.58 -7.19
C GLU D 20 -20.82 2.36 -6.26
N GLU D 21 -21.24 1.72 -5.18
CA GLU D 21 -22.11 2.39 -4.21
C GLU D 21 -21.36 3.55 -3.57
N ALA D 22 -20.04 3.42 -3.47
CA ALA D 22 -19.23 4.48 -2.87
C ALA D 22 -19.34 5.76 -3.69
N SER D 23 -19.38 5.63 -5.01
CA SER D 23 -19.49 6.80 -5.88
C SER D 23 -20.77 7.56 -5.60
N LYS D 24 -21.87 6.82 -5.46
CA LYS D 24 -23.16 7.45 -5.21
C LYS D 24 -23.15 8.14 -3.84
N LYS D 25 -22.43 7.58 -2.89
CA LYS D 25 -22.35 8.17 -1.56
C LYS D 25 -21.37 9.34 -1.57
N ALA D 26 -20.22 9.14 -2.20
CA ALA D 26 -19.20 10.18 -2.26
C ALA D 26 -19.73 11.45 -2.91
N VAL D 27 -20.38 11.32 -4.06
CA VAL D 27 -20.92 12.49 -4.74
C VAL D 27 -21.93 13.18 -3.84
N GLU D 28 -22.80 12.38 -3.23
CA GLU D 28 -23.83 12.90 -2.34
C GLU D 28 -23.19 13.46 -1.06
N ALA D 29 -22.12 12.81 -0.60
CA ALA D 29 -21.42 13.22 0.60
C ALA D 29 -20.90 14.66 0.46
N GLU D 30 -20.18 14.93 -0.62
CA GLU D 30 -19.65 16.27 -0.87
C GLU D 30 -20.79 17.24 -1.20
N ARG D 31 -21.83 16.73 -1.86
CA ARG D 31 -22.95 17.56 -2.23
C ARG D 31 -23.45 18.38 -1.04
N GLY D 32 -23.10 19.66 -1.03
CA GLY D 32 -23.52 20.57 0.04
C GLY D 32 -22.41 20.78 1.06
N ALA D 33 -21.20 20.32 0.73
CA ALA D 33 -20.07 20.46 1.64
C ALA D 33 -19.19 21.65 1.22
N PRO D 34 -18.68 22.44 2.15
CA PRO D 34 -17.81 23.60 1.81
C PRO D 34 -16.41 23.19 1.39
N GLY D 35 -15.85 23.89 0.42
CA GLY D 35 -14.50 23.60 -0.07
C GLY D 35 -14.42 22.18 -0.62
N ALA D 36 -15.55 21.66 -1.07
CA ALA D 36 -15.58 20.30 -1.61
C ALA D 36 -14.79 20.22 -2.92
N ALA D 37 -14.07 19.11 -3.09
CA ALA D 37 -13.28 18.90 -4.30
C ALA D 37 -13.84 17.76 -5.14
N LEU D 38 -14.59 16.86 -4.49
CA LEU D 38 -15.21 15.72 -5.20
C LEU D 38 -16.70 15.97 -5.40
N ILE D 39 -17.13 15.98 -6.65
CA ILE D 39 -18.53 16.20 -6.98
C ILE D 39 -18.88 15.53 -8.31
N SER D 40 -20.01 15.93 -8.89
CA SER D 40 -20.44 15.37 -10.17
C SER D 40 -20.60 13.85 -10.06
N TYR D 41 -21.63 13.33 -10.72
CA TYR D 41 -21.90 11.90 -10.71
C TYR D 41 -20.99 11.15 -11.69
N PRO D 42 -21.01 11.48 -12.96
CA PRO D 42 -20.16 10.80 -13.96
C PRO D 42 -18.66 10.92 -13.63
N ASP D 43 -18.31 11.98 -12.92
CA ASP D 43 -16.91 12.20 -12.55
C ASP D 43 -16.58 11.51 -11.23
N ALA D 44 -17.61 11.29 -10.40
CA ALA D 44 -17.38 10.64 -9.11
C ALA D 44 -16.90 9.21 -9.30
N ILE D 45 -17.45 8.53 -10.29
CA ILE D 45 -17.03 7.15 -10.57
C ILE D 45 -15.55 7.11 -10.91
N TRP D 46 -15.07 8.17 -11.54
CA TRP D 46 -13.66 8.24 -11.94
C TRP D 46 -12.76 8.21 -10.69
N TRP D 47 -13.08 9.03 -9.69
CA TRP D 47 -12.30 9.05 -8.46
C TRP D 47 -12.65 7.82 -7.60
N SER D 48 -13.84 7.27 -7.82
CA SER D 48 -14.29 6.12 -7.06
C SER D 48 -13.37 4.92 -7.29
N VAL D 49 -13.02 4.69 -8.56
CA VAL D 49 -12.15 3.57 -8.91
C VAL D 49 -10.73 3.81 -8.39
N GLU D 50 -10.54 4.90 -7.66
CA GLU D 50 -9.22 5.23 -7.10
C GLU D 50 -9.19 4.91 -5.61
N THR D 51 -10.20 5.38 -4.88
CA THR D 51 -10.26 5.12 -3.44
C THR D 51 -10.41 3.63 -3.19
N ALA D 52 -11.30 2.98 -3.93
CA ALA D 52 -11.51 1.55 -3.77
C ALA D 52 -10.20 0.79 -3.98
N THR D 53 -9.28 1.42 -4.71
CA THR D 53 -7.97 0.82 -4.98
C THR D 53 -6.91 1.42 -4.06
N THR D 54 -7.35 2.30 -3.17
CA THR D 54 -6.43 2.95 -2.22
C THR D 54 -5.16 3.43 -2.92
N VAL D 55 -5.29 4.47 -3.74
CA VAL D 55 -4.15 5.04 -4.46
C VAL D 55 -3.90 6.49 -4.05
N GLY D 56 -4.98 7.25 -3.92
CA GLY D 56 -4.86 8.66 -3.53
C GLY D 56 -3.85 9.38 -4.40
N TYR D 57 -4.14 9.46 -5.71
CA TYR D 57 -3.24 10.12 -6.64
C TYR D 57 -3.08 11.60 -6.29
N GLY D 58 -4.20 12.26 -6.00
CA GLY D 58 -4.19 13.68 -5.66
C GLY D 58 -5.17 14.46 -6.53
N ASP D 59 -5.81 13.76 -7.46
CA ASP D 59 -6.76 14.40 -8.36
C ASP D 59 -7.90 15.04 -7.56
N ARG D 60 -8.47 14.26 -6.63
CA ARG D 60 -9.57 14.74 -5.80
C ARG D 60 -9.43 14.19 -4.39
N TYR D 61 -9.94 14.93 -3.40
CA TYR D 61 -9.85 14.48 -2.01
C TYR D 61 -11.10 14.90 -1.23
N PRO D 62 -11.65 14.05 -0.39
CA PRO D 62 -12.87 14.39 0.41
C PRO D 62 -12.56 15.38 1.53
N VAL D 63 -13.61 16.03 2.05
CA VAL D 63 -13.45 17.01 3.13
C VAL D 63 -13.92 16.41 4.45
N THR D 64 -14.77 17.11 5.19
CA THR D 64 -15.28 16.64 6.48
C THR D 64 -16.79 16.36 6.43
N GLU D 65 -17.56 17.34 5.95
CA GLU D 65 -19.01 17.21 5.89
C GLU D 65 -19.39 15.98 5.05
N GLU D 66 -18.55 15.65 4.09
CA GLU D 66 -18.77 14.49 3.23
C GLU D 66 -18.54 13.20 4.06
N GLY D 67 -18.61 13.37 5.37
CA GLY D 67 -18.43 12.26 6.26
C GLY D 67 -17.26 11.43 5.81
N ARG D 68 -16.03 12.00 5.78
CA ARG D 68 -14.83 11.30 5.30
C ARG D 68 -14.98 9.79 5.47
N LYS D 69 -15.75 9.41 6.47
CA LYS D 69 -16.03 8.02 6.68
C LYS D 69 -16.54 7.40 5.37
N VAL D 70 -17.10 8.22 4.46
CA VAL D 70 -17.60 7.68 3.20
C VAL D 70 -16.45 7.08 2.39
N ALA D 71 -15.37 7.85 2.27
CA ALA D 71 -14.20 7.39 1.53
C ALA D 71 -13.49 6.26 2.30
N GLU D 72 -13.46 6.37 3.62
CA GLU D 72 -12.81 5.39 4.46
C GLU D 72 -13.49 4.02 4.35
N GLN D 73 -14.82 4.04 4.31
CA GLN D 73 -15.58 2.79 4.23
C GLN D 73 -15.26 2.01 2.96
N VAL D 74 -15.25 2.69 1.82
CA VAL D 74 -14.96 2.02 0.56
C VAL D 74 -13.51 1.54 0.50
N MET D 75 -12.59 2.31 1.07
CA MET D 75 -11.17 1.95 1.08
C MET D 75 -10.93 0.64 1.84
N LYS D 76 -11.59 0.48 2.99
CA LYS D 76 -11.42 -0.72 3.78
C LYS D 76 -11.94 -1.94 3.03
N ALA D 77 -13.07 -1.80 2.37
CA ALA D 77 -13.66 -2.90 1.63
C ALA D 77 -12.71 -3.36 0.51
N GLY D 78 -12.08 -2.39 -0.17
CA GLY D 78 -11.15 -2.71 -1.24
C GLY D 78 -9.93 -3.47 -0.73
N ILE D 79 -9.42 -3.04 0.42
CA ILE D 79 -8.25 -3.69 1.00
C ILE D 79 -8.55 -5.14 1.37
N GLU D 80 -9.71 -5.37 1.96
CA GLU D 80 -10.09 -6.72 2.36
C GLU D 80 -10.23 -7.65 1.15
N VAL D 81 -10.78 -7.11 0.06
CA VAL D 81 -10.97 -7.92 -1.15
C VAL D 81 -9.63 -8.39 -1.71
N PHE D 82 -8.69 -7.47 -1.88
CA PHE D 82 -7.39 -7.82 -2.41
C PHE D 82 -6.63 -8.70 -1.41
N ALA D 83 -6.74 -8.37 -0.13
CA ALA D 83 -6.07 -9.15 0.91
C ALA D 83 -6.64 -10.56 0.97
N LEU D 84 -7.94 -10.68 0.73
CA LEU D 84 -8.59 -12.00 0.77
C LEU D 84 -7.97 -12.92 -0.27
N VAL D 85 -7.68 -12.37 -1.45
CA VAL D 85 -7.07 -13.16 -2.52
C VAL D 85 -5.90 -13.97 -1.98
N THR D 86 -5.49 -13.66 -0.75
CA THR D 86 -4.38 -14.35 -0.11
C THR D 86 -4.57 -15.86 -0.25
N ALA D 87 -5.81 -16.30 -0.10
CA ALA D 87 -6.12 -17.72 -0.20
C ALA D 87 -5.51 -18.31 -1.47
N ALA D 88 -5.16 -17.44 -2.42
CA ALA D 88 -4.57 -17.89 -3.68
C ALA D 88 -3.06 -17.60 -3.69
N LEU D 89 -2.61 -16.79 -2.72
CA LEU D 89 -1.19 -16.44 -2.63
C LEU D 89 -0.41 -17.47 -1.80
N ALA D 90 -0.74 -17.57 -0.53
CA ALA D 90 -0.06 -18.51 0.36
C ALA D 90 -0.21 -19.92 -0.18
N THR D 91 -1.05 -20.06 -1.19
CA THR D 91 -1.30 -21.36 -1.80
C THR D 91 -0.50 -21.52 -3.09
N ASP D 92 0.25 -20.47 -3.44
CA ASP D 92 1.07 -20.47 -4.64
C ASP D 92 2.32 -21.34 -4.46
N PHE D 93 2.93 -21.30 -3.28
CA PHE D 93 4.16 -22.07 -3.02
C PHE D 93 3.87 -23.50 -2.60
N VAL D 94 2.87 -23.68 -1.76
CA VAL D 94 2.53 -25.02 -1.25
C VAL D 94 2.58 -26.06 -2.37
N ARG D 95 2.15 -25.67 -3.55
CA ARG D 95 2.15 -26.57 -4.70
C ARG D 95 3.56 -27.12 -4.95
N ARG D 96 4.57 -26.35 -4.57
CA ARG D 96 5.95 -26.76 -4.74
C ARG D 96 6.12 -28.26 -4.44
N GLU D 97 5.37 -28.73 -3.45
CA GLU D 97 5.44 -30.14 -3.05
C GLU D 97 4.89 -31.03 -4.17
N GLU D 98 3.83 -30.57 -4.82
CA GLU D 98 3.21 -31.33 -5.92
C GLU D 98 3.74 -30.81 -7.26
N GLU D 99 3.24 -31.41 -8.34
CA GLU D 99 3.65 -31.04 -9.70
C GLU D 99 5.11 -31.42 -9.94
N ARG D 100 5.96 -31.09 -8.96
CA ARG D 100 7.38 -31.39 -9.05
C ARG D 100 7.59 -32.91 -9.08
N ARG D 101 6.86 -33.62 -8.23
CA ARG D 101 6.98 -35.07 -8.17
C ARG D 101 6.52 -35.70 -9.49
N GLY D 102 5.48 -35.12 -10.09
CA GLY D 102 4.95 -35.62 -11.36
C GLY D 102 3.64 -36.37 -11.14
N HIS D 103 3.15 -36.36 -9.90
CA HIS D 103 1.90 -37.05 -9.58
C HIS D 103 0.71 -36.26 -10.14
N SER A 1 17.28 -18.62 -7.40
CA SER A 1 17.71 -19.87 -8.09
C SER A 1 16.56 -20.87 -8.06
N ALA A 2 15.68 -20.73 -7.07
CA ALA A 2 14.53 -21.63 -6.93
C ALA A 2 13.43 -21.24 -7.91
N ASP A 3 12.46 -22.13 -8.08
CA ASP A 3 11.35 -21.88 -8.99
C ASP A 3 10.58 -20.63 -8.56
N HIS A 4 10.28 -20.53 -7.27
CA HIS A 4 9.55 -19.38 -6.75
C HIS A 4 10.40 -18.12 -6.85
N GLU A 5 11.69 -18.24 -6.54
CA GLU A 5 12.60 -17.09 -6.60
C GLU A 5 12.72 -16.59 -8.03
N ARG A 6 12.91 -17.51 -8.97
CA ARG A 6 13.04 -17.15 -10.37
C ARG A 6 11.74 -16.55 -10.88
N GLU A 7 10.62 -17.11 -10.43
CA GLU A 7 9.31 -16.61 -10.84
C GLU A 7 9.12 -15.18 -10.38
N ALA A 8 9.60 -14.88 -9.17
CA ALA A 8 9.47 -13.52 -8.63
C ALA A 8 10.24 -12.53 -9.50
N GLN A 9 11.42 -12.96 -9.96
CA GLN A 9 12.24 -12.10 -10.80
C GLN A 9 11.55 -11.83 -12.12
N LYS A 10 10.88 -12.85 -12.66
CA LYS A 10 10.16 -12.71 -13.92
C LYS A 10 9.07 -11.66 -13.81
N ALA A 11 8.36 -11.66 -12.68
CA ALA A 11 7.29 -10.70 -12.46
C ALA A 11 7.82 -9.27 -12.49
N GLU A 12 9.01 -9.07 -11.93
CA GLU A 12 9.60 -7.73 -11.89
C GLU A 12 9.93 -7.26 -13.32
N GLU A 13 10.43 -8.17 -14.14
CA GLU A 13 10.77 -7.84 -15.51
C GLU A 13 9.51 -7.48 -16.30
N GLU A 14 8.43 -8.20 -16.04
CA GLU A 14 7.17 -7.95 -16.74
C GLU A 14 6.63 -6.57 -16.38
N LEU A 15 6.89 -6.13 -15.15
CA LEU A 15 6.41 -4.84 -14.70
C LEU A 15 6.99 -3.71 -15.55
N GLN A 16 8.29 -3.79 -15.81
CA GLN A 16 8.97 -2.78 -16.61
C GLN A 16 8.39 -2.69 -18.00
N LYS A 17 7.99 -3.83 -18.56
CA LYS A 17 7.43 -3.84 -19.91
C LYS A 17 6.15 -3.02 -19.98
N VAL A 18 5.31 -3.13 -18.95
CA VAL A 18 4.06 -2.39 -18.91
C VAL A 18 4.32 -0.89 -18.86
N LEU A 19 5.43 -0.49 -18.25
CA LEU A 19 5.76 0.92 -18.13
C LEU A 19 5.96 1.51 -19.52
N GLU A 20 6.62 0.77 -20.40
CA GLU A 20 6.85 1.24 -21.76
C GLU A 20 5.52 1.41 -22.49
N GLU A 21 4.70 0.36 -22.46
CA GLU A 21 3.40 0.42 -23.12
C GLU A 21 2.50 1.46 -22.43
N ALA A 22 2.61 1.53 -21.11
CA ALA A 22 1.80 2.47 -20.34
C ALA A 22 2.17 3.90 -20.70
N SER A 23 3.45 4.14 -20.95
CA SER A 23 3.93 5.48 -21.29
C SER A 23 3.22 5.97 -22.55
N LYS A 24 3.03 5.08 -23.50
CA LYS A 24 2.37 5.45 -24.75
C LYS A 24 0.93 5.90 -24.48
N LYS A 25 0.17 5.05 -23.82
CA LYS A 25 -1.22 5.37 -23.51
C LYS A 25 -1.31 6.62 -22.64
N ALA A 26 -0.44 6.71 -21.64
CA ALA A 26 -0.45 7.87 -20.74
C ALA A 26 -0.28 9.17 -21.53
N VAL A 27 0.30 9.09 -22.73
CA VAL A 27 0.50 10.28 -23.56
C VAL A 27 -0.69 10.48 -24.50
N GLU A 28 -1.04 9.41 -25.22
CA GLU A 28 -2.15 9.46 -26.17
C GLU A 28 -3.47 9.69 -25.43
N ALA A 29 -3.65 8.99 -24.32
CA ALA A 29 -4.87 9.14 -23.53
C ALA A 29 -5.15 10.62 -23.27
N GLU A 30 -4.08 11.40 -23.10
CA GLU A 30 -4.23 12.83 -22.86
C GLU A 30 -4.51 13.57 -24.16
N ARG A 31 -3.57 14.41 -24.58
CA ARG A 31 -3.73 15.18 -25.81
C ARG A 31 -5.12 15.78 -25.89
N GLY A 32 -5.32 16.89 -25.18
CA GLY A 32 -6.61 17.59 -25.19
C GLY A 32 -7.37 17.36 -23.89
N ALA A 33 -6.85 16.48 -23.04
CA ALA A 33 -7.50 16.19 -21.77
C ALA A 33 -7.20 17.31 -20.76
N PRO A 34 -8.18 17.77 -20.00
CA PRO A 34 -7.96 18.85 -18.99
C PRO A 34 -7.25 18.34 -17.74
N GLY A 35 -6.34 19.16 -17.21
CA GLY A 35 -5.60 18.79 -16.01
C GLY A 35 -4.71 17.57 -16.27
N ALA A 36 -4.39 17.34 -17.53
CA ALA A 36 -3.55 16.20 -17.88
C ALA A 36 -2.18 16.31 -17.23
N ALA A 37 -1.57 17.48 -17.34
CA ALA A 37 -0.25 17.71 -16.76
C ALA A 37 0.76 16.73 -17.33
N LEU A 38 0.31 15.86 -18.23
CA LEU A 38 1.19 14.88 -18.86
C LEU A 38 1.03 14.89 -20.37
N ILE A 39 2.08 15.29 -21.08
CA ILE A 39 2.05 15.35 -22.53
C ILE A 39 3.47 15.31 -23.09
N SER A 40 4.22 14.27 -22.70
CA SER A 40 5.60 14.12 -23.15
C SER A 40 6.01 12.65 -23.13
N TYR A 41 6.35 12.12 -24.32
CA TYR A 41 6.79 10.73 -24.44
C TYR A 41 7.98 10.43 -23.51
N PRO A 42 9.05 11.22 -23.53
CA PRO A 42 10.24 10.95 -22.66
C PRO A 42 9.89 10.93 -21.17
N ASP A 43 8.93 11.78 -20.77
CA ASP A 43 8.52 11.85 -19.37
C ASP A 43 7.35 10.92 -19.10
N ALA A 44 6.80 10.34 -20.15
CA ALA A 44 5.66 9.43 -20.00
C ALA A 44 6.07 8.21 -19.18
N ILE A 45 7.23 7.66 -19.52
CA ILE A 45 7.73 6.49 -18.81
C ILE A 45 8.13 6.86 -17.39
N TRP A 46 8.78 8.00 -17.25
CA TRP A 46 9.23 8.46 -15.93
C TRP A 46 8.05 8.50 -14.97
N TRP A 47 6.92 9.01 -15.44
CA TRP A 47 5.72 9.07 -14.61
C TRP A 47 5.23 7.65 -14.32
N SER A 48 5.33 6.78 -15.32
CA SER A 48 4.88 5.40 -15.17
C SER A 48 5.74 4.66 -14.14
N VAL A 49 6.96 5.10 -13.92
CA VAL A 49 7.85 4.45 -12.94
C VAL A 49 7.25 4.51 -11.54
N GLU A 50 6.84 5.72 -11.14
CA GLU A 50 6.26 5.89 -9.83
C GLU A 50 4.83 5.35 -9.79
N THR A 51 4.20 5.29 -10.96
CA THR A 51 2.83 4.79 -11.05
C THR A 51 2.78 3.32 -10.61
N ALA A 52 3.71 2.52 -11.09
CA ALA A 52 3.76 1.11 -10.74
C ALA A 52 3.98 0.94 -9.24
N THR A 53 4.77 1.84 -8.65
CA THR A 53 5.04 1.75 -7.22
C THR A 53 3.81 2.25 -6.45
N THR A 54 2.75 2.56 -7.19
CA THR A 54 1.51 3.04 -6.61
C THR A 54 1.78 4.05 -5.49
N VAL A 55 2.20 5.25 -5.86
CA VAL A 55 2.48 6.30 -4.88
C VAL A 55 1.96 7.66 -5.37
N GLY A 56 2.06 7.91 -6.68
CA GLY A 56 1.58 9.18 -7.24
C GLY A 56 1.91 10.35 -6.32
N TYR A 57 3.16 10.77 -6.31
CA TYR A 57 3.59 11.89 -5.46
C TYR A 57 2.82 13.16 -5.83
N GLY A 58 2.72 13.43 -7.14
CA GLY A 58 2.03 14.61 -7.62
C GLY A 58 2.70 15.19 -8.86
N ASP A 59 3.53 14.38 -9.50
CA ASP A 59 4.23 14.82 -10.71
C ASP A 59 3.24 15.14 -11.82
N ARG A 60 2.23 14.28 -11.96
CA ARG A 60 1.20 14.46 -13.00
C ARG A 60 -0.18 14.40 -12.39
N TYR A 61 -1.21 14.35 -13.24
CA TYR A 61 -2.58 14.30 -12.75
C TYR A 61 -3.53 13.82 -13.85
N PRO A 62 -3.75 12.52 -13.99
CA PRO A 62 -4.67 11.98 -15.04
C PRO A 62 -6.14 12.31 -14.75
N VAL A 63 -6.96 12.32 -15.80
CA VAL A 63 -8.40 12.63 -15.66
C VAL A 63 -9.25 11.55 -16.33
N THR A 64 -10.54 11.80 -16.41
CA THR A 64 -11.46 10.84 -17.02
C THR A 64 -11.23 10.76 -18.53
N GLU A 65 -11.06 11.92 -19.17
CA GLU A 65 -10.84 11.95 -20.61
C GLU A 65 -9.75 10.94 -20.98
N GLU A 66 -8.63 10.99 -20.27
CA GLU A 66 -7.53 10.06 -20.51
C GLU A 66 -7.83 8.72 -19.81
N GLY A 67 -9.11 8.40 -19.83
CA GLY A 67 -9.57 7.14 -19.29
C GLY A 67 -8.87 6.80 -17.98
N ARG A 68 -9.10 7.58 -16.90
CA ARG A 68 -8.45 7.34 -15.60
C ARG A 68 -8.01 5.89 -15.45
N LYS A 69 -8.77 4.99 -16.04
CA LYS A 69 -8.41 3.60 -16.02
C LYS A 69 -6.98 3.43 -16.53
N VAL A 70 -6.43 4.44 -17.22
CA VAL A 70 -5.06 4.34 -17.73
C VAL A 70 -4.07 4.19 -16.57
N ALA A 71 -4.22 5.04 -15.56
CA ALA A 71 -3.34 5.01 -14.40
C ALA A 71 -3.65 3.81 -13.51
N GLU A 72 -4.94 3.59 -13.27
CA GLU A 72 -5.36 2.48 -12.42
C GLU A 72 -4.82 1.15 -12.95
N GLN A 73 -4.91 0.98 -14.27
CA GLN A 73 -4.43 -0.25 -14.89
C GLN A 73 -2.94 -0.47 -14.58
N VAL A 74 -2.14 0.59 -14.64
CA VAL A 74 -0.72 0.47 -14.37
C VAL A 74 -0.46 0.07 -12.91
N MET A 75 -1.16 0.73 -12.00
CA MET A 75 -1.00 0.46 -10.57
C MET A 75 -1.38 -0.99 -10.26
N LYS A 76 -2.44 -1.47 -10.89
CA LYS A 76 -2.90 -2.84 -10.67
C LYS A 76 -1.81 -3.83 -11.06
N ALA A 77 -1.15 -3.57 -12.19
CA ALA A 77 -0.09 -4.45 -12.67
C ALA A 77 1.03 -4.53 -11.64
N GLY A 78 1.35 -3.41 -11.00
CA GLY A 78 2.40 -3.37 -10.00
C GLY A 78 1.99 -4.18 -8.77
N ILE A 79 0.72 -4.09 -8.40
CA ILE A 79 0.23 -4.82 -7.24
C ILE A 79 0.20 -6.32 -7.51
N GLU A 80 0.08 -6.70 -8.77
CA GLU A 80 0.05 -8.11 -9.14
C GLU A 80 1.44 -8.74 -9.05
N VAL A 81 2.41 -8.10 -9.69
CA VAL A 81 3.78 -8.60 -9.69
C VAL A 81 4.34 -8.64 -8.27
N PHE A 82 4.19 -7.54 -7.55
CA PHE A 82 4.71 -7.47 -6.18
C PHE A 82 3.98 -8.45 -5.26
N ALA A 83 2.67 -8.57 -5.44
CA ALA A 83 1.89 -9.48 -4.61
C ALA A 83 2.29 -10.93 -4.87
N LEU A 84 2.59 -11.24 -6.12
CA LEU A 84 2.97 -12.59 -6.50
C LEU A 84 4.27 -13.01 -5.82
N VAL A 85 5.20 -12.07 -5.67
CA VAL A 85 6.48 -12.39 -5.04
C VAL A 85 6.26 -13.20 -3.77
N THR A 86 5.03 -13.23 -3.29
CA THR A 86 4.71 -13.98 -2.08
C THR A 86 5.24 -15.41 -2.21
N ALA A 87 5.03 -16.01 -3.37
CA ALA A 87 5.50 -17.37 -3.62
C ALA A 87 6.93 -17.56 -3.08
N ALA A 88 7.64 -16.44 -2.90
CA ALA A 88 9.01 -16.49 -2.39
C ALA A 88 9.07 -16.05 -0.94
N LEU A 89 8.04 -15.32 -0.49
CA LEU A 89 7.99 -14.85 0.90
C LEU A 89 7.42 -15.90 1.82
N ALA A 90 6.34 -16.55 1.38
CA ALA A 90 5.69 -17.59 2.19
C ALA A 90 6.66 -18.71 2.52
N THR A 91 7.50 -19.06 1.57
CA THR A 91 8.47 -20.14 1.76
C THR A 91 9.48 -19.75 2.83
N ASP A 92 9.49 -18.47 3.21
CA ASP A 92 10.45 -17.99 4.21
C ASP A 92 10.28 -18.74 5.53
N PHE A 93 9.05 -18.83 6.02
CA PHE A 93 8.77 -19.52 7.29
C PHE A 93 8.83 -21.04 7.11
N VAL A 94 8.64 -21.49 5.88
CA VAL A 94 8.65 -22.92 5.59
C VAL A 94 10.00 -23.55 5.92
N ARG A 95 11.07 -22.87 5.53
CA ARG A 95 12.42 -23.36 5.79
C ARG A 95 12.66 -23.54 7.29
N ARG A 96 11.86 -22.86 8.10
CA ARG A 96 12.02 -22.94 9.56
C ARG A 96 12.00 -24.40 10.01
N GLU A 97 11.08 -25.18 9.45
CA GLU A 97 10.99 -26.58 9.82
C GLU A 97 12.30 -27.29 9.48
N GLU A 98 12.85 -26.96 8.33
CA GLU A 98 14.11 -27.56 7.89
C GLU A 98 15.26 -27.09 8.77
N GLU A 99 15.21 -25.82 9.16
CA GLU A 99 16.26 -25.25 10.01
C GLU A 99 16.26 -25.91 11.37
N ARG A 100 15.07 -26.26 11.86
CA ARG A 100 14.94 -26.91 13.15
C ARG A 100 15.70 -28.23 13.17
N ARG A 101 15.56 -29.01 12.10
CA ARG A 101 16.24 -30.29 12.00
C ARG A 101 17.75 -30.09 11.98
N GLY A 102 18.19 -29.01 11.33
CA GLY A 102 19.62 -28.71 11.22
C GLY A 102 20.19 -29.21 9.90
N HIS A 103 19.31 -29.66 9.01
CA HIS A 103 19.74 -30.16 7.72
C HIS A 103 18.59 -30.09 6.71
N SER B 1 13.93 -16.53 21.43
CA SER B 1 13.11 -15.73 20.49
C SER B 1 13.21 -16.34 19.09
N ALA B 2 12.94 -17.63 18.99
CA ALA B 2 13.02 -18.32 17.71
C ALA B 2 14.25 -17.88 16.93
N ASP B 3 14.25 -18.14 15.61
CA ASP B 3 15.38 -17.77 14.76
C ASP B 3 14.91 -16.92 13.58
N HIS B 4 13.64 -17.06 13.22
CA HIS B 4 13.10 -16.29 12.10
C HIS B 4 12.77 -14.87 12.56
N GLU B 5 12.56 -14.69 13.85
CA GLU B 5 12.24 -13.38 14.40
C GLU B 5 13.43 -12.43 14.26
N ARG B 6 14.63 -12.96 14.48
CA ARG B 6 15.83 -12.15 14.39
C ARG B 6 16.04 -11.66 12.96
N GLU B 7 15.73 -12.51 12.00
CA GLU B 7 15.89 -12.15 10.59
C GLU B 7 14.99 -10.96 10.26
N ALA B 8 13.77 -10.97 10.79
CA ALA B 8 12.83 -9.90 10.56
C ALA B 8 13.34 -8.58 11.17
N GLN B 9 13.92 -8.68 12.36
CA GLN B 9 14.44 -7.49 13.04
C GLN B 9 15.61 -6.90 12.24
N LYS B 10 16.43 -7.78 11.69
CA LYS B 10 17.59 -7.33 10.91
C LYS B 10 17.13 -6.53 9.70
N ALA B 11 16.02 -6.94 9.10
CA ALA B 11 15.49 -6.26 7.92
C ALA B 11 15.20 -4.79 8.24
N GLU B 12 14.76 -4.52 9.47
CA GLU B 12 14.44 -3.16 9.86
C GLU B 12 15.70 -2.30 9.85
N GLU B 13 16.82 -2.87 10.27
CA GLU B 13 18.08 -2.15 10.29
C GLU B 13 18.53 -1.81 8.88
N GLU B 14 18.24 -2.72 7.94
CA GLU B 14 18.62 -2.50 6.55
C GLU B 14 17.86 -1.31 5.97
N LEU B 15 16.59 -1.17 6.34
CA LEU B 15 15.78 -0.06 5.85
C LEU B 15 16.36 1.27 6.29
N GLN B 16 16.79 1.32 7.55
CA GLN B 16 17.36 2.55 8.10
C GLN B 16 18.66 2.91 7.38
N LYS B 17 19.46 1.91 7.07
CA LYS B 17 20.73 2.14 6.38
C LYS B 17 20.49 2.82 5.03
N VAL B 18 19.46 2.36 4.32
CA VAL B 18 19.11 2.92 3.03
C VAL B 18 18.66 4.37 3.17
N LEU B 19 17.87 4.63 4.21
CA LEU B 19 17.37 5.99 4.43
C LEU B 19 18.54 6.95 4.60
N GLU B 20 19.56 6.50 5.33
CA GLU B 20 20.73 7.34 5.54
C GLU B 20 21.36 7.67 4.18
N GLU B 21 21.55 6.64 3.36
CA GLU B 21 22.11 6.83 2.04
C GLU B 21 21.13 7.58 1.15
N ALA B 22 19.84 7.36 1.40
CA ALA B 22 18.79 8.02 0.62
C ALA B 22 18.93 9.53 0.72
N SER B 23 19.17 10.02 1.93
CA SER B 23 19.30 11.46 2.14
C SER B 23 20.47 12.00 1.33
N LYS B 24 21.57 11.28 1.34
CA LYS B 24 22.75 11.72 0.57
C LYS B 24 22.45 11.67 -0.93
N LYS B 25 21.66 10.69 -1.34
CA LYS B 25 21.32 10.57 -2.76
C LYS B 25 20.29 11.63 -3.16
N ALA B 26 19.24 11.79 -2.35
CA ALA B 26 18.20 12.77 -2.65
C ALA B 26 18.77 14.19 -2.64
N VAL B 27 19.55 14.53 -1.61
CA VAL B 27 20.12 15.88 -1.54
C VAL B 27 21.05 16.12 -2.72
N GLU B 28 21.91 15.14 -3.00
CA GLU B 28 22.85 15.25 -4.10
C GLU B 28 22.12 15.25 -5.44
N ALA B 29 21.15 14.35 -5.57
CA ALA B 29 20.36 14.26 -6.79
C ALA B 29 19.48 15.50 -6.96
N GLU B 30 18.92 15.98 -5.85
CA GLU B 30 18.07 17.17 -5.89
C GLU B 30 18.90 18.42 -6.16
N ARG B 31 20.13 18.43 -5.65
CA ARG B 31 21.02 19.56 -5.85
C ARG B 31 21.41 19.69 -7.31
N GLY B 32 21.13 20.86 -7.87
CA GLY B 32 21.46 21.15 -9.27
C GLY B 32 20.27 20.87 -10.18
N ALA B 33 19.15 20.44 -9.58
CA ALA B 33 17.95 20.13 -10.35
C ALA B 33 16.91 21.24 -10.19
N PRO B 34 16.20 21.61 -11.25
CA PRO B 34 15.16 22.68 -11.16
C PRO B 34 13.87 22.20 -10.48
N GLY B 35 13.19 23.12 -9.82
CA GLY B 35 11.93 22.80 -9.15
C GLY B 35 12.17 21.86 -7.97
N ALA B 36 13.43 21.55 -7.70
CA ALA B 36 13.78 20.67 -6.61
C ALA B 36 13.70 21.40 -5.28
N ALA B 37 12.49 21.49 -4.72
CA ALA B 37 12.29 22.17 -3.45
C ALA B 37 13.05 21.45 -2.34
N LEU B 38 13.15 20.14 -2.47
CA LEU B 38 13.86 19.33 -1.48
C LEU B 38 15.31 19.79 -1.35
N ILE B 39 15.86 20.34 -2.44
CA ILE B 39 17.25 20.83 -2.43
C ILE B 39 17.57 21.49 -1.09
N SER B 40 18.28 20.75 -0.24
CA SER B 40 18.65 21.27 1.08
C SER B 40 19.61 20.31 1.78
N TYR B 41 19.20 19.80 2.94
CA TYR B 41 20.02 18.89 3.71
C TYR B 41 19.27 18.41 4.96
N PRO B 42 18.97 19.32 5.87
CA PRO B 42 18.24 18.96 7.13
C PRO B 42 16.88 18.32 6.85
N ASP B 43 16.23 18.76 5.78
CA ASP B 43 14.91 18.21 5.42
C ASP B 43 15.05 17.05 4.44
N ALA B 44 16.28 16.78 4.00
CA ALA B 44 16.51 15.68 3.07
C ALA B 44 16.19 14.35 3.73
N ILE B 45 16.57 14.22 4.99
CA ILE B 45 16.30 13.00 5.74
C ILE B 45 14.82 12.86 6.03
N TRP B 46 14.16 13.99 6.31
CA TRP B 46 12.74 13.98 6.63
C TRP B 46 11.94 13.27 5.54
N TRP B 47 12.16 13.67 4.29
CA TRP B 47 11.47 13.05 3.17
C TRP B 47 11.91 11.60 3.01
N SER B 48 13.20 11.34 3.22
CA SER B 48 13.73 9.99 3.08
C SER B 48 12.97 9.00 3.93
N VAL B 49 12.71 9.36 5.18
CA VAL B 49 11.99 8.46 6.08
C VAL B 49 10.56 8.19 5.61
N GLU B 50 9.85 9.24 5.23
CA GLU B 50 8.47 9.09 4.78
C GLU B 50 8.42 8.30 3.47
N THR B 51 9.45 8.45 2.66
CA THR B 51 9.50 7.73 1.38
C THR B 51 9.51 6.22 1.58
N ALA B 52 10.30 5.76 2.54
CA ALA B 52 10.39 4.32 2.81
C ALA B 52 9.00 3.74 3.10
N THR B 53 8.10 4.58 3.60
CA THR B 53 6.74 4.12 3.91
C THR B 53 5.85 4.19 2.68
N THR B 54 6.41 4.66 1.57
CA THR B 54 5.65 4.77 0.33
C THR B 54 4.41 5.63 0.54
N VAL B 55 4.29 6.20 1.74
CA VAL B 55 3.14 7.04 2.06
C VAL B 55 3.12 8.28 1.19
N GLY B 56 4.29 8.92 1.02
CA GLY B 56 4.39 10.13 0.22
C GLY B 56 3.18 11.03 0.42
N TYR B 57 3.11 11.70 1.56
CA TYR B 57 1.99 12.59 1.87
C TYR B 57 1.86 13.70 0.83
N GLY B 58 3.00 14.32 0.49
CA GLY B 58 3.01 15.41 -0.48
C GLY B 58 3.95 16.52 -0.04
N ASP B 59 4.57 16.34 1.12
CA ASP B 59 5.49 17.35 1.65
C ASP B 59 6.51 17.73 0.58
N ARG B 60 7.37 16.78 0.22
CA ARG B 60 8.40 17.01 -0.80
C ARG B 60 8.12 16.16 -2.03
N TYR B 61 8.51 16.66 -3.20
CA TYR B 61 8.28 15.94 -4.45
C TYR B 61 9.52 16.05 -5.37
N PRO B 62 10.24 14.98 -5.63
CA PRO B 62 11.45 15.06 -6.52
C PRO B 62 11.08 15.30 -7.97
N VAL B 63 12.07 15.20 -8.87
CA VAL B 63 11.84 15.41 -10.30
C VAL B 63 12.51 14.31 -11.11
N THR B 64 12.98 14.65 -12.31
CA THR B 64 13.63 13.69 -13.19
C THR B 64 15.15 13.83 -13.14
N GLU B 65 15.63 15.07 -13.16
CA GLU B 65 17.07 15.31 -13.13
C GLU B 65 17.70 14.61 -11.93
N GLU B 66 17.00 14.60 -10.80
CA GLU B 66 17.49 13.95 -9.60
C GLU B 66 17.28 12.43 -9.72
N GLY B 67 17.37 11.98 -10.96
CA GLY B 67 17.25 10.57 -11.24
C GLY B 67 16.14 9.93 -10.42
N ARG B 68 14.87 10.33 -10.62
CA ARG B 68 13.72 9.78 -9.85
C ARG B 68 14.04 8.39 -9.33
N LYS B 69 14.82 7.65 -10.11
CA LYS B 69 15.25 6.34 -9.67
C LYS B 69 15.80 6.43 -8.25
N VAL B 70 16.14 7.66 -7.81
CA VAL B 70 16.65 7.83 -6.46
C VAL B 70 15.59 7.42 -5.45
N ALA B 71 14.37 7.91 -5.65
CA ALA B 71 13.27 7.57 -4.76
C ALA B 71 12.83 6.13 -5.00
N GLU B 72 12.82 5.72 -6.27
CA GLU B 72 12.41 4.36 -6.62
C GLU B 72 13.13 3.36 -5.74
N GLN B 73 14.43 3.57 -5.54
CA GLN B 73 15.23 2.67 -4.71
C GLN B 73 14.78 2.74 -3.25
N VAL B 74 14.50 3.94 -2.76
CA VAL B 74 14.11 4.10 -1.36
C VAL B 74 12.77 3.43 -1.08
N MET B 75 11.75 3.75 -1.88
CA MET B 75 10.42 3.17 -1.69
C MET B 75 10.46 1.67 -1.92
N LYS B 76 11.20 1.24 -2.93
CA LYS B 76 11.30 -0.18 -3.25
C LYS B 76 11.96 -0.94 -2.10
N ALA B 77 12.99 -0.32 -1.52
CA ALA B 77 13.71 -0.94 -0.41
C ALA B 77 12.78 -1.19 0.78
N GLY B 78 11.85 -0.26 0.98
CA GLY B 78 10.90 -0.38 2.09
C GLY B 78 9.87 -1.48 1.82
N ILE B 79 9.41 -1.57 0.58
CA ILE B 79 8.41 -2.56 0.21
C ILE B 79 8.94 -3.99 0.40
N GLU B 80 10.17 -4.24 -0.05
CA GLU B 80 10.76 -5.56 0.08
C GLU B 80 10.99 -5.90 1.55
N VAL B 81 11.35 -4.88 2.33
CA VAL B 81 11.62 -5.06 3.74
C VAL B 81 10.36 -5.54 4.48
N PHE B 82 9.40 -4.64 4.61
CA PHE B 82 8.16 -4.97 5.32
C PHE B 82 7.46 -6.17 4.68
N ALA B 83 8.01 -6.65 3.56
CA ALA B 83 7.45 -7.80 2.87
C ALA B 83 8.20 -9.07 3.25
N LEU B 84 9.50 -8.94 3.48
CA LEU B 84 10.32 -10.10 3.86
C LEU B 84 9.87 -10.61 5.22
N VAL B 85 9.58 -9.67 6.14
CA VAL B 85 9.15 -10.05 7.47
C VAL B 85 7.88 -10.89 7.37
N THR B 86 7.23 -10.85 6.21
CA THR B 86 6.02 -11.64 6.00
C THR B 86 6.20 -13.03 6.58
N ALA B 87 7.46 -13.46 6.70
CA ALA B 87 7.78 -14.77 7.24
C ALA B 87 7.34 -14.87 8.69
N ALA B 88 7.96 -14.06 9.55
CA ALA B 88 7.62 -14.08 10.97
C ALA B 88 6.14 -13.85 11.17
N LEU B 89 5.51 -13.20 10.19
CA LEU B 89 4.07 -12.92 10.25
C LEU B 89 3.30 -14.11 9.68
N ALA B 90 3.98 -14.92 8.88
CA ALA B 90 3.35 -16.10 8.28
C ALA B 90 3.18 -17.17 9.35
N THR B 91 4.26 -17.45 10.05
CA THR B 91 4.26 -18.45 11.13
C THR B 91 3.15 -18.12 12.13
N ASP B 92 2.47 -17.01 11.92
CA ASP B 92 1.40 -16.60 12.84
C ASP B 92 0.32 -17.67 12.93
N PHE B 93 -0.04 -18.26 11.79
CA PHE B 93 -1.06 -19.30 11.78
C PHE B 93 -0.56 -20.59 12.43
N VAL B 94 0.75 -20.81 12.39
CA VAL B 94 1.34 -22.02 12.95
C VAL B 94 1.06 -22.12 14.46
N ARG B 95 1.22 -21.01 15.17
CA ARG B 95 1.00 -20.99 16.61
C ARG B 95 -0.43 -21.41 16.95
N ARG B 96 -1.33 -21.29 15.99
CA ARG B 96 -2.72 -21.66 16.23
C ARG B 96 -2.79 -23.11 16.73
N GLU B 97 -1.99 -23.98 16.12
CA GLU B 97 -1.97 -25.39 16.52
C GLU B 97 -1.53 -25.55 17.97
N GLU B 98 -0.53 -24.77 18.38
CA GLU B 98 -0.03 -24.85 19.76
C GLU B 98 -1.09 -24.37 20.74
N GLU B 99 -1.84 -23.36 20.34
CA GLU B 99 -2.90 -22.80 21.20
C GLU B 99 -4.00 -23.83 21.42
N ARG B 100 -4.16 -24.74 20.47
CA ARG B 100 -5.19 -25.75 20.56
C ARG B 100 -4.98 -26.61 21.81
N ARG B 101 -3.72 -26.98 22.06
CA ARG B 101 -3.40 -27.80 23.22
C ARG B 101 -3.68 -27.04 24.51
N GLY B 102 -3.41 -25.73 24.49
CA GLY B 102 -3.64 -24.89 25.66
C GLY B 102 -2.42 -24.88 26.58
N HIS B 103 -1.30 -25.38 26.07
CA HIS B 103 -0.07 -25.42 26.85
C HIS B 103 -0.32 -26.08 28.21
N SER C 1 -16.60 -19.86 14.77
CA SER C 1 -15.69 -18.82 14.22
C SER C 1 -14.24 -19.30 14.33
N ALA C 2 -13.97 -20.48 13.78
CA ALA C 2 -12.62 -21.05 13.84
C ALA C 2 -11.97 -20.79 15.20
N ASP C 3 -11.01 -19.87 15.21
CA ASP C 3 -10.31 -19.52 16.44
C ASP C 3 -9.38 -18.34 16.19
N HIS C 4 -8.81 -18.29 14.99
CA HIS C 4 -7.91 -17.20 14.63
C HIS C 4 -8.69 -15.95 14.23
N GLU C 5 -9.97 -16.13 13.93
CA GLU C 5 -10.81 -15.00 13.54
C GLU C 5 -10.98 -14.02 14.70
N ARG C 6 -11.14 -14.55 15.91
CA ARG C 6 -11.32 -13.71 17.07
C ARG C 6 -10.08 -12.85 17.32
N GLU C 7 -8.91 -13.45 17.10
CA GLU C 7 -7.66 -12.74 17.29
C GLU C 7 -7.53 -11.62 16.25
N ALA C 8 -7.93 -11.91 15.01
CA ALA C 8 -7.85 -10.93 13.94
C ALA C 8 -8.79 -9.76 14.22
N GLN C 9 -10.00 -10.08 14.70
CA GLN C 9 -10.98 -9.04 15.00
C GLN C 9 -10.51 -8.18 16.17
N LYS C 10 -9.89 -8.83 17.16
CA LYS C 10 -9.39 -8.10 18.32
C LYS C 10 -8.31 -7.10 17.90
N ALA C 11 -7.49 -7.49 16.92
CA ALA C 11 -6.43 -6.62 16.43
C ALA C 11 -6.99 -5.34 15.83
N GLU C 12 -8.15 -5.44 15.17
CA GLU C 12 -8.77 -4.28 14.55
C GLU C 12 -9.14 -3.23 15.59
N GLU C 13 -9.65 -3.68 16.73
CA GLU C 13 -10.05 -2.77 17.79
C GLU C 13 -8.83 -2.05 18.36
N GLU C 14 -7.70 -2.74 18.40
CA GLU C 14 -6.48 -2.15 18.94
C GLU C 14 -6.05 -0.95 18.10
N LEU C 15 -6.21 -1.05 16.78
CA LEU C 15 -5.84 0.04 15.89
C LEU C 15 -6.64 1.29 16.21
N GLN C 16 -7.95 1.13 16.40
CA GLN C 16 -8.80 2.28 16.71
C GLN C 16 -8.36 3.00 17.97
N LYS C 17 -7.80 2.26 18.92
CA LYS C 17 -7.35 2.88 20.16
C LYS C 17 -6.20 3.86 19.93
N VAL C 18 -5.25 3.46 19.09
CA VAL C 18 -4.09 4.30 18.78
C VAL C 18 -4.37 5.25 17.63
N LEU C 19 -5.15 4.81 16.68
CA LEU C 19 -5.46 5.65 15.54
C LEU C 19 -6.17 6.91 16.02
N GLU C 20 -7.19 6.74 16.86
CA GLU C 20 -7.93 7.89 17.37
C GLU C 20 -6.98 8.77 18.17
N GLU C 21 -6.15 8.16 18.98
CA GLU C 21 -5.19 8.91 19.77
C GLU C 21 -4.30 9.72 18.85
N ALA C 22 -4.09 9.20 17.63
CA ALA C 22 -3.26 9.91 16.66
C ALA C 22 -3.90 11.22 16.25
N SER C 23 -5.22 11.22 16.13
CA SER C 23 -5.93 12.42 15.72
C SER C 23 -5.62 13.57 16.67
N LYS C 24 -5.64 13.30 17.97
CA LYS C 24 -5.34 14.33 18.95
C LYS C 24 -3.89 14.78 18.78
N LYS C 25 -2.98 13.81 18.78
CA LYS C 25 -1.56 14.10 18.65
C LYS C 25 -1.28 14.82 17.33
N ALA C 26 -1.99 14.43 16.27
CA ALA C 26 -1.80 15.05 14.96
C ALA C 26 -1.82 16.57 15.07
N VAL C 27 -2.92 17.11 15.59
CA VAL C 27 -3.03 18.56 15.75
C VAL C 27 -1.98 19.06 16.74
N GLU C 28 -1.84 18.36 17.85
CA GLU C 28 -0.88 18.75 18.87
C GLU C 28 0.53 18.74 18.28
N ALA C 29 0.77 17.83 17.35
CA ALA C 29 2.08 17.73 16.71
C ALA C 29 2.43 19.03 16.00
N GLU C 30 1.41 19.74 15.53
CA GLU C 30 1.62 21.00 14.82
C GLU C 30 2.36 22.00 15.69
N ARG C 31 1.94 22.10 16.95
CA ARG C 31 2.58 23.02 17.88
C ARG C 31 3.97 22.52 18.24
N GLY C 32 4.96 23.42 18.14
CA GLY C 32 6.35 23.10 18.45
C GLY C 32 7.17 22.91 17.19
N ALA C 33 6.53 22.44 16.13
CA ALA C 33 7.22 22.20 14.85
C ALA C 33 6.82 23.27 13.82
N PRO C 34 7.73 23.69 12.97
CA PRO C 34 7.43 24.72 11.93
C PRO C 34 6.63 24.14 10.76
N GLY C 35 5.95 25.03 10.02
CA GLY C 35 5.15 24.59 8.88
C GLY C 35 3.79 24.09 9.31
N ALA C 36 3.21 24.73 10.32
CA ALA C 36 1.89 24.33 10.81
C ALA C 36 0.85 24.44 9.71
N ALA C 37 -0.08 23.48 9.67
CA ALA C 37 -1.12 23.48 8.66
C ALA C 37 -2.30 22.62 9.11
N LEU C 38 -1.98 21.45 9.64
CA LEU C 38 -3.02 20.52 10.09
C LEU C 38 -3.72 21.08 11.32
N ILE C 39 -3.09 22.06 11.96
CA ILE C 39 -3.65 22.69 13.16
C ILE C 39 -5.17 22.81 13.05
N SER C 40 -5.88 22.12 13.93
CA SER C 40 -7.34 22.16 13.91
C SER C 40 -7.90 21.32 15.07
N TYR C 41 -8.74 20.35 14.73
CA TYR C 41 -9.35 19.48 15.74
C TYR C 41 -10.41 18.59 15.10
N PRO C 42 -11.49 19.15 14.60
CA PRO C 42 -12.57 18.34 13.96
C PRO C 42 -12.06 17.53 12.77
N ASP C 43 -11.18 18.15 11.98
CA ASP C 43 -10.64 17.48 10.80
C ASP C 43 -9.38 16.68 11.14
N ALA C 44 -8.99 16.70 12.40
CA ALA C 44 -7.80 15.97 12.84
C ALA C 44 -7.99 14.47 12.64
N ILE C 45 -9.21 13.99 12.88
CA ILE C 45 -9.50 12.57 12.72
C ILE C 45 -9.43 12.16 11.25
N TRP C 46 -9.94 13.01 10.37
CA TRP C 46 -9.93 12.71 8.94
C TRP C 46 -8.52 12.36 8.47
N TRP C 47 -7.55 13.19 8.84
CA TRP C 47 -6.17 12.92 8.46
C TRP C 47 -5.68 11.64 9.15
N SER C 48 -6.09 11.46 10.39
CA SER C 48 -5.68 10.29 11.17
C SER C 48 -6.18 9.00 10.53
N VAL C 49 -7.41 9.01 9.98
CA VAL C 49 -7.98 7.81 9.37
C VAL C 49 -7.12 7.31 8.21
N GLU C 50 -6.72 8.21 7.32
CA GLU C 50 -5.91 7.80 6.20
C GLU C 50 -4.52 7.35 6.67
N THR C 51 -4.00 7.99 7.71
CA THR C 51 -2.69 7.65 8.24
C THR C 51 -2.66 6.22 8.80
N ALA C 52 -3.58 5.92 9.72
CA ALA C 52 -3.62 4.61 10.34
C ALA C 52 -3.95 3.52 9.32
N THR C 53 -4.67 3.91 8.26
CA THR C 53 -5.05 2.97 7.21
C THR C 53 -3.99 2.97 6.11
N THR C 54 -2.91 3.73 6.33
CA THR C 54 -1.82 3.81 5.36
C THR C 54 -2.36 4.13 3.97
N VAL C 55 -2.85 5.36 3.81
CA VAL C 55 -3.37 5.81 2.52
C VAL C 55 -2.88 7.21 2.21
N GLY C 56 -3.02 8.13 3.16
CA GLY C 56 -2.57 9.50 2.97
C GLY C 56 -3.10 10.05 1.65
N TYR C 57 -4.37 10.42 1.64
CA TYR C 57 -4.98 10.96 0.43
C TYR C 57 -4.28 12.25 0.01
N GLY C 58 -4.00 13.12 0.98
CA GLY C 58 -3.33 14.39 0.70
C GLY C 58 -4.18 15.57 1.18
N ASP C 59 -5.21 15.27 1.96
CA ASP C 59 -6.09 16.32 2.48
C ASP C 59 -5.32 17.29 3.36
N ARG C 60 -4.49 16.75 4.25
CA ARG C 60 -3.69 17.57 5.16
C ARG C 60 -2.28 17.00 5.25
N TYR C 61 -1.29 17.86 5.45
CA TYR C 61 0.10 17.42 5.55
C TYR C 61 0.66 17.72 6.95
N PRO C 62 1.25 16.75 7.65
CA PRO C 62 1.81 16.99 9.01
C PRO C 62 3.05 17.88 8.98
N VAL C 63 3.33 18.51 10.11
CA VAL C 63 4.49 19.38 10.22
C VAL C 63 5.76 18.63 9.85
N THR C 64 6.90 19.31 9.97
CA THR C 64 8.18 18.71 9.65
C THR C 64 8.77 18.02 10.87
N GLU C 65 9.50 18.79 11.69
CA GLU C 65 10.14 18.24 12.91
C GLU C 65 9.35 17.06 13.46
N GLU C 66 8.33 17.35 14.25
CA GLU C 66 7.49 16.29 14.81
C GLU C 66 6.83 15.53 13.66
N GLY C 67 5.62 15.97 13.29
CA GLY C 67 4.85 15.40 12.17
C GLY C 67 5.25 13.98 11.77
N ARG C 68 6.54 13.82 11.46
CA ARG C 68 7.10 12.53 11.08
C ARG C 68 7.18 11.62 12.27
N LYS C 69 7.70 12.14 13.36
CA LYS C 69 7.83 11.34 14.56
C LYS C 69 6.44 10.88 15.00
N VAL C 70 5.48 11.78 14.90
CA VAL C 70 4.11 11.42 15.29
C VAL C 70 3.44 10.57 14.21
N ALA C 71 3.57 10.98 12.96
CA ALA C 71 2.96 10.25 11.85
C ALA C 71 3.64 8.90 11.67
N GLU C 72 4.95 8.91 11.53
CA GLU C 72 5.72 7.69 11.33
C GLU C 72 5.32 6.63 12.36
N GLN C 73 5.14 7.06 13.60
CA GLN C 73 4.78 6.11 14.66
C GLN C 73 3.35 5.56 14.47
N VAL C 74 2.42 6.43 14.10
CA VAL C 74 1.02 6.00 13.94
C VAL C 74 0.87 5.02 12.78
N MET C 75 1.42 5.39 11.62
CA MET C 75 1.32 4.55 10.43
C MET C 75 1.94 3.17 10.69
N LYS C 76 3.04 3.16 11.43
CA LYS C 76 3.72 1.91 11.73
C LYS C 76 2.81 0.98 12.53
N ALA C 77 2.06 1.55 13.48
CA ALA C 77 1.15 0.74 14.29
C ALA C 77 0.06 0.12 13.43
N GLY C 78 -0.43 0.88 12.45
CA GLY C 78 -1.49 0.40 11.56
C GLY C 78 -1.00 -0.74 10.69
N ILE C 79 0.22 -0.63 10.19
CA ILE C 79 0.78 -1.66 9.32
C ILE C 79 0.91 -2.99 10.06
N GLU C 80 1.37 -2.93 11.31
CA GLU C 80 1.54 -4.13 12.10
C GLU C 80 0.20 -4.84 12.31
N VAL C 81 -0.86 -4.08 12.56
CA VAL C 81 -2.17 -4.66 12.79
C VAL C 81 -2.68 -5.40 11.55
N PHE C 82 -2.56 -4.75 10.40
CA PHE C 82 -3.03 -5.36 9.15
C PHE C 82 -2.12 -6.51 8.72
N ALA C 83 -0.94 -6.59 9.32
CA ALA C 83 0.00 -7.66 8.99
C ALA C 83 -0.28 -8.90 9.85
N LEU C 84 -0.71 -8.66 11.08
CA LEU C 84 -1.01 -9.76 12.00
C LEU C 84 -2.21 -10.58 11.52
N VAL C 85 -3.24 -9.91 11.01
CA VAL C 85 -4.43 -10.61 10.55
C VAL C 85 -4.08 -11.60 9.44
N THR C 86 -2.98 -11.34 8.75
CA THR C 86 -2.55 -12.23 7.67
C THR C 86 -2.69 -13.69 8.10
N ALA C 87 -2.47 -13.94 9.39
CA ALA C 87 -2.56 -15.28 9.93
C ALA C 87 -3.86 -15.94 9.47
N ALA C 88 -4.98 -15.35 9.88
CA ALA C 88 -6.28 -15.89 9.52
C ALA C 88 -6.36 -16.12 8.01
N LEU C 89 -5.72 -15.23 7.26
CA LEU C 89 -5.71 -15.34 5.81
C LEU C 89 -4.77 -16.45 5.34
N ALA C 90 -3.67 -16.63 6.07
CA ALA C 90 -2.69 -17.66 5.74
C ALA C 90 -3.28 -19.05 5.84
N THR C 91 -4.15 -19.24 6.81
CA THR C 91 -4.78 -20.55 7.02
C THR C 91 -5.84 -20.79 5.96
N ASP C 92 -6.07 -19.79 5.11
CA ASP C 92 -7.09 -19.93 4.06
C ASP C 92 -6.84 -21.16 3.21
N PHE C 93 -5.59 -21.32 2.76
CA PHE C 93 -5.24 -22.47 1.94
C PHE C 93 -5.13 -23.74 2.78
N VAL C 94 -5.17 -23.57 4.10
CA VAL C 94 -5.06 -24.71 5.01
C VAL C 94 -6.42 -25.30 5.35
N ARG C 95 -7.36 -24.44 5.71
CA ARG C 95 -8.71 -24.90 6.08
C ARG C 95 -9.43 -25.51 4.88
N ARG C 96 -8.97 -25.19 3.68
CA ARG C 96 -9.61 -25.71 2.47
C ARG C 96 -9.79 -27.22 2.58
N GLU C 97 -8.81 -27.90 3.16
CA GLU C 97 -8.89 -29.35 3.32
C GLU C 97 -10.28 -29.76 3.78
N GLU C 98 -10.68 -30.98 3.45
CA GLU C 98 -11.99 -31.50 3.83
C GLU C 98 -13.10 -30.63 3.23
N GLU C 99 -13.22 -29.41 3.73
CA GLU C 99 -14.23 -28.48 3.24
C GLU C 99 -14.16 -28.38 1.72
N ARG C 100 -13.00 -28.72 1.15
CA ARG C 100 -12.81 -28.65 -0.30
C ARG C 100 -13.79 -29.59 -1.00
N ARG C 101 -13.94 -30.80 -0.46
CA ARG C 101 -14.84 -31.79 -1.04
C ARG C 101 -16.28 -31.32 -0.95
N GLY C 102 -16.61 -30.64 0.15
CA GLY C 102 -17.97 -30.13 0.35
C GLY C 102 -18.83 -31.16 1.08
N HIS C 103 -18.19 -32.20 1.61
CA HIS C 103 -18.89 -33.25 2.35
C HIS C 103 -18.01 -33.82 3.44
N SER D 1 -9.97 -25.76 -12.47
CA SER D 1 -11.01 -25.51 -11.43
C SER D 1 -10.43 -24.59 -10.36
N ALA D 2 -9.59 -25.15 -9.50
CA ALA D 2 -8.98 -24.37 -8.43
C ALA D 2 -10.02 -23.50 -7.74
N ASP D 3 -10.57 -23.99 -6.63
CA ASP D 3 -11.58 -23.25 -5.90
C ASP D 3 -11.00 -21.94 -5.34
N HIS D 4 -9.77 -22.00 -4.85
CA HIS D 4 -9.12 -20.82 -4.28
C HIS D 4 -9.04 -19.71 -5.32
N GLU D 5 -8.65 -20.06 -6.54
CA GLU D 5 -8.52 -19.08 -7.60
C GLU D 5 -9.89 -18.51 -7.96
N ARG D 6 -10.90 -19.38 -7.99
CA ARG D 6 -12.26 -18.96 -8.31
C ARG D 6 -12.79 -18.00 -7.26
N GLU D 7 -12.48 -18.27 -6.00
CA GLU D 7 -12.93 -17.43 -4.91
C GLU D 7 -12.29 -16.05 -5.04
N ALA D 8 -11.03 -16.03 -5.46
CA ALA D 8 -10.30 -14.77 -5.61
C ALA D 8 -10.97 -13.88 -6.66
N GLN D 9 -11.45 -14.50 -7.73
CA GLN D 9 -12.11 -13.74 -8.79
C GLN D 9 -13.37 -13.07 -8.26
N LYS D 10 -14.10 -13.78 -7.41
CA LYS D 10 -15.32 -13.25 -6.84
C LYS D 10 -15.05 -12.01 -6.01
N ALA D 11 -13.93 -12.02 -5.28
CA ALA D 11 -13.56 -10.89 -4.44
C ALA D 11 -13.40 -9.62 -5.28
N GLU D 12 -12.83 -9.77 -6.47
CA GLU D 12 -12.62 -8.61 -7.35
C GLU D 12 -13.97 -8.06 -7.83
N GLU D 13 -14.89 -8.95 -8.17
CA GLU D 13 -16.20 -8.52 -8.64
C GLU D 13 -16.98 -7.86 -7.51
N GLU D 14 -16.84 -8.39 -6.31
CA GLU D 14 -17.54 -7.84 -5.16
C GLU D 14 -17.05 -6.42 -4.86
N LEU D 15 -15.76 -6.18 -5.09
CA LEU D 15 -15.19 -4.85 -4.83
C LEU D 15 -15.86 -3.82 -5.73
N GLN D 16 -16.10 -4.19 -6.98
CA GLN D 16 -16.74 -3.28 -7.93
C GLN D 16 -18.12 -2.87 -7.45
N LYS D 17 -18.84 -3.80 -6.82
CA LYS D 17 -20.19 -3.52 -6.32
C LYS D 17 -20.16 -2.38 -5.30
N VAL D 18 -19.17 -2.40 -4.41
CA VAL D 18 -19.04 -1.37 -3.39
C VAL D 18 -18.80 -0.01 -4.01
N LEU D 19 -17.94 0.03 -5.03
CA LEU D 19 -17.64 1.29 -5.70
C LEU D 19 -18.90 1.88 -6.32
N GLU D 20 -19.70 1.02 -6.92
CA GLU D 20 -20.95 1.46 -7.54
C GLU D 20 -21.86 2.09 -6.49
N GLU D 21 -21.99 1.43 -5.35
CA GLU D 21 -22.83 1.97 -4.27
C GLU D 21 -22.19 3.19 -3.65
N ALA D 22 -20.86 3.13 -3.48
CA ALA D 22 -20.13 4.26 -2.89
C ALA D 22 -20.20 5.49 -3.78
N SER D 23 -20.10 5.28 -5.09
CA SER D 23 -20.13 6.39 -6.04
C SER D 23 -21.43 7.18 -5.91
N LYS D 24 -22.55 6.49 -5.82
CA LYS D 24 -23.84 7.18 -5.69
C LYS D 24 -23.86 8.02 -4.42
N LYS D 25 -23.69 7.37 -3.29
CA LYS D 25 -23.71 8.08 -2.00
C LYS D 25 -22.66 9.17 -1.97
N ALA D 26 -21.48 8.91 -2.54
CA ALA D 26 -20.41 9.90 -2.55
C ALA D 26 -20.90 11.23 -3.14
N VAL D 27 -21.78 11.16 -4.14
CA VAL D 27 -22.29 12.38 -4.77
C VAL D 27 -23.10 13.19 -3.75
N GLU D 28 -24.02 12.51 -3.06
CA GLU D 28 -24.85 13.16 -2.07
C GLU D 28 -24.04 13.49 -0.82
N ALA D 29 -23.14 12.59 -0.44
CA ALA D 29 -22.32 12.78 0.74
C ALA D 29 -21.61 14.14 0.68
N GLU D 30 -20.89 14.39 -0.41
CA GLU D 30 -20.18 15.66 -0.56
C GLU D 30 -21.17 16.83 -0.65
N ARG D 31 -22.31 16.58 -1.27
CA ARG D 31 -23.31 17.62 -1.41
C ARG D 31 -23.90 17.95 -0.04
N GLY D 32 -23.89 19.23 0.29
CA GLY D 32 -24.44 19.70 1.56
C GLY D 32 -23.35 19.85 2.62
N ALA D 33 -22.20 19.23 2.36
CA ALA D 33 -21.08 19.30 3.31
C ALA D 33 -20.23 20.55 3.04
N PRO D 34 -19.63 21.14 4.05
CA PRO D 34 -18.80 22.37 3.87
C PRO D 34 -17.45 22.05 3.24
N GLY D 35 -17.09 22.82 2.21
CA GLY D 35 -15.81 22.62 1.52
C GLY D 35 -15.89 21.47 0.52
N ALA D 36 -17.12 21.09 0.16
CA ALA D 36 -17.32 20.00 -0.78
C ALA D 36 -16.41 20.16 -1.99
N ALA D 37 -16.42 19.17 -2.87
CA ALA D 37 -15.60 19.22 -4.08
C ALA D 37 -16.17 18.29 -5.15
N LEU D 38 -16.63 17.11 -4.73
CA LEU D 38 -17.18 16.14 -5.68
C LEU D 38 -18.70 16.24 -5.69
N ILE D 39 -19.26 16.51 -6.87
CA ILE D 39 -20.72 16.64 -7.02
C ILE D 39 -21.14 16.30 -8.44
N SER D 40 -20.76 15.11 -8.90
CA SER D 40 -21.10 14.66 -10.24
C SER D 40 -21.23 13.14 -10.28
N TYR D 41 -22.42 12.67 -10.65
CA TYR D 41 -22.66 11.24 -10.77
C TYR D 41 -21.75 10.61 -11.83
N PRO D 42 -21.64 11.18 -13.01
CA PRO D 42 -20.76 10.61 -14.08
C PRO D 42 -19.31 10.50 -13.63
N ASP D 43 -18.88 11.43 -12.77
CA ASP D 43 -17.50 11.42 -12.27
C ASP D 43 -17.40 10.70 -10.93
N ALA D 44 -18.54 10.34 -10.35
CA ALA D 44 -18.56 9.64 -9.07
C ALA D 44 -17.99 8.23 -9.21
N ILE D 45 -18.36 7.55 -10.29
CA ILE D 45 -17.87 6.21 -10.54
C ILE D 45 -16.37 6.22 -10.76
N TRP D 46 -15.87 7.29 -11.37
CA TRP D 46 -14.44 7.42 -11.62
C TRP D 46 -13.69 7.62 -10.31
N TRP D 47 -14.23 8.49 -9.45
CA TRP D 47 -13.59 8.73 -8.16
C TRP D 47 -13.57 7.45 -7.33
N SER D 48 -14.67 6.71 -7.38
CA SER D 48 -14.77 5.45 -6.64
C SER D 48 -13.89 4.39 -7.28
N VAL D 49 -12.59 4.67 -7.42
CA VAL D 49 -11.67 3.72 -8.04
C VAL D 49 -10.30 3.81 -7.37
N GLU D 50 -9.77 5.02 -7.28
CA GLU D 50 -8.47 5.22 -6.66
C GLU D 50 -8.55 4.91 -5.17
N THR D 51 -9.72 5.17 -4.59
CA THR D 51 -9.91 4.90 -3.16
C THR D 51 -9.77 3.40 -2.87
N ALA D 52 -10.40 2.58 -3.71
CA ALA D 52 -10.31 1.13 -3.52
C ALA D 52 -8.87 0.67 -3.63
N THR D 53 -8.13 1.27 -4.56
CA THR D 53 -6.72 0.91 -4.76
C THR D 53 -5.83 1.72 -3.81
N THR D 54 -6.46 2.43 -2.88
CA THR D 54 -5.73 3.23 -1.91
C THR D 54 -4.59 4.00 -2.57
N VAL D 55 -4.93 4.83 -3.57
CA VAL D 55 -3.93 5.63 -4.28
C VAL D 55 -4.49 7.02 -4.58
N GLY D 56 -5.20 7.60 -3.61
CA GLY D 56 -5.79 8.92 -3.78
C GLY D 56 -4.77 9.88 -4.41
N TYR D 57 -4.73 9.91 -5.73
CA TYR D 57 -3.78 10.78 -6.43
C TYR D 57 -4.06 12.25 -6.10
N GLY D 58 -5.34 12.62 -6.12
CA GLY D 58 -5.76 13.99 -5.83
C GLY D 58 -6.91 14.42 -6.73
N ASP D 59 -7.71 13.45 -7.17
CA ASP D 59 -8.85 13.75 -8.03
C ASP D 59 -9.86 14.64 -7.29
N ARG D 60 -10.22 14.23 -6.08
CA ARG D 60 -11.17 14.99 -5.27
C ARG D 60 -10.82 14.89 -3.80
N TYR D 61 -11.62 15.53 -2.95
CA TYR D 61 -11.36 15.50 -1.51
C TYR D 61 -12.66 15.60 -0.71
N PRO D 62 -13.21 14.50 -0.21
CA PRO D 62 -14.48 14.55 0.58
C PRO D 62 -14.29 15.24 1.94
N VAL D 63 -15.35 15.91 2.40
CA VAL D 63 -15.28 16.60 3.69
C VAL D 63 -15.51 15.63 4.83
N THR D 64 -16.35 16.01 5.79
CA THR D 64 -16.66 15.17 6.95
C THR D 64 -18.13 14.75 6.93
N GLU D 65 -19.02 15.73 6.86
CA GLU D 65 -20.45 15.45 6.83
C GLU D 65 -20.74 14.40 5.77
N GLU D 66 -19.81 14.25 4.85
CA GLU D 66 -19.94 13.25 3.79
C GLU D 66 -19.61 11.87 4.37
N GLY D 67 -20.05 11.70 5.60
CA GLY D 67 -19.83 10.44 6.27
C GLY D 67 -18.40 10.02 6.09
N ARG D 68 -17.45 10.82 6.60
CA ARG D 68 -16.00 10.54 6.45
C ARG D 68 -15.73 9.06 6.18
N LYS D 69 -16.57 8.25 6.76
CA LYS D 69 -16.47 6.82 6.59
C LYS D 69 -16.73 6.45 5.13
N VAL D 70 -17.18 7.41 4.31
CA VAL D 70 -17.45 7.12 2.92
C VAL D 70 -16.17 6.63 2.23
N ALA D 71 -15.08 7.34 2.46
CA ALA D 71 -13.81 6.95 1.88
C ALA D 71 -13.21 5.78 2.64
N GLU D 72 -13.11 5.94 3.96
CA GLU D 72 -12.55 4.89 4.81
C GLU D 72 -13.17 3.53 4.48
N GLN D 73 -14.48 3.51 4.26
CA GLN D 73 -15.17 2.26 3.97
C GLN D 73 -14.68 1.64 2.66
N VAL D 74 -14.62 2.43 1.60
CA VAL D 74 -14.18 1.91 0.31
C VAL D 74 -12.72 1.47 0.34
N MET D 75 -11.87 2.27 0.96
CA MET D 75 -10.45 1.95 1.04
C MET D 75 -10.23 0.64 1.79
N LYS D 76 -10.94 0.46 2.89
CA LYS D 76 -10.79 -0.77 3.68
C LYS D 76 -11.30 -1.97 2.88
N ALA D 77 -12.40 -1.77 2.15
CA ALA D 77 -12.98 -2.85 1.35
C ALA D 77 -11.98 -3.34 0.30
N GLY D 78 -11.22 -2.41 -0.26
CA GLY D 78 -10.24 -2.75 -1.27
C GLY D 78 -9.04 -3.49 -0.67
N ILE D 79 -8.60 -3.05 0.51
CA ILE D 79 -7.46 -3.67 1.17
C ILE D 79 -7.73 -5.14 1.51
N GLU D 80 -8.90 -5.42 2.06
CA GLU D 80 -9.25 -6.78 2.42
C GLU D 80 -9.42 -7.67 1.20
N VAL D 81 -9.94 -7.09 0.13
CA VAL D 81 -10.14 -7.85 -1.11
C VAL D 81 -8.82 -8.36 -1.68
N PHE D 82 -7.83 -7.48 -1.74
CA PHE D 82 -6.53 -7.87 -2.29
C PHE D 82 -5.79 -8.77 -1.31
N ALA D 83 -6.35 -8.93 -0.11
CA ALA D 83 -5.72 -9.79 0.90
C ALA D 83 -6.37 -11.17 0.90
N LEU D 84 -7.66 -11.22 0.58
CA LEU D 84 -8.38 -12.49 0.55
C LEU D 84 -7.80 -13.38 -0.54
N VAL D 85 -7.50 -12.80 -1.70
CA VAL D 85 -6.94 -13.56 -2.81
C VAL D 85 -5.75 -14.37 -2.33
N THR D 86 -5.29 -14.09 -1.12
CA THR D 86 -4.15 -14.81 -0.56
C THR D 86 -4.38 -16.31 -0.66
N ALA D 87 -5.60 -16.75 -0.36
CA ALA D 87 -5.94 -18.15 -0.42
C ALA D 87 -5.44 -18.77 -1.72
N ALA D 88 -5.15 -17.92 -2.71
CA ALA D 88 -4.66 -18.40 -4.01
C ALA D 88 -3.17 -18.12 -4.15
N LEU D 89 -2.65 -17.24 -3.30
CA LEU D 89 -1.24 -16.89 -3.32
C LEU D 89 -0.47 -17.75 -2.32
N ALA D 90 -1.01 -17.88 -1.12
CA ALA D 90 -0.37 -18.68 -0.08
C ALA D 90 -0.09 -20.09 -0.58
N THR D 91 -0.93 -20.57 -1.48
CA THR D 91 -0.78 -21.92 -2.03
C THR D 91 0.38 -21.93 -3.02
N ASP D 92 0.86 -20.75 -3.39
CA ASP D 92 1.95 -20.65 -4.36
C ASP D 92 3.14 -21.52 -3.94
N PHE D 93 3.57 -21.35 -2.69
CA PHE D 93 4.71 -22.12 -2.19
C PHE D 93 4.31 -23.57 -1.94
N VAL D 94 3.01 -23.84 -1.99
CA VAL D 94 2.49 -25.19 -1.76
C VAL D 94 2.39 -25.97 -3.07
N ARG D 95 2.02 -25.28 -4.15
CA ARG D 95 1.87 -25.91 -5.45
C ARG D 95 3.19 -26.51 -5.93
N ARG D 96 4.28 -25.77 -5.74
CA ARG D 96 5.59 -26.24 -6.18
C ARG D 96 5.87 -27.63 -5.60
N GLU D 97 5.32 -27.89 -4.41
CA GLU D 97 5.50 -29.18 -3.75
C GLU D 97 4.64 -30.24 -4.42
N GLU D 98 5.01 -31.51 -4.23
CA GLU D 98 4.27 -32.62 -4.82
C GLU D 98 4.21 -32.49 -6.34
N GLU D 99 3.38 -31.56 -6.82
CA GLU D 99 3.24 -31.34 -8.25
C GLU D 99 4.59 -31.41 -8.95
N ARG D 100 5.65 -31.13 -8.19
CA ARG D 100 7.00 -31.18 -8.73
C ARG D 100 7.31 -32.58 -9.25
N ARG D 101 6.94 -33.59 -8.46
CA ARG D 101 7.19 -34.97 -8.84
C ARG D 101 6.31 -35.37 -10.03
N GLY D 102 5.22 -34.63 -10.22
CA GLY D 102 4.29 -34.91 -11.32
C GLY D 102 3.25 -35.93 -10.90
N HIS D 103 3.18 -36.21 -9.61
CA HIS D 103 2.22 -37.17 -9.09
C HIS D 103 2.02 -37.00 -7.59
#